data_5ND3
#
_entry.id   5ND3
#
loop_
_entity.id
_entity.type
_entity.pdbx_description
1 polymer 'Kinesin-like protein KIF20A'
2 polymer 'Tubulin alpha chain'
3 polymer 'Tubulin beta-2B chain'
4 non-polymer "GUANOSINE-5'-TRIPHOSPHATE"
5 non-polymer 'MAGNESIUM ION'
6 non-polymer "GUANOSINE-5'-DIPHOSPHATE"
7 non-polymer TAXOL
#
loop_
_entity_poly.entity_id
_entity_poly.type
_entity_poly.pdbx_seq_one_letter_code
_entity_poly.pdbx_strand_id
1 'polypeptide(L)'
;SPILESTAADLRSVVRKDLLSDCSVISASLEDKQALLEDTSEKVKVYLRIRPFLTSELDRQEDQGCVCIENTETLVLQAP
KDSFALKSNERGVGQATHKFTFSQIFGPEVGQVAFFNLTMKEMVKDVLKGQNWLIYTYGVTNSGKTYTIQGTSKDAGILP
QSLALIFNSLQGQLHPTPDLKPLLSNEVIWLDSKQIRQEEMKKLSLLIGGLQEEELSTSVKKRVHTESRIGASNSFDSGV
AGLSSTSQFTSSSQLDETSQLWAQPDTVPVSVPADIRFSVWISFFEIYNELLYDLLEPPSHQHKRQTLRLCEDQNGNPYV
KDLNWIHVRDVEEAWKLLKVGRKNQSFASTHMNQQSSRSHSIFSIRILHLQGEGDIVPKISELSLCDLAGSERCKHQKSG
ERLKEAGNINTSLHTLGRCIAALRQNQQNRSKQNLIPFRDSKLTRVFQGFFTGRGRSCMIVNVNPCASTYDETLHAAKFS
ALASQLVHAPPVHLGIPSLHS
;
C
2 'polypeptide(L)'
;MRECISIHVGQAGVQIGNACWELYCLEHGIQPDGQMPSDKTIGGGDDSFNTFFSETGAGKHVPRAVFVDLEPTVIDEVRT
GTYRQLFHPEQLITGKEDAANNYARGHYTIGKEIIDLVLDRIRKLADQCTGLQGFSVFHSFGGGTGSGFTSLLMERLSVD
YGKKSKLEFSIYPAPQVSTAVVEPYNSILTTHTTLEHSDCAFMVDNEAIYDICRRNLDIERPTYTNLNRLIGQIVSSITA
SLRFDGALNVDLTEFQTNLVPYPRGHFPLATYAPVISAEKAYHEQLSVAEITNACFEPANQMVKCDPRHGKYMACCLLYR
GDVVPKDVNAAIATIKTKRTIQFVDWCPTGFKVGINYEPPTVVPGGDLAKVQRAVCMLSNTTAIAEAWARLDHKFDLMYA
KRAFVHWYVGEGMEEGEFSEAREDMAALEKDYEEVGVDSVEGEGEEEGEEY
;
A
3 'polypeptide(L)'
;MREIVHIQAGQCGNQIGAKFWEVISDEHGIDPTGSYHGDSDLQLERINVYYNEAAGNKYVPRAILVDLEPGTMDSVRSGP
FGQIFRPDNFVFGQSGAGNNWAKGHYTEGAELVDSVLDVVRKESESCDCLQGFQLTHSLGGGTGSGMGTLLISKIREEYP
DRIMNTFSVVPSPKVSDTVVEPYNATLSVHQLVENTDETYCIDNEALYDICFRTLKLTTPTYGDLNHLVSATMSGVTTCL
RFPGQLNADLRKLAVNMVPFPRLHFFMPGFAPLTSRGSQQYRALTVPELTQQMFDAKNMMAACDPRHGRYLTVAAVFRGR
MSMKEVDEQMLNVQNKNSSYFVEWIPNNVKTAVCDIPPRGLKMSATFIGNSTAIQELFKRISEQFTAMFRRKAFLHWYTG
EGMDEMEFTEAESNMNDLVSEYQQYQDATADEQGEFEEEEGEDEA
;
B
#
loop_
_chem_comp.id
_chem_comp.type
_chem_comp.name
_chem_comp.formula
GDP RNA linking GUANOSINE-5'-DIPHOSPHATE 'C10 H15 N5 O11 P2'
GTP non-polymer GUANOSINE-5'-TRIPHOSPHATE 'C10 H16 N5 O14 P3'
MG non-polymer 'MAGNESIUM ION' 'Mg 2'
TA1 non-polymer TAXOL 'C47 H51 N O14'
#
# COMPACT_ATOMS: atom_id res chain seq x y z
N SER A 41 23.98 24.02 -15.29
CA SER A 41 23.58 23.33 -16.48
C SER A 41 22.24 23.90 -16.79
N GLU A 42 21.59 23.31 -17.81
CA GLU A 42 20.29 23.69 -18.28
C GLU A 42 19.30 22.83 -17.56
N LYS A 43 18.02 23.24 -17.59
CA LYS A 43 16.91 22.54 -16.99
C LYS A 43 16.38 21.59 -18.02
N VAL A 44 15.66 20.52 -17.59
CA VAL A 44 15.05 19.58 -18.50
C VAL A 44 14.08 20.36 -19.34
N LYS A 45 14.28 20.39 -20.69
CA LYS A 45 13.43 21.29 -21.43
C LYS A 45 12.31 20.48 -22.06
N VAL A 46 11.08 20.84 -21.74
CA VAL A 46 9.92 20.12 -22.24
C VAL A 46 9.23 20.86 -23.37
N TYR A 47 9.04 20.15 -24.46
CA TYR A 47 8.39 20.69 -25.64
C TYR A 47 7.10 19.93 -25.88
N LEU A 48 6.02 20.65 -26.11
CA LEU A 48 4.75 20.02 -26.35
C LEU A 48 4.47 19.97 -27.84
N ARG A 49 4.03 18.83 -28.31
CA ARG A 49 3.74 18.67 -29.71
C ARG A 49 2.28 18.37 -29.91
N ILE A 50 1.64 19.17 -30.73
CA ILE A 50 0.24 19.00 -31.05
C ILE A 50 0.14 18.37 -32.42
N ARG A 51 -0.45 17.20 -32.47
CA ARG A 51 -0.64 16.47 -33.71
C ARG A 51 -1.33 17.34 -34.74
N PRO A 52 -0.83 17.35 -35.99
CA PRO A 52 -1.43 18.11 -37.08
C PRO A 52 -2.87 17.66 -37.28
N PHE A 53 -3.78 18.62 -37.42
CA PHE A 53 -5.21 18.36 -37.56
C PHE A 53 -5.53 17.21 -38.53
N LEU A 54 -5.83 16.05 -37.97
CA LEU A 54 -6.14 14.87 -38.75
C LEU A 54 -7.64 14.71 -38.93
N THR A 55 -8.04 14.11 -40.03
CA THR A 55 -9.44 13.89 -40.33
C THR A 55 -10.05 12.95 -39.31
N SER A 56 -9.29 11.92 -38.95
CA SER A 56 -9.74 10.92 -38.00
C SER A 56 -10.06 11.54 -36.64
N GLU A 57 -9.33 12.60 -36.30
CA GLU A 57 -9.54 13.28 -35.03
C GLU A 57 -10.85 14.04 -35.02
N LEU A 58 -11.04 14.90 -36.01
CA LEU A 58 -12.25 15.70 -36.13
C LEU A 58 -13.48 14.82 -36.41
N ASP A 59 -13.25 13.69 -37.05
CA ASP A 59 -14.34 12.76 -37.37
C ASP A 59 -14.75 11.98 -36.13
N ARG A 60 -13.78 11.76 -35.24
CA ARG A 60 -14.01 11.04 -33.99
C ARG A 60 -15.06 11.77 -33.17
N GLN A 61 -14.80 13.04 -32.91
CA GLN A 61 -15.70 13.88 -32.15
C GLN A 61 -15.37 15.34 -32.41
N GLU A 62 -16.06 16.24 -31.73
CA GLU A 62 -15.82 17.65 -31.90
C GLU A 62 -14.48 18.08 -31.32
N ASP A 63 -13.48 18.14 -32.19
CA ASP A 63 -12.13 18.55 -31.80
C ASP A 63 -12.16 20.01 -31.39
N GLN A 64 -12.80 20.82 -32.23
CA GLN A 64 -12.93 22.27 -32.01
C GLN A 64 -11.64 22.91 -31.48
N GLY A 65 -11.79 23.78 -30.50
CA GLY A 65 -10.64 24.44 -29.92
C GLY A 65 -10.30 23.94 -28.55
N CYS A 66 -10.32 22.62 -28.35
CA CYS A 66 -10.00 22.03 -27.05
C CYS A 66 -8.65 22.55 -26.57
N VAL A 67 -7.61 22.32 -27.36
CA VAL A 67 -6.30 22.82 -27.04
C VAL A 67 -6.11 24.13 -27.79
N CYS A 68 -5.78 25.20 -27.09
CA CYS A 68 -5.60 26.49 -27.72
C CYS A 68 -4.12 26.85 -27.78
N ILE A 69 -3.77 27.64 -28.78
CA ILE A 69 -2.39 28.04 -28.98
C ILE A 69 -2.25 29.55 -28.76
N GLU A 70 -1.75 29.90 -27.59
CA GLU A 70 -1.53 31.29 -27.22
C GLU A 70 -0.04 31.47 -26.98
N ASN A 71 0.69 31.73 -28.06
CA ASN A 71 2.15 31.87 -28.03
C ASN A 71 2.79 30.48 -28.03
N THR A 72 4.10 30.43 -28.24
CA THR A 72 4.82 29.18 -28.27
C THR A 72 5.19 28.68 -26.87
N GLU A 73 5.31 29.61 -25.93
CA GLU A 73 5.68 29.27 -24.55
C GLU A 73 4.53 28.64 -23.75
N THR A 74 3.36 29.25 -23.80
CA THR A 74 2.23 28.75 -23.04
C THR A 74 1.06 28.35 -23.93
N LEU A 75 0.21 27.49 -23.39
CA LEU A 75 -0.97 27.02 -24.08
C LEU A 75 -2.19 27.16 -23.19
N VAL A 76 -3.30 27.57 -23.77
CA VAL A 76 -4.54 27.72 -23.04
C VAL A 76 -5.41 26.48 -23.25
N LEU A 77 -5.98 25.95 -22.19
CA LEU A 77 -6.81 24.78 -22.30
C LEU A 77 -8.27 25.09 -22.11
N GLN A 78 -9.05 24.76 -23.13
CA GLN A 78 -10.48 24.93 -23.13
C GLN A 78 -11.03 23.61 -23.62
N ALA A 79 -11.04 22.63 -22.72
CA ALA A 79 -11.44 21.29 -23.07
C ALA A 79 -12.91 21.03 -22.79
N PRO A 80 -13.66 20.83 -23.88
CA PRO A 80 -15.07 20.52 -23.83
C PRO A 80 -15.24 19.03 -23.53
N GLN A 95 -16.68 22.40 -19.64
CA GLN A 95 -15.50 23.25 -19.78
C GLN A 95 -14.46 22.96 -18.71
N ALA A 96 -13.22 22.89 -19.15
CA ALA A 96 -12.09 22.65 -18.26
C ALA A 96 -11.04 23.72 -18.54
N THR A 97 -10.61 24.40 -17.51
CA THR A 97 -9.63 25.47 -17.68
C THR A 97 -8.28 25.08 -17.08
N HIS A 98 -7.23 25.28 -17.87
CA HIS A 98 -5.88 24.98 -17.44
C HIS A 98 -4.88 25.71 -18.33
N LYS A 99 -3.72 26.03 -17.77
CA LYS A 99 -2.69 26.72 -18.52
C LYS A 99 -1.44 25.83 -18.59
N PHE A 100 -1.00 25.52 -19.79
CA PHE A 100 0.16 24.65 -19.96
C PHE A 100 1.40 25.45 -20.32
N THR A 101 2.39 25.41 -19.45
CA THR A 101 3.65 26.12 -19.67
C THR A 101 4.75 25.15 -20.06
N PHE A 102 5.32 25.36 -21.24
CA PHE A 102 6.39 24.50 -21.73
C PHE A 102 7.53 25.35 -22.27
N SER A 103 8.63 24.72 -22.67
CA SER A 103 9.76 25.43 -23.22
C SER A 103 9.41 25.99 -24.59
N GLN A 104 8.85 25.14 -25.44
CA GLN A 104 8.42 25.51 -26.78
C GLN A 104 7.35 24.53 -27.27
N ILE A 105 6.24 25.06 -27.77
CA ILE A 105 5.17 24.21 -28.28
C ILE A 105 5.20 24.20 -29.81
N PHE A 106 4.98 23.03 -30.39
CA PHE A 106 5.00 22.88 -31.83
C PHE A 106 3.73 22.19 -32.32
N GLY A 107 3.21 22.64 -33.45
CA GLY A 107 2.00 22.07 -33.99
C GLY A 107 0.79 22.87 -33.54
N PRO A 108 -0.40 22.59 -34.11
CA PRO A 108 -0.59 21.57 -35.14
C PRO A 108 -0.10 22.06 -36.52
N GLU A 109 0.15 23.35 -36.65
CA GLU A 109 0.63 23.91 -37.91
C GLU A 109 2.06 23.45 -38.17
N VAL A 110 2.91 23.59 -37.16
CA VAL A 110 4.30 23.21 -37.26
C VAL A 110 4.46 21.70 -37.48
N GLY A 111 5.11 21.33 -38.57
CA GLY A 111 5.32 19.93 -38.88
C GLY A 111 6.49 19.34 -38.11
N GLN A 112 6.93 18.17 -38.52
CA GLN A 112 8.05 17.50 -37.85
C GLN A 112 9.37 18.15 -38.23
N VAL A 113 9.56 18.40 -39.51
CA VAL A 113 10.79 19.00 -40.01
C VAL A 113 11.12 20.30 -39.27
N ALA A 114 10.14 21.16 -39.12
CA ALA A 114 10.33 22.43 -38.42
C ALA A 114 10.65 22.20 -36.94
N PHE A 115 10.07 21.15 -36.38
CA PHE A 115 10.30 20.80 -34.98
C PHE A 115 11.72 20.27 -34.79
N PHE A 116 12.13 19.45 -35.75
CA PHE A 116 13.47 18.86 -35.73
C PHE A 116 14.52 19.94 -35.94
N ASN A 117 14.29 20.80 -36.94
CA ASN A 117 15.22 21.88 -37.28
C ASN A 117 15.54 22.78 -36.10
N LEU A 118 14.58 22.91 -35.18
CA LEU A 118 14.75 23.74 -34.00
C LEU A 118 15.78 23.16 -33.02
N THR A 119 15.36 22.18 -32.24
CA THR A 119 16.23 21.58 -31.25
C THR A 119 17.11 20.44 -31.77
N MET A 120 16.49 19.45 -32.39
CA MET A 120 17.20 18.27 -32.89
C MET A 120 18.36 18.59 -33.82
N LYS A 121 18.16 19.53 -34.74
CA LYS A 121 19.21 19.91 -35.68
C LYS A 121 20.48 20.31 -34.94
N GLU A 122 20.31 21.09 -33.88
CA GLU A 122 21.42 21.54 -33.06
C GLU A 122 21.93 20.39 -32.19
N MET A 123 21.00 19.57 -31.73
CA MET A 123 21.32 18.43 -30.88
C MET A 123 22.33 17.51 -31.56
N VAL A 124 22.05 17.16 -32.81
CA VAL A 124 22.94 16.29 -33.57
C VAL A 124 24.35 16.85 -33.61
N LYS A 125 24.46 18.15 -33.90
CA LYS A 125 25.76 18.82 -33.95
C LYS A 125 26.48 18.75 -32.62
N ASP A 126 25.71 18.89 -31.54
CA ASP A 126 26.27 18.84 -30.18
C ASP A 126 26.79 17.45 -29.87
N VAL A 127 26.01 16.43 -30.22
CA VAL A 127 26.40 15.05 -29.98
C VAL A 127 27.66 14.68 -30.77
N LEU A 128 27.71 15.11 -32.03
CA LEU A 128 28.85 14.85 -32.88
C LEU A 128 30.14 15.43 -32.27
N LYS A 129 29.96 16.49 -31.49
CA LYS A 129 31.07 17.15 -30.82
C LYS A 129 31.60 16.30 -29.68
N GLY A 130 30.80 15.35 -29.22
CA GLY A 130 31.20 14.50 -28.12
C GLY A 130 30.32 14.68 -26.89
N GLN A 131 29.24 15.44 -27.04
CA GLN A 131 28.33 15.67 -25.93
C GLN A 131 27.29 14.55 -25.82
N ASN A 132 26.74 14.37 -24.63
CA ASN A 132 25.71 13.35 -24.40
C ASN A 132 24.34 13.98 -24.47
N TRP A 133 23.45 13.41 -25.27
CA TRP A 133 22.11 13.95 -25.40
C TRP A 133 21.06 12.86 -25.37
N LEU A 134 19.97 13.12 -24.65
CA LEU A 134 18.88 12.16 -24.54
C LEU A 134 17.57 12.80 -24.99
N ILE A 135 16.85 12.10 -25.85
CA ILE A 135 15.58 12.60 -26.32
C ILE A 135 14.45 11.74 -25.78
N TYR A 136 13.45 12.39 -25.22
CA TYR A 136 12.32 11.72 -24.63
C TYR A 136 11.09 11.91 -25.50
N THR A 137 10.43 10.82 -25.84
CA THR A 137 9.23 10.86 -26.66
C THR A 137 8.09 10.12 -25.96
N TYR A 138 7.05 10.85 -25.61
CA TYR A 138 5.90 10.28 -24.92
C TYR A 138 4.62 10.56 -25.67
N GLY A 139 3.67 9.64 -25.55
CA GLY A 139 2.38 9.78 -26.19
C GLY A 139 1.56 8.53 -25.95
N VAL A 140 0.26 8.67 -25.90
CA VAL A 140 -0.61 7.52 -25.68
C VAL A 140 -1.14 7.03 -27.03
N THR A 141 -2.28 6.39 -27.04
CA THR A 141 -2.86 5.86 -28.28
C THR A 141 -3.37 6.94 -29.25
N ASN A 142 -2.92 6.84 -30.52
CA ASN A 142 -3.35 7.75 -31.59
C ASN A 142 -2.85 9.18 -31.41
N SER A 143 -1.93 9.39 -30.48
CA SER A 143 -1.39 10.72 -30.26
C SER A 143 -0.56 11.18 -31.46
N GLY A 144 -0.09 10.21 -32.24
CA GLY A 144 0.70 10.54 -33.43
C GLY A 144 2.18 10.48 -33.15
N LYS A 145 2.57 9.60 -32.23
CA LYS A 145 3.97 9.45 -31.85
C LYS A 145 4.79 8.94 -33.03
N THR A 146 4.26 7.98 -33.76
CA THR A 146 4.94 7.41 -34.91
C THR A 146 5.32 8.47 -35.95
N TYR A 147 4.42 9.41 -36.20
CA TYR A 147 4.68 10.48 -37.17
C TYR A 147 5.73 11.45 -36.67
N THR A 148 5.72 11.71 -35.37
CA THR A 148 6.67 12.64 -34.78
C THR A 148 8.08 12.05 -34.65
N ILE A 149 8.18 10.84 -34.14
CA ILE A 149 9.50 10.20 -33.96
C ILE A 149 10.04 9.58 -35.24
N GLN A 150 9.29 8.65 -35.83
CA GLN A 150 9.71 7.96 -37.02
C GLN A 150 9.43 8.79 -38.27
N GLY A 151 8.25 9.36 -38.31
CA GLY A 151 7.85 10.16 -39.45
C GLY A 151 7.18 9.30 -40.51
N THR A 152 6.88 9.90 -41.64
CA THR A 152 6.23 9.17 -42.72
C THR A 152 7.25 8.82 -43.79
N SER A 153 6.76 8.29 -44.90
CA SER A 153 7.63 7.91 -46.00
C SER A 153 8.22 9.15 -46.67
N LYS A 154 7.33 10.10 -46.98
CA LYS A 154 7.74 11.35 -47.63
C LYS A 154 8.42 12.29 -46.62
N ASP A 155 7.73 12.55 -45.52
CA ASP A 155 8.25 13.44 -44.49
C ASP A 155 8.95 12.65 -43.41
N ALA A 156 10.28 12.66 -43.46
CA ALA A 156 11.08 11.94 -42.49
C ALA A 156 10.98 12.58 -41.10
N GLY A 157 10.84 11.74 -40.09
CA GLY A 157 10.73 12.24 -38.72
C GLY A 157 12.07 12.61 -38.14
N ILE A 158 12.10 12.79 -36.82
CA ILE A 158 13.33 13.16 -36.13
C ILE A 158 14.44 12.13 -36.33
N LEU A 159 14.09 10.86 -36.22
CA LEU A 159 15.06 9.77 -36.37
C LEU A 159 15.77 9.80 -37.75
N PRO A 160 15.04 9.64 -38.87
CA PRO A 160 15.65 9.63 -40.20
C PRO A 160 16.37 10.94 -40.53
N GLN A 161 15.81 12.05 -40.09
CA GLN A 161 16.40 13.35 -40.36
C GLN A 161 17.70 13.53 -39.55
N SER A 162 17.71 12.98 -38.35
CA SER A 162 18.88 13.05 -37.49
C SER A 162 20.02 12.25 -38.12
N LEU A 163 19.67 11.10 -38.66
CA LEU A 163 20.64 10.22 -39.33
C LEU A 163 21.33 10.97 -40.46
N ALA A 164 20.54 11.75 -41.19
CA ALA A 164 21.06 12.53 -42.31
C ALA A 164 22.13 13.52 -41.83
N LEU A 165 21.89 14.12 -40.68
CA LEU A 165 22.83 15.09 -40.10
C LEU A 165 24.05 14.36 -39.55
N ILE A 166 23.81 13.19 -38.97
CA ILE A 166 24.89 12.37 -38.40
C ILE A 166 25.92 12.06 -39.49
N PHE A 167 25.43 11.54 -40.61
CA PHE A 167 26.28 11.19 -41.74
C PHE A 167 26.84 12.43 -42.44
N ASN A 168 26.22 13.58 -42.19
CA ASN A 168 26.66 14.83 -42.81
C ASN A 168 27.97 15.31 -42.22
N SER A 169 28.21 14.97 -40.96
CA SER A 169 29.45 15.36 -40.29
C SER A 169 30.63 14.60 -40.87
N LEU A 170 30.31 13.52 -41.58
CA LEU A 170 31.31 12.67 -42.17
C LEU A 170 31.89 13.23 -43.45
N ILE A 276 39.89 7.39 -40.91
CA ILE A 276 40.17 8.17 -39.72
C ILE A 276 39.16 7.76 -38.65
N ARG A 277 39.44 8.04 -37.40
CA ARG A 277 38.60 7.65 -36.29
C ARG A 277 37.17 8.20 -36.33
N PHE A 278 36.29 7.47 -37.00
CA PHE A 278 34.89 7.81 -37.05
C PHE A 278 34.08 6.51 -37.04
N SER A 279 33.75 6.05 -35.85
CA SER A 279 32.97 4.82 -35.70
C SER A 279 31.61 5.11 -35.09
N VAL A 280 30.57 4.69 -35.77
CA VAL A 280 29.21 4.92 -35.31
C VAL A 280 28.62 3.62 -34.77
N TRP A 281 28.41 3.57 -33.46
CA TRP A 281 27.84 2.39 -32.83
C TRP A 281 26.41 2.68 -32.42
N ILE A 282 25.49 1.90 -32.96
CA ILE A 282 24.09 2.07 -32.64
C ILE A 282 23.53 0.81 -32.01
N SER A 283 22.91 0.98 -30.86
CA SER A 283 22.32 -0.12 -30.13
C SER A 283 20.83 0.14 -29.93
N PHE A 284 20.05 -0.92 -29.86
CA PHE A 284 18.62 -0.80 -29.69
C PHE A 284 18.11 -1.90 -28.77
N PHE A 285 17.54 -1.52 -27.65
CA PHE A 285 17.02 -2.49 -26.69
C PHE A 285 15.71 -2.02 -26.08
N GLU A 286 14.85 -2.98 -25.73
CA GLU A 286 13.55 -2.68 -25.15
C GLU A 286 13.46 -3.30 -23.76
N ILE A 287 12.64 -2.72 -22.90
CA ILE A 287 12.48 -3.21 -21.54
C ILE A 287 11.10 -3.83 -21.33
N TYR A 288 11.09 -5.03 -20.77
CA TYR A 288 9.85 -5.73 -20.49
C TYR A 288 9.96 -6.45 -19.15
N ASN A 289 9.09 -6.07 -18.21
CA ASN A 289 9.07 -6.67 -16.88
C ASN A 289 10.40 -6.50 -16.15
N GLU A 290 10.93 -5.28 -16.17
CA GLU A 290 12.20 -4.94 -15.52
C GLU A 290 13.40 -5.68 -16.13
N LEU A 291 13.19 -6.31 -17.27
CA LEU A 291 14.26 -7.03 -17.94
C LEU A 291 14.44 -6.48 -19.35
N LEU A 292 15.67 -6.18 -19.71
CA LEU A 292 15.97 -5.63 -21.01
C LEU A 292 16.34 -6.73 -22.00
N TYR A 293 16.02 -6.50 -23.25
CA TYR A 293 16.34 -7.43 -24.32
C TYR A 293 16.96 -6.66 -25.47
N ASP A 294 18.08 -7.13 -25.95
CA ASP A 294 18.79 -6.48 -27.04
C ASP A 294 18.13 -6.76 -28.38
N LEU A 295 17.61 -5.70 -29.00
CA LEU A 295 16.94 -5.78 -30.30
C LEU A 295 17.90 -5.60 -31.48
N LEU A 296 19.19 -5.55 -31.20
CA LEU A 296 20.19 -5.34 -32.26
C LEU A 296 20.40 -6.60 -33.10
N GLU A 297 19.36 -6.92 -33.95
CA GLU A 297 19.08 -8.23 -34.55
C GLU A 297 17.79 -8.99 -34.00
N PRO A 298 18.08 -9.95 -33.13
CA PRO A 298 17.35 -11.19 -32.89
C PRO A 298 15.87 -11.35 -32.69
N PRO A 299 15.29 -12.25 -33.48
CA PRO A 299 13.95 -12.75 -33.23
C PRO A 299 13.78 -13.79 -32.15
N SER A 300 14.80 -14.59 -31.79
CA SER A 300 14.61 -15.57 -30.77
C SER A 300 15.54 -15.23 -29.67
N HIS A 301 15.19 -15.65 -28.45
CA HIS A 301 16.02 -15.48 -27.30
C HIS A 301 16.76 -16.83 -27.20
N THR A 307 20.98 -12.87 -19.03
CA THR A 307 20.35 -11.85 -18.25
C THR A 307 21.12 -10.63 -18.60
N LEU A 308 20.45 -9.46 -18.66
CA LEU A 308 21.15 -8.25 -19.03
C LEU A 308 21.37 -7.55 -17.72
N ARG A 309 22.53 -6.89 -17.52
CA ARG A 309 22.75 -6.31 -16.23
C ARG A 309 23.43 -5.00 -16.40
N LEU A 310 23.14 -4.06 -15.48
CA LEU A 310 23.74 -2.75 -15.54
C LEU A 310 24.93 -2.76 -14.64
N CYS A 311 26.17 -2.70 -15.18
CA CYS A 311 27.17 -2.60 -14.16
C CYS A 311 27.65 -1.18 -14.15
N GLU A 312 28.20 -0.75 -13.00
CA GLU A 312 28.63 0.58 -12.82
C GLU A 312 30.14 0.65 -12.95
N ASP A 313 30.62 1.64 -13.73
CA ASP A 313 32.02 1.89 -14.05
C ASP A 313 32.67 2.70 -12.94
N GLN A 314 33.99 2.88 -13.01
CA GLN A 314 34.70 3.67 -12.02
C GLN A 314 34.23 5.13 -12.10
N ASN A 315 33.64 5.47 -13.23
CA ASN A 315 33.12 6.81 -13.48
C ASN A 315 31.92 7.10 -12.58
N GLY A 316 31.23 6.04 -12.19
CA GLY A 316 30.06 6.19 -11.35
C GLY A 316 28.80 5.81 -12.09
N ASN A 317 28.78 6.10 -13.38
CA ASN A 317 27.62 5.80 -14.22
C ASN A 317 27.60 4.32 -14.65
N PRO A 318 26.39 3.74 -14.76
CA PRO A 318 26.21 2.35 -15.16
C PRO A 318 26.16 2.19 -16.68
N TYR A 319 26.51 1.00 -17.14
CA TYR A 319 26.50 0.68 -18.56
C TYR A 319 25.72 -0.62 -18.76
N VAL A 320 25.10 -0.78 -19.92
CA VAL A 320 24.35 -1.99 -20.19
C VAL A 320 25.30 -3.08 -20.68
N LYS A 321 25.34 -4.18 -19.95
CA LYS A 321 26.22 -5.28 -20.29
C LYS A 321 25.52 -6.26 -21.22
N ASP A 322 26.31 -6.98 -22.01
CA ASP A 322 25.82 -7.97 -22.97
C ASP A 322 25.09 -7.34 -24.15
N LEU A 323 25.28 -6.05 -24.37
CA LEU A 323 24.66 -5.35 -25.49
C LEU A 323 25.39 -5.70 -26.77
N ASN A 324 24.71 -5.60 -27.90
CA ASN A 324 25.33 -5.89 -29.18
C ASN A 324 26.07 -4.68 -29.73
N TRP A 325 27.07 -4.93 -30.55
CA TRP A 325 27.88 -3.86 -31.12
C TRP A 325 27.89 -3.92 -32.63
N ILE A 326 27.14 -3.04 -33.28
CA ILE A 326 27.10 -3.00 -34.74
C ILE A 326 27.53 -1.65 -35.27
N HIS A 327 28.38 -1.67 -36.29
CA HIS A 327 28.85 -0.44 -36.91
C HIS A 327 27.88 0.02 -37.98
N VAL A 328 27.62 1.31 -38.02
CA VAL A 328 26.70 1.87 -38.99
C VAL A 328 27.46 2.77 -39.98
N ARG A 329 27.73 2.23 -41.14
CA ARG A 329 28.45 2.94 -42.19
C ARG A 329 27.52 3.83 -43.00
N ASP A 330 26.29 3.37 -43.23
CA ASP A 330 25.34 4.13 -44.02
C ASP A 330 24.08 4.47 -43.25
N VAL A 331 23.38 5.51 -43.69
CA VAL A 331 22.15 5.95 -43.07
C VAL A 331 21.08 4.86 -43.15
N GLU A 332 21.02 4.19 -44.29
CA GLU A 332 20.05 3.13 -44.49
C GLU A 332 20.28 1.97 -43.52
N GLU A 333 21.54 1.78 -43.12
CA GLU A 333 21.88 0.70 -42.19
C GLU A 333 21.27 0.98 -40.82
N ALA A 334 21.32 2.23 -40.41
CA ALA A 334 20.75 2.63 -39.13
C ALA A 334 19.25 2.46 -39.18
N TRP A 335 18.66 2.83 -40.31
CA TRP A 335 17.22 2.72 -40.51
C TRP A 335 16.79 1.26 -40.46
N LYS A 336 17.56 0.39 -41.11
CA LYS A 336 17.28 -1.03 -41.13
C LYS A 336 17.38 -1.63 -39.73
N LEU A 337 18.30 -1.09 -38.93
CA LEU A 337 18.51 -1.56 -37.57
C LEU A 337 17.21 -1.44 -36.77
N LEU A 338 16.59 -0.25 -36.84
CA LEU A 338 15.40 0.01 -36.08
C LEU A 338 14.30 -0.83 -36.63
N LYS A 339 14.26 -1.04 -37.96
CA LYS A 339 13.16 -1.79 -38.50
C LYS A 339 13.17 -3.17 -37.94
N VAL A 340 14.34 -3.82 -37.88
CA VAL A 340 14.38 -5.17 -37.38
C VAL A 340 13.99 -5.20 -35.92
N GLY A 341 14.56 -4.25 -35.16
CA GLY A 341 14.34 -4.21 -33.74
C GLY A 341 12.88 -4.05 -33.47
N ARG A 342 12.21 -3.19 -34.25
CA ARG A 342 10.81 -2.93 -34.04
C ARG A 342 10.01 -4.15 -34.31
N LYS A 343 10.50 -5.03 -35.21
CA LYS A 343 9.75 -6.22 -35.45
C LYS A 343 9.72 -7.08 -34.22
N ASN A 344 10.87 -7.23 -33.50
CA ASN A 344 10.84 -8.14 -32.38
C ASN A 344 10.39 -7.44 -31.13
N GLN A 345 9.56 -6.39 -31.24
CA GLN A 345 9.13 -5.62 -30.10
C GLN A 345 8.19 -6.44 -29.29
N SER A 346 8.20 -6.27 -27.95
CA SER A 346 7.47 -7.09 -27.01
C SER A 346 6.03 -7.27 -27.32
N SER A 357 -0.25 -1.65 -26.70
CA SER A 357 0.50 -0.60 -26.04
C SER A 357 1.39 -1.22 -25.03
N ARG A 358 2.63 -1.60 -25.38
CA ARG A 358 3.41 -2.17 -24.32
C ARG A 358 4.87 -1.88 -24.59
N SER A 359 5.62 -1.47 -23.54
CA SER A 359 7.07 -1.32 -23.45
C SER A 359 7.68 -0.02 -23.96
N HIS A 360 8.92 0.20 -23.47
CA HIS A 360 9.93 1.24 -23.64
C HIS A 360 11.18 0.74 -24.34
N SER A 361 11.41 1.26 -25.54
CA SER A 361 12.58 0.89 -26.31
C SER A 361 13.52 2.09 -26.44
N ILE A 362 14.81 1.84 -26.28
CA ILE A 362 15.80 2.90 -26.37
C ILE A 362 16.78 2.65 -27.52
N PHE A 363 16.98 3.68 -28.32
CA PHE A 363 17.87 3.62 -29.47
C PHE A 363 19.05 4.53 -29.19
N SER A 364 20.25 3.96 -29.11
CA SER A 364 21.44 4.73 -28.79
C SER A 364 22.43 4.80 -29.94
N ILE A 365 22.72 6.02 -30.37
CA ILE A 365 23.67 6.27 -31.45
C ILE A 365 24.92 6.92 -30.87
N ARG A 366 26.04 6.19 -30.91
CA ARG A 366 27.26 6.68 -30.33
C ARG A 366 28.16 7.13 -31.43
N ILE A 367 28.70 8.36 -31.30
CA ILE A 367 29.61 8.84 -32.28
C ILE A 367 30.95 8.85 -31.64
N LEU A 368 31.82 7.95 -32.16
CA LEU A 368 33.10 7.78 -31.58
C LEU A 368 34.08 8.32 -32.57
N HIS A 369 34.63 9.51 -32.29
CA HIS A 369 35.52 10.07 -33.28
C HIS A 369 36.90 10.12 -32.70
N LEU A 370 37.91 9.64 -33.45
CA LEU A 370 39.24 9.61 -32.89
C LEU A 370 40.17 10.17 -33.91
N GLN A 371 41.36 10.60 -33.45
CA GLN A 371 42.42 11.07 -34.32
C GLN A 371 43.16 9.88 -34.92
N LYS A 379 36.72 9.59 -28.27
CA LYS A 379 35.76 10.60 -27.91
C LYS A 379 34.43 9.92 -27.85
N ILE A 380 33.74 10.02 -26.67
CA ILE A 380 32.50 9.30 -26.51
C ILE A 380 31.33 10.22 -26.41
N SER A 381 30.34 10.00 -27.31
CA SER A 381 29.12 10.77 -27.22
C SER A 381 27.98 9.81 -27.41
N GLU A 382 26.84 10.01 -26.70
CA GLU A 382 25.75 9.10 -26.90
C GLU A 382 24.48 9.86 -27.11
N LEU A 383 23.79 9.56 -28.22
CA LEU A 383 22.51 10.15 -28.57
C LEU A 383 21.49 9.03 -28.45
N SER A 384 20.64 9.09 -27.44
CA SER A 384 19.68 8.03 -27.23
C SER A 384 18.23 8.51 -27.33
N LEU A 385 17.45 7.74 -28.07
CA LEU A 385 16.03 8.00 -28.27
C LEU A 385 15.25 7.11 -27.32
N CYS A 386 14.18 7.62 -26.74
CA CYS A 386 13.38 6.84 -25.81
C CYS A 386 11.90 6.84 -26.17
N ASP A 387 11.40 5.64 -26.49
CA ASP A 387 10.00 5.47 -26.82
C ASP A 387 9.27 5.05 -25.56
N LEU A 388 8.61 5.99 -24.91
CA LEU A 388 7.91 5.69 -23.67
C LEU A 388 6.46 5.34 -23.89
N ALA A 389 6.02 4.29 -23.22
CA ALA A 389 4.65 3.83 -23.29
C ALA A 389 3.74 4.84 -22.62
N GLY A 390 2.55 5.12 -23.18
CA GLY A 390 1.66 5.95 -22.41
C GLY A 390 0.96 5.03 -21.44
N SER A 391 0.72 5.60 -20.23
CA SER A 391 0.37 4.89 -19.02
C SER A 391 -1.04 4.45 -18.98
N GLU A 392 -1.32 3.44 -18.14
CA GLU A 392 -2.69 3.03 -18.25
C GLU A 392 -3.32 2.73 -16.93
N ARG A 393 -4.61 3.09 -16.85
CA ARG A 393 -5.46 2.67 -15.78
C ARG A 393 -6.52 1.89 -16.49
N CYS A 394 -6.22 0.63 -16.85
CA CYS A 394 -7.14 -0.19 -17.57
C CYS A 394 -6.85 -1.54 -17.07
N LYS A 395 -7.63 -2.54 -17.51
CA LYS A 395 -7.33 -3.86 -17.01
C LYS A 395 -6.47 -4.57 -17.99
N ARG A 402 0.98 -12.24 -17.57
CA ARG A 402 1.95 -11.32 -17.03
C ARG A 402 1.29 -10.73 -15.84
N LEU A 403 2.09 -10.40 -14.81
CA LEU A 403 1.51 -9.83 -13.63
C LEU A 403 1.94 -8.40 -13.54
N LYS A 404 1.02 -7.51 -13.07
CA LYS A 404 1.14 -6.11 -12.72
C LYS A 404 1.81 -5.34 -13.80
N GLU A 405 1.56 -5.69 -15.07
CA GLU A 405 2.20 -5.06 -16.22
C GLU A 405 1.97 -3.55 -16.28
N ALA A 406 0.70 -3.13 -16.22
CA ALA A 406 0.37 -1.72 -16.26
C ALA A 406 0.90 -0.98 -15.04
N GLY A 407 0.72 -1.58 -13.88
CA GLY A 407 1.18 -0.97 -12.64
C GLY A 407 2.69 -0.86 -12.59
N ASN A 408 3.38 -1.86 -13.12
CA ASN A 408 4.83 -1.89 -13.14
C ASN A 408 5.37 -0.77 -14.03
N ILE A 409 4.88 -0.71 -15.26
CA ILE A 409 5.33 0.32 -16.20
C ILE A 409 4.91 1.70 -15.71
N ASN A 410 3.76 1.76 -15.03
CA ASN A 410 3.24 3.02 -14.49
C ASN A 410 4.21 3.53 -13.42
N THR A 411 4.79 2.60 -12.67
CA THR A 411 5.73 2.94 -11.62
C THR A 411 7.00 3.53 -12.23
N SER A 412 7.50 2.91 -13.29
CA SER A 412 8.70 3.37 -13.97
C SER A 412 8.47 4.75 -14.59
N LEU A 413 7.23 5.03 -14.92
CA LEU A 413 6.86 6.32 -15.50
C LEU A 413 6.88 7.40 -14.41
N HIS A 414 6.39 7.05 -13.23
CA HIS A 414 6.35 7.99 -12.11
C HIS A 414 7.73 8.22 -11.51
N THR A 415 8.55 7.17 -11.47
CA THR A 415 9.90 7.29 -10.93
C THR A 415 10.72 8.25 -11.79
N LEU A 416 10.56 8.11 -13.10
CA LEU A 416 11.25 8.97 -14.05
C LEU A 416 10.83 10.41 -13.84
N GLY A 417 9.54 10.62 -13.63
CA GLY A 417 9.00 11.95 -13.39
C GLY A 417 9.55 12.55 -12.10
N ARG A 418 9.60 11.74 -11.05
CA ARG A 418 10.11 12.19 -9.77
C ARG A 418 11.57 12.63 -9.89
N CYS A 419 12.29 11.95 -10.77
CA CYS A 419 13.70 12.27 -11.02
C CYS A 419 13.81 13.64 -11.67
N ILE A 420 12.92 13.92 -12.61
CA ILE A 420 12.91 15.20 -13.31
C ILE A 420 12.51 16.31 -12.34
N ALA A 421 11.51 16.02 -11.51
CA ALA A 421 11.02 16.98 -10.52
C ALA A 421 12.12 17.34 -9.53
N ALA A 422 12.86 16.32 -9.08
CA ALA A 422 13.94 16.53 -8.13
C ALA A 422 14.97 17.49 -8.71
N LEU A 423 15.29 17.30 -9.98
CA LEU A 423 16.26 18.15 -10.67
C LEU A 423 15.69 19.55 -10.92
N ARG A 424 14.39 19.60 -11.24
CA ARG A 424 13.73 20.87 -11.51
C ARG A 424 13.86 21.82 -10.31
N GLN A 425 13.53 21.32 -9.13
CA GLN A 425 13.64 22.13 -7.92
C GLN A 425 15.09 22.30 -7.47
N ASN A 426 15.94 21.37 -7.88
CA ASN A 426 17.36 21.45 -7.54
C ASN A 426 17.97 22.68 -8.20
N GLN A 427 17.68 22.85 -9.48
CA GLN A 427 18.18 24.00 -10.22
C GLN A 427 17.38 25.26 -9.89
N GLN A 428 16.22 25.07 -9.28
CA GLN A 428 15.36 26.19 -8.87
C GLN A 428 16.03 26.97 -7.75
N ASN A 429 16.48 26.19 -6.74
CA ASN A 429 17.15 26.67 -5.57
C ASN A 429 18.63 26.51 -5.77
N ARG A 430 19.43 27.14 -4.89
CA ARG A 430 20.87 27.11 -4.92
C ARG A 430 21.35 25.70 -4.71
N SER A 431 20.62 24.88 -3.92
CA SER A 431 21.08 23.54 -3.67
C SER A 431 19.93 22.72 -3.14
N LYS A 432 20.05 21.36 -3.21
CA LYS A 432 19.05 20.49 -2.65
C LYS A 432 19.63 19.09 -2.56
N GLN A 433 19.05 18.24 -1.67
CA GLN A 433 19.50 16.93 -1.32
C GLN A 433 19.48 16.06 -2.54
N ASN A 434 18.50 16.30 -3.43
CA ASN A 434 18.38 15.69 -4.73
C ASN A 434 18.51 14.19 -4.69
N LEU A 435 17.65 13.51 -3.90
CA LEU A 435 17.74 12.08 -3.94
C LEU A 435 17.01 11.64 -5.17
N ILE A 436 17.80 11.24 -6.18
CA ILE A 436 17.32 10.81 -7.48
C ILE A 436 17.04 9.31 -7.49
N PRO A 437 15.86 8.99 -7.92
CA PRO A 437 15.32 7.65 -7.95
C PRO A 437 15.90 6.76 -9.02
N PHE A 438 17.18 6.93 -9.39
CA PHE A 438 17.74 6.14 -10.45
C PHE A 438 17.67 4.68 -10.13
N ARG A 439 17.96 4.31 -8.88
CA ARG A 439 18.03 2.96 -8.41
C ARG A 439 16.65 2.34 -8.49
N ASP A 440 15.58 3.18 -8.46
CA ASP A 440 14.23 2.69 -8.42
C ASP A 440 13.91 1.79 -9.58
N SER A 441 14.20 2.20 -10.83
CA SER A 441 13.82 1.34 -11.93
C SER A 441 15.04 1.05 -12.75
N LYS A 442 14.99 -0.03 -13.54
CA LYS A 442 16.14 -0.41 -14.36
C LYS A 442 16.44 0.67 -15.42
N LEU A 443 15.37 1.26 -15.96
CA LEU A 443 15.50 2.28 -16.98
C LEU A 443 16.21 3.52 -16.46
N THR A 444 15.87 3.93 -15.24
CA THR A 444 16.49 5.10 -14.63
C THR A 444 17.99 4.92 -14.47
N ARG A 445 18.46 3.67 -14.22
CA ARG A 445 19.88 3.43 -14.10
C ARG A 445 20.57 3.64 -15.45
N VAL A 446 19.97 3.23 -16.60
CA VAL A 446 20.56 3.43 -17.91
C VAL A 446 20.59 4.93 -18.17
N PHE A 447 19.50 5.58 -17.80
CA PHE A 447 19.33 7.01 -17.94
C PHE A 447 20.30 7.76 -17.03
N GLN A 448 20.70 7.13 -15.93
CA GLN A 448 21.61 7.72 -14.96
C GLN A 448 22.93 8.13 -15.59
N GLY A 449 23.42 7.31 -16.53
CA GLY A 449 24.66 7.61 -17.20
C GLY A 449 24.64 9.01 -17.79
N PHE A 450 23.59 9.31 -18.53
CA PHE A 450 23.42 10.62 -19.13
C PHE A 450 22.97 11.66 -18.09
N PHE A 451 21.90 11.34 -17.35
CA PHE A 451 21.31 12.25 -16.37
C PHE A 451 22.26 12.66 -15.25
N THR A 452 23.15 11.77 -14.84
CA THR A 452 24.09 12.11 -13.78
C THR A 452 25.27 12.89 -14.38
N GLY A 453 25.56 12.59 -15.64
CA GLY A 453 26.63 13.26 -16.34
C GLY A 453 26.21 14.57 -16.98
N ARG A 454 27.14 15.20 -17.68
CA ARG A 454 26.86 16.44 -18.37
C ARG A 454 26.14 16.13 -19.68
N GLY A 455 24.96 16.71 -19.86
CA GLY A 455 24.20 16.49 -21.07
C GLY A 455 22.86 17.17 -21.04
N ARG A 456 22.42 17.65 -22.18
CA ARG A 456 21.13 18.31 -22.29
C ARG A 456 20.00 17.31 -22.53
N SER A 457 18.88 17.51 -21.89
CA SER A 457 17.75 16.61 -22.04
C SER A 457 16.60 17.29 -22.79
N CYS A 458 15.93 16.53 -23.66
CA CYS A 458 14.80 17.05 -24.42
C CYS A 458 13.56 16.22 -24.15
N MET A 459 12.57 16.83 -23.50
CA MET A 459 11.33 16.14 -23.17
C MET A 459 10.25 16.50 -24.19
N ILE A 460 9.92 15.56 -25.06
CA ILE A 460 8.91 15.80 -26.08
C ILE A 460 7.66 14.97 -25.83
N VAL A 461 6.56 15.67 -25.58
CA VAL A 461 5.28 15.02 -25.34
C VAL A 461 4.32 15.38 -26.46
N ASN A 462 3.85 14.38 -27.18
CA ASN A 462 2.93 14.61 -28.28
C ASN A 462 1.52 14.19 -27.87
N VAL A 463 0.56 15.08 -28.07
CA VAL A 463 -0.82 14.82 -27.70
C VAL A 463 -1.78 15.23 -28.81
N ASN A 464 -3.05 14.87 -28.65
CA ASN A 464 -4.06 15.22 -29.63
C ASN A 464 -4.80 16.49 -29.19
N PRO A 465 -5.23 17.32 -30.14
CA PRO A 465 -5.96 18.54 -29.84
C PRO A 465 -7.44 18.29 -29.59
N CYS A 466 -7.82 17.02 -29.64
CA CYS A 466 -9.21 16.62 -29.45
C CYS A 466 -9.71 16.82 -28.02
N ALA A 467 -11.02 16.99 -27.91
CA ALA A 467 -11.67 17.21 -26.62
C ALA A 467 -11.83 15.90 -25.83
N SER A 468 -12.19 14.83 -26.53
CA SER A 468 -12.39 13.54 -25.89
C SER A 468 -11.08 12.99 -25.33
N THR A 469 -9.99 13.37 -25.95
CA THR A 469 -8.67 12.92 -25.55
C THR A 469 -8.13 13.73 -24.37
N TYR A 470 -8.98 14.57 -23.78
CA TYR A 470 -8.60 15.40 -22.63
C TYR A 470 -7.98 14.56 -21.52
N ASP A 471 -8.60 13.43 -21.21
CA ASP A 471 -8.09 12.55 -20.16
C ASP A 471 -6.71 12.02 -20.53
N GLU A 472 -6.52 11.75 -21.81
CA GLU A 472 -5.26 11.25 -22.33
C GLU A 472 -4.20 12.34 -22.24
N THR A 473 -4.53 13.50 -22.80
CA THR A 473 -3.63 14.65 -22.82
C THR A 473 -3.30 15.12 -21.40
N LEU A 474 -4.29 15.08 -20.51
CA LEU A 474 -4.10 15.50 -19.13
C LEU A 474 -2.99 14.70 -18.46
N HIS A 475 -3.06 13.37 -18.59
CA HIS A 475 -2.05 12.50 -18.00
C HIS A 475 -0.70 12.70 -18.66
N ALA A 476 -0.71 13.03 -19.94
CA ALA A 476 0.52 13.27 -20.68
C ALA A 476 1.17 14.57 -20.21
N ALA A 477 0.34 15.56 -19.93
CA ALA A 477 0.82 16.85 -19.45
C ALA A 477 1.31 16.76 -18.01
N LYS A 478 0.64 15.92 -17.22
CA LYS A 478 1.00 15.73 -15.82
C LYS A 478 2.36 15.05 -15.69
N PHE A 479 2.79 14.38 -16.76
CA PHE A 479 4.09 13.71 -16.78
C PHE A 479 5.19 14.77 -16.84
N SER A 480 4.99 15.75 -17.71
CA SER A 480 5.94 16.84 -17.87
C SER A 480 5.94 17.74 -16.65
N ALA A 481 4.74 18.06 -16.09
CA ALA A 481 4.54 18.80 -14.86
C ALA A 481 4.18 20.22 -15.15
N LEU A 482 3.73 20.96 -14.12
CA LEU A 482 3.42 22.35 -14.26
C LEU A 482 4.59 23.08 -13.65
N ALA A 483 4.71 24.39 -13.92
CA ALA A 483 5.82 25.21 -13.48
C ALA A 483 5.76 25.49 -12.01
N ARG B 2 -39.68 0.08 -0.67
CA ARG B 2 -39.86 -0.40 0.70
C ARG B 2 -38.61 -1.10 1.22
N GLU B 3 -38.29 -2.24 0.63
CA GLU B 3 -37.14 -3.04 1.03
C GLU B 3 -35.83 -2.31 0.72
N CYS B 4 -34.81 -2.60 1.51
CA CYS B 4 -33.50 -1.98 1.32
C CYS B 4 -32.39 -3.01 1.49
N ILE B 5 -31.72 -3.34 0.40
CA ILE B 5 -30.65 -4.33 0.44
C ILE B 5 -29.35 -3.67 0.91
N SER B 6 -28.80 -4.19 1.99
CA SER B 6 -27.58 -3.64 2.55
C SER B 6 -26.33 -4.28 1.94
N ILE B 7 -25.32 -3.47 1.72
CA ILE B 7 -24.06 -3.93 1.15
C ILE B 7 -22.91 -3.62 2.10
N HIS B 8 -22.67 -4.55 3.00
CA HIS B 8 -21.60 -4.40 3.98
C HIS B 8 -20.29 -4.82 3.33
N VAL B 9 -19.31 -3.93 3.33
CA VAL B 9 -18.03 -4.24 2.70
C VAL B 9 -16.84 -3.85 3.59
N GLY B 10 -15.83 -4.72 3.63
CA GLY B 10 -14.64 -4.46 4.41
C GLY B 10 -14.67 -5.20 5.73
N GLN B 11 -13.50 -5.38 6.33
CA GLN B 11 -13.39 -6.08 7.61
C GLN B 11 -14.31 -5.44 8.64
N ALA B 12 -14.15 -4.14 8.83
CA ALA B 12 -14.97 -3.40 9.79
C ALA B 12 -16.42 -3.41 9.35
N GLY B 13 -16.65 -3.42 8.03
CA GLY B 13 -18.00 -3.45 7.50
C GLY B 13 -18.71 -4.73 7.86
N VAL B 14 -18.00 -5.84 7.75
CA VAL B 14 -18.56 -7.15 8.08
C VAL B 14 -18.76 -7.24 9.59
N GLN B 15 -17.78 -6.73 10.34
CA GLN B 15 -17.84 -6.75 11.79
C GLN B 15 -19.04 -5.95 12.30
N ILE B 16 -19.22 -4.76 11.75
CA ILE B 16 -20.34 -3.90 12.13
C ILE B 16 -21.66 -4.51 11.67
N GLY B 17 -21.64 -5.13 10.49
CA GLY B 17 -22.83 -5.76 9.95
C GLY B 17 -23.25 -6.94 10.79
N ASN B 18 -22.27 -7.68 11.30
CA ASN B 18 -22.53 -8.84 12.13
C ASN B 18 -23.29 -8.44 13.39
N ALA B 19 -22.87 -7.33 13.99
CA ALA B 19 -23.51 -6.83 15.20
C ALA B 19 -24.85 -6.19 14.86
N CYS B 20 -24.90 -5.50 13.72
CA CYS B 20 -26.11 -4.84 13.26
C CYS B 20 -27.20 -5.87 12.97
N TRP B 21 -26.85 -6.89 12.18
CA TRP B 21 -27.82 -7.91 11.84
C TRP B 21 -28.24 -8.75 13.04
N GLU B 22 -27.36 -8.84 14.03
CA GLU B 22 -27.67 -9.59 15.25
C GLU B 22 -28.84 -8.93 15.97
N LEU B 23 -28.76 -7.62 16.12
CA LEU B 23 -29.81 -6.86 16.79
C LEU B 23 -31.09 -6.89 15.96
N TYR B 24 -30.93 -6.83 14.64
CA TYR B 24 -32.06 -6.84 13.72
C TYR B 24 -32.96 -8.06 13.95
N CYS B 25 -32.38 -9.25 13.84
CA CYS B 25 -33.15 -10.47 14.03
C CYS B 25 -33.59 -10.65 15.48
N LEU B 26 -32.73 -10.24 16.41
CA LEU B 26 -33.02 -10.34 17.83
C LEU B 26 -34.23 -9.51 18.22
N GLU B 27 -34.30 -8.27 17.74
CA GLU B 27 -35.41 -7.38 18.05
C GLU B 27 -36.69 -7.78 17.31
N HIS B 28 -36.54 -8.67 16.34
CA HIS B 28 -37.68 -9.15 15.57
C HIS B 28 -38.17 -10.47 16.13
N GLY B 29 -37.48 -10.95 17.17
CA GLY B 29 -37.84 -12.21 17.81
C GLY B 29 -37.56 -13.41 16.93
N ILE B 30 -36.59 -13.28 16.04
CA ILE B 30 -36.23 -14.37 15.15
C ILE B 30 -34.94 -15.03 15.59
N GLN B 31 -34.96 -16.36 15.64
CA GLN B 31 -33.79 -17.13 16.05
C GLN B 31 -32.75 -17.15 14.94
N PRO B 32 -31.48 -17.45 15.27
CA PRO B 32 -30.39 -17.53 14.28
C PRO B 32 -30.76 -18.47 13.14
N ASP B 33 -31.49 -19.53 13.47
CA ASP B 33 -31.94 -20.49 12.47
C ASP B 33 -33.37 -20.14 12.08
N GLY B 34 -33.52 -19.02 11.38
CA GLY B 34 -34.83 -18.57 10.96
C GLY B 34 -35.14 -18.98 9.54
N HIS B 61 -35.24 -15.58 9.24
CA HIS B 61 -35.72 -15.59 7.86
C HIS B 61 -34.59 -15.23 6.91
N VAL B 62 -34.94 -14.93 5.66
CA VAL B 62 -33.95 -14.58 4.64
C VAL B 62 -33.45 -13.14 4.86
N PRO B 63 -32.14 -12.98 5.10
CA PRO B 63 -31.53 -11.67 5.33
C PRO B 63 -31.44 -10.85 4.05
N ARG B 64 -31.89 -9.60 4.13
CA ARG B 64 -31.86 -8.71 2.98
C ARG B 64 -30.58 -7.88 2.97
N ALA B 65 -29.44 -8.57 3.00
CA ALA B 65 -28.13 -7.90 3.01
C ALA B 65 -27.05 -8.83 2.49
N VAL B 66 -25.94 -8.25 2.07
CA VAL B 66 -24.81 -9.01 1.55
C VAL B 66 -23.51 -8.55 2.20
N PHE B 67 -22.52 -9.43 2.26
CA PHE B 67 -21.23 -9.12 2.86
C PHE B 67 -20.10 -9.43 1.89
N VAL B 68 -19.27 -8.44 1.61
CA VAL B 68 -18.15 -8.60 0.70
C VAL B 68 -16.85 -8.06 1.30
N ASP B 69 -15.76 -8.78 1.11
CA ASP B 69 -14.46 -8.39 1.63
C ASP B 69 -13.36 -9.06 0.81
N LEU B 70 -12.10 -8.75 1.12
CA LEU B 70 -10.98 -9.33 0.40
C LEU B 70 -10.19 -10.31 1.27
N GLU B 71 -10.61 -10.48 2.51
CA GLU B 71 -9.96 -11.41 3.42
C GLU B 71 -10.91 -12.56 3.73
N PRO B 72 -10.55 -13.79 3.33
CA PRO B 72 -11.36 -14.97 3.57
C PRO B 72 -11.65 -15.18 5.06
N THR B 73 -10.67 -14.86 5.89
CA THR B 73 -10.79 -15.02 7.34
C THR B 73 -11.93 -14.18 7.92
N VAL B 74 -12.14 -13.00 7.36
CA VAL B 74 -13.20 -12.11 7.84
C VAL B 74 -14.58 -12.72 7.59
N ILE B 75 -14.80 -13.20 6.39
CA ILE B 75 -16.07 -13.79 6.02
C ILE B 75 -16.23 -15.16 6.68
N ASP B 76 -15.12 -15.87 6.84
CA ASP B 76 -15.12 -17.19 7.47
C ASP B 76 -15.56 -17.11 8.93
N GLU B 77 -15.28 -15.98 9.57
CA GLU B 77 -15.66 -15.78 10.95
C GLU B 77 -17.17 -15.82 11.10
N VAL B 78 -17.86 -15.25 10.11
CA VAL B 78 -19.32 -15.23 10.11
C VAL B 78 -19.86 -16.61 9.77
N ARG B 79 -19.11 -17.35 8.97
CA ARG B 79 -19.51 -18.69 8.55
C ARG B 79 -19.23 -19.71 9.65
N THR B 80 -18.74 -19.24 10.80
CA THR B 80 -18.44 -20.12 11.91
C THR B 80 -18.78 -19.47 13.26
N GLY B 81 -19.35 -18.27 13.21
CA GLY B 81 -19.69 -17.57 14.42
C GLY B 81 -21.16 -17.63 14.76
N THR B 82 -21.69 -16.52 15.25
CA THR B 82 -23.09 -16.45 15.62
C THR B 82 -23.95 -16.22 14.38
N TYR B 83 -25.15 -16.82 14.36
CA TYR B 83 -26.08 -16.69 13.24
C TYR B 83 -25.45 -17.26 11.98
N ARG B 84 -24.67 -18.33 12.16
CA ARG B 84 -23.97 -19.00 11.08
C ARG B 84 -24.89 -19.42 9.94
N GLN B 85 -26.03 -19.99 10.29
CA GLN B 85 -26.98 -20.45 9.27
C GLN B 85 -28.06 -19.43 8.97
N LEU B 86 -27.87 -18.20 9.45
CA LEU B 86 -28.85 -17.15 9.20
C LEU B 86 -28.62 -16.54 7.83
N PHE B 87 -27.37 -16.56 7.39
CA PHE B 87 -27.00 -16.01 6.09
C PHE B 87 -26.75 -17.11 5.09
N HIS B 88 -26.67 -16.74 3.81
CA HIS B 88 -26.42 -17.68 2.75
C HIS B 88 -25.04 -17.45 2.15
N PRO B 89 -24.38 -18.50 1.63
CA PRO B 89 -23.04 -18.38 1.04
C PRO B 89 -23.04 -17.53 -0.23
N GLU B 90 -24.22 -17.34 -0.81
CA GLU B 90 -24.38 -16.56 -2.02
C GLU B 90 -24.24 -15.06 -1.74
N GLN B 91 -24.55 -14.68 -0.50
CA GLN B 91 -24.45 -13.29 -0.09
C GLN B 91 -23.19 -13.05 0.72
N LEU B 92 -22.23 -13.95 0.56
CA LEU B 92 -20.96 -13.87 1.27
C LEU B 92 -19.81 -14.16 0.31
N ILE B 93 -19.30 -13.11 -0.32
CA ILE B 93 -18.20 -13.26 -1.27
C ILE B 93 -16.85 -13.35 -0.55
N THR B 94 -16.05 -14.33 -0.95
CA THR B 94 -14.75 -14.53 -0.34
C THR B 94 -13.63 -14.34 -1.36
N GLY B 95 -12.87 -13.27 -1.21
CA GLY B 95 -11.76 -12.99 -2.11
C GLY B 95 -10.48 -13.61 -1.60
N LYS B 96 -10.31 -14.91 -1.84
CA LYS B 96 -9.14 -15.63 -1.38
C LYS B 96 -7.88 -15.34 -2.21
N GLU B 97 -7.53 -14.07 -2.32
CA GLU B 97 -6.35 -13.68 -3.08
C GLU B 97 -5.51 -12.68 -2.31
N ASP B 98 -6.08 -11.53 -2.03
CA ASP B 98 -5.38 -10.47 -1.29
C ASP B 98 -6.37 -9.45 -0.78
N ALA B 99 -6.01 -8.76 0.30
CA ALA B 99 -6.88 -7.77 0.90
C ALA B 99 -6.22 -6.39 0.88
N ALA B 100 -5.08 -6.29 1.58
CA ALA B 100 -4.31 -5.06 1.68
C ALA B 100 -5.10 -3.94 2.36
N ASN B 101 -4.54 -2.74 2.37
CA ASN B 101 -5.18 -1.59 3.00
C ASN B 101 -5.00 -0.34 2.15
N ASN B 102 -5.00 -0.53 0.84
CA ASN B 102 -4.85 0.58 -0.09
C ASN B 102 -5.97 0.61 -1.12
N TYR B 103 -6.53 1.80 -1.30
CA TYR B 103 -7.64 2.02 -2.23
C TYR B 103 -7.36 1.47 -3.63
N ALA B 104 -6.19 1.80 -4.17
CA ALA B 104 -5.79 1.37 -5.51
C ALA B 104 -5.91 -0.14 -5.71
N ARG B 105 -5.34 -0.91 -4.80
CA ARG B 105 -5.37 -2.36 -4.90
C ARG B 105 -6.78 -2.90 -4.80
N GLY B 106 -7.55 -2.38 -3.86
CA GLY B 106 -8.90 -2.83 -3.67
C GLY B 106 -9.89 -2.15 -4.61
N HIS B 107 -9.40 -1.65 -5.73
CA HIS B 107 -10.26 -0.98 -6.70
C HIS B 107 -9.88 -1.36 -8.14
N TYR B 108 -8.62 -1.14 -8.50
CA TYR B 108 -8.18 -1.42 -9.85
C TYR B 108 -7.56 -2.80 -10.05
N THR B 109 -6.57 -3.14 -9.24
CA THR B 109 -5.89 -4.43 -9.36
C THR B 109 -6.80 -5.61 -9.10
N ILE B 110 -7.10 -5.86 -7.83
CA ILE B 110 -7.95 -6.99 -7.44
C ILE B 110 -9.39 -6.58 -7.21
N GLY B 111 -9.63 -5.28 -7.13
CA GLY B 111 -10.97 -4.78 -6.89
C GLY B 111 -11.91 -5.13 -8.03
N LYS B 112 -11.45 -4.92 -9.26
CA LYS B 112 -12.25 -5.19 -10.44
C LYS B 112 -12.30 -6.67 -10.81
N GLU B 113 -11.99 -7.53 -9.85
CA GLU B 113 -12.00 -8.96 -10.10
C GLU B 113 -13.35 -9.59 -9.74
N ILE B 114 -13.80 -9.37 -8.51
CA ILE B 114 -15.06 -9.95 -8.04
C ILE B 114 -16.25 -8.98 -8.18
N ILE B 115 -15.98 -7.75 -8.61
CA ILE B 115 -17.04 -6.75 -8.77
C ILE B 115 -18.19 -7.25 -9.66
N ASP B 116 -17.84 -7.97 -10.73
CA ASP B 116 -18.84 -8.52 -11.65
C ASP B 116 -19.82 -9.43 -10.93
N LEU B 117 -19.27 -10.36 -10.15
CA LEU B 117 -20.08 -11.31 -9.41
C LEU B 117 -20.89 -10.60 -8.32
N VAL B 118 -20.26 -9.65 -7.65
CA VAL B 118 -20.92 -8.90 -6.59
C VAL B 118 -22.12 -8.14 -7.12
N LEU B 119 -21.95 -7.47 -8.26
CA LEU B 119 -23.02 -6.70 -8.88
C LEU B 119 -24.17 -7.63 -9.26
N ASP B 120 -23.82 -8.82 -9.70
CA ASP B 120 -24.81 -9.81 -10.10
C ASP B 120 -25.64 -10.26 -8.91
N ARG B 121 -24.98 -10.51 -7.79
CA ARG B 121 -25.65 -10.95 -6.57
C ARG B 121 -26.68 -9.94 -6.10
N ILE B 122 -26.30 -8.68 -5.98
CA ILE B 122 -27.21 -7.64 -5.52
C ILE B 122 -28.34 -7.40 -6.51
N ARG B 123 -28.04 -7.46 -7.80
CA ARG B 123 -29.05 -7.27 -8.84
C ARG B 123 -30.06 -8.41 -8.80
N LYS B 124 -29.58 -9.61 -8.51
CA LYS B 124 -30.44 -10.79 -8.41
C LYS B 124 -31.43 -10.62 -7.26
N LEU B 125 -30.91 -10.15 -6.12
CA LEU B 125 -31.74 -9.94 -4.95
C LEU B 125 -32.74 -8.80 -5.18
N ALA B 126 -32.30 -7.78 -5.92
CA ALA B 126 -33.14 -6.64 -6.24
C ALA B 126 -34.32 -7.06 -7.11
N ASP B 127 -34.11 -8.11 -7.89
CA ASP B 127 -35.16 -8.63 -8.76
C ASP B 127 -36.18 -9.43 -7.94
N GLN B 128 -35.71 -10.03 -6.85
CA GLN B 128 -36.56 -10.83 -5.98
C GLN B 128 -37.43 -9.96 -5.06
N CYS B 129 -36.88 -8.83 -4.62
CA CYS B 129 -37.60 -7.94 -3.72
C CYS B 129 -38.84 -7.33 -4.39
N THR B 130 -39.72 -6.76 -3.59
CA THR B 130 -40.93 -6.14 -4.08
C THR B 130 -40.87 -4.63 -3.97
N GLY B 131 -40.27 -4.00 -4.96
CA GLY B 131 -40.15 -2.56 -4.98
C GLY B 131 -39.21 -2.04 -3.92
N LEU B 132 -37.92 -2.30 -4.09
CA LEU B 132 -36.92 -1.83 -3.15
C LEU B 132 -36.73 -0.32 -3.28
N GLN B 133 -36.48 0.34 -2.17
CA GLN B 133 -36.30 1.78 -2.18
C GLN B 133 -34.85 2.13 -2.57
N GLY B 134 -33.92 1.27 -2.19
CA GLY B 134 -32.53 1.51 -2.50
C GLY B 134 -31.62 0.50 -1.83
N PHE B 135 -30.37 0.90 -1.64
CA PHE B 135 -29.38 0.03 -1.02
C PHE B 135 -28.79 0.70 0.21
N SER B 136 -28.46 -0.09 1.22
CA SER B 136 -27.86 0.42 2.44
C SER B 136 -26.39 0.04 2.50
N VAL B 137 -25.53 0.99 2.14
CA VAL B 137 -24.09 0.73 2.13
C VAL B 137 -23.50 0.79 3.54
N PHE B 138 -22.60 -0.14 3.84
CA PHE B 138 -21.93 -0.19 5.13
C PHE B 138 -20.44 -0.45 4.93
N HIS B 139 -19.62 0.53 5.30
CA HIS B 139 -18.19 0.41 5.15
C HIS B 139 -17.46 1.46 5.98
N SER B 140 -16.16 1.56 5.77
CA SER B 140 -15.34 2.52 6.49
C SER B 140 -14.55 3.33 5.46
N PHE B 141 -14.23 4.57 5.78
CA PHE B 141 -13.47 5.42 4.87
C PHE B 141 -12.01 4.99 4.80
N GLY B 142 -11.58 4.25 5.81
CA GLY B 142 -10.22 3.76 5.86
C GLY B 142 -10.15 2.31 5.45
N GLY B 143 -8.95 1.83 5.17
CA GLY B 143 -8.78 0.45 4.75
C GLY B 143 -8.61 0.35 3.24
N GLY B 144 -8.68 -0.86 2.72
CA GLY B 144 -8.53 -1.05 1.29
C GLY B 144 -9.79 -1.57 0.63
N THR B 145 -10.37 -2.60 1.22
CA THR B 145 -11.59 -3.20 0.68
C THR B 145 -12.79 -2.31 0.95
N GLY B 146 -12.80 -1.66 2.12
CA GLY B 146 -13.91 -0.80 2.49
C GLY B 146 -13.87 0.56 1.80
N SER B 147 -12.80 0.82 1.07
CA SER B 147 -12.66 2.09 0.38
C SER B 147 -12.81 1.92 -1.14
N GLY B 148 -11.89 1.16 -1.72
CA GLY B 148 -11.90 0.95 -3.17
C GLY B 148 -13.13 0.22 -3.67
N PHE B 149 -13.46 -0.91 -3.07
CA PHE B 149 -14.61 -1.70 -3.49
C PHE B 149 -15.90 -0.89 -3.45
N THR B 150 -16.12 -0.20 -2.35
CA THR B 150 -17.31 0.61 -2.18
C THR B 150 -17.42 1.67 -3.27
N SER B 151 -16.30 2.30 -3.57
CA SER B 151 -16.24 3.34 -4.58
C SER B 151 -16.76 2.88 -5.94
N LEU B 152 -16.26 1.75 -6.45
CA LEU B 152 -16.70 1.25 -7.74
C LEU B 152 -18.08 0.59 -7.65
N LEU B 153 -18.40 0.05 -6.49
CA LEU B 153 -19.68 -0.61 -6.27
C LEU B 153 -20.82 0.41 -6.38
N MET B 154 -20.69 1.50 -5.66
CA MET B 154 -21.71 2.55 -5.67
C MET B 154 -21.73 3.27 -7.01
N GLU B 155 -20.56 3.33 -7.65
CA GLU B 155 -20.45 3.97 -8.96
C GLU B 155 -21.33 3.23 -9.95
N ARG B 156 -21.21 1.90 -9.95
CA ARG B 156 -22.00 1.06 -10.84
C ARG B 156 -23.46 1.04 -10.44
N LEU B 157 -23.71 0.96 -9.14
CA LEU B 157 -25.08 0.92 -8.63
C LEU B 157 -25.86 2.18 -8.97
N SER B 158 -25.18 3.31 -9.03
CA SER B 158 -25.83 4.57 -9.37
C SER B 158 -26.07 4.70 -10.88
N VAL B 159 -25.40 3.86 -11.65
CA VAL B 159 -25.55 3.89 -13.10
C VAL B 159 -26.72 2.99 -13.50
N ASP B 160 -26.85 1.87 -12.81
CA ASP B 160 -27.93 0.91 -13.09
C ASP B 160 -29.20 1.27 -12.34
N TYR B 161 -29.07 1.54 -11.05
CA TYR B 161 -30.21 1.88 -10.21
C TYR B 161 -30.12 3.33 -9.74
N GLY B 162 -30.06 4.26 -10.68
CA GLY B 162 -29.97 5.67 -10.34
C GLY B 162 -31.24 6.21 -9.73
N LYS B 163 -32.37 5.57 -10.04
CA LYS B 163 -33.67 5.99 -9.52
C LYS B 163 -33.94 5.36 -8.15
N LYS B 164 -32.89 5.08 -7.40
CA LYS B 164 -33.01 4.48 -6.09
C LYS B 164 -32.32 5.34 -5.03
N SER B 165 -32.70 5.14 -3.77
CA SER B 165 -32.11 5.88 -2.66
C SER B 165 -30.76 5.27 -2.26
N LYS B 166 -29.72 6.08 -2.27
CA LYS B 166 -28.37 5.61 -1.92
C LYS B 166 -27.98 6.08 -0.53
N LEU B 167 -28.26 5.25 0.47
CA LEU B 167 -27.93 5.56 1.86
C LEU B 167 -26.74 4.73 2.32
N GLU B 168 -25.67 5.40 2.73
CA GLU B 168 -24.48 4.70 3.19
C GLU B 168 -24.12 5.09 4.62
N PHE B 169 -23.51 4.15 5.32
CA PHE B 169 -23.08 4.36 6.69
C PHE B 169 -21.56 4.23 6.75
N SER B 170 -20.89 5.20 6.16
CA SER B 170 -19.44 5.22 6.10
C SER B 170 -18.80 5.54 7.45
N ILE B 171 -18.16 4.55 8.05
CA ILE B 171 -17.49 4.74 9.33
C ILE B 171 -16.32 5.72 9.13
N TYR B 172 -16.38 6.82 9.83
CA TYR B 172 -15.37 7.86 9.73
C TYR B 172 -14.15 7.53 10.59
N PRO B 173 -12.95 7.68 10.03
CA PRO B 173 -11.71 7.43 10.74
C PRO B 173 -11.53 8.46 11.86
N ALA B 174 -10.96 8.03 12.96
CA ALA B 174 -10.73 8.90 14.11
C ALA B 174 -9.77 10.04 13.77
N PRO B 175 -9.90 11.18 14.47
CA PRO B 175 -9.04 12.35 14.24
C PRO B 175 -7.58 12.08 14.61
N GLN B 176 -7.37 11.42 15.73
CA GLN B 176 -6.03 11.11 16.18
C GLN B 176 -5.76 9.61 16.14
N VAL B 177 -6.71 8.84 16.67
CA VAL B 177 -6.57 7.38 16.70
C VAL B 177 -6.76 6.73 15.33
N SER B 178 -5.72 6.79 14.51
CA SER B 178 -5.77 6.17 13.19
C SER B 178 -5.31 4.72 13.30
N THR B 179 -5.93 3.84 12.53
CA THR B 179 -5.58 2.43 12.56
C THR B 179 -4.60 2.07 11.45
N ALA B 180 -4.51 2.94 10.45
CA ALA B 180 -3.61 2.73 9.34
C ALA B 180 -2.77 3.98 9.08
N VAL B 181 -1.57 3.79 8.57
CA VAL B 181 -0.68 4.91 8.28
C VAL B 181 -1.20 5.66 7.05
N VAL B 182 -1.79 4.90 6.14
CA VAL B 182 -2.35 5.47 4.92
C VAL B 182 -3.85 5.66 5.03
N GLU B 183 -4.33 5.79 6.27
CA GLU B 183 -5.75 5.96 6.54
C GLU B 183 -6.35 7.12 5.74
N PRO B 184 -5.86 8.37 5.90
CA PRO B 184 -6.40 9.52 5.16
C PRO B 184 -6.02 9.49 3.67
N TYR B 185 -5.10 8.60 3.30
CA TYR B 185 -4.67 8.48 1.92
C TYR B 185 -5.72 7.73 1.11
N ASN B 186 -6.53 6.96 1.81
CA ASN B 186 -7.58 6.17 1.16
C ASN B 186 -8.94 6.89 1.25
N SER B 187 -9.20 7.50 2.39
CA SER B 187 -10.47 8.19 2.62
C SER B 187 -10.71 9.30 1.59
N ILE B 188 -9.67 10.07 1.29
CA ILE B 188 -9.77 11.16 0.32
C ILE B 188 -10.26 10.66 -1.03
N LEU B 189 -9.72 9.53 -1.46
CA LEU B 189 -10.10 8.94 -2.74
C LEU B 189 -11.53 8.38 -2.69
N THR B 190 -11.87 7.79 -1.55
CA THR B 190 -13.21 7.22 -1.39
C THR B 190 -14.28 8.30 -1.45
N THR B 191 -14.06 9.40 -0.74
CA THR B 191 -15.02 10.49 -0.70
C THR B 191 -14.95 11.39 -1.93
N HIS B 192 -14.08 11.07 -2.88
CA HIS B 192 -13.95 11.87 -4.09
C HIS B 192 -14.79 11.32 -5.22
N THR B 193 -14.80 10.00 -5.36
CA THR B 193 -15.55 9.36 -6.43
C THR B 193 -16.99 9.02 -6.03
N THR B 194 -17.15 8.42 -4.85
CA THR B 194 -18.47 8.03 -4.37
C THR B 194 -19.33 9.26 -4.01
N LEU B 195 -18.71 10.42 -3.92
CA LEU B 195 -19.41 11.66 -3.59
C LEU B 195 -20.45 12.03 -4.63
N GLU B 196 -20.22 11.59 -5.87
CA GLU B 196 -21.14 11.88 -6.97
C GLU B 196 -22.10 10.72 -7.20
N HIS B 197 -21.84 9.59 -6.55
CA HIS B 197 -22.66 8.41 -6.71
C HIS B 197 -23.31 8.00 -5.38
N SER B 198 -23.57 8.98 -4.55
CA SER B 198 -24.18 8.74 -3.25
C SER B 198 -25.21 9.82 -2.96
N ASP B 199 -26.18 9.50 -2.11
CA ASP B 199 -27.22 10.45 -1.75
C ASP B 199 -26.98 10.99 -0.34
N CYS B 200 -26.82 10.08 0.61
CA CYS B 200 -26.59 10.47 2.00
C CYS B 200 -25.63 9.51 2.68
N ALA B 201 -24.57 10.05 3.26
CA ALA B 201 -23.57 9.25 3.94
C ALA B 201 -23.54 9.53 5.43
N PHE B 202 -24.15 8.65 6.21
CA PHE B 202 -24.19 8.79 7.66
C PHE B 202 -22.81 8.47 8.23
N MET B 203 -22.12 9.49 8.72
CA MET B 203 -20.79 9.30 9.26
C MET B 203 -20.76 9.21 10.77
N VAL B 204 -20.02 8.23 11.27
CA VAL B 204 -19.84 8.02 12.69
C VAL B 204 -18.36 7.95 12.99
N ASP B 205 -17.91 8.68 14.01
CA ASP B 205 -16.49 8.70 14.36
C ASP B 205 -16.16 7.58 15.34
N ASN B 206 -15.20 6.75 14.98
CA ASN B 206 -14.78 5.62 15.81
C ASN B 206 -14.21 6.09 17.16
N GLU B 207 -13.49 7.20 17.15
CA GLU B 207 -12.89 7.73 18.37
C GLU B 207 -13.97 8.25 19.29
N ALA B 208 -15.01 8.82 18.70
CA ALA B 208 -16.12 9.36 19.46
C ALA B 208 -16.89 8.26 20.18
N ILE B 209 -16.86 7.06 19.61
CA ILE B 209 -17.53 5.92 20.22
C ILE B 209 -16.87 5.63 21.56
N TYR B 210 -15.54 5.74 21.59
CA TYR B 210 -14.78 5.51 22.80
C TYR B 210 -15.13 6.59 23.83
N ASP B 211 -15.31 7.81 23.34
CA ASP B 211 -15.64 8.95 24.19
C ASP B 211 -16.95 8.70 24.91
N ILE B 212 -17.99 8.36 24.15
CA ILE B 212 -19.30 8.09 24.73
C ILE B 212 -19.23 6.93 25.72
N CYS B 213 -18.47 5.90 25.35
CA CYS B 213 -18.32 4.73 26.21
C CYS B 213 -17.57 5.06 27.50
N ARG B 214 -16.71 6.06 27.46
CA ARG B 214 -15.93 6.44 28.63
C ARG B 214 -16.65 7.49 29.47
N ARG B 215 -17.25 8.47 28.80
CA ARG B 215 -17.94 9.56 29.47
C ARG B 215 -19.31 9.16 30.03
N ASN B 216 -20.11 8.49 29.20
CA ASN B 216 -21.46 8.10 29.63
C ASN B 216 -21.52 6.68 30.16
N LEU B 217 -21.05 5.72 29.36
CA LEU B 217 -21.07 4.32 29.77
C LEU B 217 -20.05 4.05 30.87
N ASP B 218 -19.01 4.88 30.92
CA ASP B 218 -17.94 4.76 31.91
C ASP B 218 -17.26 3.39 31.85
N ILE B 219 -16.92 2.96 30.63
CA ILE B 219 -16.26 1.69 30.44
C ILE B 219 -14.93 1.90 29.72
N GLU B 220 -13.87 1.31 30.27
CA GLU B 220 -12.54 1.43 29.70
C GLU B 220 -12.16 0.15 28.96
N ARG B 221 -13.16 -0.64 28.60
CA ARG B 221 -12.95 -1.88 27.89
C ARG B 221 -13.92 -2.00 26.71
N PRO B 222 -13.81 -1.09 25.72
CA PRO B 222 -14.67 -1.09 24.56
C PRO B 222 -14.08 -1.90 23.41
N THR B 223 -14.52 -3.14 23.28
CA THR B 223 -14.05 -4.03 22.23
C THR B 223 -14.69 -3.58 20.91
N TYR B 224 -14.15 -4.06 19.77
CA TYR B 224 -14.69 -3.70 18.47
C TYR B 224 -16.19 -4.00 18.39
N THR B 225 -16.57 -5.15 18.92
CA THR B 225 -17.98 -5.56 18.93
C THR B 225 -18.85 -4.54 19.65
N ASN B 226 -18.34 -3.96 20.73
CA ASN B 226 -19.09 -2.97 21.50
C ASN B 226 -19.31 -1.70 20.67
N LEU B 227 -18.26 -1.31 19.93
CA LEU B 227 -18.33 -0.13 19.08
C LEU B 227 -19.35 -0.34 17.97
N ASN B 228 -19.36 -1.54 17.42
CA ASN B 228 -20.28 -1.89 16.35
C ASN B 228 -21.71 -2.02 16.87
N ARG B 229 -21.86 -2.53 18.08
CA ARG B 229 -23.18 -2.69 18.69
C ARG B 229 -23.87 -1.36 18.87
N LEU B 230 -23.11 -0.33 19.21
CA LEU B 230 -23.66 1.01 19.40
C LEU B 230 -24.20 1.55 18.08
N ILE B 231 -23.47 1.29 17.00
CA ILE B 231 -23.90 1.74 15.67
C ILE B 231 -25.11 0.94 15.21
N GLY B 232 -25.10 -0.35 15.53
CA GLY B 232 -26.21 -1.21 15.16
C GLY B 232 -27.49 -0.74 15.82
N GLN B 233 -27.35 -0.22 17.03
CA GLN B 233 -28.48 0.30 17.79
C GLN B 233 -29.08 1.49 17.03
N ILE B 234 -28.21 2.22 16.36
CA ILE B 234 -28.61 3.37 15.56
C ILE B 234 -29.28 2.90 14.28
N VAL B 235 -28.61 2.00 13.56
CA VAL B 235 -29.13 1.47 12.31
C VAL B 235 -30.53 0.87 12.47
N SER B 236 -30.73 0.15 13.57
CA SER B 236 -32.02 -0.46 13.85
C SER B 236 -33.11 0.60 13.93
N SER B 237 -32.75 1.79 14.39
CA SER B 237 -33.69 2.89 14.53
C SER B 237 -33.79 3.72 13.25
N ILE B 238 -32.85 3.51 12.34
CA ILE B 238 -32.83 4.26 11.08
C ILE B 238 -33.57 3.50 9.98
N THR B 239 -33.39 2.18 9.95
CA THR B 239 -34.03 1.37 8.92
C THR B 239 -35.13 0.47 9.48
N ALA B 240 -34.72 -0.59 10.20
CA ALA B 240 -35.64 -1.57 10.77
C ALA B 240 -36.93 -0.99 11.37
N SER B 241 -36.79 -0.26 12.47
CA SER B 241 -37.94 0.32 13.15
C SER B 241 -38.66 1.38 12.32
N LEU B 242 -37.91 2.19 11.59
CA LEU B 242 -38.50 3.24 10.78
C LEU B 242 -39.34 2.66 9.64
N ARG B 243 -38.97 1.48 9.19
CA ARG B 243 -39.70 0.80 8.12
C ARG B 243 -40.96 0.16 8.66
N PHE B 244 -41.06 0.11 9.99
CA PHE B 244 -42.22 -0.47 10.65
C PHE B 244 -43.28 0.62 10.81
N ASP B 245 -44.53 0.19 10.97
CA ASP B 245 -45.64 1.12 11.11
C ASP B 245 -45.60 1.88 12.43
N GLY B 246 -45.67 3.20 12.34
CA GLY B 246 -45.65 4.04 13.53
C GLY B 246 -46.69 5.14 13.47
N ALA B 247 -46.50 6.18 14.27
CA ALA B 247 -47.43 7.31 14.29
C ALA B 247 -47.12 8.27 13.15
N LEU B 248 -45.84 8.45 12.88
CA LEU B 248 -45.39 9.32 11.80
C LEU B 248 -44.29 8.61 11.03
N ASN B 249 -44.68 7.89 9.99
CA ASN B 249 -43.75 7.13 9.18
C ASN B 249 -42.87 8.03 8.33
N VAL B 250 -41.65 7.59 8.09
CA VAL B 250 -40.68 8.32 7.28
C VAL B 250 -39.97 7.35 6.35
N ASP B 251 -40.15 7.55 5.05
CA ASP B 251 -39.50 6.69 4.06
C ASP B 251 -38.07 7.14 3.81
N LEU B 252 -37.32 6.34 3.07
CA LEU B 252 -35.93 6.65 2.77
C LEU B 252 -35.85 7.85 1.84
N THR B 253 -36.91 8.05 1.06
CA THR B 253 -36.99 9.16 0.14
C THR B 253 -37.08 10.47 0.91
N GLU B 254 -37.84 10.45 2.00
CA GLU B 254 -38.03 11.62 2.85
C GLU B 254 -36.72 12.00 3.52
N PHE B 255 -35.90 10.99 3.78
CA PHE B 255 -34.60 11.19 4.41
C PHE B 255 -33.74 12.17 3.65
N GLN B 256 -33.32 11.77 2.45
CA GLN B 256 -32.46 12.59 1.61
C GLN B 256 -33.12 13.91 1.20
N THR B 257 -34.43 13.89 0.98
CA THR B 257 -35.15 15.08 0.57
C THR B 257 -35.02 16.22 1.59
N ASN B 258 -34.78 15.87 2.85
CA ASN B 258 -34.63 16.87 3.89
C ASN B 258 -33.20 16.95 4.40
N LEU B 259 -32.51 15.81 4.43
CA LEU B 259 -31.13 15.76 4.92
C LEU B 259 -30.13 16.38 3.94
N VAL B 260 -30.33 16.15 2.64
CA VAL B 260 -29.43 16.70 1.64
C VAL B 260 -30.11 17.76 0.77
N PRO B 261 -29.83 19.04 1.07
CA PRO B 261 -30.40 20.17 0.34
C PRO B 261 -29.63 20.49 -0.94
N TYR B 262 -28.58 19.71 -1.19
CA TYR B 262 -27.73 19.91 -2.37
C TYR B 262 -27.47 18.59 -3.08
N PRO B 263 -27.02 18.63 -4.35
CA PRO B 263 -26.74 17.41 -5.15
C PRO B 263 -25.60 16.56 -4.61
N ARG B 264 -24.62 17.20 -3.99
CA ARG B 264 -23.46 16.49 -3.44
C ARG B 264 -23.89 15.61 -2.27
N GLY B 265 -23.31 14.42 -2.18
CA GLY B 265 -23.64 13.52 -1.09
C GLY B 265 -23.21 14.07 0.25
N HIS B 266 -24.16 14.64 0.99
CA HIS B 266 -23.86 15.20 2.30
C HIS B 266 -23.67 14.12 3.35
N PHE B 267 -22.93 14.45 4.39
CA PHE B 267 -22.65 13.49 5.46
C PHE B 267 -23.26 13.92 6.79
N PRO B 268 -24.47 13.43 7.11
CA PRO B 268 -25.13 13.74 8.38
C PRO B 268 -24.53 12.94 9.53
N LEU B 269 -24.83 13.35 10.75
CA LEU B 269 -24.30 12.66 11.93
C LEU B 269 -25.37 11.79 12.57
N ALA B 270 -24.93 10.66 13.12
CA ALA B 270 -25.84 9.74 13.79
C ALA B 270 -25.69 9.87 15.30
N THR B 271 -26.68 10.47 15.94
CA THR B 271 -26.66 10.66 17.37
C THR B 271 -27.82 9.94 18.05
N TYR B 272 -27.54 9.32 19.19
CA TYR B 272 -28.56 8.61 19.94
C TYR B 272 -28.92 9.39 21.20
N ALA B 273 -29.91 8.92 21.94
CA ALA B 273 -30.32 9.59 23.16
C ALA B 273 -30.05 8.74 24.42
N PRO B 274 -30.59 7.51 24.50
CA PRO B 274 -30.37 6.65 25.67
C PRO B 274 -29.01 5.93 25.61
N VAL B 275 -27.98 6.64 26.03
CA VAL B 275 -26.63 6.09 26.05
C VAL B 275 -26.19 5.81 27.49
N ILE B 276 -27.18 5.72 28.37
CA ILE B 276 -26.95 5.43 29.78
C ILE B 276 -26.62 3.96 30.00
N SER B 277 -25.76 3.69 30.99
CA SER B 277 -25.34 2.32 31.30
C SER B 277 -26.42 1.55 32.06
N ALA B 278 -26.34 0.22 32.01
CA ALA B 278 -27.30 -0.63 32.69
C ALA B 278 -26.68 -1.29 33.91
N GLU B 279 -26.18 -0.46 34.83
CA GLU B 279 -25.54 -0.97 36.03
C GLU B 279 -25.16 0.18 36.96
N LYS B 280 -24.33 1.07 36.45
CA LYS B 280 -23.87 2.21 37.23
C LYS B 280 -24.97 3.26 37.36
N ALA B 281 -25.36 3.86 36.25
CA ALA B 281 -26.41 4.86 36.25
C ALA B 281 -27.77 4.20 36.05
N TYR B 282 -28.80 4.75 36.67
CA TYR B 282 -30.15 4.20 36.55
C TYR B 282 -31.22 5.27 36.60
N HIS B 283 -31.38 5.99 35.50
CA HIS B 283 -32.38 7.03 35.39
C HIS B 283 -32.99 7.01 34.00
N GLU B 284 -33.55 5.87 33.63
CA GLU B 284 -34.17 5.68 32.32
C GLU B 284 -35.44 6.51 32.17
N GLN B 285 -36.04 6.89 33.29
CA GLN B 285 -37.25 7.69 33.27
C GLN B 285 -36.96 9.16 32.96
N LEU B 286 -36.51 9.40 31.73
CA LEU B 286 -36.18 10.73 31.27
C LEU B 286 -37.30 11.22 30.34
N SER B 287 -37.67 12.48 30.47
CA SER B 287 -38.73 13.04 29.64
C SER B 287 -38.21 13.32 28.23
N VAL B 288 -39.13 13.57 27.31
CA VAL B 288 -38.78 13.85 25.92
C VAL B 288 -37.85 15.07 25.82
N ALA B 289 -38.08 16.06 26.66
CA ALA B 289 -37.29 17.28 26.68
C ALA B 289 -35.87 17.00 27.16
N GLU B 290 -35.68 15.90 27.87
CA GLU B 290 -34.36 15.53 28.37
C GLU B 290 -33.58 14.73 27.33
N ILE B 291 -34.21 13.68 26.82
CA ILE B 291 -33.57 12.82 25.82
C ILE B 291 -33.19 13.58 24.56
N THR B 292 -34.07 14.48 24.11
CA THR B 292 -33.80 15.27 22.92
C THR B 292 -32.64 16.24 23.18
N ASN B 293 -32.66 16.86 24.35
CA ASN B 293 -31.62 17.82 24.75
C ASN B 293 -30.24 17.15 24.85
N ALA B 294 -30.25 15.83 25.00
CA ALA B 294 -29.02 15.07 25.13
C ALA B 294 -28.39 14.82 23.76
N CYS B 295 -29.14 15.07 22.70
CA CYS B 295 -28.65 14.87 21.34
C CYS B 295 -28.11 16.17 20.76
N PHE B 296 -27.98 17.18 21.62
CA PHE B 296 -27.46 18.49 21.19
C PHE B 296 -26.22 18.85 21.97
N GLU B 297 -25.49 17.85 22.44
CA GLU B 297 -24.27 18.08 23.20
C GLU B 297 -23.10 17.33 22.58
N PRO B 298 -21.89 17.92 22.62
CA PRO B 298 -20.68 17.29 22.06
C PRO B 298 -20.30 16.01 22.80
N ALA B 299 -20.76 15.88 24.03
CA ALA B 299 -20.48 14.70 24.85
C ALA B 299 -21.26 13.50 24.33
N ASN B 300 -22.28 13.77 23.54
CA ASN B 300 -23.11 12.73 22.97
C ASN B 300 -23.52 13.08 21.55
N GLN B 301 -22.61 12.86 20.60
CA GLN B 301 -22.88 13.15 19.20
C GLN B 301 -22.40 12.03 18.30
N MET B 302 -21.61 11.12 18.86
CA MET B 302 -21.07 9.95 18.14
C MET B 302 -20.14 10.36 16.99
N VAL B 303 -19.56 11.55 17.09
CA VAL B 303 -18.65 12.05 16.07
C VAL B 303 -17.69 13.06 16.71
N LYS B 304 -16.55 13.29 16.10
CA LYS B 304 -15.57 14.22 16.63
C LYS B 304 -15.76 15.61 16.03
N CYS B 305 -16.92 15.84 15.44
CA CYS B 305 -17.23 17.13 14.86
C CYS B 305 -17.92 18.00 15.90
N ASP B 306 -17.14 18.50 16.86
CA ASP B 306 -17.64 19.35 17.92
C ASP B 306 -18.36 20.57 17.34
N PRO B 307 -19.43 21.03 18.02
CA PRO B 307 -20.21 22.20 17.59
C PRO B 307 -19.43 23.51 17.75
N ARG B 308 -18.35 23.63 16.99
CA ARG B 308 -17.51 24.81 17.03
C ARG B 308 -18.14 25.95 16.23
N HIS B 309 -18.57 25.63 15.02
CA HIS B 309 -19.21 26.60 14.13
C HIS B 309 -20.11 25.89 13.15
N GLY B 310 -20.66 24.76 13.58
CA GLY B 310 -21.52 23.98 12.71
C GLY B 310 -22.96 24.41 12.77
N LYS B 311 -23.39 25.15 11.76
CA LYS B 311 -24.76 25.61 11.68
C LYS B 311 -25.67 24.48 11.19
N TYR B 312 -26.76 24.25 11.91
CA TYR B 312 -27.68 23.18 11.56
C TYR B 312 -28.50 23.54 10.32
N MET B 313 -28.33 22.77 9.25
CA MET B 313 -29.06 23.01 8.00
C MET B 313 -30.20 22.01 7.86
N ALA B 314 -30.04 20.85 8.50
CA ALA B 314 -31.03 19.81 8.45
C ALA B 314 -30.87 18.90 9.66
N CYS B 315 -31.96 18.66 10.37
CA CYS B 315 -31.92 17.81 11.55
C CYS B 315 -33.15 16.90 11.62
N CYS B 316 -32.92 15.61 11.51
CA CYS B 316 -34.00 14.64 11.58
C CYS B 316 -34.04 14.00 12.96
N LEU B 317 -35.19 14.05 13.60
CA LEU B 317 -35.36 13.48 14.93
C LEU B 317 -36.31 12.28 14.89
N LEU B 318 -35.74 11.09 14.98
CA LEU B 318 -36.54 9.88 14.95
C LEU B 318 -36.78 9.36 16.37
N TYR B 319 -38.02 9.40 16.80
CA TYR B 319 -38.39 8.94 18.14
C TYR B 319 -39.02 7.56 18.07
N ARG B 320 -38.48 6.62 18.83
CA ARG B 320 -39.03 5.26 18.85
C ARG B 320 -39.40 4.87 20.28
N GLY B 321 -40.61 4.35 20.45
CA GLY B 321 -41.06 3.94 21.75
C GLY B 321 -42.25 4.77 22.21
N ASP B 322 -42.35 5.00 23.51
CA ASP B 322 -43.45 5.80 24.06
C ASP B 322 -43.18 7.27 23.80
N VAL B 323 -43.75 7.79 22.73
CA VAL B 323 -43.56 9.19 22.37
C VAL B 323 -44.88 9.90 22.15
N VAL B 324 -45.06 11.01 22.84
CA VAL B 324 -46.26 11.83 22.70
C VAL B 324 -46.00 12.94 21.69
N PRO B 325 -46.83 13.03 20.64
CA PRO B 325 -46.69 14.04 19.58
C PRO B 325 -46.44 15.45 20.10
N LYS B 326 -47.26 15.91 21.04
CA LYS B 326 -47.12 17.25 21.60
C LYS B 326 -45.78 17.44 22.31
N ASP B 327 -45.30 16.39 22.98
CA ASP B 327 -44.03 16.45 23.69
C ASP B 327 -42.89 16.72 22.73
N VAL B 328 -42.96 16.11 21.55
CA VAL B 328 -41.94 16.28 20.53
C VAL B 328 -41.96 17.71 20.02
N ASN B 329 -43.15 18.19 19.69
CA ASN B 329 -43.34 19.54 19.18
C ASN B 329 -42.81 20.56 20.18
N ALA B 330 -43.10 20.33 21.46
CA ALA B 330 -42.65 21.23 22.52
C ALA B 330 -41.14 21.17 22.67
N ALA B 331 -40.59 19.96 22.58
CA ALA B 331 -39.15 19.74 22.71
C ALA B 331 -38.39 20.49 21.63
N ILE B 332 -38.84 20.36 20.39
CA ILE B 332 -38.20 21.02 19.26
C ILE B 332 -38.30 22.54 19.40
N ALA B 333 -39.47 23.03 19.79
CA ALA B 333 -39.68 24.47 19.96
C ALA B 333 -38.73 25.01 21.02
N THR B 334 -38.56 24.25 22.09
CA THR B 334 -37.68 24.63 23.19
C THR B 334 -36.24 24.84 22.71
N ILE B 335 -35.81 23.99 21.79
CA ILE B 335 -34.46 24.08 21.25
C ILE B 335 -34.38 25.18 20.20
N LYS B 336 -35.45 25.36 19.45
CA LYS B 336 -35.53 26.37 18.41
C LYS B 336 -35.33 27.77 18.98
N THR B 337 -35.92 28.03 20.14
CA THR B 337 -35.81 29.33 20.79
C THR B 337 -34.67 29.38 21.80
N LYS B 338 -33.76 28.40 21.72
CA LYS B 338 -32.63 28.36 22.64
C LYS B 338 -31.56 29.38 22.25
N ARG B 339 -31.41 29.60 20.94
CA ARG B 339 -30.45 30.56 20.40
C ARG B 339 -28.98 30.10 20.49
N THR B 340 -28.69 29.23 21.43
CA THR B 340 -27.33 28.70 21.58
C THR B 340 -26.97 27.88 20.36
N ILE B 341 -27.93 27.08 19.90
CA ILE B 341 -27.75 26.25 18.73
C ILE B 341 -28.11 27.07 17.48
N GLN B 342 -27.09 27.55 16.78
CA GLN B 342 -27.30 28.37 15.60
C GLN B 342 -27.62 27.52 14.36
N PHE B 343 -28.66 27.90 13.66
CA PHE B 343 -29.08 27.22 12.44
C PHE B 343 -28.62 28.02 11.24
N VAL B 344 -28.80 27.47 10.05
CA VAL B 344 -28.42 28.15 8.82
C VAL B 344 -29.41 29.29 8.55
N ASP B 345 -28.92 30.38 7.94
CA ASP B 345 -29.76 31.55 7.68
C ASP B 345 -30.91 31.24 6.71
N TRP B 346 -30.63 30.52 5.65
CA TRP B 346 -31.67 30.19 4.67
C TRP B 346 -32.51 28.98 5.10
N CYS B 347 -32.25 28.48 6.30
CA CYS B 347 -32.99 27.35 6.83
C CYS B 347 -33.93 27.80 7.94
N PRO B 348 -35.22 27.95 7.62
CA PRO B 348 -36.23 28.38 8.59
C PRO B 348 -36.61 27.26 9.56
N THR B 349 -37.11 26.16 9.02
CA THR B 349 -37.51 25.02 9.83
C THR B 349 -36.94 23.73 9.27
N GLY B 350 -35.66 23.48 9.52
CA GLY B 350 -35.01 22.29 9.03
C GLY B 350 -35.03 21.16 10.04
N PHE B 351 -36.23 20.78 10.46
CA PHE B 351 -36.38 19.69 11.42
C PHE B 351 -37.37 18.65 10.91
N LYS B 352 -36.88 17.45 10.69
CA LYS B 352 -37.72 16.36 10.22
C LYS B 352 -38.17 15.51 11.40
N VAL B 353 -39.47 15.44 11.62
CA VAL B 353 -40.01 14.68 12.73
C VAL B 353 -40.38 13.27 12.31
N GLY B 354 -40.04 12.31 13.15
CA GLY B 354 -40.35 10.92 12.92
C GLY B 354 -40.76 10.26 14.22
N ILE B 355 -41.98 9.74 14.28
CA ILE B 355 -42.47 9.12 15.50
C ILE B 355 -42.88 7.67 15.25
N ASN B 356 -42.20 6.75 15.92
CA ASN B 356 -42.49 5.34 15.81
C ASN B 356 -43.14 4.82 17.08
N TYR B 357 -43.53 3.56 17.10
CA TYR B 357 -44.20 3.00 18.28
C TYR B 357 -43.30 2.03 19.05
N GLU B 358 -42.66 1.10 18.35
CA GLU B 358 -41.81 0.12 19.00
C GLU B 358 -40.60 0.76 19.68
N PRO B 359 -40.40 0.43 20.97
CA PRO B 359 -39.29 0.96 21.78
C PRO B 359 -37.95 0.41 21.31
N PRO B 360 -36.85 1.04 21.75
CA PRO B 360 -35.50 0.60 21.40
C PRO B 360 -35.13 -0.71 22.06
N THR B 361 -34.99 -1.75 21.25
CA THR B 361 -34.63 -3.07 21.75
C THR B 361 -33.15 -3.13 22.07
N VAL B 362 -32.80 -3.63 23.26
CA VAL B 362 -31.42 -3.72 23.67
C VAL B 362 -31.03 -5.15 24.02
N VAL B 363 -29.77 -5.50 23.78
CA VAL B 363 -29.26 -6.83 24.08
C VAL B 363 -29.24 -7.05 25.59
N PRO B 364 -29.76 -8.21 26.05
CA PRO B 364 -29.82 -8.55 27.49
C PRO B 364 -28.44 -8.47 28.15
N GLY B 365 -27.45 -9.09 27.52
CA GLY B 365 -26.11 -9.08 28.07
C GLY B 365 -25.27 -7.96 27.50
N GLY B 366 -25.70 -6.73 27.72
CA GLY B 366 -24.97 -5.59 27.21
C GLY B 366 -24.66 -4.55 28.27
N ASP B 367 -24.45 -3.32 27.85
CA ASP B 367 -24.12 -2.23 28.75
C ASP B 367 -25.17 -1.13 28.69
N LEU B 368 -26.12 -1.27 27.77
CA LEU B 368 -27.18 -0.27 27.61
C LEU B 368 -28.32 -0.51 28.59
N ALA B 369 -28.74 0.57 29.25
CA ALA B 369 -29.80 0.53 30.26
C ALA B 369 -31.14 0.03 29.73
N LYS B 370 -31.41 0.27 28.45
CA LYS B 370 -32.68 -0.14 27.83
C LYS B 370 -33.84 0.72 28.33
N VAL B 371 -34.22 1.70 27.53
CA VAL B 371 -35.32 2.60 27.88
C VAL B 371 -36.55 2.30 27.03
N GLN B 372 -37.69 2.87 27.41
CA GLN B 372 -38.93 2.67 26.68
C GLN B 372 -39.04 3.64 25.51
N ARG B 373 -38.10 4.57 25.43
CA ARG B 373 -38.10 5.55 24.36
C ARG B 373 -36.67 5.94 23.98
N ALA B 374 -36.47 6.20 22.69
CA ALA B 374 -35.15 6.58 22.18
C ALA B 374 -35.27 7.66 21.12
N VAL B 375 -34.24 8.48 20.99
CA VAL B 375 -34.23 9.55 20.01
C VAL B 375 -33.02 9.39 19.08
N CYS B 376 -33.28 9.37 17.79
CA CYS B 376 -32.23 9.26 16.79
C CYS B 376 -32.06 10.60 16.10
N MET B 377 -30.99 11.29 16.45
CA MET B 377 -30.71 12.60 15.90
C MET B 377 -29.78 12.50 14.69
N LEU B 378 -30.29 12.89 13.53
CA LEU B 378 -29.51 12.87 12.31
C LEU B 378 -29.44 14.30 11.77
N SER B 379 -28.35 14.98 12.05
CA SER B 379 -28.22 16.36 11.61
C SER B 379 -26.98 16.60 10.75
N ASN B 380 -27.11 17.55 9.84
CA ASN B 380 -26.01 17.94 8.95
C ASN B 380 -25.67 19.39 9.24
N THR B 381 -24.43 19.65 9.61
CA THR B 381 -23.99 20.99 9.95
C THR B 381 -22.69 21.35 9.26
N THR B 382 -22.21 22.56 9.51
CA THR B 382 -20.95 23.03 8.96
C THR B 382 -19.76 22.48 9.75
N ALA B 383 -20.05 21.72 10.81
CA ALA B 383 -19.01 21.14 11.65
C ALA B 383 -18.21 20.07 10.89
N ILE B 384 -18.81 19.55 9.82
CA ILE B 384 -18.17 18.53 9.01
C ILE B 384 -16.93 19.11 8.31
N ALA B 385 -16.93 20.42 8.11
CA ALA B 385 -15.83 21.11 7.45
C ALA B 385 -14.54 20.93 8.25
N GLU B 386 -14.65 21.01 9.56
CA GLU B 386 -13.49 20.85 10.43
C GLU B 386 -12.90 19.46 10.30
N ALA B 387 -13.77 18.46 10.23
CA ALA B 387 -13.35 17.07 10.08
C ALA B 387 -12.61 16.89 8.76
N TRP B 388 -13.23 17.37 7.68
CA TRP B 388 -12.64 17.28 6.35
C TRP B 388 -11.32 18.02 6.29
N ALA B 389 -11.29 19.22 6.88
CA ALA B 389 -10.09 20.04 6.90
C ALA B 389 -8.91 19.31 7.54
N ARG B 390 -9.19 18.53 8.58
CA ARG B 390 -8.15 17.78 9.26
C ARG B 390 -7.69 16.60 8.42
N LEU B 391 -8.65 15.81 7.94
CA LEU B 391 -8.34 14.64 7.13
C LEU B 391 -7.62 15.02 5.84
N ASP B 392 -8.10 16.07 5.18
CA ASP B 392 -7.50 16.55 3.94
C ASP B 392 -6.07 17.02 4.18
N HIS B 393 -5.87 17.74 5.29
CA HIS B 393 -4.55 18.24 5.65
C HIS B 393 -3.59 17.08 5.88
N LYS B 394 -4.05 16.07 6.61
CA LYS B 394 -3.24 14.89 6.90
C LYS B 394 -2.83 14.19 5.61
N PHE B 395 -3.71 14.22 4.62
CA PHE B 395 -3.45 13.59 3.34
C PHE B 395 -2.44 14.39 2.53
N ASP B 396 -2.67 15.69 2.43
CA ASP B 396 -1.78 16.57 1.66
C ASP B 396 -0.36 16.54 2.20
N LEU B 397 -0.22 16.46 3.52
CA LEU B 397 1.10 16.42 4.15
C LEU B 397 1.86 15.17 3.71
N MET B 398 1.14 14.06 3.59
CA MET B 398 1.75 12.80 3.17
C MET B 398 2.03 12.83 1.68
N TYR B 399 1.07 13.33 0.91
CA TYR B 399 1.20 13.44 -0.54
C TYR B 399 2.37 14.34 -0.91
N ALA B 400 2.63 15.35 -0.08
CA ALA B 400 3.73 16.28 -0.32
C ALA B 400 5.06 15.55 -0.37
N LYS B 401 5.21 14.53 0.46
CA LYS B 401 6.44 13.75 0.51
C LYS B 401 6.26 12.45 -0.27
N ARG B 402 5.18 12.38 -1.07
CA ARG B 402 4.84 11.21 -1.87
C ARG B 402 4.29 10.08 -1.01
N ALA B 403 5.03 9.73 0.03
CA ALA B 403 4.64 8.67 0.96
C ALA B 403 4.53 7.32 0.27
N PHE B 404 3.57 6.52 0.69
CA PHE B 404 3.36 5.18 0.14
C PHE B 404 2.65 5.22 -1.21
N VAL B 405 2.84 6.30 -1.96
CA VAL B 405 2.20 6.46 -3.26
C VAL B 405 2.64 5.37 -4.23
N HIS B 406 3.85 4.86 -4.05
CA HIS B 406 4.38 3.81 -4.91
C HIS B 406 3.56 2.53 -4.79
N TRP B 407 2.90 2.37 -3.65
CA TRP B 407 2.07 1.20 -3.41
C TRP B 407 0.73 1.30 -4.12
N TYR B 408 0.48 2.46 -4.71
CA TYR B 408 -0.76 2.71 -5.43
C TYR B 408 -0.46 2.72 -6.93
N VAL B 409 0.67 3.32 -7.29
CA VAL B 409 1.10 3.41 -8.67
C VAL B 409 1.27 2.03 -9.31
N GLY B 410 1.88 1.11 -8.54
CA GLY B 410 2.10 -0.23 -9.04
C GLY B 410 0.81 -1.00 -9.25
N GLU B 411 -0.26 -0.52 -8.63
CA GLU B 411 -1.57 -1.16 -8.76
C GLU B 411 -2.30 -0.67 -10.01
N GLY B 412 -1.64 0.23 -10.74
CA GLY B 412 -2.24 0.77 -11.95
C GLY B 412 -2.90 2.12 -11.73
N MET B 413 -2.65 2.73 -10.58
CA MET B 413 -3.22 4.04 -10.27
C MET B 413 -2.19 5.13 -10.52
N GLU B 414 -2.60 6.19 -11.19
CA GLU B 414 -1.71 7.29 -11.50
C GLU B 414 -1.85 8.45 -10.51
N GLU B 415 -0.85 9.33 -10.50
CA GLU B 415 -0.83 10.50 -9.62
C GLU B 415 -2.05 11.38 -9.87
N GLY B 416 -2.48 11.42 -11.12
CA GLY B 416 -3.64 12.22 -11.50
C GLY B 416 -4.85 11.98 -10.63
N GLU B 417 -5.12 10.71 -10.34
CA GLU B 417 -6.26 10.35 -9.51
C GLU B 417 -6.19 10.99 -8.12
N PHE B 418 -5.01 10.94 -7.52
CA PHE B 418 -4.81 11.52 -6.18
C PHE B 418 -5.02 13.03 -6.20
N SER B 419 -4.42 13.68 -7.19
CA SER B 419 -4.54 15.11 -7.33
C SER B 419 -5.97 15.56 -7.59
N GLU B 420 -6.68 14.80 -8.42
CA GLU B 420 -8.08 15.13 -8.72
C GLU B 420 -8.93 14.99 -7.47
N ALA B 421 -8.57 14.02 -6.63
CA ALA B 421 -9.28 13.78 -5.38
C ALA B 421 -9.06 14.95 -4.43
N ARG B 422 -7.81 15.40 -4.36
CA ARG B 422 -7.44 16.52 -3.51
C ARG B 422 -8.21 17.78 -3.92
N GLU B 423 -8.27 18.02 -5.23
CA GLU B 423 -8.98 19.18 -5.76
C GLU B 423 -10.48 19.10 -5.47
N ASP B 424 -11.04 17.90 -5.62
CA ASP B 424 -12.47 17.70 -5.36
C ASP B 424 -12.77 17.90 -3.89
N MET B 425 -11.89 17.40 -3.02
CA MET B 425 -12.06 17.54 -1.59
C MET B 425 -12.02 19.01 -1.20
N ALA B 426 -11.11 19.76 -1.82
CA ALA B 426 -10.98 21.18 -1.55
C ALA B 426 -12.27 21.91 -1.92
N ALA B 427 -12.92 21.44 -2.97
CA ALA B 427 -14.18 22.02 -3.43
C ALA B 427 -15.24 21.82 -2.37
N LEU B 428 -15.23 20.65 -1.75
CA LEU B 428 -16.20 20.33 -0.70
C LEU B 428 -15.91 21.17 0.54
N GLU B 429 -14.63 21.43 0.79
CA GLU B 429 -14.21 22.24 1.93
C GLU B 429 -14.80 23.64 1.79
N LYS B 430 -14.72 24.18 0.58
CA LYS B 430 -15.25 25.50 0.30
C LYS B 430 -16.77 25.45 0.22
N ASP B 431 -17.28 24.37 -0.38
CA ASP B 431 -18.71 24.16 -0.56
C ASP B 431 -19.47 24.25 0.76
N TYR B 432 -19.02 23.48 1.75
CA TYR B 432 -19.66 23.47 3.06
C TYR B 432 -19.63 24.84 3.72
N GLU B 433 -18.52 25.55 3.55
CA GLU B 433 -18.37 26.88 4.13
C GLU B 433 -19.16 27.92 3.33
N GLU B 434 -19.66 27.52 2.17
CA GLU B 434 -20.46 28.38 1.33
C GLU B 434 -21.95 28.12 1.56
N VAL B 435 -22.25 26.95 2.10
CA VAL B 435 -23.62 26.58 2.40
C VAL B 435 -24.12 27.46 3.55
N GLY B 436 -23.40 27.41 4.65
CA GLY B 436 -23.74 28.21 5.80
C GLY B 436 -22.72 29.31 5.98
N VAL B 437 -22.44 29.69 7.22
CA VAL B 437 -21.47 30.74 7.53
C VAL B 437 -21.92 32.11 7.02
N ASP B 438 -21.83 32.30 5.71
CA ASP B 438 -22.22 33.55 5.08
C ASP B 438 -23.75 33.61 4.97
N SER B 439 -24.30 34.80 5.17
CA SER B 439 -25.75 34.98 5.10
C SER B 439 -26.19 35.43 3.71
N ARG C 2 -4.15 -17.98 1.88
CA ARG C 2 -2.90 -17.22 1.96
C ARG C 2 -1.74 -18.17 2.28
N GLU C 3 -1.18 -18.78 1.25
CA GLU C 3 -0.08 -19.72 1.42
C GLU C 3 1.28 -19.03 1.33
N ILE C 4 2.20 -19.46 2.18
CA ILE C 4 3.55 -18.91 2.20
C ILE C 4 4.56 -20.04 2.21
N VAL C 5 5.65 -19.86 1.49
CA VAL C 5 6.69 -20.86 1.42
C VAL C 5 7.97 -20.35 2.08
N HIS C 6 8.58 -21.20 2.89
CA HIS C 6 9.79 -20.83 3.59
C HIS C 6 11.02 -21.47 2.93
N ILE C 7 12.10 -20.72 2.84
CA ILE C 7 13.34 -21.20 2.24
C ILE C 7 14.50 -20.84 3.16
N GLN C 8 15.34 -21.83 3.47
CA GLN C 8 16.48 -21.62 4.34
C GLN C 8 17.76 -21.72 3.53
N ALA C 9 18.58 -20.68 3.56
CA ALA C 9 19.82 -20.65 2.81
C ALA C 9 21.04 -20.51 3.71
N GLY C 10 21.98 -21.43 3.56
CA GLY C 10 23.19 -21.39 4.34
C GLY C 10 23.11 -22.20 5.62
N GLN C 11 24.25 -22.32 6.29
CA GLN C 11 24.34 -23.08 7.52
C GLN C 11 23.53 -22.41 8.62
N CYS C 12 23.71 -21.10 8.75
CA CYS C 12 22.98 -20.34 9.75
C CYS C 12 21.49 -20.36 9.45
N GLY C 13 21.14 -20.20 8.17
CA GLY C 13 19.75 -20.21 7.77
C GLY C 13 19.06 -21.51 8.13
N ASN C 14 19.77 -22.62 7.94
CA ASN C 14 19.24 -23.94 8.26
C ASN C 14 19.07 -24.11 9.76
N GLN C 15 20.03 -23.59 10.52
CA GLN C 15 19.99 -23.69 11.97
C GLN C 15 18.82 -22.88 12.55
N ILE C 16 18.62 -21.68 12.02
CA ILE C 16 17.53 -20.83 12.47
C ILE C 16 16.19 -21.45 12.08
N GLY C 17 16.13 -21.96 10.86
CA GLY C 17 14.91 -22.58 10.37
C GLY C 17 14.53 -23.79 11.19
N ALA C 18 15.53 -24.55 11.62
CA ALA C 18 15.31 -25.73 12.44
C ALA C 18 14.60 -25.37 13.73
N LYS C 19 14.91 -24.18 14.25
CA LYS C 19 14.29 -23.69 15.46
C LYS C 19 12.91 -23.15 15.17
N PHE C 20 12.78 -22.45 14.05
CA PHE C 20 11.50 -21.87 13.64
C PHE C 20 10.45 -22.96 13.47
N TRP C 21 10.82 -24.02 12.77
CA TRP C 21 9.91 -25.13 12.53
C TRP C 21 9.76 -26.05 13.75
N GLU C 22 10.37 -25.62 14.85
CA GLU C 22 10.27 -26.35 16.11
C GLU C 22 9.35 -25.56 17.04
N VAL C 23 9.25 -24.27 16.78
CA VAL C 23 8.40 -23.38 17.56
C VAL C 23 7.03 -23.24 16.90
N ILE C 24 7.02 -23.02 15.58
CA ILE C 24 5.78 -22.87 14.83
C ILE C 24 4.94 -24.15 14.88
N SER C 25 5.61 -25.28 15.05
CA SER C 25 4.95 -26.57 15.13
C SER C 25 4.12 -26.62 16.41
N ASP C 26 4.62 -25.98 17.45
CA ASP C 26 3.94 -25.93 18.73
C ASP C 26 2.81 -24.91 18.66
N GLU C 27 2.99 -23.92 17.77
CA GLU C 27 1.99 -22.88 17.55
C GLU C 27 0.76 -23.48 16.87
N HIS C 28 0.98 -24.43 15.96
CA HIS C 28 -0.11 -25.09 15.25
C HIS C 28 -0.45 -26.43 15.89
N GLY C 29 0.36 -26.84 16.86
CA GLY C 29 0.13 -28.10 17.54
C GLY C 29 0.33 -29.30 16.65
N ILE C 30 1.43 -29.31 15.91
CA ILE C 30 1.73 -30.43 15.01
C ILE C 30 2.94 -31.21 15.49
N ASP C 31 2.76 -32.52 15.63
CA ASP C 31 3.82 -33.42 16.08
C ASP C 31 4.86 -33.61 14.97
N PRO C 32 6.15 -33.81 15.34
CA PRO C 32 7.24 -34.01 14.37
C PRO C 32 6.83 -34.85 13.16
N THR C 33 6.34 -36.05 13.41
CA THR C 33 5.89 -36.92 12.32
C THR C 33 4.44 -37.31 12.57
N GLY C 34 3.73 -36.45 13.28
CA GLY C 34 2.35 -36.70 13.61
C GLY C 34 1.41 -35.79 12.86
N SER C 35 0.19 -35.66 13.36
CA SER C 35 -0.82 -34.83 12.75
C SER C 35 -1.15 -33.63 13.62
N TYR C 36 -2.41 -33.21 13.57
CA TYR C 36 -2.89 -32.09 14.35
C TYR C 36 -3.19 -32.52 15.79
N HIS C 37 -2.29 -32.17 16.68
CA HIS C 37 -2.43 -32.49 18.10
C HIS C 37 -2.65 -31.20 18.88
N GLY C 38 -3.04 -30.16 18.15
CA GLY C 38 -3.28 -28.86 18.75
C GLY C 38 -4.36 -28.91 19.82
N ASP C 39 -4.21 -28.06 20.82
CA ASP C 39 -5.16 -27.99 21.93
C ASP C 39 -6.53 -27.55 21.42
N SER C 40 -6.55 -26.39 20.76
CA SER C 40 -7.78 -25.84 20.22
C SER C 40 -7.99 -26.33 18.79
N ASP C 41 -8.91 -25.71 18.07
CA ASP C 41 -9.20 -26.10 16.68
C ASP C 41 -8.95 -24.96 15.72
N LEU C 42 -8.74 -23.76 16.25
CA LEU C 42 -8.49 -22.57 15.44
C LEU C 42 -7.20 -22.70 14.64
N GLN C 43 -6.23 -23.41 15.20
CA GLN C 43 -4.94 -23.61 14.55
C GLN C 43 -5.06 -24.44 13.28
N LEU C 44 -6.04 -25.33 13.24
CA LEU C 44 -6.25 -26.20 12.09
C LEU C 44 -6.83 -25.44 10.90
N GLU C 45 -7.54 -24.37 11.18
CA GLU C 45 -8.18 -23.58 10.13
C GLU C 45 -7.20 -22.66 9.41
N ARG C 46 -5.92 -22.76 9.75
CA ARG C 46 -4.90 -21.92 9.13
C ARG C 46 -3.58 -22.66 8.95
N ILE C 47 -3.65 -23.98 8.85
CA ILE C 47 -2.43 -24.79 8.69
C ILE C 47 -1.91 -24.71 7.26
N ASN C 48 -2.81 -24.44 6.31
CA ASN C 48 -2.46 -24.37 4.90
C ASN C 48 -1.55 -23.19 4.58
N VAL C 49 -1.32 -22.33 5.56
CA VAL C 49 -0.46 -21.18 5.37
C VAL C 49 1.00 -21.60 5.21
N TYR C 50 1.45 -22.54 6.02
CA TYR C 50 2.84 -23.00 5.96
C TYR C 50 2.95 -24.49 5.67
N TYR C 51 1.91 -25.24 6.00
CA TYR C 51 1.91 -26.67 5.77
C TYR C 51 1.12 -27.01 4.52
N ASN C 52 1.48 -28.12 3.90
CA ASN C 52 0.81 -28.57 2.67
C ASN C 52 0.10 -29.89 2.88
N GLU C 53 -1.11 -29.99 2.34
CA GLU C 53 -1.92 -31.20 2.47
C GLU C 53 -1.45 -32.26 1.47
N ALA C 54 -1.55 -33.52 1.87
CA ALA C 54 -1.15 -34.63 1.01
C ALA C 54 -1.61 -35.97 1.58
N ALA C 55 -0.89 -36.46 2.59
CA ALA C 55 -1.20 -37.73 3.21
C ALA C 55 -2.39 -37.62 4.17
N GLY C 56 -2.61 -36.43 4.70
CA GLY C 56 -3.70 -36.22 5.63
C GLY C 56 -3.21 -36.13 7.05
N ASN C 57 -2.57 -37.20 7.52
CA ASN C 57 -2.02 -37.24 8.86
C ASN C 57 -0.68 -36.52 8.89
N LYS C 58 0.09 -36.68 7.83
CA LYS C 58 1.40 -36.06 7.74
C LYS C 58 1.33 -34.67 7.11
N TYR C 59 1.34 -33.65 7.95
CA TYR C 59 1.31 -32.28 7.48
C TYR C 59 2.74 -31.79 7.29
N VAL C 60 3.18 -31.73 6.04
CA VAL C 60 4.53 -31.32 5.74
C VAL C 60 4.65 -29.80 5.61
N PRO C 61 5.71 -29.23 6.17
CA PRO C 61 5.96 -27.80 6.12
C PRO C 61 6.76 -27.42 4.88
N ARG C 62 6.30 -26.42 4.16
CA ARG C 62 6.99 -25.98 2.96
C ARG C 62 8.22 -25.16 3.33
N ALA C 63 9.33 -25.86 3.55
CA ALA C 63 10.58 -25.23 3.90
C ALA C 63 11.73 -25.88 3.14
N ILE C 64 12.16 -25.23 2.07
CA ILE C 64 13.26 -25.74 1.26
C ILE C 64 14.59 -25.44 1.93
N LEU C 65 15.42 -26.46 2.08
CA LEU C 65 16.72 -26.31 2.70
C LEU C 65 17.80 -26.24 1.63
N VAL C 66 18.51 -25.12 1.58
CA VAL C 66 19.56 -24.93 0.59
C VAL C 66 20.89 -24.59 1.26
N ASP C 67 21.85 -25.51 1.15
CA ASP C 67 23.18 -25.30 1.72
C ASP C 67 24.20 -26.16 1.01
N LEU C 68 25.39 -25.60 0.81
CA LEU C 68 26.47 -26.32 0.13
C LEU C 68 27.21 -27.23 1.10
N GLU C 69 26.87 -27.14 2.37
CA GLU C 69 27.49 -27.96 3.38
C GLU C 69 26.55 -29.11 3.75
N PRO C 70 26.87 -30.34 3.32
CA PRO C 70 26.04 -31.52 3.58
C PRO C 70 25.89 -31.80 5.07
N GLY C 71 26.94 -31.54 5.83
CA GLY C 71 26.92 -31.78 7.25
C GLY C 71 25.84 -31.01 7.98
N THR C 72 25.61 -29.75 7.57
CA THR C 72 24.60 -28.90 8.18
C THR C 72 23.21 -29.52 8.02
N MET C 73 22.83 -29.82 6.80
CA MET C 73 21.52 -30.39 6.51
C MET C 73 21.40 -31.78 7.12
N ASP C 74 22.52 -32.48 7.21
CA ASP C 74 22.54 -33.82 7.76
C ASP C 74 22.23 -33.83 9.25
N SER C 75 22.73 -32.83 9.98
CA SER C 75 22.48 -32.74 11.40
C SER C 75 21.03 -32.38 11.67
N VAL C 76 20.45 -31.57 10.78
CA VAL C 76 19.06 -31.15 10.92
C VAL C 76 18.13 -32.33 10.63
N ARG C 77 18.43 -33.08 9.58
CA ARG C 77 17.61 -34.23 9.18
C ARG C 77 17.68 -35.37 10.21
N SER C 78 18.61 -35.25 11.15
CA SER C 78 18.75 -36.28 12.18
C SER C 78 18.35 -35.70 13.54
N GLY C 79 17.65 -34.58 13.50
CA GLY C 79 17.20 -33.94 14.72
C GLY C 79 15.80 -34.37 15.11
N PRO C 80 15.23 -33.77 16.17
CA PRO C 80 13.88 -34.11 16.64
C PRO C 80 12.79 -33.65 15.69
N PHE C 81 13.12 -32.72 14.79
CA PHE C 81 12.14 -32.20 13.84
C PHE C 81 12.68 -32.20 12.42
N GLY C 82 13.66 -33.05 12.16
CA GLY C 82 14.25 -33.11 10.84
C GLY C 82 13.59 -34.12 9.92
N GLN C 83 12.74 -34.96 10.48
CA GLN C 83 12.05 -35.98 9.69
C GLN C 83 10.75 -35.47 9.08
N ILE C 84 10.37 -34.25 9.44
CA ILE C 84 9.14 -33.66 8.92
C ILE C 84 9.38 -33.05 7.54
N PHE C 85 10.65 -32.84 7.20
CA PHE C 85 11.02 -32.26 5.93
C PHE C 85 11.04 -33.34 4.84
N ARG C 86 10.42 -33.04 3.71
CA ARG C 86 10.36 -33.97 2.60
C ARG C 86 11.69 -33.97 1.86
N PRO C 87 12.09 -35.13 1.30
CA PRO C 87 13.34 -35.26 0.54
C PRO C 87 13.38 -34.29 -0.63
N ASP C 88 12.21 -33.87 -1.08
CA ASP C 88 12.06 -32.93 -2.18
C ASP C 88 12.64 -31.56 -1.79
N ASN C 89 12.40 -31.18 -0.53
CA ASN C 89 12.85 -29.89 -0.02
C ASN C 89 14.33 -29.90 0.33
N PHE C 90 14.91 -31.09 0.40
CA PHE C 90 16.34 -31.22 0.71
C PHE C 90 17.19 -30.92 -0.52
N VAL C 91 17.48 -29.65 -0.74
CA VAL C 91 18.30 -29.25 -1.87
C VAL C 91 19.75 -29.07 -1.43
N PHE C 92 20.43 -30.19 -1.26
CA PHE C 92 21.82 -30.17 -0.83
C PHE C 92 22.76 -30.18 -2.02
N GLY C 93 23.96 -29.70 -1.82
CA GLY C 93 24.94 -29.67 -2.87
C GLY C 93 26.32 -29.90 -2.31
N GLN C 94 26.82 -31.13 -2.44
CA GLN C 94 28.15 -31.48 -1.93
C GLN C 94 29.23 -30.86 -2.80
N SER C 95 29.46 -29.58 -2.60
CA SER C 95 30.47 -28.84 -3.34
C SER C 95 31.30 -27.99 -2.38
N GLY C 96 31.94 -26.97 -2.90
CA GLY C 96 32.76 -26.11 -2.07
C GLY C 96 31.92 -25.20 -1.18
N ALA C 97 31.73 -25.61 0.06
CA ALA C 97 30.95 -24.85 1.02
C ALA C 97 31.78 -23.74 1.65
N GLY C 98 32.85 -23.35 0.95
CA GLY C 98 33.73 -22.30 1.43
C GLY C 98 32.98 -21.01 1.69
N ASN C 99 33.32 -20.35 2.79
CA ASN C 99 32.67 -19.10 3.16
C ASN C 99 33.10 -17.97 2.22
N ASN C 100 32.42 -17.88 1.09
CA ASN C 100 32.71 -16.85 0.11
C ASN C 100 31.45 -16.55 -0.70
N TRP C 101 31.14 -15.27 -0.83
CA TRP C 101 29.96 -14.84 -1.58
C TRP C 101 30.02 -15.28 -3.04
N ALA C 102 31.17 -15.03 -3.68
CA ALA C 102 31.34 -15.38 -5.09
C ALA C 102 31.24 -16.89 -5.31
N LYS C 103 31.68 -17.65 -4.33
CA LYS C 103 31.66 -19.10 -4.41
C LYS C 103 30.22 -19.63 -4.40
N GLY C 104 29.41 -19.10 -3.49
CA GLY C 104 28.03 -19.55 -3.39
C GLY C 104 27.08 -18.81 -4.30
N HIS C 105 27.61 -18.03 -5.23
CA HIS C 105 26.77 -17.28 -6.15
C HIS C 105 27.19 -17.45 -7.61
N TYR C 106 28.48 -17.33 -7.88
CA TYR C 106 28.99 -17.44 -9.23
C TYR C 106 29.41 -18.84 -9.63
N THR C 107 30.01 -19.58 -8.70
CA THR C 107 30.49 -20.92 -9.01
C THR C 107 29.57 -22.04 -8.52
N GLU C 108 29.78 -22.48 -7.28
CA GLU C 108 29.03 -23.59 -6.70
C GLU C 108 27.55 -23.26 -6.52
N GLY C 109 27.26 -22.02 -6.13
CA GLY C 109 25.88 -21.61 -5.92
C GLY C 109 25.06 -21.61 -7.20
N ALA C 110 25.64 -21.07 -8.27
CA ALA C 110 24.96 -20.96 -9.56
C ALA C 110 24.45 -22.30 -10.08
N GLU C 111 25.26 -23.34 -9.95
CA GLU C 111 24.87 -24.66 -10.44
C GLU C 111 23.77 -25.31 -9.60
N LEU C 112 23.76 -25.02 -8.31
CA LEU C 112 22.76 -25.61 -7.42
C LEU C 112 21.41 -24.87 -7.51
N VAL C 113 21.46 -23.60 -7.90
CA VAL C 113 20.25 -22.78 -8.03
C VAL C 113 19.25 -23.40 -9.01
N ASP C 114 19.77 -24.08 -10.02
CA ASP C 114 18.92 -24.71 -11.03
C ASP C 114 17.91 -25.65 -10.40
N SER C 115 18.36 -26.48 -9.48
CA SER C 115 17.49 -27.42 -8.78
C SER C 115 16.55 -26.68 -7.82
N VAL C 116 17.08 -25.64 -7.18
CA VAL C 116 16.28 -24.85 -6.24
C VAL C 116 15.08 -24.23 -6.95
N LEU C 117 15.33 -23.67 -8.13
CA LEU C 117 14.28 -23.04 -8.93
C LEU C 117 13.16 -24.01 -9.24
N ASP C 118 13.50 -25.26 -9.47
CA ASP C 118 12.51 -26.28 -9.77
C ASP C 118 11.66 -26.59 -8.55
N VAL C 119 12.31 -26.78 -7.41
CA VAL C 119 11.61 -27.09 -6.17
C VAL C 119 10.73 -25.92 -5.72
N VAL C 120 11.26 -24.69 -5.83
CA VAL C 120 10.49 -23.53 -5.42
C VAL C 120 9.23 -23.36 -6.25
N ARG C 121 9.32 -23.70 -7.54
CA ARG C 121 8.18 -23.61 -8.44
C ARG C 121 7.14 -24.66 -8.07
N LYS C 122 7.63 -25.85 -7.74
CA LYS C 122 6.78 -26.96 -7.35
C LYS C 122 5.96 -26.61 -6.11
N GLU C 123 6.63 -26.01 -5.13
CA GLU C 123 5.99 -25.63 -3.88
C GLU C 123 5.08 -24.41 -4.03
N SER C 124 5.42 -23.51 -4.95
CA SER C 124 4.63 -22.30 -5.17
C SER C 124 3.29 -22.59 -5.86
N GLU C 125 3.23 -23.70 -6.59
CA GLU C 125 2.01 -24.06 -7.30
C GLU C 125 1.22 -25.11 -6.52
N SER C 126 0.99 -24.84 -5.25
CA SER C 126 0.24 -25.75 -4.40
C SER C 126 -1.27 -25.53 -4.54
N CYS C 127 -1.83 -24.64 -3.73
CA CYS C 127 -3.26 -24.36 -3.79
C CYS C 127 -3.52 -22.91 -3.36
N ASP C 128 -4.79 -22.62 -3.08
CA ASP C 128 -5.23 -21.29 -2.62
C ASP C 128 -4.55 -20.15 -3.39
N CYS C 129 -3.84 -19.30 -2.67
CA CYS C 129 -3.15 -18.17 -3.27
C CYS C 129 -1.82 -17.96 -2.55
N LEU C 130 -0.73 -17.94 -3.30
CA LEU C 130 0.58 -17.72 -2.73
C LEU C 130 0.77 -16.25 -2.39
N GLN C 131 1.15 -15.98 -1.16
CA GLN C 131 1.36 -14.61 -0.71
C GLN C 131 2.79 -14.16 -0.97
N GLY C 132 3.75 -14.89 -0.42
CA GLY C 132 5.14 -14.53 -0.62
C GLY C 132 6.08 -15.64 -0.18
N PHE C 133 7.34 -15.27 -0.02
CA PHE C 133 8.37 -16.24 0.38
C PHE C 133 9.09 -15.76 1.64
N GLN C 134 9.55 -16.70 2.44
CA GLN C 134 10.28 -16.38 3.66
C GLN C 134 11.70 -16.93 3.53
N LEU C 135 12.70 -16.09 3.73
CA LEU C 135 14.08 -16.55 3.62
C LEU C 135 14.91 -16.20 4.84
N THR C 136 15.65 -17.18 5.33
CA THR C 136 16.52 -16.98 6.49
C THR C 136 17.98 -17.19 6.06
N HIS C 137 18.82 -16.18 6.26
CA HIS C 137 20.22 -16.28 5.88
C HIS C 137 21.10 -15.32 6.67
N SER C 138 22.39 -15.61 6.72
CA SER C 138 23.34 -14.80 7.43
C SER C 138 24.19 -13.97 6.46
N LEU C 139 24.48 -12.74 6.82
CA LEU C 139 25.29 -11.86 5.97
C LEU C 139 26.78 -12.11 6.20
N GLY C 140 27.18 -13.36 6.04
CA GLY C 140 28.57 -13.73 6.24
C GLY C 140 28.79 -15.21 6.03
N GLY C 141 28.34 -15.71 4.89
CA GLY C 141 28.50 -17.13 4.59
C GLY C 141 28.42 -17.40 3.10
N GLY C 142 28.94 -18.53 2.68
CA GLY C 142 28.91 -18.89 1.27
C GLY C 142 27.51 -19.05 0.75
N THR C 143 26.78 -19.98 1.33
CA THR C 143 25.40 -20.24 0.93
C THR C 143 24.46 -19.22 1.57
N GLY C 144 24.86 -18.69 2.72
CA GLY C 144 24.04 -17.71 3.41
C GLY C 144 23.87 -16.42 2.64
N SER C 145 24.93 -15.64 2.56
CA SER C 145 24.88 -14.36 1.86
C SER C 145 25.00 -14.54 0.36
N GLY C 146 25.82 -15.49 -0.07
CA GLY C 146 26.03 -15.73 -1.48
C GLY C 146 24.83 -16.32 -2.17
N MET C 147 24.53 -17.57 -1.85
CA MET C 147 23.40 -18.27 -2.46
C MET C 147 22.07 -17.58 -2.16
N GLY C 148 21.97 -17.01 -0.97
CA GLY C 148 20.75 -16.31 -0.61
C GLY C 148 20.42 -15.19 -1.59
N THR C 149 21.48 -14.57 -2.11
CA THR C 149 21.33 -13.49 -3.06
C THR C 149 20.72 -13.99 -4.37
N LEU C 150 21.37 -14.97 -5.00
CA LEU C 150 20.90 -15.51 -6.27
C LEU C 150 19.50 -16.12 -6.13
N LEU C 151 19.24 -16.68 -4.95
CA LEU C 151 17.94 -17.29 -4.67
C LEU C 151 16.82 -16.26 -4.76
N ILE C 152 16.96 -15.16 -4.01
CA ILE C 152 15.94 -14.12 -4.01
C ILE C 152 15.85 -13.41 -5.35
N SER C 153 16.98 -13.33 -6.06
CA SER C 153 17.02 -12.67 -7.36
C SER C 153 16.10 -13.38 -8.35
N LYS C 154 16.22 -14.70 -8.45
CA LYS C 154 15.39 -15.47 -9.36
C LYS C 154 13.94 -15.55 -8.88
N ILE C 155 13.76 -15.58 -7.56
CA ILE C 155 12.43 -15.64 -6.97
C ILE C 155 11.61 -14.40 -7.34
N ARG C 156 12.20 -13.23 -7.13
CA ARG C 156 11.51 -11.96 -7.44
C ARG C 156 11.30 -11.80 -8.94
N GLU C 157 12.19 -12.39 -9.72
CA GLU C 157 12.09 -12.32 -11.17
C GLU C 157 10.98 -13.23 -11.68
N GLU C 158 10.80 -14.36 -11.00
CA GLU C 158 9.78 -15.32 -11.38
C GLU C 158 8.40 -14.85 -10.95
N TYR C 159 8.28 -14.42 -9.69
CA TYR C 159 7.02 -13.95 -9.15
C TYR C 159 7.18 -12.55 -8.53
N PRO C 160 7.20 -11.49 -9.36
CA PRO C 160 7.35 -10.12 -8.87
C PRO C 160 6.06 -9.59 -8.25
N ASP C 161 4.96 -10.32 -8.44
CA ASP C 161 3.69 -9.94 -7.89
C ASP C 161 3.63 -10.26 -6.43
N ARG C 162 4.46 -11.23 -5.96
CA ARG C 162 4.42 -11.72 -4.59
C ARG C 162 5.46 -11.01 -3.73
N ILE C 163 5.23 -11.00 -2.42
CA ILE C 163 6.15 -10.34 -1.50
C ILE C 163 7.30 -11.25 -1.09
N MET C 164 8.30 -10.66 -0.45
CA MET C 164 9.47 -11.39 0.01
C MET C 164 9.83 -10.97 1.42
N ASN C 165 9.64 -11.88 2.37
CA ASN C 165 9.95 -11.62 3.76
C ASN C 165 11.26 -12.30 4.13
N THR C 166 12.32 -11.52 4.22
CA THR C 166 13.64 -12.06 4.52
C THR C 166 14.12 -11.68 5.92
N PHE C 167 14.81 -12.62 6.54
CA PHE C 167 15.38 -12.42 7.87
C PHE C 167 16.90 -12.40 7.73
N SER C 168 17.47 -11.21 7.80
CA SER C 168 18.91 -11.07 7.63
C SER C 168 19.67 -11.09 8.95
N VAL C 169 20.58 -12.05 9.08
CA VAL C 169 21.41 -12.16 10.27
C VAL C 169 22.58 -11.20 10.14
N VAL C 170 22.59 -10.17 10.97
CA VAL C 170 23.63 -9.16 10.92
C VAL C 170 24.83 -9.58 11.76
N PRO C 171 26.04 -9.48 11.18
CA PRO C 171 27.29 -9.82 11.87
C PRO C 171 27.50 -8.94 13.10
N SER C 172 27.88 -9.56 14.22
CA SER C 172 28.10 -8.82 15.45
C SER C 172 29.19 -7.77 15.29
N PRO C 173 28.88 -6.50 15.59
CA PRO C 173 29.83 -5.40 15.46
C PRO C 173 31.06 -5.54 16.35
N LYS C 174 30.87 -5.89 17.62
CA LYS C 174 32.00 -6.04 18.54
C LYS C 174 32.93 -7.18 18.13
N VAL C 175 32.36 -8.37 17.96
CA VAL C 175 33.14 -9.54 17.57
C VAL C 175 32.40 -10.32 16.50
N SER C 176 32.87 -10.22 15.27
CA SER C 176 32.25 -10.92 14.17
C SER C 176 32.70 -12.38 14.16
N ASP C 177 32.10 -13.19 13.31
CA ASP C 177 32.45 -14.61 13.25
C ASP C 177 33.46 -14.88 12.15
N THR C 178 33.11 -14.54 10.93
CA THR C 178 33.98 -14.74 9.79
C THR C 178 34.78 -13.47 9.53
N VAL C 179 36.02 -13.62 9.08
CA VAL C 179 36.87 -12.47 8.79
C VAL C 179 36.38 -11.77 7.52
N VAL C 180 35.83 -12.55 6.60
CA VAL C 180 35.30 -12.01 5.35
C VAL C 180 33.82 -11.67 5.48
N GLU C 181 33.36 -11.55 6.72
CA GLU C 181 31.96 -11.23 7.01
C GLU C 181 31.51 -9.91 6.36
N PRO C 182 32.21 -8.79 6.62
CA PRO C 182 31.85 -7.49 6.03
C PRO C 182 31.81 -7.53 4.50
N TYR C 183 32.75 -8.27 3.91
CA TYR C 183 32.82 -8.42 2.47
C TYR C 183 31.56 -9.10 1.94
N ASN C 184 31.18 -10.19 2.61
CA ASN C 184 29.99 -10.94 2.23
C ASN C 184 28.72 -10.14 2.50
N ALA C 185 28.70 -9.44 3.64
CA ALA C 185 27.55 -8.63 4.04
C ALA C 185 27.25 -7.53 3.04
N THR C 186 28.30 -6.86 2.58
CA THR C 186 28.16 -5.78 1.62
C THR C 186 27.54 -6.28 0.31
N LEU C 187 27.93 -7.48 -0.08
CA LEU C 187 27.44 -8.08 -1.31
C LEU C 187 25.99 -8.58 -1.17
N SER C 188 25.65 -9.05 0.01
CA SER C 188 24.29 -9.55 0.25
C SER C 188 23.29 -8.41 0.33
N VAL C 189 23.64 -7.36 1.07
CA VAL C 189 22.75 -6.21 1.23
C VAL C 189 22.49 -5.51 -0.11
N HIS C 190 23.42 -5.68 -1.05
CA HIS C 190 23.28 -5.08 -2.36
C HIS C 190 22.07 -5.64 -3.10
N GLN C 191 22.00 -6.95 -3.20
CA GLN C 191 20.88 -7.59 -3.87
C GLN C 191 19.61 -7.56 -3.02
N LEU C 192 19.79 -7.57 -1.70
CA LEU C 192 18.66 -7.53 -0.78
C LEU C 192 17.80 -6.29 -1.05
N VAL C 193 18.43 -5.14 -1.13
CA VAL C 193 17.73 -3.87 -1.36
C VAL C 193 17.17 -3.77 -2.78
N GLU C 194 17.56 -4.71 -3.64
CA GLU C 194 17.11 -4.69 -5.02
C GLU C 194 16.22 -5.89 -5.36
N ASN C 195 15.92 -6.71 -4.35
CA ASN C 195 15.10 -7.89 -4.58
C ASN C 195 13.98 -8.01 -3.56
N THR C 196 14.34 -8.33 -2.32
CA THR C 196 13.35 -8.50 -1.25
C THR C 196 12.67 -7.18 -0.92
N ASP C 197 11.48 -7.26 -0.33
CA ASP C 197 10.72 -6.06 0.05
C ASP C 197 10.66 -5.91 1.56
N GLU C 198 10.64 -7.03 2.26
CA GLU C 198 10.61 -7.02 3.72
C GLU C 198 11.86 -7.71 4.26
N THR C 199 12.56 -7.04 5.16
CA THR C 199 13.78 -7.60 5.74
C THR C 199 13.96 -7.13 7.19
N TYR C 200 14.10 -8.08 8.09
CA TYR C 200 14.30 -7.77 9.49
C TYR C 200 15.76 -7.95 9.87
N CYS C 201 16.27 -7.07 10.72
CA CYS C 201 17.66 -7.13 11.14
C CYS C 201 17.82 -7.80 12.50
N ILE C 202 18.47 -8.94 12.50
CA ILE C 202 18.72 -9.68 13.73
C ILE C 202 20.21 -9.68 14.01
N ASP C 203 20.63 -9.08 15.11
CA ASP C 203 22.04 -9.01 15.46
C ASP C 203 22.46 -10.17 16.36
N ASN C 204 23.68 -10.61 16.15
CA ASN C 204 24.23 -11.71 16.93
C ASN C 204 24.56 -11.30 18.36
N GLU C 205 25.13 -10.10 18.53
CA GLU C 205 25.50 -9.64 19.86
C GLU C 205 24.29 -9.14 20.62
N ALA C 206 23.34 -8.53 19.90
CA ALA C 206 22.13 -8.03 20.52
C ALA C 206 21.34 -9.19 21.11
N LEU C 207 21.40 -10.33 20.44
CA LEU C 207 20.72 -11.54 20.88
C LEU C 207 21.26 -11.97 22.24
N TYR C 208 22.58 -11.86 22.40
CA TYR C 208 23.22 -12.22 23.66
C TYR C 208 22.80 -11.25 24.76
N ASP C 209 22.79 -9.95 24.43
CA ASP C 209 22.42 -8.91 25.38
C ASP C 209 21.00 -9.10 25.91
N ILE C 210 20.06 -9.32 25.00
CA ILE C 210 18.66 -9.50 25.37
C ILE C 210 18.48 -10.67 26.34
N CYS C 211 19.16 -11.79 26.07
CA CYS C 211 19.05 -12.97 26.92
C CYS C 211 19.90 -12.85 28.19
N PHE C 212 20.74 -11.84 28.25
CA PHE C 212 21.60 -11.65 29.41
C PHE C 212 21.05 -10.61 30.40
N ARG C 213 20.50 -9.52 29.87
CA ARG C 213 19.97 -8.47 30.73
C ARG C 213 18.48 -8.62 31.03
N THR C 214 17.67 -8.77 29.98
CA THR C 214 16.23 -8.90 30.15
C THR C 214 15.85 -10.30 30.60
N LEU C 215 16.64 -11.28 30.20
CA LEU C 215 16.39 -12.66 30.57
C LEU C 215 17.47 -13.13 31.55
N LYS C 216 17.21 -14.23 32.24
CA LYS C 216 18.18 -14.76 33.20
C LYS C 216 18.86 -16.00 32.64
N LEU C 217 19.52 -15.83 31.50
CA LEU C 217 20.22 -16.92 30.85
C LEU C 217 21.72 -16.74 30.98
N THR C 218 22.36 -17.66 31.69
CA THR C 218 23.80 -17.59 31.91
C THR C 218 24.58 -17.88 30.63
N THR C 219 24.23 -18.97 29.97
CA THR C 219 24.91 -19.35 28.73
C THR C 219 23.92 -19.42 27.57
N PRO C 220 23.81 -18.33 26.79
CA PRO C 220 22.90 -18.27 25.65
C PRO C 220 23.46 -19.05 24.45
N THR C 221 23.11 -20.32 24.37
CA THR C 221 23.56 -21.18 23.28
C THR C 221 22.95 -20.73 21.96
N TYR C 222 23.55 -21.13 20.85
CA TYR C 222 23.06 -20.77 19.52
C TYR C 222 21.60 -21.20 19.32
N GLY C 223 21.27 -22.38 19.83
CA GLY C 223 19.91 -22.87 19.72
C GLY C 223 18.94 -21.98 20.48
N ASP C 224 19.39 -21.50 21.64
CA ASP C 224 18.59 -20.62 22.48
C ASP C 224 18.39 -19.28 21.78
N LEU C 225 19.46 -18.82 21.14
CA LEU C 225 19.42 -17.55 20.41
C LEU C 225 18.42 -17.63 19.26
N ASN C 226 18.53 -18.68 18.47
CA ASN C 226 17.64 -18.89 17.34
C ASN C 226 16.20 -19.09 17.81
N HIS C 227 16.02 -19.68 19.02
CA HIS C 227 14.71 -19.90 19.61
C HIS C 227 14.01 -18.58 19.72
N LEU C 228 14.70 -17.57 20.31
CA LEU C 228 14.10 -16.27 20.55
C LEU C 228 13.62 -15.65 19.24
N VAL C 229 14.50 -15.67 18.24
CA VAL C 229 14.17 -15.11 16.93
C VAL C 229 12.98 -15.81 16.30
N SER C 230 12.99 -17.14 16.34
CA SER C 230 11.91 -17.93 15.77
C SER C 230 10.57 -17.64 16.47
N ALA C 231 10.63 -17.46 17.78
CA ALA C 231 9.43 -17.16 18.56
C ALA C 231 8.94 -15.74 18.29
N THR C 232 9.78 -14.95 17.63
CA THR C 232 9.43 -13.57 17.30
C THR C 232 8.82 -13.50 15.90
N MET C 233 9.44 -14.21 14.95
CA MET C 233 8.96 -14.23 13.56
C MET C 233 7.56 -14.84 13.44
N SER C 234 7.24 -15.78 14.31
CA SER C 234 5.93 -16.42 14.28
C SER C 234 4.83 -15.41 14.61
N GLY C 235 5.18 -14.42 15.42
CA GLY C 235 4.25 -13.40 15.81
C GLY C 235 4.05 -12.36 14.72
N VAL C 236 4.77 -12.54 13.62
CA VAL C 236 4.69 -11.62 12.49
C VAL C 236 3.85 -12.22 11.36
N THR C 237 4.30 -13.36 10.85
CA THR C 237 3.62 -14.01 9.75
C THR C 237 2.43 -14.87 10.20
N THR C 238 2.71 -15.88 11.00
CA THR C 238 1.69 -16.80 11.50
C THR C 238 0.60 -16.09 12.29
N CYS C 239 0.99 -15.23 13.21
CA CYS C 239 0.05 -14.50 14.05
C CYS C 239 -0.89 -13.62 13.22
N LEU C 240 -0.42 -13.14 12.08
CA LEU C 240 -1.24 -12.28 11.23
C LEU C 240 -2.11 -13.08 10.27
N ARG C 241 -2.30 -14.35 10.56
CA ARG C 241 -3.13 -15.21 9.73
C ARG C 241 -4.32 -15.73 10.52
N PHE C 242 -4.35 -15.38 11.80
CA PHE C 242 -5.43 -15.79 12.69
C PHE C 242 -6.42 -14.66 12.92
N PRO C 243 -7.69 -14.99 13.18
CA PRO C 243 -8.74 -14.00 13.43
C PRO C 243 -8.49 -13.20 14.70
N GLY C 244 -8.81 -11.92 14.66
CA GLY C 244 -8.63 -11.06 15.82
C GLY C 244 -9.38 -9.76 15.64
N GLN C 245 -9.16 -8.82 16.56
CA GLN C 245 -9.81 -7.52 16.49
C GLN C 245 -9.47 -6.81 15.18
N LEU C 246 -8.18 -6.69 14.91
CA LEU C 246 -7.72 -6.05 13.69
C LEU C 246 -6.76 -6.97 12.97
N ASN C 247 -7.31 -7.80 12.10
CA ASN C 247 -6.52 -8.75 11.33
C ASN C 247 -5.67 -8.04 10.28
N ALA C 248 -4.39 -8.37 10.26
CA ALA C 248 -3.45 -7.78 9.32
C ALA C 248 -2.87 -8.87 8.43
N ASP C 249 -1.77 -8.56 7.75
CA ASP C 249 -1.13 -9.52 6.86
C ASP C 249 0.17 -8.91 6.32
N LEU C 250 0.96 -9.71 5.60
CA LEU C 250 2.22 -9.24 5.04
C LEU C 250 2.04 -7.97 4.20
N ARG C 251 1.01 -7.97 3.36
CA ARG C 251 0.73 -6.81 2.52
C ARG C 251 0.32 -5.63 3.39
N LYS C 252 -0.59 -5.90 4.33
CA LYS C 252 -1.08 -4.88 5.25
C LYS C 252 0.05 -4.29 6.10
N LEU C 253 1.11 -5.08 6.28
CA LEU C 253 2.25 -4.66 7.07
C LEU C 253 3.25 -3.87 6.21
N ALA C 254 3.75 -4.50 5.16
CA ALA C 254 4.73 -3.88 4.27
C ALA C 254 4.21 -2.57 3.67
N VAL C 255 2.97 -2.59 3.19
CA VAL C 255 2.36 -1.41 2.58
C VAL C 255 2.07 -0.32 3.62
N ASN C 256 2.31 -0.63 4.88
CA ASN C 256 2.11 0.32 5.97
C ASN C 256 3.38 0.44 6.81
N MET C 257 4.53 0.10 6.21
CA MET C 257 5.81 0.16 6.91
C MET C 257 6.90 0.82 6.09
N VAL C 258 6.88 0.63 4.78
CA VAL C 258 7.90 1.21 3.91
C VAL C 258 7.39 2.41 3.13
N PRO C 259 7.76 3.63 3.56
CA PRO C 259 7.34 4.87 2.90
C PRO C 259 8.02 5.06 1.55
N PHE C 260 9.16 4.42 1.38
CA PHE C 260 9.91 4.52 0.13
C PHE C 260 10.37 3.14 -0.35
N PRO C 261 10.49 2.97 -1.67
CA PRO C 261 10.89 1.69 -2.29
C PRO C 261 12.40 1.43 -2.18
N ARG C 262 13.00 1.79 -1.07
CA ARG C 262 14.42 1.56 -0.86
C ARG C 262 14.62 0.42 0.12
N LEU C 263 13.70 -0.53 0.07
CA LEU C 263 13.69 -1.70 0.95
C LEU C 263 13.28 -1.35 2.36
N HIS C 264 14.13 -0.58 3.04
CA HIS C 264 13.89 -0.15 4.42
C HIS C 264 13.87 -1.33 5.39
N PHE C 265 14.99 -1.51 6.10
CA PHE C 265 15.14 -2.59 7.05
C PHE C 265 14.38 -2.32 8.34
N PHE C 266 13.80 -3.36 8.91
CA PHE C 266 13.03 -3.22 10.14
C PHE C 266 13.77 -3.86 11.31
N MET C 267 13.59 -3.28 12.49
CA MET C 267 14.20 -3.79 13.70
C MET C 267 13.13 -4.44 14.58
N PRO C 268 13.29 -5.74 14.88
CA PRO C 268 12.33 -6.49 15.69
C PRO C 268 12.54 -6.31 17.19
N GLY C 269 11.54 -6.73 17.95
CA GLY C 269 11.58 -6.65 19.40
C GLY C 269 10.44 -7.44 20.01
N PHE C 270 10.44 -7.60 21.33
CA PHE C 270 9.38 -8.34 22.01
C PHE C 270 9.08 -7.75 23.38
N ALA C 271 7.81 -7.38 23.58
CA ALA C 271 7.39 -6.76 24.83
C ALA C 271 7.49 -7.70 26.06
N PRO C 272 6.83 -8.88 26.04
CA PRO C 272 6.85 -9.80 27.18
C PRO C 272 8.17 -10.56 27.32
N LEU C 273 9.25 -9.82 27.48
CA LEU C 273 10.57 -10.41 27.63
C LEU C 273 10.98 -10.45 29.09
N THR C 274 10.47 -11.44 29.81
CA THR C 274 10.76 -11.59 31.23
C THR C 274 11.23 -13.01 31.52
N SER C 275 11.88 -13.22 32.65
CA SER C 275 12.34 -14.55 33.02
C SER C 275 11.20 -15.38 33.60
N ARG C 276 11.40 -16.69 33.67
CA ARG C 276 10.39 -17.60 34.18
C ARG C 276 10.31 -17.56 35.71
N GLY C 277 11.36 -17.08 36.34
CA GLY C 277 11.39 -17.04 37.80
C GLY C 277 10.91 -15.74 38.42
N SER C 278 11.84 -14.99 38.97
CA SER C 278 11.55 -13.73 39.65
C SER C 278 10.82 -12.69 38.79
N GLN C 279 11.11 -12.66 37.49
CA GLN C 279 10.47 -11.67 36.62
C GLN C 279 9.02 -11.98 36.30
N GLN C 280 8.48 -13.05 36.90
CA GLN C 280 7.08 -13.40 36.70
C GLN C 280 6.22 -12.49 37.56
N TYR C 281 6.14 -11.23 37.15
CA TYR C 281 5.38 -10.23 37.88
C TYR C 281 3.99 -10.07 37.29
N ARG C 282 3.78 -10.65 36.11
CA ARG C 282 2.50 -10.58 35.39
C ARG C 282 2.22 -9.15 34.96
N ALA C 283 3.29 -8.35 34.87
CA ALA C 283 3.18 -6.95 34.47
C ALA C 283 2.99 -6.83 32.97
N LEU C 284 1.79 -7.15 32.52
CA LEU C 284 1.44 -7.09 31.11
C LEU C 284 0.01 -6.62 30.96
N THR C 285 -0.28 -5.44 31.46
CA THR C 285 -1.61 -4.87 31.37
C THR C 285 -1.78 -4.18 30.02
N VAL C 286 -0.85 -3.28 29.71
CA VAL C 286 -0.83 -2.52 28.45
C VAL C 286 0.35 -1.55 28.39
N PRO C 287 0.52 -0.65 29.39
CA PRO C 287 1.63 0.32 29.38
C PRO C 287 3.00 -0.36 29.47
N GLU C 288 3.05 -1.50 30.15
CA GLU C 288 4.29 -2.24 30.32
C GLU C 288 4.75 -2.80 28.98
N LEU C 289 3.79 -3.17 28.14
CA LEU C 289 4.10 -3.72 26.83
C LEU C 289 4.78 -2.66 25.97
N THR C 290 4.19 -1.48 25.91
CA THR C 290 4.74 -0.38 25.13
C THR C 290 6.07 0.09 25.71
N GLN C 291 6.15 0.06 27.04
CA GLN C 291 7.36 0.47 27.76
C GLN C 291 8.55 -0.38 27.34
N GLN C 292 8.35 -1.69 27.26
CA GLN C 292 9.42 -2.60 26.89
C GLN C 292 9.59 -2.70 25.38
N MET C 293 8.49 -2.59 24.64
CA MET C 293 8.53 -2.66 23.18
C MET C 293 9.39 -1.55 22.60
N PHE C 294 9.17 -0.34 23.09
CA PHE C 294 9.93 0.82 22.62
C PHE C 294 11.14 1.06 23.51
N ASP C 295 11.81 -0.02 23.90
CA ASP C 295 12.98 0.08 24.75
C ASP C 295 14.26 -0.06 23.94
N ALA C 296 15.25 0.77 24.26
CA ALA C 296 16.52 0.76 23.56
C ALA C 296 17.27 -0.56 23.74
N LYS C 297 17.03 -1.25 24.86
CA LYS C 297 17.71 -2.51 25.10
C LYS C 297 16.82 -3.72 24.77
N ASN C 298 15.75 -3.47 24.03
CA ASN C 298 14.84 -4.54 23.64
C ASN C 298 14.96 -4.80 22.14
N MET C 299 15.64 -3.89 21.45
CA MET C 299 15.83 -3.98 20.01
C MET C 299 16.68 -5.20 19.66
N MET C 300 16.21 -5.97 18.70
CA MET C 300 16.92 -7.17 18.26
C MET C 300 18.14 -6.80 17.40
N ALA C 301 18.33 -5.51 17.19
CA ALA C 301 19.45 -5.01 16.41
C ALA C 301 20.43 -4.28 17.32
N ALA C 302 21.67 -4.14 16.87
CA ALA C 302 22.69 -3.47 17.66
C ALA C 302 22.47 -1.96 17.74
N CYS C 303 21.79 -1.41 16.74
CA CYS C 303 21.52 0.01 16.69
C CYS C 303 20.28 0.36 17.51
N ASP C 304 20.30 1.55 18.11
CA ASP C 304 19.18 2.02 18.92
C ASP C 304 18.44 3.12 18.18
N PRO C 305 17.10 3.04 18.18
CA PRO C 305 16.23 4.01 17.48
C PRO C 305 16.21 5.38 18.15
N ARG C 306 16.79 5.49 19.34
CA ARG C 306 16.82 6.74 20.07
C ARG C 306 17.75 7.74 19.38
N HIS C 307 18.77 7.20 18.72
CA HIS C 307 19.75 8.00 18.00
C HIS C 307 19.24 8.41 16.62
N GLY C 308 18.09 7.87 16.24
CA GLY C 308 17.52 8.17 14.95
C GLY C 308 16.07 8.57 15.06
N ARG C 309 15.31 8.40 13.99
CA ARG C 309 13.89 8.75 14.00
C ARG C 309 13.05 7.55 13.58
N TYR C 310 11.90 7.39 14.22
CA TYR C 310 10.99 6.31 13.91
C TYR C 310 10.21 6.64 12.65
N LEU C 311 10.55 6.01 11.54
CA LEU C 311 9.87 6.26 10.27
C LEU C 311 8.48 5.63 10.27
N THR C 312 8.43 4.37 10.66
CA THR C 312 7.16 3.64 10.71
C THR C 312 7.29 2.47 11.69
N VAL C 313 6.26 2.26 12.49
CA VAL C 313 6.26 1.19 13.48
C VAL C 313 5.01 0.31 13.33
N ALA C 314 5.23 -0.99 13.27
CA ALA C 314 4.15 -1.94 13.17
C ALA C 314 4.03 -2.72 14.47
N ALA C 315 3.02 -2.39 15.25
CA ALA C 315 2.80 -3.04 16.52
C ALA C 315 1.73 -4.12 16.41
N VAL C 316 2.15 -5.37 16.49
CA VAL C 316 1.22 -6.48 16.39
C VAL C 316 0.99 -7.13 17.75
N PHE C 317 -0.18 -6.89 18.30
CA PHE C 317 -0.54 -7.45 19.60
C PHE C 317 -1.28 -8.76 19.40
N ARG C 318 -1.10 -9.69 20.32
CA ARG C 318 -1.78 -10.98 20.24
C ARG C 318 -2.35 -11.42 21.58
N GLY C 319 -3.63 -11.13 21.78
CA GLY C 319 -4.31 -11.47 23.00
C GLY C 319 -5.58 -10.66 23.17
N ARG C 320 -6.40 -11.01 24.15
CA ARG C 320 -7.65 -10.31 24.40
C ARG C 320 -7.42 -8.97 25.09
N MET C 321 -7.65 -7.89 24.36
CA MET C 321 -7.48 -6.53 24.88
C MET C 321 -8.37 -5.57 24.11
N SER C 322 -8.74 -4.46 24.75
CA SER C 322 -9.61 -3.48 24.10
C SER C 322 -8.81 -2.53 23.22
N MET C 323 -9.44 -2.09 22.15
CA MET C 323 -8.80 -1.18 21.19
C MET C 323 -8.43 0.15 21.86
N LYS C 324 -9.23 0.55 22.85
CA LYS C 324 -9.01 1.80 23.56
C LYS C 324 -7.68 1.82 24.32
N GLU C 325 -7.40 0.76 25.07
CA GLU C 325 -6.18 0.71 25.86
C GLU C 325 -4.92 0.58 24.99
N VAL C 326 -5.09 0.02 23.80
CA VAL C 326 -3.97 -0.15 22.88
C VAL C 326 -3.64 1.14 22.14
N ASP C 327 -4.57 1.58 21.31
CA ASP C 327 -4.39 2.78 20.49
C ASP C 327 -4.07 4.03 21.32
N GLU C 328 -4.77 4.19 22.45
CA GLU C 328 -4.56 5.35 23.31
C GLU C 328 -3.13 5.37 23.86
N GLN C 329 -2.61 4.20 24.20
CA GLN C 329 -1.25 4.10 24.74
C GLN C 329 -0.22 4.41 23.68
N MET C 330 -0.49 3.99 22.44
CA MET C 330 0.42 4.24 21.33
C MET C 330 0.53 5.74 21.06
N LEU C 331 -0.60 6.43 21.18
CA LEU C 331 -0.65 7.87 20.97
C LEU C 331 0.26 8.58 21.96
N ASN C 332 0.19 8.14 23.22
CA ASN C 332 1.01 8.72 24.27
C ASN C 332 2.49 8.58 23.94
N VAL C 333 2.85 7.45 23.36
CA VAL C 333 4.24 7.19 22.98
C VAL C 333 4.70 8.15 21.89
N GLN C 334 3.86 8.30 20.87
CA GLN C 334 4.18 9.18 19.74
C GLN C 334 4.24 10.64 20.16
N ASN C 335 3.41 11.03 21.13
CA ASN C 335 3.39 12.39 21.61
C ASN C 335 4.57 12.69 22.54
N LYS C 336 4.90 11.73 23.39
CA LYS C 336 6.00 11.88 24.33
C LYS C 336 7.36 11.80 23.62
N ASN C 337 7.45 10.91 22.64
CA ASN C 337 8.71 10.72 21.91
C ASN C 337 8.63 11.33 20.51
N SER C 338 7.87 12.42 20.40
CA SER C 338 7.69 13.12 19.13
C SER C 338 9.01 13.64 18.57
N SER C 339 9.98 13.87 19.45
CA SER C 339 11.29 14.38 19.07
C SER C 339 11.96 13.52 18.00
N TYR C 340 11.62 12.25 17.97
CA TYR C 340 12.19 11.34 17.00
C TYR C 340 11.15 10.38 16.44
N PHE C 341 9.95 10.89 16.19
CA PHE C 341 8.87 10.06 15.66
C PHE C 341 8.38 10.53 14.29
N VAL C 342 9.16 11.40 13.64
CA VAL C 342 8.81 11.91 12.31
C VAL C 342 7.58 12.82 12.33
N GLU C 343 7.78 14.08 11.97
CA GLU C 343 6.69 15.06 11.96
C GLU C 343 6.00 15.18 10.61
N TRP C 344 6.55 14.54 9.58
CA TRP C 344 5.94 14.61 8.26
C TRP C 344 4.91 13.50 8.03
N ILE C 345 4.61 12.76 9.09
CA ILE C 345 3.64 11.68 9.04
C ILE C 345 2.71 11.78 10.25
N PRO C 346 1.38 11.80 10.02
CA PRO C 346 0.39 11.90 11.10
C PRO C 346 0.54 10.79 12.14
N ASN C 347 0.34 9.56 11.70
CA ASN C 347 0.48 8.40 12.57
C ASN C 347 1.53 7.47 12.01
N ASN C 348 2.57 7.22 12.79
CA ASN C 348 3.65 6.36 12.35
C ASN C 348 3.54 4.96 12.92
N VAL C 349 2.61 4.77 13.86
CA VAL C 349 2.43 3.47 14.47
C VAL C 349 1.15 2.80 14.00
N LYS C 350 1.31 1.78 13.17
CA LYS C 350 0.18 1.04 12.65
C LYS C 350 -0.20 -0.06 13.64
N THR C 351 -1.32 0.10 14.30
CA THR C 351 -1.77 -0.86 15.29
C THR C 351 -2.42 -2.09 14.66
N ALA C 352 -2.29 -3.21 15.35
CA ALA C 352 -2.88 -4.48 14.91
C ALA C 352 -3.07 -5.36 16.14
N VAL C 353 -4.29 -5.80 16.38
CA VAL C 353 -4.59 -6.62 17.54
C VAL C 353 -5.20 -7.96 17.15
N CYS C 354 -4.48 -9.04 17.39
CA CYS C 354 -4.95 -10.38 17.10
C CYS C 354 -5.48 -10.98 18.40
N ASP C 355 -6.35 -11.97 18.29
CA ASP C 355 -6.95 -12.58 19.48
C ASP C 355 -6.38 -13.97 19.77
N ILE C 356 -5.06 -14.12 19.66
CA ILE C 356 -4.43 -15.41 19.92
C ILE C 356 -2.99 -15.27 20.41
N PRO C 357 -2.75 -15.53 21.69
CA PRO C 357 -1.42 -15.47 22.31
C PRO C 357 -0.61 -16.72 21.98
N PRO C 358 0.72 -16.69 22.24
CA PRO C 358 1.61 -17.84 21.98
C PRO C 358 1.45 -18.96 22.99
N ARG C 359 0.28 -19.60 22.95
CA ARG C 359 -0.05 -20.71 23.84
C ARG C 359 0.00 -20.33 25.32
N GLY C 360 1.12 -20.63 25.97
CA GLY C 360 1.28 -20.36 27.39
C GLY C 360 1.60 -18.91 27.70
N LEU C 361 0.70 -18.02 27.30
CA LEU C 361 0.88 -16.60 27.55
C LEU C 361 -0.48 -15.91 27.56
N LYS C 362 -0.61 -14.86 28.35
CA LYS C 362 -1.86 -14.12 28.45
C LYS C 362 -1.90 -12.96 27.46
N MET C 363 -0.89 -12.09 27.55
CA MET C 363 -0.81 -10.93 26.68
C MET C 363 0.56 -10.88 26.01
N SER C 364 0.59 -10.49 24.74
CA SER C 364 1.84 -10.43 24.00
C SER C 364 1.78 -9.41 22.87
N ALA C 365 2.94 -8.86 22.53
CA ALA C 365 3.02 -7.87 21.46
C ALA C 365 4.39 -7.96 20.78
N THR C 366 4.36 -8.08 19.47
CA THR C 366 5.58 -8.16 18.68
C THR C 366 5.94 -6.76 18.18
N PHE C 367 7.23 -6.43 18.23
CA PHE C 367 7.68 -5.12 17.80
C PHE C 367 8.43 -5.17 16.47
N ILE C 368 7.98 -4.34 15.55
CA ILE C 368 8.61 -4.22 14.23
C ILE C 368 8.70 -2.74 13.90
N GLY C 369 9.88 -2.15 13.99
CA GLY C 369 10.01 -0.74 13.72
C GLY C 369 11.08 -0.38 12.72
N ASN C 370 10.73 0.47 11.78
CA ASN C 370 11.66 0.96 10.76
C ASN C 370 12.12 2.34 11.18
N SER C 371 13.38 2.45 11.60
CA SER C 371 13.92 3.71 12.05
C SER C 371 15.18 4.09 11.28
N THR C 372 15.40 5.38 11.12
CA THR C 372 16.57 5.89 10.40
C THR C 372 17.86 5.60 11.16
N ALA C 373 17.72 5.24 12.43
CA ALA C 373 18.86 4.93 13.28
C ALA C 373 19.56 3.66 12.83
N ILE C 374 18.87 2.87 12.01
CA ILE C 374 19.43 1.62 11.51
C ILE C 374 20.60 1.89 10.56
N GLN C 375 20.76 3.16 10.18
CA GLN C 375 21.84 3.55 9.29
C GLN C 375 23.20 3.34 9.95
N GLU C 376 23.22 3.37 11.29
CA GLU C 376 24.44 3.17 12.05
C GLU C 376 24.97 1.76 11.81
N LEU C 377 24.05 0.85 11.54
CA LEU C 377 24.39 -0.54 11.27
C LEU C 377 25.12 -0.63 9.94
N PHE C 378 24.55 -0.01 8.92
CA PHE C 378 25.15 -0.02 7.59
C PHE C 378 26.48 0.72 7.62
N LYS C 379 26.52 1.83 8.36
CA LYS C 379 27.73 2.63 8.50
C LYS C 379 28.86 1.78 9.08
N ARG C 380 28.50 0.88 9.99
CA ARG C 380 29.46 0.00 10.62
C ARG C 380 30.04 -0.99 9.62
N ILE C 381 29.16 -1.62 8.84
CA ILE C 381 29.59 -2.58 7.83
C ILE C 381 30.40 -1.87 6.75
N SER C 382 29.95 -0.68 6.37
CA SER C 382 30.61 0.13 5.37
C SER C 382 32.04 0.45 5.81
N GLU C 383 32.21 0.81 7.07
CA GLU C 383 33.51 1.14 7.62
C GLU C 383 34.40 -0.11 7.64
N GLN C 384 33.84 -1.24 8.05
CA GLN C 384 34.59 -2.50 8.10
C GLN C 384 35.03 -2.91 6.71
N PHE C 385 34.13 -2.81 5.74
CA PHE C 385 34.40 -3.17 4.37
C PHE C 385 35.58 -2.40 3.80
N THR C 386 35.45 -1.08 3.70
CA THR C 386 36.49 -0.22 3.15
C THR C 386 37.84 -0.42 3.86
N ALA C 387 37.80 -0.61 5.18
CA ALA C 387 39.02 -0.80 5.97
C ALA C 387 39.89 -1.93 5.43
N MET C 388 39.24 -3.01 5.00
CA MET C 388 39.98 -4.17 4.47
C MET C 388 39.95 -4.18 2.93
N PHE C 389 39.01 -3.44 2.36
CA PHE C 389 38.87 -3.35 0.91
C PHE C 389 40.02 -2.57 0.30
N ARG C 390 40.38 -1.46 0.95
CA ARG C 390 41.47 -0.62 0.48
C ARG C 390 42.78 -1.39 0.45
N ARG C 391 42.95 -2.31 1.39
CA ARG C 391 44.16 -3.11 1.47
C ARG C 391 44.00 -4.42 0.70
N LYS C 392 42.77 -4.70 0.26
CA LYS C 392 42.46 -5.93 -0.47
C LYS C 392 42.93 -7.15 0.33
N ALA C 393 42.43 -7.25 1.56
CA ALA C 393 42.80 -8.32 2.48
C ALA C 393 42.59 -9.71 1.88
N PHE C 394 41.33 -10.15 1.83
CA PHE C 394 41.01 -11.46 1.31
C PHE C 394 40.25 -11.35 0.00
N LEU C 395 40.62 -10.37 -0.80
CA LEU C 395 39.98 -10.13 -2.09
C LEU C 395 40.25 -11.29 -3.05
N HIS C 396 41.45 -11.86 -2.93
CA HIS C 396 41.88 -12.97 -3.78
C HIS C 396 40.94 -14.18 -3.69
N TRP C 397 40.28 -14.33 -2.54
CA TRP C 397 39.37 -15.44 -2.33
C TRP C 397 38.15 -15.33 -3.23
N TYR C 398 37.80 -14.10 -3.57
CA TYR C 398 36.64 -13.85 -4.41
C TYR C 398 37.03 -13.93 -5.89
N THR C 399 38.17 -13.36 -6.24
CA THR C 399 38.65 -13.39 -7.61
C THR C 399 39.03 -14.81 -8.03
N GLY C 400 39.44 -15.61 -7.04
CA GLY C 400 39.81 -16.99 -7.31
C GLY C 400 38.63 -17.81 -7.79
N GLU C 401 37.47 -17.52 -7.24
CA GLU C 401 36.25 -18.23 -7.62
C GLU C 401 35.68 -17.62 -8.89
N GLY C 402 35.45 -16.32 -8.86
CA GLY C 402 34.90 -15.62 -10.00
C GLY C 402 34.18 -14.37 -9.59
N MET C 403 34.91 -13.26 -9.54
CA MET C 403 34.33 -11.98 -9.14
C MET C 403 35.10 -10.84 -9.80
N ASP C 404 34.38 -9.76 -10.13
CA ASP C 404 34.84 -8.56 -10.76
C ASP C 404 35.44 -7.65 -9.71
N GLU C 405 36.60 -6.96 -9.99
CA GLU C 405 37.15 -5.98 -9.08
C GLU C 405 36.17 -4.82 -8.83
N MET C 406 35.43 -4.46 -9.87
CA MET C 406 34.47 -3.36 -9.76
C MET C 406 33.19 -3.80 -9.05
N GLU C 407 32.92 -5.12 -9.03
CA GLU C 407 31.75 -5.67 -8.42
C GLU C 407 31.77 -5.29 -6.96
N PHE C 408 32.96 -5.24 -6.35
CA PHE C 408 33.12 -4.92 -4.93
C PHE C 408 32.59 -3.52 -4.67
N THR C 409 32.95 -2.58 -5.54
CA THR C 409 32.52 -1.20 -5.42
C THR C 409 31.02 -1.06 -5.70
N GLU C 410 30.50 -1.87 -6.62
CA GLU C 410 29.08 -1.85 -6.98
C GLU C 410 28.23 -1.98 -5.72
N ALA C 411 28.57 -2.96 -4.89
CA ALA C 411 27.84 -3.21 -3.66
C ALA C 411 28.10 -2.11 -2.63
N GLU C 412 29.34 -1.65 -2.56
CA GLU C 412 29.72 -0.60 -1.61
C GLU C 412 28.99 0.70 -1.89
N SER C 413 29.01 1.13 -3.15
CA SER C 413 28.35 2.38 -3.55
C SER C 413 26.85 2.33 -3.24
N ASN C 414 26.25 1.17 -3.48
CA ASN C 414 24.82 0.98 -3.24
C ASN C 414 24.50 1.03 -1.75
N MET C 415 25.27 0.31 -0.95
CA MET C 415 25.05 0.31 0.50
C MET C 415 25.22 1.71 1.06
N ASN C 416 26.24 2.41 0.59
CA ASN C 416 26.52 3.77 1.04
C ASN C 416 25.40 4.72 0.64
N ASP C 417 24.85 4.51 -0.57
CA ASP C 417 23.76 5.34 -1.07
C ASP C 417 22.49 5.13 -0.24
N LEU C 418 22.31 3.92 0.27
CA LEU C 418 21.17 3.59 1.09
C LEU C 418 21.23 4.36 2.41
N VAL C 419 22.43 4.45 2.98
CA VAL C 419 22.64 5.17 4.22
C VAL C 419 22.31 6.64 4.04
N SER C 420 22.68 7.17 2.88
CA SER C 420 22.42 8.55 2.54
C SER C 420 20.92 8.82 2.53
N GLU C 421 20.19 8.00 1.77
CA GLU C 421 18.73 8.13 1.66
C GLU C 421 18.10 8.21 3.05
N TYR C 422 18.50 7.29 3.92
CA TYR C 422 18.00 7.24 5.28
C TYR C 422 18.30 8.53 6.05
N GLN C 423 19.56 8.94 6.05
CA GLN C 423 19.98 10.15 6.77
C GLN C 423 19.29 11.40 6.24
N GLN C 424 19.03 11.45 4.93
CA GLN C 424 18.40 12.63 4.40
C GLN C 424 17.07 12.79 5.08
N TYR C 425 16.31 11.68 5.23
CA TYR C 425 14.95 11.74 5.78
C TYR C 425 14.97 11.79 7.30
N GLN C 426 16.13 11.49 7.88
CA GLN C 426 16.28 11.51 9.33
C GLN C 426 16.26 12.94 9.82
N ASP C 427 16.94 13.82 9.10
CA ASP C 427 17.00 15.23 9.46
C ASP C 427 15.92 16.02 8.74
PG GTP D . -8.65 -3.55 4.40
O1G GTP D . -8.47 -3.97 2.93
O2G GTP D . -8.40 -4.70 5.35
O3G GTP D . -7.64 -2.42 4.58
O3B GTP D . -10.19 -3.07 4.78
PB GTP D . -10.72 -2.58 6.26
O1B GTP D . -11.36 -1.22 6.03
O2B GTP D . -11.51 -3.63 6.89
O3A GTP D . -9.45 -2.24 7.03
PA GTP D . -9.09 -1.98 8.50
O1A GTP D . -9.62 -3.03 9.39
O2A GTP D . -7.62 -1.75 8.56
O5' GTP D . -9.81 -0.53 8.80
C5' GTP D . -9.61 -0.09 10.14
C4' GTP D . -10.22 1.23 10.49
O4' GTP D . -11.58 1.04 10.95
C3' GTP D . -9.46 1.81 11.66
O3' GTP D . -9.58 3.21 11.67
C2' GTP D . -10.14 1.14 12.84
O2' GTP D . -10.01 1.96 14.01
C1' GTP D . -11.60 1.01 12.38
N9 GTP D . -12.30 -0.23 12.79
C8 GTP D . -11.91 -1.51 12.51
N7 GTP D . -12.73 -2.41 13.01
C5 GTP D . -13.69 -1.68 13.67
C6 GTP D . -14.80 -2.11 14.39
O6 GTP D . -15.15 -3.26 14.58
N1 GTP D . -15.56 -1.03 14.92
C2 GTP D . -15.26 0.30 14.75
N2 GTP D . -16.06 1.15 15.32
N3 GTP D . -14.19 0.71 14.08
C4 GTP D . -13.45 -0.31 13.55
MG MG E . -9.87 -6.30 6.48
PB GDP F . 27.20 -20.26 5.76
O1B GDP F . 26.13 -19.81 4.85
O2B GDP F . 26.90 -21.33 6.59
O3B GDP F . 28.56 -20.45 4.88
O3A GDP F . 27.45 -19.05 6.75
PA GDP F . 27.38 -18.99 8.42
O1A GDP F . 25.96 -19.22 8.84
O2A GDP F . 28.38 -20.01 8.92
O5' GDP F . 27.73 -17.50 8.69
C5' GDP F . 28.30 -17.08 9.96
C4' GDP F . 27.55 -16.06 10.66
O4' GDP F . 26.22 -16.62 11.02
C3' GDP F . 28.10 -15.65 12.07
O3' GDP F . 27.87 -14.20 12.19
C2' GDP F . 27.27 -16.35 13.17
O2' GDP F . 27.06 -15.70 14.43
C1' GDP F . 25.93 -16.60 12.48
N9 GDP F . 25.27 -17.86 12.83
C8 GDP F . 25.86 -19.15 12.33
N7 GDP F . 24.86 -19.93 12.94
C5 GDP F . 23.90 -19.37 13.64
C6 GDP F . 22.74 -19.59 14.43
O6 GDP F . 22.35 -20.87 14.57
N1 GDP F . 22.00 -18.61 15.00
C2 GDP F . 22.44 -17.20 14.82
N2 GDP F . 21.59 -16.43 15.47
N3 GDP F . 23.48 -16.94 14.15
C4 GDP F . 24.17 -17.94 13.57
O01 TA1 G . 10.48 -21.08 27.63
C01 TA1 G . 9.34 -20.21 27.78
C02 TA1 G . 9.91 -18.76 28.23
O02 TA1 G . 10.80 -18.42 27.09
C03 TA1 G . 12.20 -18.46 27.31
O03 TA1 G . 12.71 -18.72 28.37
C04 TA1 G . 12.95 -18.12 26.13
C05 TA1 G . 14.04 -19.07 25.89
C06 TA1 G . 14.87 -18.79 24.67
C07 TA1 G . 14.60 -17.67 23.84
C08 TA1 G . 13.64 -16.92 24.15
C09 TA1 G . 12.76 -17.05 25.25
C10 TA1 G . 8.87 -17.54 28.42
C11 TA1 G . 9.36 -16.15 27.77
O04 TA1 G . 9.48 -16.23 26.29
C12 TA1 G . 8.39 -16.39 25.47
O05 TA1 G . 7.26 -16.47 25.83
C13 TA1 G . 8.86 -16.43 24.03
C14 TA1 G . 10.72 -15.53 28.18
O06 TA1 G . 10.12 -14.29 28.62
C15 TA1 G . 8.81 -14.77 28.27
C16 TA1 G . 7.83 -14.76 29.50
C17 TA1 G . 7.26 -16.13 29.84
O07 TA1 G . 6.41 -16.02 31.01
C18 TA1 G . 8.38 -17.26 30.02
C19 TA1 G . 9.51 -16.72 30.94
C20 TA1 G . 7.78 -18.51 30.86
O08 TA1 G . 8.24 -18.75 31.96
C21 TA1 G . 6.66 -19.40 30.31
O09 TA1 G . 6.37 -20.45 31.32
C22 TA1 G . 5.16 -20.46 32.00
O10 TA1 G . 4.29 -19.66 31.84
C23 TA1 G . 5.12 -21.60 32.98
C24 TA1 G . 7.07 -20.02 28.96
C25 TA1 G . 6.36 -19.68 27.82
C26 TA1 G . 6.94 -20.21 26.48
O11 TA1 G . 6.40 -19.55 25.28
C27 TA1 G . 5.37 -20.11 24.67
O12 TA1 G . 4.80 -21.11 24.99
C28 TA1 G . 4.96 -19.28 23.42
O13 TA1 G . 3.89 -19.94 22.79
C29 TA1 G . 6.21 -19.16 22.51
N01 TA1 G . 6.72 -20.51 22.29
C30 TA1 G . 8.02 -20.77 22.01
O14 TA1 G . 8.87 -19.90 21.90
C31 TA1 G . 8.33 -22.22 21.88
C32 TA1 G . 7.74 -23.06 20.93
C33 TA1 G . 8.06 -24.44 20.86
C34 TA1 G . 9.01 -24.97 21.79
C35 TA1 G . 9.59 -24.15 22.73
C36 TA1 G . 9.27 -22.80 22.80
C37 TA1 G . 5.88 -18.38 21.20
C38 TA1 G . 6.09 -17.00 21.19
C39 TA1 G . 5.79 -16.24 20.04
C40 TA1 G . 5.29 -16.87 18.89
C41 TA1 G . 5.09 -18.24 18.89
C42 TA1 G . 5.38 -19.01 20.06
C43 TA1 G . 8.51 -20.03 26.42
C44 TA1 G . 5.15 -18.76 27.74
C45 TA1 G . 8.35 -20.97 28.88
C46 TA1 G . 7.90 -22.43 28.42
C47 TA1 G . 9.15 -21.27 30.18
N SER A 41 23.99 24.02 -15.31
CA SER A 41 23.58 23.34 -16.49
C SER A 41 22.24 23.90 -16.80
N GLU A 42 21.60 23.32 -17.82
CA GLU A 42 20.30 23.70 -18.29
C GLU A 42 19.31 22.84 -17.57
N LYS A 43 18.02 23.25 -17.60
CA LYS A 43 16.91 22.55 -17.00
C LYS A 43 16.38 21.60 -18.03
N VAL A 44 15.65 20.54 -17.60
CA VAL A 44 15.05 19.59 -18.51
C VAL A 44 14.08 20.38 -19.36
N LYS A 45 14.28 20.40 -20.70
CA LYS A 45 13.42 21.30 -21.44
C LYS A 45 12.30 20.49 -22.07
N VAL A 46 11.08 20.85 -21.75
CA VAL A 46 9.93 20.13 -22.25
C VAL A 46 9.24 20.87 -23.39
N TYR A 47 9.03 20.15 -24.47
CA TYR A 47 8.39 20.69 -25.65
C TYR A 47 7.10 19.94 -25.89
N LEU A 48 6.03 20.66 -26.13
CA LEU A 48 4.74 20.03 -26.36
C LEU A 48 4.48 19.98 -27.85
N ARG A 49 4.03 18.84 -28.32
CA ARG A 49 3.74 18.67 -29.72
C ARG A 49 2.27 18.38 -29.91
N ILE A 50 1.64 19.18 -30.74
CA ILE A 50 0.25 19.01 -31.06
C ILE A 50 0.14 18.38 -32.43
N ARG A 51 -0.46 17.21 -32.48
CA ARG A 51 -0.64 16.48 -33.71
C ARG A 51 -1.34 17.35 -34.75
N PRO A 52 -0.83 17.35 -36.00
CA PRO A 52 -1.43 18.12 -37.09
C PRO A 52 -2.87 17.66 -37.29
N PHE A 53 -3.77 18.62 -37.43
CA PHE A 53 -5.22 18.36 -37.57
C PHE A 53 -5.54 17.23 -38.54
N LEU A 54 -5.83 16.05 -37.98
CA LEU A 54 -6.14 14.87 -38.76
C LEU A 54 -7.65 14.73 -38.93
N THR A 55 -8.04 14.11 -40.04
CA THR A 55 -9.45 13.90 -40.33
C THR A 55 -10.06 12.96 -39.31
N SER A 56 -9.30 11.93 -38.96
CA SER A 56 -9.75 10.94 -38.00
C SER A 56 -10.06 11.55 -36.64
N GLU A 57 -9.34 12.60 -36.30
CA GLU A 57 -9.54 13.29 -35.02
C GLU A 57 -10.86 14.06 -35.02
N LEU A 58 -11.05 14.91 -36.02
CA LEU A 58 -12.25 15.71 -36.14
C LEU A 58 -13.48 14.84 -36.42
N ASP A 59 -13.26 13.70 -37.06
CA ASP A 59 -14.34 12.78 -37.37
C ASP A 59 -14.75 11.99 -36.13
N ARG A 60 -13.78 11.77 -35.25
CA ARG A 60 -14.03 11.06 -34.00
C ARG A 60 -15.06 11.79 -33.17
N GLN A 61 -14.80 13.06 -32.92
CA GLN A 61 -15.71 13.91 -32.16
C GLN A 61 -15.37 15.36 -32.42
N GLU A 62 -16.06 16.26 -31.74
CA GLU A 62 -15.82 17.68 -31.91
C GLU A 62 -14.48 18.10 -31.34
N ASP A 63 -13.48 18.16 -32.20
CA ASP A 63 -12.13 18.57 -31.81
C ASP A 63 -12.16 20.03 -31.39
N GLN A 64 -12.80 20.84 -32.24
CA GLN A 64 -12.92 22.29 -32.03
C GLN A 64 -11.65 22.93 -31.50
N GLY A 65 -11.79 23.80 -30.52
CA GLY A 65 -10.64 24.47 -29.94
C GLY A 65 -10.29 23.96 -28.56
N CYS A 66 -10.32 22.65 -28.36
CA CYS A 66 -10.00 22.05 -27.06
C CYS A 66 -8.65 22.57 -26.59
N VAL A 67 -7.61 22.35 -27.37
CA VAL A 67 -6.30 22.84 -27.05
C VAL A 67 -6.10 24.15 -27.81
N CYS A 68 -5.78 25.21 -27.11
CA CYS A 68 -5.59 26.50 -27.74
C CYS A 68 -4.13 26.87 -27.80
N ILE A 69 -3.76 27.65 -28.80
CA ILE A 69 -2.38 28.06 -29.00
C ILE A 69 -2.25 29.57 -28.79
N GLU A 70 -1.74 29.92 -27.62
CA GLU A 70 -1.52 31.31 -27.24
C GLU A 70 -0.02 31.48 -27.00
N ASN A 71 0.70 31.74 -28.09
CA ASN A 71 2.16 31.88 -28.06
C ASN A 71 2.81 30.49 -28.05
N THR A 72 4.11 30.45 -28.27
CA THR A 72 4.83 29.19 -28.29
C THR A 72 5.20 28.69 -26.89
N GLU A 73 5.31 29.62 -25.95
CA GLU A 73 5.69 29.29 -24.58
C GLU A 73 4.54 28.66 -23.78
N THR A 74 3.37 29.27 -23.82
CA THR A 74 2.24 28.77 -23.05
C THR A 74 1.06 28.36 -23.95
N LEU A 75 0.21 27.52 -23.41
CA LEU A 75 -0.96 27.04 -24.11
C LEU A 75 -2.19 27.19 -23.21
N VAL A 76 -3.29 27.58 -23.80
CA VAL A 76 -4.53 27.74 -23.06
C VAL A 76 -5.40 26.51 -23.28
N LEU A 77 -5.97 25.97 -22.21
CA LEU A 77 -6.81 24.80 -22.32
C LEU A 77 -8.27 25.12 -22.13
N GLN A 78 -9.04 24.78 -23.14
CA GLN A 78 -10.48 24.96 -23.15
C GLN A 78 -11.03 23.63 -23.64
N ALA A 79 -11.04 22.67 -22.73
CA ALA A 79 -11.45 21.33 -23.08
C ALA A 79 -12.91 21.07 -22.81
N PRO A 80 -13.65 20.86 -23.89
CA PRO A 80 -15.07 20.55 -23.85
C PRO A 80 -15.25 19.07 -23.55
N GLN A 95 -16.68 22.45 -19.66
CA GLN A 95 -15.50 23.29 -19.80
C GLN A 95 -14.45 23.00 -18.73
N ALA A 96 -13.21 22.94 -19.16
CA ALA A 96 -12.09 22.69 -18.27
C ALA A 96 -11.04 23.75 -18.56
N THR A 97 -10.60 24.44 -17.53
CA THR A 97 -9.62 25.50 -17.70
C THR A 97 -8.28 25.11 -17.10
N HIS A 98 -7.23 25.32 -17.88
CA HIS A 98 -5.88 25.01 -17.46
C HIS A 98 -4.88 25.75 -18.34
N LYS A 99 -3.72 26.06 -17.79
CA LYS A 99 -2.67 26.75 -18.54
C LYS A 99 -1.44 25.87 -18.60
N PHE A 100 -1.00 25.55 -19.81
CA PHE A 100 0.16 24.68 -19.98
C PHE A 100 1.40 25.48 -20.34
N THR A 101 2.39 25.44 -19.47
CA THR A 101 3.65 26.15 -19.69
C THR A 101 4.75 25.17 -20.08
N PHE A 102 5.33 25.38 -21.26
CA PHE A 102 6.40 24.52 -21.75
C PHE A 102 7.54 25.36 -22.29
N SER A 103 8.63 24.73 -22.69
CA SER A 103 9.77 25.44 -23.24
C SER A 103 9.41 26.00 -24.61
N GLN A 104 8.85 25.14 -25.46
CA GLN A 104 8.43 25.51 -26.80
C GLN A 104 7.36 24.54 -27.29
N ILE A 105 6.24 25.06 -27.78
CA ILE A 105 5.17 24.23 -28.30
C ILE A 105 5.21 24.21 -29.82
N PHE A 106 4.99 23.03 -30.40
CA PHE A 106 5.00 22.88 -31.85
C PHE A 106 3.74 22.19 -32.34
N GLY A 107 3.21 22.64 -33.47
CA GLY A 107 2.00 22.08 -34.00
C GLY A 107 0.80 22.87 -33.56
N PRO A 108 -0.39 22.60 -34.12
CA PRO A 108 -0.58 21.58 -35.16
C PRO A 108 -0.10 22.06 -36.53
N GLU A 109 0.15 23.35 -36.67
CA GLU A 109 0.63 23.91 -37.92
C GLU A 109 2.06 23.46 -38.19
N VAL A 110 2.91 23.59 -37.17
CA VAL A 110 4.31 23.20 -37.28
C VAL A 110 4.46 21.69 -37.49
N GLY A 111 5.11 21.32 -38.58
CA GLY A 111 5.32 19.92 -38.89
C GLY A 111 6.49 19.34 -38.12
N GLN A 112 6.93 18.16 -38.53
CA GLN A 112 8.04 17.49 -37.86
C GLN A 112 9.37 18.14 -38.23
N VAL A 113 9.56 18.39 -39.53
CA VAL A 113 10.79 18.99 -40.02
C VAL A 113 11.13 20.28 -39.28
N ALA A 114 10.14 21.16 -39.13
CA ALA A 114 10.32 22.42 -38.43
C ALA A 114 10.65 22.19 -36.95
N PHE A 115 10.08 21.13 -36.39
CA PHE A 115 10.30 20.79 -34.99
C PHE A 115 11.72 20.27 -34.81
N PHE A 116 12.14 19.43 -35.76
CA PHE A 116 13.46 18.84 -35.74
C PHE A 116 14.52 19.93 -35.95
N ASN A 117 14.30 20.79 -36.95
CA ASN A 117 15.23 21.87 -37.29
C ASN A 117 15.54 22.77 -36.11
N LEU A 118 14.59 22.88 -35.20
CA LEU A 118 14.76 23.73 -34.02
C LEU A 118 15.79 23.15 -33.04
N THR A 119 15.37 22.16 -32.25
CA THR A 119 16.24 21.57 -31.26
C THR A 119 17.11 20.43 -31.78
N MET A 120 16.49 19.44 -32.40
CA MET A 120 17.21 18.25 -32.89
C MET A 120 18.37 18.57 -33.83
N LYS A 121 18.16 19.52 -34.75
CA LYS A 121 19.21 19.90 -35.70
C LYS A 121 20.48 20.30 -34.95
N GLU A 122 20.30 21.08 -33.89
CA GLU A 122 21.42 21.53 -33.07
C GLU A 122 21.93 20.38 -32.20
N MET A 123 20.99 19.55 -31.74
CA MET A 123 21.31 18.41 -30.88
C MET A 123 22.32 17.49 -31.56
N VAL A 124 22.05 17.15 -32.81
CA VAL A 124 22.93 16.27 -33.58
C VAL A 124 24.35 16.83 -33.61
N LYS A 125 24.47 18.12 -33.90
CA LYS A 125 25.75 18.80 -33.97
C LYS A 125 26.48 18.72 -32.62
N ASP A 126 25.71 18.87 -31.54
CA ASP A 126 26.27 18.83 -30.20
C ASP A 126 26.79 17.43 -29.87
N VAL A 127 26.00 16.41 -30.23
CA VAL A 127 26.40 15.03 -29.98
C VAL A 127 27.65 14.67 -30.77
N LEU A 128 27.70 15.09 -32.03
CA LEU A 128 28.85 14.82 -32.88
C LEU A 128 30.12 15.40 -32.27
N LYS A 129 29.95 16.47 -31.50
CA LYS A 129 31.07 17.13 -30.82
C LYS A 129 31.60 16.28 -29.68
N GLY A 130 30.79 15.32 -29.23
CA GLY A 130 31.19 14.48 -28.12
C GLY A 130 30.32 14.67 -26.90
N GLN A 131 29.23 15.42 -27.04
CA GLN A 131 28.32 15.66 -25.93
C GLN A 131 27.29 14.54 -25.82
N ASN A 132 26.72 14.36 -24.63
CA ASN A 132 25.71 13.34 -24.40
C ASN A 132 24.33 13.98 -24.47
N TRP A 133 23.45 13.40 -25.27
CA TRP A 133 22.11 13.95 -25.40
C TRP A 133 21.05 12.85 -25.37
N LEU A 134 19.97 13.12 -24.65
CA LEU A 134 18.87 12.16 -24.53
C LEU A 134 17.57 12.80 -24.99
N ILE A 135 16.84 12.10 -25.84
CA ILE A 135 15.57 12.60 -26.33
C ILE A 135 14.44 11.74 -25.78
N TYR A 136 13.44 12.39 -25.22
CA TYR A 136 12.31 11.72 -24.63
C TYR A 136 11.08 11.92 -25.50
N THR A 137 10.42 10.82 -25.84
CA THR A 137 9.22 10.86 -26.66
C THR A 137 8.08 10.12 -25.95
N TYR A 138 7.03 10.87 -25.60
CA TYR A 138 5.89 10.29 -24.92
C TYR A 138 4.61 10.58 -25.67
N GLY A 139 3.66 9.66 -25.55
CA GLY A 139 2.38 9.79 -26.19
C GLY A 139 1.55 8.55 -25.94
N VAL A 140 0.24 8.69 -25.89
CA VAL A 140 -0.62 7.54 -25.68
C VAL A 140 -1.15 7.04 -27.02
N THR A 141 -2.30 6.40 -27.03
CA THR A 141 -2.88 5.88 -28.27
C THR A 141 -3.38 6.96 -29.24
N ASN A 142 -2.94 6.85 -30.51
CA ASN A 142 -3.36 7.77 -31.59
C ASN A 142 -2.85 9.19 -31.41
N SER A 143 -1.95 9.40 -30.48
CA SER A 143 -1.40 10.73 -30.26
C SER A 143 -0.57 11.18 -31.46
N GLY A 144 -0.09 10.23 -32.24
CA GLY A 144 0.69 10.54 -33.42
C GLY A 144 2.17 10.48 -33.15
N LYS A 145 2.56 9.61 -32.22
CA LYS A 145 3.96 9.44 -31.85
C LYS A 145 4.78 8.95 -33.02
N THR A 146 4.24 7.98 -33.75
CA THR A 146 4.93 7.40 -34.90
C THR A 146 5.31 8.46 -35.95
N TYR A 147 4.42 9.40 -36.19
CA TYR A 147 4.67 10.47 -37.17
C TYR A 147 5.72 11.45 -36.67
N THR A 148 5.72 11.71 -35.37
CA THR A 148 6.66 12.64 -34.78
C THR A 148 8.07 12.05 -34.65
N ILE A 149 8.17 10.83 -34.14
CA ILE A 149 9.49 10.21 -33.96
C ILE A 149 10.04 9.56 -35.24
N GLN A 150 9.27 8.65 -35.82
CA GLN A 150 9.70 7.95 -37.01
C GLN A 150 9.42 8.77 -38.26
N GLY A 151 8.23 9.35 -38.32
CA GLY A 151 7.85 10.14 -39.45
C GLY A 151 7.17 9.29 -40.50
N THR A 152 6.86 9.88 -41.64
CA THR A 152 6.21 9.17 -42.71
C THR A 152 7.24 8.80 -43.78
N SER A 153 6.76 8.27 -44.89
CA SER A 153 7.62 7.90 -45.99
C SER A 153 8.21 9.14 -46.67
N LYS A 154 7.33 10.08 -46.99
CA LYS A 154 7.73 11.33 -47.63
C LYS A 154 8.41 12.27 -46.62
N ASP A 155 7.72 12.54 -45.52
CA ASP A 155 8.25 13.43 -44.49
C ASP A 155 8.95 12.63 -43.41
N ALA A 156 10.27 12.64 -43.46
CA ALA A 156 11.08 11.92 -42.49
C ALA A 156 10.97 12.56 -41.11
N GLY A 157 10.84 11.73 -40.09
CA GLY A 157 10.72 12.22 -38.73
C GLY A 157 12.07 12.60 -38.14
N ILE A 158 12.10 12.78 -36.82
CA ILE A 158 13.32 13.14 -36.13
C ILE A 158 14.43 12.11 -36.33
N LEU A 159 14.07 10.84 -36.22
CA LEU A 159 15.05 9.76 -36.36
C LEU A 159 15.76 9.78 -37.74
N PRO A 160 15.03 9.62 -38.86
CA PRO A 160 15.64 9.61 -40.19
C PRO A 160 16.36 10.91 -40.53
N GLN A 161 15.80 12.03 -40.09
CA GLN A 161 16.39 13.34 -40.36
C GLN A 161 17.69 13.51 -39.56
N SER A 162 17.70 12.96 -38.34
CA SER A 162 18.88 13.03 -37.48
C SER A 162 20.01 12.23 -38.12
N LEU A 163 19.66 11.07 -38.66
CA LEU A 163 20.63 10.19 -39.32
C LEU A 163 21.31 10.94 -40.46
N ALA A 164 20.54 11.73 -41.19
CA ALA A 164 21.06 12.50 -42.31
C ALA A 164 22.11 13.49 -41.83
N LEU A 165 21.88 14.10 -40.67
CA LEU A 165 22.83 15.06 -40.11
C LEU A 165 24.05 14.33 -39.55
N ILE A 166 23.80 13.16 -38.96
CA ILE A 166 24.88 12.34 -38.40
C ILE A 166 25.91 12.03 -39.49
N PHE A 167 25.42 11.52 -40.61
CA PHE A 167 26.28 11.16 -41.73
C PHE A 167 26.83 12.39 -42.43
N ASN A 168 26.22 13.55 -42.19
CA ASN A 168 26.65 14.79 -42.81
C ASN A 168 27.97 15.28 -42.23
N SER A 169 28.21 14.94 -40.97
CA SER A 169 29.45 15.33 -40.29
C SER A 169 30.62 14.55 -40.87
N LEU A 170 30.31 13.48 -41.58
CA LEU A 170 31.30 12.63 -42.17
C LEU A 170 31.88 13.19 -43.46
N ILE A 276 39.88 7.34 -40.91
CA ILE A 276 40.16 8.12 -39.70
C ILE A 276 39.15 7.72 -38.65
N ARG A 277 39.44 8.00 -37.39
CA ARG A 277 38.58 7.62 -36.27
C ARG A 277 37.16 8.17 -36.32
N PHE A 278 36.29 7.43 -36.99
CA PHE A 278 34.88 7.76 -37.04
C PHE A 278 34.07 6.48 -37.02
N SER A 279 33.73 6.02 -35.84
CA SER A 279 32.96 4.80 -35.68
C SER A 279 31.59 5.09 -35.08
N VAL A 280 30.55 4.65 -35.77
CA VAL A 280 29.20 4.89 -35.30
C VAL A 280 28.60 3.59 -34.75
N TRP A 281 28.40 3.54 -33.45
CA TRP A 281 27.82 2.36 -32.81
C TRP A 281 26.39 2.66 -32.41
N ILE A 282 25.47 1.88 -32.94
CA ILE A 282 24.07 2.05 -32.63
C ILE A 282 23.51 0.80 -31.99
N SER A 283 22.89 0.96 -30.84
CA SER A 283 22.30 -0.14 -30.11
C SER A 283 20.82 0.13 -29.91
N PHE A 284 20.03 -0.93 -29.85
CA PHE A 284 18.59 -0.81 -29.67
C PHE A 284 18.09 -1.91 -28.75
N PHE A 285 17.52 -1.53 -27.62
CA PHE A 285 17.00 -2.50 -26.68
C PHE A 285 15.68 -2.02 -26.06
N GLU A 286 14.83 -2.97 -25.71
CA GLU A 286 13.53 -2.68 -25.14
C GLU A 286 13.44 -3.30 -23.74
N ILE A 287 12.61 -2.70 -22.88
CA ILE A 287 12.46 -3.21 -21.52
C ILE A 287 11.08 -3.82 -21.31
N TYR A 288 11.06 -5.02 -20.75
CA TYR A 288 9.82 -5.72 -20.46
C TYR A 288 9.93 -6.43 -19.13
N ASN A 289 9.07 -6.05 -18.19
CA ASN A 289 9.04 -6.65 -16.85
C ASN A 289 10.37 -6.49 -16.12
N GLU A 290 10.90 -5.26 -16.15
CA GLU A 290 12.18 -4.92 -15.50
C GLU A 290 13.37 -5.66 -16.10
N LEU A 291 13.16 -6.30 -17.25
CA LEU A 291 14.23 -7.02 -17.91
C LEU A 291 14.41 -6.47 -19.32
N LEU A 292 15.64 -6.17 -19.68
CA LEU A 292 15.94 -5.62 -20.98
C LEU A 292 16.32 -6.72 -21.97
N TYR A 293 15.98 -6.50 -23.22
CA TYR A 293 16.31 -7.44 -24.29
C TYR A 293 16.92 -6.66 -25.44
N ASP A 294 18.06 -7.14 -25.92
CA ASP A 294 18.77 -6.48 -27.01
C ASP A 294 18.09 -6.75 -28.36
N LEU A 295 17.57 -5.70 -28.97
CA LEU A 295 16.91 -5.80 -30.27
C LEU A 295 17.87 -5.60 -31.45
N LEU A 296 19.17 -5.55 -31.18
CA LEU A 296 20.16 -5.35 -32.23
C LEU A 296 20.37 -6.61 -33.07
N GLU A 297 19.73 -6.68 -34.26
CA GLU A 297 19.64 -7.81 -35.17
C GLU A 297 19.81 -9.13 -34.45
N PRO A 298 18.90 -9.64 -33.62
CA PRO A 298 19.12 -10.96 -33.12
C PRO A 298 18.25 -11.88 -33.93
N PRO A 299 18.60 -13.12 -34.06
CA PRO A 299 17.66 -14.07 -34.59
C PRO A 299 17.05 -14.59 -33.34
N SER A 300 15.84 -15.18 -33.39
CA SER A 300 15.39 -15.84 -32.20
C SER A 300 15.90 -17.32 -32.41
N HIS A 301 16.10 -18.08 -31.29
CA HIS A 301 16.31 -19.36 -30.68
C HIS A 301 15.06 -20.16 -31.03
N THR A 307 20.33 -12.46 -19.87
CA THR A 307 19.86 -11.54 -18.88
C THR A 307 20.85 -10.43 -18.85
N LEU A 308 20.39 -9.18 -19.17
CA LEU A 308 21.22 -8.00 -19.20
C LEU A 308 21.33 -7.45 -17.81
N ARG A 309 22.50 -6.88 -17.49
CA ARG A 309 22.72 -6.30 -16.20
C ARG A 309 23.40 -4.99 -16.38
N LEU A 310 23.12 -4.05 -15.46
CA LEU A 310 23.71 -2.74 -15.52
C LEU A 310 24.90 -2.75 -14.61
N CYS A 311 26.14 -2.69 -15.16
CA CYS A 311 27.14 -2.59 -14.14
C CYS A 311 27.62 -1.18 -14.12
N GLU A 312 28.18 -0.76 -12.97
CA GLU A 312 28.61 0.59 -12.80
C GLU A 312 30.11 0.65 -12.94
N ASP A 313 30.60 1.64 -13.72
CA ASP A 313 32.00 1.88 -14.03
C ASP A 313 32.65 2.70 -12.92
N GLN A 314 33.97 2.89 -12.99
CA GLN A 314 34.68 3.67 -12.00
C GLN A 314 34.22 5.12 -12.09
N ASN A 315 33.62 5.46 -13.22
CA ASN A 315 33.11 6.81 -13.46
C ASN A 315 31.91 7.10 -12.57
N GLY A 316 31.21 6.05 -12.18
CA GLY A 316 30.04 6.19 -11.34
C GLY A 316 28.78 5.82 -12.08
N ASN A 317 28.76 6.10 -13.37
CA ASN A 317 27.61 5.80 -14.21
C ASN A 317 27.58 4.33 -14.63
N PRO A 318 26.37 3.74 -14.75
CA PRO A 318 26.19 2.35 -15.15
C PRO A 318 26.14 2.19 -16.66
N TYR A 319 26.49 1.00 -17.12
CA TYR A 319 26.48 0.67 -18.54
C TYR A 319 25.70 -0.62 -18.74
N VAL A 320 25.08 -0.78 -19.89
CA VAL A 320 24.33 -2.00 -20.18
C VAL A 320 25.27 -3.08 -20.65
N LYS A 321 25.31 -4.18 -19.92
CA LYS A 321 26.19 -5.29 -20.26
C LYS A 321 25.48 -6.26 -21.19
N ASP A 322 26.29 -6.98 -21.99
CA ASP A 322 25.79 -7.98 -22.94
C ASP A 322 25.06 -7.35 -24.13
N LEU A 323 25.26 -6.05 -24.34
CA LEU A 323 24.64 -5.35 -25.46
C LEU A 323 25.36 -5.71 -26.75
N ASN A 324 24.68 -5.61 -27.88
CA ASN A 324 25.29 -5.91 -29.15
C ASN A 324 26.05 -4.70 -29.70
N TRP A 325 27.05 -4.95 -30.52
CA TRP A 325 27.85 -3.87 -31.09
C TRP A 325 27.86 -3.95 -32.61
N ILE A 326 27.12 -3.06 -33.26
CA ILE A 326 27.08 -3.03 -34.71
C ILE A 326 27.52 -1.68 -35.25
N HIS A 327 28.36 -1.70 -36.28
CA HIS A 327 28.84 -0.47 -36.89
C HIS A 327 27.86 -0.01 -37.97
N VAL A 328 27.59 1.28 -38.00
CA VAL A 328 26.68 1.85 -38.97
C VAL A 328 27.43 2.74 -39.96
N ARG A 329 27.71 2.19 -41.13
CA ARG A 329 28.43 2.90 -42.18
C ARG A 329 27.50 3.80 -42.99
N ASP A 330 26.28 3.34 -43.22
CA ASP A 330 25.33 4.10 -44.02
C ASP A 330 24.06 4.43 -43.24
N VAL A 331 23.36 5.47 -43.69
CA VAL A 331 22.14 5.92 -43.06
C VAL A 331 21.07 4.83 -43.14
N GLU A 332 21.01 4.16 -44.28
CA GLU A 332 20.04 3.09 -44.48
C GLU A 332 20.27 1.94 -43.51
N GLU A 333 21.52 1.74 -43.10
CA GLU A 333 21.87 0.68 -42.17
C GLU A 333 21.25 0.95 -40.81
N ALA A 334 21.30 2.21 -40.39
CA ALA A 334 20.74 2.61 -39.12
C ALA A 334 19.23 2.44 -39.16
N TRP A 335 18.64 2.81 -40.30
CA TRP A 335 17.20 2.70 -40.50
C TRP A 335 16.76 1.23 -40.44
N LYS A 336 17.55 0.38 -41.09
CA LYS A 336 17.25 -1.06 -41.11
C LYS A 336 17.36 -1.65 -39.72
N LEU A 337 18.28 -1.11 -38.92
CA LEU A 337 18.49 -1.58 -37.55
C LEU A 337 17.19 -1.46 -36.75
N LEU A 338 16.57 -0.27 -36.82
CA LEU A 338 15.38 0.00 -36.06
C LEU A 338 14.28 -0.85 -36.61
N LYS A 339 14.23 -1.05 -37.93
CA LYS A 339 13.15 -1.81 -38.47
C LYS A 339 13.15 -3.19 -37.91
N VAL A 340 14.32 -3.84 -37.86
CA VAL A 340 14.36 -5.19 -37.36
C VAL A 340 13.97 -5.22 -35.90
N GLY A 341 14.53 -4.26 -35.13
CA GLY A 341 14.31 -4.23 -33.72
C GLY A 341 12.86 -4.05 -33.44
N ARG A 342 12.18 -3.20 -34.23
CA ARG A 342 10.78 -2.93 -34.01
C ARG A 342 9.99 -4.17 -34.28
N LYS A 343 10.47 -5.03 -35.19
CA LYS A 343 9.71 -6.23 -35.42
C LYS A 343 9.69 -7.09 -34.19
N ASN A 344 10.84 -7.22 -33.47
CA ASN A 344 10.81 -8.15 -32.35
C ASN A 344 10.36 -7.44 -31.10
N GLN A 345 9.53 -6.39 -31.22
CA GLN A 345 9.11 -5.62 -30.07
C GLN A 345 8.16 -6.43 -29.27
N SER A 346 8.19 -6.27 -27.93
CA SER A 346 7.23 -6.91 -27.10
C SER A 346 5.96 -6.12 -27.23
N SER A 357 -0.28 -1.34 -25.80
CA SER A 357 0.77 -0.36 -25.93
C SER A 357 1.66 -0.60 -24.76
N ARG A 358 2.88 -1.12 -24.97
CA ARG A 358 3.77 -1.20 -23.85
C ARG A 358 5.12 -1.45 -24.37
N SER A 359 6.07 -1.36 -23.42
CA SER A 359 7.46 -1.64 -23.49
C SER A 359 8.25 -0.64 -24.26
N HIS A 360 8.89 0.21 -23.46
CA HIS A 360 9.91 1.25 -23.63
C HIS A 360 11.16 0.75 -24.33
N SER A 361 11.40 1.26 -25.53
CA SER A 361 12.56 0.89 -26.29
C SER A 361 13.50 2.08 -26.43
N ILE A 362 14.80 1.84 -26.26
CA ILE A 362 15.78 2.90 -26.35
C ILE A 362 16.75 2.64 -27.50
N PHE A 363 16.96 3.68 -28.31
CA PHE A 363 17.85 3.61 -29.46
C PHE A 363 19.04 4.52 -29.17
N SER A 364 20.24 3.95 -29.10
CA SER A 364 21.42 4.73 -28.77
C SER A 364 22.41 4.79 -29.93
N ILE A 365 22.71 6.01 -30.37
CA ILE A 365 23.65 6.25 -31.44
C ILE A 365 24.90 6.90 -30.85
N ARG A 366 26.03 6.17 -30.90
CA ARG A 366 27.25 6.66 -30.32
C ARG A 366 28.15 7.11 -31.42
N ILE A 367 28.68 8.35 -31.29
CA ILE A 367 29.60 8.82 -32.27
C ILE A 367 30.94 8.82 -31.63
N LEU A 368 31.81 7.93 -32.16
CA LEU A 368 33.09 7.75 -31.57
C LEU A 368 34.06 8.29 -32.57
N HIS A 369 34.62 9.49 -32.29
CA HIS A 369 35.51 10.04 -33.29
C HIS A 369 36.88 10.09 -32.69
N LEU A 370 37.90 9.62 -33.44
CA LEU A 370 39.22 9.57 -32.89
C LEU A 370 40.17 10.13 -33.90
N GLN A 371 41.35 10.55 -33.44
CA GLN A 371 42.42 11.03 -34.31
C GLN A 371 43.16 9.84 -34.91
N LYS A 379 36.71 9.56 -28.27
CA LYS A 379 35.75 10.58 -27.91
C LYS A 379 34.41 9.89 -27.84
N ILE A 380 33.73 10.00 -26.66
CA ILE A 380 32.49 9.28 -26.50
C ILE A 380 31.32 10.20 -26.41
N SER A 381 30.32 9.99 -27.30
CA SER A 381 29.11 10.75 -27.21
C SER A 381 27.97 9.80 -27.41
N GLU A 382 26.84 10.00 -26.70
CA GLU A 382 25.74 9.09 -26.89
C GLU A 382 24.47 9.86 -27.10
N LEU A 383 23.77 9.55 -28.21
CA LEU A 383 22.50 10.13 -28.56
C LEU A 383 21.47 9.02 -28.45
N SER A 384 20.64 9.08 -27.43
CA SER A 384 19.66 8.02 -27.22
C SER A 384 18.22 8.50 -27.33
N LEU A 385 17.44 7.73 -28.06
CA LEU A 385 16.02 8.00 -28.26
C LEU A 385 15.24 7.11 -27.31
N CYS A 386 14.16 7.62 -26.73
CA CYS A 386 13.37 6.84 -25.81
C CYS A 386 11.89 6.83 -26.16
N ASP A 387 11.38 5.65 -26.48
CA ASP A 387 9.98 5.48 -26.81
C ASP A 387 9.26 5.06 -25.55
N LEU A 388 8.59 6.00 -24.90
CA LEU A 388 7.90 5.71 -23.66
C LEU A 388 6.44 5.35 -23.88
N ALA A 389 6.01 4.30 -23.21
CA ALA A 389 4.64 3.85 -23.28
C ALA A 389 3.72 4.86 -22.61
N GLY A 390 2.52 5.04 -23.17
CA GLY A 390 1.55 5.85 -22.49
C GLY A 390 0.76 4.94 -21.59
N SER A 391 -0.02 5.62 -20.72
CA SER A 391 -0.21 4.95 -19.45
C SER A 391 -1.44 4.13 -19.35
N GLU A 392 -1.43 3.10 -18.43
CA GLU A 392 -2.70 2.41 -18.46
C GLU A 392 -2.89 1.51 -17.28
N ARG A 393 -4.18 1.16 -17.01
CA ARG A 393 -4.61 0.27 -15.98
C ARG A 393 -6.06 -0.02 -16.26
N CYS A 394 -6.37 -1.25 -16.77
CA CYS A 394 -7.73 -1.58 -17.15
C CYS A 394 -7.88 -3.09 -17.19
N LYS A 395 -9.13 -3.63 -17.37
CA LYS A 395 -9.25 -5.05 -17.47
C LYS A 395 -10.07 -5.41 -18.67
N ARG A 402 -1.18 -10.13 -17.60
CA ARG A 402 0.24 -10.09 -17.36
C ARG A 402 0.43 -9.46 -16.00
N LEU A 403 1.14 -10.17 -15.09
CA LEU A 403 1.24 -9.77 -13.70
C LEU A 403 1.84 -8.40 -13.55
N LYS A 404 0.99 -7.48 -13.05
CA LYS A 404 1.10 -6.08 -12.69
C LYS A 404 1.78 -5.30 -13.78
N GLU A 405 1.53 -5.66 -15.05
CA GLU A 405 2.16 -5.03 -16.20
C GLU A 405 1.94 -3.51 -16.26
N ALA A 406 0.67 -3.10 -16.20
CA ALA A 406 0.34 -1.69 -16.25
C ALA A 406 0.88 -0.95 -15.02
N GLY A 407 0.69 -1.55 -13.85
CA GLY A 407 1.16 -0.94 -12.62
C GLY A 407 2.67 -0.83 -12.57
N ASN A 408 3.35 -1.83 -13.10
CA ASN A 408 4.81 -1.86 -13.12
C ASN A 408 5.35 -0.74 -14.00
N ILE A 409 4.86 -0.69 -15.24
CA ILE A 409 5.31 0.35 -16.18
C ILE A 409 4.89 1.73 -15.70
N ASN A 410 3.74 1.79 -15.02
CA ASN A 410 3.22 3.05 -14.48
C ASN A 410 4.18 3.56 -13.41
N THR A 411 4.77 2.63 -12.65
CA THR A 411 5.71 2.97 -11.61
C THR A 411 6.98 3.56 -12.22
N SER A 412 7.48 2.93 -13.28
CA SER A 412 8.68 3.39 -13.96
C SER A 412 8.46 4.77 -14.58
N LEU A 413 7.21 5.06 -14.91
CA LEU A 413 6.84 6.34 -15.49
C LEU A 413 6.87 7.42 -14.41
N HIS A 414 6.37 7.08 -13.22
CA HIS A 414 6.33 8.00 -12.11
C HIS A 414 7.72 8.24 -11.51
N THR A 415 8.54 7.20 -11.47
CA THR A 415 9.89 7.32 -10.92
C THR A 415 10.71 8.27 -11.78
N LEU A 416 10.55 8.13 -13.10
CA LEU A 416 11.24 8.99 -14.04
C LEU A 416 10.82 10.44 -13.83
N GLY A 417 9.52 10.63 -13.61
CA GLY A 417 8.99 11.97 -13.38
C GLY A 417 9.54 12.58 -12.10
N ARG A 418 9.59 11.77 -11.05
CA ARG A 418 10.10 12.22 -9.77
C ARG A 418 11.55 12.66 -9.90
N CYS A 419 12.28 11.97 -10.77
CA CYS A 419 13.68 12.29 -11.01
C CYS A 419 13.80 13.66 -11.67
N ILE A 420 12.91 13.94 -12.62
CA ILE A 420 12.91 15.22 -13.31
C ILE A 420 12.50 16.33 -12.34
N ALA A 421 11.50 16.05 -11.52
CA ALA A 421 11.01 17.00 -10.53
C ALA A 421 12.12 17.37 -9.54
N ALA A 422 12.85 16.35 -9.09
CA ALA A 422 13.94 16.55 -8.14
C ALA A 422 14.97 17.51 -8.72
N LEU A 423 15.29 17.33 -9.98
CA LEU A 423 16.26 18.16 -10.67
C LEU A 423 15.68 19.56 -10.93
N ARG A 424 14.39 19.62 -11.26
CA ARG A 424 13.72 20.90 -11.52
C ARG A 424 13.86 21.84 -10.33
N GLN A 425 13.54 21.35 -9.14
CA GLN A 425 13.64 22.15 -7.93
C GLN A 425 15.08 22.33 -7.49
N ASN A 426 15.94 21.39 -7.89
CA ASN A 426 17.36 21.47 -7.55
C ASN A 426 17.97 22.70 -8.20
N GLN A 427 17.68 22.87 -9.49
CA GLN A 427 18.18 24.02 -10.24
C GLN A 427 17.38 25.28 -9.91
N GLN A 428 16.22 25.09 -9.29
CA GLN A 428 15.37 26.22 -8.89
C GLN A 428 16.04 27.00 -7.77
N ASN A 429 16.50 26.21 -6.77
CA ASN A 429 17.08 26.69 -5.55
C ASN A 429 18.57 26.48 -5.63
N ARG A 430 19.32 27.10 -4.69
CA ARG A 430 20.76 27.10 -4.65
C ARG A 430 21.30 25.70 -4.56
N SER A 431 20.64 24.82 -3.78
CA SER A 431 21.08 23.45 -3.69
C SER A 431 19.98 22.69 -3.04
N LYS A 432 19.97 21.36 -3.25
CA LYS A 432 18.99 20.49 -2.65
C LYS A 432 19.68 19.16 -2.47
N GLN A 433 19.04 18.27 -1.67
CA GLN A 433 19.50 16.96 -1.31
C GLN A 433 19.47 16.10 -2.55
N ASN A 434 18.50 16.33 -3.44
CA ASN A 434 18.37 15.72 -4.74
C ASN A 434 18.50 14.22 -4.69
N LEU A 435 17.64 13.53 -3.91
CA LEU A 435 17.73 12.11 -3.95
C LEU A 435 17.00 11.66 -5.17
N ILE A 436 17.79 11.27 -6.18
CA ILE A 436 17.31 10.84 -7.48
C ILE A 436 17.03 9.34 -7.48
N PRO A 437 15.85 9.02 -7.92
CA PRO A 437 15.30 7.67 -7.94
C PRO A 437 15.88 6.78 -9.01
N PHE A 438 17.16 6.96 -9.38
CA PHE A 438 17.73 6.17 -10.44
C PHE A 438 17.65 4.70 -10.12
N ARG A 439 17.95 4.34 -8.86
CA ARG A 439 18.00 2.98 -8.40
C ARG A 439 16.63 2.37 -8.47
N ASP A 440 15.57 3.20 -8.45
CA ASP A 440 14.21 2.72 -8.40
C ASP A 440 13.89 1.82 -9.57
N SER A 441 14.19 2.22 -10.82
CA SER A 441 13.80 1.36 -11.91
C SER A 441 15.02 1.07 -12.73
N LYS A 442 14.96 -0.01 -13.52
CA LYS A 442 16.12 -0.39 -14.34
C LYS A 442 16.41 0.68 -15.40
N LEU A 443 15.35 1.26 -15.94
CA LEU A 443 15.48 2.30 -16.97
C LEU A 443 16.19 3.54 -16.45
N THR A 444 15.86 3.94 -15.23
CA THR A 444 16.47 5.12 -14.62
C THR A 444 17.98 4.94 -14.46
N ARG A 445 18.44 3.68 -14.21
CA ARG A 445 19.86 3.45 -14.09
C ARG A 445 20.55 3.65 -15.44
N VAL A 446 19.95 3.23 -16.58
CA VAL A 446 20.54 3.44 -17.90
C VAL A 446 20.58 4.94 -18.16
N PHE A 447 19.48 5.58 -17.78
CA PHE A 447 19.31 7.01 -17.93
C PHE A 447 20.29 7.77 -17.03
N GLN A 448 20.68 7.14 -15.92
CA GLN A 448 21.59 7.74 -14.96
C GLN A 448 22.92 8.13 -15.60
N GLY A 449 23.40 7.32 -16.52
CA GLY A 449 24.65 7.62 -17.20
C GLY A 449 24.63 9.02 -17.78
N PHE A 450 23.58 9.31 -18.52
CA PHE A 450 23.40 10.61 -19.12
C PHE A 450 22.96 11.66 -18.09
N PHE A 451 21.89 11.35 -17.36
CA PHE A 451 21.31 12.26 -16.37
C PHE A 451 22.25 12.66 -15.25
N THR A 452 23.14 11.77 -14.83
CA THR A 452 24.08 12.12 -13.78
C THR A 452 25.25 12.90 -14.38
N GLY A 453 25.55 12.60 -15.64
CA GLY A 453 26.62 13.26 -16.34
C GLY A 453 26.21 14.57 -16.98
N ARG A 454 27.14 15.20 -17.68
CA ARG A 454 26.86 16.44 -18.38
C ARG A 454 26.13 16.14 -19.69
N GLY A 455 24.96 16.71 -19.86
CA GLY A 455 24.20 16.49 -21.07
C GLY A 455 22.85 17.18 -21.04
N ARG A 456 22.40 17.64 -22.19
CA ARG A 456 21.12 18.31 -22.29
C ARG A 456 20.01 17.31 -22.54
N SER A 457 18.87 17.52 -21.89
CA SER A 457 17.74 16.62 -22.05
C SER A 457 16.59 17.30 -22.80
N CYS A 458 15.93 16.53 -23.66
CA CYS A 458 14.80 17.05 -24.43
C CYS A 458 13.55 16.22 -24.15
N MET A 459 12.56 16.84 -23.50
CA MET A 459 11.33 16.15 -23.18
C MET A 459 10.25 16.51 -24.20
N ILE A 460 9.91 15.57 -25.06
CA ILE A 460 8.91 15.80 -26.09
C ILE A 460 7.65 14.98 -25.83
N VAL A 461 6.55 15.67 -25.58
CA VAL A 461 5.28 15.03 -25.35
C VAL A 461 4.32 15.40 -26.46
N ASN A 462 3.85 14.39 -27.18
CA ASN A 462 2.92 14.61 -28.29
C ASN A 462 1.52 14.21 -27.87
N VAL A 463 0.56 15.10 -28.07
CA VAL A 463 -0.82 14.84 -27.70
C VAL A 463 -1.79 15.25 -28.82
N ASN A 464 -3.05 14.88 -28.66
CA ASN A 464 -4.07 15.24 -29.64
C ASN A 464 -4.81 16.50 -29.20
N PRO A 465 -5.23 17.33 -30.15
CA PRO A 465 -5.96 18.57 -29.85
C PRO A 465 -7.44 18.31 -29.59
N CYS A 466 -7.82 17.04 -29.65
CA CYS A 466 -9.22 16.64 -29.46
C CYS A 466 -9.72 16.85 -28.03
N ALA A 467 -11.03 17.01 -27.91
CA ALA A 467 -11.68 17.23 -26.63
C ALA A 467 -11.84 15.94 -25.84
N SER A 468 -12.20 14.86 -26.53
CA SER A 468 -12.40 13.56 -25.90
C SER A 468 -11.09 13.01 -25.33
N THR A 469 -10.00 13.40 -25.96
CA THR A 469 -8.69 12.93 -25.55
C THR A 469 -8.14 13.76 -24.37
N TYR A 470 -8.99 14.60 -23.78
CA TYR A 470 -8.61 15.43 -22.64
C TYR A 470 -7.99 14.60 -21.52
N ASP A 471 -8.61 13.46 -21.21
CA ASP A 471 -8.10 12.58 -20.16
C ASP A 471 -6.72 12.05 -20.53
N GLU A 472 -6.53 11.78 -21.82
CA GLU A 472 -5.27 11.28 -22.33
C GLU A 472 -4.21 12.37 -22.24
N THR A 473 -4.54 13.53 -22.80
CA THR A 473 -3.64 14.68 -22.82
C THR A 473 -3.31 15.15 -21.41
N LEU A 474 -4.30 15.11 -20.52
CA LEU A 474 -4.11 15.53 -19.14
C LEU A 474 -3.00 14.72 -18.47
N HIS A 475 -3.06 13.41 -18.60
CA HIS A 475 -2.06 12.54 -18.01
C HIS A 475 -0.71 12.73 -18.66
N ALA A 476 -0.72 13.06 -19.94
CA ALA A 476 0.50 13.29 -20.68
C ALA A 476 1.16 14.59 -20.21
N ALA A 477 0.34 15.58 -19.93
CA ALA A 477 0.81 16.88 -19.46
C ALA A 477 1.30 16.78 -18.02
N LYS A 478 0.63 15.95 -17.23
CA LYS A 478 0.99 15.75 -15.83
C LYS A 478 2.36 15.07 -15.70
N PHE A 479 2.78 14.41 -16.76
CA PHE A 479 4.08 13.74 -16.77
C PHE A 479 5.18 14.79 -16.84
N SER A 480 4.98 15.77 -17.72
CA SER A 480 5.92 16.86 -17.88
C SER A 480 5.94 17.76 -16.65
N ALA A 481 4.74 18.08 -16.08
CA ALA A 481 4.59 18.83 -14.86
C ALA A 481 4.55 20.30 -15.09
N LEU A 482 3.93 21.04 -14.14
CA LEU A 482 3.88 22.47 -14.22
C LEU A 482 5.09 22.97 -13.49
N ALA A 483 5.53 24.20 -13.82
CA ALA A 483 6.73 24.76 -13.26
C ALA A 483 6.52 25.21 -11.85
N ARG B 2 -39.68 0.08 -0.67
CA ARG B 2 -39.86 -0.40 0.70
C ARG B 2 -38.61 -1.10 1.22
N GLU B 3 -38.29 -2.24 0.63
CA GLU B 3 -37.14 -3.04 1.03
C GLU B 3 -35.83 -2.31 0.72
N CYS B 4 -34.81 -2.60 1.51
CA CYS B 4 -33.50 -1.98 1.32
C CYS B 4 -32.39 -3.01 1.49
N ILE B 5 -31.72 -3.34 0.40
CA ILE B 5 -30.65 -4.33 0.44
C ILE B 5 -29.35 -3.67 0.91
N SER B 6 -28.80 -4.19 1.99
CA SER B 6 -27.58 -3.64 2.55
C SER B 6 -26.33 -4.28 1.94
N ILE B 7 -25.32 -3.47 1.72
CA ILE B 7 -24.06 -3.93 1.15
C ILE B 7 -22.91 -3.62 2.10
N HIS B 8 -22.67 -4.55 3.00
CA HIS B 8 -21.60 -4.40 3.98
C HIS B 8 -20.29 -4.82 3.33
N VAL B 9 -19.31 -3.93 3.33
CA VAL B 9 -18.03 -4.24 2.70
C VAL B 9 -16.84 -3.85 3.59
N GLY B 10 -15.83 -4.72 3.63
CA GLY B 10 -14.64 -4.46 4.41
C GLY B 10 -14.67 -5.20 5.73
N GLN B 11 -13.50 -5.38 6.33
CA GLN B 11 -13.39 -6.08 7.61
C GLN B 11 -14.31 -5.44 8.64
N ALA B 12 -14.15 -4.14 8.83
CA ALA B 12 -14.97 -3.40 9.79
C ALA B 12 -16.42 -3.41 9.35
N GLY B 13 -16.65 -3.42 8.03
CA GLY B 13 -18.00 -3.45 7.50
C GLY B 13 -18.71 -4.73 7.86
N VAL B 14 -18.00 -5.84 7.75
CA VAL B 14 -18.56 -7.15 8.08
C VAL B 14 -18.76 -7.24 9.59
N GLN B 15 -17.78 -6.73 10.34
CA GLN B 15 -17.84 -6.75 11.79
C GLN B 15 -19.04 -5.95 12.30
N ILE B 16 -19.22 -4.76 11.75
CA ILE B 16 -20.34 -3.90 12.13
C ILE B 16 -21.66 -4.51 11.67
N GLY B 17 -21.64 -5.13 10.49
CA GLY B 17 -22.83 -5.76 9.95
C GLY B 17 -23.25 -6.94 10.79
N ASN B 18 -22.27 -7.68 11.30
CA ASN B 18 -22.53 -8.84 12.13
C ASN B 18 -23.29 -8.44 13.39
N ALA B 19 -22.87 -7.33 13.99
CA ALA B 19 -23.51 -6.83 15.20
C ALA B 19 -24.85 -6.19 14.86
N CYS B 20 -24.90 -5.50 13.72
CA CYS B 20 -26.11 -4.84 13.26
C CYS B 20 -27.20 -5.87 12.97
N TRP B 21 -26.85 -6.89 12.18
CA TRP B 21 -27.82 -7.91 11.84
C TRP B 21 -28.24 -8.75 13.04
N GLU B 22 -27.36 -8.84 14.03
CA GLU B 22 -27.67 -9.59 15.25
C GLU B 22 -28.84 -8.93 15.97
N LEU B 23 -28.76 -7.62 16.12
CA LEU B 23 -29.81 -6.86 16.79
C LEU B 23 -31.09 -6.89 15.96
N TYR B 24 -30.93 -6.83 14.64
CA TYR B 24 -32.06 -6.84 13.72
C TYR B 24 -32.96 -8.06 13.95
N CYS B 25 -32.38 -9.25 13.84
CA CYS B 25 -33.15 -10.47 14.03
C CYS B 25 -33.59 -10.65 15.48
N LEU B 26 -32.73 -10.24 16.41
CA LEU B 26 -33.02 -10.34 17.83
C LEU B 26 -34.23 -9.51 18.22
N GLU B 27 -34.30 -8.27 17.74
CA GLU B 27 -35.41 -7.38 18.05
C GLU B 27 -36.69 -7.78 17.31
N HIS B 28 -36.54 -8.67 16.34
CA HIS B 28 -37.68 -9.15 15.57
C HIS B 28 -38.17 -10.47 16.13
N GLY B 29 -37.48 -10.95 17.17
CA GLY B 29 -37.84 -12.21 17.81
C GLY B 29 -37.56 -13.41 16.93
N ILE B 30 -36.59 -13.28 16.04
CA ILE B 30 -36.23 -14.37 15.15
C ILE B 30 -34.94 -15.03 15.59
N GLN B 31 -34.96 -16.36 15.64
CA GLN B 31 -33.79 -17.13 16.05
C GLN B 31 -32.75 -17.15 14.94
N PRO B 32 -31.48 -17.45 15.27
CA PRO B 32 -30.39 -17.53 14.28
C PRO B 32 -30.76 -18.47 13.14
N ASP B 33 -31.49 -19.53 13.47
CA ASP B 33 -31.94 -20.49 12.47
C ASP B 33 -33.37 -20.14 12.08
N GLY B 34 -33.52 -19.02 11.38
CA GLY B 34 -34.83 -18.57 10.96
C GLY B 34 -35.14 -18.98 9.54
N HIS B 61 -35.24 -15.58 9.24
CA HIS B 61 -35.72 -15.59 7.86
C HIS B 61 -34.59 -15.23 6.91
N VAL B 62 -34.94 -14.93 5.66
CA VAL B 62 -33.95 -14.58 4.64
C VAL B 62 -33.45 -13.14 4.86
N PRO B 63 -32.14 -12.98 5.10
CA PRO B 63 -31.53 -11.67 5.33
C PRO B 63 -31.44 -10.85 4.05
N ARG B 64 -31.89 -9.60 4.13
CA ARG B 64 -31.86 -8.71 2.98
C ARG B 64 -30.58 -7.88 2.97
N ALA B 65 -29.44 -8.57 3.00
CA ALA B 65 -28.13 -7.90 3.01
C ALA B 65 -27.05 -8.83 2.49
N VAL B 66 -25.94 -8.25 2.07
CA VAL B 66 -24.81 -9.01 1.55
C VAL B 66 -23.51 -8.55 2.20
N PHE B 67 -22.52 -9.43 2.26
CA PHE B 67 -21.23 -9.12 2.86
C PHE B 67 -20.10 -9.43 1.89
N VAL B 68 -19.27 -8.44 1.61
CA VAL B 68 -18.15 -8.60 0.70
C VAL B 68 -16.85 -8.06 1.30
N ASP B 69 -15.76 -8.78 1.11
CA ASP B 69 -14.46 -8.39 1.63
C ASP B 69 -13.36 -9.06 0.81
N LEU B 70 -12.10 -8.75 1.12
CA LEU B 70 -10.98 -9.33 0.40
C LEU B 70 -10.19 -10.31 1.27
N GLU B 71 -10.61 -10.48 2.51
CA GLU B 71 -9.96 -11.41 3.42
C GLU B 71 -10.91 -12.56 3.73
N PRO B 72 -10.55 -13.79 3.33
CA PRO B 72 -11.36 -14.97 3.57
C PRO B 72 -11.65 -15.18 5.06
N THR B 73 -10.67 -14.86 5.89
CA THR B 73 -10.79 -15.02 7.34
C THR B 73 -11.93 -14.18 7.92
N VAL B 74 -12.14 -13.00 7.36
CA VAL B 74 -13.20 -12.11 7.84
C VAL B 74 -14.58 -12.72 7.59
N ILE B 75 -14.80 -13.20 6.39
CA ILE B 75 -16.07 -13.79 6.02
C ILE B 75 -16.23 -15.16 6.68
N ASP B 76 -15.12 -15.87 6.84
CA ASP B 76 -15.12 -17.19 7.47
C ASP B 76 -15.56 -17.11 8.93
N GLU B 77 -15.28 -15.98 9.57
CA GLU B 77 -15.66 -15.78 10.95
C GLU B 77 -17.17 -15.82 11.10
N VAL B 78 -17.86 -15.25 10.11
CA VAL B 78 -19.32 -15.23 10.11
C VAL B 78 -19.86 -16.61 9.77
N ARG B 79 -19.11 -17.35 8.97
CA ARG B 79 -19.51 -18.69 8.55
C ARG B 79 -19.23 -19.71 9.65
N THR B 80 -18.74 -19.24 10.80
CA THR B 80 -18.44 -20.12 11.91
C THR B 80 -18.78 -19.47 13.26
N GLY B 81 -19.35 -18.27 13.21
CA GLY B 81 -19.69 -17.57 14.42
C GLY B 81 -21.16 -17.63 14.76
N THR B 82 -21.69 -16.52 15.25
CA THR B 82 -23.09 -16.45 15.62
C THR B 82 -23.95 -16.22 14.38
N TYR B 83 -25.15 -16.82 14.36
CA TYR B 83 -26.08 -16.69 13.24
C TYR B 83 -25.45 -17.26 11.98
N ARG B 84 -24.67 -18.33 12.16
CA ARG B 84 -23.97 -19.00 11.08
C ARG B 84 -24.89 -19.42 9.94
N GLN B 85 -26.03 -19.99 10.29
CA GLN B 85 -26.98 -20.45 9.27
C GLN B 85 -28.06 -19.43 8.97
N LEU B 86 -27.87 -18.20 9.45
CA LEU B 86 -28.85 -17.15 9.20
C LEU B 86 -28.62 -16.54 7.83
N PHE B 87 -27.37 -16.56 7.39
CA PHE B 87 -27.00 -16.01 6.09
C PHE B 87 -26.75 -17.11 5.09
N HIS B 88 -26.67 -16.74 3.81
CA HIS B 88 -26.42 -17.68 2.75
C HIS B 88 -25.04 -17.45 2.15
N PRO B 89 -24.38 -18.50 1.63
CA PRO B 89 -23.04 -18.38 1.04
C PRO B 89 -23.04 -17.53 -0.23
N GLU B 90 -24.22 -17.34 -0.81
CA GLU B 90 -24.38 -16.56 -2.02
C GLU B 90 -24.24 -15.06 -1.74
N GLN B 91 -24.55 -14.68 -0.50
CA GLN B 91 -24.45 -13.29 -0.09
C GLN B 91 -23.19 -13.05 0.72
N LEU B 92 -22.23 -13.95 0.56
CA LEU B 92 -20.96 -13.87 1.27
C LEU B 92 -19.81 -14.16 0.31
N ILE B 93 -19.30 -13.11 -0.32
CA ILE B 93 -18.20 -13.26 -1.27
C ILE B 93 -16.85 -13.35 -0.55
N THR B 94 -16.05 -14.33 -0.95
CA THR B 94 -14.75 -14.53 -0.34
C THR B 94 -13.63 -14.34 -1.36
N GLY B 95 -12.87 -13.27 -1.21
CA GLY B 95 -11.76 -12.99 -2.11
C GLY B 95 -10.48 -13.61 -1.60
N LYS B 96 -10.31 -14.91 -1.84
CA LYS B 96 -9.14 -15.63 -1.38
C LYS B 96 -7.88 -15.34 -2.21
N GLU B 97 -7.53 -14.07 -2.32
CA GLU B 97 -6.35 -13.68 -3.08
C GLU B 97 -5.51 -12.68 -2.31
N ASP B 98 -6.08 -11.53 -2.03
CA ASP B 98 -5.38 -10.47 -1.29
C ASP B 98 -6.37 -9.45 -0.78
N ALA B 99 -6.01 -8.76 0.30
CA ALA B 99 -6.88 -7.77 0.90
C ALA B 99 -6.22 -6.39 0.88
N ALA B 100 -5.08 -6.29 1.58
CA ALA B 100 -4.31 -5.06 1.68
C ALA B 100 -5.10 -3.94 2.36
N ASN B 101 -4.54 -2.74 2.37
CA ASN B 101 -5.18 -1.59 3.00
C ASN B 101 -5.00 -0.34 2.15
N ASN B 102 -5.00 -0.53 0.84
CA ASN B 102 -4.85 0.58 -0.09
C ASN B 102 -5.97 0.61 -1.12
N TYR B 103 -6.53 1.80 -1.30
CA TYR B 103 -7.64 2.02 -2.23
C TYR B 103 -7.36 1.47 -3.63
N ALA B 104 -6.19 1.80 -4.17
CA ALA B 104 -5.79 1.37 -5.51
C ALA B 104 -5.91 -0.14 -5.71
N ARG B 105 -5.34 -0.91 -4.80
CA ARG B 105 -5.37 -2.36 -4.90
C ARG B 105 -6.78 -2.90 -4.80
N GLY B 106 -7.55 -2.38 -3.86
CA GLY B 106 -8.90 -2.83 -3.67
C GLY B 106 -9.89 -2.15 -4.61
N HIS B 107 -9.40 -1.65 -5.73
CA HIS B 107 -10.26 -0.98 -6.70
C HIS B 107 -9.88 -1.36 -8.14
N TYR B 108 -8.62 -1.14 -8.50
CA TYR B 108 -8.18 -1.42 -9.85
C TYR B 108 -7.56 -2.80 -10.05
N THR B 109 -6.57 -3.14 -9.24
CA THR B 109 -5.89 -4.43 -9.36
C THR B 109 -6.80 -5.61 -9.10
N ILE B 110 -7.10 -5.86 -7.83
CA ILE B 110 -7.95 -6.99 -7.44
C ILE B 110 -9.39 -6.58 -7.21
N GLY B 111 -9.63 -5.28 -7.13
CA GLY B 111 -10.97 -4.78 -6.89
C GLY B 111 -11.91 -5.13 -8.03
N LYS B 112 -11.45 -4.92 -9.26
CA LYS B 112 -12.25 -5.19 -10.44
C LYS B 112 -12.30 -6.67 -10.81
N GLU B 113 -11.99 -7.53 -9.85
CA GLU B 113 -12.00 -8.96 -10.10
C GLU B 113 -13.35 -9.59 -9.74
N ILE B 114 -13.80 -9.37 -8.51
CA ILE B 114 -15.06 -9.95 -8.04
C ILE B 114 -16.25 -8.98 -8.18
N ILE B 115 -15.98 -7.75 -8.61
CA ILE B 115 -17.04 -6.75 -8.77
C ILE B 115 -18.19 -7.25 -9.66
N ASP B 116 -17.84 -7.97 -10.73
CA ASP B 116 -18.84 -8.52 -11.65
C ASP B 116 -19.82 -9.43 -10.93
N LEU B 117 -19.27 -10.36 -10.15
CA LEU B 117 -20.08 -11.31 -9.41
C LEU B 117 -20.89 -10.60 -8.32
N VAL B 118 -20.26 -9.65 -7.65
CA VAL B 118 -20.92 -8.90 -6.59
C VAL B 118 -22.12 -8.14 -7.12
N LEU B 119 -21.95 -7.47 -8.26
CA LEU B 119 -23.02 -6.70 -8.88
C LEU B 119 -24.17 -7.63 -9.26
N ASP B 120 -23.82 -8.82 -9.70
CA ASP B 120 -24.81 -9.81 -10.10
C ASP B 120 -25.64 -10.26 -8.91
N ARG B 121 -24.98 -10.51 -7.79
CA ARG B 121 -25.65 -10.95 -6.57
C ARG B 121 -26.68 -9.94 -6.10
N ILE B 122 -26.30 -8.68 -5.98
CA ILE B 122 -27.21 -7.64 -5.52
C ILE B 122 -28.34 -7.40 -6.51
N ARG B 123 -28.04 -7.46 -7.80
CA ARG B 123 -29.05 -7.27 -8.84
C ARG B 123 -30.06 -8.41 -8.80
N LYS B 124 -29.58 -9.61 -8.51
CA LYS B 124 -30.44 -10.79 -8.41
C LYS B 124 -31.43 -10.62 -7.26
N LEU B 125 -30.91 -10.15 -6.12
CA LEU B 125 -31.74 -9.94 -4.95
C LEU B 125 -32.74 -8.80 -5.18
N ALA B 126 -32.30 -7.78 -5.92
CA ALA B 126 -33.14 -6.64 -6.24
C ALA B 126 -34.32 -7.06 -7.11
N ASP B 127 -34.11 -8.11 -7.89
CA ASP B 127 -35.16 -8.63 -8.76
C ASP B 127 -36.18 -9.43 -7.94
N GLN B 128 -35.71 -10.03 -6.85
CA GLN B 128 -36.56 -10.83 -5.98
C GLN B 128 -37.43 -9.96 -5.06
N CYS B 129 -36.88 -8.83 -4.62
CA CYS B 129 -37.60 -7.94 -3.72
C CYS B 129 -38.84 -7.33 -4.39
N THR B 130 -39.72 -6.76 -3.59
CA THR B 130 -40.93 -6.14 -4.08
C THR B 130 -40.87 -4.63 -3.97
N GLY B 131 -40.27 -4.00 -4.96
CA GLY B 131 -40.15 -2.56 -4.98
C GLY B 131 -39.21 -2.04 -3.92
N LEU B 132 -37.92 -2.30 -4.09
CA LEU B 132 -36.92 -1.83 -3.15
C LEU B 132 -36.73 -0.32 -3.28
N GLN B 133 -36.48 0.34 -2.17
CA GLN B 133 -36.30 1.78 -2.18
C GLN B 133 -34.85 2.13 -2.57
N GLY B 134 -33.92 1.27 -2.19
CA GLY B 134 -32.53 1.51 -2.50
C GLY B 134 -31.62 0.50 -1.83
N PHE B 135 -30.37 0.90 -1.64
CA PHE B 135 -29.38 0.03 -1.02
C PHE B 135 -28.79 0.70 0.21
N SER B 136 -28.46 -0.09 1.22
CA SER B 136 -27.86 0.42 2.44
C SER B 136 -26.39 0.04 2.50
N VAL B 137 -25.53 0.99 2.14
CA VAL B 137 -24.09 0.73 2.13
C VAL B 137 -23.50 0.79 3.54
N PHE B 138 -22.60 -0.14 3.84
CA PHE B 138 -21.93 -0.19 5.13
C PHE B 138 -20.44 -0.45 4.93
N HIS B 139 -19.62 0.53 5.30
CA HIS B 139 -18.19 0.41 5.15
C HIS B 139 -17.46 1.46 5.98
N SER B 140 -16.16 1.56 5.77
CA SER B 140 -15.34 2.52 6.49
C SER B 140 -14.55 3.33 5.46
N PHE B 141 -14.23 4.57 5.78
CA PHE B 141 -13.47 5.42 4.87
C PHE B 141 -12.01 4.99 4.80
N GLY B 142 -11.58 4.25 5.81
CA GLY B 142 -10.22 3.76 5.86
C GLY B 142 -10.15 2.31 5.45
N GLY B 143 -8.95 1.83 5.17
CA GLY B 143 -8.78 0.45 4.75
C GLY B 143 -8.61 0.35 3.24
N GLY B 144 -8.68 -0.86 2.72
CA GLY B 144 -8.53 -1.05 1.29
C GLY B 144 -9.79 -1.57 0.63
N THR B 145 -10.37 -2.60 1.22
CA THR B 145 -11.59 -3.20 0.68
C THR B 145 -12.79 -2.31 0.95
N GLY B 146 -12.80 -1.66 2.12
CA GLY B 146 -13.91 -0.80 2.49
C GLY B 146 -13.87 0.56 1.80
N SER B 147 -12.80 0.82 1.07
CA SER B 147 -12.66 2.09 0.38
C SER B 147 -12.81 1.92 -1.14
N GLY B 148 -11.89 1.16 -1.72
CA GLY B 148 -11.90 0.95 -3.17
C GLY B 148 -13.13 0.22 -3.67
N PHE B 149 -13.46 -0.91 -3.07
CA PHE B 149 -14.61 -1.70 -3.49
C PHE B 149 -15.90 -0.89 -3.45
N THR B 150 -16.12 -0.20 -2.35
CA THR B 150 -17.31 0.61 -2.18
C THR B 150 -17.42 1.67 -3.27
N SER B 151 -16.30 2.30 -3.57
CA SER B 151 -16.24 3.34 -4.58
C SER B 151 -16.76 2.88 -5.94
N LEU B 152 -16.26 1.75 -6.45
CA LEU B 152 -16.70 1.25 -7.74
C LEU B 152 -18.08 0.59 -7.65
N LEU B 153 -18.40 0.05 -6.49
CA LEU B 153 -19.68 -0.61 -6.27
C LEU B 153 -20.82 0.41 -6.38
N MET B 154 -20.69 1.50 -5.66
CA MET B 154 -21.71 2.55 -5.67
C MET B 154 -21.73 3.27 -7.01
N GLU B 155 -20.56 3.33 -7.65
CA GLU B 155 -20.45 3.97 -8.96
C GLU B 155 -21.33 3.23 -9.95
N ARG B 156 -21.21 1.90 -9.95
CA ARG B 156 -22.00 1.06 -10.84
C ARG B 156 -23.46 1.04 -10.44
N LEU B 157 -23.71 0.96 -9.14
CA LEU B 157 -25.08 0.92 -8.63
C LEU B 157 -25.86 2.18 -8.97
N SER B 158 -25.18 3.31 -9.03
CA SER B 158 -25.83 4.57 -9.37
C SER B 158 -26.07 4.70 -10.88
N VAL B 159 -25.40 3.86 -11.65
CA VAL B 159 -25.55 3.89 -13.10
C VAL B 159 -26.72 2.99 -13.50
N ASP B 160 -26.85 1.87 -12.81
CA ASP B 160 -27.93 0.91 -13.09
C ASP B 160 -29.20 1.27 -12.34
N TYR B 161 -29.07 1.54 -11.05
CA TYR B 161 -30.21 1.88 -10.21
C TYR B 161 -30.12 3.33 -9.74
N GLY B 162 -30.06 4.26 -10.68
CA GLY B 162 -29.97 5.67 -10.34
C GLY B 162 -31.24 6.21 -9.73
N LYS B 163 -32.37 5.57 -10.04
CA LYS B 163 -33.67 5.99 -9.52
C LYS B 163 -33.94 5.36 -8.15
N LYS B 164 -32.89 5.08 -7.40
CA LYS B 164 -33.01 4.48 -6.09
C LYS B 164 -32.32 5.34 -5.03
N SER B 165 -32.70 5.14 -3.77
CA SER B 165 -32.11 5.88 -2.66
C SER B 165 -30.76 5.27 -2.26
N LYS B 166 -29.72 6.08 -2.27
CA LYS B 166 -28.37 5.61 -1.92
C LYS B 166 -27.98 6.08 -0.53
N LEU B 167 -28.26 5.25 0.47
CA LEU B 167 -27.93 5.56 1.86
C LEU B 167 -26.74 4.73 2.32
N GLU B 168 -25.67 5.40 2.73
CA GLU B 168 -24.48 4.70 3.19
C GLU B 168 -24.12 5.09 4.62
N PHE B 169 -23.51 4.15 5.32
CA PHE B 169 -23.08 4.36 6.69
C PHE B 169 -21.56 4.23 6.75
N SER B 170 -20.89 5.20 6.16
CA SER B 170 -19.44 5.22 6.10
C SER B 170 -18.80 5.54 7.45
N ILE B 171 -18.16 4.55 8.05
CA ILE B 171 -17.49 4.74 9.33
C ILE B 171 -16.32 5.72 9.13
N TYR B 172 -16.38 6.82 9.83
CA TYR B 172 -15.37 7.86 9.73
C TYR B 172 -14.15 7.53 10.59
N PRO B 173 -12.95 7.68 10.03
CA PRO B 173 -11.71 7.43 10.74
C PRO B 173 -11.53 8.46 11.86
N ALA B 174 -10.96 8.03 12.96
CA ALA B 174 -10.73 8.90 14.11
C ALA B 174 -9.77 10.04 13.77
N PRO B 175 -9.90 11.18 14.47
CA PRO B 175 -9.04 12.35 14.24
C PRO B 175 -7.58 12.08 14.61
N GLN B 176 -7.37 11.42 15.73
CA GLN B 176 -6.03 11.11 16.18
C GLN B 176 -5.76 9.61 16.14
N VAL B 177 -6.71 8.84 16.67
CA VAL B 177 -6.57 7.38 16.70
C VAL B 177 -6.76 6.73 15.33
N SER B 178 -5.72 6.79 14.51
CA SER B 178 -5.77 6.17 13.19
C SER B 178 -5.31 4.72 13.30
N THR B 179 -5.93 3.84 12.53
CA THR B 179 -5.58 2.43 12.56
C THR B 179 -4.60 2.07 11.45
N ALA B 180 -4.51 2.94 10.45
CA ALA B 180 -3.61 2.73 9.34
C ALA B 180 -2.77 3.98 9.08
N VAL B 181 -1.57 3.79 8.57
CA VAL B 181 -0.68 4.91 8.28
C VAL B 181 -1.20 5.66 7.05
N VAL B 182 -1.79 4.90 6.14
CA VAL B 182 -2.35 5.47 4.92
C VAL B 182 -3.85 5.66 5.03
N GLU B 183 -4.33 5.79 6.27
CA GLU B 183 -5.75 5.96 6.54
C GLU B 183 -6.35 7.12 5.74
N PRO B 184 -5.86 8.37 5.90
CA PRO B 184 -6.40 9.52 5.16
C PRO B 184 -6.02 9.49 3.67
N TYR B 185 -5.10 8.60 3.30
CA TYR B 185 -4.67 8.48 1.92
C TYR B 185 -5.72 7.73 1.11
N ASN B 186 -6.53 6.96 1.81
CA ASN B 186 -7.58 6.17 1.16
C ASN B 186 -8.94 6.89 1.25
N SER B 187 -9.20 7.50 2.39
CA SER B 187 -10.47 8.19 2.62
C SER B 187 -10.71 9.30 1.59
N ILE B 188 -9.67 10.07 1.29
CA ILE B 188 -9.77 11.16 0.32
C ILE B 188 -10.26 10.66 -1.03
N LEU B 189 -9.72 9.53 -1.46
CA LEU B 189 -10.10 8.94 -2.74
C LEU B 189 -11.53 8.38 -2.69
N THR B 190 -11.87 7.79 -1.55
CA THR B 190 -13.21 7.22 -1.39
C THR B 190 -14.28 8.30 -1.45
N THR B 191 -14.06 9.40 -0.74
CA THR B 191 -15.02 10.49 -0.70
C THR B 191 -14.95 11.39 -1.93
N HIS B 192 -14.08 11.07 -2.88
CA HIS B 192 -13.95 11.87 -4.09
C HIS B 192 -14.79 11.32 -5.22
N THR B 193 -14.80 10.00 -5.36
CA THR B 193 -15.55 9.36 -6.43
C THR B 193 -16.99 9.02 -6.03
N THR B 194 -17.15 8.42 -4.85
CA THR B 194 -18.47 8.03 -4.37
C THR B 194 -19.33 9.26 -4.01
N LEU B 195 -18.71 10.42 -3.92
CA LEU B 195 -19.41 11.66 -3.59
C LEU B 195 -20.45 12.03 -4.63
N GLU B 196 -20.22 11.59 -5.87
CA GLU B 196 -21.14 11.88 -6.97
C GLU B 196 -22.10 10.72 -7.20
N HIS B 197 -21.84 9.59 -6.55
CA HIS B 197 -22.66 8.41 -6.71
C HIS B 197 -23.31 8.00 -5.38
N SER B 198 -23.57 8.98 -4.55
CA SER B 198 -24.18 8.74 -3.25
C SER B 198 -25.21 9.82 -2.96
N ASP B 199 -26.18 9.50 -2.11
CA ASP B 199 -27.22 10.45 -1.75
C ASP B 199 -26.98 10.99 -0.34
N CYS B 200 -26.82 10.08 0.61
CA CYS B 200 -26.59 10.47 2.00
C CYS B 200 -25.63 9.51 2.68
N ALA B 201 -24.57 10.05 3.26
CA ALA B 201 -23.57 9.25 3.94
C ALA B 201 -23.54 9.53 5.43
N PHE B 202 -24.15 8.65 6.21
CA PHE B 202 -24.19 8.79 7.66
C PHE B 202 -22.81 8.47 8.23
N MET B 203 -22.12 9.49 8.72
CA MET B 203 -20.79 9.30 9.26
C MET B 203 -20.76 9.21 10.77
N VAL B 204 -20.02 8.23 11.27
CA VAL B 204 -19.84 8.02 12.69
C VAL B 204 -18.36 7.95 12.99
N ASP B 205 -17.91 8.68 14.01
CA ASP B 205 -16.49 8.70 14.36
C ASP B 205 -16.16 7.58 15.34
N ASN B 206 -15.20 6.75 14.98
CA ASN B 206 -14.78 5.62 15.81
C ASN B 206 -14.21 6.09 17.16
N GLU B 207 -13.49 7.20 17.15
CA GLU B 207 -12.89 7.73 18.37
C GLU B 207 -13.97 8.25 19.29
N ALA B 208 -15.01 8.82 18.70
CA ALA B 208 -16.12 9.36 19.46
C ALA B 208 -16.89 8.26 20.18
N ILE B 209 -16.86 7.06 19.61
CA ILE B 209 -17.53 5.92 20.22
C ILE B 209 -16.87 5.63 21.56
N TYR B 210 -15.54 5.74 21.59
CA TYR B 210 -14.78 5.51 22.80
C TYR B 210 -15.13 6.59 23.83
N ASP B 211 -15.31 7.81 23.34
CA ASP B 211 -15.64 8.95 24.19
C ASP B 211 -16.95 8.70 24.91
N ILE B 212 -17.99 8.36 24.15
CA ILE B 212 -19.30 8.09 24.73
C ILE B 212 -19.23 6.93 25.72
N CYS B 213 -18.47 5.90 25.35
CA CYS B 213 -18.32 4.73 26.21
C CYS B 213 -17.57 5.06 27.50
N ARG B 214 -16.71 6.06 27.46
CA ARG B 214 -15.93 6.44 28.63
C ARG B 214 -16.65 7.49 29.47
N ARG B 215 -17.25 8.47 28.80
CA ARG B 215 -17.94 9.56 29.47
C ARG B 215 -19.31 9.16 30.03
N ASN B 216 -20.11 8.49 29.20
CA ASN B 216 -21.46 8.10 29.63
C ASN B 216 -21.52 6.68 30.16
N LEU B 217 -21.05 5.72 29.36
CA LEU B 217 -21.07 4.32 29.77
C LEU B 217 -20.05 4.05 30.87
N ASP B 218 -19.01 4.88 30.92
CA ASP B 218 -17.94 4.76 31.91
C ASP B 218 -17.26 3.39 31.85
N ILE B 219 -16.92 2.96 30.63
CA ILE B 219 -16.26 1.69 30.44
C ILE B 219 -14.93 1.90 29.72
N GLU B 220 -13.87 1.31 30.27
CA GLU B 220 -12.54 1.43 29.70
C GLU B 220 -12.16 0.15 28.96
N ARG B 221 -13.16 -0.64 28.60
CA ARG B 221 -12.95 -1.88 27.89
C ARG B 221 -13.92 -2.00 26.71
N PRO B 222 -13.81 -1.09 25.72
CA PRO B 222 -14.67 -1.09 24.56
C PRO B 222 -14.08 -1.90 23.41
N THR B 223 -14.52 -3.14 23.28
CA THR B 223 -14.05 -4.03 22.23
C THR B 223 -14.69 -3.58 20.91
N TYR B 224 -14.15 -4.06 19.77
CA TYR B 224 -14.69 -3.70 18.47
C TYR B 224 -16.19 -4.00 18.39
N THR B 225 -16.57 -5.15 18.92
CA THR B 225 -17.98 -5.56 18.93
C THR B 225 -18.85 -4.54 19.65
N ASN B 226 -18.34 -3.96 20.73
CA ASN B 226 -19.09 -2.97 21.50
C ASN B 226 -19.31 -1.70 20.67
N LEU B 227 -18.26 -1.31 19.93
CA LEU B 227 -18.33 -0.13 19.08
C LEU B 227 -19.35 -0.34 17.97
N ASN B 228 -19.36 -1.54 17.42
CA ASN B 228 -20.28 -1.89 16.35
C ASN B 228 -21.71 -2.02 16.87
N ARG B 229 -21.86 -2.53 18.08
CA ARG B 229 -23.18 -2.69 18.69
C ARG B 229 -23.87 -1.36 18.87
N LEU B 230 -23.11 -0.33 19.21
CA LEU B 230 -23.66 1.01 19.40
C LEU B 230 -24.20 1.55 18.08
N ILE B 231 -23.47 1.29 17.00
CA ILE B 231 -23.90 1.74 15.67
C ILE B 231 -25.11 0.94 15.21
N GLY B 232 -25.10 -0.35 15.53
CA GLY B 232 -26.21 -1.21 15.16
C GLY B 232 -27.49 -0.74 15.82
N GLN B 233 -27.35 -0.22 17.03
CA GLN B 233 -28.48 0.30 17.79
C GLN B 233 -29.08 1.49 17.03
N ILE B 234 -28.21 2.22 16.36
CA ILE B 234 -28.61 3.37 15.56
C ILE B 234 -29.28 2.90 14.28
N VAL B 235 -28.61 2.00 13.56
CA VAL B 235 -29.13 1.47 12.31
C VAL B 235 -30.53 0.87 12.47
N SER B 236 -30.73 0.15 13.57
CA SER B 236 -32.02 -0.46 13.85
C SER B 236 -33.11 0.60 13.93
N SER B 237 -32.75 1.79 14.39
CA SER B 237 -33.69 2.89 14.53
C SER B 237 -33.79 3.72 13.25
N ILE B 238 -32.85 3.51 12.34
CA ILE B 238 -32.83 4.26 11.08
C ILE B 238 -33.57 3.50 9.98
N THR B 239 -33.39 2.18 9.95
CA THR B 239 -34.03 1.37 8.92
C THR B 239 -35.13 0.47 9.48
N ALA B 240 -34.72 -0.59 10.20
CA ALA B 240 -35.64 -1.57 10.77
C ALA B 240 -36.93 -0.99 11.37
N SER B 241 -36.79 -0.26 12.47
CA SER B 241 -37.94 0.32 13.15
C SER B 241 -38.66 1.38 12.32
N LEU B 242 -37.91 2.19 11.59
CA LEU B 242 -38.50 3.24 10.78
C LEU B 242 -39.34 2.66 9.64
N ARG B 243 -38.97 1.48 9.19
CA ARG B 243 -39.70 0.80 8.12
C ARG B 243 -40.96 0.16 8.66
N PHE B 244 -41.06 0.11 9.99
CA PHE B 244 -42.22 -0.47 10.65
C PHE B 244 -43.28 0.62 10.81
N ASP B 245 -44.53 0.19 10.97
CA ASP B 245 -45.64 1.12 11.11
C ASP B 245 -45.60 1.88 12.43
N GLY B 246 -45.67 3.20 12.34
CA GLY B 246 -45.65 4.04 13.53
C GLY B 246 -46.69 5.14 13.47
N ALA B 247 -46.50 6.18 14.27
CA ALA B 247 -47.43 7.31 14.29
C ALA B 247 -47.12 8.27 13.15
N LEU B 248 -45.84 8.45 12.88
CA LEU B 248 -45.39 9.32 11.80
C LEU B 248 -44.29 8.61 11.03
N ASN B 249 -44.68 7.89 9.99
CA ASN B 249 -43.75 7.13 9.18
C ASN B 249 -42.87 8.03 8.33
N VAL B 250 -41.65 7.59 8.09
CA VAL B 250 -40.68 8.32 7.28
C VAL B 250 -39.97 7.35 6.35
N ASP B 251 -40.15 7.55 5.05
CA ASP B 251 -39.50 6.69 4.06
C ASP B 251 -38.07 7.14 3.81
N LEU B 252 -37.32 6.34 3.07
CA LEU B 252 -35.93 6.65 2.77
C LEU B 252 -35.85 7.85 1.84
N THR B 253 -36.91 8.05 1.06
CA THR B 253 -36.99 9.16 0.14
C THR B 253 -37.08 10.47 0.91
N GLU B 254 -37.84 10.45 2.00
CA GLU B 254 -38.03 11.62 2.85
C GLU B 254 -36.72 12.00 3.52
N PHE B 255 -35.90 10.99 3.78
CA PHE B 255 -34.60 11.19 4.41
C PHE B 255 -33.74 12.17 3.65
N GLN B 256 -33.32 11.77 2.45
CA GLN B 256 -32.46 12.59 1.61
C GLN B 256 -33.12 13.91 1.20
N THR B 257 -34.43 13.89 0.98
CA THR B 257 -35.15 15.08 0.57
C THR B 257 -35.02 16.22 1.59
N ASN B 258 -34.78 15.87 2.85
CA ASN B 258 -34.63 16.87 3.89
C ASN B 258 -33.20 16.95 4.40
N LEU B 259 -32.51 15.81 4.43
CA LEU B 259 -31.13 15.76 4.92
C LEU B 259 -30.13 16.38 3.94
N VAL B 260 -30.33 16.15 2.64
CA VAL B 260 -29.43 16.70 1.64
C VAL B 260 -30.11 17.76 0.77
N PRO B 261 -29.83 19.04 1.07
CA PRO B 261 -30.40 20.17 0.34
C PRO B 261 -29.63 20.49 -0.94
N TYR B 262 -28.58 19.71 -1.19
CA TYR B 262 -27.73 19.91 -2.37
C TYR B 262 -27.47 18.59 -3.08
N PRO B 263 -27.02 18.63 -4.35
CA PRO B 263 -26.74 17.41 -5.15
C PRO B 263 -25.60 16.56 -4.61
N ARG B 264 -24.62 17.20 -3.99
CA ARG B 264 -23.46 16.49 -3.44
C ARG B 264 -23.89 15.61 -2.27
N GLY B 265 -23.31 14.42 -2.18
CA GLY B 265 -23.64 13.52 -1.09
C GLY B 265 -23.21 14.07 0.25
N HIS B 266 -24.16 14.64 0.99
CA HIS B 266 -23.86 15.20 2.30
C HIS B 266 -23.67 14.12 3.35
N PHE B 267 -22.93 14.45 4.39
CA PHE B 267 -22.65 13.49 5.46
C PHE B 267 -23.26 13.92 6.79
N PRO B 268 -24.47 13.43 7.11
CA PRO B 268 -25.13 13.74 8.38
C PRO B 268 -24.53 12.94 9.53
N LEU B 269 -24.83 13.35 10.75
CA LEU B 269 -24.30 12.66 11.93
C LEU B 269 -25.37 11.79 12.57
N ALA B 270 -24.93 10.66 13.12
CA ALA B 270 -25.84 9.74 13.79
C ALA B 270 -25.69 9.87 15.30
N THR B 271 -26.68 10.47 15.94
CA THR B 271 -26.66 10.66 17.37
C THR B 271 -27.82 9.94 18.05
N TYR B 272 -27.54 9.32 19.19
CA TYR B 272 -28.56 8.61 19.94
C TYR B 272 -28.92 9.39 21.20
N ALA B 273 -29.91 8.92 21.94
CA ALA B 273 -30.32 9.59 23.16
C ALA B 273 -30.05 8.74 24.42
N PRO B 274 -30.59 7.51 24.50
CA PRO B 274 -30.37 6.65 25.67
C PRO B 274 -29.01 5.93 25.61
N VAL B 275 -27.98 6.64 26.03
CA VAL B 275 -26.63 6.09 26.05
C VAL B 275 -26.19 5.81 27.49
N ILE B 276 -27.18 5.72 28.37
CA ILE B 276 -26.95 5.43 29.78
C ILE B 276 -26.62 3.96 30.00
N SER B 277 -25.76 3.69 30.99
CA SER B 277 -25.34 2.32 31.30
C SER B 277 -26.42 1.55 32.06
N ALA B 278 -26.34 0.22 32.01
CA ALA B 278 -27.30 -0.63 32.69
C ALA B 278 -26.68 -1.29 33.91
N GLU B 279 -26.18 -0.46 34.83
CA GLU B 279 -25.54 -0.97 36.03
C GLU B 279 -25.16 0.18 36.96
N LYS B 280 -24.33 1.07 36.45
CA LYS B 280 -23.87 2.21 37.23
C LYS B 280 -24.97 3.26 37.36
N ALA B 281 -25.36 3.86 36.25
CA ALA B 281 -26.41 4.86 36.25
C ALA B 281 -27.77 4.20 36.05
N TYR B 282 -28.80 4.75 36.67
CA TYR B 282 -30.15 4.20 36.55
C TYR B 282 -31.22 5.27 36.60
N HIS B 283 -31.38 5.99 35.50
CA HIS B 283 -32.38 7.03 35.39
C HIS B 283 -32.99 7.01 34.00
N GLU B 284 -33.55 5.87 33.63
CA GLU B 284 -34.17 5.68 32.32
C GLU B 284 -35.44 6.51 32.17
N GLN B 285 -36.04 6.89 33.29
CA GLN B 285 -37.25 7.69 33.27
C GLN B 285 -36.96 9.16 32.96
N LEU B 286 -36.51 9.40 31.73
CA LEU B 286 -36.18 10.73 31.27
C LEU B 286 -37.30 11.22 30.34
N SER B 287 -37.67 12.48 30.47
CA SER B 287 -38.73 13.04 29.64
C SER B 287 -38.21 13.32 28.23
N VAL B 288 -39.13 13.57 27.31
CA VAL B 288 -38.78 13.85 25.92
C VAL B 288 -37.85 15.07 25.82
N ALA B 289 -38.08 16.06 26.66
CA ALA B 289 -37.29 17.28 26.68
C ALA B 289 -35.87 17.00 27.16
N GLU B 290 -35.68 15.90 27.87
CA GLU B 290 -34.36 15.53 28.37
C GLU B 290 -33.58 14.73 27.33
N ILE B 291 -34.21 13.68 26.82
CA ILE B 291 -33.57 12.82 25.82
C ILE B 291 -33.19 13.58 24.56
N THR B 292 -34.07 14.48 24.11
CA THR B 292 -33.80 15.27 22.92
C THR B 292 -32.64 16.24 23.18
N ASN B 293 -32.66 16.86 24.35
CA ASN B 293 -31.62 17.82 24.75
C ASN B 293 -30.24 17.15 24.85
N ALA B 294 -30.25 15.83 25.00
CA ALA B 294 -29.02 15.07 25.13
C ALA B 294 -28.39 14.82 23.76
N CYS B 295 -29.14 15.07 22.70
CA CYS B 295 -28.65 14.87 21.34
C CYS B 295 -28.11 16.17 20.76
N PHE B 296 -27.98 17.18 21.62
CA PHE B 296 -27.46 18.49 21.19
C PHE B 296 -26.22 18.85 21.97
N GLU B 297 -25.49 17.85 22.44
CA GLU B 297 -24.27 18.08 23.20
C GLU B 297 -23.10 17.33 22.58
N PRO B 298 -21.89 17.92 22.62
CA PRO B 298 -20.68 17.29 22.06
C PRO B 298 -20.30 16.01 22.80
N ALA B 299 -20.76 15.88 24.03
CA ALA B 299 -20.48 14.70 24.85
C ALA B 299 -21.26 13.50 24.33
N ASN B 300 -22.28 13.77 23.54
CA ASN B 300 -23.11 12.73 22.97
C ASN B 300 -23.52 13.08 21.55
N GLN B 301 -22.61 12.86 20.60
CA GLN B 301 -22.88 13.15 19.20
C GLN B 301 -22.40 12.03 18.30
N MET B 302 -21.61 11.12 18.86
CA MET B 302 -21.07 9.95 18.14
C MET B 302 -20.14 10.36 16.99
N VAL B 303 -19.56 11.55 17.09
CA VAL B 303 -18.65 12.05 16.07
C VAL B 303 -17.69 13.06 16.71
N LYS B 304 -16.55 13.29 16.10
CA LYS B 304 -15.57 14.22 16.63
C LYS B 304 -15.76 15.61 16.03
N CYS B 305 -16.92 15.84 15.44
CA CYS B 305 -17.23 17.13 14.86
C CYS B 305 -17.92 18.00 15.90
N ASP B 306 -17.14 18.50 16.86
CA ASP B 306 -17.64 19.35 17.92
C ASP B 306 -18.36 20.57 17.34
N PRO B 307 -19.43 21.03 18.02
CA PRO B 307 -20.21 22.20 17.59
C PRO B 307 -19.43 23.51 17.75
N ARG B 308 -18.35 23.63 16.99
CA ARG B 308 -17.51 24.81 17.03
C ARG B 308 -18.14 25.95 16.23
N HIS B 309 -18.57 25.63 15.02
CA HIS B 309 -19.21 26.60 14.13
C HIS B 309 -20.11 25.89 13.15
N GLY B 310 -20.66 24.76 13.58
CA GLY B 310 -21.52 23.98 12.71
C GLY B 310 -22.96 24.41 12.77
N LYS B 311 -23.39 25.15 11.76
CA LYS B 311 -24.76 25.61 11.68
C LYS B 311 -25.67 24.48 11.19
N TYR B 312 -26.76 24.25 11.91
CA TYR B 312 -27.68 23.18 11.56
C TYR B 312 -28.50 23.54 10.32
N MET B 313 -28.33 22.77 9.25
CA MET B 313 -29.06 23.01 8.00
C MET B 313 -30.20 22.01 7.86
N ALA B 314 -30.04 20.85 8.50
CA ALA B 314 -31.03 19.81 8.45
C ALA B 314 -30.87 18.90 9.66
N CYS B 315 -31.96 18.66 10.37
CA CYS B 315 -31.92 17.81 11.55
C CYS B 315 -33.15 16.90 11.62
N CYS B 316 -32.92 15.61 11.51
CA CYS B 316 -34.00 14.64 11.58
C CYS B 316 -34.04 14.00 12.96
N LEU B 317 -35.19 14.05 13.60
CA LEU B 317 -35.36 13.48 14.93
C LEU B 317 -36.31 12.28 14.89
N LEU B 318 -35.74 11.09 14.98
CA LEU B 318 -36.54 9.88 14.95
C LEU B 318 -36.78 9.36 16.37
N TYR B 319 -38.02 9.40 16.80
CA TYR B 319 -38.39 8.94 18.14
C TYR B 319 -39.02 7.56 18.07
N ARG B 320 -38.48 6.62 18.83
CA ARG B 320 -39.03 5.26 18.85
C ARG B 320 -39.40 4.87 20.28
N GLY B 321 -40.61 4.35 20.45
CA GLY B 321 -41.06 3.94 21.75
C GLY B 321 -42.25 4.77 22.21
N ASP B 322 -42.35 5.00 23.51
CA ASP B 322 -43.45 5.80 24.06
C ASP B 322 -43.18 7.27 23.80
N VAL B 323 -43.75 7.79 22.73
CA VAL B 323 -43.56 9.19 22.37
C VAL B 323 -44.88 9.90 22.15
N VAL B 324 -45.06 11.01 22.84
CA VAL B 324 -46.26 11.83 22.70
C VAL B 324 -46.00 12.94 21.69
N PRO B 325 -46.83 13.03 20.64
CA PRO B 325 -46.69 14.04 19.58
C PRO B 325 -46.44 15.45 20.10
N LYS B 326 -47.26 15.91 21.04
CA LYS B 326 -47.12 17.25 21.60
C LYS B 326 -45.78 17.44 22.31
N ASP B 327 -45.30 16.39 22.98
CA ASP B 327 -44.03 16.45 23.69
C ASP B 327 -42.89 16.72 22.73
N VAL B 328 -42.96 16.11 21.55
CA VAL B 328 -41.94 16.28 20.53
C VAL B 328 -41.96 17.71 20.02
N ASN B 329 -43.15 18.19 19.69
CA ASN B 329 -43.34 19.54 19.18
C ASN B 329 -42.81 20.56 20.18
N ALA B 330 -43.10 20.33 21.46
CA ALA B 330 -42.65 21.23 22.52
C ALA B 330 -41.14 21.17 22.67
N ALA B 331 -40.59 19.96 22.58
CA ALA B 331 -39.15 19.74 22.71
C ALA B 331 -38.39 20.49 21.63
N ILE B 332 -38.84 20.36 20.39
CA ILE B 332 -38.20 21.02 19.26
C ILE B 332 -38.30 22.54 19.40
N ALA B 333 -39.47 23.03 19.79
CA ALA B 333 -39.68 24.47 19.96
C ALA B 333 -38.73 25.01 21.02
N THR B 334 -38.56 24.25 22.09
CA THR B 334 -37.68 24.63 23.19
C THR B 334 -36.24 24.84 22.71
N ILE B 335 -35.81 23.99 21.79
CA ILE B 335 -34.46 24.08 21.25
C ILE B 335 -34.38 25.18 20.20
N LYS B 336 -35.45 25.36 19.45
CA LYS B 336 -35.53 26.37 18.41
C LYS B 336 -35.33 27.77 18.98
N THR B 337 -35.92 28.03 20.14
CA THR B 337 -35.81 29.33 20.79
C THR B 337 -34.67 29.38 21.80
N LYS B 338 -33.76 28.40 21.72
CA LYS B 338 -32.63 28.36 22.64
C LYS B 338 -31.56 29.38 22.25
N ARG B 339 -31.41 29.60 20.94
CA ARG B 339 -30.45 30.56 20.40
C ARG B 339 -28.98 30.10 20.49
N THR B 340 -28.69 29.23 21.43
CA THR B 340 -27.33 28.70 21.58
C THR B 340 -26.97 27.88 20.36
N ILE B 341 -27.93 27.08 19.90
CA ILE B 341 -27.75 26.25 18.73
C ILE B 341 -28.11 27.07 17.48
N GLN B 342 -27.09 27.55 16.78
CA GLN B 342 -27.30 28.37 15.60
C GLN B 342 -27.62 27.52 14.36
N PHE B 343 -28.66 27.90 13.66
CA PHE B 343 -29.08 27.22 12.44
C PHE B 343 -28.62 28.02 11.24
N VAL B 344 -28.80 27.47 10.05
CA VAL B 344 -28.42 28.15 8.82
C VAL B 344 -29.41 29.29 8.55
N ASP B 345 -28.92 30.38 7.94
CA ASP B 345 -29.76 31.55 7.68
C ASP B 345 -30.91 31.24 6.71
N TRP B 346 -30.63 30.52 5.65
CA TRP B 346 -31.67 30.19 4.67
C TRP B 346 -32.51 28.98 5.10
N CYS B 347 -32.25 28.48 6.30
CA CYS B 347 -32.99 27.35 6.83
C CYS B 347 -33.93 27.80 7.94
N PRO B 348 -35.22 27.95 7.62
CA PRO B 348 -36.23 28.38 8.59
C PRO B 348 -36.61 27.26 9.56
N THR B 349 -37.11 26.16 9.02
CA THR B 349 -37.51 25.02 9.83
C THR B 349 -36.94 23.73 9.27
N GLY B 350 -35.66 23.48 9.52
CA GLY B 350 -35.01 22.29 9.03
C GLY B 350 -35.03 21.16 10.04
N PHE B 351 -36.23 20.78 10.46
CA PHE B 351 -36.38 19.69 11.42
C PHE B 351 -37.37 18.65 10.91
N LYS B 352 -36.88 17.45 10.69
CA LYS B 352 -37.72 16.36 10.22
C LYS B 352 -38.17 15.51 11.40
N VAL B 353 -39.47 15.44 11.62
CA VAL B 353 -40.01 14.68 12.73
C VAL B 353 -40.38 13.27 12.31
N GLY B 354 -40.04 12.31 13.15
CA GLY B 354 -40.35 10.92 12.92
C GLY B 354 -40.76 10.26 14.22
N ILE B 355 -41.98 9.74 14.28
CA ILE B 355 -42.47 9.12 15.50
C ILE B 355 -42.88 7.67 15.25
N ASN B 356 -42.20 6.75 15.92
CA ASN B 356 -42.49 5.34 15.81
C ASN B 356 -43.14 4.82 17.08
N TYR B 357 -43.53 3.56 17.10
CA TYR B 357 -44.20 3.00 18.28
C TYR B 357 -43.30 2.03 19.05
N GLU B 358 -42.66 1.10 18.35
CA GLU B 358 -41.81 0.12 19.00
C GLU B 358 -40.60 0.76 19.68
N PRO B 359 -40.40 0.43 20.97
CA PRO B 359 -39.29 0.96 21.78
C PRO B 359 -37.95 0.41 21.31
N PRO B 360 -36.85 1.04 21.75
CA PRO B 360 -35.50 0.60 21.40
C PRO B 360 -35.13 -0.71 22.06
N THR B 361 -34.99 -1.75 21.25
CA THR B 361 -34.63 -3.07 21.75
C THR B 361 -33.15 -3.13 22.07
N VAL B 362 -32.80 -3.63 23.26
CA VAL B 362 -31.42 -3.72 23.67
C VAL B 362 -31.03 -5.15 24.02
N VAL B 363 -29.77 -5.50 23.78
CA VAL B 363 -29.26 -6.83 24.08
C VAL B 363 -29.24 -7.05 25.59
N PRO B 364 -29.76 -8.21 26.05
CA PRO B 364 -29.82 -8.55 27.49
C PRO B 364 -28.44 -8.47 28.15
N GLY B 365 -27.45 -9.09 27.52
CA GLY B 365 -26.11 -9.08 28.07
C GLY B 365 -25.27 -7.96 27.50
N GLY B 366 -25.70 -6.73 27.72
CA GLY B 366 -24.97 -5.59 27.21
C GLY B 366 -24.66 -4.55 28.27
N ASP B 367 -24.45 -3.32 27.85
CA ASP B 367 -24.12 -2.23 28.75
C ASP B 367 -25.17 -1.13 28.69
N LEU B 368 -26.12 -1.27 27.77
CA LEU B 368 -27.18 -0.27 27.61
C LEU B 368 -28.32 -0.51 28.59
N ALA B 369 -28.74 0.57 29.25
CA ALA B 369 -29.80 0.53 30.26
C ALA B 369 -31.14 0.03 29.73
N LYS B 370 -31.41 0.27 28.45
CA LYS B 370 -32.68 -0.14 27.83
C LYS B 370 -33.84 0.72 28.33
N VAL B 371 -34.22 1.70 27.53
CA VAL B 371 -35.32 2.60 27.88
C VAL B 371 -36.55 2.30 27.03
N GLN B 372 -37.69 2.87 27.41
CA GLN B 372 -38.93 2.67 26.68
C GLN B 372 -39.04 3.64 25.51
N ARG B 373 -38.10 4.57 25.43
CA ARG B 373 -38.10 5.55 24.36
C ARG B 373 -36.67 5.94 23.98
N ALA B 374 -36.47 6.20 22.69
CA ALA B 374 -35.15 6.58 22.18
C ALA B 374 -35.27 7.66 21.12
N VAL B 375 -34.24 8.48 20.99
CA VAL B 375 -34.23 9.55 20.01
C VAL B 375 -33.02 9.39 19.08
N CYS B 376 -33.28 9.37 17.79
CA CYS B 376 -32.23 9.26 16.79
C CYS B 376 -32.06 10.60 16.10
N MET B 377 -30.99 11.29 16.45
CA MET B 377 -30.71 12.60 15.90
C MET B 377 -29.78 12.50 14.69
N LEU B 378 -30.29 12.89 13.53
CA LEU B 378 -29.51 12.87 12.31
C LEU B 378 -29.44 14.30 11.77
N SER B 379 -28.35 14.98 12.05
CA SER B 379 -28.22 16.36 11.61
C SER B 379 -26.98 16.60 10.75
N ASN B 380 -27.11 17.55 9.84
CA ASN B 380 -26.01 17.94 8.95
C ASN B 380 -25.67 19.39 9.24
N THR B 381 -24.43 19.65 9.61
CA THR B 381 -23.99 20.99 9.95
C THR B 381 -22.69 21.35 9.26
N THR B 382 -22.21 22.56 9.51
CA THR B 382 -20.95 23.03 8.96
C THR B 382 -19.76 22.48 9.75
N ALA B 383 -20.05 21.72 10.81
CA ALA B 383 -19.01 21.14 11.65
C ALA B 383 -18.21 20.07 10.89
N ILE B 384 -18.81 19.55 9.82
CA ILE B 384 -18.17 18.53 9.01
C ILE B 384 -16.93 19.11 8.31
N ALA B 385 -16.93 20.42 8.11
CA ALA B 385 -15.83 21.11 7.45
C ALA B 385 -14.54 20.93 8.25
N GLU B 386 -14.65 21.01 9.56
CA GLU B 386 -13.49 20.85 10.43
C GLU B 386 -12.90 19.46 10.30
N ALA B 387 -13.77 18.46 10.23
CA ALA B 387 -13.35 17.07 10.08
C ALA B 387 -12.61 16.89 8.76
N TRP B 388 -13.23 17.37 7.68
CA TRP B 388 -12.64 17.28 6.35
C TRP B 388 -11.32 18.02 6.29
N ALA B 389 -11.29 19.22 6.88
CA ALA B 389 -10.09 20.04 6.90
C ALA B 389 -8.91 19.31 7.54
N ARG B 390 -9.19 18.53 8.58
CA ARG B 390 -8.15 17.78 9.26
C ARG B 390 -7.69 16.60 8.42
N LEU B 391 -8.65 15.81 7.94
CA LEU B 391 -8.34 14.64 7.13
C LEU B 391 -7.62 15.02 5.84
N ASP B 392 -8.10 16.07 5.18
CA ASP B 392 -7.50 16.55 3.94
C ASP B 392 -6.07 17.02 4.18
N HIS B 393 -5.87 17.74 5.29
CA HIS B 393 -4.55 18.24 5.65
C HIS B 393 -3.59 17.08 5.88
N LYS B 394 -4.05 16.07 6.61
CA LYS B 394 -3.24 14.89 6.90
C LYS B 394 -2.83 14.19 5.61
N PHE B 395 -3.71 14.22 4.62
CA PHE B 395 -3.45 13.59 3.34
C PHE B 395 -2.44 14.39 2.53
N ASP B 396 -2.67 15.69 2.43
CA ASP B 396 -1.78 16.57 1.66
C ASP B 396 -0.36 16.54 2.20
N LEU B 397 -0.22 16.46 3.52
CA LEU B 397 1.10 16.42 4.15
C LEU B 397 1.86 15.17 3.71
N MET B 398 1.14 14.06 3.59
CA MET B 398 1.75 12.80 3.17
C MET B 398 2.03 12.83 1.68
N TYR B 399 1.07 13.33 0.91
CA TYR B 399 1.20 13.44 -0.54
C TYR B 399 2.37 14.34 -0.91
N ALA B 400 2.63 15.35 -0.08
CA ALA B 400 3.73 16.28 -0.32
C ALA B 400 5.06 15.55 -0.37
N LYS B 401 5.21 14.53 0.46
CA LYS B 401 6.44 13.75 0.51
C LYS B 401 6.26 12.45 -0.27
N ARG B 402 5.18 12.38 -1.07
CA ARG B 402 4.84 11.21 -1.87
C ARG B 402 4.29 10.08 -1.01
N ALA B 403 5.03 9.73 0.03
CA ALA B 403 4.64 8.67 0.96
C ALA B 403 4.53 7.32 0.27
N PHE B 404 3.57 6.52 0.69
CA PHE B 404 3.36 5.18 0.14
C PHE B 404 2.65 5.22 -1.21
N VAL B 405 2.84 6.30 -1.96
CA VAL B 405 2.20 6.46 -3.26
C VAL B 405 2.64 5.37 -4.23
N HIS B 406 3.85 4.86 -4.05
CA HIS B 406 4.38 3.81 -4.91
C HIS B 406 3.56 2.53 -4.79
N TRP B 407 2.90 2.37 -3.65
CA TRP B 407 2.07 1.20 -3.41
C TRP B 407 0.73 1.30 -4.12
N TYR B 408 0.48 2.46 -4.71
CA TYR B 408 -0.76 2.71 -5.43
C TYR B 408 -0.46 2.72 -6.93
N VAL B 409 0.67 3.32 -7.29
CA VAL B 409 1.10 3.41 -8.67
C VAL B 409 1.27 2.03 -9.31
N GLY B 410 1.88 1.11 -8.54
CA GLY B 410 2.10 -0.23 -9.04
C GLY B 410 0.81 -1.00 -9.25
N GLU B 411 -0.26 -0.52 -8.63
CA GLU B 411 -1.57 -1.16 -8.76
C GLU B 411 -2.30 -0.67 -10.01
N GLY B 412 -1.64 0.23 -10.74
CA GLY B 412 -2.24 0.77 -11.95
C GLY B 412 -2.90 2.12 -11.73
N MET B 413 -2.65 2.73 -10.58
CA MET B 413 -3.22 4.04 -10.27
C MET B 413 -2.19 5.13 -10.52
N GLU B 414 -2.60 6.19 -11.19
CA GLU B 414 -1.71 7.29 -11.50
C GLU B 414 -1.85 8.45 -10.51
N GLU B 415 -0.85 9.33 -10.50
CA GLU B 415 -0.83 10.50 -9.62
C GLU B 415 -2.05 11.38 -9.87
N GLY B 416 -2.48 11.42 -11.12
CA GLY B 416 -3.64 12.22 -11.50
C GLY B 416 -4.85 11.98 -10.63
N GLU B 417 -5.12 10.71 -10.34
CA GLU B 417 -6.26 10.35 -9.51
C GLU B 417 -6.19 10.99 -8.12
N PHE B 418 -5.01 10.94 -7.52
CA PHE B 418 -4.81 11.52 -6.18
C PHE B 418 -5.02 13.03 -6.20
N SER B 419 -4.42 13.68 -7.19
CA SER B 419 -4.54 15.11 -7.33
C SER B 419 -5.97 15.56 -7.59
N GLU B 420 -6.68 14.80 -8.42
CA GLU B 420 -8.08 15.13 -8.72
C GLU B 420 -8.93 14.99 -7.47
N ALA B 421 -8.57 14.02 -6.63
CA ALA B 421 -9.28 13.78 -5.38
C ALA B 421 -9.06 14.95 -4.43
N ARG B 422 -7.81 15.40 -4.36
CA ARG B 422 -7.44 16.52 -3.51
C ARG B 422 -8.21 17.78 -3.92
N GLU B 423 -8.27 18.02 -5.23
CA GLU B 423 -8.98 19.18 -5.76
C GLU B 423 -10.48 19.10 -5.47
N ASP B 424 -11.04 17.90 -5.62
CA ASP B 424 -12.47 17.70 -5.36
C ASP B 424 -12.77 17.90 -3.89
N MET B 425 -11.89 17.40 -3.02
CA MET B 425 -12.06 17.54 -1.59
C MET B 425 -12.02 19.01 -1.20
N ALA B 426 -11.11 19.76 -1.82
CA ALA B 426 -10.98 21.18 -1.55
C ALA B 426 -12.27 21.91 -1.92
N ALA B 427 -12.92 21.44 -2.97
CA ALA B 427 -14.18 22.02 -3.43
C ALA B 427 -15.24 21.82 -2.37
N LEU B 428 -15.23 20.65 -1.75
CA LEU B 428 -16.20 20.33 -0.70
C LEU B 428 -15.91 21.17 0.54
N GLU B 429 -14.63 21.43 0.79
CA GLU B 429 -14.21 22.24 1.93
C GLU B 429 -14.80 23.64 1.79
N LYS B 430 -14.72 24.18 0.58
CA LYS B 430 -15.25 25.50 0.30
C LYS B 430 -16.77 25.45 0.22
N ASP B 431 -17.28 24.37 -0.38
CA ASP B 431 -18.71 24.16 -0.56
C ASP B 431 -19.47 24.25 0.76
N TYR B 432 -19.02 23.48 1.75
CA TYR B 432 -19.66 23.47 3.06
C TYR B 432 -19.63 24.84 3.72
N GLU B 433 -18.52 25.55 3.55
CA GLU B 433 -18.37 26.88 4.13
C GLU B 433 -19.16 27.92 3.33
N GLU B 434 -19.66 27.52 2.17
CA GLU B 434 -20.46 28.38 1.33
C GLU B 434 -21.95 28.12 1.56
N VAL B 435 -22.25 26.95 2.10
CA VAL B 435 -23.62 26.58 2.40
C VAL B 435 -24.12 27.46 3.55
N GLY B 436 -23.40 27.41 4.65
CA GLY B 436 -23.74 28.21 5.80
C GLY B 436 -22.72 29.31 5.98
N VAL B 437 -22.44 29.69 7.22
CA VAL B 437 -21.47 30.74 7.53
C VAL B 437 -21.92 32.11 7.02
N ASP B 438 -21.83 32.30 5.71
CA ASP B 438 -22.22 33.55 5.08
C ASP B 438 -23.75 33.61 4.97
N SER B 439 -24.30 34.80 5.17
CA SER B 439 -25.75 34.98 5.10
C SER B 439 -26.19 35.43 3.71
N ARG C 2 -4.15 -17.98 1.88
CA ARG C 2 -2.90 -17.22 1.96
C ARG C 2 -1.74 -18.17 2.28
N GLU C 3 -1.18 -18.78 1.25
CA GLU C 3 -0.08 -19.72 1.42
C GLU C 3 1.28 -19.03 1.33
N ILE C 4 2.20 -19.46 2.18
CA ILE C 4 3.55 -18.91 2.20
C ILE C 4 4.56 -20.04 2.21
N VAL C 5 5.65 -19.86 1.49
CA VAL C 5 6.69 -20.86 1.42
C VAL C 5 7.97 -20.35 2.08
N HIS C 6 8.58 -21.20 2.89
CA HIS C 6 9.79 -20.83 3.59
C HIS C 6 11.02 -21.47 2.93
N ILE C 7 12.10 -20.72 2.84
CA ILE C 7 13.34 -21.20 2.24
C ILE C 7 14.50 -20.84 3.16
N GLN C 8 15.34 -21.83 3.47
CA GLN C 8 16.48 -21.62 4.34
C GLN C 8 17.76 -21.72 3.53
N ALA C 9 18.58 -20.68 3.56
CA ALA C 9 19.82 -20.65 2.81
C ALA C 9 21.04 -20.51 3.71
N GLY C 10 21.98 -21.43 3.56
CA GLY C 10 23.19 -21.39 4.34
C GLY C 10 23.11 -22.20 5.62
N GLN C 11 24.25 -22.32 6.29
CA GLN C 11 24.34 -23.08 7.52
C GLN C 11 23.53 -22.41 8.62
N CYS C 12 23.71 -21.10 8.75
CA CYS C 12 22.98 -20.34 9.75
C CYS C 12 21.49 -20.36 9.45
N GLY C 13 21.14 -20.20 8.17
CA GLY C 13 19.75 -20.21 7.77
C GLY C 13 19.06 -21.51 8.13
N ASN C 14 19.77 -22.62 7.94
CA ASN C 14 19.24 -23.94 8.26
C ASN C 14 19.07 -24.11 9.76
N GLN C 15 20.03 -23.59 10.52
CA GLN C 15 19.99 -23.69 11.97
C GLN C 15 18.82 -22.88 12.55
N ILE C 16 18.62 -21.68 12.02
CA ILE C 16 17.53 -20.83 12.47
C ILE C 16 16.19 -21.45 12.08
N GLY C 17 16.13 -21.96 10.86
CA GLY C 17 14.91 -22.58 10.37
C GLY C 17 14.53 -23.79 11.19
N ALA C 18 15.53 -24.55 11.62
CA ALA C 18 15.31 -25.73 12.44
C ALA C 18 14.60 -25.37 13.73
N LYS C 19 14.91 -24.18 14.25
CA LYS C 19 14.29 -23.69 15.46
C LYS C 19 12.91 -23.15 15.17
N PHE C 20 12.78 -22.45 14.05
CA PHE C 20 11.50 -21.87 13.64
C PHE C 20 10.45 -22.96 13.47
N TRP C 21 10.82 -24.02 12.77
CA TRP C 21 9.91 -25.13 12.53
C TRP C 21 9.76 -26.05 13.75
N GLU C 22 10.37 -25.62 14.85
CA GLU C 22 10.27 -26.35 16.11
C GLU C 22 9.35 -25.56 17.04
N VAL C 23 9.25 -24.27 16.78
CA VAL C 23 8.40 -23.38 17.56
C VAL C 23 7.03 -23.24 16.90
N ILE C 24 7.02 -23.02 15.58
CA ILE C 24 5.78 -22.87 14.83
C ILE C 24 4.94 -24.15 14.88
N SER C 25 5.61 -25.28 15.05
CA SER C 25 4.95 -26.57 15.13
C SER C 25 4.12 -26.62 16.41
N ASP C 26 4.62 -25.98 17.45
CA ASP C 26 3.94 -25.93 18.73
C ASP C 26 2.81 -24.91 18.66
N GLU C 27 2.99 -23.92 17.77
CA GLU C 27 1.99 -22.88 17.55
C GLU C 27 0.76 -23.48 16.87
N HIS C 28 0.98 -24.43 15.96
CA HIS C 28 -0.11 -25.09 15.25
C HIS C 28 -0.45 -26.43 15.89
N GLY C 29 0.36 -26.84 16.86
CA GLY C 29 0.13 -28.10 17.54
C GLY C 29 0.33 -29.30 16.65
N ILE C 30 1.43 -29.31 15.91
CA ILE C 30 1.73 -30.43 15.01
C ILE C 30 2.94 -31.21 15.49
N ASP C 31 2.76 -32.52 15.63
CA ASP C 31 3.82 -33.42 16.08
C ASP C 31 4.86 -33.61 14.97
N PRO C 32 6.15 -33.81 15.34
CA PRO C 32 7.24 -34.01 14.37
C PRO C 32 6.83 -34.85 13.16
N THR C 33 6.34 -36.05 13.41
CA THR C 33 5.89 -36.92 12.32
C THR C 33 4.44 -37.31 12.57
N GLY C 34 3.73 -36.45 13.28
CA GLY C 34 2.35 -36.70 13.61
C GLY C 34 1.41 -35.79 12.86
N SER C 35 0.19 -35.66 13.36
CA SER C 35 -0.82 -34.83 12.75
C SER C 35 -1.15 -33.63 13.62
N TYR C 36 -2.41 -33.21 13.57
CA TYR C 36 -2.89 -32.09 14.35
C TYR C 36 -3.19 -32.52 15.79
N HIS C 37 -2.29 -32.17 16.68
CA HIS C 37 -2.43 -32.49 18.10
C HIS C 37 -2.65 -31.20 18.88
N GLY C 38 -3.04 -30.16 18.15
CA GLY C 38 -3.28 -28.86 18.75
C GLY C 38 -4.36 -28.91 19.82
N ASP C 39 -4.21 -28.06 20.82
CA ASP C 39 -5.16 -27.99 21.93
C ASP C 39 -6.53 -27.55 21.42
N SER C 40 -6.55 -26.39 20.76
CA SER C 40 -7.78 -25.84 20.22
C SER C 40 -7.99 -26.33 18.79
N ASP C 41 -8.91 -25.71 18.07
CA ASP C 41 -9.20 -26.10 16.68
C ASP C 41 -8.95 -24.96 15.72
N LEU C 42 -8.74 -23.76 16.25
CA LEU C 42 -8.49 -22.57 15.44
C LEU C 42 -7.20 -22.70 14.64
N GLN C 43 -6.23 -23.41 15.20
CA GLN C 43 -4.94 -23.61 14.55
C GLN C 43 -5.06 -24.44 13.28
N LEU C 44 -6.04 -25.33 13.24
CA LEU C 44 -6.25 -26.20 12.09
C LEU C 44 -6.83 -25.44 10.90
N GLU C 45 -7.54 -24.37 11.18
CA GLU C 45 -8.18 -23.58 10.13
C GLU C 45 -7.20 -22.66 9.41
N ARG C 46 -5.92 -22.76 9.75
CA ARG C 46 -4.90 -21.92 9.13
C ARG C 46 -3.58 -22.66 8.95
N ILE C 47 -3.65 -23.98 8.85
CA ILE C 47 -2.43 -24.79 8.69
C ILE C 47 -1.91 -24.71 7.26
N ASN C 48 -2.81 -24.44 6.31
CA ASN C 48 -2.46 -24.37 4.90
C ASN C 48 -1.55 -23.19 4.58
N VAL C 49 -1.32 -22.33 5.56
CA VAL C 49 -0.46 -21.18 5.37
C VAL C 49 1.00 -21.60 5.21
N TYR C 50 1.45 -22.54 6.02
CA TYR C 50 2.84 -23.00 5.96
C TYR C 50 2.95 -24.49 5.67
N TYR C 51 1.91 -25.24 6.00
CA TYR C 51 1.91 -26.67 5.77
C TYR C 51 1.12 -27.01 4.52
N ASN C 52 1.48 -28.12 3.90
CA ASN C 52 0.81 -28.57 2.67
C ASN C 52 0.10 -29.89 2.88
N GLU C 53 -1.11 -29.99 2.34
CA GLU C 53 -1.92 -31.20 2.47
C GLU C 53 -1.45 -32.26 1.47
N ALA C 54 -1.55 -33.52 1.87
CA ALA C 54 -1.15 -34.63 1.01
C ALA C 54 -1.61 -35.97 1.58
N ALA C 55 -0.89 -36.46 2.59
CA ALA C 55 -1.20 -37.73 3.21
C ALA C 55 -2.39 -37.62 4.17
N GLY C 56 -2.61 -36.43 4.70
CA GLY C 56 -3.70 -36.22 5.63
C GLY C 56 -3.21 -36.13 7.05
N ASN C 57 -2.57 -37.20 7.52
CA ASN C 57 -2.02 -37.24 8.86
C ASN C 57 -0.68 -36.52 8.89
N LYS C 58 0.09 -36.68 7.83
CA LYS C 58 1.40 -36.06 7.74
C LYS C 58 1.33 -34.67 7.11
N TYR C 59 1.34 -33.65 7.95
CA TYR C 59 1.31 -32.28 7.48
C TYR C 59 2.74 -31.79 7.29
N VAL C 60 3.18 -31.73 6.04
CA VAL C 60 4.53 -31.32 5.74
C VAL C 60 4.65 -29.80 5.61
N PRO C 61 5.71 -29.23 6.17
CA PRO C 61 5.96 -27.80 6.12
C PRO C 61 6.76 -27.42 4.88
N ARG C 62 6.30 -26.42 4.16
CA ARG C 62 6.99 -25.98 2.96
C ARG C 62 8.22 -25.16 3.33
N ALA C 63 9.33 -25.86 3.55
CA ALA C 63 10.58 -25.23 3.90
C ALA C 63 11.73 -25.88 3.14
N ILE C 64 12.16 -25.23 2.07
CA ILE C 64 13.26 -25.74 1.26
C ILE C 64 14.59 -25.44 1.93
N LEU C 65 15.42 -26.46 2.08
CA LEU C 65 16.72 -26.31 2.70
C LEU C 65 17.80 -26.24 1.63
N VAL C 66 18.51 -25.12 1.58
CA VAL C 66 19.56 -24.93 0.59
C VAL C 66 20.89 -24.59 1.26
N ASP C 67 21.85 -25.51 1.15
CA ASP C 67 23.18 -25.30 1.72
C ASP C 67 24.20 -26.16 1.01
N LEU C 68 25.39 -25.60 0.81
CA LEU C 68 26.47 -26.32 0.13
C LEU C 68 27.21 -27.23 1.10
N GLU C 69 26.87 -27.14 2.37
CA GLU C 69 27.49 -27.96 3.38
C GLU C 69 26.55 -29.11 3.75
N PRO C 70 26.87 -30.34 3.32
CA PRO C 70 26.04 -31.52 3.58
C PRO C 70 25.89 -31.80 5.07
N GLY C 71 26.94 -31.54 5.83
CA GLY C 71 26.92 -31.78 7.25
C GLY C 71 25.84 -31.01 7.98
N THR C 72 25.61 -29.75 7.57
CA THR C 72 24.60 -28.90 8.18
C THR C 72 23.21 -29.52 8.02
N MET C 73 22.83 -29.82 6.80
CA MET C 73 21.52 -30.39 6.51
C MET C 73 21.40 -31.78 7.12
N ASP C 74 22.52 -32.48 7.21
CA ASP C 74 22.54 -33.82 7.76
C ASP C 74 22.23 -33.83 9.25
N SER C 75 22.73 -32.83 9.98
CA SER C 75 22.48 -32.74 11.40
C SER C 75 21.03 -32.38 11.67
N VAL C 76 20.45 -31.57 10.78
CA VAL C 76 19.06 -31.15 10.92
C VAL C 76 18.13 -32.33 10.63
N ARG C 77 18.43 -33.08 9.58
CA ARG C 77 17.61 -34.23 9.18
C ARG C 77 17.68 -35.37 10.21
N SER C 78 18.61 -35.25 11.15
CA SER C 78 18.75 -36.28 12.18
C SER C 78 18.35 -35.70 13.54
N GLY C 79 17.65 -34.58 13.50
CA GLY C 79 17.20 -33.94 14.72
C GLY C 79 15.80 -34.37 15.11
N PRO C 80 15.23 -33.77 16.17
CA PRO C 80 13.88 -34.11 16.64
C PRO C 80 12.79 -33.65 15.69
N PHE C 81 13.12 -32.72 14.79
CA PHE C 81 12.14 -32.20 13.84
C PHE C 81 12.68 -32.20 12.42
N GLY C 82 13.66 -33.05 12.16
CA GLY C 82 14.25 -33.11 10.84
C GLY C 82 13.59 -34.12 9.92
N GLN C 83 12.74 -34.96 10.48
CA GLN C 83 12.05 -35.98 9.69
C GLN C 83 10.75 -35.47 9.08
N ILE C 84 10.37 -34.25 9.44
CA ILE C 84 9.14 -33.66 8.92
C ILE C 84 9.38 -33.05 7.54
N PHE C 85 10.65 -32.84 7.20
CA PHE C 85 11.02 -32.26 5.93
C PHE C 85 11.04 -33.34 4.84
N ARG C 86 10.42 -33.04 3.71
CA ARG C 86 10.36 -33.97 2.60
C ARG C 86 11.69 -33.97 1.86
N PRO C 87 12.09 -35.13 1.30
CA PRO C 87 13.34 -35.26 0.54
C PRO C 87 13.38 -34.29 -0.63
N ASP C 88 12.21 -33.87 -1.08
CA ASP C 88 12.06 -32.93 -2.18
C ASP C 88 12.64 -31.56 -1.79
N ASN C 89 12.40 -31.18 -0.53
CA ASN C 89 12.85 -29.89 -0.02
C ASN C 89 14.33 -29.90 0.33
N PHE C 90 14.91 -31.09 0.40
CA PHE C 90 16.34 -31.22 0.71
C PHE C 90 17.19 -30.92 -0.52
N VAL C 91 17.48 -29.65 -0.74
CA VAL C 91 18.30 -29.25 -1.87
C VAL C 91 19.75 -29.07 -1.43
N PHE C 92 20.43 -30.19 -1.26
CA PHE C 92 21.82 -30.17 -0.83
C PHE C 92 22.76 -30.18 -2.02
N GLY C 93 23.96 -29.70 -1.82
CA GLY C 93 24.94 -29.67 -2.87
C GLY C 93 26.32 -29.90 -2.31
N GLN C 94 26.82 -31.13 -2.44
CA GLN C 94 28.15 -31.48 -1.93
C GLN C 94 29.23 -30.86 -2.80
N SER C 95 29.46 -29.58 -2.60
CA SER C 95 30.47 -28.84 -3.34
C SER C 95 31.30 -27.99 -2.38
N GLY C 96 31.94 -26.97 -2.90
CA GLY C 96 32.76 -26.11 -2.07
C GLY C 96 31.92 -25.20 -1.18
N ALA C 97 31.73 -25.61 0.06
CA ALA C 97 30.95 -24.85 1.02
C ALA C 97 31.78 -23.74 1.65
N GLY C 98 32.85 -23.35 0.95
CA GLY C 98 33.73 -22.30 1.43
C GLY C 98 32.98 -21.01 1.69
N ASN C 99 33.32 -20.35 2.79
CA ASN C 99 32.67 -19.10 3.16
C ASN C 99 33.10 -17.97 2.22
N ASN C 100 32.42 -17.88 1.09
CA ASN C 100 32.71 -16.85 0.11
C ASN C 100 31.45 -16.55 -0.70
N TRP C 101 31.14 -15.27 -0.83
CA TRP C 101 29.96 -14.84 -1.58
C TRP C 101 30.02 -15.28 -3.04
N ALA C 102 31.17 -15.03 -3.68
CA ALA C 102 31.34 -15.38 -5.09
C ALA C 102 31.24 -16.89 -5.31
N LYS C 103 31.68 -17.65 -4.33
CA LYS C 103 31.66 -19.10 -4.41
C LYS C 103 30.22 -19.63 -4.40
N GLY C 104 29.41 -19.10 -3.49
CA GLY C 104 28.03 -19.55 -3.39
C GLY C 104 27.08 -18.81 -4.30
N HIS C 105 27.61 -18.03 -5.23
CA HIS C 105 26.77 -17.28 -6.15
C HIS C 105 27.19 -17.45 -7.61
N TYR C 106 28.48 -17.33 -7.88
CA TYR C 106 28.99 -17.44 -9.23
C TYR C 106 29.41 -18.84 -9.63
N THR C 107 30.01 -19.58 -8.70
CA THR C 107 30.49 -20.92 -9.01
C THR C 107 29.57 -22.04 -8.52
N GLU C 108 29.78 -22.48 -7.28
CA GLU C 108 29.03 -23.59 -6.70
C GLU C 108 27.55 -23.26 -6.52
N GLY C 109 27.26 -22.02 -6.13
CA GLY C 109 25.88 -21.61 -5.92
C GLY C 109 25.06 -21.61 -7.20
N ALA C 110 25.64 -21.07 -8.27
CA ALA C 110 24.96 -20.96 -9.56
C ALA C 110 24.45 -22.30 -10.08
N GLU C 111 25.26 -23.34 -9.95
CA GLU C 111 24.87 -24.66 -10.44
C GLU C 111 23.77 -25.31 -9.60
N LEU C 112 23.76 -25.02 -8.31
CA LEU C 112 22.76 -25.61 -7.42
C LEU C 112 21.41 -24.87 -7.51
N VAL C 113 21.46 -23.60 -7.90
CA VAL C 113 20.25 -22.78 -8.03
C VAL C 113 19.25 -23.40 -9.01
N ASP C 114 19.77 -24.08 -10.02
CA ASP C 114 18.92 -24.71 -11.03
C ASP C 114 17.91 -25.65 -10.40
N SER C 115 18.36 -26.48 -9.48
CA SER C 115 17.49 -27.42 -8.78
C SER C 115 16.55 -26.68 -7.82
N VAL C 116 17.08 -25.64 -7.18
CA VAL C 116 16.28 -24.85 -6.24
C VAL C 116 15.08 -24.23 -6.95
N LEU C 117 15.33 -23.67 -8.13
CA LEU C 117 14.28 -23.04 -8.93
C LEU C 117 13.16 -24.01 -9.24
N ASP C 118 13.50 -25.26 -9.47
CA ASP C 118 12.51 -26.28 -9.77
C ASP C 118 11.66 -26.59 -8.55
N VAL C 119 12.31 -26.78 -7.41
CA VAL C 119 11.61 -27.09 -6.17
C VAL C 119 10.73 -25.92 -5.72
N VAL C 120 11.26 -24.69 -5.83
CA VAL C 120 10.49 -23.53 -5.42
C VAL C 120 9.23 -23.36 -6.25
N ARG C 121 9.32 -23.70 -7.54
CA ARG C 121 8.18 -23.61 -8.44
C ARG C 121 7.14 -24.66 -8.07
N LYS C 122 7.63 -25.85 -7.74
CA LYS C 122 6.78 -26.96 -7.35
C LYS C 122 5.96 -26.61 -6.11
N GLU C 123 6.63 -26.01 -5.13
CA GLU C 123 5.99 -25.63 -3.88
C GLU C 123 5.08 -24.41 -4.03
N SER C 124 5.42 -23.51 -4.95
CA SER C 124 4.63 -22.30 -5.17
C SER C 124 3.29 -22.59 -5.86
N GLU C 125 3.23 -23.70 -6.59
CA GLU C 125 2.01 -24.06 -7.30
C GLU C 125 1.22 -25.11 -6.52
N SER C 126 0.99 -24.84 -5.25
CA SER C 126 0.24 -25.75 -4.40
C SER C 126 -1.27 -25.53 -4.54
N CYS C 127 -1.83 -24.64 -3.73
CA CYS C 127 -3.26 -24.36 -3.79
C CYS C 127 -3.52 -22.91 -3.36
N ASP C 128 -4.79 -22.62 -3.08
CA ASP C 128 -5.23 -21.29 -2.62
C ASP C 128 -4.55 -20.15 -3.39
N CYS C 129 -3.84 -19.30 -2.67
CA CYS C 129 -3.15 -18.17 -3.27
C CYS C 129 -1.82 -17.96 -2.55
N LEU C 130 -0.73 -17.94 -3.30
CA LEU C 130 0.58 -17.72 -2.73
C LEU C 130 0.77 -16.25 -2.39
N GLN C 131 1.15 -15.98 -1.16
CA GLN C 131 1.36 -14.61 -0.71
C GLN C 131 2.79 -14.16 -0.97
N GLY C 132 3.75 -14.89 -0.42
CA GLY C 132 5.14 -14.53 -0.62
C GLY C 132 6.08 -15.64 -0.18
N PHE C 133 7.34 -15.27 -0.02
CA PHE C 133 8.37 -16.24 0.38
C PHE C 133 9.09 -15.76 1.64
N GLN C 134 9.55 -16.70 2.44
CA GLN C 134 10.28 -16.38 3.66
C GLN C 134 11.70 -16.93 3.53
N LEU C 135 12.70 -16.09 3.73
CA LEU C 135 14.08 -16.55 3.62
C LEU C 135 14.91 -16.20 4.84
N THR C 136 15.65 -17.18 5.33
CA THR C 136 16.52 -16.98 6.49
C THR C 136 17.98 -17.19 6.06
N HIS C 137 18.82 -16.18 6.26
CA HIS C 137 20.22 -16.28 5.88
C HIS C 137 21.10 -15.32 6.67
N SER C 138 22.39 -15.61 6.72
CA SER C 138 23.34 -14.80 7.43
C SER C 138 24.19 -13.97 6.46
N LEU C 139 24.48 -12.74 6.82
CA LEU C 139 25.29 -11.86 5.97
C LEU C 139 26.78 -12.11 6.20
N GLY C 140 27.18 -13.36 6.04
CA GLY C 140 28.57 -13.73 6.24
C GLY C 140 28.79 -15.21 6.03
N GLY C 141 28.34 -15.71 4.89
CA GLY C 141 28.50 -17.13 4.59
C GLY C 141 28.42 -17.40 3.10
N GLY C 142 28.94 -18.53 2.68
CA GLY C 142 28.91 -18.89 1.27
C GLY C 142 27.51 -19.05 0.75
N THR C 143 26.78 -19.98 1.33
CA THR C 143 25.40 -20.24 0.93
C THR C 143 24.46 -19.22 1.57
N GLY C 144 24.86 -18.69 2.72
CA GLY C 144 24.04 -17.71 3.41
C GLY C 144 23.87 -16.42 2.64
N SER C 145 24.93 -15.64 2.56
CA SER C 145 24.88 -14.36 1.86
C SER C 145 25.00 -14.54 0.36
N GLY C 146 25.82 -15.49 -0.07
CA GLY C 146 26.03 -15.73 -1.48
C GLY C 146 24.83 -16.32 -2.17
N MET C 147 24.53 -17.57 -1.85
CA MET C 147 23.40 -18.27 -2.46
C MET C 147 22.07 -17.58 -2.16
N GLY C 148 21.97 -17.01 -0.97
CA GLY C 148 20.75 -16.31 -0.61
C GLY C 148 20.42 -15.19 -1.59
N THR C 149 21.48 -14.57 -2.11
CA THR C 149 21.33 -13.49 -3.06
C THR C 149 20.72 -13.99 -4.37
N LEU C 150 21.37 -14.97 -5.00
CA LEU C 150 20.90 -15.51 -6.27
C LEU C 150 19.50 -16.12 -6.13
N LEU C 151 19.24 -16.68 -4.95
CA LEU C 151 17.94 -17.29 -4.67
C LEU C 151 16.82 -16.26 -4.76
N ILE C 152 16.96 -15.16 -4.01
CA ILE C 152 15.94 -14.12 -4.01
C ILE C 152 15.85 -13.41 -5.35
N SER C 153 16.98 -13.33 -6.06
CA SER C 153 17.02 -12.67 -7.36
C SER C 153 16.10 -13.38 -8.35
N LYS C 154 16.22 -14.70 -8.45
CA LYS C 154 15.39 -15.47 -9.36
C LYS C 154 13.94 -15.55 -8.88
N ILE C 155 13.76 -15.58 -7.56
CA ILE C 155 12.43 -15.64 -6.97
C ILE C 155 11.61 -14.40 -7.34
N ARG C 156 12.20 -13.23 -7.13
CA ARG C 156 11.51 -11.96 -7.44
C ARG C 156 11.30 -11.80 -8.94
N GLU C 157 12.19 -12.39 -9.72
CA GLU C 157 12.09 -12.32 -11.17
C GLU C 157 10.98 -13.23 -11.68
N GLU C 158 10.80 -14.36 -11.00
CA GLU C 158 9.78 -15.32 -11.38
C GLU C 158 8.40 -14.85 -10.95
N TYR C 159 8.28 -14.42 -9.69
CA TYR C 159 7.02 -13.95 -9.15
C TYR C 159 7.18 -12.55 -8.53
N PRO C 160 7.20 -11.49 -9.36
CA PRO C 160 7.35 -10.12 -8.87
C PRO C 160 6.06 -9.59 -8.25
N ASP C 161 4.96 -10.32 -8.44
CA ASP C 161 3.69 -9.94 -7.89
C ASP C 161 3.63 -10.26 -6.43
N ARG C 162 4.46 -11.23 -5.96
CA ARG C 162 4.42 -11.72 -4.59
C ARG C 162 5.46 -11.01 -3.73
N ILE C 163 5.23 -11.00 -2.42
CA ILE C 163 6.15 -10.34 -1.50
C ILE C 163 7.30 -11.25 -1.09
N MET C 164 8.30 -10.66 -0.45
CA MET C 164 9.47 -11.39 0.01
C MET C 164 9.83 -10.97 1.42
N ASN C 165 9.64 -11.88 2.37
CA ASN C 165 9.95 -11.62 3.76
C ASN C 165 11.26 -12.30 4.13
N THR C 166 12.32 -11.52 4.22
CA THR C 166 13.64 -12.06 4.52
C THR C 166 14.12 -11.68 5.92
N PHE C 167 14.81 -12.62 6.54
CA PHE C 167 15.38 -12.42 7.87
C PHE C 167 16.90 -12.40 7.73
N SER C 168 17.47 -11.21 7.80
CA SER C 168 18.91 -11.07 7.63
C SER C 168 19.67 -11.09 8.95
N VAL C 169 20.58 -12.05 9.08
CA VAL C 169 21.41 -12.16 10.27
C VAL C 169 22.58 -11.20 10.14
N VAL C 170 22.59 -10.17 10.97
CA VAL C 170 23.63 -9.16 10.92
C VAL C 170 24.83 -9.58 11.76
N PRO C 171 26.04 -9.48 11.18
CA PRO C 171 27.29 -9.82 11.87
C PRO C 171 27.50 -8.94 13.10
N SER C 172 27.88 -9.56 14.22
CA SER C 172 28.10 -8.82 15.45
C SER C 172 29.19 -7.77 15.29
N PRO C 173 28.88 -6.50 15.59
CA PRO C 173 29.83 -5.40 15.46
C PRO C 173 31.06 -5.54 16.35
N LYS C 174 30.87 -5.89 17.62
CA LYS C 174 32.00 -6.04 18.54
C LYS C 174 32.93 -7.18 18.13
N VAL C 175 32.36 -8.37 17.96
CA VAL C 175 33.14 -9.54 17.57
C VAL C 175 32.40 -10.32 16.50
N SER C 176 32.87 -10.22 15.27
CA SER C 176 32.25 -10.92 14.17
C SER C 176 32.70 -12.38 14.16
N ASP C 177 32.10 -13.19 13.31
CA ASP C 177 32.45 -14.61 13.25
C ASP C 177 33.46 -14.88 12.15
N THR C 178 33.11 -14.54 10.93
CA THR C 178 33.98 -14.74 9.79
C THR C 178 34.78 -13.47 9.53
N VAL C 179 36.02 -13.62 9.08
CA VAL C 179 36.87 -12.47 8.79
C VAL C 179 36.38 -11.77 7.52
N VAL C 180 35.83 -12.55 6.60
CA VAL C 180 35.30 -12.01 5.35
C VAL C 180 33.82 -11.67 5.48
N GLU C 181 33.36 -11.55 6.72
CA GLU C 181 31.96 -11.23 7.01
C GLU C 181 31.51 -9.91 6.36
N PRO C 182 32.21 -8.79 6.62
CA PRO C 182 31.85 -7.49 6.03
C PRO C 182 31.81 -7.53 4.50
N TYR C 183 32.75 -8.27 3.91
CA TYR C 183 32.82 -8.42 2.47
C TYR C 183 31.56 -9.10 1.94
N ASN C 184 31.18 -10.19 2.61
CA ASN C 184 29.99 -10.94 2.23
C ASN C 184 28.72 -10.14 2.50
N ALA C 185 28.70 -9.44 3.64
CA ALA C 185 27.55 -8.63 4.04
C ALA C 185 27.25 -7.53 3.04
N THR C 186 28.30 -6.86 2.58
CA THR C 186 28.16 -5.78 1.62
C THR C 186 27.54 -6.28 0.31
N LEU C 187 27.93 -7.48 -0.08
CA LEU C 187 27.44 -8.08 -1.31
C LEU C 187 25.99 -8.58 -1.17
N SER C 188 25.65 -9.05 0.01
CA SER C 188 24.29 -9.55 0.25
C SER C 188 23.29 -8.41 0.33
N VAL C 189 23.64 -7.36 1.07
CA VAL C 189 22.75 -6.21 1.23
C VAL C 189 22.49 -5.51 -0.11
N HIS C 190 23.42 -5.68 -1.05
CA HIS C 190 23.28 -5.08 -2.36
C HIS C 190 22.07 -5.64 -3.10
N GLN C 191 22.00 -6.95 -3.20
CA GLN C 191 20.88 -7.59 -3.87
C GLN C 191 19.61 -7.56 -3.02
N LEU C 192 19.79 -7.57 -1.70
CA LEU C 192 18.66 -7.53 -0.78
C LEU C 192 17.80 -6.29 -1.05
N VAL C 193 18.43 -5.14 -1.13
CA VAL C 193 17.73 -3.87 -1.36
C VAL C 193 17.17 -3.77 -2.78
N GLU C 194 17.56 -4.71 -3.64
CA GLU C 194 17.11 -4.69 -5.02
C GLU C 194 16.22 -5.89 -5.36
N ASN C 195 15.92 -6.71 -4.35
CA ASN C 195 15.10 -7.89 -4.58
C ASN C 195 13.98 -8.01 -3.56
N THR C 196 14.34 -8.33 -2.32
CA THR C 196 13.35 -8.50 -1.25
C THR C 196 12.67 -7.18 -0.92
N ASP C 197 11.48 -7.26 -0.33
CA ASP C 197 10.72 -6.06 0.05
C ASP C 197 10.66 -5.91 1.56
N GLU C 198 10.64 -7.03 2.26
CA GLU C 198 10.61 -7.02 3.72
C GLU C 198 11.86 -7.71 4.26
N THR C 199 12.56 -7.04 5.16
CA THR C 199 13.78 -7.60 5.74
C THR C 199 13.96 -7.13 7.19
N TYR C 200 14.10 -8.08 8.09
CA TYR C 200 14.30 -7.77 9.49
C TYR C 200 15.76 -7.95 9.87
N CYS C 201 16.27 -7.07 10.72
CA CYS C 201 17.66 -7.13 11.14
C CYS C 201 17.82 -7.80 12.50
N ILE C 202 18.47 -8.94 12.50
CA ILE C 202 18.72 -9.68 13.73
C ILE C 202 20.21 -9.68 14.01
N ASP C 203 20.63 -9.08 15.11
CA ASP C 203 22.04 -9.01 15.46
C ASP C 203 22.46 -10.17 16.36
N ASN C 204 23.68 -10.61 16.15
CA ASN C 204 24.23 -11.71 16.93
C ASN C 204 24.56 -11.30 18.36
N GLU C 205 25.13 -10.10 18.53
CA GLU C 205 25.50 -9.64 19.86
C GLU C 205 24.29 -9.14 20.62
N ALA C 206 23.34 -8.53 19.90
CA ALA C 206 22.13 -8.03 20.52
C ALA C 206 21.34 -9.19 21.11
N LEU C 207 21.40 -10.33 20.44
CA LEU C 207 20.72 -11.54 20.88
C LEU C 207 21.26 -11.97 22.24
N TYR C 208 22.58 -11.86 22.40
CA TYR C 208 23.22 -12.22 23.66
C TYR C 208 22.80 -11.25 24.76
N ASP C 209 22.79 -9.95 24.43
CA ASP C 209 22.42 -8.91 25.38
C ASP C 209 21.00 -9.10 25.91
N ILE C 210 20.06 -9.32 25.00
CA ILE C 210 18.66 -9.50 25.37
C ILE C 210 18.48 -10.67 26.34
N CYS C 211 19.16 -11.79 26.07
CA CYS C 211 19.05 -12.97 26.92
C CYS C 211 19.90 -12.85 28.19
N PHE C 212 20.74 -11.84 28.25
CA PHE C 212 21.60 -11.65 29.41
C PHE C 212 21.05 -10.61 30.40
N ARG C 213 20.50 -9.52 29.87
CA ARG C 213 19.97 -8.47 30.73
C ARG C 213 18.48 -8.62 31.03
N THR C 214 17.67 -8.77 29.98
CA THR C 214 16.23 -8.90 30.15
C THR C 214 15.85 -10.30 30.60
N LEU C 215 16.64 -11.28 30.20
CA LEU C 215 16.39 -12.66 30.57
C LEU C 215 17.47 -13.13 31.55
N LYS C 216 17.21 -14.23 32.24
CA LYS C 216 18.18 -14.76 33.20
C LYS C 216 18.86 -16.00 32.64
N LEU C 217 19.52 -15.83 31.50
CA LEU C 217 20.22 -16.92 30.85
C LEU C 217 21.72 -16.74 30.98
N THR C 218 22.36 -17.66 31.69
CA THR C 218 23.80 -17.59 31.91
C THR C 218 24.58 -17.88 30.63
N THR C 219 24.23 -18.97 29.97
CA THR C 219 24.91 -19.35 28.73
C THR C 219 23.92 -19.42 27.57
N PRO C 220 23.81 -18.33 26.79
CA PRO C 220 22.90 -18.27 25.65
C PRO C 220 23.46 -19.05 24.45
N THR C 221 23.11 -20.32 24.37
CA THR C 221 23.56 -21.18 23.28
C THR C 221 22.95 -20.73 21.96
N TYR C 222 23.55 -21.13 20.85
CA TYR C 222 23.06 -20.77 19.52
C TYR C 222 21.60 -21.20 19.32
N GLY C 223 21.27 -22.38 19.83
CA GLY C 223 19.91 -22.87 19.72
C GLY C 223 18.94 -21.98 20.48
N ASP C 224 19.39 -21.50 21.64
CA ASP C 224 18.59 -20.62 22.48
C ASP C 224 18.39 -19.28 21.78
N LEU C 225 19.46 -18.82 21.14
CA LEU C 225 19.42 -17.55 20.41
C LEU C 225 18.42 -17.63 19.26
N ASN C 226 18.53 -18.68 18.47
CA ASN C 226 17.64 -18.89 17.34
C ASN C 226 16.20 -19.09 17.81
N HIS C 227 16.02 -19.68 19.02
CA HIS C 227 14.71 -19.90 19.61
C HIS C 227 14.01 -18.58 19.72
N LEU C 228 14.70 -17.57 20.31
CA LEU C 228 14.10 -16.27 20.55
C LEU C 228 13.62 -15.65 19.24
N VAL C 229 14.50 -15.67 18.24
CA VAL C 229 14.17 -15.11 16.93
C VAL C 229 12.98 -15.81 16.30
N SER C 230 12.99 -17.14 16.34
CA SER C 230 11.91 -17.93 15.77
C SER C 230 10.57 -17.64 16.47
N ALA C 231 10.63 -17.46 17.78
CA ALA C 231 9.43 -17.16 18.56
C ALA C 231 8.94 -15.74 18.29
N THR C 232 9.78 -14.95 17.63
CA THR C 232 9.43 -13.57 17.30
C THR C 232 8.82 -13.50 15.90
N MET C 233 9.44 -14.21 14.95
CA MET C 233 8.96 -14.23 13.56
C MET C 233 7.56 -14.84 13.44
N SER C 234 7.24 -15.78 14.31
CA SER C 234 5.93 -16.42 14.28
C SER C 234 4.83 -15.41 14.61
N GLY C 235 5.18 -14.42 15.42
CA GLY C 235 4.25 -13.40 15.81
C GLY C 235 4.05 -12.36 14.72
N VAL C 236 4.77 -12.54 13.62
CA VAL C 236 4.69 -11.62 12.49
C VAL C 236 3.85 -12.22 11.36
N THR C 237 4.30 -13.36 10.85
CA THR C 237 3.62 -14.01 9.75
C THR C 237 2.43 -14.87 10.20
N THR C 238 2.71 -15.88 11.00
CA THR C 238 1.69 -16.80 11.50
C THR C 238 0.60 -16.09 12.29
N CYS C 239 0.99 -15.23 13.21
CA CYS C 239 0.05 -14.50 14.05
C CYS C 239 -0.89 -13.62 13.22
N LEU C 240 -0.42 -13.14 12.08
CA LEU C 240 -1.24 -12.28 11.23
C LEU C 240 -2.11 -13.08 10.27
N ARG C 241 -2.30 -14.35 10.56
CA ARG C 241 -3.13 -15.21 9.73
C ARG C 241 -4.32 -15.73 10.52
N PHE C 242 -4.35 -15.38 11.80
CA PHE C 242 -5.43 -15.79 12.69
C PHE C 242 -6.42 -14.66 12.92
N PRO C 243 -7.69 -14.99 13.18
CA PRO C 243 -8.74 -14.00 13.43
C PRO C 243 -8.49 -13.20 14.70
N GLY C 244 -8.81 -11.92 14.66
CA GLY C 244 -8.63 -11.06 15.82
C GLY C 244 -9.38 -9.76 15.64
N GLN C 245 -9.16 -8.82 16.56
CA GLN C 245 -9.81 -7.52 16.49
C GLN C 245 -9.47 -6.81 15.18
N LEU C 246 -8.18 -6.69 14.91
CA LEU C 246 -7.72 -6.05 13.69
C LEU C 246 -6.76 -6.97 12.97
N ASN C 247 -7.31 -7.80 12.10
CA ASN C 247 -6.52 -8.75 11.33
C ASN C 247 -5.67 -8.04 10.28
N ALA C 248 -4.39 -8.37 10.26
CA ALA C 248 -3.45 -7.78 9.32
C ALA C 248 -2.87 -8.87 8.43
N ASP C 249 -1.77 -8.56 7.75
CA ASP C 249 -1.13 -9.52 6.86
C ASP C 249 0.17 -8.91 6.32
N LEU C 250 0.96 -9.71 5.60
CA LEU C 250 2.22 -9.24 5.04
C LEU C 250 2.04 -7.97 4.20
N ARG C 251 1.01 -7.97 3.36
CA ARG C 251 0.73 -6.81 2.52
C ARG C 251 0.32 -5.63 3.39
N LYS C 252 -0.59 -5.90 4.33
CA LYS C 252 -1.08 -4.88 5.25
C LYS C 252 0.05 -4.29 6.10
N LEU C 253 1.11 -5.08 6.28
CA LEU C 253 2.25 -4.66 7.07
C LEU C 253 3.25 -3.87 6.21
N ALA C 254 3.75 -4.50 5.16
CA ALA C 254 4.73 -3.88 4.27
C ALA C 254 4.21 -2.57 3.67
N VAL C 255 2.97 -2.59 3.19
CA VAL C 255 2.36 -1.41 2.58
C VAL C 255 2.07 -0.32 3.62
N ASN C 256 2.31 -0.63 4.88
CA ASN C 256 2.11 0.32 5.97
C ASN C 256 3.38 0.44 6.81
N MET C 257 4.53 0.10 6.21
CA MET C 257 5.81 0.16 6.91
C MET C 257 6.90 0.82 6.09
N VAL C 258 6.88 0.63 4.78
CA VAL C 258 7.90 1.21 3.91
C VAL C 258 7.39 2.41 3.13
N PRO C 259 7.76 3.63 3.56
CA PRO C 259 7.34 4.87 2.90
C PRO C 259 8.02 5.06 1.55
N PHE C 260 9.16 4.42 1.38
CA PHE C 260 9.91 4.52 0.13
C PHE C 260 10.37 3.14 -0.35
N PRO C 261 10.49 2.97 -1.67
CA PRO C 261 10.89 1.69 -2.29
C PRO C 261 12.40 1.43 -2.18
N ARG C 262 13.00 1.79 -1.07
CA ARG C 262 14.42 1.56 -0.86
C ARG C 262 14.62 0.42 0.12
N LEU C 263 13.70 -0.53 0.07
CA LEU C 263 13.69 -1.70 0.95
C LEU C 263 13.28 -1.35 2.36
N HIS C 264 14.13 -0.58 3.04
CA HIS C 264 13.89 -0.15 4.42
C HIS C 264 13.87 -1.33 5.39
N PHE C 265 14.99 -1.51 6.10
CA PHE C 265 15.14 -2.59 7.05
C PHE C 265 14.38 -2.32 8.34
N PHE C 266 13.80 -3.36 8.91
CA PHE C 266 13.03 -3.22 10.14
C PHE C 266 13.77 -3.86 11.31
N MET C 267 13.59 -3.28 12.49
CA MET C 267 14.20 -3.79 13.70
C MET C 267 13.13 -4.44 14.58
N PRO C 268 13.29 -5.74 14.88
CA PRO C 268 12.33 -6.49 15.69
C PRO C 268 12.54 -6.31 17.19
N GLY C 269 11.54 -6.73 17.95
CA GLY C 269 11.58 -6.65 19.40
C GLY C 269 10.44 -7.44 20.01
N PHE C 270 10.44 -7.60 21.33
CA PHE C 270 9.38 -8.34 22.01
C PHE C 270 9.08 -7.75 23.38
N ALA C 271 7.81 -7.38 23.58
CA ALA C 271 7.39 -6.76 24.83
C ALA C 271 7.49 -7.70 26.06
N PRO C 272 6.83 -8.88 26.04
CA PRO C 272 6.85 -9.80 27.18
C PRO C 272 8.17 -10.56 27.32
N LEU C 273 9.25 -9.82 27.48
CA LEU C 273 10.57 -10.41 27.63
C LEU C 273 10.98 -10.45 29.09
N THR C 274 10.47 -11.44 29.81
CA THR C 274 10.76 -11.59 31.23
C THR C 274 11.23 -13.01 31.52
N SER C 275 11.88 -13.22 32.65
CA SER C 275 12.34 -14.55 33.02
C SER C 275 11.20 -15.38 33.60
N ARG C 276 11.40 -16.69 33.67
CA ARG C 276 10.39 -17.60 34.18
C ARG C 276 10.31 -17.56 35.71
N GLY C 277 11.36 -17.08 36.34
CA GLY C 277 11.39 -17.04 37.80
C GLY C 277 10.91 -15.74 38.42
N SER C 278 11.84 -14.99 38.97
CA SER C 278 11.55 -13.73 39.65
C SER C 278 10.82 -12.69 38.79
N GLN C 279 11.11 -12.66 37.49
CA GLN C 279 10.47 -11.67 36.62
C GLN C 279 9.02 -11.98 36.30
N GLN C 280 8.48 -13.05 36.90
CA GLN C 280 7.08 -13.40 36.70
C GLN C 280 6.22 -12.49 37.56
N TYR C 281 6.14 -11.23 37.15
CA TYR C 281 5.38 -10.23 37.88
C TYR C 281 3.99 -10.07 37.29
N ARG C 282 3.78 -10.65 36.11
CA ARG C 282 2.50 -10.58 35.39
C ARG C 282 2.22 -9.15 34.96
N ALA C 283 3.29 -8.35 34.87
CA ALA C 283 3.18 -6.95 34.47
C ALA C 283 2.99 -6.83 32.97
N LEU C 284 1.79 -7.15 32.52
CA LEU C 284 1.44 -7.09 31.11
C LEU C 284 0.01 -6.62 30.96
N THR C 285 -0.28 -5.44 31.46
CA THR C 285 -1.61 -4.87 31.37
C THR C 285 -1.78 -4.18 30.02
N VAL C 286 -0.85 -3.28 29.71
CA VAL C 286 -0.83 -2.52 28.45
C VAL C 286 0.35 -1.55 28.39
N PRO C 287 0.52 -0.65 29.39
CA PRO C 287 1.63 0.32 29.38
C PRO C 287 3.00 -0.36 29.47
N GLU C 288 3.05 -1.50 30.15
CA GLU C 288 4.29 -2.24 30.32
C GLU C 288 4.75 -2.80 28.98
N LEU C 289 3.79 -3.17 28.14
CA LEU C 289 4.10 -3.72 26.83
C LEU C 289 4.78 -2.66 25.97
N THR C 290 4.19 -1.48 25.91
CA THR C 290 4.74 -0.38 25.13
C THR C 290 6.07 0.09 25.71
N GLN C 291 6.15 0.06 27.04
CA GLN C 291 7.36 0.47 27.76
C GLN C 291 8.55 -0.38 27.34
N GLN C 292 8.35 -1.69 27.26
CA GLN C 292 9.42 -2.60 26.89
C GLN C 292 9.59 -2.70 25.38
N MET C 293 8.49 -2.59 24.64
CA MET C 293 8.53 -2.66 23.18
C MET C 293 9.39 -1.55 22.60
N PHE C 294 9.17 -0.34 23.09
CA PHE C 294 9.93 0.82 22.62
C PHE C 294 11.14 1.06 23.51
N ASP C 295 11.81 -0.02 23.90
CA ASP C 295 12.98 0.08 24.75
C ASP C 295 14.26 -0.06 23.94
N ALA C 296 15.25 0.77 24.26
CA ALA C 296 16.52 0.76 23.56
C ALA C 296 17.27 -0.56 23.74
N LYS C 297 17.03 -1.25 24.86
CA LYS C 297 17.71 -2.51 25.10
C LYS C 297 16.82 -3.72 24.77
N ASN C 298 15.75 -3.47 24.03
CA ASN C 298 14.84 -4.54 23.64
C ASN C 298 14.96 -4.80 22.14
N MET C 299 15.64 -3.89 21.45
CA MET C 299 15.83 -3.98 20.01
C MET C 299 16.68 -5.20 19.66
N MET C 300 16.21 -5.97 18.70
CA MET C 300 16.92 -7.17 18.26
C MET C 300 18.14 -6.80 17.40
N ALA C 301 18.33 -5.51 17.19
CA ALA C 301 19.45 -5.01 16.41
C ALA C 301 20.43 -4.28 17.32
N ALA C 302 21.67 -4.14 16.87
CA ALA C 302 22.69 -3.47 17.66
C ALA C 302 22.47 -1.96 17.74
N CYS C 303 21.79 -1.41 16.74
CA CYS C 303 21.52 0.01 16.69
C CYS C 303 20.28 0.36 17.51
N ASP C 304 20.30 1.55 18.11
CA ASP C 304 19.18 2.02 18.92
C ASP C 304 18.44 3.12 18.18
N PRO C 305 17.10 3.04 18.18
CA PRO C 305 16.23 4.01 17.48
C PRO C 305 16.21 5.38 18.15
N ARG C 306 16.79 5.49 19.34
CA ARG C 306 16.82 6.74 20.07
C ARG C 306 17.75 7.74 19.38
N HIS C 307 18.77 7.20 18.72
CA HIS C 307 19.75 8.00 18.00
C HIS C 307 19.24 8.41 16.62
N GLY C 308 18.09 7.87 16.24
CA GLY C 308 17.52 8.17 14.95
C GLY C 308 16.07 8.57 15.06
N ARG C 309 15.31 8.40 13.99
CA ARG C 309 13.89 8.75 14.00
C ARG C 309 13.05 7.55 13.58
N TYR C 310 11.90 7.39 14.22
CA TYR C 310 10.99 6.31 13.91
C TYR C 310 10.21 6.64 12.65
N LEU C 311 10.55 6.01 11.54
CA LEU C 311 9.87 6.26 10.27
C LEU C 311 8.48 5.63 10.27
N THR C 312 8.43 4.37 10.66
CA THR C 312 7.16 3.64 10.71
C THR C 312 7.29 2.47 11.69
N VAL C 313 6.26 2.26 12.49
CA VAL C 313 6.26 1.19 13.48
C VAL C 313 5.01 0.31 13.33
N ALA C 314 5.23 -0.99 13.27
CA ALA C 314 4.15 -1.94 13.17
C ALA C 314 4.03 -2.72 14.47
N ALA C 315 3.02 -2.39 15.25
CA ALA C 315 2.80 -3.04 16.52
C ALA C 315 1.73 -4.12 16.41
N VAL C 316 2.15 -5.37 16.49
CA VAL C 316 1.22 -6.48 16.39
C VAL C 316 0.99 -7.13 17.75
N PHE C 317 -0.18 -6.89 18.30
CA PHE C 317 -0.54 -7.45 19.60
C PHE C 317 -1.28 -8.76 19.40
N ARG C 318 -1.10 -9.69 20.32
CA ARG C 318 -1.78 -10.98 20.24
C ARG C 318 -2.35 -11.42 21.58
N GLY C 319 -3.63 -11.13 21.78
CA GLY C 319 -4.31 -11.47 23.00
C GLY C 319 -5.58 -10.66 23.17
N ARG C 320 -6.40 -11.01 24.15
CA ARG C 320 -7.65 -10.31 24.40
C ARG C 320 -7.42 -8.97 25.09
N MET C 321 -7.65 -7.89 24.36
CA MET C 321 -7.48 -6.53 24.88
C MET C 321 -8.37 -5.57 24.11
N SER C 322 -8.74 -4.46 24.75
CA SER C 322 -9.61 -3.48 24.10
C SER C 322 -8.81 -2.53 23.22
N MET C 323 -9.44 -2.09 22.15
CA MET C 323 -8.80 -1.18 21.19
C MET C 323 -8.43 0.15 21.86
N LYS C 324 -9.23 0.55 22.85
CA LYS C 324 -9.01 1.80 23.56
C LYS C 324 -7.68 1.82 24.32
N GLU C 325 -7.40 0.76 25.07
CA GLU C 325 -6.18 0.71 25.86
C GLU C 325 -4.92 0.58 24.99
N VAL C 326 -5.09 0.02 23.80
CA VAL C 326 -3.97 -0.15 22.88
C VAL C 326 -3.64 1.14 22.14
N ASP C 327 -4.57 1.58 21.31
CA ASP C 327 -4.39 2.78 20.49
C ASP C 327 -4.07 4.03 21.32
N GLU C 328 -4.77 4.19 22.45
CA GLU C 328 -4.56 5.35 23.31
C GLU C 328 -3.13 5.37 23.86
N GLN C 329 -2.61 4.20 24.20
CA GLN C 329 -1.25 4.10 24.74
C GLN C 329 -0.22 4.41 23.68
N MET C 330 -0.49 3.99 22.44
CA MET C 330 0.42 4.24 21.33
C MET C 330 0.53 5.74 21.06
N LEU C 331 -0.60 6.43 21.18
CA LEU C 331 -0.65 7.87 20.97
C LEU C 331 0.26 8.58 21.96
N ASN C 332 0.19 8.14 23.22
CA ASN C 332 1.01 8.72 24.27
C ASN C 332 2.49 8.58 23.94
N VAL C 333 2.85 7.45 23.36
CA VAL C 333 4.24 7.19 22.98
C VAL C 333 4.70 8.15 21.89
N GLN C 334 3.86 8.30 20.87
CA GLN C 334 4.18 9.18 19.74
C GLN C 334 4.24 10.64 20.16
N ASN C 335 3.41 11.03 21.13
CA ASN C 335 3.39 12.39 21.61
C ASN C 335 4.57 12.69 22.54
N LYS C 336 4.90 11.73 23.39
CA LYS C 336 6.00 11.88 24.33
C LYS C 336 7.36 11.80 23.62
N ASN C 337 7.45 10.91 22.64
CA ASN C 337 8.71 10.72 21.91
C ASN C 337 8.63 11.33 20.51
N SER C 338 7.87 12.42 20.40
CA SER C 338 7.69 13.12 19.13
C SER C 338 9.01 13.64 18.57
N SER C 339 9.98 13.87 19.45
CA SER C 339 11.29 14.38 19.07
C SER C 339 11.96 13.52 18.00
N TYR C 340 11.62 12.25 17.97
CA TYR C 340 12.19 11.34 17.00
C TYR C 340 11.15 10.38 16.44
N PHE C 341 9.95 10.89 16.19
CA PHE C 341 8.87 10.06 15.66
C PHE C 341 8.38 10.53 14.29
N VAL C 342 9.16 11.40 13.64
CA VAL C 342 8.81 11.91 12.31
C VAL C 342 7.58 12.82 12.33
N GLU C 343 7.78 14.08 11.97
CA GLU C 343 6.69 15.06 11.96
C GLU C 343 6.00 15.18 10.61
N TRP C 344 6.55 14.54 9.58
CA TRP C 344 5.94 14.61 8.26
C TRP C 344 4.91 13.50 8.03
N ILE C 345 4.61 12.76 9.09
CA ILE C 345 3.64 11.68 9.04
C ILE C 345 2.71 11.78 10.25
N PRO C 346 1.38 11.80 10.02
CA PRO C 346 0.39 11.90 11.10
C PRO C 346 0.54 10.79 12.14
N ASN C 347 0.34 9.56 11.70
CA ASN C 347 0.48 8.40 12.57
C ASN C 347 1.53 7.47 12.01
N ASN C 348 2.57 7.22 12.79
CA ASN C 348 3.65 6.36 12.35
C ASN C 348 3.54 4.96 12.92
N VAL C 349 2.61 4.77 13.86
CA VAL C 349 2.43 3.47 14.47
C VAL C 349 1.15 2.80 14.00
N LYS C 350 1.31 1.78 13.17
CA LYS C 350 0.18 1.04 12.65
C LYS C 350 -0.20 -0.06 13.64
N THR C 351 -1.32 0.10 14.30
CA THR C 351 -1.77 -0.86 15.29
C THR C 351 -2.42 -2.09 14.66
N ALA C 352 -2.29 -3.21 15.35
CA ALA C 352 -2.88 -4.48 14.91
C ALA C 352 -3.07 -5.36 16.14
N VAL C 353 -4.29 -5.80 16.38
CA VAL C 353 -4.59 -6.62 17.54
C VAL C 353 -5.20 -7.96 17.15
N CYS C 354 -4.48 -9.04 17.39
CA CYS C 354 -4.95 -10.38 17.10
C CYS C 354 -5.48 -10.98 18.40
N ASP C 355 -6.35 -11.97 18.29
CA ASP C 355 -6.95 -12.58 19.48
C ASP C 355 -6.38 -13.97 19.77
N ILE C 356 -5.06 -14.12 19.66
CA ILE C 356 -4.43 -15.41 19.92
C ILE C 356 -2.99 -15.27 20.41
N PRO C 357 -2.75 -15.53 21.69
CA PRO C 357 -1.42 -15.47 22.31
C PRO C 357 -0.61 -16.72 21.98
N PRO C 358 0.72 -16.69 22.24
CA PRO C 358 1.61 -17.84 21.98
C PRO C 358 1.45 -18.96 22.99
N ARG C 359 0.28 -19.60 22.95
CA ARG C 359 -0.05 -20.71 23.84
C ARG C 359 0.00 -20.33 25.32
N GLY C 360 1.12 -20.63 25.97
CA GLY C 360 1.28 -20.36 27.39
C GLY C 360 1.60 -18.91 27.70
N LEU C 361 0.70 -18.02 27.30
CA LEU C 361 0.88 -16.60 27.55
C LEU C 361 -0.48 -15.91 27.56
N LYS C 362 -0.61 -14.86 28.35
CA LYS C 362 -1.86 -14.12 28.45
C LYS C 362 -1.90 -12.96 27.46
N MET C 363 -0.89 -12.09 27.55
CA MET C 363 -0.81 -10.93 26.68
C MET C 363 0.56 -10.88 26.01
N SER C 364 0.59 -10.49 24.74
CA SER C 364 1.84 -10.43 24.00
C SER C 364 1.78 -9.41 22.87
N ALA C 365 2.94 -8.86 22.53
CA ALA C 365 3.02 -7.87 21.46
C ALA C 365 4.39 -7.96 20.78
N THR C 366 4.36 -8.08 19.47
CA THR C 366 5.58 -8.16 18.68
C THR C 366 5.94 -6.76 18.18
N PHE C 367 7.23 -6.43 18.23
CA PHE C 367 7.68 -5.12 17.80
C PHE C 367 8.43 -5.17 16.47
N ILE C 368 7.98 -4.34 15.55
CA ILE C 368 8.61 -4.22 14.23
C ILE C 368 8.70 -2.74 13.90
N GLY C 369 9.88 -2.15 13.99
CA GLY C 369 10.01 -0.74 13.72
C GLY C 369 11.08 -0.38 12.72
N ASN C 370 10.73 0.47 11.78
CA ASN C 370 11.66 0.96 10.76
C ASN C 370 12.12 2.34 11.18
N SER C 371 13.38 2.45 11.60
CA SER C 371 13.92 3.71 12.05
C SER C 371 15.18 4.09 11.28
N THR C 372 15.40 5.38 11.12
CA THR C 372 16.57 5.89 10.40
C THR C 372 17.86 5.60 11.16
N ALA C 373 17.72 5.24 12.43
CA ALA C 373 18.86 4.93 13.28
C ALA C 373 19.56 3.66 12.83
N ILE C 374 18.87 2.87 12.01
CA ILE C 374 19.43 1.62 11.51
C ILE C 374 20.60 1.89 10.56
N GLN C 375 20.76 3.16 10.18
CA GLN C 375 21.84 3.55 9.29
C GLN C 375 23.20 3.34 9.95
N GLU C 376 23.22 3.37 11.29
CA GLU C 376 24.44 3.17 12.05
C GLU C 376 24.97 1.76 11.81
N LEU C 377 24.05 0.85 11.54
CA LEU C 377 24.39 -0.54 11.27
C LEU C 377 25.12 -0.63 9.94
N PHE C 378 24.55 -0.01 8.92
CA PHE C 378 25.15 -0.02 7.59
C PHE C 378 26.48 0.72 7.62
N LYS C 379 26.52 1.83 8.36
CA LYS C 379 27.73 2.63 8.50
C LYS C 379 28.86 1.78 9.08
N ARG C 380 28.50 0.88 9.99
CA ARG C 380 29.46 0.00 10.62
C ARG C 380 30.04 -0.99 9.62
N ILE C 381 29.16 -1.62 8.84
CA ILE C 381 29.59 -2.58 7.83
C ILE C 381 30.40 -1.87 6.75
N SER C 382 29.95 -0.68 6.37
CA SER C 382 30.61 0.13 5.37
C SER C 382 32.04 0.45 5.81
N GLU C 383 32.21 0.81 7.07
CA GLU C 383 33.51 1.14 7.62
C GLU C 383 34.40 -0.11 7.64
N GLN C 384 33.84 -1.24 8.05
CA GLN C 384 34.59 -2.50 8.10
C GLN C 384 35.03 -2.91 6.71
N PHE C 385 34.13 -2.81 5.74
CA PHE C 385 34.40 -3.17 4.37
C PHE C 385 35.58 -2.40 3.80
N THR C 386 35.45 -1.08 3.70
CA THR C 386 36.49 -0.22 3.15
C THR C 386 37.84 -0.42 3.86
N ALA C 387 37.80 -0.61 5.18
CA ALA C 387 39.02 -0.80 5.97
C ALA C 387 39.89 -1.93 5.43
N MET C 388 39.24 -3.01 5.00
CA MET C 388 39.98 -4.17 4.47
C MET C 388 39.95 -4.18 2.93
N PHE C 389 39.01 -3.44 2.36
CA PHE C 389 38.87 -3.35 0.91
C PHE C 389 40.02 -2.57 0.30
N ARG C 390 40.38 -1.46 0.95
CA ARG C 390 41.47 -0.62 0.48
C ARG C 390 42.78 -1.39 0.45
N ARG C 391 42.95 -2.31 1.39
CA ARG C 391 44.16 -3.11 1.47
C ARG C 391 44.00 -4.42 0.70
N LYS C 392 42.77 -4.70 0.26
CA LYS C 392 42.46 -5.93 -0.47
C LYS C 392 42.93 -7.15 0.33
N ALA C 393 42.43 -7.25 1.56
CA ALA C 393 42.80 -8.32 2.48
C ALA C 393 42.59 -9.71 1.88
N PHE C 394 41.33 -10.15 1.83
CA PHE C 394 41.01 -11.46 1.31
C PHE C 394 40.25 -11.35 0.00
N LEU C 395 40.62 -10.37 -0.80
CA LEU C 395 39.98 -10.13 -2.09
C LEU C 395 40.25 -11.29 -3.05
N HIS C 396 41.45 -11.86 -2.93
CA HIS C 396 41.88 -12.97 -3.78
C HIS C 396 40.94 -14.18 -3.69
N TRP C 397 40.28 -14.33 -2.54
CA TRP C 397 39.37 -15.44 -2.33
C TRP C 397 38.15 -15.33 -3.23
N TYR C 398 37.80 -14.10 -3.57
CA TYR C 398 36.64 -13.85 -4.41
C TYR C 398 37.03 -13.93 -5.89
N THR C 399 38.17 -13.36 -6.24
CA THR C 399 38.65 -13.39 -7.61
C THR C 399 39.03 -14.81 -8.03
N GLY C 400 39.44 -15.61 -7.04
CA GLY C 400 39.81 -16.99 -7.31
C GLY C 400 38.63 -17.81 -7.79
N GLU C 401 37.47 -17.52 -7.24
CA GLU C 401 36.25 -18.23 -7.62
C GLU C 401 35.68 -17.62 -8.89
N GLY C 402 35.45 -16.32 -8.86
CA GLY C 402 34.90 -15.62 -10.00
C GLY C 402 34.18 -14.37 -9.59
N MET C 403 34.91 -13.26 -9.54
CA MET C 403 34.33 -11.98 -9.14
C MET C 403 35.10 -10.84 -9.80
N ASP C 404 34.38 -9.76 -10.13
CA ASP C 404 34.84 -8.56 -10.76
C ASP C 404 35.44 -7.65 -9.71
N GLU C 405 36.60 -6.96 -9.99
CA GLU C 405 37.15 -5.98 -9.08
C GLU C 405 36.17 -4.82 -8.83
N MET C 406 35.43 -4.46 -9.87
CA MET C 406 34.47 -3.36 -9.76
C MET C 406 33.19 -3.80 -9.05
N GLU C 407 32.92 -5.12 -9.03
CA GLU C 407 31.75 -5.67 -8.42
C GLU C 407 31.77 -5.29 -6.96
N PHE C 408 32.96 -5.24 -6.35
CA PHE C 408 33.12 -4.92 -4.93
C PHE C 408 32.59 -3.52 -4.67
N THR C 409 32.95 -2.58 -5.54
CA THR C 409 32.52 -1.20 -5.42
C THR C 409 31.02 -1.06 -5.70
N GLU C 410 30.50 -1.87 -6.62
CA GLU C 410 29.08 -1.85 -6.98
C GLU C 410 28.23 -1.98 -5.72
N ALA C 411 28.57 -2.96 -4.89
CA ALA C 411 27.84 -3.21 -3.66
C ALA C 411 28.10 -2.11 -2.63
N GLU C 412 29.34 -1.65 -2.56
CA GLU C 412 29.72 -0.60 -1.61
C GLU C 412 28.99 0.70 -1.89
N SER C 413 29.01 1.13 -3.15
CA SER C 413 28.35 2.38 -3.55
C SER C 413 26.85 2.33 -3.24
N ASN C 414 26.25 1.17 -3.48
CA ASN C 414 24.82 0.98 -3.24
C ASN C 414 24.50 1.03 -1.75
N MET C 415 25.27 0.31 -0.95
CA MET C 415 25.05 0.31 0.50
C MET C 415 25.22 1.71 1.06
N ASN C 416 26.24 2.41 0.59
CA ASN C 416 26.52 3.77 1.04
C ASN C 416 25.40 4.72 0.64
N ASP C 417 24.85 4.51 -0.57
CA ASP C 417 23.76 5.34 -1.07
C ASP C 417 22.49 5.13 -0.24
N LEU C 418 22.31 3.92 0.27
CA LEU C 418 21.17 3.59 1.09
C LEU C 418 21.23 4.36 2.41
N VAL C 419 22.43 4.45 2.98
CA VAL C 419 22.64 5.17 4.22
C VAL C 419 22.31 6.64 4.04
N SER C 420 22.68 7.17 2.88
CA SER C 420 22.42 8.55 2.54
C SER C 420 20.92 8.82 2.53
N GLU C 421 20.19 8.00 1.77
CA GLU C 421 18.73 8.13 1.66
C GLU C 421 18.10 8.21 3.05
N TYR C 422 18.50 7.29 3.92
CA TYR C 422 18.00 7.24 5.28
C TYR C 422 18.30 8.53 6.05
N GLN C 423 19.56 8.94 6.05
CA GLN C 423 19.98 10.15 6.77
C GLN C 423 19.29 11.40 6.24
N GLN C 424 19.03 11.45 4.93
CA GLN C 424 18.40 12.63 4.40
C GLN C 424 17.07 12.79 5.08
N TYR C 425 16.31 11.68 5.23
CA TYR C 425 14.95 11.74 5.78
C TYR C 425 14.97 11.79 7.30
N GLN C 426 16.13 11.49 7.88
CA GLN C 426 16.28 11.51 9.33
C GLN C 426 16.26 12.94 9.82
N ASP C 427 16.94 13.82 9.10
CA ASP C 427 17.00 15.23 9.46
C ASP C 427 15.92 16.02 8.74
PG GTP D . -8.65 -3.55 4.40
O1G GTP D . -8.47 -3.97 2.93
O2G GTP D . -8.40 -4.70 5.35
O3G GTP D . -7.64 -2.42 4.58
O3B GTP D . -10.19 -3.07 4.78
PB GTP D . -10.72 -2.58 6.26
O1B GTP D . -11.36 -1.22 6.03
O2B GTP D . -11.51 -3.63 6.89
O3A GTP D . -9.45 -2.24 7.03
PA GTP D . -9.09 -1.98 8.50
O1A GTP D . -9.62 -3.03 9.39
O2A GTP D . -7.62 -1.75 8.56
O5' GTP D . -9.81 -0.53 8.80
C5' GTP D . -9.61 -0.09 10.14
C4' GTP D . -10.22 1.23 10.49
O4' GTP D . -11.58 1.04 10.95
C3' GTP D . -9.46 1.81 11.66
O3' GTP D . -9.58 3.21 11.67
C2' GTP D . -10.14 1.14 12.84
O2' GTP D . -10.01 1.96 14.01
C1' GTP D . -11.60 1.01 12.38
N9 GTP D . -12.30 -0.23 12.79
C8 GTP D . -11.91 -1.51 12.51
N7 GTP D . -12.73 -2.41 13.01
C5 GTP D . -13.69 -1.68 13.67
C6 GTP D . -14.80 -2.11 14.39
O6 GTP D . -15.15 -3.26 14.58
N1 GTP D . -15.56 -1.03 14.92
C2 GTP D . -15.26 0.30 14.75
N2 GTP D . -16.06 1.15 15.32
N3 GTP D . -14.19 0.71 14.08
C4 GTP D . -13.45 -0.31 13.55
MG MG E . -9.87 -6.30 6.48
PB GDP F . 27.20 -20.26 5.76
O1B GDP F . 26.13 -19.81 4.85
O2B GDP F . 26.90 -21.33 6.59
O3B GDP F . 28.56 -20.45 4.88
O3A GDP F . 27.45 -19.05 6.75
PA GDP F . 27.38 -18.99 8.42
O1A GDP F . 25.96 -19.22 8.84
O2A GDP F . 28.38 -20.01 8.92
O5' GDP F . 27.73 -17.50 8.69
C5' GDP F . 28.30 -17.08 9.96
C4' GDP F . 27.55 -16.06 10.66
O4' GDP F . 26.22 -16.62 11.02
C3' GDP F . 28.10 -15.65 12.07
O3' GDP F . 27.87 -14.20 12.19
C2' GDP F . 27.27 -16.35 13.17
O2' GDP F . 27.06 -15.70 14.43
C1' GDP F . 25.93 -16.60 12.48
N9 GDP F . 25.27 -17.86 12.83
C8 GDP F . 25.86 -19.15 12.33
N7 GDP F . 24.86 -19.93 12.94
C5 GDP F . 23.90 -19.37 13.64
C6 GDP F . 22.74 -19.59 14.43
O6 GDP F . 22.35 -20.87 14.57
N1 GDP F . 22.00 -18.61 15.00
C2 GDP F . 22.44 -17.20 14.82
N2 GDP F . 21.59 -16.43 15.47
N3 GDP F . 23.48 -16.94 14.15
C4 GDP F . 24.17 -17.94 13.57
O01 TA1 G . 10.48 -21.08 27.63
C01 TA1 G . 9.34 -20.21 27.78
C02 TA1 G . 9.91 -18.76 28.23
O02 TA1 G . 10.80 -18.42 27.09
C03 TA1 G . 12.20 -18.46 27.31
O03 TA1 G . 12.71 -18.72 28.37
C04 TA1 G . 12.95 -18.12 26.13
C05 TA1 G . 14.04 -19.07 25.89
C06 TA1 G . 14.87 -18.79 24.67
C07 TA1 G . 14.60 -17.67 23.84
C08 TA1 G . 13.64 -16.92 24.15
C09 TA1 G . 12.76 -17.05 25.25
C10 TA1 G . 8.87 -17.54 28.42
C11 TA1 G . 9.36 -16.15 27.77
O04 TA1 G . 9.48 -16.23 26.29
C12 TA1 G . 8.39 -16.39 25.47
O05 TA1 G . 7.26 -16.47 25.83
C13 TA1 G . 8.86 -16.43 24.03
C14 TA1 G . 10.72 -15.53 28.18
O06 TA1 G . 10.12 -14.29 28.62
C15 TA1 G . 8.81 -14.77 28.27
C16 TA1 G . 7.83 -14.76 29.50
C17 TA1 G . 7.26 -16.13 29.84
O07 TA1 G . 6.41 -16.02 31.01
C18 TA1 G . 8.38 -17.26 30.02
C19 TA1 G . 9.51 -16.72 30.94
C20 TA1 G . 7.78 -18.51 30.86
O08 TA1 G . 8.24 -18.75 31.96
C21 TA1 G . 6.66 -19.40 30.31
O09 TA1 G . 6.37 -20.45 31.32
C22 TA1 G . 5.16 -20.46 32.00
O10 TA1 G . 4.29 -19.66 31.84
C23 TA1 G . 5.12 -21.60 32.98
C24 TA1 G . 7.07 -20.02 28.96
C25 TA1 G . 6.36 -19.68 27.82
C26 TA1 G . 6.94 -20.21 26.48
O11 TA1 G . 6.40 -19.55 25.28
C27 TA1 G . 5.37 -20.11 24.67
O12 TA1 G . 4.80 -21.11 24.99
C28 TA1 G . 4.96 -19.28 23.42
O13 TA1 G . 3.89 -19.94 22.79
C29 TA1 G . 6.21 -19.16 22.51
N01 TA1 G . 6.72 -20.51 22.29
C30 TA1 G . 8.02 -20.77 22.01
O14 TA1 G . 8.87 -19.90 21.90
C31 TA1 G . 8.33 -22.22 21.88
C32 TA1 G . 7.74 -23.06 20.93
C33 TA1 G . 8.06 -24.44 20.86
C34 TA1 G . 9.01 -24.97 21.79
C35 TA1 G . 9.59 -24.15 22.73
C36 TA1 G . 9.27 -22.80 22.80
C37 TA1 G . 5.88 -18.38 21.20
C38 TA1 G . 6.09 -17.00 21.19
C39 TA1 G . 5.79 -16.24 20.04
C40 TA1 G . 5.29 -16.87 18.89
C41 TA1 G . 5.09 -18.24 18.89
C42 TA1 G . 5.38 -19.01 20.06
C43 TA1 G . 8.51 -20.03 26.42
C44 TA1 G . 5.15 -18.76 27.74
C45 TA1 G . 8.35 -20.97 28.88
C46 TA1 G . 7.90 -22.43 28.42
C47 TA1 G . 9.15 -21.27 30.18
N SER A 41 23.99 24.01 -15.30
CA SER A 41 23.59 23.32 -16.48
C SER A 41 22.24 23.89 -16.79
N GLU A 42 21.60 23.31 -17.82
CA GLU A 42 20.30 23.68 -18.29
C GLU A 42 19.31 22.83 -17.56
N LYS A 43 18.03 23.24 -17.59
CA LYS A 43 16.92 22.53 -16.99
C LYS A 43 16.38 21.59 -18.02
N VAL A 44 15.66 20.52 -17.59
CA VAL A 44 15.05 19.58 -18.50
C VAL A 44 14.08 20.36 -19.34
N LYS A 45 14.28 20.39 -20.68
CA LYS A 45 13.43 21.29 -21.43
C LYS A 45 12.31 20.48 -22.06
N VAL A 46 11.08 20.84 -21.74
CA VAL A 46 9.92 20.12 -22.24
C VAL A 46 9.23 20.86 -23.37
N TYR A 47 9.04 20.15 -24.46
CA TYR A 47 8.39 20.69 -25.64
C TYR A 47 7.10 19.93 -25.88
N LEU A 48 6.02 20.65 -26.11
CA LEU A 48 4.75 20.02 -26.35
C LEU A 48 4.47 19.97 -27.83
N ARG A 49 4.02 18.84 -28.30
CA ARG A 49 3.74 18.67 -29.70
C ARG A 49 2.27 18.37 -29.90
N ILE A 50 1.64 19.17 -30.72
CA ILE A 50 0.24 18.99 -31.04
C ILE A 50 0.14 18.37 -32.41
N ARG A 51 -0.46 17.20 -32.46
CA ARG A 51 -0.65 16.47 -33.69
C ARG A 51 -1.34 17.35 -34.73
N PRO A 52 -0.83 17.34 -35.98
CA PRO A 52 -1.44 18.10 -37.07
C PRO A 52 -2.88 17.65 -37.27
N PHE A 53 -3.78 18.61 -37.41
CA PHE A 53 -5.22 18.35 -37.55
C PHE A 53 -5.54 17.21 -38.51
N LEU A 54 -5.84 16.05 -37.96
CA LEU A 54 -6.16 14.87 -38.73
C LEU A 54 -7.65 14.71 -38.91
N THR A 55 -8.05 14.11 -40.02
CA THR A 55 -9.46 13.90 -40.31
C THR A 55 -10.07 12.95 -39.29
N SER A 56 -9.31 11.93 -38.93
CA SER A 56 -9.75 10.92 -37.97
C SER A 56 -10.07 11.54 -36.62
N GLU A 57 -9.35 12.61 -36.28
CA GLU A 57 -9.54 13.29 -35.00
C GLU A 57 -10.86 14.05 -35.00
N LEU A 58 -11.05 14.91 -35.99
CA LEU A 58 -12.26 15.70 -36.11
C LEU A 58 -13.48 14.83 -36.39
N ASP A 59 -13.26 13.69 -37.03
CA ASP A 59 -14.35 12.78 -37.35
C ASP A 59 -14.76 12.00 -36.11
N ARG A 60 -13.80 11.77 -35.22
CA ARG A 60 -14.03 11.05 -33.97
C ARG A 60 -15.08 11.79 -33.15
N GLN A 61 -14.80 13.05 -32.89
CA GLN A 61 -15.71 13.90 -32.13
C GLN A 61 -15.38 15.35 -32.39
N GLU A 62 -16.07 16.25 -31.71
CA GLU A 62 -15.82 17.68 -31.89
C GLU A 62 -14.49 18.10 -31.31
N ASP A 63 -13.48 18.16 -32.17
CA ASP A 63 -12.13 18.57 -31.78
C ASP A 63 -12.16 20.03 -31.37
N GLN A 64 -12.80 20.84 -32.22
CA GLN A 64 -12.93 22.28 -32.00
C GLN A 64 -11.65 22.93 -31.48
N GLY A 65 -11.79 23.80 -30.50
CA GLY A 65 -10.64 24.47 -29.92
C GLY A 65 -10.29 23.96 -28.53
N CYS A 66 -10.32 22.64 -28.34
CA CYS A 66 -10.00 22.05 -27.04
C CYS A 66 -8.64 22.57 -26.56
N VAL A 67 -7.61 22.33 -27.35
CA VAL A 67 -6.29 22.84 -27.03
C VAL A 67 -6.10 24.14 -27.79
N CYS A 68 -5.78 25.20 -27.09
CA CYS A 68 -5.60 26.49 -27.72
C CYS A 68 -4.12 26.86 -27.78
N ILE A 69 -3.76 27.64 -28.78
CA ILE A 69 -2.39 28.05 -28.98
C ILE A 69 -2.24 29.56 -28.77
N GLU A 70 -1.74 29.91 -27.60
CA GLU A 70 -1.52 31.31 -27.23
C GLU A 70 -0.03 31.47 -26.99
N ASN A 71 0.70 31.74 -28.07
CA ASN A 71 2.16 31.87 -28.04
C ASN A 71 2.81 30.49 -28.03
N THR A 72 4.11 30.43 -28.25
CA THR A 72 4.83 29.18 -28.28
C THR A 72 5.21 28.68 -26.87
N GLU A 73 5.31 29.61 -25.93
CA GLU A 73 5.69 29.28 -24.56
C GLU A 73 4.55 28.65 -23.76
N THR A 74 3.37 29.25 -23.81
CA THR A 74 2.25 28.77 -23.04
C THR A 74 1.06 28.36 -23.93
N LEU A 75 0.21 27.50 -23.39
CA LEU A 75 -0.96 27.04 -24.09
C LEU A 75 -2.18 27.18 -23.20
N VAL A 76 -3.29 27.58 -23.78
CA VAL A 76 -4.53 27.74 -23.04
C VAL A 76 -5.40 26.51 -23.25
N LEU A 77 -5.97 25.97 -22.19
CA LEU A 77 -6.80 24.80 -22.29
C LEU A 77 -8.27 25.12 -22.11
N GLN A 78 -9.04 24.78 -23.12
CA GLN A 78 -10.48 24.96 -23.13
C GLN A 78 -11.03 23.63 -23.61
N ALA A 79 -11.04 22.67 -22.71
CA ALA A 79 -11.44 21.32 -23.05
C ALA A 79 -12.90 21.07 -22.79
N PRO A 80 -13.66 20.86 -23.86
CA PRO A 80 -15.07 20.55 -23.82
C PRO A 80 -15.25 19.07 -23.52
N GLN A 95 -16.67 22.44 -19.64
CA GLN A 95 -15.49 23.29 -19.77
C GLN A 95 -14.45 23.00 -18.71
N ALA A 96 -13.20 22.93 -19.14
CA ALA A 96 -12.09 22.69 -18.25
C ALA A 96 -11.03 23.74 -18.54
N THR A 97 -10.59 24.43 -17.50
CA THR A 97 -9.62 25.49 -17.68
C THR A 97 -8.27 25.11 -17.08
N HIS A 98 -7.22 25.31 -17.86
CA HIS A 98 -5.87 25.01 -17.44
C HIS A 98 -4.87 25.73 -18.32
N LYS A 99 -3.71 26.05 -17.77
CA LYS A 99 -2.68 26.74 -18.52
C LYS A 99 -1.43 25.85 -18.58
N PHE A 100 -0.99 25.54 -19.79
CA PHE A 100 0.16 24.67 -19.96
C PHE A 100 1.41 25.47 -20.33
N THR A 101 2.40 25.43 -19.45
CA THR A 101 3.65 26.13 -19.68
C THR A 101 4.75 25.16 -20.07
N PHE A 102 5.34 25.37 -21.24
CA PHE A 102 6.40 24.51 -21.73
C PHE A 102 7.54 25.36 -22.28
N SER A 103 8.63 24.72 -22.67
CA SER A 103 9.77 25.43 -23.23
C SER A 103 9.41 25.99 -24.60
N GLN A 104 8.84 25.13 -25.44
CA GLN A 104 8.43 25.50 -26.79
C GLN A 104 7.35 24.53 -27.27
N ILE A 105 6.24 25.06 -27.77
CA ILE A 105 5.17 24.21 -28.28
C ILE A 105 5.20 24.20 -29.81
N PHE A 106 4.98 23.02 -30.39
CA PHE A 106 5.00 22.87 -31.83
C PHE A 106 3.73 22.18 -32.32
N GLY A 107 3.21 22.63 -33.45
CA GLY A 107 2.00 22.07 -33.98
C GLY A 107 0.79 22.86 -33.54
N PRO A 108 -0.40 22.59 -34.10
CA PRO A 108 -0.59 21.57 -35.14
C PRO A 108 -0.11 22.05 -36.51
N GLU A 109 0.15 23.35 -36.65
CA GLU A 109 0.63 23.90 -37.91
C GLU A 109 2.06 23.45 -38.17
N VAL A 110 2.90 23.58 -37.16
CA VAL A 110 4.31 23.20 -37.26
C VAL A 110 4.45 21.68 -37.48
N GLY A 111 5.10 21.31 -38.57
CA GLY A 111 5.31 19.91 -38.87
C GLY A 111 6.48 19.33 -38.10
N GLN A 112 6.92 18.15 -38.51
CA GLN A 112 8.04 17.48 -37.84
C GLN A 112 9.37 18.12 -38.22
N VAL A 113 9.55 18.38 -39.52
CA VAL A 113 10.78 18.98 -40.01
C VAL A 113 11.12 20.27 -39.27
N ALA A 114 10.13 21.15 -39.12
CA ALA A 114 10.32 22.41 -38.42
C ALA A 114 10.65 22.18 -36.93
N PHE A 115 10.07 21.12 -36.37
CA PHE A 115 10.29 20.78 -34.97
C PHE A 115 11.71 20.25 -34.80
N PHE A 116 12.13 19.42 -35.74
CA PHE A 116 13.46 18.83 -35.74
C PHE A 116 14.52 19.92 -35.94
N ASN A 117 14.29 20.78 -36.94
CA ASN A 117 15.22 21.86 -37.28
C ASN A 117 15.53 22.75 -36.10
N LEU A 118 14.58 22.87 -35.19
CA LEU A 118 14.75 23.72 -34.01
C LEU A 118 15.78 23.14 -33.03
N THR A 119 15.37 22.15 -32.24
CA THR A 119 16.23 21.56 -31.25
C THR A 119 17.10 20.41 -31.77
N MET A 120 16.48 19.42 -32.39
CA MET A 120 17.20 18.24 -32.88
C MET A 120 18.36 18.56 -33.83
N LYS A 121 18.16 19.50 -34.74
CA LYS A 121 19.21 19.88 -35.69
C LYS A 121 20.48 20.28 -34.94
N GLU A 122 20.30 21.06 -33.88
CA GLU A 122 21.41 21.51 -33.06
C GLU A 122 21.93 20.37 -32.19
N MET A 123 20.99 19.54 -31.73
CA MET A 123 21.31 18.40 -30.89
C MET A 123 22.32 17.48 -31.55
N VAL A 124 22.05 17.13 -32.81
CA VAL A 124 22.93 16.26 -33.58
C VAL A 124 24.35 16.82 -33.61
N LYS A 125 24.46 18.11 -33.90
CA LYS A 125 25.75 18.78 -33.96
C LYS A 125 26.48 18.71 -32.61
N ASP A 126 25.71 18.86 -31.54
CA ASP A 126 26.27 18.81 -30.19
C ASP A 126 26.79 17.42 -29.86
N VAL A 127 26.01 16.40 -30.22
CA VAL A 127 26.39 15.02 -29.97
C VAL A 127 27.64 14.66 -30.76
N LEU A 128 27.70 15.08 -32.03
CA LEU A 128 28.85 14.81 -32.89
C LEU A 128 30.13 15.39 -32.28
N LYS A 129 29.96 16.45 -31.50
CA LYS A 129 31.07 17.12 -30.82
C LYS A 129 31.59 16.26 -29.67
N GLY A 130 30.79 15.31 -29.23
CA GLY A 130 31.19 14.46 -28.12
C GLY A 130 30.32 14.65 -26.90
N GLN A 131 29.23 15.40 -27.03
CA GLN A 131 28.31 15.64 -25.93
C GLN A 131 27.28 14.52 -25.81
N ASN A 132 26.73 14.35 -24.62
CA ASN A 132 25.70 13.33 -24.39
C ASN A 132 24.33 13.97 -24.46
N TRP A 133 23.44 13.39 -25.26
CA TRP A 133 22.10 13.93 -25.39
C TRP A 133 21.04 12.84 -25.36
N LEU A 134 19.97 13.10 -24.64
CA LEU A 134 18.88 12.15 -24.52
C LEU A 134 17.57 12.79 -24.98
N ILE A 135 16.84 12.09 -25.83
CA ILE A 135 15.57 12.59 -26.32
C ILE A 135 14.43 11.73 -25.76
N TYR A 136 13.44 12.38 -25.21
CA TYR A 136 12.30 11.71 -24.61
C TYR A 136 11.07 11.90 -25.48
N THR A 137 10.42 10.81 -25.82
CA THR A 137 9.22 10.85 -26.64
C THR A 137 8.08 10.12 -25.94
N TYR A 138 7.04 10.85 -25.59
CA TYR A 138 5.89 10.29 -24.90
C TYR A 138 4.61 10.57 -25.66
N GLY A 139 3.66 9.65 -25.53
CA GLY A 139 2.37 9.78 -26.17
C GLY A 139 1.55 8.55 -25.93
N VAL A 140 0.24 8.68 -25.88
CA VAL A 140 -0.63 7.53 -25.66
C VAL A 140 -1.16 7.03 -27.00
N THR A 141 -2.30 6.40 -27.01
CA THR A 141 -2.88 5.87 -28.25
C THR A 141 -3.39 6.95 -29.23
N ASN A 142 -2.94 6.85 -30.49
CA ASN A 142 -3.37 7.75 -31.57
C ASN A 142 -2.87 9.18 -31.40
N SER A 143 -1.95 9.39 -30.46
CA SER A 143 -1.40 10.72 -30.24
C SER A 143 -0.58 11.18 -31.44
N GLY A 144 -0.10 10.22 -32.22
CA GLY A 144 0.68 10.53 -33.40
C GLY A 144 2.17 10.47 -33.13
N LYS A 145 2.55 9.60 -32.20
CA LYS A 145 3.94 9.44 -31.83
C LYS A 145 4.78 8.94 -33.01
N THR A 146 4.23 7.97 -33.74
CA THR A 146 4.92 7.39 -34.89
C THR A 146 5.30 8.45 -35.93
N TYR A 147 4.40 9.40 -36.18
CA TYR A 147 4.66 10.46 -37.15
C TYR A 147 5.71 11.43 -36.65
N THR A 148 5.70 11.71 -35.35
CA THR A 148 6.65 12.63 -34.76
C THR A 148 8.06 12.03 -34.63
N ILE A 149 8.17 10.82 -34.12
CA ILE A 149 9.48 10.19 -33.94
C ILE A 149 10.02 9.55 -35.22
N GLN A 150 9.27 8.64 -35.80
CA GLN A 150 9.69 7.94 -37.01
C GLN A 150 9.41 8.77 -38.25
N GLY A 151 8.23 9.34 -38.30
CA GLY A 151 7.83 10.13 -39.43
C GLY A 151 7.16 9.28 -40.48
N THR A 152 6.85 9.87 -41.63
CA THR A 152 6.20 9.15 -42.70
C THR A 152 7.22 8.78 -43.76
N SER A 153 6.74 8.26 -44.88
CA SER A 153 7.60 7.88 -45.97
C SER A 153 8.19 9.12 -46.65
N LYS A 154 7.32 10.07 -46.97
CA LYS A 154 7.72 11.32 -47.61
C LYS A 154 8.39 12.25 -46.62
N ASP A 155 7.71 12.53 -45.51
CA ASP A 155 8.23 13.42 -44.48
C ASP A 155 8.94 12.62 -43.39
N ALA A 156 10.25 12.62 -43.45
CA ALA A 156 11.07 11.91 -42.47
C ALA A 156 10.95 12.56 -41.10
N GLY A 157 10.82 11.72 -40.07
CA GLY A 157 10.72 12.21 -38.72
C GLY A 157 12.05 12.59 -38.13
N ILE A 158 12.09 12.76 -36.82
CA ILE A 158 13.31 13.13 -36.11
C ILE A 158 14.42 12.11 -36.32
N LEU A 159 14.07 10.83 -36.21
CA LEU A 159 15.04 9.74 -36.36
C LEU A 159 15.75 9.77 -37.73
N PRO A 160 15.01 9.60 -38.85
CA PRO A 160 15.63 9.60 -40.18
C PRO A 160 16.35 10.90 -40.52
N GLN A 161 15.79 12.02 -40.08
CA GLN A 161 16.39 13.33 -40.35
C GLN A 161 17.68 13.50 -39.55
N SER A 162 17.70 12.95 -38.33
CA SER A 162 18.87 13.02 -37.47
C SER A 162 20.00 12.22 -38.10
N LEU A 163 19.66 11.06 -38.65
CA LEU A 163 20.61 10.19 -39.31
C LEU A 163 21.31 10.93 -40.45
N ALA A 164 20.52 11.71 -41.19
CA ALA A 164 21.05 12.49 -42.30
C ALA A 164 22.11 13.48 -41.82
N LEU A 165 21.87 14.08 -40.66
CA LEU A 165 22.82 15.04 -40.10
C LEU A 165 24.03 14.32 -39.54
N ILE A 166 23.80 13.15 -38.96
CA ILE A 166 24.87 12.34 -38.40
C ILE A 166 25.90 12.01 -39.48
N PHE A 167 25.41 11.51 -40.60
CA PHE A 167 26.27 11.14 -41.72
C PHE A 167 26.82 12.39 -42.43
N ASN A 168 26.21 13.53 -42.18
CA ASN A 168 26.64 14.77 -42.80
C ASN A 168 27.95 15.27 -42.22
N SER A 169 28.20 14.92 -40.96
CA SER A 169 29.44 15.31 -40.28
C SER A 169 30.61 14.54 -40.87
N LEU A 170 30.29 13.47 -41.57
CA LEU A 170 31.30 12.61 -42.17
C LEU A 170 31.88 13.17 -43.45
N ILE A 276 39.86 7.32 -40.90
CA ILE A 276 40.15 8.10 -39.70
C ILE A 276 39.14 7.70 -38.64
N ARG A 277 39.43 7.98 -37.38
CA ARG A 277 38.57 7.59 -36.28
C ARG A 277 37.15 8.15 -36.32
N PHE A 278 36.28 7.41 -36.99
CA PHE A 278 34.87 7.75 -37.03
C PHE A 278 34.06 6.46 -37.02
N SER A 279 33.73 6.00 -35.84
CA SER A 279 32.95 4.78 -35.68
C SER A 279 31.58 5.08 -35.08
N VAL A 280 30.54 4.64 -35.76
CA VAL A 280 29.19 4.87 -35.29
C VAL A 280 28.60 3.57 -34.75
N TRP A 281 28.39 3.52 -33.44
CA TRP A 281 27.81 2.35 -32.80
C TRP A 281 26.39 2.65 -32.40
N ILE A 282 25.46 1.86 -32.93
CA ILE A 282 24.06 2.04 -32.62
C ILE A 282 23.51 0.79 -31.99
N SER A 283 22.89 0.95 -30.83
CA SER A 283 22.29 -0.16 -30.11
C SER A 283 20.81 0.11 -29.89
N PHE A 284 20.02 -0.94 -29.84
CA PHE A 284 18.59 -0.82 -29.66
C PHE A 284 18.08 -1.92 -28.75
N PHE A 285 17.51 -1.54 -27.61
CA PHE A 285 16.99 -2.51 -26.67
C PHE A 285 15.68 -2.03 -26.05
N GLU A 286 14.82 -2.99 -25.70
CA GLU A 286 13.52 -2.69 -25.12
C GLU A 286 13.44 -3.31 -23.73
N ILE A 287 12.61 -2.72 -22.86
CA ILE A 287 12.46 -3.22 -21.50
C ILE A 287 11.07 -3.83 -21.29
N TYR A 288 11.05 -5.03 -20.74
CA TYR A 288 9.82 -5.72 -20.46
C TYR A 288 9.93 -6.44 -19.11
N ASN A 289 9.06 -6.06 -18.17
CA ASN A 289 9.04 -6.66 -16.83
C ASN A 289 10.37 -6.49 -16.11
N GLU A 290 10.90 -5.27 -16.13
CA GLU A 290 12.17 -4.93 -15.48
C GLU A 290 13.37 -5.67 -16.09
N LEU A 291 13.15 -6.31 -17.23
CA LEU A 291 14.22 -7.03 -17.90
C LEU A 291 14.40 -6.48 -19.31
N LEU A 292 15.64 -6.18 -19.67
CA LEU A 292 15.93 -5.63 -20.97
C LEU A 292 16.31 -6.73 -21.96
N TYR A 293 15.98 -6.51 -23.22
CA TYR A 293 16.31 -7.45 -24.28
C TYR A 293 16.92 -6.67 -25.43
N ASP A 294 18.05 -7.15 -25.91
CA ASP A 294 18.75 -6.49 -27.00
C ASP A 294 18.09 -6.77 -28.35
N LEU A 295 17.57 -5.71 -28.96
CA LEU A 295 16.91 -5.81 -30.26
C LEU A 295 17.86 -5.62 -31.44
N LEU A 296 19.16 -5.57 -31.18
CA LEU A 296 20.15 -5.37 -32.22
C LEU A 296 20.37 -6.62 -33.05
N GLU A 297 19.72 -6.67 -34.23
CA GLU A 297 19.83 -7.80 -35.16
C GLU A 297 19.80 -9.16 -34.46
N PRO A 298 18.76 -9.45 -33.67
CA PRO A 298 18.63 -10.72 -32.97
C PRO A 298 17.73 -11.68 -33.73
N PRO A 299 17.67 -12.95 -33.32
CA PRO A 299 16.80 -13.95 -33.96
C PRO A 299 15.36 -13.44 -33.99
N SER A 300 14.74 -13.47 -35.16
CA SER A 300 13.37 -13.00 -35.31
C SER A 300 12.40 -13.86 -34.53
N HIS A 301 12.01 -13.34 -33.38
CA HIS A 301 11.09 -14.01 -32.47
C HIS A 301 10.45 -12.96 -31.61
N THR A 307 19.15 -10.92 -19.85
CA THR A 307 19.70 -10.37 -18.61
C THR A 307 19.96 -8.87 -18.71
N LEU A 308 20.99 -8.51 -19.48
CA LEU A 308 21.39 -7.12 -19.67
C LEU A 308 21.57 -6.40 -18.33
N ARG A 309 22.50 -6.90 -17.48
CA ARG A 309 22.72 -6.32 -16.19
C ARG A 309 23.39 -5.00 -16.37
N LEU A 310 23.12 -4.06 -15.45
CA LEU A 310 23.72 -2.76 -15.51
C LEU A 310 24.90 -2.77 -14.61
N CYS A 311 26.14 -2.71 -15.15
CA CYS A 311 27.15 -2.60 -14.13
C CYS A 311 27.63 -1.19 -14.12
N GLU A 312 28.18 -0.77 -12.98
CA GLU A 312 28.62 0.58 -12.80
C GLU A 312 30.12 0.64 -12.93
N ASP A 313 30.60 1.63 -13.72
CA ASP A 313 32.00 1.87 -14.03
C ASP A 313 32.65 2.68 -12.93
N GLN A 314 33.97 2.87 -13.00
CA GLN A 314 34.69 3.66 -12.00
C GLN A 314 34.23 5.11 -12.08
N ASN A 315 33.63 5.45 -13.22
CA ASN A 315 33.11 6.79 -13.46
C ASN A 315 31.92 7.09 -12.58
N GLY A 316 31.22 6.03 -12.18
CA GLY A 316 30.05 6.18 -11.33
C GLY A 316 28.78 5.81 -12.08
N ASN A 317 28.76 6.09 -13.37
CA ASN A 317 27.61 5.78 -14.21
C ASN A 317 27.58 4.31 -14.63
N PRO A 318 26.37 3.73 -14.74
CA PRO A 318 26.18 2.34 -15.14
C PRO A 318 26.14 2.18 -16.66
N TYR A 319 26.49 0.99 -17.11
CA TYR A 319 26.47 0.65 -18.54
C TYR A 319 25.70 -0.64 -18.73
N VAL A 320 25.08 -0.80 -19.89
CA VAL A 320 24.32 -2.00 -20.17
C VAL A 320 25.27 -3.09 -20.64
N LYS A 321 25.31 -4.20 -19.91
CA LYS A 321 26.18 -5.30 -20.25
C LYS A 321 25.48 -6.28 -21.18
N ASP A 322 26.28 -7.00 -21.98
CA ASP A 322 25.78 -7.99 -22.93
C ASP A 322 25.05 -7.36 -24.12
N LEU A 323 25.25 -6.07 -24.33
CA LEU A 323 24.63 -5.37 -25.45
C LEU A 323 25.36 -5.72 -26.74
N ASN A 324 24.68 -5.62 -27.87
CA ASN A 324 25.29 -5.92 -29.15
C ASN A 324 26.04 -4.71 -29.69
N TRP A 325 27.05 -4.97 -30.52
CA TRP A 325 27.84 -3.89 -31.09
C TRP A 325 27.85 -3.96 -32.61
N ILE A 326 27.12 -3.07 -33.25
CA ILE A 326 27.07 -3.05 -34.70
C ILE A 326 27.50 -1.69 -35.24
N HIS A 327 28.34 -1.71 -36.27
CA HIS A 327 28.82 -0.49 -36.89
C HIS A 327 27.85 -0.02 -37.96
N VAL A 328 27.59 1.27 -37.99
CA VAL A 328 26.67 1.83 -38.97
C VAL A 328 27.43 2.72 -39.95
N ARG A 329 27.70 2.17 -41.12
CA ARG A 329 28.42 2.88 -42.17
C ARG A 329 27.49 3.78 -42.99
N ASP A 330 26.26 3.32 -43.21
CA ASP A 330 25.32 4.08 -44.01
C ASP A 330 24.04 4.41 -43.23
N VAL A 331 23.36 5.46 -43.68
CA VAL A 331 22.12 5.91 -43.05
C VAL A 331 21.05 4.82 -43.13
N GLU A 332 21.00 4.14 -44.27
CA GLU A 332 20.02 3.08 -44.46
C GLU A 332 20.25 1.92 -43.49
N GLU A 333 21.51 1.74 -43.09
CA GLU A 333 21.85 0.66 -42.16
C GLU A 333 21.24 0.93 -40.80
N ALA A 334 21.29 2.19 -40.38
CA ALA A 334 20.73 2.59 -39.11
C ALA A 334 19.21 2.43 -39.15
N TRP A 335 18.63 2.80 -40.28
CA TRP A 335 17.19 2.69 -40.49
C TRP A 335 16.76 1.22 -40.44
N LYS A 336 17.54 0.36 -41.08
CA LYS A 336 17.24 -1.06 -41.10
C LYS A 336 17.35 -1.66 -39.70
N LEU A 337 18.27 -1.12 -38.91
CA LEU A 337 18.47 -1.59 -37.54
C LEU A 337 17.19 -1.47 -36.73
N LEU A 338 16.56 -0.28 -36.80
CA LEU A 338 15.37 -0.02 -36.05
C LEU A 338 14.26 -0.86 -36.59
N LYS A 339 14.23 -1.06 -37.92
CA LYS A 339 13.13 -1.81 -38.46
C LYS A 339 13.13 -3.20 -37.90
N VAL A 340 14.31 -3.86 -37.84
CA VAL A 340 14.35 -5.20 -37.35
C VAL A 340 13.96 -5.22 -35.89
N GLY A 341 14.51 -4.27 -35.12
CA GLY A 341 14.31 -4.24 -33.71
C GLY A 341 12.84 -4.07 -33.43
N ARG A 342 12.16 -3.21 -34.21
CA ARG A 342 10.78 -2.95 -34.00
C ARG A 342 9.98 -4.17 -34.27
N LYS A 343 10.45 -5.05 -35.17
CA LYS A 343 9.71 -6.24 -35.41
C LYS A 343 9.68 -7.09 -34.17
N ASN A 344 10.83 -7.24 -33.46
CA ASN A 344 10.80 -8.16 -32.34
C ASN A 344 10.35 -7.46 -31.08
N GLN A 345 9.53 -6.40 -31.20
CA GLN A 345 9.10 -5.63 -30.06
C GLN A 345 8.15 -6.44 -29.25
N SER A 346 8.20 -6.29 -27.91
CA SER A 346 7.34 -7.00 -27.02
C SER A 346 5.92 -6.56 -27.18
N SER A 357 -0.95 -0.78 -26.16
CA SER A 357 0.39 -0.59 -26.67
C SER A 357 1.21 -0.29 -25.47
N ARG A 358 2.44 -0.84 -25.40
CA ARG A 358 3.26 -0.65 -24.23
C ARG A 358 4.62 -1.13 -24.56
N SER A 359 5.59 -0.78 -23.70
CA SER A 359 6.98 -1.16 -23.74
C SER A 359 7.75 0.05 -24.11
N HIS A 360 8.89 0.20 -23.44
CA HIS A 360 9.90 1.24 -23.61
C HIS A 360 11.15 0.74 -24.32
N SER A 361 11.39 1.25 -25.51
CA SER A 361 12.55 0.88 -26.28
C SER A 361 13.50 2.07 -26.41
N ILE A 362 14.79 1.82 -26.25
CA ILE A 362 15.77 2.89 -26.34
C ILE A 362 16.75 2.63 -27.49
N PHE A 363 16.96 3.67 -28.30
CA PHE A 363 17.85 3.60 -29.45
C PHE A 363 19.03 4.51 -29.16
N SER A 364 20.23 3.94 -29.09
CA SER A 364 21.42 4.72 -28.77
C SER A 364 22.41 4.78 -29.93
N ILE A 365 22.70 6.00 -30.36
CA ILE A 365 23.64 6.23 -31.44
C ILE A 365 24.89 6.88 -30.84
N ARG A 366 26.03 6.16 -30.89
CA ARG A 366 27.24 6.64 -30.32
C ARG A 366 28.15 7.10 -31.41
N ILE A 367 28.68 8.32 -31.29
CA ILE A 367 29.60 8.80 -32.28
C ILE A 367 30.93 8.81 -31.62
N LEU A 368 31.80 7.91 -32.16
CA LEU A 368 33.08 7.73 -31.57
C LEU A 368 34.05 8.27 -32.57
N HIS A 369 34.62 9.48 -32.29
CA HIS A 369 35.50 10.02 -33.28
C HIS A 369 36.88 10.07 -32.69
N LEU A 370 37.89 9.60 -33.44
CA LEU A 370 39.21 9.55 -32.89
C LEU A 370 40.16 10.11 -33.90
N GLN A 371 41.35 10.54 -33.44
CA GLN A 371 42.41 11.02 -34.33
C GLN A 371 43.15 9.82 -34.91
N LYS A 379 36.70 9.54 -28.27
CA LYS A 379 35.74 10.56 -27.90
C LYS A 379 34.41 9.88 -27.84
N ILE A 380 33.73 9.98 -26.67
CA ILE A 380 32.49 9.28 -26.50
C ILE A 380 31.32 10.19 -26.40
N SER A 381 30.32 9.97 -27.29
CA SER A 381 29.10 10.73 -27.20
C SER A 381 27.97 9.78 -27.41
N GLU A 382 26.83 9.99 -26.69
CA GLU A 382 25.74 9.08 -26.89
C GLU A 382 24.47 9.85 -27.10
N LEU A 383 23.77 9.53 -28.21
CA LEU A 383 22.50 10.12 -28.55
C LEU A 383 21.47 9.01 -28.44
N SER A 384 20.63 9.06 -27.42
CA SER A 384 19.66 8.01 -27.22
C SER A 384 18.22 8.49 -27.32
N LEU A 385 17.43 7.72 -28.05
CA LEU A 385 16.02 7.99 -28.25
C LEU A 385 15.23 7.10 -27.30
N CYS A 386 14.17 7.61 -26.73
CA CYS A 386 13.36 6.83 -25.79
C CYS A 386 11.88 6.82 -26.15
N ASP A 387 11.38 5.64 -26.47
CA ASP A 387 9.97 5.47 -26.80
C ASP A 387 9.25 5.05 -25.53
N LEU A 388 8.58 5.99 -24.88
CA LEU A 388 7.89 5.70 -23.65
C LEU A 388 6.44 5.34 -23.87
N ALA A 389 6.00 4.29 -23.19
CA ALA A 389 4.63 3.84 -23.27
C ALA A 389 3.72 4.85 -22.59
N GLY A 390 2.56 5.13 -23.20
CA GLY A 390 1.66 6.02 -22.53
C GLY A 390 0.94 5.18 -21.53
N SER A 391 0.33 5.90 -20.55
CA SER A 391 -0.08 5.39 -19.25
C SER A 391 -1.18 4.41 -19.32
N GLU A 392 -1.21 3.44 -18.37
CA GLU A 392 -2.29 2.54 -18.64
C GLU A 392 -3.00 2.05 -17.42
N ARG A 393 -4.34 1.95 -17.55
CA ARG A 393 -5.13 1.26 -16.55
C ARG A 393 -6.23 0.60 -17.32
N CYS A 394 -6.05 -0.72 -17.60
CA CYS A 394 -7.01 -1.53 -18.29
C CYS A 394 -6.86 -2.86 -17.64
N ARG A 402 1.95 -12.68 -17.26
CA ARG A 402 2.65 -11.57 -16.68
C ARG A 402 1.75 -10.84 -15.73
N LEU A 403 2.29 -10.46 -14.55
CA LEU A 403 1.45 -9.80 -13.60
C LEU A 403 1.90 -8.38 -13.49
N LYS A 404 0.98 -7.48 -13.03
CA LYS A 404 1.10 -6.09 -12.67
C LYS A 404 1.78 -5.30 -13.76
N GLU A 405 1.53 -5.68 -15.03
CA GLU A 405 2.17 -5.04 -16.18
C GLU A 405 1.94 -3.53 -16.24
N ALA A 406 0.68 -3.12 -16.18
CA ALA A 406 0.35 -1.69 -16.23
C ALA A 406 0.87 -0.96 -15.00
N GLY A 407 0.70 -1.56 -13.83
CA GLY A 407 1.16 -0.94 -12.60
C GLY A 407 2.67 -0.83 -12.55
N ASN A 408 3.35 -1.84 -13.09
CA ASN A 408 4.81 -1.86 -13.11
C ASN A 408 5.35 -0.75 -14.00
N ILE A 409 4.86 -0.69 -15.22
CA ILE A 409 5.31 0.33 -16.16
C ILE A 409 4.88 1.72 -15.68
N ASN A 410 3.74 1.79 -15.00
CA ASN A 410 3.23 3.04 -14.46
C ASN A 410 4.18 3.56 -13.39
N THR A 411 4.76 2.63 -12.64
CA THR A 411 5.72 2.97 -11.59
C THR A 411 6.99 3.56 -12.20
N SER A 412 7.48 2.92 -13.26
CA SER A 412 8.69 3.39 -13.95
C SER A 412 8.46 4.76 -14.57
N LEU A 413 7.21 5.05 -14.89
CA LEU A 413 6.84 6.34 -15.47
C LEU A 413 6.87 7.41 -14.39
N HIS A 414 6.37 7.06 -13.21
CA HIS A 414 6.34 8.00 -12.09
C HIS A 414 7.72 8.23 -11.49
N THR A 415 8.55 7.19 -11.45
CA THR A 415 9.89 7.32 -10.91
C THR A 415 10.71 8.26 -11.77
N LEU A 416 10.55 8.13 -13.08
CA LEU A 416 11.25 8.98 -14.03
C LEU A 416 10.83 10.43 -13.83
N GLY A 417 9.52 10.63 -13.60
CA GLY A 417 9.00 11.96 -13.38
C GLY A 417 9.54 12.56 -12.09
N ARG A 418 9.59 11.75 -11.03
CA ARG A 418 10.11 12.22 -9.75
C ARG A 418 11.56 12.65 -9.88
N CYS A 419 12.29 11.97 -10.76
CA CYS A 419 13.69 12.28 -10.99
C CYS A 419 13.81 13.65 -11.66
N ILE A 420 12.91 13.93 -12.60
CA ILE A 420 12.91 15.20 -13.30
C ILE A 420 12.51 16.32 -12.33
N ALA A 421 11.51 16.04 -11.51
CA ALA A 421 11.02 17.00 -10.52
C ALA A 421 12.12 17.35 -9.53
N ALA A 422 12.86 16.35 -9.07
CA ALA A 422 13.95 16.55 -8.13
C ALA A 422 14.98 17.51 -8.71
N LEU A 423 15.29 17.31 -9.97
CA LEU A 423 16.26 18.15 -10.67
C LEU A 423 15.69 19.56 -10.92
N ARG A 424 14.40 19.62 -11.24
CA ARG A 424 13.74 20.89 -11.50
C ARG A 424 13.87 21.83 -10.32
N GLN A 425 13.54 21.34 -9.12
CA GLN A 425 13.64 22.15 -7.92
C GLN A 425 15.09 22.31 -7.48
N ASN A 426 15.95 21.39 -7.88
CA ASN A 426 17.36 21.46 -7.54
C ASN A 426 17.97 22.69 -8.19
N GLN A 427 17.69 22.86 -9.49
CA GLN A 427 18.19 24.01 -10.23
C GLN A 427 17.39 25.27 -9.90
N GLN A 428 16.22 25.09 -9.28
CA GLN A 428 15.37 26.21 -8.88
C GLN A 428 16.05 26.98 -7.76
N ASN A 429 16.51 26.19 -6.76
CA ASN A 429 17.18 26.63 -5.57
C ASN A 429 18.65 26.48 -5.80
N ARG A 430 19.45 27.04 -4.88
CA ARG A 430 20.90 27.03 -4.88
C ARG A 430 21.44 25.63 -4.73
N SER A 431 20.79 24.79 -3.89
CA SER A 431 21.21 23.42 -3.72
C SER A 431 20.03 22.68 -3.17
N LYS A 432 20.06 21.33 -3.24
CA LYS A 432 19.04 20.47 -2.69
C LYS A 432 19.70 19.14 -2.47
N GLN A 433 19.05 18.26 -1.66
CA GLN A 433 19.50 16.95 -1.31
C GLN A 433 19.49 16.08 -2.54
N ASN A 434 18.50 16.31 -3.43
CA ASN A 434 18.39 15.71 -4.73
C ASN A 434 18.51 14.21 -4.68
N LEU A 435 17.64 13.53 -3.90
CA LEU A 435 17.74 12.09 -3.93
C LEU A 435 17.01 11.65 -5.16
N ILE A 436 17.80 11.26 -6.17
CA ILE A 436 17.31 10.82 -7.47
C ILE A 436 17.04 9.32 -7.47
N PRO A 437 15.85 9.00 -7.91
CA PRO A 437 15.31 7.66 -7.93
C PRO A 437 15.88 6.78 -9.00
N PHE A 438 17.16 6.95 -9.37
CA PHE A 438 17.74 6.16 -10.43
C PHE A 438 17.66 4.69 -10.11
N ARG A 439 17.96 4.32 -8.85
CA ARG A 439 18.01 2.97 -8.39
C ARG A 439 16.63 2.36 -8.46
N ASP A 440 15.57 3.19 -8.43
CA ASP A 440 14.21 2.71 -8.39
C ASP A 440 13.88 1.81 -9.56
N SER A 441 14.18 2.21 -10.80
CA SER A 441 13.80 1.35 -11.90
C SER A 441 15.02 1.07 -12.72
N LYS A 442 14.97 -0.03 -13.51
CA LYS A 442 16.12 -0.40 -14.33
C LYS A 442 16.41 0.66 -15.39
N LEU A 443 15.35 1.25 -15.94
CA LEU A 443 15.48 2.29 -16.96
C LEU A 443 16.20 3.52 -16.43
N THR A 444 15.86 3.93 -15.22
CA THR A 444 16.47 5.11 -14.61
C THR A 444 17.97 4.92 -14.44
N ARG A 445 18.44 3.67 -14.20
CA ARG A 445 19.86 3.44 -14.08
C ARG A 445 20.55 3.63 -15.43
N VAL A 446 19.94 3.22 -16.57
CA VAL A 446 20.53 3.43 -17.89
C VAL A 446 20.57 4.93 -18.16
N PHE A 447 19.48 5.57 -17.77
CA PHE A 447 19.31 7.00 -17.93
C PHE A 447 20.28 7.76 -17.02
N GLN A 448 20.68 7.12 -15.91
CA GLN A 448 21.60 7.72 -14.95
C GLN A 448 22.92 8.12 -15.59
N GLY A 449 23.40 7.30 -16.52
CA GLY A 449 24.65 7.60 -17.20
C GLY A 449 24.64 9.00 -17.77
N PHE A 450 23.58 9.29 -18.51
CA PHE A 450 23.41 10.60 -19.12
C PHE A 450 22.96 11.64 -18.08
N PHE A 451 21.90 11.33 -17.35
CA PHE A 451 21.31 12.24 -16.36
C PHE A 451 22.26 12.65 -15.24
N THR A 452 23.14 11.76 -14.82
CA THR A 452 24.09 12.11 -13.78
C THR A 452 25.25 12.89 -14.37
N GLY A 453 25.55 12.59 -15.64
CA GLY A 453 26.63 13.25 -16.33
C GLY A 453 26.21 14.56 -16.97
N ARG A 454 27.14 15.19 -17.68
CA ARG A 454 26.86 16.43 -18.37
C ARG A 454 26.13 16.13 -19.68
N GLY A 455 24.95 16.70 -19.85
CA GLY A 455 24.19 16.47 -21.06
C GLY A 455 22.86 17.16 -21.03
N ARG A 456 22.41 17.63 -22.18
CA ARG A 456 21.12 18.30 -22.28
C ARG A 456 20.01 17.29 -22.53
N SER A 457 18.87 17.50 -21.88
CA SER A 457 17.74 16.60 -22.04
C SER A 457 16.59 17.28 -22.79
N CYS A 458 15.92 16.52 -23.65
CA CYS A 458 14.79 17.04 -24.41
C CYS A 458 13.54 16.22 -24.14
N MET A 459 12.57 16.83 -23.49
CA MET A 459 11.32 16.14 -23.17
C MET A 459 10.25 16.50 -24.19
N ILE A 460 9.91 15.56 -25.05
CA ILE A 460 8.91 15.80 -26.07
C ILE A 460 7.65 14.98 -25.82
N VAL A 461 6.55 15.67 -25.57
CA VAL A 461 5.28 15.02 -25.33
C VAL A 461 4.31 15.39 -26.45
N ASN A 462 3.84 14.38 -27.16
CA ASN A 462 2.91 14.60 -28.27
C ASN A 462 1.51 14.20 -27.86
N VAL A 463 0.56 15.09 -28.06
CA VAL A 463 -0.83 14.83 -27.68
C VAL A 463 -1.79 15.25 -28.80
N ASN A 464 -3.05 14.88 -28.64
CA ASN A 464 -4.07 15.23 -29.62
C ASN A 464 -4.81 16.49 -29.18
N PRO A 465 -5.23 17.32 -30.13
CA PRO A 465 -5.96 18.56 -29.83
C PRO A 465 -7.45 18.30 -29.58
N CYS A 466 -7.83 17.03 -29.63
CA CYS A 466 -9.23 16.63 -29.43
C CYS A 466 -9.72 16.84 -28.01
N ALA A 467 -11.03 17.01 -27.88
CA ALA A 467 -11.68 17.23 -26.61
C ALA A 467 -11.84 15.94 -25.82
N SER A 468 -12.20 14.85 -26.51
CA SER A 468 -12.40 13.56 -25.87
C SER A 468 -11.10 13.01 -25.31
N THR A 469 -10.00 13.39 -25.93
CA THR A 469 -8.69 12.93 -25.53
C THR A 469 -8.14 13.76 -24.35
N TYR A 470 -9.00 14.59 -23.76
CA TYR A 470 -8.61 15.42 -22.62
C TYR A 470 -7.98 14.59 -21.50
N ASP A 471 -8.61 13.46 -21.19
CA ASP A 471 -8.10 12.58 -20.14
C ASP A 471 -6.72 12.05 -20.51
N GLU A 472 -6.53 11.77 -21.79
CA GLU A 472 -5.27 11.28 -22.31
C GLU A 472 -4.20 12.36 -22.22
N THR A 473 -4.53 13.52 -22.78
CA THR A 473 -3.63 14.66 -22.80
C THR A 473 -3.30 15.14 -21.38
N LEU A 474 -4.30 15.11 -20.50
CA LEU A 474 -4.11 15.53 -19.12
C LEU A 474 -3.00 14.72 -18.45
N HIS A 475 -3.07 13.40 -18.58
CA HIS A 475 -2.07 12.52 -17.99
C HIS A 475 -0.70 12.72 -18.64
N ALA A 476 -0.72 13.05 -19.92
CA ALA A 476 0.51 13.29 -20.66
C ALA A 476 1.16 14.58 -20.20
N ALA A 477 0.34 15.58 -19.92
CA ALA A 477 0.82 16.86 -19.44
C ALA A 477 1.30 16.77 -18.00
N LYS A 478 0.64 15.93 -17.21
CA LYS A 478 1.00 15.75 -15.81
C LYS A 478 2.36 15.07 -15.68
N PHE A 479 2.79 14.40 -16.74
CA PHE A 479 4.08 13.72 -16.76
C PHE A 479 5.18 14.79 -16.83
N SER A 480 4.99 15.76 -17.69
CA SER A 480 5.93 16.85 -17.87
C SER A 480 5.94 17.75 -16.63
N ALA A 481 4.74 18.07 -16.08
CA ALA A 481 4.56 18.83 -14.87
C ALA A 481 4.34 20.26 -15.18
N LEU A 482 3.95 21.05 -14.16
CA LEU A 482 3.83 22.46 -14.33
C LEU A 482 5.01 23.01 -13.58
N ALA A 483 5.50 24.20 -13.97
CA ALA A 483 6.71 24.77 -13.45
C ALA A 483 6.55 25.31 -12.05
N ARG B 2 -39.68 0.08 -0.67
CA ARG B 2 -39.86 -0.40 0.70
C ARG B 2 -38.61 -1.10 1.22
N GLU B 3 -38.29 -2.24 0.63
CA GLU B 3 -37.14 -3.04 1.03
C GLU B 3 -35.83 -2.31 0.72
N CYS B 4 -34.81 -2.60 1.51
CA CYS B 4 -33.50 -1.98 1.32
C CYS B 4 -32.39 -3.01 1.49
N ILE B 5 -31.72 -3.34 0.40
CA ILE B 5 -30.65 -4.33 0.44
C ILE B 5 -29.35 -3.67 0.91
N SER B 6 -28.80 -4.19 1.99
CA SER B 6 -27.58 -3.64 2.55
C SER B 6 -26.33 -4.28 1.94
N ILE B 7 -25.32 -3.47 1.72
CA ILE B 7 -24.06 -3.93 1.15
C ILE B 7 -22.91 -3.62 2.10
N HIS B 8 -22.67 -4.55 3.00
CA HIS B 8 -21.60 -4.40 3.98
C HIS B 8 -20.29 -4.82 3.33
N VAL B 9 -19.31 -3.93 3.33
CA VAL B 9 -18.03 -4.24 2.70
C VAL B 9 -16.84 -3.85 3.59
N GLY B 10 -15.83 -4.72 3.63
CA GLY B 10 -14.64 -4.46 4.41
C GLY B 10 -14.67 -5.20 5.73
N GLN B 11 -13.50 -5.38 6.33
CA GLN B 11 -13.39 -6.08 7.61
C GLN B 11 -14.31 -5.44 8.64
N ALA B 12 -14.15 -4.14 8.83
CA ALA B 12 -14.97 -3.40 9.79
C ALA B 12 -16.42 -3.41 9.35
N GLY B 13 -16.65 -3.42 8.03
CA GLY B 13 -18.00 -3.45 7.50
C GLY B 13 -18.71 -4.73 7.86
N VAL B 14 -18.00 -5.84 7.75
CA VAL B 14 -18.56 -7.15 8.08
C VAL B 14 -18.76 -7.24 9.59
N GLN B 15 -17.78 -6.73 10.34
CA GLN B 15 -17.84 -6.75 11.79
C GLN B 15 -19.04 -5.95 12.30
N ILE B 16 -19.22 -4.76 11.75
CA ILE B 16 -20.34 -3.90 12.13
C ILE B 16 -21.66 -4.51 11.67
N GLY B 17 -21.64 -5.13 10.49
CA GLY B 17 -22.83 -5.76 9.95
C GLY B 17 -23.25 -6.94 10.79
N ASN B 18 -22.27 -7.68 11.30
CA ASN B 18 -22.53 -8.84 12.13
C ASN B 18 -23.29 -8.44 13.39
N ALA B 19 -22.87 -7.33 13.99
CA ALA B 19 -23.51 -6.83 15.20
C ALA B 19 -24.85 -6.19 14.86
N CYS B 20 -24.90 -5.50 13.72
CA CYS B 20 -26.11 -4.84 13.26
C CYS B 20 -27.20 -5.87 12.97
N TRP B 21 -26.85 -6.89 12.18
CA TRP B 21 -27.82 -7.91 11.84
C TRP B 21 -28.24 -8.75 13.04
N GLU B 22 -27.36 -8.84 14.03
CA GLU B 22 -27.67 -9.59 15.25
C GLU B 22 -28.84 -8.93 15.97
N LEU B 23 -28.76 -7.62 16.12
CA LEU B 23 -29.81 -6.86 16.79
C LEU B 23 -31.09 -6.89 15.96
N TYR B 24 -30.93 -6.83 14.64
CA TYR B 24 -32.06 -6.84 13.72
C TYR B 24 -32.96 -8.06 13.95
N CYS B 25 -32.38 -9.25 13.84
CA CYS B 25 -33.15 -10.47 14.03
C CYS B 25 -33.59 -10.65 15.48
N LEU B 26 -32.73 -10.24 16.41
CA LEU B 26 -33.02 -10.34 17.83
C LEU B 26 -34.23 -9.51 18.22
N GLU B 27 -34.30 -8.27 17.74
CA GLU B 27 -35.41 -7.38 18.05
C GLU B 27 -36.69 -7.78 17.31
N HIS B 28 -36.54 -8.67 16.34
CA HIS B 28 -37.68 -9.15 15.57
C HIS B 28 -38.17 -10.47 16.13
N GLY B 29 -37.48 -10.95 17.17
CA GLY B 29 -37.84 -12.21 17.81
C GLY B 29 -37.56 -13.41 16.93
N ILE B 30 -36.59 -13.28 16.04
CA ILE B 30 -36.23 -14.37 15.15
C ILE B 30 -34.94 -15.03 15.59
N GLN B 31 -34.96 -16.36 15.64
CA GLN B 31 -33.79 -17.13 16.05
C GLN B 31 -32.75 -17.15 14.94
N PRO B 32 -31.48 -17.45 15.27
CA PRO B 32 -30.39 -17.53 14.28
C PRO B 32 -30.76 -18.47 13.14
N ASP B 33 -31.49 -19.53 13.47
CA ASP B 33 -31.94 -20.49 12.47
C ASP B 33 -33.37 -20.14 12.08
N GLY B 34 -33.52 -19.02 11.38
CA GLY B 34 -34.83 -18.57 10.96
C GLY B 34 -35.14 -18.98 9.54
N HIS B 61 -35.24 -15.58 9.24
CA HIS B 61 -35.72 -15.59 7.86
C HIS B 61 -34.59 -15.23 6.91
N VAL B 62 -34.94 -14.93 5.66
CA VAL B 62 -33.95 -14.58 4.64
C VAL B 62 -33.45 -13.14 4.86
N PRO B 63 -32.14 -12.98 5.10
CA PRO B 63 -31.53 -11.67 5.33
C PRO B 63 -31.44 -10.85 4.05
N ARG B 64 -31.89 -9.60 4.13
CA ARG B 64 -31.86 -8.71 2.98
C ARG B 64 -30.58 -7.88 2.97
N ALA B 65 -29.44 -8.57 3.00
CA ALA B 65 -28.13 -7.90 3.01
C ALA B 65 -27.05 -8.83 2.49
N VAL B 66 -25.94 -8.25 2.07
CA VAL B 66 -24.81 -9.01 1.55
C VAL B 66 -23.51 -8.55 2.20
N PHE B 67 -22.52 -9.43 2.26
CA PHE B 67 -21.23 -9.12 2.86
C PHE B 67 -20.10 -9.43 1.89
N VAL B 68 -19.27 -8.44 1.61
CA VAL B 68 -18.15 -8.60 0.70
C VAL B 68 -16.85 -8.06 1.30
N ASP B 69 -15.76 -8.78 1.11
CA ASP B 69 -14.46 -8.39 1.63
C ASP B 69 -13.36 -9.06 0.81
N LEU B 70 -12.10 -8.75 1.12
CA LEU B 70 -10.98 -9.33 0.40
C LEU B 70 -10.19 -10.31 1.27
N GLU B 71 -10.61 -10.48 2.51
CA GLU B 71 -9.96 -11.41 3.42
C GLU B 71 -10.91 -12.56 3.73
N PRO B 72 -10.55 -13.79 3.33
CA PRO B 72 -11.36 -14.97 3.57
C PRO B 72 -11.65 -15.18 5.06
N THR B 73 -10.67 -14.86 5.89
CA THR B 73 -10.79 -15.02 7.34
C THR B 73 -11.93 -14.18 7.92
N VAL B 74 -12.14 -13.00 7.36
CA VAL B 74 -13.20 -12.11 7.84
C VAL B 74 -14.58 -12.72 7.59
N ILE B 75 -14.80 -13.20 6.39
CA ILE B 75 -16.07 -13.79 6.02
C ILE B 75 -16.23 -15.16 6.68
N ASP B 76 -15.12 -15.87 6.84
CA ASP B 76 -15.12 -17.19 7.47
C ASP B 76 -15.56 -17.11 8.93
N GLU B 77 -15.28 -15.98 9.57
CA GLU B 77 -15.66 -15.78 10.95
C GLU B 77 -17.17 -15.82 11.10
N VAL B 78 -17.86 -15.25 10.11
CA VAL B 78 -19.32 -15.23 10.11
C VAL B 78 -19.86 -16.61 9.77
N ARG B 79 -19.11 -17.35 8.97
CA ARG B 79 -19.51 -18.69 8.55
C ARG B 79 -19.23 -19.71 9.65
N THR B 80 -18.74 -19.24 10.80
CA THR B 80 -18.44 -20.12 11.91
C THR B 80 -18.78 -19.47 13.26
N GLY B 81 -19.35 -18.27 13.21
CA GLY B 81 -19.69 -17.57 14.42
C GLY B 81 -21.16 -17.63 14.76
N THR B 82 -21.69 -16.52 15.25
CA THR B 82 -23.09 -16.45 15.62
C THR B 82 -23.95 -16.22 14.38
N TYR B 83 -25.15 -16.82 14.36
CA TYR B 83 -26.08 -16.69 13.24
C TYR B 83 -25.45 -17.26 11.98
N ARG B 84 -24.67 -18.33 12.16
CA ARG B 84 -23.97 -19.00 11.08
C ARG B 84 -24.89 -19.42 9.94
N GLN B 85 -26.03 -19.99 10.29
CA GLN B 85 -26.98 -20.45 9.27
C GLN B 85 -28.06 -19.43 8.97
N LEU B 86 -27.87 -18.20 9.45
CA LEU B 86 -28.85 -17.15 9.20
C LEU B 86 -28.62 -16.54 7.83
N PHE B 87 -27.37 -16.56 7.39
CA PHE B 87 -27.00 -16.01 6.09
C PHE B 87 -26.75 -17.11 5.09
N HIS B 88 -26.67 -16.74 3.81
CA HIS B 88 -26.42 -17.68 2.75
C HIS B 88 -25.04 -17.45 2.15
N PRO B 89 -24.38 -18.50 1.63
CA PRO B 89 -23.04 -18.38 1.04
C PRO B 89 -23.04 -17.53 -0.23
N GLU B 90 -24.22 -17.34 -0.81
CA GLU B 90 -24.38 -16.56 -2.02
C GLU B 90 -24.24 -15.06 -1.74
N GLN B 91 -24.55 -14.68 -0.50
CA GLN B 91 -24.45 -13.29 -0.09
C GLN B 91 -23.19 -13.05 0.72
N LEU B 92 -22.23 -13.95 0.56
CA LEU B 92 -20.96 -13.87 1.27
C LEU B 92 -19.81 -14.16 0.31
N ILE B 93 -19.30 -13.11 -0.32
CA ILE B 93 -18.20 -13.26 -1.27
C ILE B 93 -16.85 -13.35 -0.55
N THR B 94 -16.05 -14.33 -0.95
CA THR B 94 -14.75 -14.53 -0.34
C THR B 94 -13.63 -14.34 -1.36
N GLY B 95 -12.87 -13.27 -1.21
CA GLY B 95 -11.76 -12.99 -2.11
C GLY B 95 -10.48 -13.61 -1.60
N LYS B 96 -10.31 -14.91 -1.84
CA LYS B 96 -9.14 -15.63 -1.38
C LYS B 96 -7.88 -15.34 -2.21
N GLU B 97 -7.53 -14.07 -2.32
CA GLU B 97 -6.35 -13.68 -3.08
C GLU B 97 -5.51 -12.68 -2.31
N ASP B 98 -6.08 -11.53 -2.03
CA ASP B 98 -5.38 -10.47 -1.29
C ASP B 98 -6.37 -9.45 -0.78
N ALA B 99 -6.01 -8.76 0.30
CA ALA B 99 -6.88 -7.77 0.90
C ALA B 99 -6.22 -6.39 0.88
N ALA B 100 -5.08 -6.29 1.58
CA ALA B 100 -4.31 -5.06 1.68
C ALA B 100 -5.10 -3.94 2.36
N ASN B 101 -4.54 -2.74 2.37
CA ASN B 101 -5.18 -1.59 3.00
C ASN B 101 -5.00 -0.34 2.15
N ASN B 102 -5.00 -0.53 0.84
CA ASN B 102 -4.85 0.58 -0.09
C ASN B 102 -5.97 0.61 -1.12
N TYR B 103 -6.53 1.80 -1.30
CA TYR B 103 -7.64 2.02 -2.23
C TYR B 103 -7.36 1.47 -3.63
N ALA B 104 -6.19 1.80 -4.17
CA ALA B 104 -5.79 1.37 -5.51
C ALA B 104 -5.91 -0.14 -5.71
N ARG B 105 -5.34 -0.91 -4.80
CA ARG B 105 -5.37 -2.36 -4.90
C ARG B 105 -6.78 -2.90 -4.80
N GLY B 106 -7.55 -2.38 -3.86
CA GLY B 106 -8.90 -2.83 -3.67
C GLY B 106 -9.89 -2.15 -4.61
N HIS B 107 -9.40 -1.65 -5.73
CA HIS B 107 -10.26 -0.98 -6.70
C HIS B 107 -9.88 -1.36 -8.14
N TYR B 108 -8.62 -1.14 -8.50
CA TYR B 108 -8.18 -1.42 -9.85
C TYR B 108 -7.56 -2.80 -10.05
N THR B 109 -6.57 -3.14 -9.24
CA THR B 109 -5.89 -4.43 -9.36
C THR B 109 -6.80 -5.61 -9.10
N ILE B 110 -7.10 -5.86 -7.83
CA ILE B 110 -7.95 -6.99 -7.44
C ILE B 110 -9.39 -6.58 -7.21
N GLY B 111 -9.63 -5.28 -7.13
CA GLY B 111 -10.97 -4.78 -6.89
C GLY B 111 -11.91 -5.13 -8.03
N LYS B 112 -11.45 -4.92 -9.26
CA LYS B 112 -12.25 -5.19 -10.44
C LYS B 112 -12.30 -6.67 -10.81
N GLU B 113 -11.99 -7.53 -9.85
CA GLU B 113 -12.00 -8.96 -10.10
C GLU B 113 -13.35 -9.59 -9.74
N ILE B 114 -13.80 -9.37 -8.51
CA ILE B 114 -15.06 -9.95 -8.04
C ILE B 114 -16.25 -8.98 -8.18
N ILE B 115 -15.98 -7.75 -8.61
CA ILE B 115 -17.04 -6.75 -8.77
C ILE B 115 -18.19 -7.25 -9.66
N ASP B 116 -17.84 -7.97 -10.73
CA ASP B 116 -18.84 -8.52 -11.65
C ASP B 116 -19.82 -9.43 -10.93
N LEU B 117 -19.27 -10.36 -10.15
CA LEU B 117 -20.08 -11.31 -9.41
C LEU B 117 -20.89 -10.60 -8.32
N VAL B 118 -20.26 -9.65 -7.65
CA VAL B 118 -20.92 -8.90 -6.59
C VAL B 118 -22.12 -8.14 -7.12
N LEU B 119 -21.95 -7.47 -8.26
CA LEU B 119 -23.02 -6.70 -8.88
C LEU B 119 -24.17 -7.63 -9.26
N ASP B 120 -23.82 -8.82 -9.70
CA ASP B 120 -24.81 -9.81 -10.10
C ASP B 120 -25.64 -10.26 -8.91
N ARG B 121 -24.98 -10.51 -7.79
CA ARG B 121 -25.65 -10.95 -6.57
C ARG B 121 -26.68 -9.94 -6.10
N ILE B 122 -26.30 -8.68 -5.98
CA ILE B 122 -27.21 -7.64 -5.52
C ILE B 122 -28.34 -7.40 -6.51
N ARG B 123 -28.04 -7.46 -7.80
CA ARG B 123 -29.05 -7.27 -8.84
C ARG B 123 -30.06 -8.41 -8.80
N LYS B 124 -29.58 -9.61 -8.51
CA LYS B 124 -30.44 -10.79 -8.41
C LYS B 124 -31.43 -10.62 -7.26
N LEU B 125 -30.91 -10.15 -6.12
CA LEU B 125 -31.74 -9.94 -4.95
C LEU B 125 -32.74 -8.80 -5.18
N ALA B 126 -32.30 -7.78 -5.92
CA ALA B 126 -33.14 -6.64 -6.24
C ALA B 126 -34.32 -7.06 -7.11
N ASP B 127 -34.11 -8.11 -7.89
CA ASP B 127 -35.16 -8.63 -8.76
C ASP B 127 -36.18 -9.43 -7.94
N GLN B 128 -35.71 -10.03 -6.85
CA GLN B 128 -36.56 -10.83 -5.98
C GLN B 128 -37.43 -9.96 -5.06
N CYS B 129 -36.88 -8.83 -4.62
CA CYS B 129 -37.60 -7.94 -3.72
C CYS B 129 -38.84 -7.33 -4.39
N THR B 130 -39.72 -6.76 -3.59
CA THR B 130 -40.93 -6.14 -4.08
C THR B 130 -40.87 -4.63 -3.97
N GLY B 131 -40.27 -4.00 -4.96
CA GLY B 131 -40.15 -2.56 -4.98
C GLY B 131 -39.21 -2.04 -3.92
N LEU B 132 -37.92 -2.30 -4.09
CA LEU B 132 -36.92 -1.83 -3.15
C LEU B 132 -36.73 -0.32 -3.28
N GLN B 133 -36.48 0.34 -2.17
CA GLN B 133 -36.30 1.78 -2.18
C GLN B 133 -34.85 2.13 -2.57
N GLY B 134 -33.92 1.27 -2.19
CA GLY B 134 -32.53 1.51 -2.50
C GLY B 134 -31.62 0.50 -1.83
N PHE B 135 -30.37 0.90 -1.64
CA PHE B 135 -29.38 0.03 -1.02
C PHE B 135 -28.79 0.70 0.21
N SER B 136 -28.46 -0.09 1.22
CA SER B 136 -27.86 0.42 2.44
C SER B 136 -26.39 0.04 2.50
N VAL B 137 -25.53 0.99 2.14
CA VAL B 137 -24.09 0.73 2.13
C VAL B 137 -23.50 0.79 3.54
N PHE B 138 -22.60 -0.14 3.84
CA PHE B 138 -21.93 -0.19 5.13
C PHE B 138 -20.44 -0.45 4.93
N HIS B 139 -19.62 0.53 5.30
CA HIS B 139 -18.19 0.41 5.15
C HIS B 139 -17.46 1.46 5.98
N SER B 140 -16.16 1.56 5.77
CA SER B 140 -15.34 2.52 6.49
C SER B 140 -14.55 3.33 5.46
N PHE B 141 -14.23 4.57 5.78
CA PHE B 141 -13.47 5.42 4.87
C PHE B 141 -12.01 4.99 4.80
N GLY B 142 -11.58 4.25 5.81
CA GLY B 142 -10.22 3.76 5.86
C GLY B 142 -10.15 2.31 5.45
N GLY B 143 -8.95 1.83 5.17
CA GLY B 143 -8.78 0.45 4.75
C GLY B 143 -8.61 0.35 3.24
N GLY B 144 -8.68 -0.86 2.72
CA GLY B 144 -8.53 -1.05 1.29
C GLY B 144 -9.79 -1.57 0.63
N THR B 145 -10.37 -2.60 1.22
CA THR B 145 -11.59 -3.20 0.68
C THR B 145 -12.79 -2.31 0.95
N GLY B 146 -12.80 -1.66 2.12
CA GLY B 146 -13.91 -0.80 2.49
C GLY B 146 -13.87 0.56 1.80
N SER B 147 -12.80 0.82 1.07
CA SER B 147 -12.66 2.09 0.38
C SER B 147 -12.81 1.92 -1.14
N GLY B 148 -11.89 1.16 -1.72
CA GLY B 148 -11.90 0.95 -3.17
C GLY B 148 -13.13 0.22 -3.67
N PHE B 149 -13.46 -0.91 -3.07
CA PHE B 149 -14.61 -1.70 -3.49
C PHE B 149 -15.90 -0.89 -3.45
N THR B 150 -16.12 -0.20 -2.35
CA THR B 150 -17.31 0.61 -2.18
C THR B 150 -17.42 1.67 -3.27
N SER B 151 -16.30 2.30 -3.57
CA SER B 151 -16.24 3.34 -4.58
C SER B 151 -16.76 2.88 -5.94
N LEU B 152 -16.26 1.75 -6.45
CA LEU B 152 -16.70 1.25 -7.74
C LEU B 152 -18.08 0.59 -7.65
N LEU B 153 -18.40 0.05 -6.49
CA LEU B 153 -19.68 -0.61 -6.27
C LEU B 153 -20.82 0.41 -6.38
N MET B 154 -20.69 1.50 -5.66
CA MET B 154 -21.71 2.55 -5.67
C MET B 154 -21.73 3.27 -7.01
N GLU B 155 -20.56 3.33 -7.65
CA GLU B 155 -20.45 3.97 -8.96
C GLU B 155 -21.33 3.23 -9.95
N ARG B 156 -21.21 1.90 -9.95
CA ARG B 156 -22.00 1.06 -10.84
C ARG B 156 -23.46 1.04 -10.44
N LEU B 157 -23.71 0.96 -9.14
CA LEU B 157 -25.08 0.92 -8.63
C LEU B 157 -25.86 2.18 -8.97
N SER B 158 -25.18 3.31 -9.03
CA SER B 158 -25.83 4.57 -9.37
C SER B 158 -26.07 4.70 -10.88
N VAL B 159 -25.40 3.86 -11.65
CA VAL B 159 -25.55 3.89 -13.10
C VAL B 159 -26.72 2.99 -13.50
N ASP B 160 -26.85 1.87 -12.81
CA ASP B 160 -27.93 0.91 -13.09
C ASP B 160 -29.20 1.27 -12.34
N TYR B 161 -29.07 1.54 -11.05
CA TYR B 161 -30.21 1.88 -10.21
C TYR B 161 -30.12 3.33 -9.74
N GLY B 162 -30.06 4.26 -10.68
CA GLY B 162 -29.97 5.67 -10.34
C GLY B 162 -31.24 6.21 -9.73
N LYS B 163 -32.37 5.57 -10.04
CA LYS B 163 -33.67 5.99 -9.52
C LYS B 163 -33.94 5.36 -8.15
N LYS B 164 -32.89 5.08 -7.40
CA LYS B 164 -33.01 4.48 -6.09
C LYS B 164 -32.32 5.34 -5.03
N SER B 165 -32.70 5.14 -3.77
CA SER B 165 -32.11 5.88 -2.66
C SER B 165 -30.76 5.27 -2.26
N LYS B 166 -29.72 6.08 -2.27
CA LYS B 166 -28.37 5.61 -1.92
C LYS B 166 -27.98 6.08 -0.53
N LEU B 167 -28.26 5.25 0.47
CA LEU B 167 -27.93 5.56 1.86
C LEU B 167 -26.74 4.73 2.32
N GLU B 168 -25.67 5.40 2.73
CA GLU B 168 -24.48 4.70 3.19
C GLU B 168 -24.12 5.09 4.62
N PHE B 169 -23.51 4.15 5.32
CA PHE B 169 -23.08 4.36 6.69
C PHE B 169 -21.56 4.23 6.75
N SER B 170 -20.89 5.20 6.16
CA SER B 170 -19.44 5.22 6.10
C SER B 170 -18.80 5.54 7.45
N ILE B 171 -18.16 4.55 8.05
CA ILE B 171 -17.49 4.74 9.33
C ILE B 171 -16.32 5.72 9.13
N TYR B 172 -16.38 6.82 9.83
CA TYR B 172 -15.37 7.86 9.73
C TYR B 172 -14.15 7.53 10.59
N PRO B 173 -12.95 7.68 10.03
CA PRO B 173 -11.71 7.43 10.74
C PRO B 173 -11.53 8.46 11.86
N ALA B 174 -10.96 8.03 12.96
CA ALA B 174 -10.73 8.90 14.11
C ALA B 174 -9.77 10.04 13.77
N PRO B 175 -9.90 11.18 14.47
CA PRO B 175 -9.04 12.35 14.24
C PRO B 175 -7.58 12.08 14.61
N GLN B 176 -7.37 11.42 15.73
CA GLN B 176 -6.03 11.11 16.18
C GLN B 176 -5.76 9.61 16.14
N VAL B 177 -6.71 8.84 16.67
CA VAL B 177 -6.57 7.38 16.70
C VAL B 177 -6.76 6.73 15.33
N SER B 178 -5.72 6.79 14.51
CA SER B 178 -5.77 6.17 13.19
C SER B 178 -5.31 4.72 13.30
N THR B 179 -5.93 3.84 12.53
CA THR B 179 -5.58 2.43 12.56
C THR B 179 -4.60 2.07 11.45
N ALA B 180 -4.51 2.94 10.45
CA ALA B 180 -3.61 2.73 9.34
C ALA B 180 -2.77 3.98 9.08
N VAL B 181 -1.57 3.79 8.57
CA VAL B 181 -0.68 4.91 8.28
C VAL B 181 -1.20 5.66 7.05
N VAL B 182 -1.79 4.90 6.14
CA VAL B 182 -2.35 5.47 4.92
C VAL B 182 -3.85 5.66 5.03
N GLU B 183 -4.33 5.79 6.27
CA GLU B 183 -5.75 5.96 6.54
C GLU B 183 -6.35 7.12 5.74
N PRO B 184 -5.86 8.37 5.90
CA PRO B 184 -6.40 9.52 5.16
C PRO B 184 -6.02 9.49 3.67
N TYR B 185 -5.10 8.60 3.30
CA TYR B 185 -4.67 8.48 1.92
C TYR B 185 -5.72 7.73 1.11
N ASN B 186 -6.53 6.96 1.81
CA ASN B 186 -7.58 6.17 1.16
C ASN B 186 -8.94 6.89 1.25
N SER B 187 -9.20 7.50 2.39
CA SER B 187 -10.47 8.19 2.62
C SER B 187 -10.71 9.30 1.59
N ILE B 188 -9.67 10.07 1.29
CA ILE B 188 -9.77 11.16 0.32
C ILE B 188 -10.26 10.66 -1.03
N LEU B 189 -9.72 9.53 -1.46
CA LEU B 189 -10.10 8.94 -2.74
C LEU B 189 -11.53 8.38 -2.69
N THR B 190 -11.87 7.79 -1.55
CA THR B 190 -13.21 7.22 -1.39
C THR B 190 -14.28 8.30 -1.45
N THR B 191 -14.06 9.40 -0.74
CA THR B 191 -15.02 10.49 -0.70
C THR B 191 -14.95 11.39 -1.93
N HIS B 192 -14.08 11.07 -2.88
CA HIS B 192 -13.95 11.87 -4.09
C HIS B 192 -14.79 11.32 -5.22
N THR B 193 -14.80 10.00 -5.36
CA THR B 193 -15.55 9.36 -6.43
C THR B 193 -16.99 9.02 -6.03
N THR B 194 -17.15 8.42 -4.85
CA THR B 194 -18.47 8.03 -4.37
C THR B 194 -19.33 9.26 -4.01
N LEU B 195 -18.71 10.42 -3.92
CA LEU B 195 -19.41 11.66 -3.59
C LEU B 195 -20.45 12.03 -4.63
N GLU B 196 -20.22 11.59 -5.87
CA GLU B 196 -21.14 11.88 -6.97
C GLU B 196 -22.10 10.72 -7.20
N HIS B 197 -21.84 9.59 -6.55
CA HIS B 197 -22.66 8.41 -6.71
C HIS B 197 -23.31 8.00 -5.38
N SER B 198 -23.57 8.98 -4.55
CA SER B 198 -24.18 8.74 -3.25
C SER B 198 -25.21 9.82 -2.96
N ASP B 199 -26.18 9.50 -2.11
CA ASP B 199 -27.22 10.45 -1.75
C ASP B 199 -26.98 10.99 -0.34
N CYS B 200 -26.82 10.08 0.61
CA CYS B 200 -26.59 10.47 2.00
C CYS B 200 -25.63 9.51 2.68
N ALA B 201 -24.57 10.05 3.26
CA ALA B 201 -23.57 9.25 3.94
C ALA B 201 -23.54 9.53 5.43
N PHE B 202 -24.15 8.65 6.21
CA PHE B 202 -24.19 8.79 7.66
C PHE B 202 -22.81 8.47 8.23
N MET B 203 -22.12 9.49 8.72
CA MET B 203 -20.79 9.30 9.26
C MET B 203 -20.76 9.21 10.77
N VAL B 204 -20.02 8.23 11.27
CA VAL B 204 -19.84 8.02 12.69
C VAL B 204 -18.36 7.95 12.99
N ASP B 205 -17.91 8.68 14.01
CA ASP B 205 -16.49 8.70 14.36
C ASP B 205 -16.16 7.58 15.34
N ASN B 206 -15.20 6.75 14.98
CA ASN B 206 -14.78 5.62 15.81
C ASN B 206 -14.21 6.09 17.16
N GLU B 207 -13.49 7.20 17.15
CA GLU B 207 -12.89 7.73 18.37
C GLU B 207 -13.97 8.25 19.29
N ALA B 208 -15.01 8.82 18.70
CA ALA B 208 -16.12 9.36 19.46
C ALA B 208 -16.89 8.26 20.18
N ILE B 209 -16.86 7.06 19.61
CA ILE B 209 -17.53 5.92 20.22
C ILE B 209 -16.87 5.63 21.56
N TYR B 210 -15.54 5.74 21.59
CA TYR B 210 -14.78 5.51 22.80
C TYR B 210 -15.13 6.59 23.83
N ASP B 211 -15.31 7.81 23.34
CA ASP B 211 -15.64 8.95 24.19
C ASP B 211 -16.95 8.70 24.91
N ILE B 212 -17.99 8.36 24.15
CA ILE B 212 -19.30 8.09 24.73
C ILE B 212 -19.23 6.93 25.72
N CYS B 213 -18.47 5.90 25.35
CA CYS B 213 -18.32 4.73 26.21
C CYS B 213 -17.57 5.06 27.50
N ARG B 214 -16.71 6.06 27.46
CA ARG B 214 -15.93 6.44 28.63
C ARG B 214 -16.65 7.49 29.47
N ARG B 215 -17.25 8.47 28.80
CA ARG B 215 -17.94 9.56 29.47
C ARG B 215 -19.31 9.16 30.03
N ASN B 216 -20.11 8.49 29.20
CA ASN B 216 -21.46 8.10 29.63
C ASN B 216 -21.52 6.68 30.16
N LEU B 217 -21.05 5.72 29.36
CA LEU B 217 -21.07 4.32 29.77
C LEU B 217 -20.05 4.05 30.87
N ASP B 218 -19.01 4.88 30.92
CA ASP B 218 -17.94 4.76 31.91
C ASP B 218 -17.26 3.39 31.85
N ILE B 219 -16.92 2.96 30.63
CA ILE B 219 -16.26 1.69 30.44
C ILE B 219 -14.93 1.90 29.72
N GLU B 220 -13.87 1.31 30.27
CA GLU B 220 -12.54 1.43 29.70
C GLU B 220 -12.16 0.15 28.96
N ARG B 221 -13.16 -0.64 28.60
CA ARG B 221 -12.95 -1.88 27.89
C ARG B 221 -13.92 -2.00 26.71
N PRO B 222 -13.81 -1.09 25.72
CA PRO B 222 -14.67 -1.09 24.56
C PRO B 222 -14.08 -1.90 23.41
N THR B 223 -14.52 -3.14 23.28
CA THR B 223 -14.05 -4.03 22.23
C THR B 223 -14.69 -3.58 20.91
N TYR B 224 -14.15 -4.06 19.77
CA TYR B 224 -14.69 -3.70 18.47
C TYR B 224 -16.19 -4.00 18.39
N THR B 225 -16.57 -5.15 18.92
CA THR B 225 -17.98 -5.56 18.93
C THR B 225 -18.85 -4.54 19.65
N ASN B 226 -18.34 -3.96 20.73
CA ASN B 226 -19.09 -2.97 21.50
C ASN B 226 -19.31 -1.70 20.67
N LEU B 227 -18.26 -1.31 19.93
CA LEU B 227 -18.33 -0.13 19.08
C LEU B 227 -19.35 -0.34 17.97
N ASN B 228 -19.36 -1.54 17.42
CA ASN B 228 -20.28 -1.89 16.35
C ASN B 228 -21.71 -2.02 16.87
N ARG B 229 -21.86 -2.53 18.08
CA ARG B 229 -23.18 -2.69 18.69
C ARG B 229 -23.87 -1.36 18.87
N LEU B 230 -23.11 -0.33 19.21
CA LEU B 230 -23.66 1.01 19.40
C LEU B 230 -24.20 1.55 18.08
N ILE B 231 -23.47 1.29 17.00
CA ILE B 231 -23.90 1.74 15.67
C ILE B 231 -25.11 0.94 15.21
N GLY B 232 -25.10 -0.35 15.53
CA GLY B 232 -26.21 -1.21 15.16
C GLY B 232 -27.49 -0.74 15.82
N GLN B 233 -27.35 -0.22 17.03
CA GLN B 233 -28.48 0.30 17.79
C GLN B 233 -29.08 1.49 17.03
N ILE B 234 -28.21 2.22 16.36
CA ILE B 234 -28.61 3.37 15.56
C ILE B 234 -29.28 2.90 14.28
N VAL B 235 -28.61 2.00 13.56
CA VAL B 235 -29.13 1.47 12.31
C VAL B 235 -30.53 0.87 12.47
N SER B 236 -30.73 0.15 13.57
CA SER B 236 -32.02 -0.46 13.85
C SER B 236 -33.11 0.60 13.93
N SER B 237 -32.75 1.79 14.39
CA SER B 237 -33.69 2.89 14.53
C SER B 237 -33.79 3.72 13.25
N ILE B 238 -32.85 3.51 12.34
CA ILE B 238 -32.83 4.26 11.08
C ILE B 238 -33.57 3.50 9.98
N THR B 239 -33.39 2.18 9.95
CA THR B 239 -34.03 1.37 8.92
C THR B 239 -35.13 0.47 9.48
N ALA B 240 -34.72 -0.59 10.20
CA ALA B 240 -35.64 -1.57 10.77
C ALA B 240 -36.93 -0.99 11.37
N SER B 241 -36.79 -0.26 12.47
CA SER B 241 -37.94 0.32 13.15
C SER B 241 -38.66 1.38 12.32
N LEU B 242 -37.91 2.19 11.59
CA LEU B 242 -38.50 3.24 10.78
C LEU B 242 -39.34 2.66 9.64
N ARG B 243 -38.97 1.48 9.19
CA ARG B 243 -39.70 0.80 8.12
C ARG B 243 -40.96 0.16 8.66
N PHE B 244 -41.06 0.11 9.99
CA PHE B 244 -42.22 -0.47 10.65
C PHE B 244 -43.28 0.62 10.81
N ASP B 245 -44.53 0.19 10.97
CA ASP B 245 -45.64 1.12 11.11
C ASP B 245 -45.60 1.88 12.43
N GLY B 246 -45.67 3.20 12.34
CA GLY B 246 -45.65 4.04 13.53
C GLY B 246 -46.69 5.14 13.47
N ALA B 247 -46.50 6.18 14.27
CA ALA B 247 -47.43 7.31 14.29
C ALA B 247 -47.12 8.27 13.15
N LEU B 248 -45.84 8.45 12.88
CA LEU B 248 -45.39 9.32 11.80
C LEU B 248 -44.29 8.61 11.03
N ASN B 249 -44.68 7.89 9.99
CA ASN B 249 -43.75 7.13 9.18
C ASN B 249 -42.87 8.03 8.33
N VAL B 250 -41.65 7.59 8.09
CA VAL B 250 -40.68 8.32 7.28
C VAL B 250 -39.97 7.35 6.35
N ASP B 251 -40.15 7.55 5.05
CA ASP B 251 -39.50 6.69 4.06
C ASP B 251 -38.07 7.14 3.81
N LEU B 252 -37.32 6.34 3.07
CA LEU B 252 -35.93 6.65 2.77
C LEU B 252 -35.85 7.85 1.84
N THR B 253 -36.91 8.05 1.06
CA THR B 253 -36.99 9.16 0.14
C THR B 253 -37.08 10.47 0.91
N GLU B 254 -37.84 10.45 2.00
CA GLU B 254 -38.03 11.62 2.85
C GLU B 254 -36.72 12.00 3.52
N PHE B 255 -35.90 10.99 3.78
CA PHE B 255 -34.60 11.19 4.41
C PHE B 255 -33.74 12.17 3.65
N GLN B 256 -33.32 11.77 2.45
CA GLN B 256 -32.46 12.59 1.61
C GLN B 256 -33.12 13.91 1.20
N THR B 257 -34.43 13.89 0.98
CA THR B 257 -35.15 15.08 0.57
C THR B 257 -35.02 16.22 1.59
N ASN B 258 -34.78 15.87 2.85
CA ASN B 258 -34.63 16.87 3.89
C ASN B 258 -33.20 16.95 4.40
N LEU B 259 -32.51 15.81 4.43
CA LEU B 259 -31.13 15.76 4.92
C LEU B 259 -30.13 16.38 3.94
N VAL B 260 -30.33 16.15 2.64
CA VAL B 260 -29.43 16.70 1.64
C VAL B 260 -30.11 17.76 0.77
N PRO B 261 -29.83 19.04 1.07
CA PRO B 261 -30.40 20.17 0.34
C PRO B 261 -29.63 20.49 -0.94
N TYR B 262 -28.58 19.71 -1.19
CA TYR B 262 -27.73 19.91 -2.37
C TYR B 262 -27.47 18.59 -3.08
N PRO B 263 -27.02 18.63 -4.35
CA PRO B 263 -26.74 17.41 -5.15
C PRO B 263 -25.60 16.56 -4.61
N ARG B 264 -24.62 17.20 -3.99
CA ARG B 264 -23.46 16.49 -3.44
C ARG B 264 -23.89 15.61 -2.27
N GLY B 265 -23.31 14.42 -2.18
CA GLY B 265 -23.64 13.52 -1.09
C GLY B 265 -23.21 14.07 0.25
N HIS B 266 -24.16 14.64 0.99
CA HIS B 266 -23.86 15.20 2.30
C HIS B 266 -23.67 14.12 3.35
N PHE B 267 -22.93 14.45 4.39
CA PHE B 267 -22.65 13.49 5.46
C PHE B 267 -23.26 13.92 6.79
N PRO B 268 -24.47 13.43 7.11
CA PRO B 268 -25.13 13.74 8.38
C PRO B 268 -24.53 12.94 9.53
N LEU B 269 -24.83 13.35 10.75
CA LEU B 269 -24.30 12.66 11.93
C LEU B 269 -25.37 11.79 12.57
N ALA B 270 -24.93 10.66 13.12
CA ALA B 270 -25.84 9.74 13.79
C ALA B 270 -25.69 9.87 15.30
N THR B 271 -26.68 10.47 15.94
CA THR B 271 -26.66 10.66 17.37
C THR B 271 -27.82 9.94 18.05
N TYR B 272 -27.54 9.32 19.19
CA TYR B 272 -28.56 8.61 19.94
C TYR B 272 -28.92 9.39 21.20
N ALA B 273 -29.91 8.92 21.94
CA ALA B 273 -30.32 9.59 23.16
C ALA B 273 -30.05 8.74 24.42
N PRO B 274 -30.59 7.51 24.50
CA PRO B 274 -30.37 6.65 25.67
C PRO B 274 -29.01 5.93 25.61
N VAL B 275 -27.98 6.64 26.03
CA VAL B 275 -26.63 6.09 26.05
C VAL B 275 -26.19 5.81 27.49
N ILE B 276 -27.18 5.72 28.37
CA ILE B 276 -26.95 5.43 29.78
C ILE B 276 -26.62 3.96 30.00
N SER B 277 -25.76 3.69 30.99
CA SER B 277 -25.34 2.32 31.30
C SER B 277 -26.42 1.55 32.06
N ALA B 278 -26.34 0.22 32.01
CA ALA B 278 -27.30 -0.63 32.69
C ALA B 278 -26.68 -1.29 33.91
N GLU B 279 -26.18 -0.46 34.83
CA GLU B 279 -25.54 -0.97 36.03
C GLU B 279 -25.16 0.18 36.96
N LYS B 280 -24.33 1.07 36.45
CA LYS B 280 -23.87 2.21 37.23
C LYS B 280 -24.97 3.26 37.36
N ALA B 281 -25.36 3.86 36.25
CA ALA B 281 -26.41 4.86 36.25
C ALA B 281 -27.77 4.20 36.05
N TYR B 282 -28.80 4.75 36.67
CA TYR B 282 -30.15 4.20 36.55
C TYR B 282 -31.22 5.27 36.60
N HIS B 283 -31.38 5.99 35.50
CA HIS B 283 -32.38 7.03 35.39
C HIS B 283 -32.99 7.01 34.00
N GLU B 284 -33.55 5.87 33.63
CA GLU B 284 -34.17 5.68 32.32
C GLU B 284 -35.44 6.51 32.17
N GLN B 285 -36.04 6.89 33.29
CA GLN B 285 -37.25 7.69 33.27
C GLN B 285 -36.96 9.16 32.96
N LEU B 286 -36.51 9.40 31.73
CA LEU B 286 -36.18 10.73 31.27
C LEU B 286 -37.30 11.22 30.34
N SER B 287 -37.67 12.48 30.47
CA SER B 287 -38.73 13.04 29.64
C SER B 287 -38.21 13.32 28.23
N VAL B 288 -39.13 13.57 27.31
CA VAL B 288 -38.78 13.85 25.92
C VAL B 288 -37.85 15.07 25.82
N ALA B 289 -38.08 16.06 26.66
CA ALA B 289 -37.29 17.28 26.68
C ALA B 289 -35.87 17.00 27.16
N GLU B 290 -35.68 15.90 27.87
CA GLU B 290 -34.36 15.53 28.37
C GLU B 290 -33.58 14.73 27.33
N ILE B 291 -34.21 13.68 26.82
CA ILE B 291 -33.57 12.82 25.82
C ILE B 291 -33.19 13.58 24.56
N THR B 292 -34.07 14.48 24.11
CA THR B 292 -33.80 15.27 22.92
C THR B 292 -32.64 16.24 23.18
N ASN B 293 -32.66 16.86 24.35
CA ASN B 293 -31.62 17.82 24.75
C ASN B 293 -30.24 17.15 24.85
N ALA B 294 -30.25 15.83 25.00
CA ALA B 294 -29.02 15.07 25.13
C ALA B 294 -28.39 14.82 23.76
N CYS B 295 -29.14 15.07 22.70
CA CYS B 295 -28.65 14.87 21.34
C CYS B 295 -28.11 16.17 20.76
N PHE B 296 -27.98 17.18 21.62
CA PHE B 296 -27.46 18.49 21.19
C PHE B 296 -26.22 18.85 21.97
N GLU B 297 -25.49 17.85 22.44
CA GLU B 297 -24.27 18.08 23.20
C GLU B 297 -23.10 17.33 22.58
N PRO B 298 -21.89 17.92 22.62
CA PRO B 298 -20.68 17.29 22.06
C PRO B 298 -20.30 16.01 22.80
N ALA B 299 -20.76 15.88 24.03
CA ALA B 299 -20.48 14.70 24.85
C ALA B 299 -21.26 13.50 24.33
N ASN B 300 -22.28 13.77 23.54
CA ASN B 300 -23.11 12.73 22.97
C ASN B 300 -23.52 13.08 21.55
N GLN B 301 -22.61 12.86 20.60
CA GLN B 301 -22.88 13.15 19.20
C GLN B 301 -22.40 12.03 18.30
N MET B 302 -21.61 11.12 18.86
CA MET B 302 -21.07 9.95 18.14
C MET B 302 -20.14 10.36 16.99
N VAL B 303 -19.56 11.55 17.09
CA VAL B 303 -18.65 12.05 16.07
C VAL B 303 -17.69 13.06 16.71
N LYS B 304 -16.55 13.29 16.10
CA LYS B 304 -15.57 14.22 16.63
C LYS B 304 -15.76 15.61 16.03
N CYS B 305 -16.92 15.84 15.44
CA CYS B 305 -17.23 17.13 14.86
C CYS B 305 -17.92 18.00 15.90
N ASP B 306 -17.14 18.50 16.86
CA ASP B 306 -17.64 19.35 17.92
C ASP B 306 -18.36 20.57 17.34
N PRO B 307 -19.43 21.03 18.02
CA PRO B 307 -20.21 22.20 17.59
C PRO B 307 -19.43 23.51 17.75
N ARG B 308 -18.35 23.63 16.99
CA ARG B 308 -17.51 24.81 17.03
C ARG B 308 -18.14 25.95 16.23
N HIS B 309 -18.57 25.63 15.02
CA HIS B 309 -19.21 26.60 14.13
C HIS B 309 -20.11 25.89 13.15
N GLY B 310 -20.66 24.76 13.58
CA GLY B 310 -21.52 23.98 12.71
C GLY B 310 -22.96 24.41 12.77
N LYS B 311 -23.39 25.15 11.76
CA LYS B 311 -24.76 25.61 11.68
C LYS B 311 -25.67 24.48 11.19
N TYR B 312 -26.76 24.25 11.91
CA TYR B 312 -27.68 23.18 11.56
C TYR B 312 -28.50 23.54 10.32
N MET B 313 -28.33 22.77 9.25
CA MET B 313 -29.06 23.01 8.00
C MET B 313 -30.20 22.01 7.86
N ALA B 314 -30.04 20.85 8.50
CA ALA B 314 -31.03 19.81 8.45
C ALA B 314 -30.87 18.90 9.66
N CYS B 315 -31.96 18.66 10.37
CA CYS B 315 -31.92 17.81 11.55
C CYS B 315 -33.15 16.90 11.62
N CYS B 316 -32.92 15.61 11.51
CA CYS B 316 -34.00 14.64 11.58
C CYS B 316 -34.04 14.00 12.96
N LEU B 317 -35.19 14.05 13.60
CA LEU B 317 -35.36 13.48 14.93
C LEU B 317 -36.31 12.28 14.89
N LEU B 318 -35.74 11.09 14.98
CA LEU B 318 -36.54 9.88 14.95
C LEU B 318 -36.78 9.36 16.37
N TYR B 319 -38.02 9.40 16.80
CA TYR B 319 -38.39 8.94 18.14
C TYR B 319 -39.02 7.56 18.07
N ARG B 320 -38.48 6.62 18.83
CA ARG B 320 -39.03 5.26 18.85
C ARG B 320 -39.40 4.87 20.28
N GLY B 321 -40.61 4.35 20.45
CA GLY B 321 -41.06 3.94 21.75
C GLY B 321 -42.25 4.77 22.21
N ASP B 322 -42.35 5.00 23.51
CA ASP B 322 -43.45 5.80 24.06
C ASP B 322 -43.18 7.27 23.80
N VAL B 323 -43.75 7.79 22.73
CA VAL B 323 -43.56 9.19 22.37
C VAL B 323 -44.88 9.90 22.15
N VAL B 324 -45.06 11.01 22.84
CA VAL B 324 -46.26 11.83 22.70
C VAL B 324 -46.00 12.94 21.69
N PRO B 325 -46.83 13.03 20.64
CA PRO B 325 -46.69 14.04 19.58
C PRO B 325 -46.44 15.45 20.10
N LYS B 326 -47.26 15.91 21.04
CA LYS B 326 -47.12 17.25 21.60
C LYS B 326 -45.78 17.44 22.31
N ASP B 327 -45.30 16.39 22.98
CA ASP B 327 -44.03 16.45 23.69
C ASP B 327 -42.89 16.72 22.73
N VAL B 328 -42.96 16.11 21.55
CA VAL B 328 -41.94 16.28 20.53
C VAL B 328 -41.96 17.71 20.02
N ASN B 329 -43.15 18.19 19.69
CA ASN B 329 -43.34 19.54 19.18
C ASN B 329 -42.81 20.56 20.18
N ALA B 330 -43.10 20.33 21.46
CA ALA B 330 -42.65 21.23 22.52
C ALA B 330 -41.14 21.17 22.67
N ALA B 331 -40.59 19.96 22.58
CA ALA B 331 -39.15 19.74 22.71
C ALA B 331 -38.39 20.49 21.63
N ILE B 332 -38.84 20.36 20.39
CA ILE B 332 -38.20 21.02 19.26
C ILE B 332 -38.30 22.54 19.40
N ALA B 333 -39.47 23.03 19.79
CA ALA B 333 -39.68 24.47 19.96
C ALA B 333 -38.73 25.01 21.02
N THR B 334 -38.56 24.25 22.09
CA THR B 334 -37.68 24.63 23.19
C THR B 334 -36.24 24.84 22.71
N ILE B 335 -35.81 23.99 21.79
CA ILE B 335 -34.46 24.08 21.25
C ILE B 335 -34.38 25.18 20.20
N LYS B 336 -35.45 25.36 19.45
CA LYS B 336 -35.53 26.37 18.41
C LYS B 336 -35.33 27.77 18.98
N THR B 337 -35.92 28.03 20.14
CA THR B 337 -35.81 29.33 20.79
C THR B 337 -34.67 29.38 21.80
N LYS B 338 -33.76 28.40 21.72
CA LYS B 338 -32.63 28.36 22.64
C LYS B 338 -31.56 29.38 22.25
N ARG B 339 -31.41 29.60 20.94
CA ARG B 339 -30.45 30.56 20.40
C ARG B 339 -28.98 30.10 20.49
N THR B 340 -28.69 29.23 21.43
CA THR B 340 -27.33 28.70 21.58
C THR B 340 -26.97 27.88 20.36
N ILE B 341 -27.93 27.08 19.90
CA ILE B 341 -27.75 26.25 18.73
C ILE B 341 -28.11 27.07 17.48
N GLN B 342 -27.09 27.55 16.78
CA GLN B 342 -27.30 28.37 15.60
C GLN B 342 -27.62 27.52 14.36
N PHE B 343 -28.66 27.90 13.66
CA PHE B 343 -29.08 27.22 12.44
C PHE B 343 -28.62 28.02 11.24
N VAL B 344 -28.80 27.47 10.05
CA VAL B 344 -28.42 28.15 8.82
C VAL B 344 -29.41 29.29 8.55
N ASP B 345 -28.92 30.38 7.94
CA ASP B 345 -29.76 31.55 7.68
C ASP B 345 -30.91 31.24 6.71
N TRP B 346 -30.63 30.52 5.65
CA TRP B 346 -31.67 30.19 4.67
C TRP B 346 -32.51 28.98 5.10
N CYS B 347 -32.25 28.48 6.30
CA CYS B 347 -32.99 27.35 6.83
C CYS B 347 -33.93 27.80 7.94
N PRO B 348 -35.22 27.95 7.62
CA PRO B 348 -36.23 28.38 8.59
C PRO B 348 -36.61 27.26 9.56
N THR B 349 -37.11 26.16 9.02
CA THR B 349 -37.51 25.02 9.83
C THR B 349 -36.94 23.73 9.27
N GLY B 350 -35.66 23.48 9.52
CA GLY B 350 -35.01 22.29 9.03
C GLY B 350 -35.03 21.16 10.04
N PHE B 351 -36.23 20.78 10.46
CA PHE B 351 -36.38 19.69 11.42
C PHE B 351 -37.37 18.65 10.91
N LYS B 352 -36.88 17.45 10.69
CA LYS B 352 -37.72 16.36 10.22
C LYS B 352 -38.17 15.51 11.40
N VAL B 353 -39.47 15.44 11.62
CA VAL B 353 -40.01 14.68 12.73
C VAL B 353 -40.38 13.27 12.31
N GLY B 354 -40.04 12.31 13.15
CA GLY B 354 -40.35 10.92 12.92
C GLY B 354 -40.76 10.26 14.22
N ILE B 355 -41.98 9.74 14.28
CA ILE B 355 -42.47 9.12 15.50
C ILE B 355 -42.88 7.67 15.25
N ASN B 356 -42.20 6.75 15.92
CA ASN B 356 -42.49 5.34 15.81
C ASN B 356 -43.14 4.82 17.08
N TYR B 357 -43.53 3.56 17.10
CA TYR B 357 -44.20 3.00 18.28
C TYR B 357 -43.30 2.03 19.05
N GLU B 358 -42.66 1.10 18.35
CA GLU B 358 -41.81 0.12 19.00
C GLU B 358 -40.60 0.76 19.68
N PRO B 359 -40.40 0.43 20.97
CA PRO B 359 -39.29 0.96 21.78
C PRO B 359 -37.95 0.41 21.31
N PRO B 360 -36.85 1.04 21.75
CA PRO B 360 -35.50 0.60 21.40
C PRO B 360 -35.13 -0.71 22.06
N THR B 361 -34.99 -1.75 21.25
CA THR B 361 -34.63 -3.07 21.75
C THR B 361 -33.15 -3.13 22.07
N VAL B 362 -32.80 -3.63 23.26
CA VAL B 362 -31.42 -3.72 23.67
C VAL B 362 -31.03 -5.15 24.02
N VAL B 363 -29.77 -5.50 23.78
CA VAL B 363 -29.26 -6.83 24.08
C VAL B 363 -29.24 -7.05 25.59
N PRO B 364 -29.76 -8.21 26.05
CA PRO B 364 -29.82 -8.55 27.49
C PRO B 364 -28.44 -8.47 28.15
N GLY B 365 -27.45 -9.09 27.52
CA GLY B 365 -26.11 -9.08 28.07
C GLY B 365 -25.27 -7.96 27.50
N GLY B 366 -25.70 -6.73 27.72
CA GLY B 366 -24.97 -5.59 27.21
C GLY B 366 -24.66 -4.55 28.27
N ASP B 367 -24.45 -3.32 27.85
CA ASP B 367 -24.12 -2.23 28.75
C ASP B 367 -25.17 -1.13 28.69
N LEU B 368 -26.12 -1.27 27.77
CA LEU B 368 -27.18 -0.27 27.61
C LEU B 368 -28.32 -0.51 28.59
N ALA B 369 -28.74 0.57 29.25
CA ALA B 369 -29.80 0.53 30.26
C ALA B 369 -31.14 0.03 29.73
N LYS B 370 -31.41 0.27 28.45
CA LYS B 370 -32.68 -0.14 27.83
C LYS B 370 -33.84 0.72 28.33
N VAL B 371 -34.22 1.70 27.53
CA VAL B 371 -35.32 2.60 27.88
C VAL B 371 -36.55 2.30 27.03
N GLN B 372 -37.69 2.87 27.41
CA GLN B 372 -38.93 2.67 26.68
C GLN B 372 -39.04 3.64 25.51
N ARG B 373 -38.10 4.57 25.43
CA ARG B 373 -38.10 5.55 24.36
C ARG B 373 -36.67 5.94 23.98
N ALA B 374 -36.47 6.20 22.69
CA ALA B 374 -35.15 6.58 22.18
C ALA B 374 -35.27 7.66 21.12
N VAL B 375 -34.24 8.48 20.99
CA VAL B 375 -34.23 9.55 20.01
C VAL B 375 -33.02 9.39 19.08
N CYS B 376 -33.28 9.37 17.79
CA CYS B 376 -32.23 9.26 16.79
C CYS B 376 -32.06 10.60 16.10
N MET B 377 -30.99 11.29 16.45
CA MET B 377 -30.71 12.60 15.90
C MET B 377 -29.78 12.50 14.69
N LEU B 378 -30.29 12.89 13.53
CA LEU B 378 -29.51 12.87 12.31
C LEU B 378 -29.44 14.30 11.77
N SER B 379 -28.35 14.98 12.05
CA SER B 379 -28.22 16.36 11.61
C SER B 379 -26.98 16.60 10.75
N ASN B 380 -27.11 17.55 9.84
CA ASN B 380 -26.01 17.94 8.95
C ASN B 380 -25.67 19.39 9.24
N THR B 381 -24.43 19.65 9.61
CA THR B 381 -23.99 20.99 9.95
C THR B 381 -22.69 21.35 9.26
N THR B 382 -22.21 22.56 9.51
CA THR B 382 -20.95 23.03 8.96
C THR B 382 -19.76 22.48 9.75
N ALA B 383 -20.05 21.72 10.81
CA ALA B 383 -19.01 21.14 11.65
C ALA B 383 -18.21 20.07 10.89
N ILE B 384 -18.81 19.55 9.82
CA ILE B 384 -18.17 18.53 9.01
C ILE B 384 -16.93 19.11 8.31
N ALA B 385 -16.93 20.42 8.11
CA ALA B 385 -15.83 21.11 7.45
C ALA B 385 -14.54 20.93 8.25
N GLU B 386 -14.65 21.01 9.56
CA GLU B 386 -13.49 20.85 10.43
C GLU B 386 -12.90 19.46 10.30
N ALA B 387 -13.77 18.46 10.23
CA ALA B 387 -13.35 17.07 10.08
C ALA B 387 -12.61 16.89 8.76
N TRP B 388 -13.23 17.37 7.68
CA TRP B 388 -12.64 17.28 6.35
C TRP B 388 -11.32 18.02 6.29
N ALA B 389 -11.29 19.22 6.88
CA ALA B 389 -10.09 20.04 6.90
C ALA B 389 -8.91 19.31 7.54
N ARG B 390 -9.19 18.53 8.58
CA ARG B 390 -8.15 17.78 9.26
C ARG B 390 -7.69 16.60 8.42
N LEU B 391 -8.65 15.81 7.94
CA LEU B 391 -8.34 14.64 7.13
C LEU B 391 -7.62 15.02 5.84
N ASP B 392 -8.10 16.07 5.18
CA ASP B 392 -7.50 16.55 3.94
C ASP B 392 -6.07 17.02 4.18
N HIS B 393 -5.87 17.74 5.29
CA HIS B 393 -4.55 18.24 5.65
C HIS B 393 -3.59 17.08 5.88
N LYS B 394 -4.05 16.07 6.61
CA LYS B 394 -3.24 14.89 6.90
C LYS B 394 -2.83 14.19 5.61
N PHE B 395 -3.71 14.22 4.62
CA PHE B 395 -3.45 13.59 3.34
C PHE B 395 -2.44 14.39 2.53
N ASP B 396 -2.67 15.69 2.43
CA ASP B 396 -1.78 16.57 1.66
C ASP B 396 -0.36 16.54 2.20
N LEU B 397 -0.22 16.46 3.52
CA LEU B 397 1.10 16.42 4.15
C LEU B 397 1.86 15.17 3.71
N MET B 398 1.14 14.06 3.59
CA MET B 398 1.75 12.80 3.17
C MET B 398 2.03 12.83 1.68
N TYR B 399 1.07 13.33 0.91
CA TYR B 399 1.20 13.44 -0.54
C TYR B 399 2.37 14.34 -0.91
N ALA B 400 2.63 15.35 -0.08
CA ALA B 400 3.73 16.28 -0.32
C ALA B 400 5.06 15.55 -0.37
N LYS B 401 5.21 14.53 0.46
CA LYS B 401 6.44 13.75 0.51
C LYS B 401 6.26 12.45 -0.27
N ARG B 402 5.18 12.38 -1.07
CA ARG B 402 4.84 11.21 -1.87
C ARG B 402 4.29 10.08 -1.01
N ALA B 403 5.03 9.73 0.03
CA ALA B 403 4.64 8.67 0.96
C ALA B 403 4.53 7.32 0.27
N PHE B 404 3.57 6.52 0.69
CA PHE B 404 3.36 5.18 0.14
C PHE B 404 2.65 5.22 -1.21
N VAL B 405 2.84 6.30 -1.96
CA VAL B 405 2.20 6.46 -3.26
C VAL B 405 2.64 5.37 -4.23
N HIS B 406 3.85 4.86 -4.05
CA HIS B 406 4.38 3.81 -4.91
C HIS B 406 3.56 2.53 -4.79
N TRP B 407 2.90 2.37 -3.65
CA TRP B 407 2.07 1.20 -3.41
C TRP B 407 0.73 1.30 -4.12
N TYR B 408 0.48 2.46 -4.71
CA TYR B 408 -0.76 2.71 -5.43
C TYR B 408 -0.46 2.72 -6.93
N VAL B 409 0.67 3.32 -7.29
CA VAL B 409 1.10 3.41 -8.67
C VAL B 409 1.27 2.03 -9.31
N GLY B 410 1.88 1.11 -8.54
CA GLY B 410 2.10 -0.23 -9.04
C GLY B 410 0.81 -1.00 -9.25
N GLU B 411 -0.26 -0.52 -8.63
CA GLU B 411 -1.57 -1.16 -8.76
C GLU B 411 -2.30 -0.67 -10.01
N GLY B 412 -1.64 0.23 -10.74
CA GLY B 412 -2.24 0.77 -11.95
C GLY B 412 -2.90 2.12 -11.73
N MET B 413 -2.65 2.73 -10.58
CA MET B 413 -3.22 4.04 -10.27
C MET B 413 -2.19 5.13 -10.52
N GLU B 414 -2.60 6.19 -11.19
CA GLU B 414 -1.71 7.29 -11.50
C GLU B 414 -1.85 8.45 -10.51
N GLU B 415 -0.85 9.33 -10.50
CA GLU B 415 -0.83 10.50 -9.62
C GLU B 415 -2.05 11.38 -9.87
N GLY B 416 -2.48 11.42 -11.12
CA GLY B 416 -3.64 12.22 -11.50
C GLY B 416 -4.85 11.98 -10.63
N GLU B 417 -5.12 10.71 -10.34
CA GLU B 417 -6.26 10.35 -9.51
C GLU B 417 -6.19 10.99 -8.12
N PHE B 418 -5.01 10.94 -7.52
CA PHE B 418 -4.81 11.52 -6.18
C PHE B 418 -5.02 13.03 -6.20
N SER B 419 -4.42 13.68 -7.19
CA SER B 419 -4.54 15.11 -7.33
C SER B 419 -5.97 15.56 -7.59
N GLU B 420 -6.68 14.80 -8.42
CA GLU B 420 -8.08 15.13 -8.72
C GLU B 420 -8.93 14.99 -7.47
N ALA B 421 -8.57 14.02 -6.63
CA ALA B 421 -9.28 13.78 -5.38
C ALA B 421 -9.06 14.95 -4.43
N ARG B 422 -7.81 15.40 -4.36
CA ARG B 422 -7.44 16.52 -3.51
C ARG B 422 -8.21 17.78 -3.92
N GLU B 423 -8.27 18.02 -5.23
CA GLU B 423 -8.98 19.18 -5.76
C GLU B 423 -10.48 19.10 -5.47
N ASP B 424 -11.04 17.90 -5.62
CA ASP B 424 -12.47 17.70 -5.36
C ASP B 424 -12.77 17.90 -3.89
N MET B 425 -11.89 17.40 -3.02
CA MET B 425 -12.06 17.54 -1.59
C MET B 425 -12.02 19.01 -1.20
N ALA B 426 -11.11 19.76 -1.82
CA ALA B 426 -10.98 21.18 -1.55
C ALA B 426 -12.27 21.91 -1.92
N ALA B 427 -12.92 21.44 -2.97
CA ALA B 427 -14.18 22.02 -3.43
C ALA B 427 -15.24 21.82 -2.37
N LEU B 428 -15.23 20.65 -1.75
CA LEU B 428 -16.20 20.33 -0.70
C LEU B 428 -15.91 21.17 0.54
N GLU B 429 -14.63 21.43 0.79
CA GLU B 429 -14.21 22.24 1.93
C GLU B 429 -14.80 23.64 1.79
N LYS B 430 -14.72 24.18 0.58
CA LYS B 430 -15.25 25.50 0.30
C LYS B 430 -16.77 25.45 0.22
N ASP B 431 -17.28 24.37 -0.38
CA ASP B 431 -18.71 24.16 -0.56
C ASP B 431 -19.47 24.25 0.76
N TYR B 432 -19.02 23.48 1.75
CA TYR B 432 -19.66 23.47 3.06
C TYR B 432 -19.63 24.84 3.72
N GLU B 433 -18.52 25.55 3.55
CA GLU B 433 -18.37 26.88 4.13
C GLU B 433 -19.16 27.92 3.33
N GLU B 434 -19.66 27.52 2.17
CA GLU B 434 -20.46 28.38 1.33
C GLU B 434 -21.95 28.12 1.56
N VAL B 435 -22.25 26.95 2.10
CA VAL B 435 -23.62 26.58 2.40
C VAL B 435 -24.12 27.46 3.55
N GLY B 436 -23.40 27.41 4.65
CA GLY B 436 -23.74 28.21 5.80
C GLY B 436 -22.72 29.31 5.98
N VAL B 437 -22.44 29.69 7.22
CA VAL B 437 -21.47 30.74 7.53
C VAL B 437 -21.92 32.11 7.02
N ASP B 438 -21.83 32.30 5.71
CA ASP B 438 -22.22 33.55 5.08
C ASP B 438 -23.75 33.61 4.97
N SER B 439 -24.30 34.80 5.17
CA SER B 439 -25.75 34.98 5.10
C SER B 439 -26.19 35.43 3.71
N ARG C 2 -4.15 -17.98 1.88
CA ARG C 2 -2.90 -17.22 1.96
C ARG C 2 -1.74 -18.17 2.28
N GLU C 3 -1.18 -18.78 1.25
CA GLU C 3 -0.08 -19.72 1.42
C GLU C 3 1.28 -19.03 1.33
N ILE C 4 2.20 -19.46 2.18
CA ILE C 4 3.55 -18.91 2.20
C ILE C 4 4.56 -20.04 2.21
N VAL C 5 5.65 -19.86 1.49
CA VAL C 5 6.69 -20.86 1.42
C VAL C 5 7.97 -20.35 2.08
N HIS C 6 8.58 -21.20 2.89
CA HIS C 6 9.79 -20.83 3.59
C HIS C 6 11.02 -21.47 2.93
N ILE C 7 12.10 -20.72 2.84
CA ILE C 7 13.34 -21.20 2.24
C ILE C 7 14.50 -20.84 3.16
N GLN C 8 15.34 -21.83 3.47
CA GLN C 8 16.48 -21.62 4.34
C GLN C 8 17.76 -21.72 3.53
N ALA C 9 18.58 -20.68 3.56
CA ALA C 9 19.82 -20.65 2.81
C ALA C 9 21.04 -20.51 3.71
N GLY C 10 21.98 -21.43 3.56
CA GLY C 10 23.19 -21.39 4.34
C GLY C 10 23.11 -22.20 5.62
N GLN C 11 24.25 -22.32 6.29
CA GLN C 11 24.34 -23.08 7.52
C GLN C 11 23.53 -22.41 8.62
N CYS C 12 23.71 -21.10 8.75
CA CYS C 12 22.98 -20.34 9.75
C CYS C 12 21.49 -20.36 9.45
N GLY C 13 21.14 -20.20 8.17
CA GLY C 13 19.75 -20.21 7.77
C GLY C 13 19.06 -21.51 8.13
N ASN C 14 19.77 -22.62 7.94
CA ASN C 14 19.24 -23.94 8.26
C ASN C 14 19.07 -24.11 9.76
N GLN C 15 20.03 -23.59 10.52
CA GLN C 15 19.99 -23.69 11.97
C GLN C 15 18.82 -22.88 12.55
N ILE C 16 18.62 -21.68 12.02
CA ILE C 16 17.53 -20.83 12.47
C ILE C 16 16.19 -21.45 12.08
N GLY C 17 16.13 -21.96 10.86
CA GLY C 17 14.91 -22.58 10.37
C GLY C 17 14.53 -23.79 11.19
N ALA C 18 15.53 -24.55 11.62
CA ALA C 18 15.31 -25.73 12.44
C ALA C 18 14.60 -25.37 13.73
N LYS C 19 14.91 -24.18 14.25
CA LYS C 19 14.29 -23.69 15.46
C LYS C 19 12.91 -23.15 15.17
N PHE C 20 12.78 -22.45 14.05
CA PHE C 20 11.50 -21.87 13.64
C PHE C 20 10.45 -22.96 13.47
N TRP C 21 10.82 -24.02 12.77
CA TRP C 21 9.91 -25.13 12.53
C TRP C 21 9.76 -26.05 13.75
N GLU C 22 10.37 -25.62 14.85
CA GLU C 22 10.27 -26.35 16.11
C GLU C 22 9.35 -25.56 17.04
N VAL C 23 9.25 -24.27 16.78
CA VAL C 23 8.40 -23.38 17.56
C VAL C 23 7.03 -23.24 16.90
N ILE C 24 7.02 -23.02 15.58
CA ILE C 24 5.78 -22.87 14.83
C ILE C 24 4.94 -24.15 14.88
N SER C 25 5.61 -25.28 15.05
CA SER C 25 4.95 -26.57 15.13
C SER C 25 4.12 -26.62 16.41
N ASP C 26 4.62 -25.98 17.45
CA ASP C 26 3.94 -25.93 18.73
C ASP C 26 2.81 -24.91 18.66
N GLU C 27 2.99 -23.92 17.77
CA GLU C 27 1.99 -22.88 17.55
C GLU C 27 0.76 -23.48 16.87
N HIS C 28 0.98 -24.43 15.96
CA HIS C 28 -0.11 -25.09 15.25
C HIS C 28 -0.45 -26.43 15.89
N GLY C 29 0.36 -26.84 16.86
CA GLY C 29 0.13 -28.10 17.54
C GLY C 29 0.33 -29.30 16.65
N ILE C 30 1.43 -29.31 15.91
CA ILE C 30 1.73 -30.43 15.01
C ILE C 30 2.94 -31.21 15.49
N ASP C 31 2.76 -32.52 15.63
CA ASP C 31 3.82 -33.42 16.08
C ASP C 31 4.86 -33.61 14.97
N PRO C 32 6.15 -33.81 15.34
CA PRO C 32 7.24 -34.01 14.37
C PRO C 32 6.83 -34.85 13.16
N THR C 33 6.34 -36.05 13.41
CA THR C 33 5.89 -36.92 12.32
C THR C 33 4.44 -37.31 12.57
N GLY C 34 3.73 -36.45 13.28
CA GLY C 34 2.35 -36.70 13.61
C GLY C 34 1.41 -35.79 12.86
N SER C 35 0.19 -35.66 13.36
CA SER C 35 -0.82 -34.83 12.75
C SER C 35 -1.15 -33.63 13.62
N TYR C 36 -2.41 -33.21 13.57
CA TYR C 36 -2.89 -32.09 14.35
C TYR C 36 -3.19 -32.52 15.79
N HIS C 37 -2.29 -32.17 16.68
CA HIS C 37 -2.43 -32.49 18.10
C HIS C 37 -2.65 -31.20 18.88
N GLY C 38 -3.04 -30.16 18.15
CA GLY C 38 -3.28 -28.86 18.75
C GLY C 38 -4.36 -28.91 19.82
N ASP C 39 -4.21 -28.06 20.82
CA ASP C 39 -5.16 -27.99 21.93
C ASP C 39 -6.53 -27.55 21.42
N SER C 40 -6.55 -26.39 20.76
CA SER C 40 -7.78 -25.84 20.22
C SER C 40 -7.99 -26.33 18.79
N ASP C 41 -8.91 -25.71 18.07
CA ASP C 41 -9.20 -26.10 16.68
C ASP C 41 -8.95 -24.96 15.72
N LEU C 42 -8.74 -23.76 16.25
CA LEU C 42 -8.49 -22.57 15.44
C LEU C 42 -7.20 -22.70 14.64
N GLN C 43 -6.23 -23.41 15.20
CA GLN C 43 -4.94 -23.61 14.55
C GLN C 43 -5.06 -24.44 13.28
N LEU C 44 -6.04 -25.33 13.24
CA LEU C 44 -6.25 -26.20 12.09
C LEU C 44 -6.83 -25.44 10.90
N GLU C 45 -7.54 -24.37 11.18
CA GLU C 45 -8.18 -23.58 10.13
C GLU C 45 -7.20 -22.66 9.41
N ARG C 46 -5.92 -22.76 9.75
CA ARG C 46 -4.90 -21.92 9.13
C ARG C 46 -3.58 -22.66 8.95
N ILE C 47 -3.65 -23.98 8.85
CA ILE C 47 -2.43 -24.79 8.69
C ILE C 47 -1.91 -24.71 7.26
N ASN C 48 -2.81 -24.44 6.31
CA ASN C 48 -2.46 -24.37 4.90
C ASN C 48 -1.55 -23.19 4.58
N VAL C 49 -1.32 -22.33 5.56
CA VAL C 49 -0.46 -21.18 5.37
C VAL C 49 1.00 -21.60 5.21
N TYR C 50 1.45 -22.54 6.02
CA TYR C 50 2.84 -23.00 5.96
C TYR C 50 2.95 -24.49 5.67
N TYR C 51 1.91 -25.24 6.00
CA TYR C 51 1.91 -26.67 5.77
C TYR C 51 1.12 -27.01 4.52
N ASN C 52 1.48 -28.12 3.90
CA ASN C 52 0.81 -28.57 2.67
C ASN C 52 0.10 -29.89 2.88
N GLU C 53 -1.11 -29.99 2.34
CA GLU C 53 -1.92 -31.20 2.47
C GLU C 53 -1.45 -32.26 1.47
N ALA C 54 -1.55 -33.52 1.87
CA ALA C 54 -1.15 -34.63 1.01
C ALA C 54 -1.61 -35.97 1.58
N ALA C 55 -0.89 -36.46 2.59
CA ALA C 55 -1.20 -37.73 3.21
C ALA C 55 -2.39 -37.62 4.17
N GLY C 56 -2.61 -36.43 4.70
CA GLY C 56 -3.70 -36.22 5.63
C GLY C 56 -3.21 -36.13 7.05
N ASN C 57 -2.57 -37.20 7.52
CA ASN C 57 -2.02 -37.24 8.86
C ASN C 57 -0.68 -36.52 8.89
N LYS C 58 0.09 -36.68 7.83
CA LYS C 58 1.40 -36.06 7.74
C LYS C 58 1.33 -34.67 7.11
N TYR C 59 1.34 -33.65 7.95
CA TYR C 59 1.31 -32.28 7.48
C TYR C 59 2.74 -31.79 7.29
N VAL C 60 3.18 -31.73 6.04
CA VAL C 60 4.53 -31.32 5.74
C VAL C 60 4.65 -29.80 5.61
N PRO C 61 5.71 -29.23 6.17
CA PRO C 61 5.96 -27.80 6.12
C PRO C 61 6.76 -27.42 4.88
N ARG C 62 6.30 -26.42 4.16
CA ARG C 62 6.99 -25.98 2.96
C ARG C 62 8.22 -25.16 3.33
N ALA C 63 9.33 -25.86 3.55
CA ALA C 63 10.58 -25.23 3.90
C ALA C 63 11.73 -25.88 3.14
N ILE C 64 12.16 -25.23 2.07
CA ILE C 64 13.26 -25.74 1.26
C ILE C 64 14.59 -25.44 1.93
N LEU C 65 15.42 -26.46 2.08
CA LEU C 65 16.72 -26.31 2.70
C LEU C 65 17.80 -26.24 1.63
N VAL C 66 18.51 -25.12 1.58
CA VAL C 66 19.56 -24.93 0.59
C VAL C 66 20.89 -24.59 1.26
N ASP C 67 21.85 -25.51 1.15
CA ASP C 67 23.18 -25.30 1.72
C ASP C 67 24.20 -26.16 1.01
N LEU C 68 25.39 -25.60 0.81
CA LEU C 68 26.47 -26.32 0.13
C LEU C 68 27.21 -27.23 1.10
N GLU C 69 26.87 -27.14 2.37
CA GLU C 69 27.49 -27.96 3.38
C GLU C 69 26.55 -29.11 3.75
N PRO C 70 26.87 -30.34 3.32
CA PRO C 70 26.04 -31.52 3.58
C PRO C 70 25.89 -31.80 5.07
N GLY C 71 26.94 -31.54 5.83
CA GLY C 71 26.92 -31.78 7.25
C GLY C 71 25.84 -31.01 7.98
N THR C 72 25.61 -29.75 7.57
CA THR C 72 24.60 -28.90 8.18
C THR C 72 23.21 -29.52 8.02
N MET C 73 22.83 -29.82 6.80
CA MET C 73 21.52 -30.39 6.51
C MET C 73 21.40 -31.78 7.12
N ASP C 74 22.52 -32.48 7.21
CA ASP C 74 22.54 -33.82 7.76
C ASP C 74 22.23 -33.83 9.25
N SER C 75 22.73 -32.83 9.98
CA SER C 75 22.48 -32.74 11.40
C SER C 75 21.03 -32.38 11.67
N VAL C 76 20.45 -31.57 10.78
CA VAL C 76 19.06 -31.15 10.92
C VAL C 76 18.13 -32.33 10.63
N ARG C 77 18.43 -33.08 9.58
CA ARG C 77 17.61 -34.23 9.18
C ARG C 77 17.68 -35.37 10.21
N SER C 78 18.61 -35.25 11.15
CA SER C 78 18.75 -36.28 12.18
C SER C 78 18.35 -35.70 13.54
N GLY C 79 17.65 -34.58 13.50
CA GLY C 79 17.20 -33.94 14.72
C GLY C 79 15.80 -34.37 15.11
N PRO C 80 15.23 -33.77 16.17
CA PRO C 80 13.88 -34.11 16.64
C PRO C 80 12.79 -33.65 15.69
N PHE C 81 13.12 -32.72 14.79
CA PHE C 81 12.14 -32.20 13.84
C PHE C 81 12.68 -32.20 12.42
N GLY C 82 13.66 -33.05 12.16
CA GLY C 82 14.25 -33.11 10.84
C GLY C 82 13.59 -34.12 9.92
N GLN C 83 12.74 -34.96 10.48
CA GLN C 83 12.05 -35.98 9.69
C GLN C 83 10.75 -35.47 9.08
N ILE C 84 10.37 -34.25 9.44
CA ILE C 84 9.14 -33.66 8.92
C ILE C 84 9.38 -33.05 7.54
N PHE C 85 10.65 -32.84 7.20
CA PHE C 85 11.02 -32.26 5.93
C PHE C 85 11.04 -33.34 4.84
N ARG C 86 10.42 -33.04 3.71
CA ARG C 86 10.36 -33.97 2.60
C ARG C 86 11.69 -33.97 1.86
N PRO C 87 12.09 -35.13 1.30
CA PRO C 87 13.34 -35.26 0.54
C PRO C 87 13.38 -34.29 -0.63
N ASP C 88 12.21 -33.87 -1.08
CA ASP C 88 12.06 -32.93 -2.18
C ASP C 88 12.64 -31.56 -1.79
N ASN C 89 12.40 -31.18 -0.53
CA ASN C 89 12.85 -29.89 -0.02
C ASN C 89 14.33 -29.90 0.33
N PHE C 90 14.91 -31.09 0.40
CA PHE C 90 16.34 -31.22 0.71
C PHE C 90 17.19 -30.92 -0.52
N VAL C 91 17.48 -29.65 -0.74
CA VAL C 91 18.30 -29.25 -1.87
C VAL C 91 19.75 -29.07 -1.43
N PHE C 92 20.43 -30.19 -1.26
CA PHE C 92 21.82 -30.17 -0.83
C PHE C 92 22.76 -30.18 -2.02
N GLY C 93 23.96 -29.70 -1.82
CA GLY C 93 24.94 -29.67 -2.87
C GLY C 93 26.32 -29.90 -2.31
N GLN C 94 26.82 -31.13 -2.44
CA GLN C 94 28.15 -31.48 -1.93
C GLN C 94 29.23 -30.86 -2.80
N SER C 95 29.46 -29.58 -2.60
CA SER C 95 30.47 -28.84 -3.34
C SER C 95 31.30 -27.99 -2.38
N GLY C 96 31.94 -26.97 -2.90
CA GLY C 96 32.76 -26.11 -2.07
C GLY C 96 31.92 -25.20 -1.18
N ALA C 97 31.73 -25.61 0.06
CA ALA C 97 30.95 -24.85 1.02
C ALA C 97 31.78 -23.74 1.65
N GLY C 98 32.85 -23.35 0.95
CA GLY C 98 33.73 -22.30 1.43
C GLY C 98 32.98 -21.01 1.69
N ASN C 99 33.32 -20.35 2.79
CA ASN C 99 32.67 -19.10 3.16
C ASN C 99 33.10 -17.97 2.22
N ASN C 100 32.42 -17.88 1.09
CA ASN C 100 32.71 -16.85 0.11
C ASN C 100 31.45 -16.55 -0.70
N TRP C 101 31.14 -15.27 -0.83
CA TRP C 101 29.96 -14.84 -1.58
C TRP C 101 30.02 -15.28 -3.04
N ALA C 102 31.17 -15.03 -3.68
CA ALA C 102 31.34 -15.38 -5.09
C ALA C 102 31.24 -16.89 -5.31
N LYS C 103 31.68 -17.65 -4.33
CA LYS C 103 31.66 -19.10 -4.41
C LYS C 103 30.22 -19.63 -4.40
N GLY C 104 29.41 -19.10 -3.49
CA GLY C 104 28.03 -19.55 -3.39
C GLY C 104 27.08 -18.81 -4.30
N HIS C 105 27.61 -18.03 -5.23
CA HIS C 105 26.77 -17.28 -6.15
C HIS C 105 27.19 -17.45 -7.61
N TYR C 106 28.48 -17.33 -7.88
CA TYR C 106 28.99 -17.44 -9.23
C TYR C 106 29.41 -18.84 -9.63
N THR C 107 30.01 -19.58 -8.70
CA THR C 107 30.49 -20.92 -9.01
C THR C 107 29.57 -22.04 -8.52
N GLU C 108 29.78 -22.48 -7.28
CA GLU C 108 29.03 -23.59 -6.70
C GLU C 108 27.55 -23.26 -6.52
N GLY C 109 27.26 -22.02 -6.13
CA GLY C 109 25.88 -21.61 -5.92
C GLY C 109 25.06 -21.61 -7.20
N ALA C 110 25.64 -21.07 -8.27
CA ALA C 110 24.96 -20.96 -9.56
C ALA C 110 24.45 -22.30 -10.08
N GLU C 111 25.26 -23.34 -9.95
CA GLU C 111 24.87 -24.66 -10.44
C GLU C 111 23.77 -25.31 -9.60
N LEU C 112 23.76 -25.02 -8.31
CA LEU C 112 22.76 -25.61 -7.42
C LEU C 112 21.41 -24.87 -7.51
N VAL C 113 21.46 -23.60 -7.90
CA VAL C 113 20.25 -22.78 -8.03
C VAL C 113 19.25 -23.40 -9.01
N ASP C 114 19.77 -24.08 -10.02
CA ASP C 114 18.92 -24.71 -11.03
C ASP C 114 17.91 -25.65 -10.40
N SER C 115 18.36 -26.48 -9.48
CA SER C 115 17.49 -27.42 -8.78
C SER C 115 16.55 -26.68 -7.82
N VAL C 116 17.08 -25.64 -7.18
CA VAL C 116 16.28 -24.85 -6.24
C VAL C 116 15.08 -24.23 -6.95
N LEU C 117 15.33 -23.67 -8.13
CA LEU C 117 14.28 -23.04 -8.93
C LEU C 117 13.16 -24.01 -9.24
N ASP C 118 13.50 -25.26 -9.47
CA ASP C 118 12.51 -26.28 -9.77
C ASP C 118 11.66 -26.59 -8.55
N VAL C 119 12.31 -26.78 -7.41
CA VAL C 119 11.61 -27.09 -6.17
C VAL C 119 10.73 -25.92 -5.72
N VAL C 120 11.26 -24.69 -5.83
CA VAL C 120 10.49 -23.53 -5.42
C VAL C 120 9.23 -23.36 -6.25
N ARG C 121 9.32 -23.70 -7.54
CA ARG C 121 8.18 -23.61 -8.44
C ARG C 121 7.14 -24.66 -8.07
N LYS C 122 7.63 -25.85 -7.74
CA LYS C 122 6.78 -26.96 -7.35
C LYS C 122 5.96 -26.61 -6.11
N GLU C 123 6.63 -26.01 -5.13
CA GLU C 123 5.99 -25.63 -3.88
C GLU C 123 5.08 -24.41 -4.03
N SER C 124 5.42 -23.51 -4.95
CA SER C 124 4.63 -22.30 -5.17
C SER C 124 3.29 -22.59 -5.86
N GLU C 125 3.23 -23.70 -6.59
CA GLU C 125 2.01 -24.06 -7.30
C GLU C 125 1.22 -25.11 -6.52
N SER C 126 0.99 -24.84 -5.25
CA SER C 126 0.24 -25.75 -4.40
C SER C 126 -1.27 -25.53 -4.54
N CYS C 127 -1.83 -24.64 -3.73
CA CYS C 127 -3.26 -24.36 -3.79
C CYS C 127 -3.52 -22.91 -3.36
N ASP C 128 -4.79 -22.62 -3.08
CA ASP C 128 -5.23 -21.29 -2.62
C ASP C 128 -4.55 -20.15 -3.39
N CYS C 129 -3.84 -19.30 -2.67
CA CYS C 129 -3.15 -18.17 -3.27
C CYS C 129 -1.82 -17.96 -2.55
N LEU C 130 -0.73 -17.94 -3.30
CA LEU C 130 0.58 -17.72 -2.73
C LEU C 130 0.77 -16.25 -2.39
N GLN C 131 1.15 -15.98 -1.16
CA GLN C 131 1.36 -14.61 -0.71
C GLN C 131 2.79 -14.16 -0.97
N GLY C 132 3.75 -14.89 -0.42
CA GLY C 132 5.14 -14.53 -0.62
C GLY C 132 6.08 -15.64 -0.18
N PHE C 133 7.34 -15.27 -0.02
CA PHE C 133 8.37 -16.24 0.38
C PHE C 133 9.09 -15.76 1.64
N GLN C 134 9.55 -16.70 2.44
CA GLN C 134 10.28 -16.38 3.66
C GLN C 134 11.70 -16.93 3.53
N LEU C 135 12.70 -16.09 3.73
CA LEU C 135 14.08 -16.55 3.62
C LEU C 135 14.91 -16.20 4.84
N THR C 136 15.65 -17.18 5.33
CA THR C 136 16.52 -16.98 6.49
C THR C 136 17.98 -17.19 6.06
N HIS C 137 18.82 -16.18 6.26
CA HIS C 137 20.22 -16.28 5.88
C HIS C 137 21.10 -15.32 6.67
N SER C 138 22.39 -15.61 6.72
CA SER C 138 23.34 -14.80 7.43
C SER C 138 24.19 -13.97 6.46
N LEU C 139 24.48 -12.74 6.82
CA LEU C 139 25.29 -11.86 5.97
C LEU C 139 26.78 -12.11 6.20
N GLY C 140 27.18 -13.36 6.04
CA GLY C 140 28.57 -13.73 6.24
C GLY C 140 28.79 -15.21 6.03
N GLY C 141 28.34 -15.71 4.89
CA GLY C 141 28.50 -17.13 4.59
C GLY C 141 28.42 -17.40 3.10
N GLY C 142 28.94 -18.53 2.68
CA GLY C 142 28.91 -18.89 1.27
C GLY C 142 27.51 -19.05 0.75
N THR C 143 26.78 -19.98 1.33
CA THR C 143 25.40 -20.24 0.93
C THR C 143 24.46 -19.22 1.57
N GLY C 144 24.86 -18.69 2.72
CA GLY C 144 24.04 -17.71 3.41
C GLY C 144 23.87 -16.42 2.64
N SER C 145 24.93 -15.64 2.56
CA SER C 145 24.88 -14.36 1.86
C SER C 145 25.00 -14.54 0.36
N GLY C 146 25.82 -15.49 -0.07
CA GLY C 146 26.03 -15.73 -1.48
C GLY C 146 24.83 -16.32 -2.17
N MET C 147 24.53 -17.57 -1.85
CA MET C 147 23.40 -18.27 -2.46
C MET C 147 22.07 -17.58 -2.16
N GLY C 148 21.97 -17.01 -0.97
CA GLY C 148 20.75 -16.31 -0.61
C GLY C 148 20.42 -15.19 -1.59
N THR C 149 21.48 -14.57 -2.11
CA THR C 149 21.33 -13.49 -3.06
C THR C 149 20.72 -13.99 -4.37
N LEU C 150 21.37 -14.97 -5.00
CA LEU C 150 20.90 -15.51 -6.27
C LEU C 150 19.50 -16.12 -6.13
N LEU C 151 19.24 -16.68 -4.95
CA LEU C 151 17.94 -17.29 -4.67
C LEU C 151 16.82 -16.26 -4.76
N ILE C 152 16.96 -15.16 -4.01
CA ILE C 152 15.94 -14.12 -4.01
C ILE C 152 15.85 -13.41 -5.35
N SER C 153 16.98 -13.33 -6.06
CA SER C 153 17.02 -12.67 -7.36
C SER C 153 16.10 -13.38 -8.35
N LYS C 154 16.22 -14.70 -8.45
CA LYS C 154 15.39 -15.47 -9.36
C LYS C 154 13.94 -15.55 -8.88
N ILE C 155 13.76 -15.58 -7.56
CA ILE C 155 12.43 -15.64 -6.97
C ILE C 155 11.61 -14.40 -7.34
N ARG C 156 12.20 -13.23 -7.13
CA ARG C 156 11.51 -11.96 -7.44
C ARG C 156 11.30 -11.80 -8.94
N GLU C 157 12.19 -12.39 -9.72
CA GLU C 157 12.09 -12.32 -11.17
C GLU C 157 10.98 -13.23 -11.68
N GLU C 158 10.80 -14.36 -11.00
CA GLU C 158 9.78 -15.32 -11.38
C GLU C 158 8.40 -14.85 -10.95
N TYR C 159 8.28 -14.42 -9.69
CA TYR C 159 7.02 -13.95 -9.15
C TYR C 159 7.18 -12.55 -8.53
N PRO C 160 7.20 -11.49 -9.36
CA PRO C 160 7.35 -10.12 -8.87
C PRO C 160 6.06 -9.59 -8.25
N ASP C 161 4.96 -10.32 -8.44
CA ASP C 161 3.69 -9.94 -7.89
C ASP C 161 3.63 -10.26 -6.43
N ARG C 162 4.46 -11.23 -5.96
CA ARG C 162 4.42 -11.72 -4.59
C ARG C 162 5.46 -11.01 -3.73
N ILE C 163 5.23 -11.00 -2.42
CA ILE C 163 6.15 -10.34 -1.50
C ILE C 163 7.30 -11.25 -1.09
N MET C 164 8.30 -10.66 -0.45
CA MET C 164 9.47 -11.39 0.01
C MET C 164 9.83 -10.97 1.42
N ASN C 165 9.64 -11.88 2.37
CA ASN C 165 9.95 -11.62 3.76
C ASN C 165 11.26 -12.30 4.13
N THR C 166 12.32 -11.52 4.22
CA THR C 166 13.64 -12.06 4.52
C THR C 166 14.12 -11.68 5.92
N PHE C 167 14.81 -12.62 6.54
CA PHE C 167 15.38 -12.42 7.87
C PHE C 167 16.90 -12.40 7.73
N SER C 168 17.47 -11.21 7.80
CA SER C 168 18.91 -11.07 7.63
C SER C 168 19.67 -11.09 8.95
N VAL C 169 20.58 -12.05 9.08
CA VAL C 169 21.41 -12.16 10.27
C VAL C 169 22.58 -11.20 10.14
N VAL C 170 22.59 -10.17 10.97
CA VAL C 170 23.63 -9.16 10.92
C VAL C 170 24.83 -9.58 11.76
N PRO C 171 26.04 -9.48 11.18
CA PRO C 171 27.29 -9.82 11.87
C PRO C 171 27.50 -8.94 13.10
N SER C 172 27.88 -9.56 14.22
CA SER C 172 28.10 -8.82 15.45
C SER C 172 29.19 -7.77 15.29
N PRO C 173 28.88 -6.50 15.59
CA PRO C 173 29.83 -5.40 15.46
C PRO C 173 31.06 -5.54 16.35
N LYS C 174 30.87 -5.89 17.62
CA LYS C 174 32.00 -6.04 18.54
C LYS C 174 32.93 -7.18 18.13
N VAL C 175 32.36 -8.37 17.96
CA VAL C 175 33.14 -9.54 17.57
C VAL C 175 32.40 -10.32 16.50
N SER C 176 32.87 -10.22 15.27
CA SER C 176 32.25 -10.92 14.17
C SER C 176 32.70 -12.38 14.16
N ASP C 177 32.10 -13.19 13.31
CA ASP C 177 32.45 -14.61 13.25
C ASP C 177 33.46 -14.88 12.15
N THR C 178 33.11 -14.54 10.93
CA THR C 178 33.98 -14.74 9.79
C THR C 178 34.78 -13.47 9.53
N VAL C 179 36.02 -13.62 9.08
CA VAL C 179 36.87 -12.47 8.79
C VAL C 179 36.38 -11.77 7.52
N VAL C 180 35.83 -12.55 6.60
CA VAL C 180 35.30 -12.01 5.35
C VAL C 180 33.82 -11.67 5.48
N GLU C 181 33.36 -11.55 6.72
CA GLU C 181 31.96 -11.23 7.01
C GLU C 181 31.51 -9.91 6.36
N PRO C 182 32.21 -8.79 6.62
CA PRO C 182 31.85 -7.49 6.03
C PRO C 182 31.81 -7.53 4.50
N TYR C 183 32.75 -8.27 3.91
CA TYR C 183 32.82 -8.42 2.47
C TYR C 183 31.56 -9.10 1.94
N ASN C 184 31.18 -10.19 2.61
CA ASN C 184 29.99 -10.94 2.23
C ASN C 184 28.72 -10.14 2.50
N ALA C 185 28.70 -9.44 3.64
CA ALA C 185 27.55 -8.63 4.04
C ALA C 185 27.25 -7.53 3.04
N THR C 186 28.30 -6.86 2.58
CA THR C 186 28.16 -5.78 1.62
C THR C 186 27.54 -6.28 0.31
N LEU C 187 27.93 -7.48 -0.08
CA LEU C 187 27.44 -8.08 -1.31
C LEU C 187 25.99 -8.58 -1.17
N SER C 188 25.65 -9.05 0.01
CA SER C 188 24.29 -9.55 0.25
C SER C 188 23.29 -8.41 0.33
N VAL C 189 23.64 -7.36 1.07
CA VAL C 189 22.75 -6.21 1.23
C VAL C 189 22.49 -5.51 -0.11
N HIS C 190 23.42 -5.68 -1.05
CA HIS C 190 23.28 -5.08 -2.36
C HIS C 190 22.07 -5.64 -3.10
N GLN C 191 22.00 -6.95 -3.20
CA GLN C 191 20.88 -7.59 -3.87
C GLN C 191 19.61 -7.56 -3.02
N LEU C 192 19.79 -7.57 -1.70
CA LEU C 192 18.66 -7.53 -0.78
C LEU C 192 17.80 -6.29 -1.05
N VAL C 193 18.43 -5.14 -1.13
CA VAL C 193 17.73 -3.87 -1.36
C VAL C 193 17.17 -3.77 -2.78
N GLU C 194 17.56 -4.71 -3.64
CA GLU C 194 17.11 -4.69 -5.02
C GLU C 194 16.22 -5.89 -5.36
N ASN C 195 15.92 -6.71 -4.35
CA ASN C 195 15.10 -7.89 -4.58
C ASN C 195 13.98 -8.01 -3.56
N THR C 196 14.34 -8.33 -2.32
CA THR C 196 13.35 -8.50 -1.25
C THR C 196 12.67 -7.18 -0.92
N ASP C 197 11.48 -7.26 -0.33
CA ASP C 197 10.72 -6.06 0.05
C ASP C 197 10.66 -5.91 1.56
N GLU C 198 10.64 -7.03 2.26
CA GLU C 198 10.61 -7.02 3.72
C GLU C 198 11.86 -7.71 4.26
N THR C 199 12.56 -7.04 5.16
CA THR C 199 13.78 -7.60 5.74
C THR C 199 13.96 -7.13 7.19
N TYR C 200 14.10 -8.08 8.09
CA TYR C 200 14.30 -7.77 9.49
C TYR C 200 15.76 -7.95 9.87
N CYS C 201 16.27 -7.07 10.72
CA CYS C 201 17.66 -7.13 11.14
C CYS C 201 17.82 -7.80 12.50
N ILE C 202 18.47 -8.94 12.50
CA ILE C 202 18.72 -9.68 13.73
C ILE C 202 20.21 -9.68 14.01
N ASP C 203 20.63 -9.08 15.11
CA ASP C 203 22.04 -9.01 15.46
C ASP C 203 22.46 -10.17 16.36
N ASN C 204 23.68 -10.61 16.15
CA ASN C 204 24.23 -11.71 16.93
C ASN C 204 24.56 -11.30 18.36
N GLU C 205 25.13 -10.10 18.53
CA GLU C 205 25.50 -9.64 19.86
C GLU C 205 24.29 -9.14 20.62
N ALA C 206 23.34 -8.53 19.90
CA ALA C 206 22.13 -8.03 20.52
C ALA C 206 21.34 -9.19 21.11
N LEU C 207 21.40 -10.33 20.44
CA LEU C 207 20.72 -11.54 20.88
C LEU C 207 21.26 -11.97 22.24
N TYR C 208 22.58 -11.86 22.40
CA TYR C 208 23.22 -12.22 23.66
C TYR C 208 22.80 -11.25 24.76
N ASP C 209 22.79 -9.95 24.43
CA ASP C 209 22.42 -8.91 25.38
C ASP C 209 21.00 -9.10 25.91
N ILE C 210 20.06 -9.32 25.00
CA ILE C 210 18.66 -9.50 25.37
C ILE C 210 18.48 -10.67 26.34
N CYS C 211 19.16 -11.79 26.07
CA CYS C 211 19.05 -12.97 26.92
C CYS C 211 19.90 -12.85 28.19
N PHE C 212 20.74 -11.84 28.25
CA PHE C 212 21.60 -11.65 29.41
C PHE C 212 21.05 -10.61 30.40
N ARG C 213 20.50 -9.52 29.87
CA ARG C 213 19.97 -8.47 30.73
C ARG C 213 18.48 -8.62 31.03
N THR C 214 17.67 -8.77 29.98
CA THR C 214 16.23 -8.90 30.15
C THR C 214 15.85 -10.30 30.60
N LEU C 215 16.64 -11.28 30.20
CA LEU C 215 16.39 -12.66 30.57
C LEU C 215 17.47 -13.13 31.55
N LYS C 216 17.21 -14.23 32.24
CA LYS C 216 18.18 -14.76 33.20
C LYS C 216 18.86 -16.00 32.64
N LEU C 217 19.52 -15.83 31.50
CA LEU C 217 20.22 -16.92 30.85
C LEU C 217 21.72 -16.74 30.98
N THR C 218 22.36 -17.66 31.69
CA THR C 218 23.80 -17.59 31.91
C THR C 218 24.58 -17.88 30.63
N THR C 219 24.23 -18.97 29.97
CA THR C 219 24.91 -19.35 28.73
C THR C 219 23.92 -19.42 27.57
N PRO C 220 23.81 -18.33 26.79
CA PRO C 220 22.90 -18.27 25.65
C PRO C 220 23.46 -19.05 24.45
N THR C 221 23.11 -20.32 24.37
CA THR C 221 23.56 -21.18 23.28
C THR C 221 22.95 -20.73 21.96
N TYR C 222 23.55 -21.13 20.85
CA TYR C 222 23.06 -20.77 19.52
C TYR C 222 21.60 -21.20 19.32
N GLY C 223 21.27 -22.38 19.83
CA GLY C 223 19.91 -22.87 19.72
C GLY C 223 18.94 -21.98 20.48
N ASP C 224 19.39 -21.50 21.64
CA ASP C 224 18.59 -20.62 22.48
C ASP C 224 18.39 -19.28 21.78
N LEU C 225 19.46 -18.82 21.14
CA LEU C 225 19.42 -17.55 20.41
C LEU C 225 18.42 -17.63 19.26
N ASN C 226 18.53 -18.68 18.47
CA ASN C 226 17.64 -18.89 17.34
C ASN C 226 16.20 -19.09 17.81
N HIS C 227 16.02 -19.68 19.02
CA HIS C 227 14.71 -19.90 19.61
C HIS C 227 14.01 -18.58 19.72
N LEU C 228 14.70 -17.57 20.31
CA LEU C 228 14.10 -16.27 20.55
C LEU C 228 13.62 -15.65 19.24
N VAL C 229 14.50 -15.67 18.24
CA VAL C 229 14.17 -15.11 16.93
C VAL C 229 12.98 -15.81 16.30
N SER C 230 12.99 -17.14 16.34
CA SER C 230 11.91 -17.93 15.77
C SER C 230 10.57 -17.64 16.47
N ALA C 231 10.63 -17.46 17.78
CA ALA C 231 9.43 -17.16 18.56
C ALA C 231 8.94 -15.74 18.29
N THR C 232 9.78 -14.95 17.63
CA THR C 232 9.43 -13.57 17.30
C THR C 232 8.82 -13.50 15.90
N MET C 233 9.44 -14.21 14.95
CA MET C 233 8.96 -14.23 13.56
C MET C 233 7.56 -14.84 13.44
N SER C 234 7.24 -15.78 14.31
CA SER C 234 5.93 -16.42 14.28
C SER C 234 4.83 -15.41 14.61
N GLY C 235 5.18 -14.42 15.42
CA GLY C 235 4.25 -13.40 15.81
C GLY C 235 4.05 -12.36 14.72
N VAL C 236 4.77 -12.54 13.62
CA VAL C 236 4.69 -11.62 12.49
C VAL C 236 3.85 -12.22 11.36
N THR C 237 4.30 -13.36 10.85
CA THR C 237 3.62 -14.01 9.75
C THR C 237 2.43 -14.87 10.20
N THR C 238 2.71 -15.88 11.00
CA THR C 238 1.69 -16.80 11.50
C THR C 238 0.60 -16.09 12.29
N CYS C 239 0.99 -15.23 13.21
CA CYS C 239 0.05 -14.50 14.05
C CYS C 239 -0.89 -13.62 13.22
N LEU C 240 -0.42 -13.14 12.08
CA LEU C 240 -1.24 -12.28 11.23
C LEU C 240 -2.11 -13.08 10.27
N ARG C 241 -2.30 -14.35 10.56
CA ARG C 241 -3.13 -15.21 9.73
C ARG C 241 -4.32 -15.73 10.52
N PHE C 242 -4.35 -15.38 11.80
CA PHE C 242 -5.43 -15.79 12.69
C PHE C 242 -6.42 -14.66 12.92
N PRO C 243 -7.69 -14.99 13.18
CA PRO C 243 -8.74 -14.00 13.43
C PRO C 243 -8.49 -13.20 14.70
N GLY C 244 -8.81 -11.92 14.66
CA GLY C 244 -8.63 -11.06 15.82
C GLY C 244 -9.38 -9.76 15.64
N GLN C 245 -9.16 -8.82 16.56
CA GLN C 245 -9.81 -7.52 16.49
C GLN C 245 -9.47 -6.81 15.18
N LEU C 246 -8.18 -6.69 14.91
CA LEU C 246 -7.72 -6.05 13.69
C LEU C 246 -6.76 -6.97 12.97
N ASN C 247 -7.31 -7.80 12.10
CA ASN C 247 -6.52 -8.75 11.33
C ASN C 247 -5.67 -8.04 10.28
N ALA C 248 -4.39 -8.37 10.26
CA ALA C 248 -3.45 -7.78 9.32
C ALA C 248 -2.87 -8.87 8.43
N ASP C 249 -1.77 -8.56 7.75
CA ASP C 249 -1.13 -9.52 6.86
C ASP C 249 0.17 -8.91 6.32
N LEU C 250 0.96 -9.71 5.60
CA LEU C 250 2.22 -9.24 5.04
C LEU C 250 2.04 -7.97 4.20
N ARG C 251 1.01 -7.97 3.36
CA ARG C 251 0.73 -6.81 2.52
C ARG C 251 0.32 -5.63 3.39
N LYS C 252 -0.59 -5.90 4.33
CA LYS C 252 -1.08 -4.88 5.25
C LYS C 252 0.05 -4.29 6.10
N LEU C 253 1.11 -5.08 6.28
CA LEU C 253 2.25 -4.66 7.07
C LEU C 253 3.25 -3.87 6.21
N ALA C 254 3.75 -4.50 5.16
CA ALA C 254 4.73 -3.88 4.27
C ALA C 254 4.21 -2.57 3.67
N VAL C 255 2.97 -2.59 3.19
CA VAL C 255 2.36 -1.41 2.58
C VAL C 255 2.07 -0.32 3.62
N ASN C 256 2.31 -0.63 4.88
CA ASN C 256 2.11 0.32 5.97
C ASN C 256 3.38 0.44 6.81
N MET C 257 4.53 0.10 6.21
CA MET C 257 5.81 0.16 6.91
C MET C 257 6.90 0.82 6.09
N VAL C 258 6.88 0.63 4.78
CA VAL C 258 7.90 1.21 3.91
C VAL C 258 7.39 2.41 3.13
N PRO C 259 7.76 3.63 3.56
CA PRO C 259 7.34 4.87 2.90
C PRO C 259 8.02 5.06 1.55
N PHE C 260 9.16 4.42 1.38
CA PHE C 260 9.91 4.52 0.13
C PHE C 260 10.37 3.14 -0.35
N PRO C 261 10.49 2.97 -1.67
CA PRO C 261 10.89 1.69 -2.29
C PRO C 261 12.40 1.43 -2.18
N ARG C 262 13.00 1.79 -1.07
CA ARG C 262 14.42 1.56 -0.86
C ARG C 262 14.62 0.42 0.12
N LEU C 263 13.70 -0.53 0.07
CA LEU C 263 13.69 -1.70 0.95
C LEU C 263 13.28 -1.35 2.36
N HIS C 264 14.13 -0.58 3.04
CA HIS C 264 13.89 -0.15 4.42
C HIS C 264 13.87 -1.33 5.39
N PHE C 265 14.99 -1.51 6.10
CA PHE C 265 15.14 -2.59 7.05
C PHE C 265 14.38 -2.32 8.34
N PHE C 266 13.80 -3.36 8.91
CA PHE C 266 13.03 -3.22 10.14
C PHE C 266 13.77 -3.86 11.31
N MET C 267 13.59 -3.28 12.49
CA MET C 267 14.20 -3.79 13.70
C MET C 267 13.13 -4.44 14.58
N PRO C 268 13.29 -5.74 14.88
CA PRO C 268 12.33 -6.49 15.69
C PRO C 268 12.54 -6.31 17.19
N GLY C 269 11.54 -6.73 17.95
CA GLY C 269 11.58 -6.65 19.40
C GLY C 269 10.44 -7.44 20.01
N PHE C 270 10.44 -7.60 21.33
CA PHE C 270 9.38 -8.34 22.01
C PHE C 270 9.08 -7.75 23.38
N ALA C 271 7.81 -7.38 23.58
CA ALA C 271 7.39 -6.76 24.83
C ALA C 271 7.49 -7.70 26.06
N PRO C 272 6.83 -8.88 26.04
CA PRO C 272 6.85 -9.80 27.18
C PRO C 272 8.17 -10.56 27.32
N LEU C 273 9.25 -9.82 27.48
CA LEU C 273 10.57 -10.41 27.63
C LEU C 273 10.98 -10.45 29.09
N THR C 274 10.47 -11.44 29.81
CA THR C 274 10.76 -11.59 31.23
C THR C 274 11.23 -13.01 31.52
N SER C 275 11.88 -13.22 32.65
CA SER C 275 12.34 -14.55 33.02
C SER C 275 11.20 -15.38 33.60
N ARG C 276 11.40 -16.69 33.67
CA ARG C 276 10.39 -17.60 34.18
C ARG C 276 10.31 -17.56 35.71
N GLY C 277 11.36 -17.08 36.34
CA GLY C 277 11.39 -17.04 37.80
C GLY C 277 10.91 -15.74 38.42
N SER C 278 11.84 -14.99 38.97
CA SER C 278 11.55 -13.73 39.65
C SER C 278 10.82 -12.69 38.79
N GLN C 279 11.11 -12.66 37.49
CA GLN C 279 10.47 -11.67 36.62
C GLN C 279 9.02 -11.98 36.30
N GLN C 280 8.48 -13.05 36.90
CA GLN C 280 7.08 -13.40 36.70
C GLN C 280 6.22 -12.49 37.56
N TYR C 281 6.14 -11.23 37.15
CA TYR C 281 5.38 -10.23 37.88
C TYR C 281 3.99 -10.07 37.29
N ARG C 282 3.78 -10.65 36.11
CA ARG C 282 2.50 -10.58 35.39
C ARG C 282 2.22 -9.15 34.96
N ALA C 283 3.29 -8.35 34.87
CA ALA C 283 3.18 -6.95 34.47
C ALA C 283 2.99 -6.83 32.97
N LEU C 284 1.79 -7.15 32.52
CA LEU C 284 1.44 -7.09 31.11
C LEU C 284 0.01 -6.62 30.96
N THR C 285 -0.28 -5.44 31.46
CA THR C 285 -1.61 -4.87 31.37
C THR C 285 -1.78 -4.18 30.02
N VAL C 286 -0.85 -3.28 29.71
CA VAL C 286 -0.83 -2.52 28.45
C VAL C 286 0.35 -1.55 28.39
N PRO C 287 0.52 -0.65 29.39
CA PRO C 287 1.63 0.32 29.38
C PRO C 287 3.00 -0.36 29.47
N GLU C 288 3.05 -1.50 30.15
CA GLU C 288 4.29 -2.24 30.32
C GLU C 288 4.75 -2.80 28.98
N LEU C 289 3.79 -3.17 28.14
CA LEU C 289 4.10 -3.72 26.83
C LEU C 289 4.78 -2.66 25.97
N THR C 290 4.19 -1.48 25.91
CA THR C 290 4.74 -0.38 25.13
C THR C 290 6.07 0.09 25.71
N GLN C 291 6.15 0.06 27.04
CA GLN C 291 7.36 0.47 27.76
C GLN C 291 8.55 -0.38 27.34
N GLN C 292 8.35 -1.69 27.26
CA GLN C 292 9.42 -2.60 26.89
C GLN C 292 9.59 -2.70 25.38
N MET C 293 8.49 -2.59 24.64
CA MET C 293 8.53 -2.66 23.18
C MET C 293 9.39 -1.55 22.60
N PHE C 294 9.17 -0.34 23.09
CA PHE C 294 9.93 0.82 22.62
C PHE C 294 11.14 1.06 23.51
N ASP C 295 11.81 -0.02 23.90
CA ASP C 295 12.98 0.08 24.75
C ASP C 295 14.26 -0.06 23.94
N ALA C 296 15.25 0.77 24.26
CA ALA C 296 16.52 0.76 23.56
C ALA C 296 17.27 -0.56 23.74
N LYS C 297 17.03 -1.25 24.86
CA LYS C 297 17.71 -2.51 25.10
C LYS C 297 16.82 -3.72 24.77
N ASN C 298 15.75 -3.47 24.03
CA ASN C 298 14.84 -4.54 23.64
C ASN C 298 14.96 -4.80 22.14
N MET C 299 15.64 -3.89 21.45
CA MET C 299 15.83 -3.98 20.01
C MET C 299 16.68 -5.20 19.66
N MET C 300 16.21 -5.97 18.70
CA MET C 300 16.92 -7.17 18.26
C MET C 300 18.14 -6.80 17.40
N ALA C 301 18.33 -5.51 17.19
CA ALA C 301 19.45 -5.01 16.41
C ALA C 301 20.43 -4.28 17.32
N ALA C 302 21.67 -4.14 16.87
CA ALA C 302 22.69 -3.47 17.66
C ALA C 302 22.47 -1.96 17.74
N CYS C 303 21.79 -1.41 16.74
CA CYS C 303 21.52 0.01 16.69
C CYS C 303 20.28 0.36 17.51
N ASP C 304 20.30 1.55 18.11
CA ASP C 304 19.18 2.02 18.92
C ASP C 304 18.44 3.12 18.18
N PRO C 305 17.10 3.04 18.18
CA PRO C 305 16.23 4.01 17.48
C PRO C 305 16.21 5.38 18.15
N ARG C 306 16.79 5.49 19.34
CA ARG C 306 16.82 6.74 20.07
C ARG C 306 17.75 7.74 19.38
N HIS C 307 18.77 7.20 18.72
CA HIS C 307 19.75 8.00 18.00
C HIS C 307 19.24 8.41 16.62
N GLY C 308 18.09 7.87 16.24
CA GLY C 308 17.52 8.17 14.95
C GLY C 308 16.07 8.57 15.06
N ARG C 309 15.31 8.40 13.99
CA ARG C 309 13.89 8.75 14.00
C ARG C 309 13.05 7.55 13.58
N TYR C 310 11.90 7.39 14.22
CA TYR C 310 10.99 6.31 13.91
C TYR C 310 10.21 6.64 12.65
N LEU C 311 10.55 6.01 11.54
CA LEU C 311 9.87 6.26 10.27
C LEU C 311 8.48 5.63 10.27
N THR C 312 8.43 4.37 10.66
CA THR C 312 7.16 3.64 10.71
C THR C 312 7.29 2.47 11.69
N VAL C 313 6.26 2.26 12.49
CA VAL C 313 6.26 1.19 13.48
C VAL C 313 5.01 0.31 13.33
N ALA C 314 5.23 -0.99 13.27
CA ALA C 314 4.15 -1.94 13.17
C ALA C 314 4.03 -2.72 14.47
N ALA C 315 3.02 -2.39 15.25
CA ALA C 315 2.80 -3.04 16.52
C ALA C 315 1.73 -4.12 16.41
N VAL C 316 2.15 -5.37 16.49
CA VAL C 316 1.22 -6.48 16.39
C VAL C 316 0.99 -7.13 17.75
N PHE C 317 -0.18 -6.89 18.30
CA PHE C 317 -0.54 -7.45 19.60
C PHE C 317 -1.28 -8.76 19.40
N ARG C 318 -1.10 -9.69 20.32
CA ARG C 318 -1.78 -10.98 20.24
C ARG C 318 -2.35 -11.42 21.58
N GLY C 319 -3.63 -11.13 21.78
CA GLY C 319 -4.31 -11.47 23.00
C GLY C 319 -5.58 -10.66 23.17
N ARG C 320 -6.40 -11.01 24.15
CA ARG C 320 -7.65 -10.31 24.40
C ARG C 320 -7.42 -8.97 25.09
N MET C 321 -7.65 -7.89 24.36
CA MET C 321 -7.48 -6.53 24.88
C MET C 321 -8.37 -5.57 24.11
N SER C 322 -8.74 -4.46 24.75
CA SER C 322 -9.61 -3.48 24.10
C SER C 322 -8.81 -2.53 23.22
N MET C 323 -9.44 -2.09 22.15
CA MET C 323 -8.80 -1.18 21.19
C MET C 323 -8.43 0.15 21.86
N LYS C 324 -9.23 0.55 22.85
CA LYS C 324 -9.01 1.80 23.56
C LYS C 324 -7.68 1.82 24.32
N GLU C 325 -7.40 0.76 25.07
CA GLU C 325 -6.18 0.71 25.86
C GLU C 325 -4.92 0.58 24.99
N VAL C 326 -5.09 0.02 23.80
CA VAL C 326 -3.97 -0.15 22.88
C VAL C 326 -3.64 1.14 22.14
N ASP C 327 -4.57 1.58 21.31
CA ASP C 327 -4.39 2.78 20.49
C ASP C 327 -4.07 4.03 21.32
N GLU C 328 -4.77 4.19 22.45
CA GLU C 328 -4.56 5.35 23.31
C GLU C 328 -3.13 5.37 23.86
N GLN C 329 -2.61 4.20 24.20
CA GLN C 329 -1.25 4.10 24.74
C GLN C 329 -0.22 4.41 23.68
N MET C 330 -0.49 3.99 22.44
CA MET C 330 0.42 4.24 21.33
C MET C 330 0.53 5.74 21.06
N LEU C 331 -0.60 6.43 21.18
CA LEU C 331 -0.65 7.87 20.97
C LEU C 331 0.26 8.58 21.96
N ASN C 332 0.19 8.14 23.22
CA ASN C 332 1.01 8.72 24.27
C ASN C 332 2.49 8.58 23.94
N VAL C 333 2.85 7.45 23.36
CA VAL C 333 4.24 7.19 22.98
C VAL C 333 4.70 8.15 21.89
N GLN C 334 3.86 8.30 20.87
CA GLN C 334 4.18 9.18 19.74
C GLN C 334 4.24 10.64 20.16
N ASN C 335 3.41 11.03 21.13
CA ASN C 335 3.39 12.39 21.61
C ASN C 335 4.57 12.69 22.54
N LYS C 336 4.90 11.73 23.39
CA LYS C 336 6.00 11.88 24.33
C LYS C 336 7.36 11.80 23.62
N ASN C 337 7.45 10.91 22.64
CA ASN C 337 8.71 10.72 21.91
C ASN C 337 8.63 11.33 20.51
N SER C 338 7.87 12.42 20.40
CA SER C 338 7.69 13.12 19.13
C SER C 338 9.01 13.64 18.57
N SER C 339 9.98 13.87 19.45
CA SER C 339 11.29 14.38 19.07
C SER C 339 11.96 13.52 18.00
N TYR C 340 11.62 12.25 17.97
CA TYR C 340 12.19 11.34 17.00
C TYR C 340 11.15 10.38 16.44
N PHE C 341 9.95 10.89 16.19
CA PHE C 341 8.87 10.06 15.66
C PHE C 341 8.38 10.53 14.29
N VAL C 342 9.16 11.40 13.64
CA VAL C 342 8.81 11.91 12.31
C VAL C 342 7.58 12.82 12.33
N GLU C 343 7.78 14.08 11.97
CA GLU C 343 6.69 15.06 11.96
C GLU C 343 6.00 15.18 10.61
N TRP C 344 6.55 14.54 9.58
CA TRP C 344 5.94 14.61 8.26
C TRP C 344 4.91 13.50 8.03
N ILE C 345 4.61 12.76 9.09
CA ILE C 345 3.64 11.68 9.04
C ILE C 345 2.71 11.78 10.25
N PRO C 346 1.38 11.80 10.02
CA PRO C 346 0.39 11.90 11.10
C PRO C 346 0.54 10.79 12.14
N ASN C 347 0.34 9.56 11.70
CA ASN C 347 0.48 8.40 12.57
C ASN C 347 1.53 7.47 12.01
N ASN C 348 2.57 7.22 12.79
CA ASN C 348 3.65 6.36 12.35
C ASN C 348 3.54 4.96 12.92
N VAL C 349 2.61 4.77 13.86
CA VAL C 349 2.43 3.47 14.47
C VAL C 349 1.15 2.80 14.00
N LYS C 350 1.31 1.78 13.17
CA LYS C 350 0.18 1.04 12.65
C LYS C 350 -0.20 -0.06 13.64
N THR C 351 -1.32 0.10 14.30
CA THR C 351 -1.77 -0.86 15.29
C THR C 351 -2.42 -2.09 14.66
N ALA C 352 -2.29 -3.21 15.35
CA ALA C 352 -2.88 -4.48 14.91
C ALA C 352 -3.07 -5.36 16.14
N VAL C 353 -4.29 -5.80 16.38
CA VAL C 353 -4.59 -6.62 17.54
C VAL C 353 -5.20 -7.96 17.15
N CYS C 354 -4.48 -9.04 17.39
CA CYS C 354 -4.95 -10.38 17.10
C CYS C 354 -5.48 -10.98 18.40
N ASP C 355 -6.35 -11.97 18.29
CA ASP C 355 -6.95 -12.58 19.48
C ASP C 355 -6.38 -13.97 19.77
N ILE C 356 -5.06 -14.12 19.66
CA ILE C 356 -4.43 -15.41 19.92
C ILE C 356 -2.99 -15.27 20.41
N PRO C 357 -2.75 -15.53 21.69
CA PRO C 357 -1.42 -15.47 22.31
C PRO C 357 -0.61 -16.72 21.98
N PRO C 358 0.72 -16.69 22.24
CA PRO C 358 1.61 -17.84 21.98
C PRO C 358 1.45 -18.96 22.99
N ARG C 359 0.28 -19.60 22.95
CA ARG C 359 -0.05 -20.71 23.84
C ARG C 359 0.00 -20.33 25.32
N GLY C 360 1.12 -20.63 25.97
CA GLY C 360 1.28 -20.36 27.39
C GLY C 360 1.60 -18.91 27.70
N LEU C 361 0.70 -18.02 27.30
CA LEU C 361 0.88 -16.60 27.55
C LEU C 361 -0.48 -15.91 27.56
N LYS C 362 -0.61 -14.86 28.35
CA LYS C 362 -1.86 -14.12 28.45
C LYS C 362 -1.90 -12.96 27.46
N MET C 363 -0.89 -12.09 27.55
CA MET C 363 -0.81 -10.93 26.68
C MET C 363 0.56 -10.88 26.01
N SER C 364 0.59 -10.49 24.74
CA SER C 364 1.84 -10.43 24.00
C SER C 364 1.78 -9.41 22.87
N ALA C 365 2.94 -8.86 22.53
CA ALA C 365 3.02 -7.87 21.46
C ALA C 365 4.39 -7.96 20.78
N THR C 366 4.36 -8.08 19.47
CA THR C 366 5.58 -8.16 18.68
C THR C 366 5.94 -6.76 18.18
N PHE C 367 7.23 -6.43 18.23
CA PHE C 367 7.68 -5.12 17.80
C PHE C 367 8.43 -5.17 16.47
N ILE C 368 7.98 -4.34 15.55
CA ILE C 368 8.61 -4.22 14.23
C ILE C 368 8.70 -2.74 13.90
N GLY C 369 9.88 -2.15 13.99
CA GLY C 369 10.01 -0.74 13.72
C GLY C 369 11.08 -0.38 12.72
N ASN C 370 10.73 0.47 11.78
CA ASN C 370 11.66 0.96 10.76
C ASN C 370 12.12 2.34 11.18
N SER C 371 13.38 2.45 11.60
CA SER C 371 13.92 3.71 12.05
C SER C 371 15.18 4.09 11.28
N THR C 372 15.40 5.38 11.12
CA THR C 372 16.57 5.89 10.40
C THR C 372 17.86 5.60 11.16
N ALA C 373 17.72 5.24 12.43
CA ALA C 373 18.86 4.93 13.28
C ALA C 373 19.56 3.66 12.83
N ILE C 374 18.87 2.87 12.01
CA ILE C 374 19.43 1.62 11.51
C ILE C 374 20.60 1.89 10.56
N GLN C 375 20.76 3.16 10.18
CA GLN C 375 21.84 3.55 9.29
C GLN C 375 23.20 3.34 9.95
N GLU C 376 23.22 3.37 11.29
CA GLU C 376 24.44 3.17 12.05
C GLU C 376 24.97 1.76 11.81
N LEU C 377 24.05 0.85 11.54
CA LEU C 377 24.39 -0.54 11.27
C LEU C 377 25.12 -0.63 9.94
N PHE C 378 24.55 -0.01 8.92
CA PHE C 378 25.15 -0.02 7.59
C PHE C 378 26.48 0.72 7.62
N LYS C 379 26.52 1.83 8.36
CA LYS C 379 27.73 2.63 8.50
C LYS C 379 28.86 1.78 9.08
N ARG C 380 28.50 0.88 9.99
CA ARG C 380 29.46 0.00 10.62
C ARG C 380 30.04 -0.99 9.62
N ILE C 381 29.16 -1.62 8.84
CA ILE C 381 29.59 -2.58 7.83
C ILE C 381 30.40 -1.87 6.75
N SER C 382 29.95 -0.68 6.37
CA SER C 382 30.61 0.13 5.37
C SER C 382 32.04 0.45 5.81
N GLU C 383 32.21 0.81 7.07
CA GLU C 383 33.51 1.14 7.62
C GLU C 383 34.40 -0.11 7.64
N GLN C 384 33.84 -1.24 8.05
CA GLN C 384 34.59 -2.50 8.10
C GLN C 384 35.03 -2.91 6.71
N PHE C 385 34.13 -2.81 5.74
CA PHE C 385 34.40 -3.17 4.37
C PHE C 385 35.58 -2.40 3.80
N THR C 386 35.45 -1.08 3.70
CA THR C 386 36.49 -0.22 3.15
C THR C 386 37.84 -0.42 3.86
N ALA C 387 37.80 -0.61 5.18
CA ALA C 387 39.02 -0.80 5.97
C ALA C 387 39.89 -1.93 5.43
N MET C 388 39.24 -3.01 5.00
CA MET C 388 39.98 -4.17 4.47
C MET C 388 39.95 -4.18 2.93
N PHE C 389 39.01 -3.44 2.36
CA PHE C 389 38.87 -3.35 0.91
C PHE C 389 40.02 -2.57 0.30
N ARG C 390 40.38 -1.46 0.95
CA ARG C 390 41.47 -0.62 0.48
C ARG C 390 42.78 -1.39 0.45
N ARG C 391 42.95 -2.31 1.39
CA ARG C 391 44.16 -3.11 1.47
C ARG C 391 44.00 -4.42 0.70
N LYS C 392 42.77 -4.70 0.26
CA LYS C 392 42.46 -5.93 -0.47
C LYS C 392 42.93 -7.15 0.33
N ALA C 393 42.43 -7.25 1.56
CA ALA C 393 42.80 -8.32 2.48
C ALA C 393 42.59 -9.71 1.88
N PHE C 394 41.33 -10.15 1.83
CA PHE C 394 41.01 -11.46 1.31
C PHE C 394 40.25 -11.35 0.00
N LEU C 395 40.62 -10.37 -0.80
CA LEU C 395 39.98 -10.13 -2.09
C LEU C 395 40.25 -11.29 -3.05
N HIS C 396 41.45 -11.86 -2.93
CA HIS C 396 41.88 -12.97 -3.78
C HIS C 396 40.94 -14.18 -3.69
N TRP C 397 40.28 -14.33 -2.54
CA TRP C 397 39.37 -15.44 -2.33
C TRP C 397 38.15 -15.33 -3.23
N TYR C 398 37.80 -14.10 -3.57
CA TYR C 398 36.64 -13.85 -4.41
C TYR C 398 37.03 -13.93 -5.89
N THR C 399 38.17 -13.36 -6.24
CA THR C 399 38.65 -13.39 -7.61
C THR C 399 39.03 -14.81 -8.03
N GLY C 400 39.44 -15.61 -7.04
CA GLY C 400 39.81 -16.99 -7.31
C GLY C 400 38.63 -17.81 -7.79
N GLU C 401 37.47 -17.52 -7.24
CA GLU C 401 36.25 -18.23 -7.62
C GLU C 401 35.68 -17.62 -8.89
N GLY C 402 35.45 -16.32 -8.86
CA GLY C 402 34.90 -15.62 -10.00
C GLY C 402 34.18 -14.37 -9.59
N MET C 403 34.91 -13.26 -9.54
CA MET C 403 34.33 -11.98 -9.14
C MET C 403 35.10 -10.84 -9.80
N ASP C 404 34.38 -9.76 -10.13
CA ASP C 404 34.84 -8.56 -10.76
C ASP C 404 35.44 -7.65 -9.71
N GLU C 405 36.60 -6.96 -9.99
CA GLU C 405 37.15 -5.98 -9.08
C GLU C 405 36.17 -4.82 -8.83
N MET C 406 35.43 -4.46 -9.87
CA MET C 406 34.47 -3.36 -9.76
C MET C 406 33.19 -3.80 -9.05
N GLU C 407 32.92 -5.12 -9.03
CA GLU C 407 31.75 -5.67 -8.42
C GLU C 407 31.77 -5.29 -6.96
N PHE C 408 32.96 -5.24 -6.35
CA PHE C 408 33.12 -4.92 -4.93
C PHE C 408 32.59 -3.52 -4.67
N THR C 409 32.95 -2.58 -5.54
CA THR C 409 32.52 -1.20 -5.42
C THR C 409 31.02 -1.06 -5.70
N GLU C 410 30.50 -1.87 -6.62
CA GLU C 410 29.08 -1.85 -6.98
C GLU C 410 28.23 -1.98 -5.72
N ALA C 411 28.57 -2.96 -4.89
CA ALA C 411 27.84 -3.21 -3.66
C ALA C 411 28.10 -2.11 -2.63
N GLU C 412 29.34 -1.65 -2.56
CA GLU C 412 29.72 -0.60 -1.61
C GLU C 412 28.99 0.70 -1.89
N SER C 413 29.01 1.13 -3.15
CA SER C 413 28.35 2.38 -3.55
C SER C 413 26.85 2.33 -3.24
N ASN C 414 26.25 1.17 -3.48
CA ASN C 414 24.82 0.98 -3.24
C ASN C 414 24.50 1.03 -1.75
N MET C 415 25.27 0.31 -0.95
CA MET C 415 25.05 0.31 0.50
C MET C 415 25.22 1.71 1.06
N ASN C 416 26.24 2.41 0.59
CA ASN C 416 26.52 3.77 1.04
C ASN C 416 25.40 4.72 0.64
N ASP C 417 24.85 4.51 -0.57
CA ASP C 417 23.76 5.34 -1.07
C ASP C 417 22.49 5.13 -0.24
N LEU C 418 22.31 3.92 0.27
CA LEU C 418 21.17 3.59 1.09
C LEU C 418 21.23 4.36 2.41
N VAL C 419 22.43 4.45 2.98
CA VAL C 419 22.64 5.17 4.22
C VAL C 419 22.31 6.64 4.04
N SER C 420 22.68 7.17 2.88
CA SER C 420 22.42 8.55 2.54
C SER C 420 20.92 8.82 2.53
N GLU C 421 20.19 8.00 1.77
CA GLU C 421 18.73 8.13 1.66
C GLU C 421 18.10 8.21 3.05
N TYR C 422 18.50 7.29 3.92
CA TYR C 422 18.00 7.24 5.28
C TYR C 422 18.30 8.53 6.05
N GLN C 423 19.56 8.94 6.05
CA GLN C 423 19.98 10.15 6.77
C GLN C 423 19.29 11.40 6.24
N GLN C 424 19.03 11.45 4.93
CA GLN C 424 18.40 12.63 4.40
C GLN C 424 17.07 12.79 5.08
N TYR C 425 16.31 11.68 5.23
CA TYR C 425 14.95 11.74 5.78
C TYR C 425 14.97 11.79 7.30
N GLN C 426 16.13 11.49 7.88
CA GLN C 426 16.28 11.51 9.33
C GLN C 426 16.26 12.94 9.82
N ASP C 427 16.94 13.82 9.10
CA ASP C 427 17.00 15.23 9.46
C ASP C 427 15.92 16.02 8.74
PG GTP D . -8.65 -3.55 4.40
O1G GTP D . -8.47 -3.97 2.93
O2G GTP D . -8.40 -4.70 5.35
O3G GTP D . -7.64 -2.42 4.58
O3B GTP D . -10.19 -3.07 4.78
PB GTP D . -10.72 -2.58 6.26
O1B GTP D . -11.36 -1.22 6.03
O2B GTP D . -11.51 -3.63 6.89
O3A GTP D . -9.45 -2.24 7.03
PA GTP D . -9.09 -1.98 8.50
O1A GTP D . -9.62 -3.03 9.39
O2A GTP D . -7.62 -1.75 8.56
O5' GTP D . -9.81 -0.53 8.80
C5' GTP D . -9.61 -0.09 10.14
C4' GTP D . -10.22 1.23 10.49
O4' GTP D . -11.58 1.04 10.95
C3' GTP D . -9.46 1.81 11.66
O3' GTP D . -9.58 3.21 11.67
C2' GTP D . -10.14 1.14 12.84
O2' GTP D . -10.01 1.96 14.01
C1' GTP D . -11.60 1.01 12.38
N9 GTP D . -12.30 -0.23 12.79
C8 GTP D . -11.91 -1.51 12.51
N7 GTP D . -12.73 -2.41 13.01
C5 GTP D . -13.69 -1.68 13.67
C6 GTP D . -14.80 -2.11 14.39
O6 GTP D . -15.15 -3.26 14.58
N1 GTP D . -15.56 -1.03 14.92
C2 GTP D . -15.26 0.30 14.75
N2 GTP D . -16.06 1.15 15.32
N3 GTP D . -14.19 0.71 14.08
C4 GTP D . -13.45 -0.31 13.55
MG MG E . -9.87 -6.30 6.48
PB GDP F . 27.20 -20.26 5.76
O1B GDP F . 26.13 -19.81 4.85
O2B GDP F . 26.90 -21.33 6.59
O3B GDP F . 28.56 -20.45 4.88
O3A GDP F . 27.45 -19.05 6.75
PA GDP F . 27.38 -18.99 8.42
O1A GDP F . 25.96 -19.22 8.84
O2A GDP F . 28.38 -20.01 8.92
O5' GDP F . 27.73 -17.50 8.69
C5' GDP F . 28.30 -17.08 9.96
C4' GDP F . 27.55 -16.06 10.66
O4' GDP F . 26.22 -16.62 11.02
C3' GDP F . 28.10 -15.65 12.07
O3' GDP F . 27.87 -14.20 12.19
C2' GDP F . 27.27 -16.35 13.17
O2' GDP F . 27.06 -15.70 14.43
C1' GDP F . 25.93 -16.60 12.48
N9 GDP F . 25.27 -17.86 12.83
C8 GDP F . 25.86 -19.15 12.33
N7 GDP F . 24.86 -19.93 12.94
C5 GDP F . 23.90 -19.37 13.64
C6 GDP F . 22.74 -19.59 14.43
O6 GDP F . 22.35 -20.87 14.57
N1 GDP F . 22.00 -18.61 15.00
C2 GDP F . 22.44 -17.20 14.82
N2 GDP F . 21.59 -16.43 15.47
N3 GDP F . 23.48 -16.94 14.15
C4 GDP F . 24.17 -17.94 13.57
O01 TA1 G . 10.48 -21.08 27.63
C01 TA1 G . 9.34 -20.21 27.78
C02 TA1 G . 9.91 -18.76 28.23
O02 TA1 G . 10.80 -18.42 27.09
C03 TA1 G . 12.20 -18.46 27.31
O03 TA1 G . 12.71 -18.72 28.37
C04 TA1 G . 12.95 -18.12 26.13
C05 TA1 G . 14.04 -19.07 25.89
C06 TA1 G . 14.87 -18.79 24.67
C07 TA1 G . 14.60 -17.67 23.84
C08 TA1 G . 13.64 -16.92 24.15
C09 TA1 G . 12.76 -17.05 25.25
C10 TA1 G . 8.87 -17.54 28.42
C11 TA1 G . 9.36 -16.15 27.77
O04 TA1 G . 9.48 -16.23 26.29
C12 TA1 G . 8.39 -16.39 25.47
O05 TA1 G . 7.26 -16.47 25.83
C13 TA1 G . 8.86 -16.43 24.03
C14 TA1 G . 10.72 -15.53 28.18
O06 TA1 G . 10.12 -14.29 28.62
C15 TA1 G . 8.81 -14.77 28.27
C16 TA1 G . 7.83 -14.76 29.50
C17 TA1 G . 7.26 -16.13 29.84
O07 TA1 G . 6.41 -16.02 31.01
C18 TA1 G . 8.38 -17.26 30.02
C19 TA1 G . 9.51 -16.72 30.94
C20 TA1 G . 7.78 -18.51 30.86
O08 TA1 G . 8.24 -18.75 31.96
C21 TA1 G . 6.66 -19.40 30.31
O09 TA1 G . 6.37 -20.45 31.32
C22 TA1 G . 5.16 -20.46 32.00
O10 TA1 G . 4.29 -19.66 31.84
C23 TA1 G . 5.12 -21.60 32.98
C24 TA1 G . 7.07 -20.02 28.96
C25 TA1 G . 6.36 -19.68 27.82
C26 TA1 G . 6.94 -20.21 26.48
O11 TA1 G . 6.40 -19.55 25.28
C27 TA1 G . 5.37 -20.11 24.67
O12 TA1 G . 4.80 -21.11 24.99
C28 TA1 G . 4.96 -19.28 23.42
O13 TA1 G . 3.89 -19.94 22.79
C29 TA1 G . 6.21 -19.16 22.51
N01 TA1 G . 6.72 -20.51 22.29
C30 TA1 G . 8.02 -20.77 22.01
O14 TA1 G . 8.87 -19.90 21.90
C31 TA1 G . 8.33 -22.22 21.88
C32 TA1 G . 7.74 -23.06 20.93
C33 TA1 G . 8.06 -24.44 20.86
C34 TA1 G . 9.01 -24.97 21.79
C35 TA1 G . 9.59 -24.15 22.73
C36 TA1 G . 9.27 -22.80 22.80
C37 TA1 G . 5.88 -18.38 21.20
C38 TA1 G . 6.09 -17.00 21.19
C39 TA1 G . 5.79 -16.24 20.04
C40 TA1 G . 5.29 -16.87 18.89
C41 TA1 G . 5.09 -18.24 18.89
C42 TA1 G . 5.38 -19.01 20.06
C43 TA1 G . 8.51 -20.03 26.42
C44 TA1 G . 5.15 -18.76 27.74
C45 TA1 G . 8.35 -20.97 28.88
C46 TA1 G . 7.90 -22.43 28.42
C47 TA1 G . 9.15 -21.27 30.18
N SER A 41 24.00 24.04 -15.32
CA SER A 41 23.59 23.35 -16.50
C SER A 41 22.26 23.91 -16.81
N GLU A 42 21.60 23.33 -17.83
CA GLU A 42 20.30 23.70 -18.29
C GLU A 42 19.32 22.85 -17.57
N LYS A 43 18.03 23.26 -17.60
CA LYS A 43 16.92 22.55 -17.00
C LYS A 43 16.39 21.61 -18.03
N VAL A 44 15.67 20.54 -17.60
CA VAL A 44 15.06 19.60 -18.51
C VAL A 44 14.09 20.38 -19.35
N LYS A 45 14.29 20.41 -20.69
CA LYS A 45 13.44 21.31 -21.44
C LYS A 45 12.31 20.49 -22.06
N VAL A 46 11.08 20.86 -21.74
CA VAL A 46 9.93 20.13 -22.24
C VAL A 46 9.24 20.87 -23.37
N TYR A 47 9.04 20.16 -24.46
CA TYR A 47 8.39 20.69 -25.64
C TYR A 47 7.10 19.94 -25.88
N LEU A 48 6.03 20.66 -26.11
CA LEU A 48 4.75 20.03 -26.35
C LEU A 48 4.48 19.98 -27.83
N ARG A 49 4.02 18.84 -28.30
CA ARG A 49 3.74 18.67 -29.70
C ARG A 49 2.27 18.38 -29.89
N ILE A 50 1.64 19.17 -30.72
CA ILE A 50 0.24 18.99 -31.03
C ILE A 50 0.14 18.37 -32.41
N ARG A 51 -0.46 17.20 -32.45
CA ARG A 51 -0.65 16.47 -33.69
C ARG A 51 -1.34 17.34 -34.73
N PRO A 52 -0.83 17.34 -35.98
CA PRO A 52 -1.45 18.11 -37.06
C PRO A 52 -2.88 17.65 -37.26
N PHE A 53 -3.78 18.60 -37.40
CA PHE A 53 -5.23 18.34 -37.53
C PHE A 53 -5.55 17.20 -38.50
N LEU A 54 -5.83 16.04 -37.95
CA LEU A 54 -6.15 14.85 -38.72
C LEU A 54 -7.66 14.70 -38.89
N THR A 55 -8.06 14.10 -40.00
CA THR A 55 -9.46 13.88 -40.29
C THR A 55 -10.07 12.94 -39.27
N SER A 56 -9.31 11.91 -38.91
CA SER A 56 -9.76 10.91 -37.95
C SER A 56 -10.07 11.54 -36.60
N GLU A 57 -9.34 12.59 -36.26
CA GLU A 57 -9.55 13.28 -34.99
C GLU A 57 -10.87 14.04 -34.98
N LEU A 58 -11.04 14.89 -35.97
CA LEU A 58 -12.26 15.69 -36.10
C LEU A 58 -13.49 14.82 -36.37
N ASP A 59 -13.27 13.68 -37.01
CA ASP A 59 -14.35 12.77 -37.33
C ASP A 59 -14.76 11.98 -36.09
N ARG A 60 -13.79 11.76 -35.20
CA ARG A 60 -14.02 11.04 -33.95
C ARG A 60 -15.07 11.78 -33.12
N GLN A 61 -14.80 13.05 -32.87
CA GLN A 61 -15.71 13.89 -32.11
C GLN A 61 -15.38 15.35 -32.37
N GLU A 62 -16.07 16.25 -31.69
CA GLU A 62 -15.83 17.67 -31.87
C GLU A 62 -14.48 18.09 -31.29
N ASP A 63 -13.48 18.15 -32.16
CA ASP A 63 -12.14 18.56 -31.77
C ASP A 63 -12.16 20.02 -31.36
N GLN A 64 -12.80 20.83 -32.20
CA GLN A 64 -12.93 22.27 -31.99
C GLN A 64 -11.64 22.91 -31.47
N GLY A 65 -11.79 23.79 -30.49
CA GLY A 65 -10.65 24.46 -29.91
C GLY A 65 -10.29 23.95 -28.54
N CYS A 66 -10.32 22.63 -28.33
CA CYS A 66 -9.99 22.05 -27.02
C CYS A 66 -8.64 22.57 -26.55
N VAL A 67 -7.61 22.33 -27.34
CA VAL A 67 -6.29 22.84 -27.02
C VAL A 67 -6.10 24.14 -27.78
N CYS A 68 -5.78 25.20 -27.08
CA CYS A 68 -5.60 26.49 -27.72
C CYS A 68 -4.12 26.86 -27.78
N ILE A 69 -3.76 27.64 -28.78
CA ILE A 69 -2.39 28.05 -28.98
C ILE A 69 -2.25 29.56 -28.77
N GLU A 70 -1.74 29.91 -27.60
CA GLU A 70 -1.53 31.31 -27.23
C GLU A 70 -0.03 31.47 -26.99
N ASN A 71 0.70 31.74 -28.07
CA ASN A 71 2.16 31.87 -28.04
C ASN A 71 2.81 30.49 -28.04
N THR A 72 4.10 30.44 -28.26
CA THR A 72 4.83 29.18 -28.28
C THR A 72 5.20 28.69 -26.88
N GLU A 73 5.31 29.62 -25.94
CA GLU A 73 5.69 29.29 -24.57
C GLU A 73 4.54 28.66 -23.77
N THR A 74 3.37 29.27 -23.81
CA THR A 74 2.24 28.77 -23.04
C THR A 74 1.07 28.37 -23.93
N LEU A 75 0.21 27.51 -23.39
CA LEU A 75 -0.96 27.04 -24.09
C LEU A 75 -2.18 27.18 -23.19
N VAL A 76 -3.29 27.58 -23.78
CA VAL A 76 -4.53 27.74 -23.04
C VAL A 76 -5.40 26.51 -23.25
N LEU A 77 -5.97 25.98 -22.19
CA LEU A 77 -6.80 24.80 -22.29
C LEU A 77 -8.27 25.12 -22.11
N GLN A 78 -9.04 24.78 -23.11
CA GLN A 78 -10.47 24.96 -23.12
C GLN A 78 -11.02 23.63 -23.60
N ALA A 79 -11.03 22.66 -22.70
CA ALA A 79 -11.44 21.32 -23.04
C ALA A 79 -12.90 21.07 -22.78
N PRO A 80 -13.65 20.85 -23.85
CA PRO A 80 -15.07 20.55 -23.80
C PRO A 80 -15.24 19.06 -23.51
N GLN A 95 -16.67 22.44 -19.62
CA GLN A 95 -15.49 23.29 -19.76
C GLN A 95 -14.44 23.00 -18.70
N ALA A 96 -13.20 22.93 -19.12
CA ALA A 96 -12.08 22.68 -18.24
C ALA A 96 -11.03 23.74 -18.53
N THR A 97 -10.59 24.44 -17.49
CA THR A 97 -9.61 25.50 -17.66
C THR A 97 -8.27 25.12 -17.08
N HIS A 98 -7.21 25.32 -17.86
CA HIS A 98 -5.87 25.00 -17.43
C HIS A 98 -4.87 25.74 -18.32
N LYS A 99 -3.71 26.06 -17.77
CA LYS A 99 -2.67 26.75 -18.52
C LYS A 99 -1.43 25.86 -18.58
N PHE A 100 -0.99 25.55 -19.79
CA PHE A 100 0.17 24.68 -19.96
C PHE A 100 1.41 25.48 -20.33
N THR A 101 2.40 25.44 -19.46
CA THR A 101 3.66 26.15 -19.67
C THR A 101 4.76 25.18 -20.07
N PHE A 102 5.34 25.38 -21.25
CA PHE A 102 6.40 24.52 -21.74
C PHE A 102 7.54 25.37 -22.28
N SER A 103 8.63 24.73 -22.68
CA SER A 103 9.77 25.44 -23.23
C SER A 103 9.41 26.00 -24.61
N GLN A 104 8.85 25.14 -25.45
CA GLN A 104 8.43 25.51 -26.79
C GLN A 104 7.36 24.54 -27.28
N ILE A 105 6.24 25.06 -27.77
CA ILE A 105 5.17 24.21 -28.28
C ILE A 105 5.20 24.20 -29.81
N PHE A 106 4.98 23.03 -30.39
CA PHE A 106 5.00 22.88 -31.83
C PHE A 106 3.73 22.18 -32.32
N GLY A 107 3.21 22.63 -33.45
CA GLY A 107 1.99 22.06 -33.98
C GLY A 107 0.78 22.86 -33.54
N PRO A 108 -0.40 22.58 -34.10
CA PRO A 108 -0.59 21.57 -35.13
C PRO A 108 -0.11 22.04 -36.51
N GLU A 109 0.15 23.34 -36.64
CA GLU A 109 0.62 23.89 -37.90
C GLU A 109 2.05 23.44 -38.17
N VAL A 110 2.90 23.58 -37.16
CA VAL A 110 4.30 23.19 -37.26
C VAL A 110 4.45 21.68 -37.48
N GLY A 111 5.10 21.31 -38.57
CA GLY A 111 5.31 19.91 -38.87
C GLY A 111 6.48 19.32 -38.11
N GLN A 112 6.92 18.15 -38.51
CA GLN A 112 8.04 17.48 -37.84
C GLN A 112 9.36 18.13 -38.22
N VAL A 113 9.54 18.38 -39.52
CA VAL A 113 10.78 18.98 -40.01
C VAL A 113 11.11 20.27 -39.27
N ALA A 114 10.12 21.14 -39.12
CA ALA A 114 10.32 22.41 -38.42
C ALA A 114 10.64 22.19 -36.94
N PHE A 115 10.06 21.13 -36.38
CA PHE A 115 10.29 20.78 -34.98
C PHE A 115 11.71 20.26 -34.79
N PHE A 116 12.12 19.43 -35.75
CA PHE A 116 13.46 18.84 -35.73
C PHE A 116 14.52 19.92 -35.94
N ASN A 117 14.28 20.78 -36.94
CA ASN A 117 15.22 21.86 -37.28
C ASN A 117 15.53 22.76 -36.10
N LEU A 118 14.58 22.89 -35.19
CA LEU A 118 14.75 23.72 -34.02
C LEU A 118 15.78 23.14 -33.04
N THR A 119 15.36 22.17 -32.25
CA THR A 119 16.22 21.56 -31.25
C THR A 119 17.11 20.42 -31.77
N MET A 120 16.49 19.43 -32.40
CA MET A 120 17.20 18.26 -32.89
C MET A 120 18.36 18.57 -33.83
N LYS A 121 18.16 19.51 -34.75
CA LYS A 121 19.20 19.89 -35.69
C LYS A 121 20.48 20.30 -34.95
N GLU A 122 20.30 21.07 -33.89
CA GLU A 122 21.41 21.53 -33.07
C GLU A 122 21.93 20.38 -32.20
N MET A 123 20.99 19.55 -31.74
CA MET A 123 21.31 18.41 -30.88
C MET A 123 22.32 17.49 -31.56
N VAL A 124 22.05 17.14 -32.81
CA VAL A 124 22.93 16.27 -33.58
C VAL A 124 24.34 16.83 -33.62
N LYS A 125 24.46 18.13 -33.91
CA LYS A 125 25.75 18.79 -33.98
C LYS A 125 26.47 18.73 -32.63
N ASP A 126 25.71 18.88 -31.55
CA ASP A 126 26.27 18.83 -30.21
C ASP A 126 26.79 17.43 -29.88
N VAL A 127 26.01 16.42 -30.23
CA VAL A 127 26.39 15.03 -29.98
C VAL A 127 27.65 14.67 -30.77
N LEU A 128 27.70 15.09 -32.03
CA LEU A 128 28.84 14.83 -32.89
C LEU A 128 30.12 15.41 -32.28
N LYS A 129 29.95 16.47 -31.51
CA LYS A 129 31.06 17.14 -30.83
C LYS A 129 31.60 16.28 -29.69
N GLY A 130 30.79 15.33 -29.23
CA GLY A 130 31.20 14.48 -28.13
C GLY A 130 30.32 14.67 -26.91
N GLN A 131 29.23 15.42 -27.05
CA GLN A 131 28.32 15.66 -25.93
C GLN A 131 27.29 14.54 -25.82
N ASN A 132 26.74 14.37 -24.63
CA ASN A 132 25.71 13.35 -24.40
C ASN A 132 24.34 13.98 -24.47
N TRP A 133 23.45 13.41 -25.27
CA TRP A 133 22.11 13.95 -25.40
C TRP A 133 21.05 12.86 -25.37
N LEU A 134 19.97 13.12 -24.65
CA LEU A 134 18.88 12.16 -24.53
C LEU A 134 17.58 12.81 -24.99
N ILE A 135 16.85 12.10 -25.84
CA ILE A 135 15.57 12.60 -26.32
C ILE A 135 14.45 11.74 -25.77
N TYR A 136 13.44 12.39 -25.21
CA TYR A 136 12.31 11.72 -24.61
C TYR A 136 11.08 11.92 -25.48
N THR A 137 10.42 10.82 -25.82
CA THR A 137 9.22 10.86 -26.64
C THR A 137 8.09 10.12 -25.93
N TYR A 138 7.04 10.86 -25.58
CA TYR A 138 5.90 10.29 -24.89
C TYR A 138 4.61 10.58 -25.64
N GLY A 139 3.66 9.66 -25.52
CA GLY A 139 2.38 9.79 -26.16
C GLY A 139 1.56 8.55 -25.91
N VAL A 140 0.25 8.68 -25.86
CA VAL A 140 -0.62 7.53 -25.64
C VAL A 140 -1.15 7.04 -26.99
N THR A 141 -2.29 6.40 -26.99
CA THR A 141 -2.87 5.87 -28.23
C THR A 141 -3.38 6.95 -29.21
N ASN A 142 -2.94 6.84 -30.47
CA ASN A 142 -3.36 7.75 -31.55
C ASN A 142 -2.86 9.18 -31.38
N SER A 143 -1.94 9.40 -30.44
CA SER A 143 -1.40 10.73 -30.23
C SER A 143 -0.58 11.18 -31.43
N GLY A 144 -0.10 10.22 -32.21
CA GLY A 144 0.69 10.54 -33.39
C GLY A 144 2.18 10.48 -33.12
N LYS A 145 2.56 9.60 -32.19
CA LYS A 145 3.95 9.44 -31.82
C LYS A 145 4.78 8.94 -33.00
N THR A 146 4.24 7.98 -33.72
CA THR A 146 4.92 7.39 -34.88
C THR A 146 5.30 8.45 -35.92
N TYR A 147 4.40 9.40 -36.17
CA TYR A 147 4.66 10.46 -37.14
C TYR A 147 5.72 11.44 -36.64
N THR A 148 5.71 11.70 -35.34
CA THR A 148 6.65 12.63 -34.75
C THR A 148 8.06 12.04 -34.63
N ILE A 149 8.17 10.82 -34.12
CA ILE A 149 9.48 10.20 -33.94
C ILE A 149 10.03 9.56 -35.22
N GLN A 150 9.27 8.64 -35.80
CA GLN A 150 9.70 7.94 -36.99
C GLN A 150 9.41 8.76 -38.24
N GLY A 151 8.23 9.34 -38.29
CA GLY A 151 7.83 10.13 -39.43
C GLY A 151 7.16 9.27 -40.48
N THR A 152 6.85 9.87 -41.62
CA THR A 152 6.20 9.15 -42.69
C THR A 152 7.22 8.78 -43.75
N SER A 153 6.74 8.25 -44.87
CA SER A 153 7.60 7.88 -45.96
C SER A 153 8.19 9.12 -46.64
N LYS A 154 7.31 10.06 -46.96
CA LYS A 154 7.71 11.31 -47.60
C LYS A 154 8.39 12.24 -46.61
N ASP A 155 7.70 12.52 -45.50
CA ASP A 155 8.23 13.41 -44.47
C ASP A 155 8.93 12.62 -43.39
N ALA A 156 10.25 12.62 -43.45
CA ALA A 156 11.07 11.91 -42.47
C ALA A 156 10.95 12.56 -41.10
N GLY A 157 10.82 11.72 -40.07
CA GLY A 157 10.71 12.22 -38.72
C GLY A 157 12.05 12.59 -38.13
N ILE A 158 12.10 12.77 -36.80
CA ILE A 158 13.32 13.14 -36.11
C ILE A 158 14.42 12.11 -36.32
N LEU A 159 14.07 10.83 -36.21
CA LEU A 159 15.05 9.75 -36.36
C LEU A 159 15.75 9.78 -37.72
N PRO A 160 15.02 9.61 -38.85
CA PRO A 160 15.62 9.60 -40.19
C PRO A 160 16.35 10.90 -40.52
N GLN A 161 15.78 12.03 -40.08
CA GLN A 161 16.39 13.33 -40.35
C GLN A 161 17.67 13.50 -39.55
N SER A 162 17.69 12.95 -38.34
CA SER A 162 18.87 13.02 -37.48
C SER A 162 20.00 12.22 -38.11
N LEU A 163 19.66 11.06 -38.65
CA LEU A 163 20.61 10.19 -39.31
C LEU A 163 21.31 10.93 -40.45
N ALA A 164 20.52 11.71 -41.19
CA ALA A 164 21.05 12.49 -42.31
C ALA A 164 22.10 13.49 -41.83
N LEU A 165 21.86 14.09 -40.67
CA LEU A 165 22.81 15.06 -40.11
C LEU A 165 24.03 14.32 -39.54
N ILE A 166 23.80 13.15 -38.96
CA ILE A 166 24.87 12.34 -38.40
C ILE A 166 25.89 12.03 -39.49
N PHE A 167 25.41 11.51 -40.61
CA PHE A 167 26.27 11.15 -41.73
C PHE A 167 26.82 12.39 -42.43
N ASN A 168 26.21 13.54 -42.19
CA ASN A 168 26.64 14.79 -42.81
C ASN A 168 27.95 15.27 -42.23
N SER A 169 28.19 14.93 -40.97
CA SER A 169 29.44 15.33 -40.29
C SER A 169 30.61 14.55 -40.88
N LEU A 170 30.29 13.47 -41.58
CA LEU A 170 31.29 12.62 -42.18
C LEU A 170 31.87 13.19 -43.46
N ILE A 276 39.87 7.34 -40.92
CA ILE A 276 40.15 8.12 -39.72
C ILE A 276 39.14 7.71 -38.66
N ARG A 277 39.43 8.00 -37.40
CA ARG A 277 38.57 7.62 -36.29
C ARG A 277 37.15 8.16 -36.33
N PHE A 278 36.28 7.44 -37.00
CA PHE A 278 34.88 7.77 -37.05
C PHE A 278 34.06 6.48 -37.03
N SER A 279 33.73 6.02 -35.84
CA SER A 279 32.96 4.80 -35.68
C SER A 279 31.59 5.09 -35.08
N VAL A 280 30.55 4.65 -35.77
CA VAL A 280 29.19 4.88 -35.30
C VAL A 280 28.60 3.59 -34.75
N TRP A 281 28.40 3.54 -33.45
CA TRP A 281 27.82 2.36 -32.81
C TRP A 281 26.39 2.66 -32.40
N ILE A 282 25.47 1.88 -32.93
CA ILE A 282 24.07 2.05 -32.62
C ILE A 282 23.51 0.79 -31.98
N SER A 283 22.90 0.97 -30.83
CA SER A 283 22.31 -0.14 -30.10
C SER A 283 20.82 0.13 -29.89
N PHE A 284 20.04 -0.93 -29.84
CA PHE A 284 18.60 -0.81 -29.65
C PHE A 284 18.10 -1.91 -28.73
N PHE A 285 17.53 -1.53 -27.60
CA PHE A 285 17.01 -2.49 -26.65
C PHE A 285 15.69 -2.02 -26.04
N GLU A 286 14.84 -2.98 -25.68
CA GLU A 286 13.54 -2.68 -25.10
C GLU A 286 13.45 -3.29 -23.71
N ILE A 287 12.63 -2.70 -22.85
CA ILE A 287 12.47 -3.20 -21.49
C ILE A 287 11.10 -3.82 -21.28
N TYR A 288 11.08 -5.02 -20.72
CA TYR A 288 9.84 -5.71 -20.43
C TYR A 288 9.95 -6.43 -19.10
N ASN A 289 9.09 -6.05 -18.16
CA ASN A 289 9.06 -6.64 -16.82
C ASN A 289 10.39 -6.48 -16.08
N GLU A 290 10.93 -5.25 -16.12
CA GLU A 290 12.20 -4.91 -15.46
C GLU A 290 13.39 -5.66 -16.07
N LEU A 291 13.18 -6.30 -17.21
CA LEU A 291 14.25 -7.01 -17.89
C LEU A 291 14.43 -6.47 -19.29
N LEU A 292 15.66 -6.17 -19.65
CA LEU A 292 15.96 -5.61 -20.96
C LEU A 292 16.33 -6.72 -21.95
N TYR A 293 15.99 -6.50 -23.20
CA TYR A 293 16.32 -7.43 -24.26
C TYR A 293 16.94 -6.65 -25.42
N ASP A 294 18.07 -7.13 -25.90
CA ASP A 294 18.77 -6.48 -26.99
C ASP A 294 18.10 -6.76 -28.34
N LEU A 295 17.58 -5.71 -28.95
CA LEU A 295 16.92 -5.79 -30.25
C LEU A 295 17.88 -5.61 -31.42
N LEU A 296 19.18 -5.56 -31.16
CA LEU A 296 20.16 -5.35 -32.21
C LEU A 296 20.38 -6.61 -33.05
N GLU A 297 19.67 -6.71 -34.21
CA GLU A 297 19.44 -7.87 -35.07
C GLU A 297 19.40 -9.21 -34.38
N PRO A 298 18.31 -9.66 -33.75
CA PRO A 298 18.22 -11.01 -33.25
C PRO A 298 17.40 -11.75 -34.28
N PRO A 299 17.34 -13.07 -34.26
CA PRO A 299 16.37 -13.76 -35.07
C PRO A 299 15.08 -13.60 -34.32
N SER A 300 13.90 -13.69 -34.97
CA SER A 300 12.70 -13.47 -34.19
C SER A 300 12.40 -14.67 -33.34
N HIS A 301 12.05 -14.40 -32.07
CA HIS A 301 11.76 -15.45 -31.13
C HIS A 301 10.34 -15.92 -31.39
N THR A 307 18.95 -11.35 -19.58
CA THR A 307 18.89 -9.94 -19.84
C THR A 307 20.26 -9.35 -19.84
N LEU A 308 20.30 -8.00 -19.72
CA LEU A 308 21.42 -7.13 -19.66
C LEU A 308 21.43 -6.62 -18.24
N ARG A 309 22.52 -6.87 -17.48
CA ARG A 309 22.74 -6.29 -16.19
C ARG A 309 23.42 -4.98 -16.36
N LEU A 310 23.15 -4.04 -15.44
CA LEU A 310 23.74 -2.73 -15.51
C LEU A 310 24.93 -2.74 -14.61
N CYS A 311 26.16 -2.68 -15.15
CA CYS A 311 27.17 -2.58 -14.13
C CYS A 311 27.65 -1.16 -14.12
N GLU A 312 28.21 -0.74 -12.97
CA GLU A 312 28.64 0.60 -12.80
C GLU A 312 30.14 0.67 -12.94
N ASP A 313 30.62 1.65 -13.71
CA ASP A 313 32.02 1.91 -14.03
C ASP A 313 32.67 2.71 -12.92
N GLN A 314 33.99 2.90 -13.00
CA GLN A 314 34.70 3.69 -12.01
C GLN A 314 34.24 5.14 -12.08
N ASN A 315 33.65 5.48 -13.23
CA ASN A 315 33.13 6.83 -13.47
C ASN A 315 31.93 7.11 -12.58
N GLY A 316 31.24 6.06 -12.18
CA GLY A 316 30.07 6.21 -11.34
C GLY A 316 28.81 5.84 -12.08
N ASN A 317 28.78 6.11 -13.37
CA ASN A 317 27.62 5.81 -14.21
C ASN A 317 27.59 4.34 -14.62
N PRO A 318 26.39 3.76 -14.74
CA PRO A 318 26.21 2.37 -15.14
C PRO A 318 26.16 2.21 -16.66
N TYR A 319 26.51 1.01 -17.12
CA TYR A 319 26.50 0.69 -18.53
C TYR A 319 25.72 -0.61 -18.73
N VAL A 320 25.11 -0.77 -19.89
CA VAL A 320 24.34 -1.98 -20.16
C VAL A 320 25.29 -3.08 -20.64
N LYS A 321 25.33 -4.18 -19.91
CA LYS A 321 26.21 -5.28 -20.25
C LYS A 321 25.50 -6.26 -21.18
N ASP A 322 26.30 -6.97 -21.98
CA ASP A 322 25.80 -7.96 -22.92
C ASP A 322 25.07 -7.34 -24.11
N LEU A 323 25.27 -6.05 -24.32
CA LEU A 323 24.65 -5.35 -25.45
C LEU A 323 25.38 -5.71 -26.74
N ASN A 324 24.69 -5.61 -27.85
CA ASN A 324 25.31 -5.91 -29.14
C ASN A 324 26.05 -4.69 -29.69
N TRP A 325 27.05 -4.95 -30.51
CA TRP A 325 27.86 -3.88 -31.08
C TRP A 325 27.87 -3.95 -32.61
N ILE A 326 27.13 -3.05 -33.25
CA ILE A 326 27.08 -3.03 -34.70
C ILE A 326 27.52 -1.68 -35.24
N HIS A 327 28.36 -1.70 -36.27
CA HIS A 327 28.83 -0.48 -36.89
C HIS A 327 27.86 -0.02 -37.96
N VAL A 328 27.59 1.28 -37.99
CA VAL A 328 26.67 1.84 -38.97
C VAL A 328 27.43 2.73 -39.95
N ARG A 329 27.71 2.18 -41.13
CA ARG A 329 28.42 2.89 -42.17
C ARG A 329 27.49 3.79 -42.98
N ASP A 330 26.27 3.33 -43.22
CA ASP A 330 25.31 4.10 -44.01
C ASP A 330 24.05 4.42 -43.23
N VAL A 331 23.36 5.46 -43.68
CA VAL A 331 22.12 5.92 -43.05
C VAL A 331 21.06 4.83 -43.12
N GLU A 332 21.00 4.14 -44.26
CA GLU A 332 20.02 3.08 -44.46
C GLU A 332 20.25 1.92 -43.49
N GLU A 333 21.51 1.74 -43.08
CA GLU A 333 21.86 0.67 -42.15
C GLU A 333 21.24 0.94 -40.80
N ALA A 334 21.30 2.20 -40.37
CA ALA A 334 20.73 2.60 -39.10
C ALA A 334 19.22 2.43 -39.15
N TRP A 335 18.63 2.80 -40.28
CA TRP A 335 17.20 2.69 -40.48
C TRP A 335 16.76 1.22 -40.43
N LYS A 336 17.54 0.36 -41.08
CA LYS A 336 17.24 -1.06 -41.09
C LYS A 336 17.36 -1.66 -39.69
N LEU A 337 18.28 -1.12 -38.90
CA LEU A 337 18.49 -1.59 -37.53
C LEU A 337 17.19 -1.46 -36.73
N LEU A 338 16.57 -0.28 -36.80
CA LEU A 338 15.38 -0.01 -36.04
C LEU A 338 14.27 -0.86 -36.58
N LYS A 339 14.23 -1.06 -37.91
CA LYS A 339 13.14 -1.81 -38.45
C LYS A 339 13.14 -3.20 -37.88
N VAL A 340 14.32 -3.85 -37.83
CA VAL A 340 14.36 -5.20 -37.33
C VAL A 340 13.97 -5.22 -35.87
N GLY A 341 14.53 -4.26 -35.11
CA GLY A 341 14.32 -4.23 -33.70
C GLY A 341 12.85 -4.06 -33.42
N ARG A 342 12.18 -3.21 -34.20
CA ARG A 342 10.79 -2.94 -33.99
C ARG A 342 9.99 -4.17 -34.25
N LYS A 343 10.47 -5.04 -35.16
CA LYS A 343 9.72 -6.24 -35.39
C LYS A 343 9.70 -7.09 -34.15
N ASN A 344 10.84 -7.24 -33.44
CA ASN A 344 10.81 -8.15 -32.32
C ASN A 344 10.37 -7.45 -31.07
N GLN A 345 9.54 -6.40 -31.18
CA GLN A 345 9.12 -5.63 -30.04
C GLN A 345 8.16 -6.44 -29.23
N SER A 346 8.17 -6.26 -27.88
CA SER A 346 7.46 -7.03 -26.89
C SER A 346 6.12 -7.47 -27.36
N SER A 357 -1.28 -0.75 -25.54
CA SER A 357 -0.05 -0.27 -26.14
C SER A 357 1.00 -0.34 -25.07
N ARG A 358 2.26 -0.70 -25.40
CA ARG A 358 3.21 -0.86 -24.32
C ARG A 358 4.62 -0.67 -24.74
N SER A 359 5.47 -0.83 -23.69
CA SER A 359 6.90 -0.96 -23.67
C SER A 359 7.63 0.34 -23.78
N HIS A 360 8.91 0.21 -23.42
CA HIS A 360 9.92 1.25 -23.60
C HIS A 360 11.17 0.75 -24.30
N SER A 361 11.39 1.26 -25.50
CA SER A 361 12.57 0.89 -26.27
C SER A 361 13.51 2.09 -26.41
N ILE A 362 14.79 1.84 -26.24
CA ILE A 362 15.79 2.90 -26.34
C ILE A 362 16.76 2.65 -27.49
N PHE A 363 16.97 3.67 -28.30
CA PHE A 363 17.85 3.61 -29.44
C PHE A 363 19.05 4.51 -29.16
N SER A 364 20.24 3.95 -29.09
CA SER A 364 21.43 4.72 -28.76
C SER A 364 22.41 4.79 -29.92
N ILE A 365 22.71 6.00 -30.36
CA ILE A 365 23.65 6.25 -31.43
C ILE A 365 24.90 6.90 -30.85
N ARG A 366 26.04 6.17 -30.89
CA ARG A 366 27.25 6.66 -30.32
C ARG A 366 28.15 7.11 -31.42
N ILE A 367 28.68 8.35 -31.30
CA ILE A 367 29.59 8.83 -32.28
C ILE A 367 30.94 8.82 -31.63
N LEU A 368 31.80 7.94 -32.17
CA LEU A 368 33.09 7.76 -31.58
C LEU A 368 34.06 8.29 -32.58
N HIS A 369 34.62 9.49 -32.30
CA HIS A 369 35.51 10.04 -33.29
C HIS A 369 36.88 10.09 -32.70
N LEU A 370 37.90 9.62 -33.45
CA LEU A 370 39.22 9.57 -32.91
C LEU A 370 40.16 10.13 -33.92
N GLN A 371 41.35 10.56 -33.46
CA GLN A 371 42.41 11.04 -34.33
C GLN A 371 43.15 9.84 -34.92
N LYS A 379 36.71 9.56 -28.28
CA LYS A 379 35.75 10.58 -27.92
C LYS A 379 34.42 9.90 -27.85
N ILE A 380 33.74 10.01 -26.67
CA ILE A 380 32.50 9.29 -26.51
C ILE A 380 31.32 10.21 -26.41
N SER A 381 30.33 9.99 -27.30
CA SER A 381 29.11 10.75 -27.21
C SER A 381 27.98 9.79 -27.41
N GLU A 382 26.84 10.01 -26.70
CA GLU A 382 25.75 9.09 -26.89
C GLU A 382 24.47 9.86 -27.10
N LEU A 383 23.78 9.55 -28.21
CA LEU A 383 22.50 10.13 -28.56
C LEU A 383 21.48 9.03 -28.43
N SER A 384 20.64 9.08 -27.42
CA SER A 384 19.66 8.02 -27.21
C SER A 384 18.23 8.51 -27.32
N LEU A 385 17.43 7.73 -28.05
CA LEU A 385 16.02 8.00 -28.24
C LEU A 385 15.24 7.10 -27.30
N CYS A 386 14.17 7.62 -26.72
CA CYS A 386 13.38 6.84 -25.78
C CYS A 386 11.90 6.84 -26.14
N ASP A 387 11.39 5.65 -26.46
CA ASP A 387 9.99 5.47 -26.79
C ASP A 387 9.26 5.06 -25.52
N LEU A 388 8.60 6.00 -24.88
CA LEU A 388 7.90 5.70 -23.64
C LEU A 388 6.45 5.35 -23.86
N ALA A 389 6.02 4.31 -23.18
CA ALA A 389 4.64 3.84 -23.25
C ALA A 389 3.74 4.85 -22.58
N GLY A 390 2.55 5.11 -23.15
CA GLY A 390 1.65 5.98 -22.45
C GLY A 390 1.01 5.20 -21.35
N SER A 391 0.60 5.90 -20.26
CA SER A 391 0.28 5.23 -19.03
C SER A 391 -1.02 4.51 -19.10
N GLU A 392 -1.20 3.46 -18.26
CA GLU A 392 -2.44 2.78 -18.57
C GLU A 392 -3.13 2.13 -17.40
N ARG A 393 -4.44 1.86 -17.64
CA ARG A 393 -5.33 1.13 -16.77
C ARG A 393 -6.39 0.53 -17.66
N CYS A 394 -6.35 -0.81 -17.91
CA CYS A 394 -7.32 -1.50 -18.73
C CYS A 394 -7.84 -2.65 -17.90
N LYS A 395 -8.68 -3.63 -18.41
CA LYS A 395 -9.01 -4.53 -17.32
C LYS A 395 -8.34 -5.84 -17.61
N ARG A 402 1.36 -12.15 -17.57
CA ARG A 402 2.24 -11.24 -16.90
C ARG A 402 1.48 -10.75 -15.72
N LEU A 403 2.19 -10.35 -14.66
CA LEU A 403 1.53 -9.80 -13.52
C LEU A 403 1.94 -8.36 -13.44
N LYS A 404 1.01 -7.46 -13.01
CA LYS A 404 1.13 -6.07 -12.65
C LYS A 404 1.81 -5.30 -13.74
N GLU A 405 1.56 -5.66 -15.01
CA GLU A 405 2.19 -5.02 -16.16
C GLU A 405 1.96 -3.52 -16.22
N ALA A 406 0.69 -3.10 -16.16
CA ALA A 406 0.36 -1.68 -16.21
C ALA A 406 0.90 -0.94 -14.98
N GLY A 407 0.71 -1.54 -13.81
CA GLY A 407 1.18 -0.94 -12.59
C GLY A 407 2.69 -0.82 -12.54
N ASN A 408 3.37 -1.83 -13.06
CA ASN A 408 4.83 -1.85 -13.09
C ASN A 408 5.37 -0.73 -13.97
N ILE A 409 4.88 -0.68 -15.21
CA ILE A 409 5.32 0.35 -16.15
C ILE A 409 4.90 1.74 -15.66
N ASN A 410 3.76 1.80 -14.99
CA ASN A 410 3.25 3.05 -14.44
C ASN A 410 4.21 3.57 -13.38
N THR A 411 4.79 2.64 -12.63
CA THR A 411 5.73 2.98 -11.58
C THR A 411 7.00 3.57 -12.19
N SER A 412 7.50 2.93 -13.24
CA SER A 412 8.70 3.40 -13.94
C SER A 412 8.48 4.77 -14.55
N LEU A 413 7.23 5.07 -14.88
CA LEU A 413 6.86 6.35 -15.46
C LEU A 413 6.89 7.43 -14.39
N HIS A 414 6.39 7.09 -13.20
CA HIS A 414 6.36 8.02 -12.08
C HIS A 414 7.74 8.25 -11.49
N THR A 415 8.56 7.21 -11.44
CA THR A 415 9.90 7.33 -10.89
C THR A 415 10.73 8.28 -11.77
N LEU A 416 10.56 8.14 -13.08
CA LEU A 416 11.26 8.99 -14.03
C LEU A 416 10.84 10.45 -13.82
N GLY A 417 9.54 10.65 -13.60
CA GLY A 417 9.01 11.97 -13.37
C GLY A 417 9.55 12.58 -12.09
N ARG A 418 9.61 11.78 -11.03
CA ARG A 418 10.13 12.24 -9.74
C ARG A 418 11.58 12.67 -9.88
N CYS A 419 12.31 11.98 -10.76
CA CYS A 419 13.71 12.31 -11.00
C CYS A 419 13.82 13.67 -11.66
N ILE A 420 12.93 13.95 -12.61
CA ILE A 420 12.92 15.23 -13.30
C ILE A 420 12.52 16.34 -12.33
N ALA A 421 11.52 16.06 -11.51
CA ALA A 421 11.04 17.01 -10.52
C ALA A 421 12.13 17.38 -9.53
N ALA A 422 12.87 16.36 -9.08
CA ALA A 422 13.96 16.57 -8.13
C ALA A 422 14.98 17.53 -8.70
N LEU A 423 15.31 17.34 -9.98
CA LEU A 423 16.27 18.18 -10.67
C LEU A 423 15.70 19.57 -10.91
N ARG A 424 14.42 19.63 -11.25
CA ARG A 424 13.75 20.91 -11.50
C ARG A 424 13.88 21.85 -10.32
N GLN A 425 13.56 21.36 -9.13
CA GLN A 425 13.65 22.17 -7.93
C GLN A 425 15.10 22.34 -7.49
N ASN A 426 15.96 21.42 -7.88
CA ASN A 426 17.38 21.48 -7.54
C ASN A 426 17.99 22.72 -8.21
N GLN A 427 17.70 22.89 -9.50
CA GLN A 427 18.20 24.03 -10.25
C GLN A 427 17.40 25.30 -9.91
N GLN A 428 16.23 25.11 -9.29
CA GLN A 428 15.38 26.24 -8.89
C GLN A 428 16.06 27.01 -7.77
N ASN A 429 16.55 26.23 -6.78
CA ASN A 429 17.14 26.72 -5.59
C ASN A 429 18.63 26.67 -5.77
N ARG A 430 19.38 26.93 -4.67
CA ARG A 430 20.84 26.84 -4.64
C ARG A 430 21.25 25.41 -4.89
N SER A 431 20.76 24.48 -4.03
CA SER A 431 20.90 23.06 -4.19
C SER A 431 20.24 22.39 -3.05
N LYS A 432 19.48 21.36 -3.41
CA LYS A 432 18.88 20.55 -2.40
C LYS A 432 19.61 19.25 -2.46
N GLN A 433 19.08 18.30 -1.67
CA GLN A 433 19.53 16.99 -1.32
C GLN A 433 19.50 16.12 -2.54
N ASN A 434 18.53 16.35 -3.43
CA ASN A 434 18.40 15.74 -4.73
C ASN A 434 18.53 14.24 -4.68
N LEU A 435 17.67 13.55 -3.89
CA LEU A 435 17.76 12.13 -3.94
C LEU A 435 17.03 11.68 -5.16
N ILE A 436 17.82 11.29 -6.17
CA ILE A 436 17.33 10.84 -7.46
C ILE A 436 17.06 9.36 -7.46
N PRO A 437 15.87 9.03 -7.90
CA PRO A 437 15.33 7.69 -7.92
C PRO A 437 15.90 6.80 -8.99
N PHE A 438 17.18 6.97 -9.37
CA PHE A 438 17.76 6.18 -10.43
C PHE A 438 17.68 4.72 -10.11
N ARG A 439 17.98 4.35 -8.85
CA ARG A 439 18.04 2.99 -8.39
C ARG A 439 16.66 2.39 -8.46
N ASP A 440 15.60 3.21 -8.42
CA ASP A 440 14.23 2.73 -8.39
C ASP A 440 13.91 1.83 -9.54
N SER A 441 14.22 2.24 -10.80
CA SER A 441 13.82 1.37 -11.89
C SER A 441 15.04 1.09 -12.70
N LYS A 442 14.99 0.00 -13.51
CA LYS A 442 16.14 -0.38 -14.32
C LYS A 442 16.43 0.69 -15.37
N LEU A 443 15.37 1.28 -15.93
CA LEU A 443 15.50 2.30 -16.95
C LEU A 443 16.22 3.54 -16.43
N THR A 444 15.88 3.94 -15.22
CA THR A 444 16.49 5.13 -14.61
C THR A 444 17.99 4.95 -14.43
N ARG A 445 18.46 3.70 -14.20
CA ARG A 445 19.88 3.46 -14.08
C ARG A 445 20.56 3.66 -15.42
N VAL A 446 19.96 3.24 -16.57
CA VAL A 446 20.55 3.45 -17.88
C VAL A 446 20.59 4.94 -18.15
N PHE A 447 19.50 5.59 -17.76
CA PHE A 447 19.33 7.03 -17.92
C PHE A 447 20.31 7.78 -17.02
N GLN A 448 20.69 7.15 -15.91
CA GLN A 448 21.62 7.75 -14.95
C GLN A 448 22.94 8.14 -15.58
N GLY A 449 23.42 7.33 -16.52
CA GLY A 449 24.67 7.63 -17.19
C GLY A 449 24.65 9.03 -17.77
N PHE A 450 23.59 9.32 -18.51
CA PHE A 450 23.42 10.63 -19.12
C PHE A 450 22.98 11.67 -18.08
N PHE A 451 21.91 11.36 -17.35
CA PHE A 451 21.32 12.27 -16.36
C PHE A 451 22.27 12.68 -15.24
N THR A 452 23.15 11.79 -14.83
CA THR A 452 24.10 12.14 -13.78
C THR A 452 25.27 12.91 -14.38
N GLY A 453 25.57 12.61 -15.63
CA GLY A 453 26.64 13.28 -16.34
C GLY A 453 26.23 14.59 -16.98
N ARG A 454 27.15 15.22 -17.69
CA ARG A 454 26.86 16.45 -18.39
C ARG A 454 26.14 16.14 -19.69
N GLY A 455 24.96 16.72 -19.86
CA GLY A 455 24.20 16.49 -21.07
C GLY A 455 22.86 17.18 -21.04
N ARG A 456 22.42 17.65 -22.19
CA ARG A 456 21.13 18.32 -22.29
C ARG A 456 20.01 17.31 -22.53
N SER A 457 18.88 17.52 -21.89
CA SER A 457 17.75 16.62 -22.04
C SER A 457 16.60 17.30 -22.79
N CYS A 458 15.93 16.54 -23.65
CA CYS A 458 14.80 17.06 -24.42
C CYS A 458 13.55 16.23 -24.15
N MET A 459 12.57 16.83 -23.49
CA MET A 459 11.33 16.15 -23.17
C MET A 459 10.26 16.51 -24.19
N ILE A 460 9.92 15.56 -25.05
CA ILE A 460 8.91 15.81 -26.07
C ILE A 460 7.65 14.98 -25.82
N VAL A 461 6.56 15.68 -25.56
CA VAL A 461 5.29 15.03 -25.33
C VAL A 461 4.31 15.39 -26.44
N ASN A 462 3.85 14.39 -27.16
CA ASN A 462 2.93 14.61 -28.26
C ASN A 462 1.52 14.20 -27.85
N VAL A 463 0.57 15.09 -28.05
CA VAL A 463 -0.83 14.83 -27.67
C VAL A 463 -1.78 15.24 -28.79
N ASN A 464 -3.05 14.88 -28.63
CA ASN A 464 -4.07 15.23 -29.60
C ASN A 464 -4.80 16.48 -29.16
N PRO A 465 -5.23 17.32 -30.12
CA PRO A 465 -5.95 18.55 -29.82
C PRO A 465 -7.45 18.30 -29.57
N CYS A 466 -7.83 17.03 -29.61
CA CYS A 466 -9.22 16.63 -29.42
C CYS A 466 -9.72 16.83 -27.99
N ALA A 467 -11.03 17.01 -27.87
CA ALA A 467 -11.68 17.23 -26.59
C ALA A 467 -11.83 15.93 -25.80
N SER A 468 -12.19 14.85 -26.49
CA SER A 468 -12.40 13.56 -25.86
C SER A 468 -11.09 13.00 -25.29
N THR A 469 -9.99 13.39 -25.92
CA THR A 469 -8.68 12.93 -25.52
C THR A 469 -8.14 13.75 -24.33
N TYR A 470 -8.99 14.59 -23.74
CA TYR A 470 -8.60 15.43 -22.61
C TYR A 470 -7.98 14.59 -21.49
N ASP A 471 -8.60 13.46 -21.17
CA ASP A 471 -8.09 12.58 -20.12
C ASP A 471 -6.71 12.05 -20.50
N GLU A 472 -6.52 11.78 -21.78
CA GLU A 472 -5.26 11.28 -22.29
C GLU A 472 -4.19 12.37 -22.21
N THR A 473 -4.53 13.52 -22.77
CA THR A 473 -3.63 14.67 -22.78
C THR A 473 -3.30 15.14 -21.38
N LEU A 474 -4.29 15.11 -20.49
CA LEU A 474 -4.10 15.53 -19.11
C LEU A 474 -2.99 14.73 -18.44
N HIS A 475 -3.06 13.40 -18.57
CA HIS A 475 -2.05 12.54 -17.98
C HIS A 475 -0.70 12.73 -18.63
N ALA A 476 -0.71 13.05 -19.91
CA ALA A 476 0.53 13.29 -20.66
C ALA A 476 1.18 14.59 -20.18
N ALA A 477 0.35 15.58 -19.91
CA ALA A 477 0.82 16.88 -19.44
C ALA A 477 1.32 16.78 -17.99
N LYS A 478 0.65 15.94 -17.20
CA LYS A 478 1.02 15.76 -15.81
C LYS A 478 2.37 15.08 -15.68
N PHE A 479 2.80 14.41 -16.74
CA PHE A 479 4.10 13.74 -16.75
C PHE A 479 5.19 14.80 -16.82
N SER A 480 5.00 15.78 -17.69
CA SER A 480 5.95 16.86 -17.86
C SER A 480 5.95 17.76 -16.63
N ALA A 481 4.75 18.08 -16.07
CA ALA A 481 4.60 18.84 -14.85
C ALA A 481 4.44 20.30 -15.14
N LEU A 482 4.37 21.11 -14.07
CA LEU A 482 4.28 22.52 -14.24
C LEU A 482 5.64 23.09 -13.94
N ALA A 483 5.72 24.43 -13.95
CA ALA A 483 6.92 25.17 -13.66
C ALA A 483 7.04 25.32 -12.18
N ARG B 2 -39.68 0.08 -0.67
CA ARG B 2 -39.86 -0.40 0.70
C ARG B 2 -38.61 -1.10 1.22
N GLU B 3 -38.29 -2.24 0.63
CA GLU B 3 -37.14 -3.04 1.03
C GLU B 3 -35.83 -2.31 0.72
N CYS B 4 -34.81 -2.60 1.51
CA CYS B 4 -33.50 -1.98 1.32
C CYS B 4 -32.39 -3.01 1.49
N ILE B 5 -31.72 -3.34 0.40
CA ILE B 5 -30.65 -4.33 0.44
C ILE B 5 -29.35 -3.67 0.91
N SER B 6 -28.80 -4.19 1.99
CA SER B 6 -27.58 -3.64 2.55
C SER B 6 -26.33 -4.28 1.94
N ILE B 7 -25.32 -3.47 1.72
CA ILE B 7 -24.06 -3.93 1.15
C ILE B 7 -22.91 -3.62 2.10
N HIS B 8 -22.67 -4.55 3.00
CA HIS B 8 -21.60 -4.40 3.98
C HIS B 8 -20.29 -4.82 3.33
N VAL B 9 -19.31 -3.93 3.33
CA VAL B 9 -18.03 -4.24 2.70
C VAL B 9 -16.84 -3.85 3.59
N GLY B 10 -15.83 -4.72 3.63
CA GLY B 10 -14.64 -4.46 4.41
C GLY B 10 -14.67 -5.20 5.73
N GLN B 11 -13.50 -5.38 6.33
CA GLN B 11 -13.39 -6.08 7.61
C GLN B 11 -14.31 -5.44 8.64
N ALA B 12 -14.15 -4.14 8.83
CA ALA B 12 -14.97 -3.40 9.79
C ALA B 12 -16.42 -3.41 9.35
N GLY B 13 -16.65 -3.42 8.03
CA GLY B 13 -18.00 -3.45 7.50
C GLY B 13 -18.71 -4.73 7.86
N VAL B 14 -18.00 -5.84 7.75
CA VAL B 14 -18.56 -7.15 8.08
C VAL B 14 -18.76 -7.24 9.59
N GLN B 15 -17.78 -6.73 10.34
CA GLN B 15 -17.84 -6.75 11.79
C GLN B 15 -19.04 -5.95 12.30
N ILE B 16 -19.22 -4.76 11.75
CA ILE B 16 -20.34 -3.90 12.13
C ILE B 16 -21.66 -4.51 11.67
N GLY B 17 -21.64 -5.13 10.49
CA GLY B 17 -22.83 -5.76 9.95
C GLY B 17 -23.25 -6.94 10.79
N ASN B 18 -22.27 -7.68 11.30
CA ASN B 18 -22.53 -8.84 12.13
C ASN B 18 -23.29 -8.44 13.39
N ALA B 19 -22.87 -7.33 13.99
CA ALA B 19 -23.51 -6.83 15.20
C ALA B 19 -24.85 -6.19 14.86
N CYS B 20 -24.90 -5.50 13.72
CA CYS B 20 -26.11 -4.84 13.26
C CYS B 20 -27.20 -5.87 12.97
N TRP B 21 -26.85 -6.89 12.18
CA TRP B 21 -27.82 -7.91 11.84
C TRP B 21 -28.24 -8.75 13.04
N GLU B 22 -27.36 -8.84 14.03
CA GLU B 22 -27.67 -9.59 15.25
C GLU B 22 -28.84 -8.93 15.97
N LEU B 23 -28.76 -7.62 16.12
CA LEU B 23 -29.81 -6.86 16.79
C LEU B 23 -31.09 -6.89 15.96
N TYR B 24 -30.93 -6.83 14.64
CA TYR B 24 -32.06 -6.84 13.72
C TYR B 24 -32.96 -8.06 13.95
N CYS B 25 -32.38 -9.25 13.84
CA CYS B 25 -33.15 -10.47 14.03
C CYS B 25 -33.59 -10.65 15.48
N LEU B 26 -32.73 -10.24 16.41
CA LEU B 26 -33.02 -10.34 17.83
C LEU B 26 -34.23 -9.51 18.22
N GLU B 27 -34.30 -8.27 17.74
CA GLU B 27 -35.41 -7.38 18.05
C GLU B 27 -36.69 -7.78 17.31
N HIS B 28 -36.54 -8.67 16.34
CA HIS B 28 -37.68 -9.15 15.57
C HIS B 28 -38.17 -10.47 16.13
N GLY B 29 -37.48 -10.95 17.17
CA GLY B 29 -37.84 -12.21 17.81
C GLY B 29 -37.56 -13.41 16.93
N ILE B 30 -36.59 -13.28 16.04
CA ILE B 30 -36.23 -14.37 15.15
C ILE B 30 -34.94 -15.03 15.59
N GLN B 31 -34.96 -16.36 15.64
CA GLN B 31 -33.79 -17.13 16.05
C GLN B 31 -32.75 -17.15 14.94
N PRO B 32 -31.48 -17.45 15.27
CA PRO B 32 -30.39 -17.53 14.28
C PRO B 32 -30.76 -18.47 13.14
N ASP B 33 -31.49 -19.53 13.47
CA ASP B 33 -31.94 -20.49 12.47
C ASP B 33 -33.37 -20.14 12.08
N GLY B 34 -33.52 -19.02 11.38
CA GLY B 34 -34.83 -18.57 10.96
C GLY B 34 -35.14 -18.98 9.54
N HIS B 61 -35.24 -15.58 9.24
CA HIS B 61 -35.72 -15.59 7.86
C HIS B 61 -34.59 -15.23 6.91
N VAL B 62 -34.94 -14.93 5.66
CA VAL B 62 -33.95 -14.58 4.64
C VAL B 62 -33.45 -13.14 4.86
N PRO B 63 -32.14 -12.98 5.10
CA PRO B 63 -31.53 -11.67 5.33
C PRO B 63 -31.44 -10.85 4.05
N ARG B 64 -31.89 -9.60 4.13
CA ARG B 64 -31.86 -8.71 2.98
C ARG B 64 -30.58 -7.88 2.97
N ALA B 65 -29.44 -8.57 3.00
CA ALA B 65 -28.13 -7.90 3.01
C ALA B 65 -27.05 -8.83 2.49
N VAL B 66 -25.94 -8.25 2.07
CA VAL B 66 -24.81 -9.01 1.55
C VAL B 66 -23.51 -8.55 2.20
N PHE B 67 -22.52 -9.43 2.26
CA PHE B 67 -21.23 -9.12 2.86
C PHE B 67 -20.10 -9.43 1.89
N VAL B 68 -19.27 -8.44 1.61
CA VAL B 68 -18.15 -8.60 0.70
C VAL B 68 -16.85 -8.06 1.30
N ASP B 69 -15.76 -8.78 1.11
CA ASP B 69 -14.46 -8.39 1.63
C ASP B 69 -13.36 -9.06 0.81
N LEU B 70 -12.10 -8.75 1.12
CA LEU B 70 -10.98 -9.33 0.40
C LEU B 70 -10.19 -10.31 1.27
N GLU B 71 -10.61 -10.48 2.51
CA GLU B 71 -9.96 -11.41 3.42
C GLU B 71 -10.91 -12.56 3.73
N PRO B 72 -10.55 -13.79 3.33
CA PRO B 72 -11.36 -14.97 3.57
C PRO B 72 -11.65 -15.18 5.06
N THR B 73 -10.67 -14.86 5.89
CA THR B 73 -10.79 -15.02 7.34
C THR B 73 -11.93 -14.18 7.92
N VAL B 74 -12.14 -13.00 7.36
CA VAL B 74 -13.20 -12.11 7.84
C VAL B 74 -14.58 -12.72 7.59
N ILE B 75 -14.80 -13.20 6.39
CA ILE B 75 -16.07 -13.79 6.02
C ILE B 75 -16.23 -15.16 6.68
N ASP B 76 -15.12 -15.87 6.84
CA ASP B 76 -15.12 -17.19 7.47
C ASP B 76 -15.56 -17.11 8.93
N GLU B 77 -15.28 -15.98 9.57
CA GLU B 77 -15.66 -15.78 10.95
C GLU B 77 -17.17 -15.82 11.10
N VAL B 78 -17.86 -15.25 10.11
CA VAL B 78 -19.32 -15.23 10.11
C VAL B 78 -19.86 -16.61 9.77
N ARG B 79 -19.11 -17.35 8.97
CA ARG B 79 -19.51 -18.69 8.55
C ARG B 79 -19.23 -19.71 9.65
N THR B 80 -18.74 -19.24 10.80
CA THR B 80 -18.44 -20.12 11.91
C THR B 80 -18.78 -19.47 13.26
N GLY B 81 -19.35 -18.27 13.21
CA GLY B 81 -19.69 -17.57 14.42
C GLY B 81 -21.16 -17.63 14.76
N THR B 82 -21.69 -16.52 15.25
CA THR B 82 -23.09 -16.45 15.62
C THR B 82 -23.95 -16.22 14.38
N TYR B 83 -25.15 -16.82 14.36
CA TYR B 83 -26.08 -16.69 13.24
C TYR B 83 -25.45 -17.26 11.98
N ARG B 84 -24.67 -18.33 12.16
CA ARG B 84 -23.97 -19.00 11.08
C ARG B 84 -24.89 -19.42 9.94
N GLN B 85 -26.03 -19.99 10.29
CA GLN B 85 -26.98 -20.45 9.27
C GLN B 85 -28.06 -19.43 8.97
N LEU B 86 -27.87 -18.20 9.45
CA LEU B 86 -28.85 -17.15 9.20
C LEU B 86 -28.62 -16.54 7.83
N PHE B 87 -27.37 -16.56 7.39
CA PHE B 87 -27.00 -16.01 6.09
C PHE B 87 -26.75 -17.11 5.09
N HIS B 88 -26.67 -16.74 3.81
CA HIS B 88 -26.42 -17.68 2.75
C HIS B 88 -25.04 -17.45 2.15
N PRO B 89 -24.38 -18.50 1.63
CA PRO B 89 -23.04 -18.38 1.04
C PRO B 89 -23.04 -17.53 -0.23
N GLU B 90 -24.22 -17.34 -0.81
CA GLU B 90 -24.38 -16.56 -2.02
C GLU B 90 -24.24 -15.06 -1.74
N GLN B 91 -24.55 -14.68 -0.50
CA GLN B 91 -24.45 -13.29 -0.09
C GLN B 91 -23.19 -13.05 0.72
N LEU B 92 -22.23 -13.95 0.56
CA LEU B 92 -20.96 -13.87 1.27
C LEU B 92 -19.81 -14.16 0.31
N ILE B 93 -19.30 -13.11 -0.32
CA ILE B 93 -18.20 -13.26 -1.27
C ILE B 93 -16.85 -13.35 -0.55
N THR B 94 -16.05 -14.33 -0.95
CA THR B 94 -14.75 -14.53 -0.34
C THR B 94 -13.63 -14.34 -1.36
N GLY B 95 -12.87 -13.27 -1.21
CA GLY B 95 -11.76 -12.99 -2.11
C GLY B 95 -10.48 -13.61 -1.60
N LYS B 96 -10.31 -14.91 -1.84
CA LYS B 96 -9.14 -15.63 -1.38
C LYS B 96 -7.88 -15.34 -2.21
N GLU B 97 -7.53 -14.07 -2.32
CA GLU B 97 -6.35 -13.68 -3.08
C GLU B 97 -5.51 -12.68 -2.31
N ASP B 98 -6.08 -11.53 -2.03
CA ASP B 98 -5.38 -10.47 -1.29
C ASP B 98 -6.37 -9.45 -0.78
N ALA B 99 -6.01 -8.76 0.30
CA ALA B 99 -6.88 -7.77 0.90
C ALA B 99 -6.22 -6.39 0.88
N ALA B 100 -5.08 -6.29 1.58
CA ALA B 100 -4.31 -5.06 1.68
C ALA B 100 -5.10 -3.94 2.36
N ASN B 101 -4.54 -2.74 2.37
CA ASN B 101 -5.18 -1.59 3.00
C ASN B 101 -5.00 -0.34 2.15
N ASN B 102 -5.00 -0.53 0.84
CA ASN B 102 -4.85 0.58 -0.09
C ASN B 102 -5.97 0.61 -1.12
N TYR B 103 -6.53 1.80 -1.30
CA TYR B 103 -7.64 2.02 -2.23
C TYR B 103 -7.36 1.47 -3.63
N ALA B 104 -6.19 1.80 -4.17
CA ALA B 104 -5.79 1.37 -5.51
C ALA B 104 -5.91 -0.14 -5.71
N ARG B 105 -5.34 -0.91 -4.80
CA ARG B 105 -5.37 -2.36 -4.90
C ARG B 105 -6.78 -2.90 -4.80
N GLY B 106 -7.55 -2.38 -3.86
CA GLY B 106 -8.90 -2.83 -3.67
C GLY B 106 -9.89 -2.15 -4.61
N HIS B 107 -9.40 -1.65 -5.73
CA HIS B 107 -10.26 -0.98 -6.70
C HIS B 107 -9.88 -1.36 -8.14
N TYR B 108 -8.62 -1.14 -8.50
CA TYR B 108 -8.18 -1.42 -9.85
C TYR B 108 -7.56 -2.80 -10.05
N THR B 109 -6.57 -3.14 -9.24
CA THR B 109 -5.89 -4.43 -9.36
C THR B 109 -6.80 -5.61 -9.10
N ILE B 110 -7.10 -5.86 -7.83
CA ILE B 110 -7.95 -6.99 -7.44
C ILE B 110 -9.39 -6.58 -7.21
N GLY B 111 -9.63 -5.28 -7.13
CA GLY B 111 -10.97 -4.78 -6.89
C GLY B 111 -11.91 -5.13 -8.03
N LYS B 112 -11.45 -4.92 -9.26
CA LYS B 112 -12.25 -5.19 -10.44
C LYS B 112 -12.30 -6.67 -10.81
N GLU B 113 -11.99 -7.53 -9.85
CA GLU B 113 -12.00 -8.96 -10.10
C GLU B 113 -13.35 -9.59 -9.74
N ILE B 114 -13.80 -9.37 -8.51
CA ILE B 114 -15.06 -9.95 -8.04
C ILE B 114 -16.25 -8.98 -8.18
N ILE B 115 -15.98 -7.75 -8.61
CA ILE B 115 -17.04 -6.75 -8.77
C ILE B 115 -18.19 -7.25 -9.66
N ASP B 116 -17.84 -7.97 -10.73
CA ASP B 116 -18.84 -8.52 -11.65
C ASP B 116 -19.82 -9.43 -10.93
N LEU B 117 -19.27 -10.36 -10.15
CA LEU B 117 -20.08 -11.31 -9.41
C LEU B 117 -20.89 -10.60 -8.32
N VAL B 118 -20.26 -9.65 -7.65
CA VAL B 118 -20.92 -8.90 -6.59
C VAL B 118 -22.12 -8.14 -7.12
N LEU B 119 -21.95 -7.47 -8.26
CA LEU B 119 -23.02 -6.70 -8.88
C LEU B 119 -24.17 -7.63 -9.26
N ASP B 120 -23.82 -8.82 -9.70
CA ASP B 120 -24.81 -9.81 -10.10
C ASP B 120 -25.64 -10.26 -8.91
N ARG B 121 -24.98 -10.51 -7.79
CA ARG B 121 -25.65 -10.95 -6.57
C ARG B 121 -26.68 -9.94 -6.10
N ILE B 122 -26.30 -8.68 -5.98
CA ILE B 122 -27.21 -7.64 -5.52
C ILE B 122 -28.34 -7.40 -6.51
N ARG B 123 -28.04 -7.46 -7.80
CA ARG B 123 -29.05 -7.27 -8.84
C ARG B 123 -30.06 -8.41 -8.80
N LYS B 124 -29.58 -9.61 -8.51
CA LYS B 124 -30.44 -10.79 -8.41
C LYS B 124 -31.43 -10.62 -7.26
N LEU B 125 -30.91 -10.15 -6.12
CA LEU B 125 -31.74 -9.94 -4.95
C LEU B 125 -32.74 -8.80 -5.18
N ALA B 126 -32.30 -7.78 -5.92
CA ALA B 126 -33.14 -6.64 -6.24
C ALA B 126 -34.32 -7.06 -7.11
N ASP B 127 -34.11 -8.11 -7.89
CA ASP B 127 -35.16 -8.63 -8.76
C ASP B 127 -36.18 -9.43 -7.94
N GLN B 128 -35.71 -10.03 -6.85
CA GLN B 128 -36.56 -10.83 -5.98
C GLN B 128 -37.43 -9.96 -5.06
N CYS B 129 -36.88 -8.83 -4.62
CA CYS B 129 -37.60 -7.94 -3.72
C CYS B 129 -38.84 -7.33 -4.39
N THR B 130 -39.72 -6.76 -3.59
CA THR B 130 -40.93 -6.14 -4.08
C THR B 130 -40.87 -4.63 -3.97
N GLY B 131 -40.27 -4.00 -4.96
CA GLY B 131 -40.15 -2.56 -4.98
C GLY B 131 -39.21 -2.04 -3.92
N LEU B 132 -37.92 -2.30 -4.09
CA LEU B 132 -36.92 -1.83 -3.15
C LEU B 132 -36.73 -0.32 -3.28
N GLN B 133 -36.48 0.34 -2.17
CA GLN B 133 -36.30 1.78 -2.18
C GLN B 133 -34.85 2.13 -2.57
N GLY B 134 -33.92 1.27 -2.19
CA GLY B 134 -32.53 1.51 -2.50
C GLY B 134 -31.62 0.50 -1.83
N PHE B 135 -30.37 0.90 -1.64
CA PHE B 135 -29.38 0.03 -1.02
C PHE B 135 -28.79 0.70 0.21
N SER B 136 -28.46 -0.09 1.22
CA SER B 136 -27.86 0.42 2.44
C SER B 136 -26.39 0.04 2.50
N VAL B 137 -25.53 0.99 2.14
CA VAL B 137 -24.09 0.73 2.13
C VAL B 137 -23.50 0.79 3.54
N PHE B 138 -22.60 -0.14 3.84
CA PHE B 138 -21.93 -0.19 5.13
C PHE B 138 -20.44 -0.45 4.93
N HIS B 139 -19.62 0.53 5.30
CA HIS B 139 -18.19 0.41 5.15
C HIS B 139 -17.46 1.46 5.98
N SER B 140 -16.16 1.56 5.77
CA SER B 140 -15.34 2.52 6.49
C SER B 140 -14.55 3.33 5.46
N PHE B 141 -14.23 4.57 5.78
CA PHE B 141 -13.47 5.42 4.87
C PHE B 141 -12.01 4.99 4.80
N GLY B 142 -11.58 4.25 5.81
CA GLY B 142 -10.22 3.76 5.86
C GLY B 142 -10.15 2.31 5.45
N GLY B 143 -8.95 1.83 5.17
CA GLY B 143 -8.78 0.45 4.75
C GLY B 143 -8.61 0.35 3.24
N GLY B 144 -8.68 -0.86 2.72
CA GLY B 144 -8.53 -1.05 1.29
C GLY B 144 -9.79 -1.57 0.63
N THR B 145 -10.37 -2.60 1.22
CA THR B 145 -11.59 -3.20 0.68
C THR B 145 -12.79 -2.31 0.95
N GLY B 146 -12.80 -1.66 2.12
CA GLY B 146 -13.91 -0.80 2.49
C GLY B 146 -13.87 0.56 1.80
N SER B 147 -12.80 0.82 1.07
CA SER B 147 -12.66 2.09 0.38
C SER B 147 -12.81 1.92 -1.14
N GLY B 148 -11.89 1.16 -1.72
CA GLY B 148 -11.90 0.95 -3.17
C GLY B 148 -13.13 0.22 -3.67
N PHE B 149 -13.46 -0.91 -3.07
CA PHE B 149 -14.61 -1.70 -3.49
C PHE B 149 -15.90 -0.89 -3.45
N THR B 150 -16.12 -0.20 -2.35
CA THR B 150 -17.31 0.61 -2.18
C THR B 150 -17.42 1.67 -3.27
N SER B 151 -16.30 2.30 -3.57
CA SER B 151 -16.24 3.34 -4.58
C SER B 151 -16.76 2.88 -5.94
N LEU B 152 -16.26 1.75 -6.45
CA LEU B 152 -16.70 1.25 -7.74
C LEU B 152 -18.08 0.59 -7.65
N LEU B 153 -18.40 0.05 -6.49
CA LEU B 153 -19.68 -0.61 -6.27
C LEU B 153 -20.82 0.41 -6.38
N MET B 154 -20.69 1.50 -5.66
CA MET B 154 -21.71 2.55 -5.67
C MET B 154 -21.73 3.27 -7.01
N GLU B 155 -20.56 3.33 -7.65
CA GLU B 155 -20.45 3.97 -8.96
C GLU B 155 -21.33 3.23 -9.95
N ARG B 156 -21.21 1.90 -9.95
CA ARG B 156 -22.00 1.06 -10.84
C ARG B 156 -23.46 1.04 -10.44
N LEU B 157 -23.71 0.96 -9.14
CA LEU B 157 -25.08 0.92 -8.63
C LEU B 157 -25.86 2.18 -8.97
N SER B 158 -25.18 3.31 -9.03
CA SER B 158 -25.83 4.57 -9.37
C SER B 158 -26.07 4.70 -10.88
N VAL B 159 -25.40 3.86 -11.65
CA VAL B 159 -25.55 3.89 -13.10
C VAL B 159 -26.72 2.99 -13.50
N ASP B 160 -26.85 1.87 -12.81
CA ASP B 160 -27.93 0.91 -13.09
C ASP B 160 -29.20 1.27 -12.34
N TYR B 161 -29.07 1.54 -11.05
CA TYR B 161 -30.21 1.88 -10.21
C TYR B 161 -30.12 3.33 -9.74
N GLY B 162 -30.06 4.26 -10.68
CA GLY B 162 -29.97 5.67 -10.34
C GLY B 162 -31.24 6.21 -9.73
N LYS B 163 -32.37 5.57 -10.04
CA LYS B 163 -33.67 5.99 -9.52
C LYS B 163 -33.94 5.36 -8.15
N LYS B 164 -32.89 5.08 -7.40
CA LYS B 164 -33.01 4.48 -6.09
C LYS B 164 -32.32 5.34 -5.03
N SER B 165 -32.70 5.14 -3.77
CA SER B 165 -32.11 5.88 -2.66
C SER B 165 -30.76 5.27 -2.26
N LYS B 166 -29.72 6.08 -2.27
CA LYS B 166 -28.37 5.61 -1.92
C LYS B 166 -27.98 6.08 -0.53
N LEU B 167 -28.26 5.25 0.47
CA LEU B 167 -27.93 5.56 1.86
C LEU B 167 -26.74 4.73 2.32
N GLU B 168 -25.67 5.40 2.73
CA GLU B 168 -24.48 4.70 3.19
C GLU B 168 -24.12 5.09 4.62
N PHE B 169 -23.51 4.15 5.32
CA PHE B 169 -23.08 4.36 6.69
C PHE B 169 -21.56 4.23 6.75
N SER B 170 -20.89 5.20 6.16
CA SER B 170 -19.44 5.22 6.10
C SER B 170 -18.80 5.54 7.45
N ILE B 171 -18.16 4.55 8.05
CA ILE B 171 -17.49 4.74 9.33
C ILE B 171 -16.32 5.72 9.13
N TYR B 172 -16.38 6.82 9.83
CA TYR B 172 -15.37 7.86 9.73
C TYR B 172 -14.15 7.53 10.59
N PRO B 173 -12.95 7.68 10.03
CA PRO B 173 -11.71 7.43 10.74
C PRO B 173 -11.53 8.46 11.86
N ALA B 174 -10.96 8.03 12.96
CA ALA B 174 -10.73 8.90 14.11
C ALA B 174 -9.77 10.04 13.77
N PRO B 175 -9.90 11.18 14.47
CA PRO B 175 -9.04 12.35 14.24
C PRO B 175 -7.58 12.08 14.61
N GLN B 176 -7.37 11.42 15.73
CA GLN B 176 -6.03 11.11 16.18
C GLN B 176 -5.76 9.61 16.14
N VAL B 177 -6.71 8.84 16.67
CA VAL B 177 -6.57 7.38 16.70
C VAL B 177 -6.76 6.73 15.33
N SER B 178 -5.72 6.79 14.51
CA SER B 178 -5.77 6.17 13.19
C SER B 178 -5.31 4.72 13.30
N THR B 179 -5.93 3.84 12.53
CA THR B 179 -5.58 2.43 12.56
C THR B 179 -4.60 2.07 11.45
N ALA B 180 -4.51 2.94 10.45
CA ALA B 180 -3.61 2.73 9.34
C ALA B 180 -2.77 3.98 9.08
N VAL B 181 -1.57 3.79 8.57
CA VAL B 181 -0.68 4.91 8.28
C VAL B 181 -1.20 5.66 7.05
N VAL B 182 -1.79 4.90 6.14
CA VAL B 182 -2.35 5.47 4.92
C VAL B 182 -3.85 5.66 5.03
N GLU B 183 -4.33 5.79 6.27
CA GLU B 183 -5.75 5.96 6.54
C GLU B 183 -6.35 7.12 5.74
N PRO B 184 -5.86 8.37 5.90
CA PRO B 184 -6.40 9.52 5.16
C PRO B 184 -6.02 9.49 3.67
N TYR B 185 -5.10 8.60 3.30
CA TYR B 185 -4.67 8.48 1.92
C TYR B 185 -5.72 7.73 1.11
N ASN B 186 -6.53 6.96 1.81
CA ASN B 186 -7.58 6.17 1.16
C ASN B 186 -8.94 6.89 1.25
N SER B 187 -9.20 7.50 2.39
CA SER B 187 -10.47 8.19 2.62
C SER B 187 -10.71 9.30 1.59
N ILE B 188 -9.67 10.07 1.29
CA ILE B 188 -9.77 11.16 0.32
C ILE B 188 -10.26 10.66 -1.03
N LEU B 189 -9.72 9.53 -1.46
CA LEU B 189 -10.10 8.94 -2.74
C LEU B 189 -11.53 8.38 -2.69
N THR B 190 -11.87 7.79 -1.55
CA THR B 190 -13.21 7.22 -1.39
C THR B 190 -14.28 8.30 -1.45
N THR B 191 -14.06 9.40 -0.74
CA THR B 191 -15.02 10.49 -0.70
C THR B 191 -14.95 11.39 -1.93
N HIS B 192 -14.08 11.07 -2.88
CA HIS B 192 -13.95 11.87 -4.09
C HIS B 192 -14.79 11.32 -5.22
N THR B 193 -14.80 10.00 -5.36
CA THR B 193 -15.55 9.36 -6.43
C THR B 193 -16.99 9.02 -6.03
N THR B 194 -17.15 8.42 -4.85
CA THR B 194 -18.47 8.03 -4.37
C THR B 194 -19.33 9.26 -4.01
N LEU B 195 -18.71 10.42 -3.92
CA LEU B 195 -19.41 11.66 -3.59
C LEU B 195 -20.45 12.03 -4.63
N GLU B 196 -20.22 11.59 -5.87
CA GLU B 196 -21.14 11.88 -6.97
C GLU B 196 -22.10 10.72 -7.20
N HIS B 197 -21.84 9.59 -6.55
CA HIS B 197 -22.66 8.41 -6.71
C HIS B 197 -23.31 8.00 -5.38
N SER B 198 -23.57 8.98 -4.55
CA SER B 198 -24.18 8.74 -3.25
C SER B 198 -25.21 9.82 -2.96
N ASP B 199 -26.18 9.50 -2.11
CA ASP B 199 -27.22 10.45 -1.75
C ASP B 199 -26.98 10.99 -0.34
N CYS B 200 -26.82 10.08 0.61
CA CYS B 200 -26.59 10.47 2.00
C CYS B 200 -25.63 9.51 2.68
N ALA B 201 -24.57 10.05 3.26
CA ALA B 201 -23.57 9.25 3.94
C ALA B 201 -23.54 9.53 5.43
N PHE B 202 -24.15 8.65 6.21
CA PHE B 202 -24.19 8.79 7.66
C PHE B 202 -22.81 8.47 8.23
N MET B 203 -22.12 9.49 8.72
CA MET B 203 -20.79 9.30 9.26
C MET B 203 -20.76 9.21 10.77
N VAL B 204 -20.02 8.23 11.27
CA VAL B 204 -19.84 8.02 12.69
C VAL B 204 -18.36 7.95 12.99
N ASP B 205 -17.91 8.68 14.01
CA ASP B 205 -16.49 8.70 14.36
C ASP B 205 -16.16 7.58 15.34
N ASN B 206 -15.20 6.75 14.98
CA ASN B 206 -14.78 5.62 15.81
C ASN B 206 -14.21 6.09 17.16
N GLU B 207 -13.49 7.20 17.15
CA GLU B 207 -12.89 7.73 18.37
C GLU B 207 -13.97 8.25 19.29
N ALA B 208 -15.01 8.82 18.70
CA ALA B 208 -16.12 9.36 19.46
C ALA B 208 -16.89 8.26 20.18
N ILE B 209 -16.86 7.06 19.61
CA ILE B 209 -17.53 5.92 20.22
C ILE B 209 -16.87 5.63 21.56
N TYR B 210 -15.54 5.74 21.59
CA TYR B 210 -14.78 5.51 22.80
C TYR B 210 -15.13 6.59 23.83
N ASP B 211 -15.31 7.81 23.34
CA ASP B 211 -15.64 8.95 24.19
C ASP B 211 -16.95 8.70 24.91
N ILE B 212 -17.99 8.36 24.15
CA ILE B 212 -19.30 8.09 24.73
C ILE B 212 -19.23 6.93 25.72
N CYS B 213 -18.47 5.90 25.35
CA CYS B 213 -18.32 4.73 26.21
C CYS B 213 -17.57 5.06 27.50
N ARG B 214 -16.71 6.06 27.46
CA ARG B 214 -15.93 6.44 28.63
C ARG B 214 -16.65 7.49 29.47
N ARG B 215 -17.25 8.47 28.80
CA ARG B 215 -17.94 9.56 29.47
C ARG B 215 -19.31 9.16 30.03
N ASN B 216 -20.11 8.49 29.20
CA ASN B 216 -21.46 8.10 29.63
C ASN B 216 -21.52 6.68 30.16
N LEU B 217 -21.05 5.72 29.36
CA LEU B 217 -21.07 4.32 29.77
C LEU B 217 -20.05 4.05 30.87
N ASP B 218 -19.01 4.88 30.92
CA ASP B 218 -17.94 4.76 31.91
C ASP B 218 -17.26 3.39 31.85
N ILE B 219 -16.92 2.96 30.63
CA ILE B 219 -16.26 1.69 30.44
C ILE B 219 -14.93 1.90 29.72
N GLU B 220 -13.87 1.31 30.27
CA GLU B 220 -12.54 1.43 29.70
C GLU B 220 -12.16 0.15 28.96
N ARG B 221 -13.16 -0.64 28.60
CA ARG B 221 -12.95 -1.88 27.89
C ARG B 221 -13.92 -2.00 26.71
N PRO B 222 -13.81 -1.09 25.72
CA PRO B 222 -14.67 -1.09 24.56
C PRO B 222 -14.08 -1.90 23.41
N THR B 223 -14.52 -3.14 23.28
CA THR B 223 -14.05 -4.03 22.23
C THR B 223 -14.69 -3.58 20.91
N TYR B 224 -14.15 -4.06 19.77
CA TYR B 224 -14.69 -3.70 18.47
C TYR B 224 -16.19 -4.00 18.39
N THR B 225 -16.57 -5.15 18.92
CA THR B 225 -17.98 -5.56 18.93
C THR B 225 -18.85 -4.54 19.65
N ASN B 226 -18.34 -3.96 20.73
CA ASN B 226 -19.09 -2.97 21.50
C ASN B 226 -19.31 -1.70 20.67
N LEU B 227 -18.26 -1.31 19.93
CA LEU B 227 -18.33 -0.13 19.08
C LEU B 227 -19.35 -0.34 17.97
N ASN B 228 -19.36 -1.54 17.42
CA ASN B 228 -20.28 -1.89 16.35
C ASN B 228 -21.71 -2.02 16.87
N ARG B 229 -21.86 -2.53 18.08
CA ARG B 229 -23.18 -2.69 18.69
C ARG B 229 -23.87 -1.36 18.87
N LEU B 230 -23.11 -0.33 19.21
CA LEU B 230 -23.66 1.01 19.40
C LEU B 230 -24.20 1.55 18.08
N ILE B 231 -23.47 1.29 17.00
CA ILE B 231 -23.90 1.74 15.67
C ILE B 231 -25.11 0.94 15.21
N GLY B 232 -25.10 -0.35 15.53
CA GLY B 232 -26.21 -1.21 15.16
C GLY B 232 -27.49 -0.74 15.82
N GLN B 233 -27.35 -0.22 17.03
CA GLN B 233 -28.48 0.30 17.79
C GLN B 233 -29.08 1.49 17.03
N ILE B 234 -28.21 2.22 16.36
CA ILE B 234 -28.61 3.37 15.56
C ILE B 234 -29.28 2.90 14.28
N VAL B 235 -28.61 2.00 13.56
CA VAL B 235 -29.13 1.47 12.31
C VAL B 235 -30.53 0.87 12.47
N SER B 236 -30.73 0.15 13.57
CA SER B 236 -32.02 -0.46 13.85
C SER B 236 -33.11 0.60 13.93
N SER B 237 -32.75 1.79 14.39
CA SER B 237 -33.69 2.89 14.53
C SER B 237 -33.79 3.72 13.25
N ILE B 238 -32.85 3.51 12.34
CA ILE B 238 -32.83 4.26 11.08
C ILE B 238 -33.57 3.50 9.98
N THR B 239 -33.39 2.18 9.95
CA THR B 239 -34.03 1.37 8.92
C THR B 239 -35.13 0.47 9.48
N ALA B 240 -34.72 -0.59 10.20
CA ALA B 240 -35.64 -1.57 10.77
C ALA B 240 -36.93 -0.99 11.37
N SER B 241 -36.79 -0.26 12.47
CA SER B 241 -37.94 0.32 13.15
C SER B 241 -38.66 1.38 12.32
N LEU B 242 -37.91 2.19 11.59
CA LEU B 242 -38.50 3.24 10.78
C LEU B 242 -39.34 2.66 9.64
N ARG B 243 -38.97 1.48 9.19
CA ARG B 243 -39.70 0.80 8.12
C ARG B 243 -40.96 0.16 8.66
N PHE B 244 -41.06 0.11 9.99
CA PHE B 244 -42.22 -0.47 10.65
C PHE B 244 -43.28 0.62 10.81
N ASP B 245 -44.53 0.19 10.97
CA ASP B 245 -45.64 1.12 11.11
C ASP B 245 -45.60 1.88 12.43
N GLY B 246 -45.67 3.20 12.34
CA GLY B 246 -45.65 4.04 13.53
C GLY B 246 -46.69 5.14 13.47
N ALA B 247 -46.50 6.18 14.27
CA ALA B 247 -47.43 7.31 14.29
C ALA B 247 -47.12 8.27 13.15
N LEU B 248 -45.84 8.45 12.88
CA LEU B 248 -45.39 9.32 11.80
C LEU B 248 -44.29 8.61 11.03
N ASN B 249 -44.68 7.89 9.99
CA ASN B 249 -43.75 7.13 9.18
C ASN B 249 -42.87 8.03 8.33
N VAL B 250 -41.65 7.59 8.09
CA VAL B 250 -40.68 8.32 7.28
C VAL B 250 -39.97 7.35 6.35
N ASP B 251 -40.15 7.55 5.05
CA ASP B 251 -39.50 6.69 4.06
C ASP B 251 -38.07 7.14 3.81
N LEU B 252 -37.32 6.34 3.07
CA LEU B 252 -35.93 6.65 2.77
C LEU B 252 -35.85 7.85 1.84
N THR B 253 -36.91 8.05 1.06
CA THR B 253 -36.99 9.16 0.14
C THR B 253 -37.08 10.47 0.91
N GLU B 254 -37.84 10.45 2.00
CA GLU B 254 -38.03 11.62 2.85
C GLU B 254 -36.72 12.00 3.52
N PHE B 255 -35.90 10.99 3.78
CA PHE B 255 -34.60 11.19 4.41
C PHE B 255 -33.74 12.17 3.65
N GLN B 256 -33.32 11.77 2.45
CA GLN B 256 -32.46 12.59 1.61
C GLN B 256 -33.12 13.91 1.20
N THR B 257 -34.43 13.89 0.98
CA THR B 257 -35.15 15.08 0.57
C THR B 257 -35.02 16.22 1.59
N ASN B 258 -34.78 15.87 2.85
CA ASN B 258 -34.63 16.87 3.89
C ASN B 258 -33.20 16.95 4.40
N LEU B 259 -32.51 15.81 4.43
CA LEU B 259 -31.13 15.76 4.92
C LEU B 259 -30.13 16.38 3.94
N VAL B 260 -30.33 16.15 2.64
CA VAL B 260 -29.43 16.70 1.64
C VAL B 260 -30.11 17.76 0.77
N PRO B 261 -29.83 19.04 1.07
CA PRO B 261 -30.40 20.17 0.34
C PRO B 261 -29.63 20.49 -0.94
N TYR B 262 -28.58 19.71 -1.19
CA TYR B 262 -27.73 19.91 -2.37
C TYR B 262 -27.47 18.59 -3.08
N PRO B 263 -27.02 18.63 -4.35
CA PRO B 263 -26.74 17.41 -5.15
C PRO B 263 -25.60 16.56 -4.61
N ARG B 264 -24.62 17.20 -3.99
CA ARG B 264 -23.46 16.49 -3.44
C ARG B 264 -23.89 15.61 -2.27
N GLY B 265 -23.31 14.42 -2.18
CA GLY B 265 -23.64 13.52 -1.09
C GLY B 265 -23.21 14.07 0.25
N HIS B 266 -24.16 14.64 0.99
CA HIS B 266 -23.86 15.20 2.30
C HIS B 266 -23.67 14.12 3.35
N PHE B 267 -22.93 14.45 4.39
CA PHE B 267 -22.65 13.49 5.46
C PHE B 267 -23.26 13.92 6.79
N PRO B 268 -24.47 13.43 7.11
CA PRO B 268 -25.13 13.74 8.38
C PRO B 268 -24.53 12.94 9.53
N LEU B 269 -24.83 13.35 10.75
CA LEU B 269 -24.30 12.66 11.93
C LEU B 269 -25.37 11.79 12.57
N ALA B 270 -24.93 10.66 13.12
CA ALA B 270 -25.84 9.74 13.79
C ALA B 270 -25.69 9.87 15.30
N THR B 271 -26.68 10.47 15.94
CA THR B 271 -26.66 10.66 17.37
C THR B 271 -27.82 9.94 18.05
N TYR B 272 -27.54 9.32 19.19
CA TYR B 272 -28.56 8.61 19.94
C TYR B 272 -28.92 9.39 21.20
N ALA B 273 -29.91 8.92 21.94
CA ALA B 273 -30.32 9.59 23.16
C ALA B 273 -30.05 8.74 24.42
N PRO B 274 -30.59 7.51 24.50
CA PRO B 274 -30.37 6.65 25.67
C PRO B 274 -29.01 5.93 25.61
N VAL B 275 -27.98 6.64 26.03
CA VAL B 275 -26.63 6.09 26.05
C VAL B 275 -26.19 5.81 27.49
N ILE B 276 -27.18 5.72 28.37
CA ILE B 276 -26.95 5.43 29.78
C ILE B 276 -26.62 3.96 30.00
N SER B 277 -25.76 3.69 30.99
CA SER B 277 -25.34 2.32 31.30
C SER B 277 -26.42 1.55 32.06
N ALA B 278 -26.34 0.22 32.01
CA ALA B 278 -27.30 -0.63 32.69
C ALA B 278 -26.68 -1.29 33.91
N GLU B 279 -26.18 -0.46 34.83
CA GLU B 279 -25.54 -0.97 36.03
C GLU B 279 -25.16 0.18 36.96
N LYS B 280 -24.33 1.07 36.45
CA LYS B 280 -23.87 2.21 37.23
C LYS B 280 -24.97 3.26 37.36
N ALA B 281 -25.36 3.86 36.25
CA ALA B 281 -26.41 4.86 36.25
C ALA B 281 -27.77 4.20 36.05
N TYR B 282 -28.80 4.75 36.67
CA TYR B 282 -30.15 4.20 36.55
C TYR B 282 -31.22 5.27 36.60
N HIS B 283 -31.38 5.99 35.50
CA HIS B 283 -32.38 7.03 35.39
C HIS B 283 -32.99 7.01 34.00
N GLU B 284 -33.55 5.87 33.63
CA GLU B 284 -34.17 5.68 32.32
C GLU B 284 -35.44 6.51 32.17
N GLN B 285 -36.04 6.89 33.29
CA GLN B 285 -37.25 7.69 33.27
C GLN B 285 -36.96 9.16 32.96
N LEU B 286 -36.51 9.40 31.73
CA LEU B 286 -36.18 10.73 31.27
C LEU B 286 -37.30 11.22 30.34
N SER B 287 -37.67 12.48 30.47
CA SER B 287 -38.73 13.04 29.64
C SER B 287 -38.21 13.32 28.23
N VAL B 288 -39.13 13.57 27.31
CA VAL B 288 -38.78 13.85 25.92
C VAL B 288 -37.85 15.07 25.82
N ALA B 289 -38.08 16.06 26.66
CA ALA B 289 -37.29 17.28 26.68
C ALA B 289 -35.87 17.00 27.16
N GLU B 290 -35.68 15.90 27.87
CA GLU B 290 -34.36 15.53 28.37
C GLU B 290 -33.58 14.73 27.33
N ILE B 291 -34.21 13.68 26.82
CA ILE B 291 -33.57 12.82 25.82
C ILE B 291 -33.19 13.58 24.56
N THR B 292 -34.07 14.48 24.11
CA THR B 292 -33.80 15.27 22.92
C THR B 292 -32.64 16.24 23.18
N ASN B 293 -32.66 16.86 24.35
CA ASN B 293 -31.62 17.82 24.75
C ASN B 293 -30.24 17.15 24.85
N ALA B 294 -30.25 15.83 25.00
CA ALA B 294 -29.02 15.07 25.13
C ALA B 294 -28.39 14.82 23.76
N CYS B 295 -29.14 15.07 22.70
CA CYS B 295 -28.65 14.87 21.34
C CYS B 295 -28.11 16.17 20.76
N PHE B 296 -27.98 17.18 21.62
CA PHE B 296 -27.46 18.49 21.19
C PHE B 296 -26.22 18.85 21.97
N GLU B 297 -25.49 17.85 22.44
CA GLU B 297 -24.27 18.08 23.20
C GLU B 297 -23.10 17.33 22.58
N PRO B 298 -21.89 17.92 22.62
CA PRO B 298 -20.68 17.29 22.06
C PRO B 298 -20.30 16.01 22.80
N ALA B 299 -20.76 15.88 24.03
CA ALA B 299 -20.48 14.70 24.85
C ALA B 299 -21.26 13.50 24.33
N ASN B 300 -22.28 13.77 23.54
CA ASN B 300 -23.11 12.73 22.97
C ASN B 300 -23.52 13.08 21.55
N GLN B 301 -22.61 12.86 20.60
CA GLN B 301 -22.88 13.15 19.20
C GLN B 301 -22.40 12.03 18.30
N MET B 302 -21.61 11.12 18.86
CA MET B 302 -21.07 9.95 18.14
C MET B 302 -20.14 10.36 16.99
N VAL B 303 -19.56 11.55 17.09
CA VAL B 303 -18.65 12.05 16.07
C VAL B 303 -17.69 13.06 16.71
N LYS B 304 -16.55 13.29 16.10
CA LYS B 304 -15.57 14.22 16.63
C LYS B 304 -15.76 15.61 16.03
N CYS B 305 -16.92 15.84 15.44
CA CYS B 305 -17.23 17.13 14.86
C CYS B 305 -17.92 18.00 15.90
N ASP B 306 -17.14 18.50 16.86
CA ASP B 306 -17.64 19.35 17.92
C ASP B 306 -18.36 20.57 17.34
N PRO B 307 -19.43 21.03 18.02
CA PRO B 307 -20.21 22.20 17.59
C PRO B 307 -19.43 23.51 17.75
N ARG B 308 -18.35 23.63 16.99
CA ARG B 308 -17.51 24.81 17.03
C ARG B 308 -18.14 25.95 16.23
N HIS B 309 -18.57 25.63 15.02
CA HIS B 309 -19.21 26.60 14.13
C HIS B 309 -20.11 25.89 13.15
N GLY B 310 -20.66 24.76 13.58
CA GLY B 310 -21.52 23.98 12.71
C GLY B 310 -22.96 24.41 12.77
N LYS B 311 -23.39 25.15 11.76
CA LYS B 311 -24.76 25.61 11.68
C LYS B 311 -25.67 24.48 11.19
N TYR B 312 -26.76 24.25 11.91
CA TYR B 312 -27.68 23.18 11.56
C TYR B 312 -28.50 23.54 10.32
N MET B 313 -28.33 22.77 9.25
CA MET B 313 -29.06 23.01 8.00
C MET B 313 -30.20 22.01 7.86
N ALA B 314 -30.04 20.85 8.50
CA ALA B 314 -31.03 19.81 8.45
C ALA B 314 -30.87 18.90 9.66
N CYS B 315 -31.96 18.66 10.37
CA CYS B 315 -31.92 17.81 11.55
C CYS B 315 -33.15 16.90 11.62
N CYS B 316 -32.92 15.61 11.51
CA CYS B 316 -34.00 14.64 11.58
C CYS B 316 -34.04 14.00 12.96
N LEU B 317 -35.19 14.05 13.60
CA LEU B 317 -35.36 13.48 14.93
C LEU B 317 -36.31 12.28 14.89
N LEU B 318 -35.74 11.09 14.98
CA LEU B 318 -36.54 9.88 14.95
C LEU B 318 -36.78 9.36 16.37
N TYR B 319 -38.02 9.40 16.80
CA TYR B 319 -38.39 8.94 18.14
C TYR B 319 -39.02 7.56 18.07
N ARG B 320 -38.48 6.62 18.83
CA ARG B 320 -39.03 5.26 18.85
C ARG B 320 -39.40 4.87 20.28
N GLY B 321 -40.61 4.35 20.45
CA GLY B 321 -41.06 3.94 21.75
C GLY B 321 -42.25 4.77 22.21
N ASP B 322 -42.35 5.00 23.51
CA ASP B 322 -43.45 5.80 24.06
C ASP B 322 -43.18 7.27 23.80
N VAL B 323 -43.75 7.79 22.73
CA VAL B 323 -43.56 9.19 22.37
C VAL B 323 -44.88 9.90 22.15
N VAL B 324 -45.06 11.01 22.84
CA VAL B 324 -46.26 11.83 22.70
C VAL B 324 -46.00 12.94 21.69
N PRO B 325 -46.83 13.03 20.64
CA PRO B 325 -46.69 14.04 19.58
C PRO B 325 -46.44 15.45 20.10
N LYS B 326 -47.26 15.91 21.04
CA LYS B 326 -47.12 17.25 21.60
C LYS B 326 -45.78 17.44 22.31
N ASP B 327 -45.30 16.39 22.98
CA ASP B 327 -44.03 16.45 23.69
C ASP B 327 -42.89 16.72 22.73
N VAL B 328 -42.96 16.11 21.55
CA VAL B 328 -41.94 16.28 20.53
C VAL B 328 -41.96 17.71 20.02
N ASN B 329 -43.15 18.19 19.69
CA ASN B 329 -43.34 19.54 19.18
C ASN B 329 -42.81 20.56 20.18
N ALA B 330 -43.10 20.33 21.46
CA ALA B 330 -42.65 21.23 22.52
C ALA B 330 -41.14 21.17 22.67
N ALA B 331 -40.59 19.96 22.58
CA ALA B 331 -39.15 19.74 22.71
C ALA B 331 -38.39 20.49 21.63
N ILE B 332 -38.84 20.36 20.39
CA ILE B 332 -38.20 21.02 19.26
C ILE B 332 -38.30 22.54 19.40
N ALA B 333 -39.47 23.03 19.79
CA ALA B 333 -39.68 24.47 19.96
C ALA B 333 -38.73 25.01 21.02
N THR B 334 -38.56 24.25 22.09
CA THR B 334 -37.68 24.63 23.19
C THR B 334 -36.24 24.84 22.71
N ILE B 335 -35.81 23.99 21.79
CA ILE B 335 -34.46 24.08 21.25
C ILE B 335 -34.38 25.18 20.20
N LYS B 336 -35.45 25.36 19.45
CA LYS B 336 -35.53 26.37 18.41
C LYS B 336 -35.33 27.77 18.98
N THR B 337 -35.92 28.03 20.14
CA THR B 337 -35.81 29.33 20.79
C THR B 337 -34.67 29.38 21.80
N LYS B 338 -33.76 28.40 21.72
CA LYS B 338 -32.63 28.36 22.64
C LYS B 338 -31.56 29.38 22.25
N ARG B 339 -31.41 29.60 20.94
CA ARG B 339 -30.45 30.56 20.40
C ARG B 339 -28.98 30.10 20.49
N THR B 340 -28.69 29.23 21.43
CA THR B 340 -27.33 28.70 21.58
C THR B 340 -26.97 27.88 20.36
N ILE B 341 -27.93 27.08 19.90
CA ILE B 341 -27.75 26.25 18.73
C ILE B 341 -28.11 27.07 17.48
N GLN B 342 -27.09 27.55 16.78
CA GLN B 342 -27.30 28.37 15.60
C GLN B 342 -27.62 27.52 14.36
N PHE B 343 -28.66 27.90 13.66
CA PHE B 343 -29.08 27.22 12.44
C PHE B 343 -28.62 28.02 11.24
N VAL B 344 -28.80 27.47 10.05
CA VAL B 344 -28.42 28.15 8.82
C VAL B 344 -29.41 29.29 8.55
N ASP B 345 -28.92 30.38 7.94
CA ASP B 345 -29.76 31.55 7.68
C ASP B 345 -30.91 31.24 6.71
N TRP B 346 -30.63 30.52 5.65
CA TRP B 346 -31.67 30.19 4.67
C TRP B 346 -32.51 28.98 5.10
N CYS B 347 -32.25 28.48 6.30
CA CYS B 347 -32.99 27.35 6.83
C CYS B 347 -33.93 27.80 7.94
N PRO B 348 -35.22 27.95 7.62
CA PRO B 348 -36.23 28.38 8.59
C PRO B 348 -36.61 27.26 9.56
N THR B 349 -37.11 26.16 9.02
CA THR B 349 -37.51 25.02 9.83
C THR B 349 -36.94 23.73 9.27
N GLY B 350 -35.66 23.48 9.52
CA GLY B 350 -35.01 22.29 9.03
C GLY B 350 -35.03 21.16 10.04
N PHE B 351 -36.23 20.78 10.46
CA PHE B 351 -36.38 19.69 11.42
C PHE B 351 -37.37 18.65 10.91
N LYS B 352 -36.88 17.45 10.69
CA LYS B 352 -37.72 16.36 10.22
C LYS B 352 -38.17 15.51 11.40
N VAL B 353 -39.47 15.44 11.62
CA VAL B 353 -40.01 14.68 12.73
C VAL B 353 -40.38 13.27 12.31
N GLY B 354 -40.04 12.31 13.15
CA GLY B 354 -40.35 10.92 12.92
C GLY B 354 -40.76 10.26 14.22
N ILE B 355 -41.98 9.74 14.28
CA ILE B 355 -42.47 9.12 15.50
C ILE B 355 -42.88 7.67 15.25
N ASN B 356 -42.20 6.75 15.92
CA ASN B 356 -42.49 5.34 15.81
C ASN B 356 -43.14 4.82 17.08
N TYR B 357 -43.53 3.56 17.10
CA TYR B 357 -44.20 3.00 18.28
C TYR B 357 -43.30 2.03 19.05
N GLU B 358 -42.66 1.10 18.35
CA GLU B 358 -41.81 0.12 19.00
C GLU B 358 -40.60 0.76 19.68
N PRO B 359 -40.40 0.43 20.97
CA PRO B 359 -39.29 0.96 21.78
C PRO B 359 -37.95 0.41 21.31
N PRO B 360 -36.85 1.04 21.75
CA PRO B 360 -35.50 0.60 21.40
C PRO B 360 -35.13 -0.71 22.06
N THR B 361 -34.99 -1.75 21.25
CA THR B 361 -34.63 -3.07 21.75
C THR B 361 -33.15 -3.13 22.07
N VAL B 362 -32.80 -3.63 23.26
CA VAL B 362 -31.42 -3.72 23.67
C VAL B 362 -31.03 -5.15 24.02
N VAL B 363 -29.77 -5.50 23.78
CA VAL B 363 -29.26 -6.83 24.08
C VAL B 363 -29.24 -7.05 25.59
N PRO B 364 -29.76 -8.21 26.05
CA PRO B 364 -29.82 -8.55 27.49
C PRO B 364 -28.44 -8.47 28.15
N GLY B 365 -27.45 -9.09 27.52
CA GLY B 365 -26.11 -9.08 28.07
C GLY B 365 -25.27 -7.96 27.50
N GLY B 366 -25.70 -6.73 27.72
CA GLY B 366 -24.97 -5.59 27.21
C GLY B 366 -24.66 -4.55 28.27
N ASP B 367 -24.45 -3.32 27.85
CA ASP B 367 -24.12 -2.23 28.75
C ASP B 367 -25.17 -1.13 28.69
N LEU B 368 -26.12 -1.27 27.77
CA LEU B 368 -27.18 -0.27 27.61
C LEU B 368 -28.32 -0.51 28.59
N ALA B 369 -28.74 0.57 29.25
CA ALA B 369 -29.80 0.53 30.26
C ALA B 369 -31.14 0.03 29.73
N LYS B 370 -31.41 0.27 28.45
CA LYS B 370 -32.68 -0.14 27.83
C LYS B 370 -33.84 0.72 28.33
N VAL B 371 -34.22 1.70 27.53
CA VAL B 371 -35.32 2.60 27.88
C VAL B 371 -36.55 2.30 27.03
N GLN B 372 -37.69 2.87 27.41
CA GLN B 372 -38.93 2.67 26.68
C GLN B 372 -39.04 3.64 25.51
N ARG B 373 -38.10 4.57 25.43
CA ARG B 373 -38.10 5.55 24.36
C ARG B 373 -36.67 5.94 23.98
N ALA B 374 -36.47 6.20 22.69
CA ALA B 374 -35.15 6.58 22.18
C ALA B 374 -35.27 7.66 21.12
N VAL B 375 -34.24 8.48 20.99
CA VAL B 375 -34.23 9.55 20.01
C VAL B 375 -33.02 9.39 19.08
N CYS B 376 -33.28 9.37 17.79
CA CYS B 376 -32.23 9.26 16.79
C CYS B 376 -32.06 10.60 16.10
N MET B 377 -30.99 11.29 16.45
CA MET B 377 -30.71 12.60 15.90
C MET B 377 -29.78 12.50 14.69
N LEU B 378 -30.29 12.89 13.53
CA LEU B 378 -29.51 12.87 12.31
C LEU B 378 -29.44 14.30 11.77
N SER B 379 -28.35 14.98 12.05
CA SER B 379 -28.22 16.36 11.61
C SER B 379 -26.98 16.60 10.75
N ASN B 380 -27.11 17.55 9.84
CA ASN B 380 -26.01 17.94 8.95
C ASN B 380 -25.67 19.39 9.24
N THR B 381 -24.43 19.65 9.61
CA THR B 381 -23.99 20.99 9.95
C THR B 381 -22.69 21.35 9.26
N THR B 382 -22.21 22.56 9.51
CA THR B 382 -20.95 23.03 8.96
C THR B 382 -19.76 22.48 9.75
N ALA B 383 -20.05 21.72 10.81
CA ALA B 383 -19.01 21.14 11.65
C ALA B 383 -18.21 20.07 10.89
N ILE B 384 -18.81 19.55 9.82
CA ILE B 384 -18.17 18.53 9.01
C ILE B 384 -16.93 19.11 8.31
N ALA B 385 -16.93 20.42 8.11
CA ALA B 385 -15.83 21.11 7.45
C ALA B 385 -14.54 20.93 8.25
N GLU B 386 -14.65 21.01 9.56
CA GLU B 386 -13.49 20.85 10.43
C GLU B 386 -12.90 19.46 10.30
N ALA B 387 -13.77 18.46 10.23
CA ALA B 387 -13.35 17.07 10.08
C ALA B 387 -12.61 16.89 8.76
N TRP B 388 -13.23 17.37 7.68
CA TRP B 388 -12.64 17.28 6.35
C TRP B 388 -11.32 18.02 6.29
N ALA B 389 -11.29 19.22 6.88
CA ALA B 389 -10.09 20.04 6.90
C ALA B 389 -8.91 19.31 7.54
N ARG B 390 -9.19 18.53 8.58
CA ARG B 390 -8.15 17.78 9.26
C ARG B 390 -7.69 16.60 8.42
N LEU B 391 -8.65 15.81 7.94
CA LEU B 391 -8.34 14.64 7.13
C LEU B 391 -7.62 15.02 5.84
N ASP B 392 -8.10 16.07 5.18
CA ASP B 392 -7.50 16.55 3.94
C ASP B 392 -6.07 17.02 4.18
N HIS B 393 -5.87 17.74 5.29
CA HIS B 393 -4.55 18.24 5.65
C HIS B 393 -3.59 17.08 5.88
N LYS B 394 -4.05 16.07 6.61
CA LYS B 394 -3.24 14.89 6.90
C LYS B 394 -2.83 14.19 5.61
N PHE B 395 -3.71 14.22 4.62
CA PHE B 395 -3.45 13.59 3.34
C PHE B 395 -2.44 14.39 2.53
N ASP B 396 -2.67 15.69 2.43
CA ASP B 396 -1.78 16.57 1.66
C ASP B 396 -0.36 16.54 2.20
N LEU B 397 -0.22 16.46 3.52
CA LEU B 397 1.10 16.42 4.15
C LEU B 397 1.86 15.17 3.71
N MET B 398 1.14 14.06 3.59
CA MET B 398 1.75 12.80 3.17
C MET B 398 2.03 12.83 1.68
N TYR B 399 1.07 13.33 0.91
CA TYR B 399 1.20 13.44 -0.54
C TYR B 399 2.37 14.34 -0.91
N ALA B 400 2.63 15.35 -0.08
CA ALA B 400 3.73 16.28 -0.32
C ALA B 400 5.06 15.55 -0.37
N LYS B 401 5.21 14.53 0.46
CA LYS B 401 6.44 13.75 0.51
C LYS B 401 6.26 12.45 -0.27
N ARG B 402 5.18 12.38 -1.07
CA ARG B 402 4.84 11.21 -1.87
C ARG B 402 4.29 10.08 -1.01
N ALA B 403 5.03 9.73 0.03
CA ALA B 403 4.64 8.67 0.96
C ALA B 403 4.53 7.32 0.27
N PHE B 404 3.57 6.52 0.69
CA PHE B 404 3.36 5.18 0.14
C PHE B 404 2.65 5.22 -1.21
N VAL B 405 2.84 6.30 -1.96
CA VAL B 405 2.20 6.46 -3.26
C VAL B 405 2.64 5.37 -4.23
N HIS B 406 3.85 4.86 -4.05
CA HIS B 406 4.38 3.81 -4.91
C HIS B 406 3.56 2.53 -4.79
N TRP B 407 2.90 2.37 -3.65
CA TRP B 407 2.07 1.20 -3.41
C TRP B 407 0.73 1.30 -4.12
N TYR B 408 0.48 2.46 -4.71
CA TYR B 408 -0.76 2.71 -5.43
C TYR B 408 -0.46 2.72 -6.93
N VAL B 409 0.67 3.32 -7.29
CA VAL B 409 1.10 3.41 -8.67
C VAL B 409 1.27 2.03 -9.31
N GLY B 410 1.88 1.11 -8.54
CA GLY B 410 2.10 -0.23 -9.04
C GLY B 410 0.81 -1.00 -9.25
N GLU B 411 -0.26 -0.52 -8.63
CA GLU B 411 -1.57 -1.16 -8.76
C GLU B 411 -2.30 -0.67 -10.01
N GLY B 412 -1.64 0.23 -10.74
CA GLY B 412 -2.24 0.77 -11.95
C GLY B 412 -2.90 2.12 -11.73
N MET B 413 -2.65 2.73 -10.58
CA MET B 413 -3.22 4.04 -10.27
C MET B 413 -2.19 5.13 -10.52
N GLU B 414 -2.60 6.19 -11.19
CA GLU B 414 -1.71 7.29 -11.50
C GLU B 414 -1.85 8.45 -10.51
N GLU B 415 -0.85 9.33 -10.50
CA GLU B 415 -0.83 10.50 -9.62
C GLU B 415 -2.05 11.38 -9.87
N GLY B 416 -2.48 11.42 -11.12
CA GLY B 416 -3.64 12.22 -11.50
C GLY B 416 -4.85 11.98 -10.63
N GLU B 417 -5.12 10.71 -10.34
CA GLU B 417 -6.26 10.35 -9.51
C GLU B 417 -6.19 10.99 -8.12
N PHE B 418 -5.01 10.94 -7.52
CA PHE B 418 -4.81 11.52 -6.18
C PHE B 418 -5.02 13.03 -6.20
N SER B 419 -4.42 13.68 -7.19
CA SER B 419 -4.54 15.11 -7.33
C SER B 419 -5.97 15.56 -7.59
N GLU B 420 -6.68 14.80 -8.42
CA GLU B 420 -8.08 15.13 -8.72
C GLU B 420 -8.93 14.99 -7.47
N ALA B 421 -8.57 14.02 -6.63
CA ALA B 421 -9.28 13.78 -5.38
C ALA B 421 -9.06 14.95 -4.43
N ARG B 422 -7.81 15.40 -4.36
CA ARG B 422 -7.44 16.52 -3.51
C ARG B 422 -8.21 17.78 -3.92
N GLU B 423 -8.27 18.02 -5.23
CA GLU B 423 -8.98 19.18 -5.76
C GLU B 423 -10.48 19.10 -5.47
N ASP B 424 -11.04 17.90 -5.62
CA ASP B 424 -12.47 17.70 -5.36
C ASP B 424 -12.77 17.90 -3.89
N MET B 425 -11.89 17.40 -3.02
CA MET B 425 -12.06 17.54 -1.59
C MET B 425 -12.02 19.01 -1.20
N ALA B 426 -11.11 19.76 -1.82
CA ALA B 426 -10.98 21.18 -1.55
C ALA B 426 -12.27 21.91 -1.92
N ALA B 427 -12.92 21.44 -2.97
CA ALA B 427 -14.18 22.02 -3.43
C ALA B 427 -15.24 21.82 -2.37
N LEU B 428 -15.23 20.65 -1.75
CA LEU B 428 -16.20 20.33 -0.70
C LEU B 428 -15.91 21.17 0.54
N GLU B 429 -14.63 21.43 0.79
CA GLU B 429 -14.21 22.24 1.93
C GLU B 429 -14.80 23.64 1.79
N LYS B 430 -14.72 24.18 0.58
CA LYS B 430 -15.25 25.50 0.30
C LYS B 430 -16.77 25.45 0.22
N ASP B 431 -17.28 24.37 -0.38
CA ASP B 431 -18.71 24.16 -0.56
C ASP B 431 -19.47 24.25 0.76
N TYR B 432 -19.02 23.48 1.75
CA TYR B 432 -19.66 23.47 3.06
C TYR B 432 -19.63 24.84 3.72
N GLU B 433 -18.52 25.55 3.55
CA GLU B 433 -18.37 26.88 4.13
C GLU B 433 -19.16 27.92 3.33
N GLU B 434 -19.66 27.52 2.17
CA GLU B 434 -20.46 28.38 1.33
C GLU B 434 -21.95 28.12 1.56
N VAL B 435 -22.25 26.95 2.10
CA VAL B 435 -23.62 26.58 2.40
C VAL B 435 -24.12 27.46 3.55
N GLY B 436 -23.40 27.41 4.65
CA GLY B 436 -23.74 28.21 5.80
C GLY B 436 -22.72 29.31 5.98
N VAL B 437 -22.44 29.69 7.22
CA VAL B 437 -21.47 30.74 7.53
C VAL B 437 -21.92 32.11 7.02
N ASP B 438 -21.83 32.30 5.71
CA ASP B 438 -22.22 33.55 5.08
C ASP B 438 -23.75 33.61 4.97
N SER B 439 -24.30 34.80 5.17
CA SER B 439 -25.75 34.98 5.10
C SER B 439 -26.19 35.43 3.71
N ARG C 2 -4.15 -17.98 1.88
CA ARG C 2 -2.90 -17.22 1.96
C ARG C 2 -1.74 -18.17 2.28
N GLU C 3 -1.18 -18.78 1.25
CA GLU C 3 -0.08 -19.72 1.42
C GLU C 3 1.28 -19.03 1.33
N ILE C 4 2.20 -19.46 2.18
CA ILE C 4 3.55 -18.91 2.20
C ILE C 4 4.56 -20.04 2.21
N VAL C 5 5.65 -19.86 1.49
CA VAL C 5 6.69 -20.86 1.42
C VAL C 5 7.97 -20.35 2.08
N HIS C 6 8.58 -21.20 2.89
CA HIS C 6 9.79 -20.83 3.59
C HIS C 6 11.02 -21.47 2.93
N ILE C 7 12.10 -20.72 2.84
CA ILE C 7 13.34 -21.20 2.24
C ILE C 7 14.50 -20.84 3.16
N GLN C 8 15.34 -21.83 3.47
CA GLN C 8 16.48 -21.62 4.34
C GLN C 8 17.76 -21.72 3.53
N ALA C 9 18.58 -20.68 3.56
CA ALA C 9 19.82 -20.65 2.81
C ALA C 9 21.04 -20.51 3.71
N GLY C 10 21.98 -21.43 3.56
CA GLY C 10 23.19 -21.39 4.34
C GLY C 10 23.11 -22.20 5.62
N GLN C 11 24.25 -22.32 6.29
CA GLN C 11 24.34 -23.08 7.52
C GLN C 11 23.53 -22.41 8.62
N CYS C 12 23.71 -21.10 8.75
CA CYS C 12 22.98 -20.34 9.75
C CYS C 12 21.49 -20.36 9.45
N GLY C 13 21.14 -20.20 8.17
CA GLY C 13 19.75 -20.21 7.77
C GLY C 13 19.06 -21.51 8.13
N ASN C 14 19.77 -22.62 7.94
CA ASN C 14 19.24 -23.94 8.26
C ASN C 14 19.07 -24.11 9.76
N GLN C 15 20.03 -23.59 10.52
CA GLN C 15 19.99 -23.69 11.97
C GLN C 15 18.82 -22.88 12.55
N ILE C 16 18.62 -21.68 12.02
CA ILE C 16 17.53 -20.83 12.47
C ILE C 16 16.19 -21.45 12.08
N GLY C 17 16.13 -21.96 10.86
CA GLY C 17 14.91 -22.58 10.37
C GLY C 17 14.53 -23.79 11.19
N ALA C 18 15.53 -24.55 11.62
CA ALA C 18 15.31 -25.73 12.44
C ALA C 18 14.60 -25.37 13.73
N LYS C 19 14.91 -24.18 14.25
CA LYS C 19 14.29 -23.69 15.46
C LYS C 19 12.91 -23.15 15.17
N PHE C 20 12.78 -22.45 14.05
CA PHE C 20 11.50 -21.87 13.64
C PHE C 20 10.45 -22.96 13.47
N TRP C 21 10.82 -24.02 12.77
CA TRP C 21 9.91 -25.13 12.53
C TRP C 21 9.76 -26.05 13.75
N GLU C 22 10.37 -25.62 14.85
CA GLU C 22 10.27 -26.35 16.11
C GLU C 22 9.35 -25.56 17.04
N VAL C 23 9.25 -24.27 16.78
CA VAL C 23 8.40 -23.38 17.56
C VAL C 23 7.03 -23.24 16.90
N ILE C 24 7.02 -23.02 15.58
CA ILE C 24 5.78 -22.87 14.83
C ILE C 24 4.94 -24.15 14.88
N SER C 25 5.61 -25.28 15.05
CA SER C 25 4.95 -26.57 15.13
C SER C 25 4.12 -26.62 16.41
N ASP C 26 4.62 -25.98 17.45
CA ASP C 26 3.94 -25.93 18.73
C ASP C 26 2.81 -24.91 18.66
N GLU C 27 2.99 -23.92 17.77
CA GLU C 27 1.99 -22.88 17.55
C GLU C 27 0.76 -23.48 16.87
N HIS C 28 0.98 -24.43 15.96
CA HIS C 28 -0.11 -25.09 15.25
C HIS C 28 -0.45 -26.43 15.89
N GLY C 29 0.36 -26.84 16.86
CA GLY C 29 0.13 -28.10 17.54
C GLY C 29 0.33 -29.30 16.65
N ILE C 30 1.43 -29.31 15.91
CA ILE C 30 1.73 -30.43 15.01
C ILE C 30 2.94 -31.21 15.49
N ASP C 31 2.76 -32.52 15.63
CA ASP C 31 3.82 -33.42 16.08
C ASP C 31 4.86 -33.61 14.97
N PRO C 32 6.15 -33.81 15.34
CA PRO C 32 7.24 -34.01 14.37
C PRO C 32 6.83 -34.85 13.16
N THR C 33 6.34 -36.05 13.41
CA THR C 33 5.89 -36.92 12.32
C THR C 33 4.44 -37.31 12.57
N GLY C 34 3.73 -36.45 13.28
CA GLY C 34 2.35 -36.70 13.61
C GLY C 34 1.41 -35.79 12.86
N SER C 35 0.19 -35.66 13.36
CA SER C 35 -0.82 -34.83 12.75
C SER C 35 -1.15 -33.63 13.62
N TYR C 36 -2.41 -33.21 13.57
CA TYR C 36 -2.89 -32.09 14.35
C TYR C 36 -3.19 -32.52 15.79
N HIS C 37 -2.29 -32.17 16.68
CA HIS C 37 -2.43 -32.49 18.10
C HIS C 37 -2.65 -31.20 18.88
N GLY C 38 -3.04 -30.16 18.15
CA GLY C 38 -3.28 -28.86 18.75
C GLY C 38 -4.36 -28.91 19.82
N ASP C 39 -4.21 -28.06 20.82
CA ASP C 39 -5.16 -27.99 21.93
C ASP C 39 -6.53 -27.55 21.42
N SER C 40 -6.55 -26.39 20.76
CA SER C 40 -7.78 -25.84 20.22
C SER C 40 -7.99 -26.33 18.79
N ASP C 41 -8.91 -25.71 18.07
CA ASP C 41 -9.20 -26.10 16.68
C ASP C 41 -8.95 -24.96 15.72
N LEU C 42 -8.74 -23.76 16.25
CA LEU C 42 -8.49 -22.57 15.44
C LEU C 42 -7.20 -22.70 14.64
N GLN C 43 -6.23 -23.41 15.20
CA GLN C 43 -4.94 -23.61 14.55
C GLN C 43 -5.06 -24.44 13.28
N LEU C 44 -6.04 -25.33 13.24
CA LEU C 44 -6.25 -26.20 12.09
C LEU C 44 -6.83 -25.44 10.90
N GLU C 45 -7.54 -24.37 11.18
CA GLU C 45 -8.18 -23.58 10.13
C GLU C 45 -7.20 -22.66 9.41
N ARG C 46 -5.92 -22.76 9.75
CA ARG C 46 -4.90 -21.92 9.13
C ARG C 46 -3.58 -22.66 8.95
N ILE C 47 -3.65 -23.98 8.85
CA ILE C 47 -2.43 -24.79 8.69
C ILE C 47 -1.91 -24.71 7.26
N ASN C 48 -2.81 -24.44 6.31
CA ASN C 48 -2.46 -24.37 4.90
C ASN C 48 -1.55 -23.19 4.58
N VAL C 49 -1.32 -22.33 5.56
CA VAL C 49 -0.46 -21.18 5.37
C VAL C 49 1.00 -21.60 5.21
N TYR C 50 1.45 -22.54 6.02
CA TYR C 50 2.84 -23.00 5.96
C TYR C 50 2.95 -24.49 5.67
N TYR C 51 1.91 -25.24 6.00
CA TYR C 51 1.91 -26.67 5.77
C TYR C 51 1.12 -27.01 4.52
N ASN C 52 1.48 -28.12 3.90
CA ASN C 52 0.81 -28.57 2.67
C ASN C 52 0.10 -29.89 2.88
N GLU C 53 -1.11 -29.99 2.34
CA GLU C 53 -1.92 -31.20 2.47
C GLU C 53 -1.45 -32.26 1.47
N ALA C 54 -1.55 -33.52 1.87
CA ALA C 54 -1.15 -34.63 1.01
C ALA C 54 -1.61 -35.97 1.58
N ALA C 55 -0.89 -36.46 2.59
CA ALA C 55 -1.20 -37.73 3.21
C ALA C 55 -2.39 -37.62 4.17
N GLY C 56 -2.61 -36.43 4.70
CA GLY C 56 -3.70 -36.22 5.63
C GLY C 56 -3.21 -36.13 7.05
N ASN C 57 -2.57 -37.20 7.52
CA ASN C 57 -2.02 -37.24 8.86
C ASN C 57 -0.68 -36.52 8.89
N LYS C 58 0.09 -36.68 7.83
CA LYS C 58 1.40 -36.06 7.74
C LYS C 58 1.33 -34.67 7.11
N TYR C 59 1.34 -33.65 7.95
CA TYR C 59 1.31 -32.28 7.48
C TYR C 59 2.74 -31.79 7.29
N VAL C 60 3.18 -31.73 6.04
CA VAL C 60 4.53 -31.32 5.74
C VAL C 60 4.65 -29.80 5.61
N PRO C 61 5.71 -29.23 6.17
CA PRO C 61 5.96 -27.80 6.12
C PRO C 61 6.76 -27.42 4.88
N ARG C 62 6.30 -26.42 4.16
CA ARG C 62 6.99 -25.98 2.96
C ARG C 62 8.22 -25.16 3.33
N ALA C 63 9.33 -25.86 3.55
CA ALA C 63 10.58 -25.23 3.90
C ALA C 63 11.73 -25.88 3.14
N ILE C 64 12.16 -25.23 2.07
CA ILE C 64 13.26 -25.74 1.26
C ILE C 64 14.59 -25.44 1.93
N LEU C 65 15.42 -26.46 2.08
CA LEU C 65 16.72 -26.31 2.70
C LEU C 65 17.80 -26.24 1.63
N VAL C 66 18.51 -25.12 1.58
CA VAL C 66 19.56 -24.93 0.59
C VAL C 66 20.89 -24.59 1.26
N ASP C 67 21.85 -25.51 1.15
CA ASP C 67 23.18 -25.30 1.72
C ASP C 67 24.20 -26.16 1.01
N LEU C 68 25.39 -25.60 0.81
CA LEU C 68 26.47 -26.32 0.13
C LEU C 68 27.21 -27.23 1.10
N GLU C 69 26.87 -27.14 2.37
CA GLU C 69 27.49 -27.96 3.38
C GLU C 69 26.55 -29.11 3.75
N PRO C 70 26.87 -30.34 3.32
CA PRO C 70 26.04 -31.52 3.58
C PRO C 70 25.89 -31.80 5.07
N GLY C 71 26.94 -31.54 5.83
CA GLY C 71 26.92 -31.78 7.25
C GLY C 71 25.84 -31.01 7.98
N THR C 72 25.61 -29.75 7.57
CA THR C 72 24.60 -28.90 8.18
C THR C 72 23.21 -29.52 8.02
N MET C 73 22.83 -29.82 6.80
CA MET C 73 21.52 -30.39 6.51
C MET C 73 21.40 -31.78 7.12
N ASP C 74 22.52 -32.48 7.21
CA ASP C 74 22.54 -33.82 7.76
C ASP C 74 22.23 -33.83 9.25
N SER C 75 22.73 -32.83 9.98
CA SER C 75 22.48 -32.74 11.40
C SER C 75 21.03 -32.38 11.67
N VAL C 76 20.45 -31.57 10.78
CA VAL C 76 19.06 -31.15 10.92
C VAL C 76 18.13 -32.33 10.63
N ARG C 77 18.43 -33.08 9.58
CA ARG C 77 17.61 -34.23 9.18
C ARG C 77 17.68 -35.37 10.21
N SER C 78 18.61 -35.25 11.15
CA SER C 78 18.75 -36.28 12.18
C SER C 78 18.35 -35.70 13.54
N GLY C 79 17.65 -34.58 13.50
CA GLY C 79 17.20 -33.94 14.72
C GLY C 79 15.80 -34.37 15.11
N PRO C 80 15.23 -33.77 16.17
CA PRO C 80 13.88 -34.11 16.64
C PRO C 80 12.79 -33.65 15.69
N PHE C 81 13.12 -32.72 14.79
CA PHE C 81 12.14 -32.20 13.84
C PHE C 81 12.68 -32.20 12.42
N GLY C 82 13.66 -33.05 12.16
CA GLY C 82 14.25 -33.11 10.84
C GLY C 82 13.59 -34.12 9.92
N GLN C 83 12.74 -34.96 10.48
CA GLN C 83 12.05 -35.98 9.69
C GLN C 83 10.75 -35.47 9.08
N ILE C 84 10.37 -34.25 9.44
CA ILE C 84 9.14 -33.66 8.92
C ILE C 84 9.38 -33.05 7.54
N PHE C 85 10.65 -32.84 7.20
CA PHE C 85 11.02 -32.26 5.93
C PHE C 85 11.04 -33.34 4.84
N ARG C 86 10.42 -33.04 3.71
CA ARG C 86 10.36 -33.97 2.60
C ARG C 86 11.69 -33.97 1.86
N PRO C 87 12.09 -35.13 1.30
CA PRO C 87 13.34 -35.26 0.54
C PRO C 87 13.38 -34.29 -0.63
N ASP C 88 12.21 -33.87 -1.08
CA ASP C 88 12.06 -32.93 -2.18
C ASP C 88 12.64 -31.56 -1.79
N ASN C 89 12.40 -31.18 -0.53
CA ASN C 89 12.85 -29.89 -0.02
C ASN C 89 14.33 -29.90 0.33
N PHE C 90 14.91 -31.09 0.40
CA PHE C 90 16.34 -31.22 0.71
C PHE C 90 17.19 -30.92 -0.52
N VAL C 91 17.48 -29.65 -0.74
CA VAL C 91 18.30 -29.25 -1.87
C VAL C 91 19.75 -29.07 -1.43
N PHE C 92 20.43 -30.19 -1.26
CA PHE C 92 21.82 -30.17 -0.83
C PHE C 92 22.76 -30.18 -2.02
N GLY C 93 23.96 -29.70 -1.82
CA GLY C 93 24.94 -29.67 -2.87
C GLY C 93 26.32 -29.90 -2.31
N GLN C 94 26.82 -31.13 -2.44
CA GLN C 94 28.15 -31.48 -1.93
C GLN C 94 29.23 -30.86 -2.80
N SER C 95 29.46 -29.58 -2.60
CA SER C 95 30.47 -28.84 -3.34
C SER C 95 31.30 -27.99 -2.38
N GLY C 96 31.94 -26.97 -2.90
CA GLY C 96 32.76 -26.11 -2.07
C GLY C 96 31.92 -25.20 -1.18
N ALA C 97 31.73 -25.61 0.06
CA ALA C 97 30.95 -24.85 1.02
C ALA C 97 31.78 -23.74 1.65
N GLY C 98 32.85 -23.35 0.95
CA GLY C 98 33.73 -22.30 1.43
C GLY C 98 32.98 -21.01 1.69
N ASN C 99 33.32 -20.35 2.79
CA ASN C 99 32.67 -19.10 3.16
C ASN C 99 33.10 -17.97 2.22
N ASN C 100 32.42 -17.88 1.09
CA ASN C 100 32.71 -16.85 0.11
C ASN C 100 31.45 -16.55 -0.70
N TRP C 101 31.14 -15.27 -0.83
CA TRP C 101 29.96 -14.84 -1.58
C TRP C 101 30.02 -15.28 -3.04
N ALA C 102 31.17 -15.03 -3.68
CA ALA C 102 31.34 -15.38 -5.09
C ALA C 102 31.24 -16.89 -5.31
N LYS C 103 31.68 -17.65 -4.33
CA LYS C 103 31.66 -19.10 -4.41
C LYS C 103 30.22 -19.63 -4.40
N GLY C 104 29.41 -19.10 -3.49
CA GLY C 104 28.03 -19.55 -3.39
C GLY C 104 27.08 -18.81 -4.30
N HIS C 105 27.61 -18.03 -5.23
CA HIS C 105 26.77 -17.28 -6.15
C HIS C 105 27.19 -17.45 -7.61
N TYR C 106 28.48 -17.33 -7.88
CA TYR C 106 28.99 -17.44 -9.23
C TYR C 106 29.41 -18.84 -9.63
N THR C 107 30.01 -19.58 -8.70
CA THR C 107 30.49 -20.92 -9.01
C THR C 107 29.57 -22.04 -8.52
N GLU C 108 29.78 -22.48 -7.28
CA GLU C 108 29.03 -23.59 -6.70
C GLU C 108 27.55 -23.26 -6.52
N GLY C 109 27.26 -22.02 -6.13
CA GLY C 109 25.88 -21.61 -5.92
C GLY C 109 25.06 -21.61 -7.20
N ALA C 110 25.64 -21.07 -8.27
CA ALA C 110 24.96 -20.96 -9.56
C ALA C 110 24.45 -22.30 -10.08
N GLU C 111 25.26 -23.34 -9.95
CA GLU C 111 24.87 -24.66 -10.44
C GLU C 111 23.77 -25.31 -9.60
N LEU C 112 23.76 -25.02 -8.31
CA LEU C 112 22.76 -25.61 -7.42
C LEU C 112 21.41 -24.87 -7.51
N VAL C 113 21.46 -23.60 -7.90
CA VAL C 113 20.25 -22.78 -8.03
C VAL C 113 19.25 -23.40 -9.01
N ASP C 114 19.77 -24.08 -10.02
CA ASP C 114 18.92 -24.71 -11.03
C ASP C 114 17.91 -25.65 -10.40
N SER C 115 18.36 -26.48 -9.48
CA SER C 115 17.49 -27.42 -8.78
C SER C 115 16.55 -26.68 -7.82
N VAL C 116 17.08 -25.64 -7.18
CA VAL C 116 16.28 -24.85 -6.24
C VAL C 116 15.08 -24.23 -6.95
N LEU C 117 15.33 -23.67 -8.13
CA LEU C 117 14.28 -23.04 -8.93
C LEU C 117 13.16 -24.01 -9.24
N ASP C 118 13.50 -25.26 -9.47
CA ASP C 118 12.51 -26.28 -9.77
C ASP C 118 11.66 -26.59 -8.55
N VAL C 119 12.31 -26.78 -7.41
CA VAL C 119 11.61 -27.09 -6.17
C VAL C 119 10.73 -25.92 -5.72
N VAL C 120 11.26 -24.69 -5.83
CA VAL C 120 10.49 -23.53 -5.42
C VAL C 120 9.23 -23.36 -6.25
N ARG C 121 9.32 -23.70 -7.54
CA ARG C 121 8.18 -23.61 -8.44
C ARG C 121 7.14 -24.66 -8.07
N LYS C 122 7.63 -25.85 -7.74
CA LYS C 122 6.78 -26.96 -7.35
C LYS C 122 5.96 -26.61 -6.11
N GLU C 123 6.63 -26.01 -5.13
CA GLU C 123 5.99 -25.63 -3.88
C GLU C 123 5.08 -24.41 -4.03
N SER C 124 5.42 -23.51 -4.95
CA SER C 124 4.63 -22.30 -5.17
C SER C 124 3.29 -22.59 -5.86
N GLU C 125 3.23 -23.70 -6.59
CA GLU C 125 2.01 -24.06 -7.30
C GLU C 125 1.22 -25.11 -6.52
N SER C 126 0.99 -24.84 -5.25
CA SER C 126 0.24 -25.75 -4.40
C SER C 126 -1.27 -25.53 -4.54
N CYS C 127 -1.83 -24.64 -3.73
CA CYS C 127 -3.26 -24.36 -3.79
C CYS C 127 -3.52 -22.91 -3.36
N ASP C 128 -4.79 -22.62 -3.08
CA ASP C 128 -5.23 -21.29 -2.62
C ASP C 128 -4.55 -20.15 -3.39
N CYS C 129 -3.84 -19.30 -2.67
CA CYS C 129 -3.15 -18.17 -3.27
C CYS C 129 -1.82 -17.96 -2.55
N LEU C 130 -0.73 -17.94 -3.30
CA LEU C 130 0.58 -17.72 -2.73
C LEU C 130 0.77 -16.25 -2.39
N GLN C 131 1.15 -15.98 -1.16
CA GLN C 131 1.36 -14.61 -0.71
C GLN C 131 2.79 -14.16 -0.97
N GLY C 132 3.75 -14.89 -0.42
CA GLY C 132 5.14 -14.53 -0.62
C GLY C 132 6.08 -15.64 -0.18
N PHE C 133 7.34 -15.27 -0.02
CA PHE C 133 8.37 -16.24 0.38
C PHE C 133 9.09 -15.76 1.64
N GLN C 134 9.55 -16.70 2.44
CA GLN C 134 10.28 -16.38 3.66
C GLN C 134 11.70 -16.93 3.53
N LEU C 135 12.70 -16.09 3.73
CA LEU C 135 14.08 -16.55 3.62
C LEU C 135 14.91 -16.20 4.84
N THR C 136 15.65 -17.18 5.33
CA THR C 136 16.52 -16.98 6.49
C THR C 136 17.98 -17.19 6.06
N HIS C 137 18.82 -16.18 6.26
CA HIS C 137 20.22 -16.28 5.88
C HIS C 137 21.10 -15.32 6.67
N SER C 138 22.39 -15.61 6.72
CA SER C 138 23.34 -14.80 7.43
C SER C 138 24.19 -13.97 6.46
N LEU C 139 24.48 -12.74 6.82
CA LEU C 139 25.29 -11.86 5.97
C LEU C 139 26.78 -12.11 6.20
N GLY C 140 27.18 -13.36 6.04
CA GLY C 140 28.57 -13.73 6.24
C GLY C 140 28.79 -15.21 6.03
N GLY C 141 28.34 -15.71 4.89
CA GLY C 141 28.50 -17.13 4.59
C GLY C 141 28.42 -17.40 3.10
N GLY C 142 28.94 -18.53 2.68
CA GLY C 142 28.91 -18.89 1.27
C GLY C 142 27.51 -19.05 0.75
N THR C 143 26.78 -19.98 1.33
CA THR C 143 25.40 -20.24 0.93
C THR C 143 24.46 -19.22 1.57
N GLY C 144 24.86 -18.69 2.72
CA GLY C 144 24.04 -17.71 3.41
C GLY C 144 23.87 -16.42 2.64
N SER C 145 24.93 -15.64 2.56
CA SER C 145 24.88 -14.36 1.86
C SER C 145 25.00 -14.54 0.36
N GLY C 146 25.82 -15.49 -0.07
CA GLY C 146 26.03 -15.73 -1.48
C GLY C 146 24.83 -16.32 -2.17
N MET C 147 24.53 -17.57 -1.85
CA MET C 147 23.40 -18.27 -2.46
C MET C 147 22.07 -17.58 -2.16
N GLY C 148 21.97 -17.01 -0.97
CA GLY C 148 20.75 -16.31 -0.61
C GLY C 148 20.42 -15.19 -1.59
N THR C 149 21.48 -14.57 -2.11
CA THR C 149 21.33 -13.49 -3.06
C THR C 149 20.72 -13.99 -4.37
N LEU C 150 21.37 -14.97 -5.00
CA LEU C 150 20.90 -15.51 -6.27
C LEU C 150 19.50 -16.12 -6.13
N LEU C 151 19.24 -16.68 -4.95
CA LEU C 151 17.94 -17.29 -4.67
C LEU C 151 16.82 -16.26 -4.76
N ILE C 152 16.96 -15.16 -4.01
CA ILE C 152 15.94 -14.12 -4.01
C ILE C 152 15.85 -13.41 -5.35
N SER C 153 16.98 -13.33 -6.06
CA SER C 153 17.02 -12.67 -7.36
C SER C 153 16.10 -13.38 -8.35
N LYS C 154 16.22 -14.70 -8.45
CA LYS C 154 15.39 -15.47 -9.36
C LYS C 154 13.94 -15.55 -8.88
N ILE C 155 13.76 -15.58 -7.56
CA ILE C 155 12.43 -15.64 -6.97
C ILE C 155 11.61 -14.40 -7.34
N ARG C 156 12.20 -13.23 -7.13
CA ARG C 156 11.51 -11.96 -7.44
C ARG C 156 11.30 -11.80 -8.94
N GLU C 157 12.19 -12.39 -9.72
CA GLU C 157 12.09 -12.32 -11.17
C GLU C 157 10.98 -13.23 -11.68
N GLU C 158 10.80 -14.36 -11.00
CA GLU C 158 9.78 -15.32 -11.38
C GLU C 158 8.40 -14.85 -10.95
N TYR C 159 8.28 -14.42 -9.69
CA TYR C 159 7.02 -13.95 -9.15
C TYR C 159 7.18 -12.55 -8.53
N PRO C 160 7.20 -11.49 -9.36
CA PRO C 160 7.35 -10.12 -8.87
C PRO C 160 6.06 -9.59 -8.25
N ASP C 161 4.96 -10.32 -8.44
CA ASP C 161 3.69 -9.94 -7.89
C ASP C 161 3.63 -10.26 -6.43
N ARG C 162 4.46 -11.23 -5.96
CA ARG C 162 4.42 -11.72 -4.59
C ARG C 162 5.46 -11.01 -3.73
N ILE C 163 5.23 -11.00 -2.42
CA ILE C 163 6.15 -10.34 -1.50
C ILE C 163 7.30 -11.25 -1.09
N MET C 164 8.30 -10.66 -0.45
CA MET C 164 9.47 -11.39 0.01
C MET C 164 9.83 -10.97 1.42
N ASN C 165 9.64 -11.88 2.37
CA ASN C 165 9.95 -11.62 3.76
C ASN C 165 11.26 -12.30 4.13
N THR C 166 12.32 -11.52 4.22
CA THR C 166 13.64 -12.06 4.52
C THR C 166 14.12 -11.68 5.92
N PHE C 167 14.81 -12.62 6.54
CA PHE C 167 15.38 -12.42 7.87
C PHE C 167 16.90 -12.40 7.73
N SER C 168 17.47 -11.21 7.80
CA SER C 168 18.91 -11.07 7.63
C SER C 168 19.67 -11.09 8.95
N VAL C 169 20.58 -12.05 9.08
CA VAL C 169 21.41 -12.16 10.27
C VAL C 169 22.58 -11.20 10.14
N VAL C 170 22.59 -10.17 10.97
CA VAL C 170 23.63 -9.16 10.92
C VAL C 170 24.83 -9.58 11.76
N PRO C 171 26.04 -9.48 11.18
CA PRO C 171 27.29 -9.82 11.87
C PRO C 171 27.50 -8.94 13.10
N SER C 172 27.88 -9.56 14.22
CA SER C 172 28.10 -8.82 15.45
C SER C 172 29.19 -7.77 15.29
N PRO C 173 28.88 -6.50 15.59
CA PRO C 173 29.83 -5.40 15.46
C PRO C 173 31.06 -5.54 16.35
N LYS C 174 30.87 -5.89 17.62
CA LYS C 174 32.00 -6.04 18.54
C LYS C 174 32.93 -7.18 18.13
N VAL C 175 32.36 -8.37 17.96
CA VAL C 175 33.14 -9.54 17.57
C VAL C 175 32.40 -10.32 16.50
N SER C 176 32.87 -10.22 15.27
CA SER C 176 32.25 -10.92 14.17
C SER C 176 32.70 -12.38 14.16
N ASP C 177 32.10 -13.19 13.31
CA ASP C 177 32.45 -14.61 13.25
C ASP C 177 33.46 -14.88 12.15
N THR C 178 33.11 -14.54 10.93
CA THR C 178 33.98 -14.74 9.79
C THR C 178 34.78 -13.47 9.53
N VAL C 179 36.02 -13.62 9.08
CA VAL C 179 36.87 -12.47 8.79
C VAL C 179 36.38 -11.77 7.52
N VAL C 180 35.83 -12.55 6.60
CA VAL C 180 35.30 -12.01 5.35
C VAL C 180 33.82 -11.67 5.48
N GLU C 181 33.36 -11.55 6.72
CA GLU C 181 31.96 -11.23 7.01
C GLU C 181 31.51 -9.91 6.36
N PRO C 182 32.21 -8.79 6.62
CA PRO C 182 31.85 -7.49 6.03
C PRO C 182 31.81 -7.53 4.50
N TYR C 183 32.75 -8.27 3.91
CA TYR C 183 32.82 -8.42 2.47
C TYR C 183 31.56 -9.10 1.94
N ASN C 184 31.18 -10.19 2.61
CA ASN C 184 29.99 -10.94 2.23
C ASN C 184 28.72 -10.14 2.50
N ALA C 185 28.70 -9.44 3.64
CA ALA C 185 27.55 -8.63 4.04
C ALA C 185 27.25 -7.53 3.04
N THR C 186 28.30 -6.86 2.58
CA THR C 186 28.16 -5.78 1.62
C THR C 186 27.54 -6.28 0.31
N LEU C 187 27.93 -7.48 -0.08
CA LEU C 187 27.44 -8.08 -1.31
C LEU C 187 25.99 -8.58 -1.17
N SER C 188 25.65 -9.05 0.01
CA SER C 188 24.29 -9.55 0.25
C SER C 188 23.29 -8.41 0.33
N VAL C 189 23.64 -7.36 1.07
CA VAL C 189 22.75 -6.21 1.23
C VAL C 189 22.49 -5.51 -0.11
N HIS C 190 23.42 -5.68 -1.05
CA HIS C 190 23.28 -5.08 -2.36
C HIS C 190 22.07 -5.64 -3.10
N GLN C 191 22.00 -6.95 -3.20
CA GLN C 191 20.88 -7.59 -3.87
C GLN C 191 19.61 -7.56 -3.02
N LEU C 192 19.79 -7.57 -1.70
CA LEU C 192 18.66 -7.53 -0.78
C LEU C 192 17.80 -6.29 -1.05
N VAL C 193 18.43 -5.14 -1.13
CA VAL C 193 17.73 -3.87 -1.36
C VAL C 193 17.17 -3.77 -2.78
N GLU C 194 17.56 -4.71 -3.64
CA GLU C 194 17.11 -4.69 -5.02
C GLU C 194 16.22 -5.89 -5.36
N ASN C 195 15.92 -6.71 -4.35
CA ASN C 195 15.10 -7.89 -4.58
C ASN C 195 13.98 -8.01 -3.56
N THR C 196 14.34 -8.33 -2.32
CA THR C 196 13.35 -8.50 -1.25
C THR C 196 12.67 -7.18 -0.92
N ASP C 197 11.48 -7.26 -0.33
CA ASP C 197 10.72 -6.06 0.05
C ASP C 197 10.66 -5.91 1.56
N GLU C 198 10.64 -7.03 2.26
CA GLU C 198 10.61 -7.02 3.72
C GLU C 198 11.86 -7.71 4.26
N THR C 199 12.56 -7.04 5.16
CA THR C 199 13.78 -7.60 5.74
C THR C 199 13.96 -7.13 7.19
N TYR C 200 14.10 -8.08 8.09
CA TYR C 200 14.30 -7.77 9.49
C TYR C 200 15.76 -7.95 9.87
N CYS C 201 16.27 -7.07 10.72
CA CYS C 201 17.66 -7.13 11.14
C CYS C 201 17.82 -7.80 12.50
N ILE C 202 18.47 -8.94 12.50
CA ILE C 202 18.72 -9.68 13.73
C ILE C 202 20.21 -9.68 14.01
N ASP C 203 20.63 -9.08 15.11
CA ASP C 203 22.04 -9.01 15.46
C ASP C 203 22.46 -10.17 16.36
N ASN C 204 23.68 -10.61 16.15
CA ASN C 204 24.23 -11.71 16.93
C ASN C 204 24.56 -11.30 18.36
N GLU C 205 25.13 -10.10 18.53
CA GLU C 205 25.50 -9.64 19.86
C GLU C 205 24.29 -9.14 20.62
N ALA C 206 23.34 -8.53 19.90
CA ALA C 206 22.13 -8.03 20.52
C ALA C 206 21.34 -9.19 21.11
N LEU C 207 21.40 -10.33 20.44
CA LEU C 207 20.72 -11.54 20.88
C LEU C 207 21.26 -11.97 22.24
N TYR C 208 22.58 -11.86 22.40
CA TYR C 208 23.22 -12.22 23.66
C TYR C 208 22.80 -11.25 24.76
N ASP C 209 22.79 -9.95 24.43
CA ASP C 209 22.42 -8.91 25.38
C ASP C 209 21.00 -9.10 25.91
N ILE C 210 20.06 -9.32 25.00
CA ILE C 210 18.66 -9.50 25.37
C ILE C 210 18.48 -10.67 26.34
N CYS C 211 19.16 -11.79 26.07
CA CYS C 211 19.05 -12.97 26.92
C CYS C 211 19.90 -12.85 28.19
N PHE C 212 20.74 -11.84 28.25
CA PHE C 212 21.60 -11.65 29.41
C PHE C 212 21.05 -10.61 30.40
N ARG C 213 20.50 -9.52 29.87
CA ARG C 213 19.97 -8.47 30.73
C ARG C 213 18.48 -8.62 31.03
N THR C 214 17.67 -8.77 29.98
CA THR C 214 16.23 -8.90 30.15
C THR C 214 15.85 -10.30 30.60
N LEU C 215 16.64 -11.28 30.20
CA LEU C 215 16.39 -12.66 30.57
C LEU C 215 17.47 -13.13 31.55
N LYS C 216 17.21 -14.23 32.24
CA LYS C 216 18.18 -14.76 33.20
C LYS C 216 18.86 -16.00 32.64
N LEU C 217 19.52 -15.83 31.50
CA LEU C 217 20.22 -16.92 30.85
C LEU C 217 21.72 -16.74 30.98
N THR C 218 22.36 -17.66 31.69
CA THR C 218 23.80 -17.59 31.91
C THR C 218 24.58 -17.88 30.63
N THR C 219 24.23 -18.97 29.97
CA THR C 219 24.91 -19.35 28.73
C THR C 219 23.92 -19.42 27.57
N PRO C 220 23.81 -18.33 26.79
CA PRO C 220 22.90 -18.27 25.65
C PRO C 220 23.46 -19.05 24.45
N THR C 221 23.11 -20.32 24.37
CA THR C 221 23.56 -21.18 23.28
C THR C 221 22.95 -20.73 21.96
N TYR C 222 23.55 -21.13 20.85
CA TYR C 222 23.06 -20.77 19.52
C TYR C 222 21.60 -21.20 19.32
N GLY C 223 21.27 -22.38 19.83
CA GLY C 223 19.91 -22.87 19.72
C GLY C 223 18.94 -21.98 20.48
N ASP C 224 19.39 -21.50 21.64
CA ASP C 224 18.59 -20.62 22.48
C ASP C 224 18.39 -19.28 21.78
N LEU C 225 19.46 -18.82 21.14
CA LEU C 225 19.42 -17.55 20.41
C LEU C 225 18.42 -17.63 19.26
N ASN C 226 18.53 -18.68 18.47
CA ASN C 226 17.64 -18.89 17.34
C ASN C 226 16.20 -19.09 17.81
N HIS C 227 16.02 -19.68 19.02
CA HIS C 227 14.71 -19.90 19.61
C HIS C 227 14.01 -18.58 19.72
N LEU C 228 14.70 -17.57 20.31
CA LEU C 228 14.10 -16.27 20.55
C LEU C 228 13.62 -15.65 19.24
N VAL C 229 14.50 -15.67 18.24
CA VAL C 229 14.17 -15.11 16.93
C VAL C 229 12.98 -15.81 16.30
N SER C 230 12.99 -17.14 16.34
CA SER C 230 11.91 -17.93 15.77
C SER C 230 10.57 -17.64 16.47
N ALA C 231 10.63 -17.46 17.78
CA ALA C 231 9.43 -17.16 18.56
C ALA C 231 8.94 -15.74 18.29
N THR C 232 9.78 -14.95 17.63
CA THR C 232 9.43 -13.57 17.30
C THR C 232 8.82 -13.50 15.90
N MET C 233 9.44 -14.21 14.95
CA MET C 233 8.96 -14.23 13.56
C MET C 233 7.56 -14.84 13.44
N SER C 234 7.24 -15.78 14.31
CA SER C 234 5.93 -16.42 14.28
C SER C 234 4.83 -15.41 14.61
N GLY C 235 5.18 -14.42 15.42
CA GLY C 235 4.25 -13.40 15.81
C GLY C 235 4.05 -12.36 14.72
N VAL C 236 4.77 -12.54 13.62
CA VAL C 236 4.69 -11.62 12.49
C VAL C 236 3.85 -12.22 11.36
N THR C 237 4.30 -13.36 10.85
CA THR C 237 3.62 -14.01 9.75
C THR C 237 2.43 -14.87 10.20
N THR C 238 2.71 -15.88 11.00
CA THR C 238 1.69 -16.80 11.50
C THR C 238 0.60 -16.09 12.29
N CYS C 239 0.99 -15.23 13.21
CA CYS C 239 0.05 -14.50 14.05
C CYS C 239 -0.89 -13.62 13.22
N LEU C 240 -0.42 -13.14 12.08
CA LEU C 240 -1.24 -12.28 11.23
C LEU C 240 -2.11 -13.08 10.27
N ARG C 241 -2.30 -14.35 10.56
CA ARG C 241 -3.13 -15.21 9.73
C ARG C 241 -4.32 -15.73 10.52
N PHE C 242 -4.35 -15.38 11.80
CA PHE C 242 -5.43 -15.79 12.69
C PHE C 242 -6.42 -14.66 12.92
N PRO C 243 -7.69 -14.99 13.18
CA PRO C 243 -8.74 -14.00 13.43
C PRO C 243 -8.49 -13.20 14.70
N GLY C 244 -8.81 -11.92 14.66
CA GLY C 244 -8.63 -11.06 15.82
C GLY C 244 -9.38 -9.76 15.64
N GLN C 245 -9.16 -8.82 16.56
CA GLN C 245 -9.81 -7.52 16.49
C GLN C 245 -9.47 -6.81 15.18
N LEU C 246 -8.18 -6.69 14.91
CA LEU C 246 -7.72 -6.05 13.69
C LEU C 246 -6.76 -6.97 12.97
N ASN C 247 -7.31 -7.80 12.10
CA ASN C 247 -6.52 -8.75 11.33
C ASN C 247 -5.67 -8.04 10.28
N ALA C 248 -4.39 -8.37 10.26
CA ALA C 248 -3.45 -7.78 9.32
C ALA C 248 -2.87 -8.87 8.43
N ASP C 249 -1.77 -8.56 7.75
CA ASP C 249 -1.13 -9.52 6.86
C ASP C 249 0.17 -8.91 6.32
N LEU C 250 0.96 -9.71 5.60
CA LEU C 250 2.22 -9.24 5.04
C LEU C 250 2.04 -7.97 4.20
N ARG C 251 1.01 -7.97 3.36
CA ARG C 251 0.73 -6.81 2.52
C ARG C 251 0.32 -5.63 3.39
N LYS C 252 -0.59 -5.90 4.33
CA LYS C 252 -1.08 -4.88 5.25
C LYS C 252 0.05 -4.29 6.10
N LEU C 253 1.11 -5.08 6.28
CA LEU C 253 2.25 -4.66 7.07
C LEU C 253 3.25 -3.87 6.21
N ALA C 254 3.75 -4.50 5.16
CA ALA C 254 4.73 -3.88 4.27
C ALA C 254 4.21 -2.57 3.67
N VAL C 255 2.97 -2.59 3.19
CA VAL C 255 2.36 -1.41 2.58
C VAL C 255 2.07 -0.32 3.62
N ASN C 256 2.31 -0.63 4.88
CA ASN C 256 2.11 0.32 5.97
C ASN C 256 3.38 0.44 6.81
N MET C 257 4.53 0.10 6.21
CA MET C 257 5.81 0.16 6.91
C MET C 257 6.90 0.82 6.09
N VAL C 258 6.88 0.63 4.78
CA VAL C 258 7.90 1.21 3.91
C VAL C 258 7.39 2.41 3.13
N PRO C 259 7.76 3.63 3.56
CA PRO C 259 7.34 4.87 2.90
C PRO C 259 8.02 5.06 1.55
N PHE C 260 9.16 4.42 1.38
CA PHE C 260 9.91 4.52 0.13
C PHE C 260 10.37 3.14 -0.35
N PRO C 261 10.49 2.97 -1.67
CA PRO C 261 10.89 1.69 -2.29
C PRO C 261 12.40 1.43 -2.18
N ARG C 262 13.00 1.79 -1.07
CA ARG C 262 14.42 1.56 -0.86
C ARG C 262 14.62 0.42 0.12
N LEU C 263 13.70 -0.53 0.07
CA LEU C 263 13.69 -1.70 0.95
C LEU C 263 13.28 -1.35 2.36
N HIS C 264 14.13 -0.58 3.04
CA HIS C 264 13.89 -0.15 4.42
C HIS C 264 13.87 -1.33 5.39
N PHE C 265 14.99 -1.51 6.10
CA PHE C 265 15.14 -2.59 7.05
C PHE C 265 14.38 -2.32 8.34
N PHE C 266 13.80 -3.36 8.91
CA PHE C 266 13.03 -3.22 10.14
C PHE C 266 13.77 -3.86 11.31
N MET C 267 13.59 -3.28 12.49
CA MET C 267 14.20 -3.79 13.70
C MET C 267 13.13 -4.44 14.58
N PRO C 268 13.29 -5.74 14.88
CA PRO C 268 12.33 -6.49 15.69
C PRO C 268 12.54 -6.31 17.19
N GLY C 269 11.54 -6.73 17.95
CA GLY C 269 11.58 -6.65 19.40
C GLY C 269 10.44 -7.44 20.01
N PHE C 270 10.44 -7.60 21.33
CA PHE C 270 9.38 -8.34 22.01
C PHE C 270 9.08 -7.75 23.38
N ALA C 271 7.81 -7.38 23.58
CA ALA C 271 7.39 -6.76 24.83
C ALA C 271 7.49 -7.70 26.06
N PRO C 272 6.83 -8.88 26.04
CA PRO C 272 6.85 -9.80 27.18
C PRO C 272 8.17 -10.56 27.32
N LEU C 273 9.25 -9.82 27.48
CA LEU C 273 10.57 -10.41 27.63
C LEU C 273 10.98 -10.45 29.09
N THR C 274 10.47 -11.44 29.81
CA THR C 274 10.76 -11.59 31.23
C THR C 274 11.23 -13.01 31.52
N SER C 275 11.88 -13.22 32.65
CA SER C 275 12.34 -14.55 33.02
C SER C 275 11.20 -15.38 33.60
N ARG C 276 11.40 -16.69 33.67
CA ARG C 276 10.39 -17.60 34.18
C ARG C 276 10.31 -17.56 35.71
N GLY C 277 11.36 -17.08 36.34
CA GLY C 277 11.39 -17.04 37.80
C GLY C 277 10.91 -15.74 38.42
N SER C 278 11.84 -14.99 38.97
CA SER C 278 11.55 -13.73 39.65
C SER C 278 10.82 -12.69 38.79
N GLN C 279 11.11 -12.66 37.49
CA GLN C 279 10.47 -11.67 36.62
C GLN C 279 9.02 -11.98 36.30
N GLN C 280 8.48 -13.05 36.90
CA GLN C 280 7.08 -13.40 36.70
C GLN C 280 6.22 -12.49 37.56
N TYR C 281 6.14 -11.23 37.15
CA TYR C 281 5.38 -10.23 37.88
C TYR C 281 3.99 -10.07 37.29
N ARG C 282 3.78 -10.65 36.11
CA ARG C 282 2.50 -10.58 35.39
C ARG C 282 2.22 -9.15 34.96
N ALA C 283 3.29 -8.35 34.87
CA ALA C 283 3.18 -6.95 34.47
C ALA C 283 2.99 -6.83 32.97
N LEU C 284 1.79 -7.15 32.52
CA LEU C 284 1.44 -7.09 31.11
C LEU C 284 0.01 -6.62 30.96
N THR C 285 -0.28 -5.44 31.46
CA THR C 285 -1.61 -4.87 31.37
C THR C 285 -1.78 -4.18 30.02
N VAL C 286 -0.85 -3.28 29.71
CA VAL C 286 -0.83 -2.52 28.45
C VAL C 286 0.35 -1.55 28.39
N PRO C 287 0.52 -0.65 29.39
CA PRO C 287 1.63 0.32 29.38
C PRO C 287 3.00 -0.36 29.47
N GLU C 288 3.05 -1.50 30.15
CA GLU C 288 4.29 -2.24 30.32
C GLU C 288 4.75 -2.80 28.98
N LEU C 289 3.79 -3.17 28.14
CA LEU C 289 4.10 -3.72 26.83
C LEU C 289 4.78 -2.66 25.97
N THR C 290 4.19 -1.48 25.91
CA THR C 290 4.74 -0.38 25.13
C THR C 290 6.07 0.09 25.71
N GLN C 291 6.15 0.06 27.04
CA GLN C 291 7.36 0.47 27.76
C GLN C 291 8.55 -0.38 27.34
N GLN C 292 8.35 -1.69 27.26
CA GLN C 292 9.42 -2.60 26.89
C GLN C 292 9.59 -2.70 25.38
N MET C 293 8.49 -2.59 24.64
CA MET C 293 8.53 -2.66 23.18
C MET C 293 9.39 -1.55 22.60
N PHE C 294 9.17 -0.34 23.09
CA PHE C 294 9.93 0.82 22.62
C PHE C 294 11.14 1.06 23.51
N ASP C 295 11.81 -0.02 23.90
CA ASP C 295 12.98 0.08 24.75
C ASP C 295 14.26 -0.06 23.94
N ALA C 296 15.25 0.77 24.26
CA ALA C 296 16.52 0.76 23.56
C ALA C 296 17.27 -0.56 23.74
N LYS C 297 17.03 -1.25 24.86
CA LYS C 297 17.71 -2.51 25.10
C LYS C 297 16.82 -3.72 24.77
N ASN C 298 15.75 -3.47 24.03
CA ASN C 298 14.84 -4.54 23.64
C ASN C 298 14.96 -4.80 22.14
N MET C 299 15.64 -3.89 21.45
CA MET C 299 15.83 -3.98 20.01
C MET C 299 16.68 -5.20 19.66
N MET C 300 16.21 -5.97 18.70
CA MET C 300 16.92 -7.17 18.26
C MET C 300 18.14 -6.80 17.40
N ALA C 301 18.33 -5.51 17.19
CA ALA C 301 19.45 -5.01 16.41
C ALA C 301 20.43 -4.28 17.32
N ALA C 302 21.67 -4.14 16.87
CA ALA C 302 22.69 -3.47 17.66
C ALA C 302 22.47 -1.96 17.74
N CYS C 303 21.79 -1.41 16.74
CA CYS C 303 21.52 0.01 16.69
C CYS C 303 20.28 0.36 17.51
N ASP C 304 20.30 1.55 18.11
CA ASP C 304 19.18 2.02 18.92
C ASP C 304 18.44 3.12 18.18
N PRO C 305 17.10 3.04 18.18
CA PRO C 305 16.23 4.01 17.48
C PRO C 305 16.21 5.38 18.15
N ARG C 306 16.79 5.49 19.34
CA ARG C 306 16.82 6.74 20.07
C ARG C 306 17.75 7.74 19.38
N HIS C 307 18.77 7.20 18.72
CA HIS C 307 19.75 8.00 18.00
C HIS C 307 19.24 8.41 16.62
N GLY C 308 18.09 7.87 16.24
CA GLY C 308 17.52 8.17 14.95
C GLY C 308 16.07 8.57 15.06
N ARG C 309 15.31 8.40 13.99
CA ARG C 309 13.89 8.75 14.00
C ARG C 309 13.05 7.55 13.58
N TYR C 310 11.90 7.39 14.22
CA TYR C 310 10.99 6.31 13.91
C TYR C 310 10.21 6.64 12.65
N LEU C 311 10.55 6.01 11.54
CA LEU C 311 9.87 6.26 10.27
C LEU C 311 8.48 5.63 10.27
N THR C 312 8.43 4.37 10.66
CA THR C 312 7.16 3.64 10.71
C THR C 312 7.29 2.47 11.69
N VAL C 313 6.26 2.26 12.49
CA VAL C 313 6.26 1.19 13.48
C VAL C 313 5.01 0.31 13.33
N ALA C 314 5.23 -0.99 13.27
CA ALA C 314 4.15 -1.94 13.17
C ALA C 314 4.03 -2.72 14.47
N ALA C 315 3.02 -2.39 15.25
CA ALA C 315 2.80 -3.04 16.52
C ALA C 315 1.73 -4.12 16.41
N VAL C 316 2.15 -5.37 16.49
CA VAL C 316 1.22 -6.48 16.39
C VAL C 316 0.99 -7.13 17.75
N PHE C 317 -0.18 -6.89 18.30
CA PHE C 317 -0.54 -7.45 19.60
C PHE C 317 -1.28 -8.76 19.40
N ARG C 318 -1.10 -9.69 20.32
CA ARG C 318 -1.78 -10.98 20.24
C ARG C 318 -2.35 -11.42 21.58
N GLY C 319 -3.63 -11.13 21.78
CA GLY C 319 -4.31 -11.47 23.00
C GLY C 319 -5.58 -10.66 23.17
N ARG C 320 -6.40 -11.01 24.15
CA ARG C 320 -7.65 -10.31 24.40
C ARG C 320 -7.42 -8.97 25.09
N MET C 321 -7.65 -7.89 24.36
CA MET C 321 -7.48 -6.53 24.88
C MET C 321 -8.37 -5.57 24.11
N SER C 322 -8.74 -4.46 24.75
CA SER C 322 -9.61 -3.48 24.10
C SER C 322 -8.81 -2.53 23.22
N MET C 323 -9.44 -2.09 22.15
CA MET C 323 -8.80 -1.18 21.19
C MET C 323 -8.43 0.15 21.86
N LYS C 324 -9.23 0.55 22.85
CA LYS C 324 -9.01 1.80 23.56
C LYS C 324 -7.68 1.82 24.32
N GLU C 325 -7.40 0.76 25.07
CA GLU C 325 -6.18 0.71 25.86
C GLU C 325 -4.92 0.58 24.99
N VAL C 326 -5.09 0.02 23.80
CA VAL C 326 -3.97 -0.15 22.88
C VAL C 326 -3.64 1.14 22.14
N ASP C 327 -4.57 1.58 21.31
CA ASP C 327 -4.39 2.78 20.49
C ASP C 327 -4.07 4.03 21.32
N GLU C 328 -4.77 4.19 22.45
CA GLU C 328 -4.56 5.35 23.31
C GLU C 328 -3.13 5.37 23.86
N GLN C 329 -2.61 4.20 24.20
CA GLN C 329 -1.25 4.10 24.74
C GLN C 329 -0.22 4.41 23.68
N MET C 330 -0.49 3.99 22.44
CA MET C 330 0.42 4.24 21.33
C MET C 330 0.53 5.74 21.06
N LEU C 331 -0.60 6.43 21.18
CA LEU C 331 -0.65 7.87 20.97
C LEU C 331 0.26 8.58 21.96
N ASN C 332 0.19 8.14 23.22
CA ASN C 332 1.01 8.72 24.27
C ASN C 332 2.49 8.58 23.94
N VAL C 333 2.85 7.45 23.36
CA VAL C 333 4.24 7.19 22.98
C VAL C 333 4.70 8.15 21.89
N GLN C 334 3.86 8.30 20.87
CA GLN C 334 4.18 9.18 19.74
C GLN C 334 4.24 10.64 20.16
N ASN C 335 3.41 11.03 21.13
CA ASN C 335 3.39 12.39 21.61
C ASN C 335 4.57 12.69 22.54
N LYS C 336 4.90 11.73 23.39
CA LYS C 336 6.00 11.88 24.33
C LYS C 336 7.36 11.80 23.62
N ASN C 337 7.45 10.91 22.64
CA ASN C 337 8.71 10.72 21.91
C ASN C 337 8.63 11.33 20.51
N SER C 338 7.87 12.42 20.40
CA SER C 338 7.69 13.12 19.13
C SER C 338 9.01 13.64 18.57
N SER C 339 9.98 13.87 19.45
CA SER C 339 11.29 14.38 19.07
C SER C 339 11.96 13.52 18.00
N TYR C 340 11.62 12.25 17.97
CA TYR C 340 12.19 11.34 17.00
C TYR C 340 11.15 10.38 16.44
N PHE C 341 9.95 10.89 16.19
CA PHE C 341 8.87 10.06 15.66
C PHE C 341 8.38 10.53 14.29
N VAL C 342 9.16 11.40 13.64
CA VAL C 342 8.81 11.91 12.31
C VAL C 342 7.58 12.82 12.33
N GLU C 343 7.78 14.08 11.97
CA GLU C 343 6.69 15.06 11.96
C GLU C 343 6.00 15.18 10.61
N TRP C 344 6.55 14.54 9.58
CA TRP C 344 5.94 14.61 8.26
C TRP C 344 4.91 13.50 8.03
N ILE C 345 4.61 12.76 9.09
CA ILE C 345 3.64 11.68 9.04
C ILE C 345 2.71 11.78 10.25
N PRO C 346 1.38 11.80 10.02
CA PRO C 346 0.39 11.90 11.10
C PRO C 346 0.54 10.79 12.14
N ASN C 347 0.34 9.56 11.70
CA ASN C 347 0.48 8.40 12.57
C ASN C 347 1.53 7.47 12.01
N ASN C 348 2.57 7.22 12.79
CA ASN C 348 3.65 6.36 12.35
C ASN C 348 3.54 4.96 12.92
N VAL C 349 2.61 4.77 13.86
CA VAL C 349 2.43 3.47 14.47
C VAL C 349 1.15 2.80 14.00
N LYS C 350 1.31 1.78 13.17
CA LYS C 350 0.18 1.04 12.65
C LYS C 350 -0.20 -0.06 13.64
N THR C 351 -1.32 0.10 14.30
CA THR C 351 -1.77 -0.86 15.29
C THR C 351 -2.42 -2.09 14.66
N ALA C 352 -2.29 -3.21 15.35
CA ALA C 352 -2.88 -4.48 14.91
C ALA C 352 -3.07 -5.36 16.14
N VAL C 353 -4.29 -5.80 16.38
CA VAL C 353 -4.59 -6.62 17.54
C VAL C 353 -5.20 -7.96 17.15
N CYS C 354 -4.48 -9.04 17.39
CA CYS C 354 -4.95 -10.38 17.10
C CYS C 354 -5.48 -10.98 18.40
N ASP C 355 -6.35 -11.97 18.29
CA ASP C 355 -6.95 -12.58 19.48
C ASP C 355 -6.38 -13.97 19.77
N ILE C 356 -5.06 -14.12 19.66
CA ILE C 356 -4.43 -15.41 19.92
C ILE C 356 -2.99 -15.27 20.41
N PRO C 357 -2.75 -15.53 21.69
CA PRO C 357 -1.42 -15.47 22.31
C PRO C 357 -0.61 -16.72 21.98
N PRO C 358 0.72 -16.69 22.24
CA PRO C 358 1.61 -17.84 21.98
C PRO C 358 1.45 -18.96 22.99
N ARG C 359 0.28 -19.60 22.95
CA ARG C 359 -0.05 -20.71 23.84
C ARG C 359 0.00 -20.33 25.32
N GLY C 360 1.12 -20.63 25.97
CA GLY C 360 1.28 -20.36 27.39
C GLY C 360 1.60 -18.91 27.70
N LEU C 361 0.70 -18.02 27.30
CA LEU C 361 0.88 -16.60 27.55
C LEU C 361 -0.48 -15.91 27.56
N LYS C 362 -0.61 -14.86 28.35
CA LYS C 362 -1.86 -14.12 28.45
C LYS C 362 -1.90 -12.96 27.46
N MET C 363 -0.89 -12.09 27.55
CA MET C 363 -0.81 -10.93 26.68
C MET C 363 0.56 -10.88 26.01
N SER C 364 0.59 -10.49 24.74
CA SER C 364 1.84 -10.43 24.00
C SER C 364 1.78 -9.41 22.87
N ALA C 365 2.94 -8.86 22.53
CA ALA C 365 3.02 -7.87 21.46
C ALA C 365 4.39 -7.96 20.78
N THR C 366 4.36 -8.08 19.47
CA THR C 366 5.58 -8.16 18.68
C THR C 366 5.94 -6.76 18.18
N PHE C 367 7.23 -6.43 18.23
CA PHE C 367 7.68 -5.12 17.80
C PHE C 367 8.43 -5.17 16.47
N ILE C 368 7.98 -4.34 15.55
CA ILE C 368 8.61 -4.22 14.23
C ILE C 368 8.70 -2.74 13.90
N GLY C 369 9.88 -2.15 13.99
CA GLY C 369 10.01 -0.74 13.72
C GLY C 369 11.08 -0.38 12.72
N ASN C 370 10.73 0.47 11.78
CA ASN C 370 11.66 0.96 10.76
C ASN C 370 12.12 2.34 11.18
N SER C 371 13.38 2.45 11.60
CA SER C 371 13.92 3.71 12.05
C SER C 371 15.18 4.09 11.28
N THR C 372 15.40 5.38 11.12
CA THR C 372 16.57 5.89 10.40
C THR C 372 17.86 5.60 11.16
N ALA C 373 17.72 5.24 12.43
CA ALA C 373 18.86 4.93 13.28
C ALA C 373 19.56 3.66 12.83
N ILE C 374 18.87 2.87 12.01
CA ILE C 374 19.43 1.62 11.51
C ILE C 374 20.60 1.89 10.56
N GLN C 375 20.76 3.16 10.18
CA GLN C 375 21.84 3.55 9.29
C GLN C 375 23.20 3.34 9.95
N GLU C 376 23.22 3.37 11.29
CA GLU C 376 24.44 3.17 12.05
C GLU C 376 24.97 1.76 11.81
N LEU C 377 24.05 0.85 11.54
CA LEU C 377 24.39 -0.54 11.27
C LEU C 377 25.12 -0.63 9.94
N PHE C 378 24.55 -0.01 8.92
CA PHE C 378 25.15 -0.02 7.59
C PHE C 378 26.48 0.72 7.62
N LYS C 379 26.52 1.83 8.36
CA LYS C 379 27.73 2.63 8.50
C LYS C 379 28.86 1.78 9.08
N ARG C 380 28.50 0.88 9.99
CA ARG C 380 29.46 0.00 10.62
C ARG C 380 30.04 -0.99 9.62
N ILE C 381 29.16 -1.62 8.84
CA ILE C 381 29.59 -2.58 7.83
C ILE C 381 30.40 -1.87 6.75
N SER C 382 29.95 -0.68 6.37
CA SER C 382 30.61 0.13 5.37
C SER C 382 32.04 0.45 5.81
N GLU C 383 32.21 0.81 7.07
CA GLU C 383 33.51 1.14 7.62
C GLU C 383 34.40 -0.11 7.64
N GLN C 384 33.84 -1.24 8.05
CA GLN C 384 34.59 -2.50 8.10
C GLN C 384 35.03 -2.91 6.71
N PHE C 385 34.13 -2.81 5.74
CA PHE C 385 34.40 -3.17 4.37
C PHE C 385 35.58 -2.40 3.80
N THR C 386 35.45 -1.08 3.70
CA THR C 386 36.49 -0.22 3.15
C THR C 386 37.84 -0.42 3.86
N ALA C 387 37.80 -0.61 5.18
CA ALA C 387 39.02 -0.80 5.97
C ALA C 387 39.89 -1.93 5.43
N MET C 388 39.24 -3.01 5.00
CA MET C 388 39.98 -4.17 4.47
C MET C 388 39.95 -4.18 2.93
N PHE C 389 39.01 -3.44 2.36
CA PHE C 389 38.87 -3.35 0.91
C PHE C 389 40.02 -2.57 0.30
N ARG C 390 40.38 -1.46 0.95
CA ARG C 390 41.47 -0.62 0.48
C ARG C 390 42.78 -1.39 0.45
N ARG C 391 42.95 -2.31 1.39
CA ARG C 391 44.16 -3.11 1.47
C ARG C 391 44.00 -4.42 0.70
N LYS C 392 42.77 -4.70 0.26
CA LYS C 392 42.46 -5.93 -0.47
C LYS C 392 42.93 -7.15 0.33
N ALA C 393 42.43 -7.25 1.56
CA ALA C 393 42.80 -8.32 2.48
C ALA C 393 42.59 -9.71 1.88
N PHE C 394 41.33 -10.15 1.83
CA PHE C 394 41.01 -11.46 1.31
C PHE C 394 40.25 -11.35 0.00
N LEU C 395 40.62 -10.37 -0.80
CA LEU C 395 39.98 -10.13 -2.09
C LEU C 395 40.25 -11.29 -3.05
N HIS C 396 41.45 -11.86 -2.93
CA HIS C 396 41.88 -12.97 -3.78
C HIS C 396 40.94 -14.18 -3.69
N TRP C 397 40.28 -14.33 -2.54
CA TRP C 397 39.37 -15.44 -2.33
C TRP C 397 38.15 -15.33 -3.23
N TYR C 398 37.80 -14.10 -3.57
CA TYR C 398 36.64 -13.85 -4.41
C TYR C 398 37.03 -13.93 -5.89
N THR C 399 38.17 -13.36 -6.24
CA THR C 399 38.65 -13.39 -7.61
C THR C 399 39.03 -14.81 -8.03
N GLY C 400 39.44 -15.61 -7.04
CA GLY C 400 39.81 -16.99 -7.31
C GLY C 400 38.63 -17.81 -7.79
N GLU C 401 37.47 -17.52 -7.24
CA GLU C 401 36.25 -18.23 -7.62
C GLU C 401 35.68 -17.62 -8.89
N GLY C 402 35.45 -16.32 -8.86
CA GLY C 402 34.90 -15.62 -10.00
C GLY C 402 34.18 -14.37 -9.59
N MET C 403 34.91 -13.26 -9.54
CA MET C 403 34.33 -11.98 -9.14
C MET C 403 35.10 -10.84 -9.80
N ASP C 404 34.38 -9.76 -10.13
CA ASP C 404 34.84 -8.56 -10.76
C ASP C 404 35.44 -7.65 -9.71
N GLU C 405 36.60 -6.96 -9.99
CA GLU C 405 37.15 -5.98 -9.08
C GLU C 405 36.17 -4.82 -8.83
N MET C 406 35.43 -4.46 -9.87
CA MET C 406 34.47 -3.36 -9.76
C MET C 406 33.19 -3.80 -9.05
N GLU C 407 32.92 -5.12 -9.03
CA GLU C 407 31.75 -5.67 -8.42
C GLU C 407 31.77 -5.29 -6.96
N PHE C 408 32.96 -5.24 -6.35
CA PHE C 408 33.12 -4.92 -4.93
C PHE C 408 32.59 -3.52 -4.67
N THR C 409 32.95 -2.58 -5.54
CA THR C 409 32.52 -1.20 -5.42
C THR C 409 31.02 -1.06 -5.70
N GLU C 410 30.50 -1.87 -6.62
CA GLU C 410 29.08 -1.85 -6.98
C GLU C 410 28.23 -1.98 -5.72
N ALA C 411 28.57 -2.96 -4.89
CA ALA C 411 27.84 -3.21 -3.66
C ALA C 411 28.10 -2.11 -2.63
N GLU C 412 29.34 -1.65 -2.56
CA GLU C 412 29.72 -0.60 -1.61
C GLU C 412 28.99 0.70 -1.89
N SER C 413 29.01 1.13 -3.15
CA SER C 413 28.35 2.38 -3.55
C SER C 413 26.85 2.33 -3.24
N ASN C 414 26.25 1.17 -3.48
CA ASN C 414 24.82 0.98 -3.24
C ASN C 414 24.50 1.03 -1.75
N MET C 415 25.27 0.31 -0.95
CA MET C 415 25.05 0.31 0.50
C MET C 415 25.22 1.71 1.06
N ASN C 416 26.24 2.41 0.59
CA ASN C 416 26.52 3.77 1.04
C ASN C 416 25.40 4.72 0.64
N ASP C 417 24.85 4.51 -0.57
CA ASP C 417 23.76 5.34 -1.07
C ASP C 417 22.49 5.13 -0.24
N LEU C 418 22.31 3.92 0.27
CA LEU C 418 21.17 3.59 1.09
C LEU C 418 21.23 4.36 2.41
N VAL C 419 22.43 4.45 2.98
CA VAL C 419 22.64 5.17 4.22
C VAL C 419 22.31 6.64 4.04
N SER C 420 22.68 7.17 2.88
CA SER C 420 22.42 8.55 2.54
C SER C 420 20.92 8.82 2.53
N GLU C 421 20.19 8.00 1.77
CA GLU C 421 18.73 8.13 1.66
C GLU C 421 18.10 8.21 3.05
N TYR C 422 18.50 7.29 3.92
CA TYR C 422 18.00 7.24 5.28
C TYR C 422 18.30 8.53 6.05
N GLN C 423 19.56 8.94 6.05
CA GLN C 423 19.98 10.15 6.77
C GLN C 423 19.29 11.40 6.24
N GLN C 424 19.03 11.45 4.93
CA GLN C 424 18.40 12.63 4.40
C GLN C 424 17.07 12.79 5.08
N TYR C 425 16.31 11.68 5.23
CA TYR C 425 14.95 11.74 5.78
C TYR C 425 14.97 11.79 7.30
N GLN C 426 16.13 11.49 7.88
CA GLN C 426 16.28 11.51 9.33
C GLN C 426 16.26 12.94 9.82
N ASP C 427 16.94 13.82 9.10
CA ASP C 427 17.00 15.23 9.46
C ASP C 427 15.92 16.02 8.74
PG GTP D . -8.65 -3.55 4.40
O1G GTP D . -8.47 -3.97 2.93
O2G GTP D . -8.40 -4.70 5.35
O3G GTP D . -7.64 -2.42 4.58
O3B GTP D . -10.19 -3.07 4.78
PB GTP D . -10.72 -2.58 6.26
O1B GTP D . -11.36 -1.22 6.03
O2B GTP D . -11.51 -3.63 6.89
O3A GTP D . -9.45 -2.24 7.03
PA GTP D . -9.09 -1.98 8.50
O1A GTP D . -9.62 -3.03 9.39
O2A GTP D . -7.62 -1.75 8.56
O5' GTP D . -9.81 -0.53 8.80
C5' GTP D . -9.61 -0.09 10.14
C4' GTP D . -10.22 1.23 10.49
O4' GTP D . -11.58 1.04 10.95
C3' GTP D . -9.46 1.81 11.66
O3' GTP D . -9.58 3.21 11.67
C2' GTP D . -10.14 1.14 12.84
O2' GTP D . -10.01 1.96 14.01
C1' GTP D . -11.60 1.01 12.38
N9 GTP D . -12.30 -0.23 12.79
C8 GTP D . -11.91 -1.51 12.51
N7 GTP D . -12.73 -2.41 13.01
C5 GTP D . -13.69 -1.68 13.67
C6 GTP D . -14.80 -2.11 14.39
O6 GTP D . -15.15 -3.26 14.58
N1 GTP D . -15.56 -1.03 14.92
C2 GTP D . -15.26 0.30 14.75
N2 GTP D . -16.06 1.15 15.32
N3 GTP D . -14.19 0.71 14.08
C4 GTP D . -13.45 -0.31 13.55
MG MG E . -9.87 -6.30 6.48
PB GDP F . 27.20 -20.26 5.76
O1B GDP F . 26.13 -19.81 4.85
O2B GDP F . 26.90 -21.33 6.59
O3B GDP F . 28.56 -20.45 4.88
O3A GDP F . 27.45 -19.05 6.75
PA GDP F . 27.38 -18.99 8.42
O1A GDP F . 25.96 -19.22 8.84
O2A GDP F . 28.38 -20.01 8.92
O5' GDP F . 27.73 -17.50 8.69
C5' GDP F . 28.30 -17.08 9.96
C4' GDP F . 27.55 -16.06 10.66
O4' GDP F . 26.22 -16.62 11.02
C3' GDP F . 28.10 -15.65 12.07
O3' GDP F . 27.87 -14.20 12.19
C2' GDP F . 27.27 -16.35 13.17
O2' GDP F . 27.06 -15.70 14.43
C1' GDP F . 25.93 -16.60 12.48
N9 GDP F . 25.27 -17.86 12.83
C8 GDP F . 25.86 -19.15 12.33
N7 GDP F . 24.86 -19.93 12.94
C5 GDP F . 23.90 -19.37 13.64
C6 GDP F . 22.74 -19.59 14.43
O6 GDP F . 22.35 -20.87 14.57
N1 GDP F . 22.00 -18.61 15.00
C2 GDP F . 22.44 -17.20 14.82
N2 GDP F . 21.59 -16.43 15.47
N3 GDP F . 23.48 -16.94 14.15
C4 GDP F . 24.17 -17.94 13.57
O01 TA1 G . 10.48 -21.08 27.63
C01 TA1 G . 9.34 -20.21 27.78
C02 TA1 G . 9.91 -18.76 28.23
O02 TA1 G . 10.80 -18.42 27.09
C03 TA1 G . 12.20 -18.46 27.31
O03 TA1 G . 12.71 -18.72 28.37
C04 TA1 G . 12.95 -18.12 26.13
C05 TA1 G . 14.04 -19.07 25.89
C06 TA1 G . 14.87 -18.79 24.67
C07 TA1 G . 14.60 -17.67 23.84
C08 TA1 G . 13.64 -16.92 24.15
C09 TA1 G . 12.76 -17.05 25.25
C10 TA1 G . 8.87 -17.54 28.42
C11 TA1 G . 9.36 -16.15 27.77
O04 TA1 G . 9.48 -16.23 26.29
C12 TA1 G . 8.39 -16.39 25.47
O05 TA1 G . 7.26 -16.47 25.83
C13 TA1 G . 8.86 -16.43 24.03
C14 TA1 G . 10.72 -15.53 28.18
O06 TA1 G . 10.12 -14.29 28.62
C15 TA1 G . 8.81 -14.77 28.27
C16 TA1 G . 7.83 -14.76 29.50
C17 TA1 G . 7.26 -16.13 29.84
O07 TA1 G . 6.41 -16.02 31.01
C18 TA1 G . 8.38 -17.26 30.02
C19 TA1 G . 9.51 -16.72 30.94
C20 TA1 G . 7.78 -18.51 30.86
O08 TA1 G . 8.24 -18.75 31.96
C21 TA1 G . 6.66 -19.40 30.31
O09 TA1 G . 6.37 -20.45 31.32
C22 TA1 G . 5.16 -20.46 32.00
O10 TA1 G . 4.29 -19.66 31.84
C23 TA1 G . 5.12 -21.60 32.98
C24 TA1 G . 7.07 -20.02 28.96
C25 TA1 G . 6.36 -19.68 27.82
C26 TA1 G . 6.94 -20.21 26.48
O11 TA1 G . 6.40 -19.55 25.28
C27 TA1 G . 5.37 -20.11 24.67
O12 TA1 G . 4.80 -21.11 24.99
C28 TA1 G . 4.96 -19.28 23.42
O13 TA1 G . 3.89 -19.94 22.79
C29 TA1 G . 6.21 -19.16 22.51
N01 TA1 G . 6.72 -20.51 22.29
C30 TA1 G . 8.02 -20.77 22.01
O14 TA1 G . 8.87 -19.90 21.90
C31 TA1 G . 8.33 -22.22 21.88
C32 TA1 G . 7.74 -23.06 20.93
C33 TA1 G . 8.06 -24.44 20.86
C34 TA1 G . 9.01 -24.97 21.79
C35 TA1 G . 9.59 -24.15 22.73
C36 TA1 G . 9.27 -22.80 22.80
C37 TA1 G . 5.88 -18.38 21.20
C38 TA1 G . 6.09 -17.00 21.19
C39 TA1 G . 5.79 -16.24 20.04
C40 TA1 G . 5.29 -16.87 18.89
C41 TA1 G . 5.09 -18.24 18.89
C42 TA1 G . 5.38 -19.01 20.06
C43 TA1 G . 8.51 -20.03 26.42
C44 TA1 G . 5.15 -18.76 27.74
C45 TA1 G . 8.35 -20.97 28.88
C46 TA1 G . 7.90 -22.43 28.42
C47 TA1 G . 9.15 -21.27 30.18
N SER A 41 23.97 24.03 -15.29
CA SER A 41 23.57 23.34 -16.47
C SER A 41 22.24 23.90 -16.78
N GLU A 42 21.59 23.32 -17.80
CA GLU A 42 20.28 23.69 -18.28
C GLU A 42 19.30 22.83 -17.55
N LYS A 43 18.01 23.24 -17.58
CA LYS A 43 16.91 22.54 -16.98
C LYS A 43 16.38 21.59 -18.01
N VAL A 44 15.65 20.53 -17.57
CA VAL A 44 15.05 19.58 -18.49
C VAL A 44 14.07 20.37 -19.33
N LYS A 45 14.27 20.39 -20.67
CA LYS A 45 13.42 21.29 -21.42
C LYS A 45 12.30 20.48 -22.04
N VAL A 46 11.08 20.84 -21.73
CA VAL A 46 9.92 20.11 -22.22
C VAL A 46 9.23 20.85 -23.36
N TYR A 47 9.03 20.14 -24.45
CA TYR A 47 8.38 20.68 -25.63
C TYR A 47 7.09 19.92 -25.86
N LEU A 48 6.02 20.64 -26.10
CA LEU A 48 4.74 20.00 -26.33
C LEU A 48 4.47 19.96 -27.82
N ARG A 49 4.02 18.82 -28.29
CA ARG A 49 3.73 18.65 -29.69
C ARG A 49 2.27 18.36 -29.88
N ILE A 50 1.63 19.15 -30.71
CA ILE A 50 0.23 18.97 -31.02
C ILE A 50 0.13 18.35 -32.40
N ARG A 51 -0.46 17.18 -32.45
CA ARG A 51 -0.65 16.45 -33.68
C ARG A 51 -1.34 17.32 -34.72
N PRO A 52 -0.84 17.32 -35.97
CA PRO A 52 -1.45 18.09 -37.05
C PRO A 52 -2.89 17.63 -37.25
N PHE A 53 -3.79 18.59 -37.40
CA PHE A 53 -5.22 18.33 -37.53
C PHE A 53 -5.55 17.18 -38.51
N LEU A 54 -5.84 16.02 -37.94
CA LEU A 54 -6.15 14.84 -38.72
C LEU A 54 -7.66 14.68 -38.90
N THR A 55 -8.04 14.08 -40.00
CA THR A 55 -9.45 13.86 -40.31
C THR A 55 -10.07 12.91 -39.28
N SER A 56 -9.31 11.89 -38.92
CA SER A 56 -9.75 10.89 -37.96
C SER A 56 -10.06 11.50 -36.60
N GLU A 57 -9.34 12.57 -36.26
CA GLU A 57 -9.54 13.25 -34.99
C GLU A 57 -10.87 14.01 -34.98
N LEU A 58 -11.05 14.86 -35.99
CA LEU A 58 -12.26 15.67 -36.11
C LEU A 58 -13.48 14.79 -36.38
N ASP A 59 -13.26 13.66 -37.02
CA ASP A 59 -14.34 12.73 -37.33
C ASP A 59 -14.75 11.95 -36.09
N ARG A 60 -13.79 11.72 -35.21
CA ARG A 60 -14.02 11.00 -33.96
C ARG A 60 -15.07 11.74 -33.13
N GLN A 61 -14.80 13.01 -32.88
CA GLN A 61 -15.71 13.85 -32.12
C GLN A 61 -15.38 15.31 -32.38
N GLU A 62 -16.06 16.21 -31.69
CA GLU A 62 -15.84 17.63 -31.87
C GLU A 62 -14.49 18.05 -31.29
N ASP A 63 -13.49 18.12 -32.16
CA ASP A 63 -12.14 18.53 -31.78
C ASP A 63 -12.17 19.98 -31.36
N GLN A 64 -12.81 20.79 -32.20
CA GLN A 64 -12.94 22.23 -31.98
C GLN A 64 -11.65 22.89 -31.46
N GLY A 65 -11.80 23.75 -30.48
CA GLY A 65 -10.66 24.42 -29.91
C GLY A 65 -10.31 23.91 -28.52
N CYS A 66 -10.33 22.59 -28.33
CA CYS A 66 -10.01 22.01 -27.03
C CYS A 66 -8.66 22.53 -26.54
N VAL A 67 -7.62 22.30 -27.33
CA VAL A 67 -6.31 22.80 -27.01
C VAL A 67 -6.12 24.11 -27.77
N CYS A 68 -5.80 25.17 -27.07
CA CYS A 68 -5.61 26.47 -27.70
C CYS A 68 -4.15 26.83 -27.76
N ILE A 69 -3.79 27.61 -28.76
CA ILE A 69 -2.40 28.02 -28.96
C ILE A 69 -2.26 29.53 -28.75
N GLU A 70 -1.77 29.89 -27.57
CA GLU A 70 -1.55 31.28 -27.20
C GLU A 70 -0.06 31.45 -26.97
N ASN A 71 0.67 31.72 -28.04
CA ASN A 71 2.13 31.84 -28.02
C ASN A 71 2.78 30.46 -28.02
N THR A 72 4.08 30.42 -28.24
CA THR A 72 4.81 29.16 -28.27
C THR A 72 5.18 28.67 -26.86
N GLU A 73 5.29 29.60 -25.92
CA GLU A 73 5.66 29.26 -24.55
C GLU A 73 4.52 28.64 -23.74
N THR A 74 3.34 29.24 -23.79
CA THR A 74 2.22 28.75 -23.02
C THR A 74 1.04 28.34 -23.91
N LEU A 75 0.19 27.48 -23.37
CA LEU A 75 -0.98 27.01 -24.08
C LEU A 75 -2.21 27.15 -23.18
N VAL A 76 -3.31 27.55 -23.76
CA VAL A 76 -4.55 27.70 -23.02
C VAL A 76 -5.42 26.47 -23.24
N LEU A 77 -5.99 25.94 -22.17
CA LEU A 77 -6.82 24.76 -22.28
C LEU A 77 -8.29 25.08 -22.09
N GLN A 78 -9.06 24.74 -23.11
CA GLN A 78 -10.49 24.91 -23.11
C GLN A 78 -11.04 23.59 -23.59
N ALA A 79 -11.05 22.61 -22.70
CA ALA A 79 -11.45 21.27 -23.04
C ALA A 79 -12.91 21.01 -22.77
N PRO A 80 -13.67 20.81 -23.86
CA PRO A 80 -15.08 20.50 -23.80
C PRO A 80 -15.25 19.01 -23.50
N GLN A 95 -16.69 22.38 -19.62
CA GLN A 95 -15.51 23.23 -19.75
C GLN A 95 -14.46 22.94 -18.69
N ALA A 96 -13.22 22.88 -19.12
CA ALA A 96 -12.10 22.64 -18.24
C ALA A 96 -11.05 23.70 -18.53
N THR A 97 -10.61 24.39 -17.49
CA THR A 97 -9.64 25.45 -17.66
C THR A 97 -8.29 25.07 -17.07
N HIS A 98 -7.24 25.27 -17.85
CA HIS A 98 -5.89 24.97 -17.43
C HIS A 98 -4.89 25.70 -18.31
N LYS A 99 -3.73 26.01 -17.76
CA LYS A 99 -2.69 26.71 -18.50
C LYS A 99 -1.46 25.83 -18.57
N PHE A 100 -1.01 25.50 -19.77
CA PHE A 100 0.14 24.65 -19.95
C PHE A 100 1.39 25.44 -20.32
N THR A 101 2.39 25.40 -19.44
CA THR A 101 3.63 26.12 -19.66
C THR A 101 4.74 25.14 -20.05
N PHE A 102 5.32 25.35 -21.22
CA PHE A 102 6.38 24.49 -21.72
C PHE A 102 7.53 25.34 -22.26
N SER A 103 8.61 24.71 -22.65
CA SER A 103 9.75 25.43 -23.21
C SER A 103 9.40 25.99 -24.58
N GLN A 104 8.83 25.13 -25.43
CA GLN A 104 8.42 25.50 -26.77
C GLN A 104 7.34 24.52 -27.26
N ILE A 105 6.22 25.04 -27.75
CA ILE A 105 5.16 24.19 -28.26
C ILE A 105 5.18 24.18 -29.79
N PHE A 106 4.97 23.01 -30.37
CA PHE A 106 4.98 22.86 -31.82
C PHE A 106 3.72 22.16 -32.30
N GLY A 107 3.20 22.61 -33.43
CA GLY A 107 1.99 22.05 -33.97
C GLY A 107 0.77 22.84 -33.52
N PRO A 108 -0.41 22.57 -34.09
CA PRO A 108 -0.60 21.55 -35.13
C PRO A 108 -0.12 22.03 -36.50
N GLU A 109 0.14 23.32 -36.63
CA GLU A 109 0.61 23.88 -37.89
C GLU A 109 2.04 23.43 -38.16
N VAL A 110 2.89 23.57 -37.14
CA VAL A 110 4.29 23.18 -37.25
C VAL A 110 4.45 21.67 -37.46
N GLY A 111 5.10 21.30 -38.55
CA GLY A 111 5.31 19.90 -38.86
C GLY A 111 6.48 19.32 -38.10
N GLN A 112 6.92 18.14 -38.50
CA GLN A 112 8.04 17.48 -37.83
C GLN A 112 9.36 18.13 -38.21
N VAL A 113 9.54 18.38 -39.50
CA VAL A 113 10.77 18.99 -40.00
C VAL A 113 11.11 20.27 -39.25
N ALA A 114 10.12 21.14 -39.11
CA ALA A 114 10.31 22.41 -38.40
C ALA A 114 10.63 22.18 -36.93
N PHE A 115 10.06 21.13 -36.36
CA PHE A 115 10.29 20.78 -34.96
C PHE A 115 11.71 20.25 -34.79
N PHE A 116 12.12 19.43 -35.73
CA PHE A 116 13.45 18.85 -35.72
C PHE A 116 14.51 19.93 -35.93
N ASN A 117 14.27 20.78 -36.93
CA ASN A 117 15.21 21.86 -37.26
C ASN A 117 15.52 22.76 -36.08
N LEU A 118 14.57 22.89 -35.18
CA LEU A 118 14.74 23.72 -34.00
C LEU A 118 15.77 23.14 -33.02
N THR A 119 15.35 22.16 -32.24
CA THR A 119 16.22 21.56 -31.23
C THR A 119 17.09 20.42 -31.75
N MET A 120 16.48 19.43 -32.38
CA MET A 120 17.20 18.26 -32.87
C MET A 120 18.36 18.57 -33.82
N LYS A 121 18.15 19.52 -34.73
CA LYS A 121 19.20 19.89 -35.68
C LYS A 121 20.47 20.30 -34.93
N GLU A 122 20.29 21.08 -33.87
CA GLU A 122 21.40 21.54 -33.05
C GLU A 122 21.92 20.39 -32.18
N MET A 123 20.99 19.57 -31.72
CA MET A 123 21.31 18.42 -30.86
C MET A 123 22.32 17.50 -31.54
N VAL A 124 22.05 17.15 -32.80
CA VAL A 124 22.93 16.29 -33.57
C VAL A 124 24.35 16.84 -33.60
N LYS A 125 24.45 18.14 -33.89
CA LYS A 125 25.74 18.81 -33.96
C LYS A 125 26.46 18.74 -32.61
N ASP A 126 25.71 18.88 -31.53
CA ASP A 126 26.26 18.83 -30.18
C ASP A 126 26.78 17.44 -29.86
N VAL A 127 26.01 16.43 -30.21
CA VAL A 127 26.39 15.04 -29.96
C VAL A 127 27.65 14.69 -30.75
N LEU A 128 27.70 15.11 -32.01
CA LEU A 128 28.85 14.84 -32.87
C LEU A 128 30.12 15.43 -32.26
N LYS A 129 29.95 16.49 -31.48
CA LYS A 129 31.06 17.16 -30.81
C LYS A 129 31.60 16.30 -29.66
N GLY A 130 30.79 15.35 -29.21
CA GLY A 130 31.19 14.50 -28.11
C GLY A 130 30.31 14.68 -26.88
N GLN A 131 29.24 15.43 -27.03
CA GLN A 131 28.32 15.67 -25.92
C GLN A 131 27.28 14.55 -25.81
N ASN A 132 26.73 14.37 -24.61
CA ASN A 132 25.71 13.35 -24.38
C ASN A 132 24.33 13.99 -24.46
N TRP A 133 23.45 13.41 -25.25
CA TRP A 133 22.11 13.95 -25.38
C TRP A 133 21.05 12.86 -25.35
N LEU A 134 19.97 13.11 -24.63
CA LEU A 134 18.88 12.16 -24.52
C LEU A 134 17.57 12.80 -24.98
N ILE A 135 16.85 12.10 -25.83
CA ILE A 135 15.58 12.59 -26.31
C ILE A 135 14.44 11.73 -25.76
N TYR A 136 13.45 12.38 -25.20
CA TYR A 136 12.31 11.71 -24.60
C TYR A 136 11.09 11.91 -25.48
N THR A 137 10.43 10.81 -25.81
CA THR A 137 9.23 10.85 -26.64
C THR A 137 8.09 10.10 -25.94
N TYR A 138 7.05 10.85 -25.58
CA TYR A 138 5.91 10.27 -24.89
C TYR A 138 4.61 10.55 -25.65
N GLY A 139 3.67 9.63 -25.52
CA GLY A 139 2.38 9.77 -26.16
C GLY A 139 1.56 8.52 -25.92
N VAL A 140 0.25 8.66 -25.87
CA VAL A 140 -0.62 7.51 -25.65
C VAL A 140 -1.14 7.00 -27.00
N THR A 141 -2.28 6.37 -27.01
CA THR A 141 -2.86 5.84 -28.24
C THR A 141 -3.37 6.92 -29.22
N ASN A 142 -2.92 6.82 -30.48
CA ASN A 142 -3.36 7.73 -31.56
C ASN A 142 -2.85 9.16 -31.38
N SER A 143 -1.94 9.37 -30.45
CA SER A 143 -1.40 10.71 -30.23
C SER A 143 -0.57 11.16 -31.43
N GLY A 144 -0.10 10.19 -32.21
CA GLY A 144 0.69 10.52 -33.39
C GLY A 144 2.18 10.45 -33.12
N LYS A 145 2.56 9.58 -32.19
CA LYS A 145 3.96 9.43 -31.82
C LYS A 145 4.79 8.93 -33.00
N THR A 146 4.25 7.96 -33.74
CA THR A 146 4.94 7.38 -34.88
C THR A 146 5.31 8.44 -35.92
N TYR A 147 4.42 9.39 -36.17
CA TYR A 147 4.67 10.45 -37.14
C TYR A 147 5.72 11.43 -36.64
N THR A 148 5.71 11.69 -35.34
CA THR A 148 6.66 12.62 -34.75
C THR A 148 8.07 12.03 -34.62
N ILE A 149 8.17 10.81 -34.11
CA ILE A 149 9.49 10.19 -33.93
C ILE A 149 10.04 9.55 -35.21
N GLN A 150 9.28 8.64 -35.80
CA GLN A 150 9.70 7.94 -36.99
C GLN A 150 9.43 8.77 -38.24
N GLY A 151 8.24 9.34 -38.29
CA GLY A 151 7.84 10.13 -39.43
C GLY A 151 7.17 9.28 -40.48
N THR A 152 6.86 9.87 -41.62
CA THR A 152 6.22 9.15 -42.69
C THR A 152 7.24 8.79 -43.76
N SER A 153 6.75 8.26 -44.87
CA SER A 153 7.63 7.88 -45.97
C SER A 153 8.20 9.13 -46.64
N LYS A 154 7.33 10.07 -46.96
CA LYS A 154 7.73 11.32 -47.60
C LYS A 154 8.41 12.26 -46.61
N ASP A 155 7.71 12.52 -45.50
CA ASP A 155 8.24 13.42 -44.47
C ASP A 155 8.94 12.62 -43.38
N ALA A 156 10.26 12.63 -43.44
CA ALA A 156 11.07 11.92 -42.46
C ALA A 156 10.97 12.56 -41.09
N GLY A 157 10.83 11.72 -40.06
CA GLY A 157 10.72 12.22 -38.71
C GLY A 157 12.06 12.59 -38.12
N ILE A 158 12.10 12.77 -36.80
CA ILE A 158 13.32 13.14 -36.10
C ILE A 158 14.43 12.11 -36.31
N LEU A 159 14.08 10.84 -36.20
CA LEU A 159 15.05 9.76 -36.36
C LEU A 159 15.76 9.79 -37.72
N PRO A 160 15.03 9.62 -38.84
CA PRO A 160 15.64 9.61 -40.18
C PRO A 160 16.36 10.92 -40.51
N GLN A 161 15.80 12.03 -40.07
CA GLN A 161 16.39 13.33 -40.34
C GLN A 161 17.68 13.51 -39.54
N SER A 162 17.69 12.96 -38.33
CA SER A 162 18.88 13.03 -37.47
C SER A 162 20.01 12.24 -38.10
N LEU A 163 19.66 11.08 -38.64
CA LEU A 163 20.62 10.20 -39.30
C LEU A 163 21.32 10.95 -40.44
N ALA A 164 20.53 11.73 -41.18
CA ALA A 164 21.05 12.51 -42.30
C ALA A 164 22.11 13.50 -41.81
N LEU A 165 21.87 14.11 -40.66
CA LEU A 165 22.82 15.07 -40.10
C LEU A 165 24.03 14.34 -39.53
N ILE A 166 23.80 13.17 -38.95
CA ILE A 166 24.88 12.36 -38.38
C ILE A 166 25.90 12.05 -39.47
N PHE A 167 25.41 11.54 -40.59
CA PHE A 167 26.28 11.18 -41.72
C PHE A 167 26.83 12.41 -42.42
N ASN A 168 26.21 13.56 -42.17
CA ASN A 168 26.64 14.81 -42.80
C ASN A 168 27.96 15.30 -42.22
N SER A 169 28.20 14.96 -40.94
CA SER A 169 29.43 15.35 -40.28
C SER A 169 30.62 14.58 -40.86
N LEU A 170 30.29 13.50 -41.57
CA LEU A 170 31.29 12.65 -42.16
C LEU A 170 31.88 13.21 -43.45
N ILE A 276 39.87 7.38 -40.90
CA ILE A 276 40.17 8.16 -39.70
C ILE A 276 39.15 7.75 -38.64
N ARG A 277 39.44 8.04 -37.39
CA ARG A 277 38.59 7.65 -36.27
C ARG A 277 37.17 8.20 -36.32
N PHE A 278 36.29 7.46 -36.99
CA PHE A 278 34.89 7.79 -37.03
C PHE A 278 34.07 6.51 -37.02
N SER A 279 33.74 6.05 -35.83
CA SER A 279 32.97 4.82 -35.68
C SER A 279 31.61 5.11 -35.07
N VAL A 280 30.57 4.68 -35.75
CA VAL A 280 29.21 4.90 -35.29
C VAL A 280 28.61 3.60 -34.74
N TRP A 281 28.40 3.55 -33.43
CA TRP A 281 27.84 2.39 -32.81
C TRP A 281 26.41 2.67 -32.40
N ILE A 282 25.49 1.90 -32.93
CA ILE A 282 24.09 2.07 -32.61
C ILE A 282 23.53 0.81 -31.98
N SER A 283 22.91 0.98 -30.83
CA SER A 283 22.32 -0.14 -30.10
C SER A 283 20.84 0.13 -29.90
N PHE A 284 20.05 -0.92 -29.83
CA PHE A 284 18.62 -0.81 -29.66
C PHE A 284 18.12 -1.92 -28.74
N PHE A 285 17.54 -1.53 -27.61
CA PHE A 285 17.02 -2.50 -26.66
C PHE A 285 15.71 -2.03 -26.05
N GLU A 286 14.86 -2.98 -25.70
CA GLU A 286 13.56 -2.69 -25.11
C GLU A 286 13.47 -3.31 -23.73
N ILE A 287 12.64 -2.72 -22.87
CA ILE A 287 12.49 -3.22 -21.50
C ILE A 287 11.11 -3.84 -21.29
N TYR A 288 11.09 -5.03 -20.74
CA TYR A 288 9.85 -5.73 -20.45
C TYR A 288 9.97 -6.45 -19.11
N ASN A 289 9.10 -6.07 -18.17
CA ASN A 289 9.08 -6.67 -16.84
C ASN A 289 10.41 -6.50 -16.11
N GLU A 290 10.94 -5.28 -16.13
CA GLU A 290 12.21 -4.94 -15.48
C GLU A 290 13.41 -5.68 -16.09
N LEU A 291 13.20 -6.31 -17.23
CA LEU A 291 14.26 -7.04 -17.90
C LEU A 291 14.44 -6.48 -19.31
N LEU A 292 15.67 -6.19 -19.66
CA LEU A 292 15.97 -5.63 -20.97
C LEU A 292 16.36 -6.73 -21.96
N TYR A 293 16.02 -6.51 -23.21
CA TYR A 293 16.34 -7.44 -24.28
C TYR A 293 16.97 -6.66 -25.43
N ASP A 294 18.09 -7.14 -25.91
CA ASP A 294 18.80 -6.49 -27.01
C ASP A 294 18.14 -6.76 -28.35
N LEU A 295 17.60 -5.71 -28.96
CA LEU A 295 16.94 -5.80 -30.26
C LEU A 295 17.90 -5.61 -31.44
N LEU A 296 19.20 -5.55 -31.17
CA LEU A 296 20.18 -5.35 -32.22
C LEU A 296 20.41 -6.60 -33.06
N GLU A 297 19.37 -6.92 -33.91
CA GLU A 297 19.09 -8.24 -34.51
C GLU A 297 17.79 -9.01 -33.96
N PRO A 298 18.10 -9.96 -33.05
CA PRO A 298 17.41 -11.20 -32.77
C PRO A 298 15.93 -11.29 -32.81
N PRO A 299 15.53 -12.10 -33.78
CA PRO A 299 14.14 -12.31 -34.10
C PRO A 299 13.33 -13.15 -33.18
N SER A 300 12.02 -12.85 -33.17
CA SER A 300 11.06 -13.52 -32.35
C SER A 300 10.85 -14.89 -32.89
N HIS A 301 10.57 -15.83 -31.97
CA HIS A 301 10.27 -17.19 -32.30
C HIS A 301 8.73 -17.22 -32.38
N THR A 307 19.64 -12.16 -20.20
CA THR A 307 19.40 -11.18 -19.17
C THR A 307 20.55 -10.25 -19.21
N LEU A 308 20.25 -8.94 -19.19
CA LEU A 308 21.25 -7.91 -19.24
C LEU A 308 21.36 -7.41 -17.85
N ARG A 309 22.54 -6.89 -17.49
CA ARG A 309 22.76 -6.31 -16.20
C ARG A 309 23.44 -4.99 -16.37
N LEU A 310 23.15 -4.05 -15.45
CA LEU A 310 23.75 -2.75 -15.51
C LEU A 310 24.94 -2.76 -14.61
N CYS A 311 26.17 -2.69 -15.14
CA CYS A 311 27.18 -2.58 -14.14
C CYS A 311 27.66 -1.17 -14.12
N GLU A 312 28.21 -0.75 -12.97
CA GLU A 312 28.64 0.60 -12.80
C GLU A 312 30.14 0.66 -12.93
N ASP A 313 30.62 1.65 -13.71
CA ASP A 313 32.03 1.90 -14.02
C ASP A 313 32.68 2.71 -12.92
N GLN A 314 34.00 2.90 -12.99
CA GLN A 314 34.71 3.69 -12.00
C GLN A 314 34.24 5.14 -12.07
N ASN A 315 33.65 5.48 -13.22
CA ASN A 315 33.13 6.83 -13.46
C ASN A 315 31.93 7.11 -12.56
N GLY A 316 31.24 6.06 -12.17
CA GLY A 316 30.07 6.20 -11.33
C GLY A 316 28.80 5.83 -12.07
N ASN A 317 28.78 6.11 -13.36
CA ASN A 317 27.62 5.80 -14.20
C ASN A 317 27.60 4.34 -14.62
N PRO A 318 26.39 3.75 -14.74
CA PRO A 318 26.21 2.36 -15.13
C PRO A 318 26.17 2.20 -16.66
N TYR A 319 26.52 1.01 -17.12
CA TYR A 319 26.50 0.68 -18.53
C TYR A 319 25.72 -0.61 -18.73
N VAL A 320 25.11 -0.78 -19.89
CA VAL A 320 24.35 -1.99 -20.16
C VAL A 320 25.31 -3.08 -20.65
N LYS A 321 25.35 -4.17 -19.92
CA LYS A 321 26.23 -5.28 -20.26
C LYS A 321 25.52 -6.25 -21.19
N ASP A 322 26.32 -6.97 -21.98
CA ASP A 322 25.83 -7.96 -22.94
C ASP A 322 25.10 -7.34 -24.12
N LEU A 323 25.29 -6.05 -24.32
CA LEU A 323 24.67 -5.35 -25.45
C LEU A 323 25.40 -5.71 -26.74
N ASN A 324 24.71 -5.60 -27.86
CA ASN A 324 25.33 -5.90 -29.15
C ASN A 324 26.08 -4.68 -29.69
N TRP A 325 27.08 -4.94 -30.52
CA TRP A 325 27.87 -3.86 -31.09
C TRP A 325 27.88 -3.94 -32.60
N ILE A 326 27.15 -3.04 -33.25
CA ILE A 326 27.10 -3.02 -34.71
C ILE A 326 27.54 -1.66 -35.25
N HIS A 327 28.38 -1.68 -36.27
CA HIS A 327 28.85 -0.46 -36.88
C HIS A 327 27.88 0.00 -37.96
N VAL A 328 27.61 1.30 -37.99
CA VAL A 328 26.70 1.86 -38.96
C VAL A 328 27.45 2.76 -39.95
N ARG A 329 27.72 2.21 -41.12
CA ARG A 329 28.44 2.92 -42.16
C ARG A 329 27.51 3.81 -42.98
N ASP A 330 26.29 3.36 -43.22
CA ASP A 330 25.33 4.12 -44.00
C ASP A 330 24.07 4.45 -43.23
N VAL A 331 23.37 5.49 -43.68
CA VAL A 331 22.14 5.93 -43.05
C VAL A 331 21.07 4.84 -43.12
N GLU A 332 21.02 4.16 -44.26
CA GLU A 332 20.05 3.10 -44.46
C GLU A 332 20.28 1.94 -43.49
N GLU A 333 21.54 1.76 -43.09
CA GLU A 333 21.89 0.69 -42.16
C GLU A 333 21.26 0.96 -40.80
N ALA A 334 21.31 2.21 -40.38
CA ALA A 334 20.75 2.61 -39.10
C ALA A 334 19.24 2.44 -39.15
N TRP A 335 18.65 2.81 -40.28
CA TRP A 335 17.21 2.70 -40.49
C TRP A 335 16.79 1.23 -40.43
N LYS A 336 17.55 0.37 -41.07
CA LYS A 336 17.27 -1.05 -41.10
C LYS A 336 17.38 -1.64 -39.70
N LEU A 337 18.30 -1.10 -38.90
CA LEU A 337 18.51 -1.58 -37.54
C LEU A 337 17.21 -1.46 -36.73
N LEU A 338 16.58 -0.27 -36.80
CA LEU A 338 15.40 -0.01 -36.05
C LEU A 338 14.29 -0.86 -36.59
N LYS A 339 14.26 -1.05 -37.92
CA LYS A 339 13.17 -1.81 -38.46
C LYS A 339 13.16 -3.20 -37.90
N VAL A 340 14.34 -3.85 -37.84
CA VAL A 340 14.38 -5.20 -37.34
C VAL A 340 14.00 -5.22 -35.88
N GLY A 341 14.55 -4.26 -35.12
CA GLY A 341 14.34 -4.23 -33.71
C GLY A 341 12.88 -4.06 -33.43
N ARG A 342 12.20 -3.21 -34.22
CA ARG A 342 10.81 -2.94 -34.00
C ARG A 342 10.01 -4.18 -34.27
N LYS A 343 10.50 -5.04 -35.17
CA LYS A 343 9.75 -6.24 -35.41
C LYS A 343 9.72 -7.10 -34.17
N ASN A 344 10.87 -7.24 -33.46
CA ASN A 344 10.85 -8.16 -32.34
C ASN A 344 10.40 -7.45 -31.09
N GLN A 345 9.56 -6.40 -31.20
CA GLN A 345 9.14 -5.63 -30.06
C GLN A 345 8.19 -6.45 -29.25
N SER A 346 8.29 -6.30 -27.92
CA SER A 346 7.79 -7.14 -26.86
C SER A 346 6.40 -7.72 -26.95
N SER A 357 -0.30 -1.61 -26.26
CA SER A 357 0.67 -0.57 -26.10
C SER A 357 1.66 -1.13 -25.14
N ARG A 358 2.82 -1.61 -25.61
CA ARG A 358 3.67 -2.15 -24.57
C ARG A 358 5.09 -1.77 -24.77
N SER A 359 5.74 -1.41 -23.64
CA SER A 359 7.15 -1.23 -23.53
C SER A 359 7.64 0.14 -23.79
N HIS A 360 8.92 0.20 -23.43
CA HIS A 360 9.92 1.24 -23.61
C HIS A 360 11.18 0.73 -24.31
N SER A 361 11.41 1.24 -25.51
CA SER A 361 12.58 0.88 -26.28
C SER A 361 13.52 2.08 -26.41
N ILE A 362 14.81 1.83 -26.24
CA ILE A 362 15.79 2.89 -26.34
C ILE A 362 16.77 2.64 -27.49
N PHE A 363 16.98 3.67 -28.30
CA PHE A 363 17.87 3.62 -29.45
C PHE A 363 19.06 4.52 -29.16
N SER A 364 20.25 3.95 -29.09
CA SER A 364 21.43 4.73 -28.76
C SER A 364 22.43 4.80 -29.92
N ILE A 365 22.72 6.01 -30.35
CA ILE A 365 23.66 6.25 -31.43
C ILE A 365 24.91 6.90 -30.84
N ARG A 366 26.04 6.19 -30.89
CA ARG A 366 27.26 6.68 -30.31
C ARG A 366 28.16 7.13 -31.41
N ILE A 367 28.69 8.36 -31.28
CA ILE A 367 29.60 8.84 -32.26
C ILE A 367 30.94 8.83 -31.62
N LEU A 368 31.81 7.95 -32.16
CA LEU A 368 33.10 7.78 -31.56
C LEU A 368 34.07 8.32 -32.56
N HIS A 369 34.63 9.51 -32.28
CA HIS A 369 35.51 10.07 -33.27
C HIS A 369 36.89 10.12 -32.68
N LEU A 370 37.90 9.65 -33.43
CA LEU A 370 39.23 9.61 -32.88
C LEU A 370 40.17 10.16 -33.90
N GLN A 371 41.36 10.59 -33.44
CA GLN A 371 42.41 11.08 -34.31
C GLN A 371 43.15 9.88 -34.91
N LYS A 379 36.71 9.59 -28.26
CA LYS A 379 35.76 10.60 -27.90
C LYS A 379 34.43 9.92 -27.83
N ILE A 380 33.73 10.02 -26.66
CA ILE A 380 32.50 9.30 -26.50
C ILE A 380 31.32 10.22 -26.39
N SER A 381 30.33 10.01 -27.29
CA SER A 381 29.12 10.77 -27.20
C SER A 381 27.97 9.81 -27.39
N GLU A 382 26.84 10.01 -26.69
CA GLU A 382 25.75 9.10 -26.88
C GLU A 382 24.47 9.87 -27.09
N LEU A 383 23.79 9.56 -28.20
CA LEU A 383 22.51 10.14 -28.55
C LEU A 383 21.49 9.02 -28.43
N SER A 384 20.64 9.08 -27.42
CA SER A 384 19.68 8.03 -27.21
C SER A 384 18.23 8.50 -27.31
N LEU A 385 17.44 7.73 -28.05
CA LEU A 385 16.03 8.00 -28.24
C LEU A 385 15.24 7.10 -27.30
N CYS A 386 14.18 7.62 -26.71
CA CYS A 386 13.39 6.83 -25.78
C CYS A 386 11.90 6.82 -26.14
N ASP A 387 11.40 5.64 -26.46
CA ASP A 387 9.99 5.46 -26.79
C ASP A 387 9.27 5.04 -25.53
N LEU A 388 8.60 5.98 -24.88
CA LEU A 388 7.91 5.68 -23.64
C LEU A 388 6.45 5.33 -23.86
N ALA A 389 6.03 4.28 -23.19
CA ALA A 389 4.65 3.82 -23.26
C ALA A 389 3.75 4.83 -22.59
N GLY A 390 2.62 5.16 -23.24
CA GLY A 390 1.75 6.12 -22.61
C GLY A 390 0.76 5.32 -21.86
N SER A 391 0.83 5.63 -20.53
CA SER A 391 0.42 5.01 -19.28
C SER A 391 -0.87 4.33 -19.30
N GLU A 392 -0.95 3.22 -18.54
CA GLU A 392 -2.19 2.56 -18.72
C GLU A 392 -2.93 2.45 -17.43
N ARG A 393 -4.22 2.87 -17.47
CA ARG A 393 -5.16 2.66 -16.41
C ARG A 393 -6.40 2.18 -17.11
N CYS A 394 -6.52 0.84 -17.26
CA CYS A 394 -7.54 0.08 -17.94
C CYS A 394 -7.24 -1.31 -17.47
N LYS A 395 -7.74 -2.41 -18.09
CA LYS A 395 -7.18 -3.56 -17.44
C LYS A 395 -6.47 -4.38 -18.47
N ARG A 402 0.63 -12.13 -17.57
CA ARG A 402 1.70 -11.30 -17.07
C ARG A 402 1.16 -10.71 -15.81
N LEU A 403 2.02 -10.39 -14.83
CA LEU A 403 1.49 -9.85 -13.60
C LEU A 403 1.94 -8.42 -13.49
N LYS A 404 1.03 -7.51 -13.03
CA LYS A 404 1.14 -6.12 -12.67
C LYS A 404 1.82 -5.33 -13.76
N GLU A 405 1.57 -5.69 -15.03
CA GLU A 405 2.21 -5.06 -16.18
C GLU A 405 1.97 -3.55 -16.23
N ALA A 406 0.71 -3.14 -16.18
CA ALA A 406 0.37 -1.73 -16.22
C ALA A 406 0.90 -0.99 -15.00
N GLY A 407 0.73 -1.59 -13.83
CA GLY A 407 1.19 -0.98 -12.60
C GLY A 407 2.70 -0.85 -12.55
N ASN A 408 3.39 -1.87 -13.08
CA ASN A 408 4.84 -1.88 -13.11
C ASN A 408 5.38 -0.77 -13.98
N ILE A 409 4.89 -0.71 -15.22
CA ILE A 409 5.33 0.32 -16.16
C ILE A 409 4.91 1.71 -15.68
N ASN A 410 3.77 1.76 -14.99
CA ASN A 410 3.25 3.02 -14.45
C ASN A 410 4.21 3.54 -13.39
N THR A 411 4.79 2.61 -12.63
CA THR A 411 5.74 2.95 -11.59
C THR A 411 7.00 3.54 -12.20
N SER A 412 7.50 2.90 -13.26
CA SER A 412 8.71 3.37 -13.94
C SER A 412 8.48 4.75 -14.56
N LEU A 413 7.24 5.03 -14.89
CA LEU A 413 6.87 6.31 -15.47
C LEU A 413 6.88 7.40 -14.39
N HIS A 414 6.39 7.05 -13.20
CA HIS A 414 6.35 7.98 -12.08
C HIS A 414 7.74 8.22 -11.49
N THR A 415 8.56 7.18 -11.45
CA THR A 415 9.90 7.30 -10.90
C THR A 415 10.73 8.25 -11.76
N LEU A 416 10.56 8.11 -13.08
CA LEU A 416 11.26 8.97 -14.02
C LEU A 416 10.84 10.42 -13.82
N GLY A 417 9.54 10.61 -13.60
CA GLY A 417 9.00 11.94 -13.37
C GLY A 417 9.54 12.55 -12.09
N ARG A 418 9.60 11.75 -11.03
CA ARG A 418 10.11 12.20 -9.74
C ARG A 418 11.57 12.63 -9.87
N CYS A 419 12.29 11.96 -10.75
CA CYS A 419 13.70 12.28 -10.99
C CYS A 419 13.82 13.65 -11.65
N ILE A 420 12.92 13.93 -12.59
CA ILE A 420 12.91 15.20 -13.29
C ILE A 420 12.51 16.31 -12.32
N ALA A 421 11.50 16.03 -11.49
CA ALA A 421 11.02 16.99 -10.51
C ALA A 421 12.12 17.34 -9.52
N ALA A 422 12.85 16.34 -9.06
CA ALA A 422 13.94 16.54 -8.12
C ALA A 422 14.97 17.50 -8.70
N LEU A 423 15.29 17.31 -9.96
CA LEU A 423 16.25 18.15 -10.66
C LEU A 423 15.69 19.55 -10.90
N ARG A 424 14.40 19.61 -11.23
CA ARG A 424 13.73 20.88 -11.49
C ARG A 424 13.86 21.82 -10.30
N GLN A 425 13.54 21.33 -9.11
CA GLN A 425 13.63 22.14 -7.90
C GLN A 425 15.08 22.32 -7.46
N ASN A 426 15.94 21.38 -7.87
CA ASN A 426 17.36 21.46 -7.53
C ASN A 426 17.96 22.69 -8.19
N GLN A 427 17.68 22.86 -9.47
CA GLN A 427 18.17 24.01 -10.22
C GLN A 427 17.37 25.27 -9.88
N GLN A 428 16.21 25.08 -9.26
CA GLN A 428 15.36 26.20 -8.86
C GLN A 428 16.03 26.98 -7.74
N ASN A 429 16.48 26.23 -6.70
CA ASN A 429 17.18 26.76 -5.57
C ASN A 429 18.64 26.52 -5.79
N ARG A 430 19.49 26.98 -4.86
CA ARG A 430 20.93 26.90 -4.96
C ARG A 430 21.32 25.46 -5.19
N SER A 431 20.75 24.54 -4.38
CA SER A 431 20.93 23.13 -4.54
C SER A 431 20.04 22.52 -3.50
N LYS A 432 19.78 21.20 -3.60
CA LYS A 432 19.01 20.48 -2.62
C LYS A 432 19.63 19.11 -2.53
N GLN A 433 19.05 18.26 -1.65
CA GLN A 433 19.50 16.95 -1.30
C GLN A 433 19.49 16.08 -2.53
N ASN A 434 18.50 16.32 -3.42
CA ASN A 434 18.39 15.71 -4.72
C ASN A 434 18.51 14.21 -4.67
N LEU A 435 17.65 13.52 -3.88
CA LEU A 435 17.75 12.10 -3.93
C LEU A 435 17.02 11.65 -5.15
N ILE A 436 17.81 11.26 -6.16
CA ILE A 436 17.32 10.82 -7.46
C ILE A 436 17.05 9.33 -7.46
N PRO A 437 15.86 9.01 -7.90
CA PRO A 437 15.32 7.66 -7.93
C PRO A 437 15.90 6.77 -8.99
N PHE A 438 17.18 6.95 -9.37
CA PHE A 438 17.76 6.16 -10.43
C PHE A 438 17.67 4.68 -10.10
N ARG A 439 17.98 4.32 -8.85
CA ARG A 439 18.04 2.97 -8.39
C ARG A 439 16.67 2.35 -8.46
N ASP A 440 15.60 3.19 -8.43
CA ASP A 440 14.23 2.71 -8.39
C ASP A 440 13.91 1.81 -9.55
N SER A 441 14.21 2.20 -10.80
CA SER A 441 13.83 1.35 -11.90
C SER A 441 15.05 1.07 -12.71
N LYS A 442 14.99 -0.03 -13.51
CA LYS A 442 16.15 -0.40 -14.33
C LYS A 442 16.44 0.68 -15.38
N LEU A 443 15.38 1.25 -15.93
CA LEU A 443 15.50 2.29 -16.95
C LEU A 443 16.22 3.52 -16.43
N THR A 444 15.89 3.93 -15.22
CA THR A 444 16.49 5.11 -14.60
C THR A 444 17.99 4.93 -14.43
N ARG A 445 18.46 3.68 -14.20
CA ARG A 445 19.88 3.44 -14.08
C ARG A 445 20.57 3.65 -15.42
N VAL A 446 19.97 3.23 -16.57
CA VAL A 446 20.56 3.44 -17.88
C VAL A 446 20.59 4.93 -18.15
N PHE A 447 19.50 5.58 -17.76
CA PHE A 447 19.34 7.01 -17.92
C PHE A 447 20.30 7.77 -17.01
N GLN A 448 20.70 7.14 -15.90
CA GLN A 448 21.62 7.74 -14.94
C GLN A 448 22.94 8.13 -15.58
N GLY A 449 23.42 7.32 -16.51
CA GLY A 449 24.67 7.62 -17.18
C GLY A 449 24.64 9.02 -17.77
N PHE A 450 23.59 9.31 -18.51
CA PHE A 450 23.42 10.62 -19.11
C PHE A 450 22.97 11.66 -18.07
N PHE A 451 21.90 11.35 -17.34
CA PHE A 451 21.31 12.25 -16.35
C PHE A 451 22.26 12.67 -15.23
N THR A 452 23.15 11.78 -14.82
CA THR A 452 24.09 12.13 -13.77
C THR A 452 25.26 12.90 -14.37
N GLY A 453 25.55 12.60 -15.63
CA GLY A 453 26.63 13.27 -16.32
C GLY A 453 26.21 14.58 -16.96
N ARG A 454 27.15 15.21 -17.67
CA ARG A 454 26.86 16.45 -18.36
C ARG A 454 26.13 16.15 -19.67
N GLY A 455 24.95 16.71 -19.84
CA GLY A 455 24.20 16.48 -21.05
C GLY A 455 22.85 17.18 -21.02
N ARG A 456 22.41 17.65 -22.17
CA ARG A 456 21.11 18.31 -22.27
C ARG A 456 20.00 17.30 -22.52
N SER A 457 18.87 17.51 -21.87
CA SER A 457 17.73 16.62 -22.02
C SER A 457 16.59 17.29 -22.78
N CYS A 458 15.92 16.53 -23.64
CA CYS A 458 14.80 17.05 -24.40
C CYS A 458 13.54 16.21 -24.13
N MET A 459 12.57 16.82 -23.48
CA MET A 459 11.32 16.14 -23.15
C MET A 459 10.25 16.50 -24.18
N ILE A 460 9.91 15.55 -25.04
CA ILE A 460 8.90 15.79 -26.06
C ILE A 460 7.65 14.96 -25.81
N VAL A 461 6.56 15.65 -25.55
CA VAL A 461 5.28 15.01 -25.32
C VAL A 461 4.31 15.37 -26.43
N ASN A 462 3.85 14.37 -27.15
CA ASN A 462 2.92 14.59 -28.26
C ASN A 462 1.52 14.18 -27.84
N VAL A 463 0.56 15.07 -28.05
CA VAL A 463 -0.83 14.80 -27.68
C VAL A 463 -1.79 15.21 -28.78
N ASN A 464 -3.05 14.86 -28.63
CA ASN A 464 -4.07 15.20 -29.60
C ASN A 464 -4.81 16.47 -29.16
N PRO A 465 -5.24 17.30 -30.12
CA PRO A 465 -5.97 18.52 -29.81
C PRO A 465 -7.45 18.27 -29.56
N CYS A 466 -7.83 16.99 -29.61
CA CYS A 466 -9.22 16.60 -29.42
C CYS A 466 -9.72 16.80 -27.99
N ALA A 467 -11.03 16.97 -27.88
CA ALA A 467 -11.68 17.19 -26.59
C ALA A 467 -11.84 15.88 -25.80
N SER A 468 -12.20 14.81 -26.49
CA SER A 468 -12.39 13.51 -25.86
C SER A 468 -11.10 12.96 -25.29
N THR A 469 -10.00 13.35 -25.93
CA THR A 469 -8.68 12.90 -25.52
C THR A 469 -8.13 13.71 -24.33
N TYR A 470 -8.99 14.55 -23.74
CA TYR A 470 -8.60 15.39 -22.61
C TYR A 470 -7.99 14.55 -21.50
N ASP A 471 -8.60 13.41 -21.17
CA ASP A 471 -8.10 12.53 -20.12
C ASP A 471 -6.71 12.01 -20.50
N GLU A 472 -6.53 11.74 -21.79
CA GLU A 472 -5.25 11.24 -22.30
C GLU A 472 -4.20 12.33 -22.21
N THR A 473 -4.53 13.49 -22.77
CA THR A 473 -3.63 14.64 -22.79
C THR A 473 -3.31 15.10 -21.37
N LEU A 474 -4.29 15.07 -20.49
CA LEU A 474 -4.11 15.49 -19.10
C LEU A 474 -3.00 14.69 -18.43
N HIS A 475 -3.06 13.37 -18.56
CA HIS A 475 -2.06 12.50 -17.97
C HIS A 475 -0.70 12.69 -18.63
N ALA A 476 -0.71 13.02 -19.92
CA ALA A 476 0.51 13.26 -20.65
C ALA A 476 1.17 14.55 -20.19
N ALA A 477 0.33 15.55 -19.90
CA ALA A 477 0.82 16.84 -19.43
C ALA A 477 1.30 16.74 -17.98
N LYS A 478 0.64 15.91 -17.20
CA LYS A 478 1.00 15.73 -15.80
C LYS A 478 2.37 15.04 -15.67
N PHE A 479 2.79 14.38 -16.73
CA PHE A 479 4.08 13.71 -16.75
C PHE A 479 5.18 14.77 -16.81
N SER A 480 4.99 15.74 -17.69
CA SER A 480 5.93 16.83 -17.85
C SER A 480 5.94 17.74 -16.63
N ALA A 481 4.73 18.07 -16.10
CA ALA A 481 4.53 18.90 -14.92
C ALA A 481 4.33 20.31 -15.36
N LEU A 482 4.02 21.20 -14.40
CA LEU A 482 3.89 22.59 -14.72
C LEU A 482 5.09 23.26 -14.12
N ALA A 483 5.34 24.55 -14.47
CA ALA A 483 6.51 25.26 -14.05
C ALA A 483 6.50 25.58 -12.58
N ARG B 2 -39.68 0.08 -0.67
CA ARG B 2 -39.86 -0.40 0.70
C ARG B 2 -38.61 -1.10 1.22
N GLU B 3 -38.29 -2.24 0.63
CA GLU B 3 -37.14 -3.04 1.03
C GLU B 3 -35.83 -2.31 0.72
N CYS B 4 -34.81 -2.60 1.51
CA CYS B 4 -33.50 -1.98 1.32
C CYS B 4 -32.39 -3.01 1.49
N ILE B 5 -31.72 -3.34 0.40
CA ILE B 5 -30.65 -4.33 0.44
C ILE B 5 -29.35 -3.67 0.91
N SER B 6 -28.80 -4.19 1.99
CA SER B 6 -27.58 -3.64 2.55
C SER B 6 -26.33 -4.28 1.94
N ILE B 7 -25.32 -3.47 1.72
CA ILE B 7 -24.06 -3.93 1.15
C ILE B 7 -22.91 -3.62 2.10
N HIS B 8 -22.67 -4.55 3.00
CA HIS B 8 -21.60 -4.40 3.98
C HIS B 8 -20.29 -4.82 3.33
N VAL B 9 -19.31 -3.93 3.33
CA VAL B 9 -18.03 -4.24 2.70
C VAL B 9 -16.84 -3.85 3.59
N GLY B 10 -15.83 -4.72 3.63
CA GLY B 10 -14.64 -4.46 4.41
C GLY B 10 -14.67 -5.20 5.73
N GLN B 11 -13.50 -5.38 6.33
CA GLN B 11 -13.39 -6.08 7.61
C GLN B 11 -14.31 -5.44 8.64
N ALA B 12 -14.15 -4.14 8.83
CA ALA B 12 -14.97 -3.40 9.79
C ALA B 12 -16.42 -3.41 9.35
N GLY B 13 -16.65 -3.42 8.03
CA GLY B 13 -18.00 -3.45 7.50
C GLY B 13 -18.71 -4.73 7.86
N VAL B 14 -18.00 -5.84 7.75
CA VAL B 14 -18.56 -7.15 8.08
C VAL B 14 -18.76 -7.24 9.59
N GLN B 15 -17.78 -6.73 10.34
CA GLN B 15 -17.84 -6.75 11.79
C GLN B 15 -19.04 -5.95 12.30
N ILE B 16 -19.22 -4.76 11.75
CA ILE B 16 -20.34 -3.90 12.13
C ILE B 16 -21.66 -4.51 11.67
N GLY B 17 -21.64 -5.13 10.49
CA GLY B 17 -22.83 -5.76 9.95
C GLY B 17 -23.25 -6.94 10.79
N ASN B 18 -22.27 -7.68 11.30
CA ASN B 18 -22.53 -8.84 12.13
C ASN B 18 -23.29 -8.44 13.39
N ALA B 19 -22.87 -7.33 13.99
CA ALA B 19 -23.51 -6.83 15.20
C ALA B 19 -24.85 -6.19 14.86
N CYS B 20 -24.90 -5.50 13.72
CA CYS B 20 -26.11 -4.84 13.26
C CYS B 20 -27.20 -5.87 12.97
N TRP B 21 -26.85 -6.89 12.18
CA TRP B 21 -27.82 -7.91 11.84
C TRP B 21 -28.24 -8.75 13.04
N GLU B 22 -27.36 -8.84 14.03
CA GLU B 22 -27.67 -9.59 15.25
C GLU B 22 -28.84 -8.93 15.97
N LEU B 23 -28.76 -7.62 16.12
CA LEU B 23 -29.81 -6.86 16.79
C LEU B 23 -31.09 -6.89 15.96
N TYR B 24 -30.93 -6.83 14.64
CA TYR B 24 -32.06 -6.84 13.72
C TYR B 24 -32.96 -8.06 13.95
N CYS B 25 -32.38 -9.25 13.84
CA CYS B 25 -33.15 -10.47 14.03
C CYS B 25 -33.59 -10.65 15.48
N LEU B 26 -32.73 -10.24 16.41
CA LEU B 26 -33.02 -10.34 17.83
C LEU B 26 -34.23 -9.51 18.22
N GLU B 27 -34.30 -8.27 17.74
CA GLU B 27 -35.41 -7.38 18.05
C GLU B 27 -36.69 -7.78 17.31
N HIS B 28 -36.54 -8.67 16.34
CA HIS B 28 -37.68 -9.15 15.57
C HIS B 28 -38.17 -10.47 16.13
N GLY B 29 -37.48 -10.95 17.17
CA GLY B 29 -37.84 -12.21 17.81
C GLY B 29 -37.56 -13.41 16.93
N ILE B 30 -36.59 -13.28 16.04
CA ILE B 30 -36.23 -14.37 15.15
C ILE B 30 -34.94 -15.03 15.59
N GLN B 31 -34.96 -16.36 15.64
CA GLN B 31 -33.79 -17.13 16.05
C GLN B 31 -32.75 -17.15 14.94
N PRO B 32 -31.48 -17.45 15.27
CA PRO B 32 -30.39 -17.53 14.28
C PRO B 32 -30.76 -18.47 13.14
N ASP B 33 -31.49 -19.53 13.47
CA ASP B 33 -31.94 -20.49 12.47
C ASP B 33 -33.37 -20.14 12.08
N GLY B 34 -33.52 -19.02 11.38
CA GLY B 34 -34.83 -18.57 10.96
C GLY B 34 -35.14 -18.98 9.54
N HIS B 61 -35.24 -15.58 9.24
CA HIS B 61 -35.72 -15.59 7.86
C HIS B 61 -34.59 -15.23 6.91
N VAL B 62 -34.94 -14.93 5.66
CA VAL B 62 -33.95 -14.58 4.64
C VAL B 62 -33.45 -13.14 4.86
N PRO B 63 -32.14 -12.98 5.10
CA PRO B 63 -31.53 -11.67 5.33
C PRO B 63 -31.44 -10.85 4.05
N ARG B 64 -31.89 -9.60 4.13
CA ARG B 64 -31.86 -8.71 2.98
C ARG B 64 -30.58 -7.88 2.97
N ALA B 65 -29.44 -8.57 3.00
CA ALA B 65 -28.13 -7.90 3.01
C ALA B 65 -27.05 -8.83 2.49
N VAL B 66 -25.94 -8.25 2.07
CA VAL B 66 -24.81 -9.01 1.55
C VAL B 66 -23.51 -8.55 2.20
N PHE B 67 -22.52 -9.43 2.26
CA PHE B 67 -21.23 -9.12 2.86
C PHE B 67 -20.10 -9.43 1.89
N VAL B 68 -19.27 -8.44 1.61
CA VAL B 68 -18.15 -8.60 0.70
C VAL B 68 -16.85 -8.06 1.30
N ASP B 69 -15.76 -8.78 1.11
CA ASP B 69 -14.46 -8.39 1.63
C ASP B 69 -13.36 -9.06 0.81
N LEU B 70 -12.10 -8.75 1.12
CA LEU B 70 -10.98 -9.33 0.40
C LEU B 70 -10.19 -10.31 1.27
N GLU B 71 -10.61 -10.48 2.51
CA GLU B 71 -9.96 -11.41 3.42
C GLU B 71 -10.91 -12.56 3.73
N PRO B 72 -10.55 -13.79 3.33
CA PRO B 72 -11.36 -14.97 3.57
C PRO B 72 -11.65 -15.18 5.06
N THR B 73 -10.67 -14.86 5.89
CA THR B 73 -10.79 -15.02 7.34
C THR B 73 -11.93 -14.18 7.92
N VAL B 74 -12.14 -13.00 7.36
CA VAL B 74 -13.20 -12.11 7.84
C VAL B 74 -14.58 -12.72 7.59
N ILE B 75 -14.80 -13.20 6.39
CA ILE B 75 -16.07 -13.79 6.02
C ILE B 75 -16.23 -15.16 6.68
N ASP B 76 -15.12 -15.87 6.84
CA ASP B 76 -15.12 -17.19 7.47
C ASP B 76 -15.56 -17.11 8.93
N GLU B 77 -15.28 -15.98 9.57
CA GLU B 77 -15.66 -15.78 10.95
C GLU B 77 -17.17 -15.82 11.10
N VAL B 78 -17.86 -15.25 10.11
CA VAL B 78 -19.32 -15.23 10.11
C VAL B 78 -19.86 -16.61 9.77
N ARG B 79 -19.11 -17.35 8.97
CA ARG B 79 -19.51 -18.69 8.55
C ARG B 79 -19.23 -19.71 9.65
N THR B 80 -18.74 -19.24 10.80
CA THR B 80 -18.44 -20.12 11.91
C THR B 80 -18.78 -19.47 13.26
N GLY B 81 -19.35 -18.27 13.21
CA GLY B 81 -19.69 -17.57 14.42
C GLY B 81 -21.16 -17.63 14.76
N THR B 82 -21.69 -16.52 15.25
CA THR B 82 -23.09 -16.45 15.62
C THR B 82 -23.95 -16.22 14.38
N TYR B 83 -25.15 -16.82 14.36
CA TYR B 83 -26.08 -16.69 13.24
C TYR B 83 -25.45 -17.26 11.98
N ARG B 84 -24.67 -18.33 12.16
CA ARG B 84 -23.97 -19.00 11.08
C ARG B 84 -24.89 -19.42 9.94
N GLN B 85 -26.03 -19.99 10.29
CA GLN B 85 -26.98 -20.45 9.27
C GLN B 85 -28.06 -19.43 8.97
N LEU B 86 -27.87 -18.20 9.45
CA LEU B 86 -28.85 -17.15 9.20
C LEU B 86 -28.62 -16.54 7.83
N PHE B 87 -27.37 -16.56 7.39
CA PHE B 87 -27.00 -16.01 6.09
C PHE B 87 -26.75 -17.11 5.09
N HIS B 88 -26.67 -16.74 3.81
CA HIS B 88 -26.42 -17.68 2.75
C HIS B 88 -25.04 -17.45 2.15
N PRO B 89 -24.38 -18.50 1.63
CA PRO B 89 -23.04 -18.38 1.04
C PRO B 89 -23.04 -17.53 -0.23
N GLU B 90 -24.22 -17.34 -0.81
CA GLU B 90 -24.38 -16.56 -2.02
C GLU B 90 -24.24 -15.06 -1.74
N GLN B 91 -24.55 -14.68 -0.50
CA GLN B 91 -24.45 -13.29 -0.09
C GLN B 91 -23.19 -13.05 0.72
N LEU B 92 -22.23 -13.95 0.56
CA LEU B 92 -20.96 -13.87 1.27
C LEU B 92 -19.81 -14.16 0.31
N ILE B 93 -19.30 -13.11 -0.32
CA ILE B 93 -18.20 -13.26 -1.27
C ILE B 93 -16.85 -13.35 -0.55
N THR B 94 -16.05 -14.33 -0.95
CA THR B 94 -14.75 -14.53 -0.34
C THR B 94 -13.63 -14.34 -1.36
N GLY B 95 -12.87 -13.27 -1.21
CA GLY B 95 -11.76 -12.99 -2.11
C GLY B 95 -10.48 -13.61 -1.60
N LYS B 96 -10.31 -14.91 -1.84
CA LYS B 96 -9.14 -15.63 -1.38
C LYS B 96 -7.88 -15.34 -2.21
N GLU B 97 -7.53 -14.07 -2.32
CA GLU B 97 -6.35 -13.68 -3.08
C GLU B 97 -5.51 -12.68 -2.31
N ASP B 98 -6.08 -11.53 -2.03
CA ASP B 98 -5.38 -10.47 -1.29
C ASP B 98 -6.37 -9.45 -0.78
N ALA B 99 -6.01 -8.76 0.30
CA ALA B 99 -6.88 -7.77 0.90
C ALA B 99 -6.22 -6.39 0.88
N ALA B 100 -5.08 -6.29 1.58
CA ALA B 100 -4.31 -5.06 1.68
C ALA B 100 -5.10 -3.94 2.36
N ASN B 101 -4.54 -2.74 2.37
CA ASN B 101 -5.18 -1.59 3.00
C ASN B 101 -5.00 -0.34 2.15
N ASN B 102 -5.00 -0.53 0.84
CA ASN B 102 -4.85 0.58 -0.09
C ASN B 102 -5.97 0.61 -1.12
N TYR B 103 -6.53 1.80 -1.30
CA TYR B 103 -7.64 2.02 -2.23
C TYR B 103 -7.36 1.47 -3.63
N ALA B 104 -6.19 1.80 -4.17
CA ALA B 104 -5.79 1.37 -5.51
C ALA B 104 -5.91 -0.14 -5.71
N ARG B 105 -5.34 -0.91 -4.80
CA ARG B 105 -5.37 -2.36 -4.90
C ARG B 105 -6.78 -2.90 -4.80
N GLY B 106 -7.55 -2.38 -3.86
CA GLY B 106 -8.90 -2.83 -3.67
C GLY B 106 -9.89 -2.15 -4.61
N HIS B 107 -9.40 -1.65 -5.73
CA HIS B 107 -10.26 -0.98 -6.70
C HIS B 107 -9.88 -1.36 -8.14
N TYR B 108 -8.62 -1.14 -8.50
CA TYR B 108 -8.18 -1.42 -9.85
C TYR B 108 -7.56 -2.80 -10.05
N THR B 109 -6.57 -3.14 -9.24
CA THR B 109 -5.89 -4.43 -9.36
C THR B 109 -6.80 -5.61 -9.10
N ILE B 110 -7.10 -5.86 -7.83
CA ILE B 110 -7.95 -6.99 -7.44
C ILE B 110 -9.39 -6.58 -7.21
N GLY B 111 -9.63 -5.28 -7.13
CA GLY B 111 -10.97 -4.78 -6.89
C GLY B 111 -11.91 -5.13 -8.03
N LYS B 112 -11.45 -4.92 -9.26
CA LYS B 112 -12.25 -5.19 -10.44
C LYS B 112 -12.30 -6.67 -10.81
N GLU B 113 -11.99 -7.53 -9.85
CA GLU B 113 -12.00 -8.96 -10.10
C GLU B 113 -13.35 -9.59 -9.74
N ILE B 114 -13.80 -9.37 -8.51
CA ILE B 114 -15.06 -9.95 -8.04
C ILE B 114 -16.25 -8.98 -8.18
N ILE B 115 -15.98 -7.75 -8.61
CA ILE B 115 -17.04 -6.75 -8.77
C ILE B 115 -18.19 -7.25 -9.66
N ASP B 116 -17.84 -7.97 -10.73
CA ASP B 116 -18.84 -8.52 -11.65
C ASP B 116 -19.82 -9.43 -10.93
N LEU B 117 -19.27 -10.36 -10.15
CA LEU B 117 -20.08 -11.31 -9.41
C LEU B 117 -20.89 -10.60 -8.32
N VAL B 118 -20.26 -9.65 -7.65
CA VAL B 118 -20.92 -8.90 -6.59
C VAL B 118 -22.12 -8.14 -7.12
N LEU B 119 -21.95 -7.47 -8.26
CA LEU B 119 -23.02 -6.70 -8.88
C LEU B 119 -24.17 -7.63 -9.26
N ASP B 120 -23.82 -8.82 -9.70
CA ASP B 120 -24.81 -9.81 -10.10
C ASP B 120 -25.64 -10.26 -8.91
N ARG B 121 -24.98 -10.51 -7.79
CA ARG B 121 -25.65 -10.95 -6.57
C ARG B 121 -26.68 -9.94 -6.10
N ILE B 122 -26.30 -8.68 -5.98
CA ILE B 122 -27.21 -7.64 -5.52
C ILE B 122 -28.34 -7.40 -6.51
N ARG B 123 -28.04 -7.46 -7.80
CA ARG B 123 -29.05 -7.27 -8.84
C ARG B 123 -30.06 -8.41 -8.80
N LYS B 124 -29.58 -9.61 -8.51
CA LYS B 124 -30.44 -10.79 -8.41
C LYS B 124 -31.43 -10.62 -7.26
N LEU B 125 -30.91 -10.15 -6.12
CA LEU B 125 -31.74 -9.94 -4.95
C LEU B 125 -32.74 -8.80 -5.18
N ALA B 126 -32.30 -7.78 -5.92
CA ALA B 126 -33.14 -6.64 -6.24
C ALA B 126 -34.32 -7.06 -7.11
N ASP B 127 -34.11 -8.11 -7.89
CA ASP B 127 -35.16 -8.63 -8.76
C ASP B 127 -36.18 -9.43 -7.94
N GLN B 128 -35.71 -10.03 -6.85
CA GLN B 128 -36.56 -10.83 -5.98
C GLN B 128 -37.43 -9.96 -5.06
N CYS B 129 -36.88 -8.83 -4.62
CA CYS B 129 -37.60 -7.94 -3.72
C CYS B 129 -38.84 -7.33 -4.39
N THR B 130 -39.72 -6.76 -3.59
CA THR B 130 -40.93 -6.14 -4.08
C THR B 130 -40.87 -4.63 -3.97
N GLY B 131 -40.27 -4.00 -4.96
CA GLY B 131 -40.15 -2.56 -4.98
C GLY B 131 -39.21 -2.04 -3.92
N LEU B 132 -37.92 -2.30 -4.09
CA LEU B 132 -36.92 -1.83 -3.15
C LEU B 132 -36.73 -0.32 -3.28
N GLN B 133 -36.48 0.34 -2.17
CA GLN B 133 -36.30 1.78 -2.18
C GLN B 133 -34.85 2.13 -2.57
N GLY B 134 -33.92 1.27 -2.19
CA GLY B 134 -32.53 1.51 -2.50
C GLY B 134 -31.62 0.50 -1.83
N PHE B 135 -30.37 0.90 -1.64
CA PHE B 135 -29.38 0.03 -1.02
C PHE B 135 -28.79 0.70 0.21
N SER B 136 -28.46 -0.09 1.22
CA SER B 136 -27.86 0.42 2.44
C SER B 136 -26.39 0.04 2.50
N VAL B 137 -25.53 0.99 2.14
CA VAL B 137 -24.09 0.73 2.13
C VAL B 137 -23.50 0.79 3.54
N PHE B 138 -22.60 -0.14 3.84
CA PHE B 138 -21.93 -0.19 5.13
C PHE B 138 -20.44 -0.45 4.93
N HIS B 139 -19.62 0.53 5.30
CA HIS B 139 -18.19 0.41 5.15
C HIS B 139 -17.46 1.46 5.98
N SER B 140 -16.16 1.56 5.77
CA SER B 140 -15.34 2.52 6.49
C SER B 140 -14.55 3.33 5.46
N PHE B 141 -14.23 4.57 5.78
CA PHE B 141 -13.47 5.42 4.87
C PHE B 141 -12.01 4.99 4.80
N GLY B 142 -11.58 4.25 5.81
CA GLY B 142 -10.22 3.76 5.86
C GLY B 142 -10.15 2.31 5.45
N GLY B 143 -8.95 1.83 5.17
CA GLY B 143 -8.78 0.45 4.75
C GLY B 143 -8.61 0.35 3.24
N GLY B 144 -8.68 -0.86 2.72
CA GLY B 144 -8.53 -1.05 1.29
C GLY B 144 -9.79 -1.57 0.63
N THR B 145 -10.37 -2.60 1.22
CA THR B 145 -11.59 -3.20 0.68
C THR B 145 -12.79 -2.31 0.95
N GLY B 146 -12.80 -1.66 2.12
CA GLY B 146 -13.91 -0.80 2.49
C GLY B 146 -13.87 0.56 1.80
N SER B 147 -12.80 0.82 1.07
CA SER B 147 -12.66 2.09 0.38
C SER B 147 -12.81 1.92 -1.14
N GLY B 148 -11.89 1.16 -1.72
CA GLY B 148 -11.90 0.95 -3.17
C GLY B 148 -13.13 0.22 -3.67
N PHE B 149 -13.46 -0.91 -3.07
CA PHE B 149 -14.61 -1.70 -3.49
C PHE B 149 -15.90 -0.89 -3.45
N THR B 150 -16.12 -0.20 -2.35
CA THR B 150 -17.31 0.61 -2.18
C THR B 150 -17.42 1.67 -3.27
N SER B 151 -16.30 2.30 -3.57
CA SER B 151 -16.24 3.34 -4.58
C SER B 151 -16.76 2.88 -5.94
N LEU B 152 -16.26 1.75 -6.45
CA LEU B 152 -16.70 1.25 -7.74
C LEU B 152 -18.08 0.59 -7.65
N LEU B 153 -18.40 0.05 -6.49
CA LEU B 153 -19.68 -0.61 -6.27
C LEU B 153 -20.82 0.41 -6.38
N MET B 154 -20.69 1.50 -5.66
CA MET B 154 -21.71 2.55 -5.67
C MET B 154 -21.73 3.27 -7.01
N GLU B 155 -20.56 3.33 -7.65
CA GLU B 155 -20.45 3.97 -8.96
C GLU B 155 -21.33 3.23 -9.95
N ARG B 156 -21.21 1.90 -9.95
CA ARG B 156 -22.00 1.06 -10.84
C ARG B 156 -23.46 1.04 -10.44
N LEU B 157 -23.71 0.96 -9.14
CA LEU B 157 -25.08 0.92 -8.63
C LEU B 157 -25.86 2.18 -8.97
N SER B 158 -25.18 3.31 -9.03
CA SER B 158 -25.83 4.57 -9.37
C SER B 158 -26.07 4.70 -10.88
N VAL B 159 -25.40 3.86 -11.65
CA VAL B 159 -25.55 3.89 -13.10
C VAL B 159 -26.72 2.99 -13.50
N ASP B 160 -26.85 1.87 -12.81
CA ASP B 160 -27.93 0.91 -13.09
C ASP B 160 -29.20 1.27 -12.34
N TYR B 161 -29.07 1.54 -11.05
CA TYR B 161 -30.21 1.88 -10.21
C TYR B 161 -30.12 3.33 -9.74
N GLY B 162 -30.06 4.26 -10.68
CA GLY B 162 -29.97 5.67 -10.34
C GLY B 162 -31.24 6.21 -9.73
N LYS B 163 -32.37 5.57 -10.04
CA LYS B 163 -33.67 5.99 -9.52
C LYS B 163 -33.94 5.36 -8.15
N LYS B 164 -32.89 5.08 -7.40
CA LYS B 164 -33.01 4.48 -6.09
C LYS B 164 -32.32 5.34 -5.03
N SER B 165 -32.70 5.14 -3.77
CA SER B 165 -32.11 5.88 -2.66
C SER B 165 -30.76 5.27 -2.26
N LYS B 166 -29.72 6.08 -2.27
CA LYS B 166 -28.37 5.61 -1.92
C LYS B 166 -27.98 6.08 -0.53
N LEU B 167 -28.26 5.25 0.47
CA LEU B 167 -27.93 5.56 1.86
C LEU B 167 -26.74 4.73 2.32
N GLU B 168 -25.67 5.40 2.73
CA GLU B 168 -24.48 4.70 3.19
C GLU B 168 -24.12 5.09 4.62
N PHE B 169 -23.51 4.15 5.32
CA PHE B 169 -23.08 4.36 6.69
C PHE B 169 -21.56 4.23 6.75
N SER B 170 -20.89 5.20 6.16
CA SER B 170 -19.44 5.22 6.10
C SER B 170 -18.80 5.54 7.45
N ILE B 171 -18.16 4.55 8.05
CA ILE B 171 -17.49 4.74 9.33
C ILE B 171 -16.32 5.72 9.13
N TYR B 172 -16.38 6.82 9.83
CA TYR B 172 -15.37 7.86 9.73
C TYR B 172 -14.15 7.53 10.59
N PRO B 173 -12.95 7.68 10.03
CA PRO B 173 -11.71 7.43 10.74
C PRO B 173 -11.53 8.46 11.86
N ALA B 174 -10.96 8.03 12.96
CA ALA B 174 -10.73 8.90 14.11
C ALA B 174 -9.77 10.04 13.77
N PRO B 175 -9.90 11.18 14.47
CA PRO B 175 -9.04 12.35 14.24
C PRO B 175 -7.58 12.08 14.61
N GLN B 176 -7.37 11.42 15.73
CA GLN B 176 -6.03 11.11 16.18
C GLN B 176 -5.76 9.61 16.14
N VAL B 177 -6.71 8.84 16.67
CA VAL B 177 -6.57 7.38 16.70
C VAL B 177 -6.76 6.73 15.33
N SER B 178 -5.72 6.79 14.51
CA SER B 178 -5.77 6.17 13.19
C SER B 178 -5.31 4.72 13.30
N THR B 179 -5.93 3.84 12.53
CA THR B 179 -5.58 2.43 12.56
C THR B 179 -4.60 2.07 11.45
N ALA B 180 -4.51 2.94 10.45
CA ALA B 180 -3.61 2.73 9.34
C ALA B 180 -2.77 3.98 9.08
N VAL B 181 -1.57 3.79 8.57
CA VAL B 181 -0.68 4.91 8.28
C VAL B 181 -1.20 5.66 7.05
N VAL B 182 -1.79 4.90 6.14
CA VAL B 182 -2.35 5.47 4.92
C VAL B 182 -3.85 5.66 5.03
N GLU B 183 -4.33 5.79 6.27
CA GLU B 183 -5.75 5.96 6.54
C GLU B 183 -6.35 7.12 5.74
N PRO B 184 -5.86 8.37 5.90
CA PRO B 184 -6.40 9.52 5.16
C PRO B 184 -6.02 9.49 3.67
N TYR B 185 -5.10 8.60 3.30
CA TYR B 185 -4.67 8.48 1.92
C TYR B 185 -5.72 7.73 1.11
N ASN B 186 -6.53 6.96 1.81
CA ASN B 186 -7.58 6.17 1.16
C ASN B 186 -8.94 6.89 1.25
N SER B 187 -9.20 7.50 2.39
CA SER B 187 -10.47 8.19 2.62
C SER B 187 -10.71 9.30 1.59
N ILE B 188 -9.67 10.07 1.29
CA ILE B 188 -9.77 11.16 0.32
C ILE B 188 -10.26 10.66 -1.03
N LEU B 189 -9.72 9.53 -1.46
CA LEU B 189 -10.10 8.94 -2.74
C LEU B 189 -11.53 8.38 -2.69
N THR B 190 -11.87 7.79 -1.55
CA THR B 190 -13.21 7.22 -1.39
C THR B 190 -14.28 8.30 -1.45
N THR B 191 -14.06 9.40 -0.74
CA THR B 191 -15.02 10.49 -0.70
C THR B 191 -14.95 11.39 -1.93
N HIS B 192 -14.08 11.07 -2.88
CA HIS B 192 -13.95 11.87 -4.09
C HIS B 192 -14.79 11.32 -5.22
N THR B 193 -14.80 10.00 -5.36
CA THR B 193 -15.55 9.36 -6.43
C THR B 193 -16.99 9.02 -6.03
N THR B 194 -17.15 8.42 -4.85
CA THR B 194 -18.47 8.03 -4.37
C THR B 194 -19.33 9.26 -4.01
N LEU B 195 -18.71 10.42 -3.92
CA LEU B 195 -19.41 11.66 -3.59
C LEU B 195 -20.45 12.03 -4.63
N GLU B 196 -20.22 11.59 -5.87
CA GLU B 196 -21.14 11.88 -6.97
C GLU B 196 -22.10 10.72 -7.20
N HIS B 197 -21.84 9.59 -6.55
CA HIS B 197 -22.66 8.41 -6.71
C HIS B 197 -23.31 8.00 -5.38
N SER B 198 -23.57 8.98 -4.55
CA SER B 198 -24.18 8.74 -3.25
C SER B 198 -25.21 9.82 -2.96
N ASP B 199 -26.18 9.50 -2.11
CA ASP B 199 -27.22 10.45 -1.75
C ASP B 199 -26.98 10.99 -0.34
N CYS B 200 -26.82 10.08 0.61
CA CYS B 200 -26.59 10.47 2.00
C CYS B 200 -25.63 9.51 2.68
N ALA B 201 -24.57 10.05 3.26
CA ALA B 201 -23.57 9.25 3.94
C ALA B 201 -23.54 9.53 5.43
N PHE B 202 -24.15 8.65 6.21
CA PHE B 202 -24.19 8.79 7.66
C PHE B 202 -22.81 8.47 8.23
N MET B 203 -22.12 9.49 8.72
CA MET B 203 -20.79 9.30 9.26
C MET B 203 -20.76 9.21 10.77
N VAL B 204 -20.02 8.23 11.27
CA VAL B 204 -19.84 8.02 12.69
C VAL B 204 -18.36 7.95 12.99
N ASP B 205 -17.91 8.68 14.01
CA ASP B 205 -16.49 8.70 14.36
C ASP B 205 -16.16 7.58 15.34
N ASN B 206 -15.20 6.75 14.98
CA ASN B 206 -14.78 5.62 15.81
C ASN B 206 -14.21 6.09 17.16
N GLU B 207 -13.49 7.20 17.15
CA GLU B 207 -12.89 7.73 18.37
C GLU B 207 -13.97 8.25 19.29
N ALA B 208 -15.01 8.82 18.70
CA ALA B 208 -16.12 9.36 19.46
C ALA B 208 -16.89 8.26 20.18
N ILE B 209 -16.86 7.06 19.61
CA ILE B 209 -17.53 5.92 20.22
C ILE B 209 -16.87 5.63 21.56
N TYR B 210 -15.54 5.74 21.59
CA TYR B 210 -14.78 5.51 22.80
C TYR B 210 -15.13 6.59 23.83
N ASP B 211 -15.31 7.81 23.34
CA ASP B 211 -15.64 8.95 24.19
C ASP B 211 -16.95 8.70 24.91
N ILE B 212 -17.99 8.36 24.15
CA ILE B 212 -19.30 8.09 24.73
C ILE B 212 -19.23 6.93 25.72
N CYS B 213 -18.47 5.90 25.35
CA CYS B 213 -18.32 4.73 26.21
C CYS B 213 -17.57 5.06 27.50
N ARG B 214 -16.71 6.06 27.46
CA ARG B 214 -15.93 6.44 28.63
C ARG B 214 -16.65 7.49 29.47
N ARG B 215 -17.25 8.47 28.80
CA ARG B 215 -17.94 9.56 29.47
C ARG B 215 -19.31 9.16 30.03
N ASN B 216 -20.11 8.49 29.20
CA ASN B 216 -21.46 8.10 29.63
C ASN B 216 -21.52 6.68 30.16
N LEU B 217 -21.05 5.72 29.36
CA LEU B 217 -21.07 4.32 29.77
C LEU B 217 -20.05 4.05 30.87
N ASP B 218 -19.01 4.88 30.92
CA ASP B 218 -17.94 4.76 31.91
C ASP B 218 -17.26 3.39 31.85
N ILE B 219 -16.92 2.96 30.63
CA ILE B 219 -16.26 1.69 30.44
C ILE B 219 -14.93 1.90 29.72
N GLU B 220 -13.87 1.31 30.27
CA GLU B 220 -12.54 1.43 29.70
C GLU B 220 -12.16 0.15 28.96
N ARG B 221 -13.16 -0.64 28.60
CA ARG B 221 -12.95 -1.88 27.89
C ARG B 221 -13.92 -2.00 26.71
N PRO B 222 -13.81 -1.09 25.72
CA PRO B 222 -14.67 -1.09 24.56
C PRO B 222 -14.08 -1.90 23.41
N THR B 223 -14.52 -3.14 23.28
CA THR B 223 -14.05 -4.03 22.23
C THR B 223 -14.69 -3.58 20.91
N TYR B 224 -14.15 -4.06 19.77
CA TYR B 224 -14.69 -3.70 18.47
C TYR B 224 -16.19 -4.00 18.39
N THR B 225 -16.57 -5.15 18.92
CA THR B 225 -17.98 -5.56 18.93
C THR B 225 -18.85 -4.54 19.65
N ASN B 226 -18.34 -3.96 20.73
CA ASN B 226 -19.09 -2.97 21.50
C ASN B 226 -19.31 -1.70 20.67
N LEU B 227 -18.26 -1.31 19.93
CA LEU B 227 -18.33 -0.13 19.08
C LEU B 227 -19.35 -0.34 17.97
N ASN B 228 -19.36 -1.54 17.42
CA ASN B 228 -20.28 -1.89 16.35
C ASN B 228 -21.71 -2.02 16.87
N ARG B 229 -21.86 -2.53 18.08
CA ARG B 229 -23.18 -2.69 18.69
C ARG B 229 -23.87 -1.36 18.87
N LEU B 230 -23.11 -0.33 19.21
CA LEU B 230 -23.66 1.01 19.40
C LEU B 230 -24.20 1.55 18.08
N ILE B 231 -23.47 1.29 17.00
CA ILE B 231 -23.90 1.74 15.67
C ILE B 231 -25.11 0.94 15.21
N GLY B 232 -25.10 -0.35 15.53
CA GLY B 232 -26.21 -1.21 15.16
C GLY B 232 -27.49 -0.74 15.82
N GLN B 233 -27.35 -0.22 17.03
CA GLN B 233 -28.48 0.30 17.79
C GLN B 233 -29.08 1.49 17.03
N ILE B 234 -28.21 2.22 16.36
CA ILE B 234 -28.61 3.37 15.56
C ILE B 234 -29.28 2.90 14.28
N VAL B 235 -28.61 2.00 13.56
CA VAL B 235 -29.13 1.47 12.31
C VAL B 235 -30.53 0.87 12.47
N SER B 236 -30.73 0.15 13.57
CA SER B 236 -32.02 -0.46 13.85
C SER B 236 -33.11 0.60 13.93
N SER B 237 -32.75 1.79 14.39
CA SER B 237 -33.69 2.89 14.53
C SER B 237 -33.79 3.72 13.25
N ILE B 238 -32.85 3.51 12.34
CA ILE B 238 -32.83 4.26 11.08
C ILE B 238 -33.57 3.50 9.98
N THR B 239 -33.39 2.18 9.95
CA THR B 239 -34.03 1.37 8.92
C THR B 239 -35.13 0.47 9.48
N ALA B 240 -34.72 -0.59 10.20
CA ALA B 240 -35.64 -1.57 10.77
C ALA B 240 -36.93 -0.99 11.37
N SER B 241 -36.79 -0.26 12.47
CA SER B 241 -37.94 0.32 13.15
C SER B 241 -38.66 1.38 12.32
N LEU B 242 -37.91 2.19 11.59
CA LEU B 242 -38.50 3.24 10.78
C LEU B 242 -39.34 2.66 9.64
N ARG B 243 -38.97 1.48 9.19
CA ARG B 243 -39.70 0.80 8.12
C ARG B 243 -40.96 0.16 8.66
N PHE B 244 -41.06 0.11 9.99
CA PHE B 244 -42.22 -0.47 10.65
C PHE B 244 -43.28 0.62 10.81
N ASP B 245 -44.53 0.19 10.97
CA ASP B 245 -45.64 1.12 11.11
C ASP B 245 -45.60 1.88 12.43
N GLY B 246 -45.67 3.20 12.34
CA GLY B 246 -45.65 4.04 13.53
C GLY B 246 -46.69 5.14 13.47
N ALA B 247 -46.50 6.18 14.27
CA ALA B 247 -47.43 7.31 14.29
C ALA B 247 -47.12 8.27 13.15
N LEU B 248 -45.84 8.45 12.88
CA LEU B 248 -45.39 9.32 11.80
C LEU B 248 -44.29 8.61 11.03
N ASN B 249 -44.68 7.89 9.99
CA ASN B 249 -43.75 7.13 9.18
C ASN B 249 -42.87 8.03 8.33
N VAL B 250 -41.65 7.59 8.09
CA VAL B 250 -40.68 8.32 7.28
C VAL B 250 -39.97 7.35 6.35
N ASP B 251 -40.15 7.55 5.05
CA ASP B 251 -39.50 6.69 4.06
C ASP B 251 -38.07 7.14 3.81
N LEU B 252 -37.32 6.34 3.07
CA LEU B 252 -35.93 6.65 2.77
C LEU B 252 -35.85 7.85 1.84
N THR B 253 -36.91 8.05 1.06
CA THR B 253 -36.99 9.16 0.14
C THR B 253 -37.08 10.47 0.91
N GLU B 254 -37.84 10.45 2.00
CA GLU B 254 -38.03 11.62 2.85
C GLU B 254 -36.72 12.00 3.52
N PHE B 255 -35.90 10.99 3.78
CA PHE B 255 -34.60 11.19 4.41
C PHE B 255 -33.74 12.17 3.65
N GLN B 256 -33.32 11.77 2.45
CA GLN B 256 -32.46 12.59 1.61
C GLN B 256 -33.12 13.91 1.20
N THR B 257 -34.43 13.89 0.98
CA THR B 257 -35.15 15.08 0.57
C THR B 257 -35.02 16.22 1.59
N ASN B 258 -34.78 15.87 2.85
CA ASN B 258 -34.63 16.87 3.89
C ASN B 258 -33.20 16.95 4.40
N LEU B 259 -32.51 15.81 4.43
CA LEU B 259 -31.13 15.76 4.92
C LEU B 259 -30.13 16.38 3.94
N VAL B 260 -30.33 16.15 2.64
CA VAL B 260 -29.43 16.70 1.64
C VAL B 260 -30.11 17.76 0.77
N PRO B 261 -29.83 19.04 1.07
CA PRO B 261 -30.40 20.17 0.34
C PRO B 261 -29.63 20.49 -0.94
N TYR B 262 -28.58 19.71 -1.19
CA TYR B 262 -27.73 19.91 -2.37
C TYR B 262 -27.47 18.59 -3.08
N PRO B 263 -27.02 18.63 -4.35
CA PRO B 263 -26.74 17.41 -5.15
C PRO B 263 -25.60 16.56 -4.61
N ARG B 264 -24.62 17.20 -3.99
CA ARG B 264 -23.46 16.49 -3.44
C ARG B 264 -23.89 15.61 -2.27
N GLY B 265 -23.31 14.42 -2.18
CA GLY B 265 -23.64 13.52 -1.09
C GLY B 265 -23.21 14.07 0.25
N HIS B 266 -24.16 14.64 0.99
CA HIS B 266 -23.86 15.20 2.30
C HIS B 266 -23.67 14.12 3.35
N PHE B 267 -22.93 14.45 4.39
CA PHE B 267 -22.65 13.49 5.46
C PHE B 267 -23.26 13.92 6.79
N PRO B 268 -24.47 13.43 7.11
CA PRO B 268 -25.13 13.74 8.38
C PRO B 268 -24.53 12.94 9.53
N LEU B 269 -24.83 13.35 10.75
CA LEU B 269 -24.30 12.66 11.93
C LEU B 269 -25.37 11.79 12.57
N ALA B 270 -24.93 10.66 13.12
CA ALA B 270 -25.84 9.74 13.79
C ALA B 270 -25.69 9.87 15.30
N THR B 271 -26.68 10.47 15.94
CA THR B 271 -26.66 10.66 17.37
C THR B 271 -27.82 9.94 18.05
N TYR B 272 -27.54 9.32 19.19
CA TYR B 272 -28.56 8.61 19.94
C TYR B 272 -28.92 9.39 21.20
N ALA B 273 -29.91 8.92 21.94
CA ALA B 273 -30.32 9.59 23.16
C ALA B 273 -30.05 8.74 24.42
N PRO B 274 -30.59 7.51 24.50
CA PRO B 274 -30.37 6.65 25.67
C PRO B 274 -29.01 5.93 25.61
N VAL B 275 -27.98 6.64 26.03
CA VAL B 275 -26.63 6.09 26.05
C VAL B 275 -26.19 5.81 27.49
N ILE B 276 -27.18 5.72 28.37
CA ILE B 276 -26.95 5.43 29.78
C ILE B 276 -26.62 3.96 30.00
N SER B 277 -25.76 3.69 30.99
CA SER B 277 -25.34 2.32 31.30
C SER B 277 -26.42 1.55 32.06
N ALA B 278 -26.34 0.22 32.01
CA ALA B 278 -27.30 -0.63 32.69
C ALA B 278 -26.68 -1.29 33.91
N GLU B 279 -26.18 -0.46 34.83
CA GLU B 279 -25.54 -0.97 36.03
C GLU B 279 -25.16 0.18 36.96
N LYS B 280 -24.33 1.07 36.45
CA LYS B 280 -23.87 2.21 37.23
C LYS B 280 -24.97 3.26 37.36
N ALA B 281 -25.36 3.86 36.25
CA ALA B 281 -26.41 4.86 36.25
C ALA B 281 -27.77 4.20 36.05
N TYR B 282 -28.80 4.75 36.67
CA TYR B 282 -30.15 4.20 36.55
C TYR B 282 -31.22 5.27 36.60
N HIS B 283 -31.38 5.99 35.50
CA HIS B 283 -32.38 7.03 35.39
C HIS B 283 -32.99 7.01 34.00
N GLU B 284 -33.55 5.87 33.63
CA GLU B 284 -34.17 5.68 32.32
C GLU B 284 -35.44 6.51 32.17
N GLN B 285 -36.04 6.89 33.29
CA GLN B 285 -37.25 7.69 33.27
C GLN B 285 -36.96 9.16 32.96
N LEU B 286 -36.51 9.40 31.73
CA LEU B 286 -36.18 10.73 31.27
C LEU B 286 -37.30 11.22 30.34
N SER B 287 -37.67 12.48 30.47
CA SER B 287 -38.73 13.04 29.64
C SER B 287 -38.21 13.32 28.23
N VAL B 288 -39.13 13.57 27.31
CA VAL B 288 -38.78 13.85 25.92
C VAL B 288 -37.85 15.07 25.82
N ALA B 289 -38.08 16.06 26.66
CA ALA B 289 -37.29 17.28 26.68
C ALA B 289 -35.87 17.00 27.16
N GLU B 290 -35.68 15.90 27.87
CA GLU B 290 -34.36 15.53 28.37
C GLU B 290 -33.58 14.73 27.33
N ILE B 291 -34.21 13.68 26.82
CA ILE B 291 -33.57 12.82 25.82
C ILE B 291 -33.19 13.58 24.56
N THR B 292 -34.07 14.48 24.11
CA THR B 292 -33.80 15.27 22.92
C THR B 292 -32.64 16.24 23.18
N ASN B 293 -32.66 16.86 24.35
CA ASN B 293 -31.62 17.82 24.75
C ASN B 293 -30.24 17.15 24.85
N ALA B 294 -30.25 15.83 25.00
CA ALA B 294 -29.02 15.07 25.13
C ALA B 294 -28.39 14.82 23.76
N CYS B 295 -29.14 15.07 22.70
CA CYS B 295 -28.65 14.87 21.34
C CYS B 295 -28.11 16.17 20.76
N PHE B 296 -27.98 17.18 21.62
CA PHE B 296 -27.46 18.49 21.19
C PHE B 296 -26.22 18.85 21.97
N GLU B 297 -25.49 17.85 22.44
CA GLU B 297 -24.27 18.08 23.20
C GLU B 297 -23.10 17.33 22.58
N PRO B 298 -21.89 17.92 22.62
CA PRO B 298 -20.68 17.29 22.06
C PRO B 298 -20.30 16.01 22.80
N ALA B 299 -20.76 15.88 24.03
CA ALA B 299 -20.48 14.70 24.85
C ALA B 299 -21.26 13.50 24.33
N ASN B 300 -22.28 13.77 23.54
CA ASN B 300 -23.11 12.73 22.97
C ASN B 300 -23.52 13.08 21.55
N GLN B 301 -22.61 12.86 20.60
CA GLN B 301 -22.88 13.15 19.20
C GLN B 301 -22.40 12.03 18.30
N MET B 302 -21.61 11.12 18.86
CA MET B 302 -21.07 9.95 18.14
C MET B 302 -20.14 10.36 16.99
N VAL B 303 -19.56 11.55 17.09
CA VAL B 303 -18.65 12.05 16.07
C VAL B 303 -17.69 13.06 16.71
N LYS B 304 -16.55 13.29 16.10
CA LYS B 304 -15.57 14.22 16.63
C LYS B 304 -15.76 15.61 16.03
N CYS B 305 -16.92 15.84 15.44
CA CYS B 305 -17.23 17.13 14.86
C CYS B 305 -17.92 18.00 15.90
N ASP B 306 -17.14 18.50 16.86
CA ASP B 306 -17.64 19.35 17.92
C ASP B 306 -18.36 20.57 17.34
N PRO B 307 -19.43 21.03 18.02
CA PRO B 307 -20.21 22.20 17.59
C PRO B 307 -19.43 23.51 17.75
N ARG B 308 -18.35 23.63 16.99
CA ARG B 308 -17.51 24.81 17.03
C ARG B 308 -18.14 25.95 16.23
N HIS B 309 -18.57 25.63 15.02
CA HIS B 309 -19.21 26.60 14.13
C HIS B 309 -20.11 25.89 13.15
N GLY B 310 -20.66 24.76 13.58
CA GLY B 310 -21.52 23.98 12.71
C GLY B 310 -22.96 24.41 12.77
N LYS B 311 -23.39 25.15 11.76
CA LYS B 311 -24.76 25.61 11.68
C LYS B 311 -25.67 24.48 11.19
N TYR B 312 -26.76 24.25 11.91
CA TYR B 312 -27.68 23.18 11.56
C TYR B 312 -28.50 23.54 10.32
N MET B 313 -28.33 22.77 9.25
CA MET B 313 -29.06 23.01 8.00
C MET B 313 -30.20 22.01 7.86
N ALA B 314 -30.04 20.85 8.50
CA ALA B 314 -31.03 19.81 8.45
C ALA B 314 -30.87 18.90 9.66
N CYS B 315 -31.96 18.66 10.37
CA CYS B 315 -31.92 17.81 11.55
C CYS B 315 -33.15 16.90 11.62
N CYS B 316 -32.92 15.61 11.51
CA CYS B 316 -34.00 14.64 11.58
C CYS B 316 -34.04 14.00 12.96
N LEU B 317 -35.19 14.05 13.60
CA LEU B 317 -35.36 13.48 14.93
C LEU B 317 -36.31 12.28 14.89
N LEU B 318 -35.74 11.09 14.98
CA LEU B 318 -36.54 9.88 14.95
C LEU B 318 -36.78 9.36 16.37
N TYR B 319 -38.02 9.40 16.80
CA TYR B 319 -38.39 8.94 18.14
C TYR B 319 -39.02 7.56 18.07
N ARG B 320 -38.48 6.62 18.83
CA ARG B 320 -39.03 5.26 18.85
C ARG B 320 -39.40 4.87 20.28
N GLY B 321 -40.61 4.35 20.45
CA GLY B 321 -41.06 3.94 21.75
C GLY B 321 -42.25 4.77 22.21
N ASP B 322 -42.35 5.00 23.51
CA ASP B 322 -43.45 5.80 24.06
C ASP B 322 -43.18 7.27 23.80
N VAL B 323 -43.75 7.79 22.73
CA VAL B 323 -43.56 9.19 22.37
C VAL B 323 -44.88 9.90 22.15
N VAL B 324 -45.06 11.01 22.84
CA VAL B 324 -46.26 11.83 22.70
C VAL B 324 -46.00 12.94 21.69
N PRO B 325 -46.83 13.03 20.64
CA PRO B 325 -46.69 14.04 19.58
C PRO B 325 -46.44 15.45 20.10
N LYS B 326 -47.26 15.91 21.04
CA LYS B 326 -47.12 17.25 21.60
C LYS B 326 -45.78 17.44 22.31
N ASP B 327 -45.30 16.39 22.98
CA ASP B 327 -44.03 16.45 23.69
C ASP B 327 -42.89 16.72 22.73
N VAL B 328 -42.96 16.11 21.55
CA VAL B 328 -41.94 16.28 20.53
C VAL B 328 -41.96 17.71 20.02
N ASN B 329 -43.15 18.19 19.69
CA ASN B 329 -43.34 19.54 19.18
C ASN B 329 -42.81 20.56 20.18
N ALA B 330 -43.10 20.33 21.46
CA ALA B 330 -42.65 21.23 22.52
C ALA B 330 -41.14 21.17 22.67
N ALA B 331 -40.59 19.96 22.58
CA ALA B 331 -39.15 19.74 22.71
C ALA B 331 -38.39 20.49 21.63
N ILE B 332 -38.84 20.36 20.39
CA ILE B 332 -38.20 21.02 19.26
C ILE B 332 -38.30 22.54 19.40
N ALA B 333 -39.47 23.03 19.79
CA ALA B 333 -39.68 24.47 19.96
C ALA B 333 -38.73 25.01 21.02
N THR B 334 -38.56 24.25 22.09
CA THR B 334 -37.68 24.63 23.19
C THR B 334 -36.24 24.84 22.71
N ILE B 335 -35.81 23.99 21.79
CA ILE B 335 -34.46 24.08 21.25
C ILE B 335 -34.38 25.18 20.20
N LYS B 336 -35.45 25.36 19.45
CA LYS B 336 -35.53 26.37 18.41
C LYS B 336 -35.33 27.77 18.98
N THR B 337 -35.92 28.03 20.14
CA THR B 337 -35.81 29.33 20.79
C THR B 337 -34.67 29.38 21.80
N LYS B 338 -33.76 28.40 21.72
CA LYS B 338 -32.63 28.36 22.64
C LYS B 338 -31.56 29.38 22.25
N ARG B 339 -31.41 29.60 20.94
CA ARG B 339 -30.45 30.56 20.40
C ARG B 339 -28.98 30.10 20.49
N THR B 340 -28.69 29.23 21.43
CA THR B 340 -27.33 28.70 21.58
C THR B 340 -26.97 27.88 20.36
N ILE B 341 -27.93 27.08 19.90
CA ILE B 341 -27.75 26.25 18.73
C ILE B 341 -28.11 27.07 17.48
N GLN B 342 -27.09 27.55 16.78
CA GLN B 342 -27.30 28.37 15.60
C GLN B 342 -27.62 27.52 14.36
N PHE B 343 -28.66 27.90 13.66
CA PHE B 343 -29.08 27.22 12.44
C PHE B 343 -28.62 28.02 11.24
N VAL B 344 -28.80 27.47 10.05
CA VAL B 344 -28.42 28.15 8.82
C VAL B 344 -29.41 29.29 8.55
N ASP B 345 -28.92 30.38 7.94
CA ASP B 345 -29.76 31.55 7.68
C ASP B 345 -30.91 31.24 6.71
N TRP B 346 -30.63 30.52 5.65
CA TRP B 346 -31.67 30.19 4.67
C TRP B 346 -32.51 28.98 5.10
N CYS B 347 -32.25 28.48 6.30
CA CYS B 347 -32.99 27.35 6.83
C CYS B 347 -33.93 27.80 7.94
N PRO B 348 -35.22 27.95 7.62
CA PRO B 348 -36.23 28.38 8.59
C PRO B 348 -36.61 27.26 9.56
N THR B 349 -37.11 26.16 9.02
CA THR B 349 -37.51 25.02 9.83
C THR B 349 -36.94 23.73 9.27
N GLY B 350 -35.66 23.48 9.52
CA GLY B 350 -35.01 22.29 9.03
C GLY B 350 -35.03 21.16 10.04
N PHE B 351 -36.23 20.78 10.46
CA PHE B 351 -36.38 19.69 11.42
C PHE B 351 -37.37 18.65 10.91
N LYS B 352 -36.88 17.45 10.69
CA LYS B 352 -37.72 16.36 10.22
C LYS B 352 -38.17 15.51 11.40
N VAL B 353 -39.47 15.44 11.62
CA VAL B 353 -40.01 14.68 12.73
C VAL B 353 -40.38 13.27 12.31
N GLY B 354 -40.04 12.31 13.15
CA GLY B 354 -40.35 10.92 12.92
C GLY B 354 -40.76 10.26 14.22
N ILE B 355 -41.98 9.74 14.28
CA ILE B 355 -42.47 9.12 15.50
C ILE B 355 -42.88 7.67 15.25
N ASN B 356 -42.20 6.75 15.92
CA ASN B 356 -42.49 5.34 15.81
C ASN B 356 -43.14 4.82 17.08
N TYR B 357 -43.53 3.56 17.10
CA TYR B 357 -44.20 3.00 18.28
C TYR B 357 -43.30 2.03 19.05
N GLU B 358 -42.66 1.10 18.35
CA GLU B 358 -41.81 0.12 19.00
C GLU B 358 -40.60 0.76 19.68
N PRO B 359 -40.40 0.43 20.97
CA PRO B 359 -39.29 0.96 21.78
C PRO B 359 -37.95 0.41 21.31
N PRO B 360 -36.85 1.04 21.75
CA PRO B 360 -35.50 0.60 21.40
C PRO B 360 -35.13 -0.71 22.06
N THR B 361 -34.99 -1.75 21.25
CA THR B 361 -34.63 -3.07 21.75
C THR B 361 -33.15 -3.13 22.07
N VAL B 362 -32.80 -3.63 23.26
CA VAL B 362 -31.42 -3.72 23.67
C VAL B 362 -31.03 -5.15 24.02
N VAL B 363 -29.77 -5.50 23.78
CA VAL B 363 -29.26 -6.83 24.08
C VAL B 363 -29.24 -7.05 25.59
N PRO B 364 -29.76 -8.21 26.05
CA PRO B 364 -29.82 -8.55 27.49
C PRO B 364 -28.44 -8.47 28.15
N GLY B 365 -27.45 -9.09 27.52
CA GLY B 365 -26.11 -9.08 28.07
C GLY B 365 -25.27 -7.96 27.50
N GLY B 366 -25.70 -6.73 27.72
CA GLY B 366 -24.97 -5.59 27.21
C GLY B 366 -24.66 -4.55 28.27
N ASP B 367 -24.45 -3.32 27.85
CA ASP B 367 -24.12 -2.23 28.75
C ASP B 367 -25.17 -1.13 28.69
N LEU B 368 -26.12 -1.27 27.77
CA LEU B 368 -27.18 -0.27 27.61
C LEU B 368 -28.32 -0.51 28.59
N ALA B 369 -28.74 0.57 29.25
CA ALA B 369 -29.80 0.53 30.26
C ALA B 369 -31.14 0.03 29.73
N LYS B 370 -31.41 0.27 28.45
CA LYS B 370 -32.68 -0.14 27.83
C LYS B 370 -33.84 0.72 28.33
N VAL B 371 -34.22 1.70 27.53
CA VAL B 371 -35.32 2.60 27.88
C VAL B 371 -36.55 2.30 27.03
N GLN B 372 -37.69 2.87 27.41
CA GLN B 372 -38.93 2.67 26.68
C GLN B 372 -39.04 3.64 25.51
N ARG B 373 -38.10 4.57 25.43
CA ARG B 373 -38.10 5.55 24.36
C ARG B 373 -36.67 5.94 23.98
N ALA B 374 -36.47 6.20 22.69
CA ALA B 374 -35.15 6.58 22.18
C ALA B 374 -35.27 7.66 21.12
N VAL B 375 -34.24 8.48 20.99
CA VAL B 375 -34.23 9.55 20.01
C VAL B 375 -33.02 9.39 19.08
N CYS B 376 -33.28 9.37 17.79
CA CYS B 376 -32.23 9.26 16.79
C CYS B 376 -32.06 10.60 16.10
N MET B 377 -30.99 11.29 16.45
CA MET B 377 -30.71 12.60 15.90
C MET B 377 -29.78 12.50 14.69
N LEU B 378 -30.29 12.89 13.53
CA LEU B 378 -29.51 12.87 12.31
C LEU B 378 -29.44 14.30 11.77
N SER B 379 -28.35 14.98 12.05
CA SER B 379 -28.22 16.36 11.61
C SER B 379 -26.98 16.60 10.75
N ASN B 380 -27.11 17.55 9.84
CA ASN B 380 -26.01 17.94 8.95
C ASN B 380 -25.67 19.39 9.24
N THR B 381 -24.43 19.65 9.61
CA THR B 381 -23.99 20.99 9.95
C THR B 381 -22.69 21.35 9.26
N THR B 382 -22.21 22.56 9.51
CA THR B 382 -20.95 23.03 8.96
C THR B 382 -19.76 22.48 9.75
N ALA B 383 -20.05 21.72 10.81
CA ALA B 383 -19.01 21.14 11.65
C ALA B 383 -18.21 20.07 10.89
N ILE B 384 -18.81 19.55 9.82
CA ILE B 384 -18.17 18.53 9.01
C ILE B 384 -16.93 19.11 8.31
N ALA B 385 -16.93 20.42 8.11
CA ALA B 385 -15.83 21.11 7.45
C ALA B 385 -14.54 20.93 8.25
N GLU B 386 -14.65 21.01 9.56
CA GLU B 386 -13.49 20.85 10.43
C GLU B 386 -12.90 19.46 10.30
N ALA B 387 -13.77 18.46 10.23
CA ALA B 387 -13.35 17.07 10.08
C ALA B 387 -12.61 16.89 8.76
N TRP B 388 -13.23 17.37 7.68
CA TRP B 388 -12.64 17.28 6.35
C TRP B 388 -11.32 18.02 6.29
N ALA B 389 -11.29 19.22 6.88
CA ALA B 389 -10.09 20.04 6.90
C ALA B 389 -8.91 19.31 7.54
N ARG B 390 -9.19 18.53 8.58
CA ARG B 390 -8.15 17.78 9.26
C ARG B 390 -7.69 16.60 8.42
N LEU B 391 -8.65 15.81 7.94
CA LEU B 391 -8.34 14.64 7.13
C LEU B 391 -7.62 15.02 5.84
N ASP B 392 -8.10 16.07 5.18
CA ASP B 392 -7.50 16.55 3.94
C ASP B 392 -6.07 17.02 4.18
N HIS B 393 -5.87 17.74 5.29
CA HIS B 393 -4.55 18.24 5.65
C HIS B 393 -3.59 17.08 5.88
N LYS B 394 -4.05 16.07 6.61
CA LYS B 394 -3.24 14.89 6.90
C LYS B 394 -2.83 14.19 5.61
N PHE B 395 -3.71 14.22 4.62
CA PHE B 395 -3.45 13.59 3.34
C PHE B 395 -2.44 14.39 2.53
N ASP B 396 -2.67 15.69 2.43
CA ASP B 396 -1.78 16.57 1.66
C ASP B 396 -0.36 16.54 2.20
N LEU B 397 -0.22 16.46 3.52
CA LEU B 397 1.10 16.42 4.15
C LEU B 397 1.86 15.17 3.71
N MET B 398 1.14 14.06 3.59
CA MET B 398 1.75 12.80 3.17
C MET B 398 2.03 12.83 1.68
N TYR B 399 1.07 13.33 0.91
CA TYR B 399 1.20 13.44 -0.54
C TYR B 399 2.37 14.34 -0.91
N ALA B 400 2.63 15.35 -0.08
CA ALA B 400 3.73 16.28 -0.32
C ALA B 400 5.06 15.55 -0.37
N LYS B 401 5.21 14.53 0.46
CA LYS B 401 6.44 13.75 0.51
C LYS B 401 6.26 12.45 -0.27
N ARG B 402 5.18 12.38 -1.07
CA ARG B 402 4.84 11.21 -1.87
C ARG B 402 4.29 10.08 -1.01
N ALA B 403 5.03 9.73 0.03
CA ALA B 403 4.64 8.67 0.96
C ALA B 403 4.53 7.32 0.27
N PHE B 404 3.57 6.52 0.69
CA PHE B 404 3.36 5.18 0.14
C PHE B 404 2.65 5.22 -1.21
N VAL B 405 2.84 6.30 -1.96
CA VAL B 405 2.20 6.46 -3.26
C VAL B 405 2.64 5.37 -4.23
N HIS B 406 3.85 4.86 -4.05
CA HIS B 406 4.38 3.81 -4.91
C HIS B 406 3.56 2.53 -4.79
N TRP B 407 2.90 2.37 -3.65
CA TRP B 407 2.07 1.20 -3.41
C TRP B 407 0.73 1.30 -4.12
N TYR B 408 0.48 2.46 -4.71
CA TYR B 408 -0.76 2.71 -5.43
C TYR B 408 -0.46 2.72 -6.93
N VAL B 409 0.67 3.32 -7.29
CA VAL B 409 1.10 3.41 -8.67
C VAL B 409 1.27 2.03 -9.31
N GLY B 410 1.88 1.11 -8.54
CA GLY B 410 2.10 -0.23 -9.04
C GLY B 410 0.81 -1.00 -9.25
N GLU B 411 -0.26 -0.52 -8.63
CA GLU B 411 -1.57 -1.16 -8.76
C GLU B 411 -2.30 -0.67 -10.01
N GLY B 412 -1.64 0.23 -10.74
CA GLY B 412 -2.24 0.77 -11.95
C GLY B 412 -2.90 2.12 -11.73
N MET B 413 -2.65 2.73 -10.58
CA MET B 413 -3.22 4.04 -10.27
C MET B 413 -2.19 5.13 -10.52
N GLU B 414 -2.60 6.19 -11.19
CA GLU B 414 -1.71 7.29 -11.50
C GLU B 414 -1.85 8.45 -10.51
N GLU B 415 -0.85 9.33 -10.50
CA GLU B 415 -0.83 10.50 -9.62
C GLU B 415 -2.05 11.38 -9.87
N GLY B 416 -2.48 11.42 -11.12
CA GLY B 416 -3.64 12.22 -11.50
C GLY B 416 -4.85 11.98 -10.63
N GLU B 417 -5.12 10.71 -10.34
CA GLU B 417 -6.26 10.35 -9.51
C GLU B 417 -6.19 10.99 -8.12
N PHE B 418 -5.01 10.94 -7.52
CA PHE B 418 -4.81 11.52 -6.18
C PHE B 418 -5.02 13.03 -6.20
N SER B 419 -4.42 13.68 -7.19
CA SER B 419 -4.54 15.11 -7.33
C SER B 419 -5.97 15.56 -7.59
N GLU B 420 -6.68 14.80 -8.42
CA GLU B 420 -8.08 15.13 -8.72
C GLU B 420 -8.93 14.99 -7.47
N ALA B 421 -8.57 14.02 -6.63
CA ALA B 421 -9.28 13.78 -5.38
C ALA B 421 -9.06 14.95 -4.43
N ARG B 422 -7.81 15.40 -4.36
CA ARG B 422 -7.44 16.52 -3.51
C ARG B 422 -8.21 17.78 -3.92
N GLU B 423 -8.27 18.02 -5.23
CA GLU B 423 -8.98 19.18 -5.76
C GLU B 423 -10.48 19.10 -5.47
N ASP B 424 -11.04 17.90 -5.62
CA ASP B 424 -12.47 17.70 -5.36
C ASP B 424 -12.77 17.90 -3.89
N MET B 425 -11.89 17.40 -3.02
CA MET B 425 -12.06 17.54 -1.59
C MET B 425 -12.02 19.01 -1.20
N ALA B 426 -11.11 19.76 -1.82
CA ALA B 426 -10.98 21.18 -1.55
C ALA B 426 -12.27 21.91 -1.92
N ALA B 427 -12.92 21.44 -2.97
CA ALA B 427 -14.18 22.02 -3.43
C ALA B 427 -15.24 21.82 -2.37
N LEU B 428 -15.23 20.65 -1.75
CA LEU B 428 -16.20 20.33 -0.70
C LEU B 428 -15.91 21.17 0.54
N GLU B 429 -14.63 21.43 0.79
CA GLU B 429 -14.21 22.24 1.93
C GLU B 429 -14.80 23.64 1.79
N LYS B 430 -14.72 24.18 0.58
CA LYS B 430 -15.25 25.50 0.30
C LYS B 430 -16.77 25.45 0.22
N ASP B 431 -17.28 24.37 -0.38
CA ASP B 431 -18.71 24.16 -0.56
C ASP B 431 -19.47 24.25 0.76
N TYR B 432 -19.02 23.48 1.75
CA TYR B 432 -19.66 23.47 3.06
C TYR B 432 -19.63 24.84 3.72
N GLU B 433 -18.52 25.55 3.55
CA GLU B 433 -18.37 26.88 4.13
C GLU B 433 -19.16 27.92 3.33
N GLU B 434 -19.66 27.52 2.17
CA GLU B 434 -20.46 28.38 1.33
C GLU B 434 -21.95 28.12 1.56
N VAL B 435 -22.25 26.95 2.10
CA VAL B 435 -23.62 26.58 2.40
C VAL B 435 -24.12 27.46 3.55
N GLY B 436 -23.40 27.41 4.65
CA GLY B 436 -23.74 28.21 5.80
C GLY B 436 -22.72 29.31 5.98
N VAL B 437 -22.44 29.69 7.22
CA VAL B 437 -21.47 30.74 7.53
C VAL B 437 -21.92 32.11 7.02
N ASP B 438 -21.83 32.30 5.71
CA ASP B 438 -22.22 33.55 5.08
C ASP B 438 -23.75 33.61 4.97
N SER B 439 -24.30 34.80 5.17
CA SER B 439 -25.75 34.98 5.10
C SER B 439 -26.19 35.43 3.71
N ARG C 2 -4.15 -17.98 1.88
CA ARG C 2 -2.90 -17.22 1.96
C ARG C 2 -1.74 -18.17 2.28
N GLU C 3 -1.18 -18.78 1.25
CA GLU C 3 -0.08 -19.72 1.42
C GLU C 3 1.28 -19.03 1.33
N ILE C 4 2.20 -19.46 2.18
CA ILE C 4 3.55 -18.91 2.20
C ILE C 4 4.56 -20.04 2.21
N VAL C 5 5.65 -19.86 1.49
CA VAL C 5 6.69 -20.86 1.42
C VAL C 5 7.97 -20.35 2.08
N HIS C 6 8.58 -21.20 2.89
CA HIS C 6 9.79 -20.83 3.59
C HIS C 6 11.02 -21.47 2.93
N ILE C 7 12.10 -20.72 2.84
CA ILE C 7 13.34 -21.20 2.24
C ILE C 7 14.50 -20.84 3.16
N GLN C 8 15.34 -21.83 3.47
CA GLN C 8 16.48 -21.62 4.34
C GLN C 8 17.76 -21.72 3.53
N ALA C 9 18.58 -20.68 3.56
CA ALA C 9 19.82 -20.65 2.81
C ALA C 9 21.04 -20.51 3.71
N GLY C 10 21.98 -21.43 3.56
CA GLY C 10 23.19 -21.39 4.34
C GLY C 10 23.11 -22.20 5.62
N GLN C 11 24.25 -22.32 6.29
CA GLN C 11 24.34 -23.08 7.52
C GLN C 11 23.53 -22.41 8.62
N CYS C 12 23.71 -21.10 8.75
CA CYS C 12 22.98 -20.34 9.75
C CYS C 12 21.49 -20.36 9.45
N GLY C 13 21.14 -20.20 8.17
CA GLY C 13 19.75 -20.21 7.77
C GLY C 13 19.06 -21.51 8.13
N ASN C 14 19.77 -22.62 7.94
CA ASN C 14 19.24 -23.94 8.26
C ASN C 14 19.07 -24.11 9.76
N GLN C 15 20.03 -23.59 10.52
CA GLN C 15 19.99 -23.69 11.97
C GLN C 15 18.82 -22.88 12.55
N ILE C 16 18.62 -21.68 12.02
CA ILE C 16 17.53 -20.83 12.47
C ILE C 16 16.19 -21.45 12.08
N GLY C 17 16.13 -21.96 10.86
CA GLY C 17 14.91 -22.58 10.37
C GLY C 17 14.53 -23.79 11.19
N ALA C 18 15.53 -24.55 11.62
CA ALA C 18 15.31 -25.73 12.44
C ALA C 18 14.60 -25.37 13.73
N LYS C 19 14.91 -24.18 14.25
CA LYS C 19 14.29 -23.69 15.46
C LYS C 19 12.91 -23.15 15.17
N PHE C 20 12.78 -22.45 14.05
CA PHE C 20 11.50 -21.87 13.64
C PHE C 20 10.45 -22.96 13.47
N TRP C 21 10.82 -24.02 12.77
CA TRP C 21 9.91 -25.13 12.53
C TRP C 21 9.76 -26.05 13.75
N GLU C 22 10.37 -25.62 14.85
CA GLU C 22 10.27 -26.35 16.11
C GLU C 22 9.35 -25.56 17.04
N VAL C 23 9.25 -24.27 16.78
CA VAL C 23 8.40 -23.38 17.56
C VAL C 23 7.03 -23.24 16.90
N ILE C 24 7.02 -23.02 15.58
CA ILE C 24 5.78 -22.87 14.83
C ILE C 24 4.94 -24.15 14.88
N SER C 25 5.61 -25.28 15.05
CA SER C 25 4.95 -26.57 15.13
C SER C 25 4.12 -26.62 16.41
N ASP C 26 4.62 -25.98 17.45
CA ASP C 26 3.94 -25.93 18.73
C ASP C 26 2.81 -24.91 18.66
N GLU C 27 2.99 -23.92 17.77
CA GLU C 27 1.99 -22.88 17.55
C GLU C 27 0.76 -23.48 16.87
N HIS C 28 0.98 -24.43 15.96
CA HIS C 28 -0.11 -25.09 15.25
C HIS C 28 -0.45 -26.43 15.89
N GLY C 29 0.36 -26.84 16.86
CA GLY C 29 0.13 -28.10 17.54
C GLY C 29 0.33 -29.30 16.65
N ILE C 30 1.43 -29.31 15.91
CA ILE C 30 1.73 -30.43 15.01
C ILE C 30 2.94 -31.21 15.49
N ASP C 31 2.76 -32.52 15.63
CA ASP C 31 3.82 -33.42 16.08
C ASP C 31 4.86 -33.61 14.97
N PRO C 32 6.15 -33.81 15.34
CA PRO C 32 7.24 -34.01 14.37
C PRO C 32 6.83 -34.85 13.16
N THR C 33 6.34 -36.05 13.41
CA THR C 33 5.89 -36.92 12.32
C THR C 33 4.44 -37.31 12.57
N GLY C 34 3.73 -36.45 13.28
CA GLY C 34 2.35 -36.70 13.61
C GLY C 34 1.41 -35.79 12.86
N SER C 35 0.19 -35.66 13.36
CA SER C 35 -0.82 -34.83 12.75
C SER C 35 -1.15 -33.63 13.62
N TYR C 36 -2.41 -33.21 13.57
CA TYR C 36 -2.89 -32.09 14.35
C TYR C 36 -3.19 -32.52 15.79
N HIS C 37 -2.29 -32.17 16.68
CA HIS C 37 -2.43 -32.49 18.10
C HIS C 37 -2.65 -31.20 18.88
N GLY C 38 -3.04 -30.16 18.15
CA GLY C 38 -3.28 -28.86 18.75
C GLY C 38 -4.36 -28.91 19.82
N ASP C 39 -4.21 -28.06 20.82
CA ASP C 39 -5.16 -27.99 21.93
C ASP C 39 -6.53 -27.55 21.42
N SER C 40 -6.55 -26.39 20.76
CA SER C 40 -7.78 -25.84 20.22
C SER C 40 -7.99 -26.33 18.79
N ASP C 41 -8.91 -25.71 18.07
CA ASP C 41 -9.20 -26.10 16.68
C ASP C 41 -8.95 -24.96 15.72
N LEU C 42 -8.74 -23.76 16.25
CA LEU C 42 -8.49 -22.57 15.44
C LEU C 42 -7.20 -22.70 14.64
N GLN C 43 -6.23 -23.41 15.20
CA GLN C 43 -4.94 -23.61 14.55
C GLN C 43 -5.06 -24.44 13.28
N LEU C 44 -6.04 -25.33 13.24
CA LEU C 44 -6.25 -26.20 12.09
C LEU C 44 -6.83 -25.44 10.90
N GLU C 45 -7.54 -24.37 11.18
CA GLU C 45 -8.18 -23.58 10.13
C GLU C 45 -7.20 -22.66 9.41
N ARG C 46 -5.92 -22.76 9.75
CA ARG C 46 -4.90 -21.92 9.13
C ARG C 46 -3.58 -22.66 8.95
N ILE C 47 -3.65 -23.98 8.85
CA ILE C 47 -2.43 -24.79 8.69
C ILE C 47 -1.91 -24.71 7.26
N ASN C 48 -2.81 -24.44 6.31
CA ASN C 48 -2.46 -24.37 4.90
C ASN C 48 -1.55 -23.19 4.58
N VAL C 49 -1.32 -22.33 5.56
CA VAL C 49 -0.46 -21.18 5.37
C VAL C 49 1.00 -21.60 5.21
N TYR C 50 1.45 -22.54 6.02
CA TYR C 50 2.84 -23.00 5.96
C TYR C 50 2.95 -24.49 5.67
N TYR C 51 1.91 -25.24 6.00
CA TYR C 51 1.91 -26.67 5.77
C TYR C 51 1.12 -27.01 4.52
N ASN C 52 1.48 -28.12 3.90
CA ASN C 52 0.81 -28.57 2.67
C ASN C 52 0.10 -29.89 2.88
N GLU C 53 -1.11 -29.99 2.34
CA GLU C 53 -1.92 -31.20 2.47
C GLU C 53 -1.45 -32.26 1.47
N ALA C 54 -1.55 -33.52 1.87
CA ALA C 54 -1.15 -34.63 1.01
C ALA C 54 -1.61 -35.97 1.58
N ALA C 55 -0.89 -36.46 2.59
CA ALA C 55 -1.20 -37.73 3.21
C ALA C 55 -2.39 -37.62 4.17
N GLY C 56 -2.61 -36.43 4.70
CA GLY C 56 -3.70 -36.22 5.63
C GLY C 56 -3.21 -36.13 7.05
N ASN C 57 -2.57 -37.20 7.52
CA ASN C 57 -2.02 -37.24 8.86
C ASN C 57 -0.68 -36.52 8.89
N LYS C 58 0.09 -36.68 7.83
CA LYS C 58 1.40 -36.06 7.74
C LYS C 58 1.33 -34.67 7.11
N TYR C 59 1.34 -33.65 7.95
CA TYR C 59 1.31 -32.28 7.48
C TYR C 59 2.74 -31.79 7.29
N VAL C 60 3.18 -31.73 6.04
CA VAL C 60 4.53 -31.32 5.74
C VAL C 60 4.65 -29.80 5.61
N PRO C 61 5.71 -29.23 6.17
CA PRO C 61 5.96 -27.80 6.12
C PRO C 61 6.76 -27.42 4.88
N ARG C 62 6.30 -26.42 4.16
CA ARG C 62 6.99 -25.98 2.96
C ARG C 62 8.22 -25.16 3.33
N ALA C 63 9.33 -25.86 3.55
CA ALA C 63 10.58 -25.23 3.90
C ALA C 63 11.73 -25.88 3.14
N ILE C 64 12.16 -25.23 2.07
CA ILE C 64 13.26 -25.74 1.26
C ILE C 64 14.59 -25.44 1.93
N LEU C 65 15.42 -26.46 2.08
CA LEU C 65 16.72 -26.31 2.70
C LEU C 65 17.80 -26.24 1.63
N VAL C 66 18.51 -25.12 1.58
CA VAL C 66 19.56 -24.93 0.59
C VAL C 66 20.89 -24.59 1.26
N ASP C 67 21.85 -25.51 1.15
CA ASP C 67 23.18 -25.30 1.72
C ASP C 67 24.20 -26.16 1.01
N LEU C 68 25.39 -25.60 0.81
CA LEU C 68 26.47 -26.32 0.13
C LEU C 68 27.21 -27.23 1.10
N GLU C 69 26.87 -27.14 2.37
CA GLU C 69 27.49 -27.96 3.38
C GLU C 69 26.55 -29.11 3.75
N PRO C 70 26.87 -30.34 3.32
CA PRO C 70 26.04 -31.52 3.58
C PRO C 70 25.89 -31.80 5.07
N GLY C 71 26.94 -31.54 5.83
CA GLY C 71 26.92 -31.78 7.25
C GLY C 71 25.84 -31.01 7.98
N THR C 72 25.61 -29.75 7.57
CA THR C 72 24.60 -28.90 8.18
C THR C 72 23.21 -29.52 8.02
N MET C 73 22.83 -29.82 6.80
CA MET C 73 21.52 -30.39 6.51
C MET C 73 21.40 -31.78 7.12
N ASP C 74 22.52 -32.48 7.21
CA ASP C 74 22.54 -33.82 7.76
C ASP C 74 22.23 -33.83 9.25
N SER C 75 22.73 -32.83 9.98
CA SER C 75 22.48 -32.74 11.40
C SER C 75 21.03 -32.38 11.67
N VAL C 76 20.45 -31.57 10.78
CA VAL C 76 19.06 -31.15 10.92
C VAL C 76 18.13 -32.33 10.63
N ARG C 77 18.43 -33.08 9.58
CA ARG C 77 17.61 -34.23 9.18
C ARG C 77 17.68 -35.37 10.21
N SER C 78 18.61 -35.25 11.15
CA SER C 78 18.75 -36.28 12.18
C SER C 78 18.35 -35.70 13.54
N GLY C 79 17.65 -34.58 13.50
CA GLY C 79 17.20 -33.94 14.72
C GLY C 79 15.80 -34.37 15.11
N PRO C 80 15.23 -33.77 16.17
CA PRO C 80 13.88 -34.11 16.64
C PRO C 80 12.79 -33.65 15.69
N PHE C 81 13.12 -32.72 14.79
CA PHE C 81 12.14 -32.20 13.84
C PHE C 81 12.68 -32.20 12.42
N GLY C 82 13.66 -33.05 12.16
CA GLY C 82 14.25 -33.11 10.84
C GLY C 82 13.59 -34.12 9.92
N GLN C 83 12.74 -34.96 10.48
CA GLN C 83 12.05 -35.98 9.69
C GLN C 83 10.75 -35.47 9.08
N ILE C 84 10.37 -34.25 9.44
CA ILE C 84 9.14 -33.66 8.92
C ILE C 84 9.38 -33.05 7.54
N PHE C 85 10.65 -32.84 7.20
CA PHE C 85 11.02 -32.26 5.93
C PHE C 85 11.04 -33.34 4.84
N ARG C 86 10.42 -33.04 3.71
CA ARG C 86 10.36 -33.97 2.60
C ARG C 86 11.69 -33.97 1.86
N PRO C 87 12.09 -35.13 1.30
CA PRO C 87 13.34 -35.26 0.54
C PRO C 87 13.38 -34.29 -0.63
N ASP C 88 12.21 -33.87 -1.08
CA ASP C 88 12.06 -32.93 -2.18
C ASP C 88 12.64 -31.56 -1.79
N ASN C 89 12.40 -31.18 -0.53
CA ASN C 89 12.85 -29.89 -0.02
C ASN C 89 14.33 -29.90 0.33
N PHE C 90 14.91 -31.09 0.40
CA PHE C 90 16.34 -31.22 0.71
C PHE C 90 17.19 -30.92 -0.52
N VAL C 91 17.48 -29.65 -0.74
CA VAL C 91 18.30 -29.25 -1.87
C VAL C 91 19.75 -29.07 -1.43
N PHE C 92 20.43 -30.19 -1.26
CA PHE C 92 21.82 -30.17 -0.83
C PHE C 92 22.76 -30.18 -2.02
N GLY C 93 23.96 -29.70 -1.82
CA GLY C 93 24.94 -29.67 -2.87
C GLY C 93 26.32 -29.90 -2.31
N GLN C 94 26.82 -31.13 -2.44
CA GLN C 94 28.15 -31.48 -1.93
C GLN C 94 29.23 -30.86 -2.80
N SER C 95 29.46 -29.58 -2.60
CA SER C 95 30.47 -28.84 -3.34
C SER C 95 31.30 -27.99 -2.38
N GLY C 96 31.94 -26.97 -2.90
CA GLY C 96 32.76 -26.11 -2.07
C GLY C 96 31.92 -25.20 -1.18
N ALA C 97 31.73 -25.61 0.06
CA ALA C 97 30.95 -24.85 1.02
C ALA C 97 31.78 -23.74 1.65
N GLY C 98 32.85 -23.35 0.95
CA GLY C 98 33.73 -22.30 1.43
C GLY C 98 32.98 -21.01 1.69
N ASN C 99 33.32 -20.35 2.79
CA ASN C 99 32.67 -19.10 3.16
C ASN C 99 33.10 -17.97 2.22
N ASN C 100 32.42 -17.88 1.09
CA ASN C 100 32.71 -16.85 0.11
C ASN C 100 31.45 -16.55 -0.70
N TRP C 101 31.14 -15.27 -0.83
CA TRP C 101 29.96 -14.84 -1.58
C TRP C 101 30.02 -15.28 -3.04
N ALA C 102 31.17 -15.03 -3.68
CA ALA C 102 31.34 -15.38 -5.09
C ALA C 102 31.24 -16.89 -5.31
N LYS C 103 31.68 -17.65 -4.33
CA LYS C 103 31.66 -19.10 -4.41
C LYS C 103 30.22 -19.63 -4.40
N GLY C 104 29.41 -19.10 -3.49
CA GLY C 104 28.03 -19.55 -3.39
C GLY C 104 27.08 -18.81 -4.30
N HIS C 105 27.61 -18.03 -5.23
CA HIS C 105 26.77 -17.28 -6.15
C HIS C 105 27.19 -17.45 -7.61
N TYR C 106 28.48 -17.33 -7.88
CA TYR C 106 28.99 -17.44 -9.23
C TYR C 106 29.41 -18.84 -9.63
N THR C 107 30.01 -19.58 -8.70
CA THR C 107 30.49 -20.92 -9.01
C THR C 107 29.57 -22.04 -8.52
N GLU C 108 29.78 -22.48 -7.28
CA GLU C 108 29.03 -23.59 -6.70
C GLU C 108 27.55 -23.26 -6.52
N GLY C 109 27.26 -22.02 -6.13
CA GLY C 109 25.88 -21.61 -5.92
C GLY C 109 25.06 -21.61 -7.20
N ALA C 110 25.64 -21.07 -8.27
CA ALA C 110 24.96 -20.96 -9.56
C ALA C 110 24.45 -22.30 -10.08
N GLU C 111 25.26 -23.34 -9.95
CA GLU C 111 24.87 -24.66 -10.44
C GLU C 111 23.77 -25.31 -9.60
N LEU C 112 23.76 -25.02 -8.31
CA LEU C 112 22.76 -25.61 -7.42
C LEU C 112 21.41 -24.87 -7.51
N VAL C 113 21.46 -23.60 -7.90
CA VAL C 113 20.25 -22.78 -8.03
C VAL C 113 19.25 -23.40 -9.01
N ASP C 114 19.77 -24.08 -10.02
CA ASP C 114 18.92 -24.71 -11.03
C ASP C 114 17.91 -25.65 -10.40
N SER C 115 18.36 -26.48 -9.48
CA SER C 115 17.49 -27.42 -8.78
C SER C 115 16.55 -26.68 -7.82
N VAL C 116 17.08 -25.64 -7.18
CA VAL C 116 16.28 -24.85 -6.24
C VAL C 116 15.08 -24.23 -6.95
N LEU C 117 15.33 -23.67 -8.13
CA LEU C 117 14.28 -23.04 -8.93
C LEU C 117 13.16 -24.01 -9.24
N ASP C 118 13.50 -25.26 -9.47
CA ASP C 118 12.51 -26.28 -9.77
C ASP C 118 11.66 -26.59 -8.55
N VAL C 119 12.31 -26.78 -7.41
CA VAL C 119 11.61 -27.09 -6.17
C VAL C 119 10.73 -25.92 -5.72
N VAL C 120 11.26 -24.69 -5.83
CA VAL C 120 10.49 -23.53 -5.42
C VAL C 120 9.23 -23.36 -6.25
N ARG C 121 9.32 -23.70 -7.54
CA ARG C 121 8.18 -23.61 -8.44
C ARG C 121 7.14 -24.66 -8.07
N LYS C 122 7.63 -25.85 -7.74
CA LYS C 122 6.78 -26.96 -7.35
C LYS C 122 5.96 -26.61 -6.11
N GLU C 123 6.63 -26.01 -5.13
CA GLU C 123 5.99 -25.63 -3.88
C GLU C 123 5.08 -24.41 -4.03
N SER C 124 5.42 -23.51 -4.95
CA SER C 124 4.63 -22.30 -5.17
C SER C 124 3.29 -22.59 -5.86
N GLU C 125 3.23 -23.70 -6.59
CA GLU C 125 2.01 -24.06 -7.30
C GLU C 125 1.22 -25.11 -6.52
N SER C 126 0.99 -24.84 -5.25
CA SER C 126 0.24 -25.75 -4.40
C SER C 126 -1.27 -25.53 -4.54
N CYS C 127 -1.83 -24.64 -3.73
CA CYS C 127 -3.26 -24.36 -3.79
C CYS C 127 -3.52 -22.91 -3.36
N ASP C 128 -4.79 -22.62 -3.08
CA ASP C 128 -5.23 -21.29 -2.62
C ASP C 128 -4.55 -20.15 -3.39
N CYS C 129 -3.84 -19.30 -2.67
CA CYS C 129 -3.15 -18.17 -3.27
C CYS C 129 -1.82 -17.96 -2.55
N LEU C 130 -0.73 -17.94 -3.30
CA LEU C 130 0.58 -17.72 -2.73
C LEU C 130 0.77 -16.25 -2.39
N GLN C 131 1.15 -15.98 -1.16
CA GLN C 131 1.36 -14.61 -0.71
C GLN C 131 2.79 -14.16 -0.97
N GLY C 132 3.75 -14.89 -0.42
CA GLY C 132 5.14 -14.53 -0.62
C GLY C 132 6.08 -15.64 -0.18
N PHE C 133 7.34 -15.27 -0.02
CA PHE C 133 8.37 -16.24 0.38
C PHE C 133 9.09 -15.76 1.64
N GLN C 134 9.55 -16.70 2.44
CA GLN C 134 10.28 -16.38 3.66
C GLN C 134 11.70 -16.93 3.53
N LEU C 135 12.70 -16.09 3.73
CA LEU C 135 14.08 -16.55 3.62
C LEU C 135 14.91 -16.20 4.84
N THR C 136 15.65 -17.18 5.33
CA THR C 136 16.52 -16.98 6.49
C THR C 136 17.98 -17.19 6.06
N HIS C 137 18.82 -16.18 6.26
CA HIS C 137 20.22 -16.28 5.88
C HIS C 137 21.10 -15.32 6.67
N SER C 138 22.39 -15.61 6.72
CA SER C 138 23.34 -14.80 7.43
C SER C 138 24.19 -13.97 6.46
N LEU C 139 24.48 -12.74 6.82
CA LEU C 139 25.29 -11.86 5.97
C LEU C 139 26.78 -12.11 6.20
N GLY C 140 27.18 -13.36 6.04
CA GLY C 140 28.57 -13.73 6.24
C GLY C 140 28.79 -15.21 6.03
N GLY C 141 28.34 -15.71 4.89
CA GLY C 141 28.50 -17.13 4.59
C GLY C 141 28.42 -17.40 3.10
N GLY C 142 28.94 -18.53 2.68
CA GLY C 142 28.91 -18.89 1.27
C GLY C 142 27.51 -19.05 0.75
N THR C 143 26.78 -19.98 1.33
CA THR C 143 25.40 -20.24 0.93
C THR C 143 24.46 -19.22 1.57
N GLY C 144 24.86 -18.69 2.72
CA GLY C 144 24.04 -17.71 3.41
C GLY C 144 23.87 -16.42 2.64
N SER C 145 24.93 -15.64 2.56
CA SER C 145 24.88 -14.36 1.86
C SER C 145 25.00 -14.54 0.36
N GLY C 146 25.82 -15.49 -0.07
CA GLY C 146 26.03 -15.73 -1.48
C GLY C 146 24.83 -16.32 -2.17
N MET C 147 24.53 -17.57 -1.85
CA MET C 147 23.40 -18.27 -2.46
C MET C 147 22.07 -17.58 -2.16
N GLY C 148 21.97 -17.01 -0.97
CA GLY C 148 20.75 -16.31 -0.61
C GLY C 148 20.42 -15.19 -1.59
N THR C 149 21.48 -14.57 -2.11
CA THR C 149 21.33 -13.49 -3.06
C THR C 149 20.72 -13.99 -4.37
N LEU C 150 21.37 -14.97 -5.00
CA LEU C 150 20.90 -15.51 -6.27
C LEU C 150 19.50 -16.12 -6.13
N LEU C 151 19.24 -16.68 -4.95
CA LEU C 151 17.94 -17.29 -4.67
C LEU C 151 16.82 -16.26 -4.76
N ILE C 152 16.96 -15.16 -4.01
CA ILE C 152 15.94 -14.12 -4.01
C ILE C 152 15.85 -13.41 -5.35
N SER C 153 16.98 -13.33 -6.06
CA SER C 153 17.02 -12.67 -7.36
C SER C 153 16.10 -13.38 -8.35
N LYS C 154 16.22 -14.70 -8.45
CA LYS C 154 15.39 -15.47 -9.36
C LYS C 154 13.94 -15.55 -8.88
N ILE C 155 13.76 -15.58 -7.56
CA ILE C 155 12.43 -15.64 -6.97
C ILE C 155 11.61 -14.40 -7.34
N ARG C 156 12.20 -13.23 -7.13
CA ARG C 156 11.51 -11.96 -7.44
C ARG C 156 11.30 -11.80 -8.94
N GLU C 157 12.19 -12.39 -9.72
CA GLU C 157 12.09 -12.32 -11.17
C GLU C 157 10.98 -13.23 -11.68
N GLU C 158 10.80 -14.36 -11.00
CA GLU C 158 9.78 -15.32 -11.38
C GLU C 158 8.40 -14.85 -10.95
N TYR C 159 8.28 -14.42 -9.69
CA TYR C 159 7.02 -13.95 -9.15
C TYR C 159 7.18 -12.55 -8.53
N PRO C 160 7.20 -11.49 -9.36
CA PRO C 160 7.35 -10.12 -8.87
C PRO C 160 6.06 -9.59 -8.25
N ASP C 161 4.96 -10.32 -8.44
CA ASP C 161 3.69 -9.94 -7.89
C ASP C 161 3.63 -10.26 -6.43
N ARG C 162 4.46 -11.23 -5.96
CA ARG C 162 4.42 -11.72 -4.59
C ARG C 162 5.46 -11.01 -3.73
N ILE C 163 5.23 -11.00 -2.42
CA ILE C 163 6.15 -10.34 -1.50
C ILE C 163 7.30 -11.25 -1.09
N MET C 164 8.30 -10.66 -0.45
CA MET C 164 9.47 -11.39 0.01
C MET C 164 9.83 -10.97 1.42
N ASN C 165 9.64 -11.88 2.37
CA ASN C 165 9.95 -11.62 3.76
C ASN C 165 11.26 -12.30 4.13
N THR C 166 12.32 -11.52 4.22
CA THR C 166 13.64 -12.06 4.52
C THR C 166 14.12 -11.68 5.92
N PHE C 167 14.81 -12.62 6.54
CA PHE C 167 15.38 -12.42 7.87
C PHE C 167 16.90 -12.40 7.73
N SER C 168 17.47 -11.21 7.80
CA SER C 168 18.91 -11.07 7.63
C SER C 168 19.67 -11.09 8.95
N VAL C 169 20.58 -12.05 9.08
CA VAL C 169 21.41 -12.16 10.27
C VAL C 169 22.58 -11.20 10.14
N VAL C 170 22.59 -10.17 10.97
CA VAL C 170 23.63 -9.16 10.92
C VAL C 170 24.83 -9.58 11.76
N PRO C 171 26.04 -9.48 11.18
CA PRO C 171 27.29 -9.82 11.87
C PRO C 171 27.50 -8.94 13.10
N SER C 172 27.88 -9.56 14.22
CA SER C 172 28.10 -8.82 15.45
C SER C 172 29.19 -7.77 15.29
N PRO C 173 28.88 -6.50 15.59
CA PRO C 173 29.83 -5.40 15.46
C PRO C 173 31.06 -5.54 16.35
N LYS C 174 30.87 -5.89 17.62
CA LYS C 174 32.00 -6.04 18.54
C LYS C 174 32.93 -7.18 18.13
N VAL C 175 32.36 -8.37 17.96
CA VAL C 175 33.14 -9.54 17.57
C VAL C 175 32.40 -10.32 16.50
N SER C 176 32.87 -10.22 15.27
CA SER C 176 32.25 -10.92 14.17
C SER C 176 32.70 -12.38 14.16
N ASP C 177 32.10 -13.19 13.31
CA ASP C 177 32.45 -14.61 13.25
C ASP C 177 33.46 -14.88 12.15
N THR C 178 33.11 -14.54 10.93
CA THR C 178 33.98 -14.74 9.79
C THR C 178 34.78 -13.47 9.53
N VAL C 179 36.02 -13.62 9.08
CA VAL C 179 36.87 -12.47 8.79
C VAL C 179 36.38 -11.77 7.52
N VAL C 180 35.83 -12.55 6.60
CA VAL C 180 35.30 -12.01 5.35
C VAL C 180 33.82 -11.67 5.48
N GLU C 181 33.36 -11.55 6.72
CA GLU C 181 31.96 -11.23 7.01
C GLU C 181 31.51 -9.91 6.36
N PRO C 182 32.21 -8.79 6.62
CA PRO C 182 31.85 -7.49 6.03
C PRO C 182 31.81 -7.53 4.50
N TYR C 183 32.75 -8.27 3.91
CA TYR C 183 32.82 -8.42 2.47
C TYR C 183 31.56 -9.10 1.94
N ASN C 184 31.18 -10.19 2.61
CA ASN C 184 29.99 -10.94 2.23
C ASN C 184 28.72 -10.14 2.50
N ALA C 185 28.70 -9.44 3.64
CA ALA C 185 27.55 -8.63 4.04
C ALA C 185 27.25 -7.53 3.04
N THR C 186 28.30 -6.86 2.58
CA THR C 186 28.16 -5.78 1.62
C THR C 186 27.54 -6.28 0.31
N LEU C 187 27.93 -7.48 -0.08
CA LEU C 187 27.44 -8.08 -1.31
C LEU C 187 25.99 -8.58 -1.17
N SER C 188 25.65 -9.05 0.01
CA SER C 188 24.29 -9.55 0.25
C SER C 188 23.29 -8.41 0.33
N VAL C 189 23.64 -7.36 1.07
CA VAL C 189 22.75 -6.21 1.23
C VAL C 189 22.49 -5.51 -0.11
N HIS C 190 23.42 -5.68 -1.05
CA HIS C 190 23.28 -5.08 -2.36
C HIS C 190 22.07 -5.64 -3.10
N GLN C 191 22.00 -6.95 -3.20
CA GLN C 191 20.88 -7.59 -3.87
C GLN C 191 19.61 -7.56 -3.02
N LEU C 192 19.79 -7.57 -1.70
CA LEU C 192 18.66 -7.53 -0.78
C LEU C 192 17.80 -6.29 -1.05
N VAL C 193 18.43 -5.14 -1.13
CA VAL C 193 17.73 -3.87 -1.36
C VAL C 193 17.17 -3.77 -2.78
N GLU C 194 17.56 -4.71 -3.64
CA GLU C 194 17.11 -4.69 -5.02
C GLU C 194 16.22 -5.89 -5.36
N ASN C 195 15.92 -6.71 -4.35
CA ASN C 195 15.10 -7.89 -4.58
C ASN C 195 13.98 -8.01 -3.56
N THR C 196 14.34 -8.33 -2.32
CA THR C 196 13.35 -8.50 -1.25
C THR C 196 12.67 -7.18 -0.92
N ASP C 197 11.48 -7.26 -0.33
CA ASP C 197 10.72 -6.06 0.05
C ASP C 197 10.66 -5.91 1.56
N GLU C 198 10.64 -7.03 2.26
CA GLU C 198 10.61 -7.02 3.72
C GLU C 198 11.86 -7.71 4.26
N THR C 199 12.56 -7.04 5.16
CA THR C 199 13.78 -7.60 5.74
C THR C 199 13.96 -7.13 7.19
N TYR C 200 14.10 -8.08 8.09
CA TYR C 200 14.30 -7.77 9.49
C TYR C 200 15.76 -7.95 9.87
N CYS C 201 16.27 -7.07 10.72
CA CYS C 201 17.66 -7.13 11.14
C CYS C 201 17.82 -7.80 12.50
N ILE C 202 18.47 -8.94 12.50
CA ILE C 202 18.72 -9.68 13.73
C ILE C 202 20.21 -9.68 14.01
N ASP C 203 20.63 -9.08 15.11
CA ASP C 203 22.04 -9.01 15.46
C ASP C 203 22.46 -10.17 16.36
N ASN C 204 23.68 -10.61 16.15
CA ASN C 204 24.23 -11.71 16.93
C ASN C 204 24.56 -11.30 18.36
N GLU C 205 25.13 -10.10 18.53
CA GLU C 205 25.50 -9.64 19.86
C GLU C 205 24.29 -9.14 20.62
N ALA C 206 23.34 -8.53 19.90
CA ALA C 206 22.13 -8.03 20.52
C ALA C 206 21.34 -9.19 21.11
N LEU C 207 21.40 -10.33 20.44
CA LEU C 207 20.72 -11.54 20.88
C LEU C 207 21.26 -11.97 22.24
N TYR C 208 22.58 -11.86 22.40
CA TYR C 208 23.22 -12.22 23.66
C TYR C 208 22.80 -11.25 24.76
N ASP C 209 22.79 -9.95 24.43
CA ASP C 209 22.42 -8.91 25.38
C ASP C 209 21.00 -9.10 25.91
N ILE C 210 20.06 -9.32 25.00
CA ILE C 210 18.66 -9.50 25.37
C ILE C 210 18.48 -10.67 26.34
N CYS C 211 19.16 -11.79 26.07
CA CYS C 211 19.05 -12.97 26.92
C CYS C 211 19.90 -12.85 28.19
N PHE C 212 20.74 -11.84 28.25
CA PHE C 212 21.60 -11.65 29.41
C PHE C 212 21.05 -10.61 30.40
N ARG C 213 20.50 -9.52 29.87
CA ARG C 213 19.97 -8.47 30.73
C ARG C 213 18.48 -8.62 31.03
N THR C 214 17.67 -8.77 29.98
CA THR C 214 16.23 -8.90 30.15
C THR C 214 15.85 -10.30 30.60
N LEU C 215 16.64 -11.28 30.20
CA LEU C 215 16.39 -12.66 30.57
C LEU C 215 17.47 -13.13 31.55
N LYS C 216 17.21 -14.23 32.24
CA LYS C 216 18.18 -14.76 33.20
C LYS C 216 18.86 -16.00 32.64
N LEU C 217 19.52 -15.83 31.50
CA LEU C 217 20.22 -16.92 30.85
C LEU C 217 21.72 -16.74 30.98
N THR C 218 22.36 -17.66 31.69
CA THR C 218 23.80 -17.59 31.91
C THR C 218 24.58 -17.88 30.63
N THR C 219 24.23 -18.97 29.97
CA THR C 219 24.91 -19.35 28.73
C THR C 219 23.92 -19.42 27.57
N PRO C 220 23.81 -18.33 26.79
CA PRO C 220 22.90 -18.27 25.65
C PRO C 220 23.46 -19.05 24.45
N THR C 221 23.11 -20.32 24.37
CA THR C 221 23.56 -21.18 23.28
C THR C 221 22.95 -20.73 21.96
N TYR C 222 23.55 -21.13 20.85
CA TYR C 222 23.06 -20.77 19.52
C TYR C 222 21.60 -21.20 19.32
N GLY C 223 21.27 -22.38 19.83
CA GLY C 223 19.91 -22.87 19.72
C GLY C 223 18.94 -21.98 20.48
N ASP C 224 19.39 -21.50 21.64
CA ASP C 224 18.59 -20.62 22.48
C ASP C 224 18.39 -19.28 21.78
N LEU C 225 19.46 -18.82 21.14
CA LEU C 225 19.42 -17.55 20.41
C LEU C 225 18.42 -17.63 19.26
N ASN C 226 18.53 -18.68 18.47
CA ASN C 226 17.64 -18.89 17.34
C ASN C 226 16.20 -19.09 17.81
N HIS C 227 16.02 -19.68 19.02
CA HIS C 227 14.71 -19.90 19.61
C HIS C 227 14.01 -18.58 19.72
N LEU C 228 14.70 -17.57 20.31
CA LEU C 228 14.10 -16.27 20.55
C LEU C 228 13.62 -15.65 19.24
N VAL C 229 14.50 -15.67 18.24
CA VAL C 229 14.17 -15.11 16.93
C VAL C 229 12.98 -15.81 16.30
N SER C 230 12.99 -17.14 16.34
CA SER C 230 11.91 -17.93 15.77
C SER C 230 10.57 -17.64 16.47
N ALA C 231 10.63 -17.46 17.78
CA ALA C 231 9.43 -17.16 18.56
C ALA C 231 8.94 -15.74 18.29
N THR C 232 9.78 -14.95 17.63
CA THR C 232 9.43 -13.57 17.30
C THR C 232 8.82 -13.50 15.90
N MET C 233 9.44 -14.21 14.95
CA MET C 233 8.96 -14.23 13.56
C MET C 233 7.56 -14.84 13.44
N SER C 234 7.24 -15.78 14.31
CA SER C 234 5.93 -16.42 14.28
C SER C 234 4.83 -15.41 14.61
N GLY C 235 5.18 -14.42 15.42
CA GLY C 235 4.25 -13.40 15.81
C GLY C 235 4.05 -12.36 14.72
N VAL C 236 4.77 -12.54 13.62
CA VAL C 236 4.69 -11.62 12.49
C VAL C 236 3.85 -12.22 11.36
N THR C 237 4.30 -13.36 10.85
CA THR C 237 3.62 -14.01 9.75
C THR C 237 2.43 -14.87 10.20
N THR C 238 2.71 -15.88 11.00
CA THR C 238 1.69 -16.80 11.50
C THR C 238 0.60 -16.09 12.29
N CYS C 239 0.99 -15.23 13.21
CA CYS C 239 0.05 -14.50 14.05
C CYS C 239 -0.89 -13.62 13.22
N LEU C 240 -0.42 -13.14 12.08
CA LEU C 240 -1.24 -12.28 11.23
C LEU C 240 -2.11 -13.08 10.27
N ARG C 241 -2.30 -14.35 10.56
CA ARG C 241 -3.13 -15.21 9.73
C ARG C 241 -4.32 -15.73 10.52
N PHE C 242 -4.35 -15.38 11.80
CA PHE C 242 -5.43 -15.79 12.69
C PHE C 242 -6.42 -14.66 12.92
N PRO C 243 -7.69 -14.99 13.18
CA PRO C 243 -8.74 -14.00 13.43
C PRO C 243 -8.49 -13.20 14.70
N GLY C 244 -8.81 -11.92 14.66
CA GLY C 244 -8.63 -11.06 15.82
C GLY C 244 -9.38 -9.76 15.64
N GLN C 245 -9.16 -8.82 16.56
CA GLN C 245 -9.81 -7.52 16.49
C GLN C 245 -9.47 -6.81 15.18
N LEU C 246 -8.18 -6.69 14.91
CA LEU C 246 -7.72 -6.05 13.69
C LEU C 246 -6.76 -6.97 12.97
N ASN C 247 -7.31 -7.80 12.10
CA ASN C 247 -6.52 -8.75 11.33
C ASN C 247 -5.67 -8.04 10.28
N ALA C 248 -4.39 -8.37 10.26
CA ALA C 248 -3.45 -7.78 9.32
C ALA C 248 -2.87 -8.87 8.43
N ASP C 249 -1.77 -8.56 7.75
CA ASP C 249 -1.13 -9.52 6.86
C ASP C 249 0.17 -8.91 6.32
N LEU C 250 0.96 -9.71 5.60
CA LEU C 250 2.22 -9.24 5.04
C LEU C 250 2.04 -7.97 4.20
N ARG C 251 1.01 -7.97 3.36
CA ARG C 251 0.73 -6.81 2.52
C ARG C 251 0.32 -5.63 3.39
N LYS C 252 -0.59 -5.90 4.33
CA LYS C 252 -1.08 -4.88 5.25
C LYS C 252 0.05 -4.29 6.10
N LEU C 253 1.11 -5.08 6.28
CA LEU C 253 2.25 -4.66 7.07
C LEU C 253 3.25 -3.87 6.21
N ALA C 254 3.75 -4.50 5.16
CA ALA C 254 4.73 -3.88 4.27
C ALA C 254 4.21 -2.57 3.67
N VAL C 255 2.97 -2.59 3.19
CA VAL C 255 2.36 -1.41 2.58
C VAL C 255 2.07 -0.32 3.62
N ASN C 256 2.31 -0.63 4.88
CA ASN C 256 2.11 0.32 5.97
C ASN C 256 3.38 0.44 6.81
N MET C 257 4.53 0.10 6.21
CA MET C 257 5.81 0.16 6.91
C MET C 257 6.90 0.82 6.09
N VAL C 258 6.88 0.63 4.78
CA VAL C 258 7.90 1.21 3.91
C VAL C 258 7.39 2.41 3.13
N PRO C 259 7.76 3.63 3.56
CA PRO C 259 7.34 4.87 2.90
C PRO C 259 8.02 5.06 1.55
N PHE C 260 9.16 4.42 1.38
CA PHE C 260 9.91 4.52 0.13
C PHE C 260 10.37 3.14 -0.35
N PRO C 261 10.49 2.97 -1.67
CA PRO C 261 10.89 1.69 -2.29
C PRO C 261 12.40 1.43 -2.18
N ARG C 262 13.00 1.79 -1.07
CA ARG C 262 14.42 1.56 -0.86
C ARG C 262 14.62 0.42 0.12
N LEU C 263 13.70 -0.53 0.07
CA LEU C 263 13.69 -1.70 0.95
C LEU C 263 13.28 -1.35 2.36
N HIS C 264 14.13 -0.58 3.04
CA HIS C 264 13.89 -0.15 4.42
C HIS C 264 13.87 -1.33 5.39
N PHE C 265 14.99 -1.51 6.10
CA PHE C 265 15.14 -2.59 7.05
C PHE C 265 14.38 -2.32 8.34
N PHE C 266 13.80 -3.36 8.91
CA PHE C 266 13.03 -3.22 10.14
C PHE C 266 13.77 -3.86 11.31
N MET C 267 13.59 -3.28 12.49
CA MET C 267 14.20 -3.79 13.70
C MET C 267 13.13 -4.44 14.58
N PRO C 268 13.29 -5.74 14.88
CA PRO C 268 12.33 -6.49 15.69
C PRO C 268 12.54 -6.31 17.19
N GLY C 269 11.54 -6.73 17.95
CA GLY C 269 11.58 -6.65 19.40
C GLY C 269 10.44 -7.44 20.01
N PHE C 270 10.44 -7.60 21.33
CA PHE C 270 9.38 -8.34 22.01
C PHE C 270 9.08 -7.75 23.38
N ALA C 271 7.81 -7.38 23.58
CA ALA C 271 7.39 -6.76 24.83
C ALA C 271 7.49 -7.70 26.06
N PRO C 272 6.83 -8.88 26.04
CA PRO C 272 6.85 -9.80 27.18
C PRO C 272 8.17 -10.56 27.32
N LEU C 273 9.25 -9.82 27.48
CA LEU C 273 10.57 -10.41 27.63
C LEU C 273 10.98 -10.45 29.09
N THR C 274 10.47 -11.44 29.81
CA THR C 274 10.76 -11.59 31.23
C THR C 274 11.23 -13.01 31.52
N SER C 275 11.88 -13.22 32.65
CA SER C 275 12.34 -14.55 33.02
C SER C 275 11.20 -15.38 33.60
N ARG C 276 11.40 -16.69 33.67
CA ARG C 276 10.39 -17.60 34.18
C ARG C 276 10.31 -17.56 35.71
N GLY C 277 11.36 -17.08 36.34
CA GLY C 277 11.39 -17.04 37.80
C GLY C 277 10.91 -15.74 38.42
N SER C 278 11.84 -14.99 38.97
CA SER C 278 11.55 -13.73 39.65
C SER C 278 10.82 -12.69 38.79
N GLN C 279 11.11 -12.66 37.49
CA GLN C 279 10.47 -11.67 36.62
C GLN C 279 9.02 -11.98 36.30
N GLN C 280 8.48 -13.05 36.90
CA GLN C 280 7.08 -13.40 36.70
C GLN C 280 6.22 -12.49 37.56
N TYR C 281 6.14 -11.23 37.15
CA TYR C 281 5.38 -10.23 37.88
C TYR C 281 3.99 -10.07 37.29
N ARG C 282 3.78 -10.65 36.11
CA ARG C 282 2.50 -10.58 35.39
C ARG C 282 2.22 -9.15 34.96
N ALA C 283 3.29 -8.35 34.87
CA ALA C 283 3.18 -6.95 34.47
C ALA C 283 2.99 -6.83 32.97
N LEU C 284 1.79 -7.15 32.52
CA LEU C 284 1.44 -7.09 31.11
C LEU C 284 0.01 -6.62 30.96
N THR C 285 -0.28 -5.44 31.46
CA THR C 285 -1.61 -4.87 31.37
C THR C 285 -1.78 -4.18 30.02
N VAL C 286 -0.85 -3.28 29.71
CA VAL C 286 -0.83 -2.52 28.45
C VAL C 286 0.35 -1.55 28.39
N PRO C 287 0.52 -0.65 29.39
CA PRO C 287 1.63 0.32 29.38
C PRO C 287 3.00 -0.36 29.47
N GLU C 288 3.05 -1.50 30.15
CA GLU C 288 4.29 -2.24 30.32
C GLU C 288 4.75 -2.80 28.98
N LEU C 289 3.79 -3.17 28.14
CA LEU C 289 4.10 -3.72 26.83
C LEU C 289 4.78 -2.66 25.97
N THR C 290 4.19 -1.48 25.91
CA THR C 290 4.74 -0.38 25.13
C THR C 290 6.07 0.09 25.71
N GLN C 291 6.15 0.06 27.04
CA GLN C 291 7.36 0.47 27.76
C GLN C 291 8.55 -0.38 27.34
N GLN C 292 8.35 -1.69 27.26
CA GLN C 292 9.42 -2.60 26.89
C GLN C 292 9.59 -2.70 25.38
N MET C 293 8.49 -2.59 24.64
CA MET C 293 8.53 -2.66 23.18
C MET C 293 9.39 -1.55 22.60
N PHE C 294 9.17 -0.34 23.09
CA PHE C 294 9.93 0.82 22.62
C PHE C 294 11.14 1.06 23.51
N ASP C 295 11.81 -0.02 23.90
CA ASP C 295 12.98 0.08 24.75
C ASP C 295 14.26 -0.06 23.94
N ALA C 296 15.25 0.77 24.26
CA ALA C 296 16.52 0.76 23.56
C ALA C 296 17.27 -0.56 23.74
N LYS C 297 17.03 -1.25 24.86
CA LYS C 297 17.71 -2.51 25.10
C LYS C 297 16.82 -3.72 24.77
N ASN C 298 15.75 -3.47 24.03
CA ASN C 298 14.84 -4.54 23.64
C ASN C 298 14.96 -4.80 22.14
N MET C 299 15.64 -3.89 21.45
CA MET C 299 15.83 -3.98 20.01
C MET C 299 16.68 -5.20 19.66
N MET C 300 16.21 -5.97 18.70
CA MET C 300 16.92 -7.17 18.26
C MET C 300 18.14 -6.80 17.40
N ALA C 301 18.33 -5.51 17.19
CA ALA C 301 19.45 -5.01 16.41
C ALA C 301 20.43 -4.28 17.32
N ALA C 302 21.67 -4.14 16.87
CA ALA C 302 22.69 -3.47 17.66
C ALA C 302 22.47 -1.96 17.74
N CYS C 303 21.79 -1.41 16.74
CA CYS C 303 21.52 0.01 16.69
C CYS C 303 20.28 0.36 17.51
N ASP C 304 20.30 1.55 18.11
CA ASP C 304 19.18 2.02 18.92
C ASP C 304 18.44 3.12 18.18
N PRO C 305 17.10 3.04 18.18
CA PRO C 305 16.23 4.01 17.48
C PRO C 305 16.21 5.38 18.15
N ARG C 306 16.79 5.49 19.34
CA ARG C 306 16.82 6.74 20.07
C ARG C 306 17.75 7.74 19.38
N HIS C 307 18.77 7.20 18.72
CA HIS C 307 19.75 8.00 18.00
C HIS C 307 19.24 8.41 16.62
N GLY C 308 18.09 7.87 16.24
CA GLY C 308 17.52 8.17 14.95
C GLY C 308 16.07 8.57 15.06
N ARG C 309 15.31 8.40 13.99
CA ARG C 309 13.89 8.75 14.00
C ARG C 309 13.05 7.55 13.58
N TYR C 310 11.90 7.39 14.22
CA TYR C 310 10.99 6.31 13.91
C TYR C 310 10.21 6.64 12.65
N LEU C 311 10.55 6.01 11.54
CA LEU C 311 9.87 6.26 10.27
C LEU C 311 8.48 5.63 10.27
N THR C 312 8.43 4.37 10.66
CA THR C 312 7.16 3.64 10.71
C THR C 312 7.29 2.47 11.69
N VAL C 313 6.26 2.26 12.49
CA VAL C 313 6.26 1.19 13.48
C VAL C 313 5.01 0.31 13.33
N ALA C 314 5.23 -0.99 13.27
CA ALA C 314 4.15 -1.94 13.17
C ALA C 314 4.03 -2.72 14.47
N ALA C 315 3.02 -2.39 15.25
CA ALA C 315 2.80 -3.04 16.52
C ALA C 315 1.73 -4.12 16.41
N VAL C 316 2.15 -5.37 16.49
CA VAL C 316 1.22 -6.48 16.39
C VAL C 316 0.99 -7.13 17.75
N PHE C 317 -0.18 -6.89 18.30
CA PHE C 317 -0.54 -7.45 19.60
C PHE C 317 -1.28 -8.76 19.40
N ARG C 318 -1.10 -9.69 20.32
CA ARG C 318 -1.78 -10.98 20.24
C ARG C 318 -2.35 -11.42 21.58
N GLY C 319 -3.63 -11.13 21.78
CA GLY C 319 -4.31 -11.47 23.00
C GLY C 319 -5.58 -10.66 23.17
N ARG C 320 -6.40 -11.01 24.15
CA ARG C 320 -7.65 -10.31 24.40
C ARG C 320 -7.42 -8.97 25.09
N MET C 321 -7.65 -7.89 24.36
CA MET C 321 -7.48 -6.53 24.88
C MET C 321 -8.37 -5.57 24.11
N SER C 322 -8.74 -4.46 24.75
CA SER C 322 -9.61 -3.48 24.10
C SER C 322 -8.81 -2.53 23.22
N MET C 323 -9.44 -2.09 22.15
CA MET C 323 -8.80 -1.18 21.19
C MET C 323 -8.43 0.15 21.86
N LYS C 324 -9.23 0.55 22.85
CA LYS C 324 -9.01 1.80 23.56
C LYS C 324 -7.68 1.82 24.32
N GLU C 325 -7.40 0.76 25.07
CA GLU C 325 -6.18 0.71 25.86
C GLU C 325 -4.92 0.58 24.99
N VAL C 326 -5.09 0.02 23.80
CA VAL C 326 -3.97 -0.15 22.88
C VAL C 326 -3.64 1.14 22.14
N ASP C 327 -4.57 1.58 21.31
CA ASP C 327 -4.39 2.78 20.49
C ASP C 327 -4.07 4.03 21.32
N GLU C 328 -4.77 4.19 22.45
CA GLU C 328 -4.56 5.35 23.31
C GLU C 328 -3.13 5.37 23.86
N GLN C 329 -2.61 4.20 24.20
CA GLN C 329 -1.25 4.10 24.74
C GLN C 329 -0.22 4.41 23.68
N MET C 330 -0.49 3.99 22.44
CA MET C 330 0.42 4.24 21.33
C MET C 330 0.53 5.74 21.06
N LEU C 331 -0.60 6.43 21.18
CA LEU C 331 -0.65 7.87 20.97
C LEU C 331 0.26 8.58 21.96
N ASN C 332 0.19 8.14 23.22
CA ASN C 332 1.01 8.72 24.27
C ASN C 332 2.49 8.58 23.94
N VAL C 333 2.85 7.45 23.36
CA VAL C 333 4.24 7.19 22.98
C VAL C 333 4.70 8.15 21.89
N GLN C 334 3.86 8.30 20.87
CA GLN C 334 4.18 9.18 19.74
C GLN C 334 4.24 10.64 20.16
N ASN C 335 3.41 11.03 21.13
CA ASN C 335 3.39 12.39 21.61
C ASN C 335 4.57 12.69 22.54
N LYS C 336 4.90 11.73 23.39
CA LYS C 336 6.00 11.88 24.33
C LYS C 336 7.36 11.80 23.62
N ASN C 337 7.45 10.91 22.64
CA ASN C 337 8.71 10.72 21.91
C ASN C 337 8.63 11.33 20.51
N SER C 338 7.87 12.42 20.40
CA SER C 338 7.69 13.12 19.13
C SER C 338 9.01 13.64 18.57
N SER C 339 9.98 13.87 19.45
CA SER C 339 11.29 14.38 19.07
C SER C 339 11.96 13.52 18.00
N TYR C 340 11.62 12.25 17.97
CA TYR C 340 12.19 11.34 17.00
C TYR C 340 11.15 10.38 16.44
N PHE C 341 9.95 10.89 16.19
CA PHE C 341 8.87 10.06 15.66
C PHE C 341 8.38 10.53 14.29
N VAL C 342 9.16 11.40 13.64
CA VAL C 342 8.81 11.91 12.31
C VAL C 342 7.58 12.82 12.33
N GLU C 343 7.78 14.08 11.97
CA GLU C 343 6.69 15.06 11.96
C GLU C 343 6.00 15.18 10.61
N TRP C 344 6.55 14.54 9.58
CA TRP C 344 5.94 14.61 8.26
C TRP C 344 4.91 13.50 8.03
N ILE C 345 4.61 12.76 9.09
CA ILE C 345 3.64 11.68 9.04
C ILE C 345 2.71 11.78 10.25
N PRO C 346 1.38 11.80 10.02
CA PRO C 346 0.39 11.90 11.10
C PRO C 346 0.54 10.79 12.14
N ASN C 347 0.34 9.56 11.70
CA ASN C 347 0.48 8.40 12.57
C ASN C 347 1.53 7.47 12.01
N ASN C 348 2.57 7.22 12.79
CA ASN C 348 3.65 6.36 12.35
C ASN C 348 3.54 4.96 12.92
N VAL C 349 2.61 4.77 13.86
CA VAL C 349 2.43 3.47 14.47
C VAL C 349 1.15 2.80 14.00
N LYS C 350 1.31 1.78 13.17
CA LYS C 350 0.18 1.04 12.65
C LYS C 350 -0.20 -0.06 13.64
N THR C 351 -1.32 0.10 14.30
CA THR C 351 -1.77 -0.86 15.29
C THR C 351 -2.42 -2.09 14.66
N ALA C 352 -2.29 -3.21 15.35
CA ALA C 352 -2.88 -4.48 14.91
C ALA C 352 -3.07 -5.36 16.14
N VAL C 353 -4.29 -5.80 16.38
CA VAL C 353 -4.59 -6.62 17.54
C VAL C 353 -5.20 -7.96 17.15
N CYS C 354 -4.48 -9.04 17.39
CA CYS C 354 -4.95 -10.38 17.10
C CYS C 354 -5.48 -10.98 18.40
N ASP C 355 -6.35 -11.97 18.29
CA ASP C 355 -6.95 -12.58 19.48
C ASP C 355 -6.38 -13.97 19.77
N ILE C 356 -5.06 -14.12 19.66
CA ILE C 356 -4.43 -15.41 19.92
C ILE C 356 -2.99 -15.27 20.41
N PRO C 357 -2.75 -15.53 21.69
CA PRO C 357 -1.42 -15.47 22.31
C PRO C 357 -0.61 -16.72 21.98
N PRO C 358 0.72 -16.69 22.24
CA PRO C 358 1.61 -17.84 21.98
C PRO C 358 1.45 -18.96 22.99
N ARG C 359 0.28 -19.60 22.95
CA ARG C 359 -0.05 -20.71 23.84
C ARG C 359 0.00 -20.33 25.32
N GLY C 360 1.12 -20.63 25.97
CA GLY C 360 1.28 -20.36 27.39
C GLY C 360 1.60 -18.91 27.70
N LEU C 361 0.70 -18.02 27.30
CA LEU C 361 0.88 -16.60 27.55
C LEU C 361 -0.48 -15.91 27.56
N LYS C 362 -0.61 -14.86 28.35
CA LYS C 362 -1.86 -14.12 28.45
C LYS C 362 -1.90 -12.96 27.46
N MET C 363 -0.89 -12.09 27.55
CA MET C 363 -0.81 -10.93 26.68
C MET C 363 0.56 -10.88 26.01
N SER C 364 0.59 -10.49 24.74
CA SER C 364 1.84 -10.43 24.00
C SER C 364 1.78 -9.41 22.87
N ALA C 365 2.94 -8.86 22.53
CA ALA C 365 3.02 -7.87 21.46
C ALA C 365 4.39 -7.96 20.78
N THR C 366 4.36 -8.08 19.47
CA THR C 366 5.58 -8.16 18.68
C THR C 366 5.94 -6.76 18.18
N PHE C 367 7.23 -6.43 18.23
CA PHE C 367 7.68 -5.12 17.80
C PHE C 367 8.43 -5.17 16.47
N ILE C 368 7.98 -4.34 15.55
CA ILE C 368 8.61 -4.22 14.23
C ILE C 368 8.70 -2.74 13.90
N GLY C 369 9.88 -2.15 13.99
CA GLY C 369 10.01 -0.74 13.72
C GLY C 369 11.08 -0.38 12.72
N ASN C 370 10.73 0.47 11.78
CA ASN C 370 11.66 0.96 10.76
C ASN C 370 12.12 2.34 11.18
N SER C 371 13.38 2.45 11.60
CA SER C 371 13.92 3.71 12.05
C SER C 371 15.18 4.09 11.28
N THR C 372 15.40 5.38 11.12
CA THR C 372 16.57 5.89 10.40
C THR C 372 17.86 5.60 11.16
N ALA C 373 17.72 5.24 12.43
CA ALA C 373 18.86 4.93 13.28
C ALA C 373 19.56 3.66 12.83
N ILE C 374 18.87 2.87 12.01
CA ILE C 374 19.43 1.62 11.51
C ILE C 374 20.60 1.89 10.56
N GLN C 375 20.76 3.16 10.18
CA GLN C 375 21.84 3.55 9.29
C GLN C 375 23.20 3.34 9.95
N GLU C 376 23.22 3.37 11.29
CA GLU C 376 24.44 3.17 12.05
C GLU C 376 24.97 1.76 11.81
N LEU C 377 24.05 0.85 11.54
CA LEU C 377 24.39 -0.54 11.27
C LEU C 377 25.12 -0.63 9.94
N PHE C 378 24.55 -0.01 8.92
CA PHE C 378 25.15 -0.02 7.59
C PHE C 378 26.48 0.72 7.62
N LYS C 379 26.52 1.83 8.36
CA LYS C 379 27.73 2.63 8.50
C LYS C 379 28.86 1.78 9.08
N ARG C 380 28.50 0.88 9.99
CA ARG C 380 29.46 0.00 10.62
C ARG C 380 30.04 -0.99 9.62
N ILE C 381 29.16 -1.62 8.84
CA ILE C 381 29.59 -2.58 7.83
C ILE C 381 30.40 -1.87 6.75
N SER C 382 29.95 -0.68 6.37
CA SER C 382 30.61 0.13 5.37
C SER C 382 32.04 0.45 5.81
N GLU C 383 32.21 0.81 7.07
CA GLU C 383 33.51 1.14 7.62
C GLU C 383 34.40 -0.11 7.64
N GLN C 384 33.84 -1.24 8.05
CA GLN C 384 34.59 -2.50 8.10
C GLN C 384 35.03 -2.91 6.71
N PHE C 385 34.13 -2.81 5.74
CA PHE C 385 34.40 -3.17 4.37
C PHE C 385 35.58 -2.40 3.80
N THR C 386 35.45 -1.08 3.70
CA THR C 386 36.49 -0.22 3.15
C THR C 386 37.84 -0.42 3.86
N ALA C 387 37.80 -0.61 5.18
CA ALA C 387 39.02 -0.80 5.97
C ALA C 387 39.89 -1.93 5.43
N MET C 388 39.24 -3.01 5.00
CA MET C 388 39.98 -4.17 4.47
C MET C 388 39.95 -4.18 2.93
N PHE C 389 39.01 -3.44 2.36
CA PHE C 389 38.87 -3.35 0.91
C PHE C 389 40.02 -2.57 0.30
N ARG C 390 40.38 -1.46 0.95
CA ARG C 390 41.47 -0.62 0.48
C ARG C 390 42.78 -1.39 0.45
N ARG C 391 42.95 -2.31 1.39
CA ARG C 391 44.16 -3.11 1.47
C ARG C 391 44.00 -4.42 0.70
N LYS C 392 42.77 -4.70 0.26
CA LYS C 392 42.46 -5.93 -0.47
C LYS C 392 42.93 -7.15 0.33
N ALA C 393 42.43 -7.25 1.56
CA ALA C 393 42.80 -8.32 2.48
C ALA C 393 42.59 -9.71 1.88
N PHE C 394 41.33 -10.15 1.83
CA PHE C 394 41.01 -11.46 1.31
C PHE C 394 40.25 -11.35 0.00
N LEU C 395 40.62 -10.37 -0.80
CA LEU C 395 39.98 -10.13 -2.09
C LEU C 395 40.25 -11.29 -3.05
N HIS C 396 41.45 -11.86 -2.93
CA HIS C 396 41.88 -12.97 -3.78
C HIS C 396 40.94 -14.18 -3.69
N TRP C 397 40.28 -14.33 -2.54
CA TRP C 397 39.37 -15.44 -2.33
C TRP C 397 38.15 -15.33 -3.23
N TYR C 398 37.80 -14.10 -3.57
CA TYR C 398 36.64 -13.85 -4.41
C TYR C 398 37.03 -13.93 -5.89
N THR C 399 38.17 -13.36 -6.24
CA THR C 399 38.65 -13.39 -7.61
C THR C 399 39.03 -14.81 -8.03
N GLY C 400 39.44 -15.61 -7.04
CA GLY C 400 39.81 -16.99 -7.31
C GLY C 400 38.63 -17.81 -7.79
N GLU C 401 37.47 -17.52 -7.24
CA GLU C 401 36.25 -18.23 -7.62
C GLU C 401 35.68 -17.62 -8.89
N GLY C 402 35.45 -16.32 -8.86
CA GLY C 402 34.90 -15.62 -10.00
C GLY C 402 34.18 -14.37 -9.59
N MET C 403 34.91 -13.26 -9.54
CA MET C 403 34.33 -11.98 -9.14
C MET C 403 35.10 -10.84 -9.80
N ASP C 404 34.38 -9.76 -10.13
CA ASP C 404 34.84 -8.56 -10.76
C ASP C 404 35.44 -7.65 -9.71
N GLU C 405 36.60 -6.96 -9.99
CA GLU C 405 37.15 -5.98 -9.08
C GLU C 405 36.17 -4.82 -8.83
N MET C 406 35.43 -4.46 -9.87
CA MET C 406 34.47 -3.36 -9.76
C MET C 406 33.19 -3.80 -9.05
N GLU C 407 32.92 -5.12 -9.03
CA GLU C 407 31.75 -5.67 -8.42
C GLU C 407 31.77 -5.29 -6.96
N PHE C 408 32.96 -5.24 -6.35
CA PHE C 408 33.12 -4.92 -4.93
C PHE C 408 32.59 -3.52 -4.67
N THR C 409 32.95 -2.58 -5.54
CA THR C 409 32.52 -1.20 -5.42
C THR C 409 31.02 -1.06 -5.70
N GLU C 410 30.50 -1.87 -6.62
CA GLU C 410 29.08 -1.85 -6.98
C GLU C 410 28.23 -1.98 -5.72
N ALA C 411 28.57 -2.96 -4.89
CA ALA C 411 27.84 -3.21 -3.66
C ALA C 411 28.10 -2.11 -2.63
N GLU C 412 29.34 -1.65 -2.56
CA GLU C 412 29.72 -0.60 -1.61
C GLU C 412 28.99 0.70 -1.89
N SER C 413 29.01 1.13 -3.15
CA SER C 413 28.35 2.38 -3.55
C SER C 413 26.85 2.33 -3.24
N ASN C 414 26.25 1.17 -3.48
CA ASN C 414 24.82 0.98 -3.24
C ASN C 414 24.50 1.03 -1.75
N MET C 415 25.27 0.31 -0.95
CA MET C 415 25.05 0.31 0.50
C MET C 415 25.22 1.71 1.06
N ASN C 416 26.24 2.41 0.59
CA ASN C 416 26.52 3.77 1.04
C ASN C 416 25.40 4.72 0.64
N ASP C 417 24.85 4.51 -0.57
CA ASP C 417 23.76 5.34 -1.07
C ASP C 417 22.49 5.13 -0.24
N LEU C 418 22.31 3.92 0.27
CA LEU C 418 21.17 3.59 1.09
C LEU C 418 21.23 4.36 2.41
N VAL C 419 22.43 4.45 2.98
CA VAL C 419 22.64 5.17 4.22
C VAL C 419 22.31 6.64 4.04
N SER C 420 22.68 7.17 2.88
CA SER C 420 22.42 8.55 2.54
C SER C 420 20.92 8.82 2.53
N GLU C 421 20.19 8.00 1.77
CA GLU C 421 18.73 8.13 1.66
C GLU C 421 18.10 8.21 3.05
N TYR C 422 18.50 7.29 3.92
CA TYR C 422 18.00 7.24 5.28
C TYR C 422 18.30 8.53 6.05
N GLN C 423 19.56 8.94 6.05
CA GLN C 423 19.98 10.15 6.77
C GLN C 423 19.29 11.40 6.24
N GLN C 424 19.03 11.45 4.93
CA GLN C 424 18.40 12.63 4.40
C GLN C 424 17.07 12.79 5.08
N TYR C 425 16.31 11.68 5.23
CA TYR C 425 14.95 11.74 5.78
C TYR C 425 14.97 11.79 7.30
N GLN C 426 16.13 11.49 7.88
CA GLN C 426 16.28 11.51 9.33
C GLN C 426 16.26 12.94 9.82
N ASP C 427 16.94 13.82 9.10
CA ASP C 427 17.00 15.23 9.46
C ASP C 427 15.92 16.02 8.74
PG GTP D . -8.65 -3.55 4.40
O1G GTP D . -8.47 -3.97 2.93
O2G GTP D . -8.40 -4.70 5.35
O3G GTP D . -7.64 -2.42 4.58
O3B GTP D . -10.19 -3.07 4.78
PB GTP D . -10.72 -2.58 6.26
O1B GTP D . -11.36 -1.22 6.03
O2B GTP D . -11.51 -3.63 6.89
O3A GTP D . -9.45 -2.24 7.03
PA GTP D . -9.09 -1.98 8.50
O1A GTP D . -9.62 -3.03 9.39
O2A GTP D . -7.62 -1.75 8.56
O5' GTP D . -9.81 -0.53 8.80
C5' GTP D . -9.61 -0.09 10.14
C4' GTP D . -10.22 1.23 10.49
O4' GTP D . -11.58 1.04 10.95
C3' GTP D . -9.46 1.81 11.66
O3' GTP D . -9.58 3.21 11.67
C2' GTP D . -10.14 1.14 12.84
O2' GTP D . -10.01 1.96 14.01
C1' GTP D . -11.60 1.01 12.38
N9 GTP D . -12.30 -0.23 12.79
C8 GTP D . -11.91 -1.51 12.51
N7 GTP D . -12.73 -2.41 13.01
C5 GTP D . -13.69 -1.68 13.67
C6 GTP D . -14.80 -2.11 14.39
O6 GTP D . -15.15 -3.26 14.58
N1 GTP D . -15.56 -1.03 14.92
C2 GTP D . -15.26 0.30 14.75
N2 GTP D . -16.06 1.15 15.32
N3 GTP D . -14.19 0.71 14.08
C4 GTP D . -13.45 -0.31 13.55
MG MG E . -9.87 -6.30 6.48
PB GDP F . 27.20 -20.26 5.76
O1B GDP F . 26.13 -19.81 4.85
O2B GDP F . 26.90 -21.33 6.59
O3B GDP F . 28.56 -20.45 4.88
O3A GDP F . 27.45 -19.05 6.75
PA GDP F . 27.38 -18.99 8.42
O1A GDP F . 25.96 -19.22 8.84
O2A GDP F . 28.38 -20.01 8.92
O5' GDP F . 27.73 -17.50 8.69
C5' GDP F . 28.30 -17.08 9.96
C4' GDP F . 27.55 -16.06 10.66
O4' GDP F . 26.22 -16.62 11.02
C3' GDP F . 28.10 -15.65 12.07
O3' GDP F . 27.87 -14.20 12.19
C2' GDP F . 27.27 -16.35 13.17
O2' GDP F . 27.06 -15.70 14.43
C1' GDP F . 25.93 -16.60 12.48
N9 GDP F . 25.27 -17.86 12.83
C8 GDP F . 25.86 -19.15 12.33
N7 GDP F . 24.86 -19.93 12.94
C5 GDP F . 23.90 -19.37 13.64
C6 GDP F . 22.74 -19.59 14.43
O6 GDP F . 22.35 -20.87 14.57
N1 GDP F . 22.00 -18.61 15.00
C2 GDP F . 22.44 -17.20 14.82
N2 GDP F . 21.59 -16.43 15.47
N3 GDP F . 23.48 -16.94 14.15
C4 GDP F . 24.17 -17.94 13.57
O01 TA1 G . 10.48 -21.08 27.63
C01 TA1 G . 9.34 -20.21 27.78
C02 TA1 G . 9.91 -18.76 28.23
O02 TA1 G . 10.80 -18.42 27.09
C03 TA1 G . 12.20 -18.46 27.31
O03 TA1 G . 12.71 -18.72 28.37
C04 TA1 G . 12.95 -18.12 26.13
C05 TA1 G . 14.04 -19.07 25.89
C06 TA1 G . 14.87 -18.79 24.67
C07 TA1 G . 14.60 -17.67 23.84
C08 TA1 G . 13.64 -16.92 24.15
C09 TA1 G . 12.76 -17.05 25.25
C10 TA1 G . 8.87 -17.54 28.42
C11 TA1 G . 9.36 -16.15 27.77
O04 TA1 G . 9.48 -16.23 26.29
C12 TA1 G . 8.39 -16.39 25.47
O05 TA1 G . 7.26 -16.47 25.83
C13 TA1 G . 8.86 -16.43 24.03
C14 TA1 G . 10.72 -15.53 28.18
O06 TA1 G . 10.12 -14.29 28.62
C15 TA1 G . 8.81 -14.77 28.27
C16 TA1 G . 7.83 -14.76 29.50
C17 TA1 G . 7.26 -16.13 29.84
O07 TA1 G . 6.41 -16.02 31.01
C18 TA1 G . 8.38 -17.26 30.02
C19 TA1 G . 9.51 -16.72 30.94
C20 TA1 G . 7.78 -18.51 30.86
O08 TA1 G . 8.24 -18.75 31.96
C21 TA1 G . 6.66 -19.40 30.31
O09 TA1 G . 6.37 -20.45 31.32
C22 TA1 G . 5.16 -20.46 32.00
O10 TA1 G . 4.29 -19.66 31.84
C23 TA1 G . 5.12 -21.60 32.98
C24 TA1 G . 7.07 -20.02 28.96
C25 TA1 G . 6.36 -19.68 27.82
C26 TA1 G . 6.94 -20.21 26.48
O11 TA1 G . 6.40 -19.55 25.28
C27 TA1 G . 5.37 -20.11 24.67
O12 TA1 G . 4.80 -21.11 24.99
C28 TA1 G . 4.96 -19.28 23.42
O13 TA1 G . 3.89 -19.94 22.79
C29 TA1 G . 6.21 -19.16 22.51
N01 TA1 G . 6.72 -20.51 22.29
C30 TA1 G . 8.02 -20.77 22.01
O14 TA1 G . 8.87 -19.90 21.90
C31 TA1 G . 8.33 -22.22 21.88
C32 TA1 G . 7.74 -23.06 20.93
C33 TA1 G . 8.06 -24.44 20.86
C34 TA1 G . 9.01 -24.97 21.79
C35 TA1 G . 9.59 -24.15 22.73
C36 TA1 G . 9.27 -22.80 22.80
C37 TA1 G . 5.88 -18.38 21.20
C38 TA1 G . 6.09 -17.00 21.19
C39 TA1 G . 5.79 -16.24 20.04
C40 TA1 G . 5.29 -16.87 18.89
C41 TA1 G . 5.09 -18.24 18.89
C42 TA1 G . 5.38 -19.01 20.06
C43 TA1 G . 8.51 -20.03 26.42
C44 TA1 G . 5.15 -18.76 27.74
C45 TA1 G . 8.35 -20.97 28.88
C46 TA1 G . 7.90 -22.43 28.42
C47 TA1 G . 9.15 -21.27 30.18
#